data_7OK9
#
_entry.id   7OK9
#
_cell.length_a   313.993
_cell.length_b   198.186
_cell.length_c   220.903
_cell.angle_alpha   90.000
_cell.angle_beta   90.000
_cell.angle_gamma   90.000
#
_symmetry.space_group_name_H-M   'P 21 21 2'
#
loop_
_entity.id
_entity.type
_entity.pdbx_description
1 polymer 'Penicillin-binding protein 1'
2 polymer pentaglycine
3 non-polymer 'CADMIUM ION'
4 non-polymer 'CHLORIDE ION'
5 water water
#
loop_
_entity_poly.entity_id
_entity_poly.type
_entity_poly.pdbx_seq_one_letter_code
_entity_poly.pdbx_strand_id
1 'polypeptide(L)'
;MRGKIYDRNGKVLAEDVERYKLVAVIDKKASANSKKPRHVVDKKETAKKLSTVINMKPEEIEKRLSQKKAFQIEFGRKGT
NLTYQDKLKIEKMNLPGISLLPETERFYPNGNFASHLIGRAQKNPDTGELKGALGVEKIFDSYLSGSKGSLRYIHDIWGY
IAPNTKKEKQPKRGDDVHLTIDSNIQVFVEEALDGMVERYQPKDLFAVVMDAKTGEILAYSQRPTFNPETGKDFGKKWAN
DLYQNTYEPGSTFKSYGLAAAIQEGAFDPDKKYKSGHRDIMGSRISDWNRVGWGEIPMSLGFTYSSNTLMMHLQDLVGAD
KMKSWYERFGFGKSTKGMFDGEAPGQIGWSNELQQKTSSFGQSTTVTPVQMLQAQSAFFNDGNMLKPWFVNSVENPVSKR
QFYKGQKQIAGKPITKDTAEKVEKQLDLVVNSKKSHAANYRIDGYEVEGKTGTAQVAAPNGGGYVKGPNPYFVSFMGDAP
KKNPKVIVYAGMSLAQKNDQEAYELGVSKAFKPIMENTLKYLNVGKSKDDTSNAEYSKVPDVEGQDKQKAIDNVSAKSLE
PVTIGSGTQIKAQSIKAGNKVLPHSKVLLLTDGDLTMPDMSGWTKEDVIAFENLTNIKVNLKGSGFVSHQSISKGQKLTE
KDKIDVEFSS
;
A,B,C,D,E,F,G,H,I,J,K,L
2 'polypeptide(L)' GGGGG P,Q,R,S,T,U,V,W,X,Y
#
loop_
_chem_comp.id
_chem_comp.type
_chem_comp.name
_chem_comp.formula
CD non-polymer 'CADMIUM ION' 'Cd 2'
CL non-polymer 'CHLORIDE ION' 'Cl -1'
#
# COMPACT_ATOMS: atom_id res chain seq x y z
N MET A 1 -57.92 43.14 2.40
CA MET A 1 -57.59 42.57 3.74
C MET A 1 -56.75 41.29 3.57
N ARG A 2 -55.87 41.05 4.54
CA ARG A 2 -55.33 39.69 4.80
C ARG A 2 -56.44 38.88 5.47
N GLY A 3 -56.66 37.66 5.00
CA GLY A 3 -57.73 36.81 5.47
C GLY A 3 -57.59 36.51 6.95
N LYS A 4 -58.63 35.93 7.50
CA LYS A 4 -58.67 35.60 8.94
C LYS A 4 -58.24 34.18 9.19
N ILE A 5 -57.74 33.95 10.40
CA ILE A 5 -57.46 32.54 10.81
C ILE A 5 -58.43 32.25 11.93
N TYR A 6 -59.28 31.25 11.71
CA TYR A 6 -60.34 30.79 12.65
C TYR A 6 -59.99 29.43 13.26
N ASP A 7 -60.67 29.15 14.37
CA ASP A 7 -60.63 27.80 14.96
C ASP A 7 -61.77 26.98 14.34
N ARG A 8 -62.01 25.80 14.86
CA ARG A 8 -63.09 24.90 14.34
C ARG A 8 -64.48 25.47 14.63
N ASN A 9 -64.59 26.20 15.74
CA ASN A 9 -65.85 26.84 16.16
C ASN A 9 -66.08 28.18 15.47
N GLY A 10 -65.14 28.67 14.70
CA GLY A 10 -65.28 29.93 13.96
C GLY A 10 -64.78 31.12 14.75
N LYS A 11 -64.14 30.90 15.89
CA LYS A 11 -63.61 32.01 16.71
C LYS A 11 -62.29 32.46 16.11
N VAL A 12 -62.12 33.77 16.07
CA VAL A 12 -60.96 34.39 15.38
C VAL A 12 -59.70 34.19 16.22
N LEU A 13 -58.65 33.72 15.55
CA LEU A 13 -57.30 33.54 16.18
C LEU A 13 -56.33 34.64 15.74
N ALA A 14 -56.57 35.21 14.57
CA ALA A 14 -55.79 36.25 13.90
C ALA A 14 -56.66 36.98 12.89
N GLU A 15 -56.51 38.30 12.83
CA GLU A 15 -57.25 39.18 11.89
C GLU A 15 -56.52 40.50 11.74
N ASP A 16 -56.85 41.24 10.69
CA ASP A 16 -56.31 42.60 10.49
C ASP A 16 -57.19 43.54 11.31
N VAL A 17 -56.57 44.56 11.89
CA VAL A 17 -57.32 45.67 12.54
C VAL A 17 -56.76 47.01 12.09
N GLU A 18 -57.59 48.05 12.14
CA GLU A 18 -57.14 49.43 11.81
C GLU A 18 -56.84 50.10 13.15
N ARG A 19 -55.58 50.51 13.32
CA ARG A 19 -55.11 51.23 14.51
C ARG A 19 -54.62 52.55 13.98
N TYR A 20 -54.04 53.40 14.85
CA TYR A 20 -53.63 54.77 14.41
C TYR A 20 -52.29 55.13 15.01
N LYS A 21 -51.70 56.13 14.40
CA LYS A 21 -50.35 56.60 14.72
C LYS A 21 -50.37 58.10 14.94
N LEU A 22 -49.75 58.52 16.03
CA LEU A 22 -49.73 59.97 16.38
C LEU A 22 -48.62 60.67 15.62
N VAL A 23 -48.95 61.79 14.98
CA VAL A 23 -47.95 62.62 14.26
C VAL A 23 -48.16 64.07 14.68
N ALA A 24 -47.07 64.78 14.92
CA ALA A 24 -47.13 66.21 15.32
C ALA A 24 -46.22 67.05 14.44
N VAL A 25 -46.80 68.02 13.75
CA VAL A 25 -46.06 69.02 12.95
C VAL A 25 -45.65 70.15 13.89
N ILE A 26 -44.33 70.39 13.91
CA ILE A 26 -43.67 71.31 14.89
C ILE A 26 -43.11 72.58 14.24
N ASP A 27 -43.14 72.64 12.91
CA ASP A 27 -42.46 73.69 12.11
C ASP A 27 -43.47 74.73 11.64
N LYS A 28 -43.10 75.99 11.83
CA LYS A 28 -44.02 77.13 11.57
C LYS A 28 -44.41 77.16 10.09
N LYS A 29 -43.61 76.58 9.20
CA LYS A 29 -43.81 76.63 7.72
C LYS A 29 -45.24 76.19 7.37
N ALA A 30 -45.75 75.21 8.10
CA ALA A 30 -47.09 74.58 7.93
C ALA A 30 -48.23 75.62 7.95
N SER A 31 -48.08 76.63 8.81
CA SER A 31 -49.10 77.66 9.13
C SER A 31 -48.82 78.97 8.37
N ALA A 32 -47.72 79.00 7.62
CA ALA A 32 -47.25 80.18 6.84
C ALA A 32 -48.22 80.44 5.68
N ASN A 33 -49.00 79.44 5.28
CA ASN A 33 -49.76 79.43 4.00
C ASN A 33 -51.21 79.83 4.24
N SER A 34 -51.68 79.86 5.49
CA SER A 34 -53.11 80.13 5.80
C SER A 34 -53.32 80.60 7.26
N LYS A 35 -54.59 80.87 7.59
CA LYS A 35 -55.02 81.45 8.88
C LYS A 35 -54.74 80.41 9.97
N LYS A 36 -55.63 79.43 10.13
CA LYS A 36 -55.66 78.49 11.29
C LYS A 36 -54.36 77.70 11.35
N PRO A 37 -53.60 77.80 12.46
CA PRO A 37 -52.27 77.17 12.52
C PRO A 37 -52.27 75.66 12.33
N ARG A 38 -51.33 75.15 11.55
CA ARG A 38 -51.23 73.69 11.26
C ARG A 38 -49.94 73.13 11.83
N HIS A 39 -49.39 73.78 12.83
CA HIS A 39 -48.21 73.32 13.59
C HIS A 39 -48.47 73.59 15.05
N VAL A 40 -47.79 72.93 15.97
CA VAL A 40 -48.08 73.05 17.41
C VAL A 40 -47.60 74.42 17.88
N VAL A 41 -48.56 75.21 18.31
CA VAL A 41 -48.36 76.66 18.59
C VAL A 41 -48.07 76.84 20.08
N ASP A 42 -48.82 76.16 20.95
CA ASP A 42 -48.50 76.10 22.40
C ASP A 42 -47.94 74.71 22.70
N LYS A 43 -46.63 74.50 22.55
CA LYS A 43 -46.06 73.16 22.82
C LYS A 43 -46.50 72.67 24.21
N LYS A 44 -46.47 73.61 25.15
CA LYS A 44 -46.56 73.41 26.61
C LYS A 44 -47.92 72.82 26.95
N GLU A 45 -49.00 73.50 26.54
CA GLU A 45 -50.39 73.09 26.85
C GLU A 45 -50.81 71.95 25.93
N THR A 46 -50.31 71.89 24.69
CA THR A 46 -50.60 70.76 23.76
C THR A 46 -50.10 69.47 24.42
N ALA A 47 -48.89 69.51 24.98
CA ALA A 47 -48.23 68.36 25.65
C ALA A 47 -49.04 67.89 26.85
N LYS A 48 -49.56 68.83 27.65
CA LYS A 48 -50.41 68.53 28.84
C LYS A 48 -51.69 67.84 28.38
N LYS A 49 -52.37 68.40 27.40
CA LYS A 49 -53.66 67.88 26.88
C LYS A 49 -53.49 66.45 26.36
N LEU A 50 -52.33 66.15 25.76
CA LEU A 50 -52.00 64.82 25.19
C LEU A 50 -51.56 63.86 26.30
N SER A 51 -51.03 64.37 27.41
CA SER A 51 -50.66 63.60 28.62
C SER A 51 -51.90 62.94 29.23
N THR A 52 -53.08 63.16 28.67
CA THR A 52 -54.33 62.39 28.97
C THR A 52 -54.28 60.95 28.43
N VAL A 53 -53.84 60.78 27.19
CA VAL A 53 -53.77 59.42 26.55
C VAL A 53 -52.33 58.89 26.62
N ILE A 54 -52.18 57.58 26.73
CA ILE A 54 -50.96 56.79 26.35
C ILE A 54 -49.81 57.09 27.31
N ASN A 55 -48.58 57.22 26.82
CA ASN A 55 -47.33 57.34 27.62
C ASN A 55 -47.14 58.80 28.01
N MET A 56 -48.09 59.26 28.79
CA MET A 56 -48.31 60.69 29.18
C MET A 56 -47.35 61.32 30.20
N LYS A 57 -46.06 61.55 29.88
CA LYS A 57 -45.21 62.52 30.65
C LYS A 57 -45.25 63.87 29.95
N PRO A 58 -45.90 64.97 30.44
CA PRO A 58 -46.03 66.18 29.64
C PRO A 58 -44.70 66.76 29.16
N GLU A 59 -43.65 66.61 29.98
CA GLU A 59 -42.29 67.18 29.72
C GLU A 59 -41.61 66.33 28.63
N GLU A 60 -41.81 65.01 28.65
CA GLU A 60 -41.23 64.08 27.64
C GLU A 60 -41.88 64.30 26.27
N ILE A 61 -43.14 64.73 26.26
CA ILE A 61 -43.89 65.14 25.03
C ILE A 61 -43.32 66.47 24.53
N GLU A 62 -42.95 67.37 25.44
CA GLU A 62 -42.39 68.71 25.09
C GLU A 62 -40.96 68.55 24.54
N LYS A 63 -40.18 67.65 25.14
CA LYS A 63 -38.83 67.26 24.61
C LYS A 63 -38.94 66.87 23.13
N ARG A 64 -39.97 66.09 22.79
CA ARG A 64 -40.20 65.55 21.43
C ARG A 64 -40.73 66.65 20.51
N LEU A 65 -41.65 67.46 21.02
CA LEU A 65 -42.17 68.63 20.28
C LEU A 65 -41.08 69.69 20.06
N SER A 66 -40.04 69.67 20.87
CA SER A 66 -38.97 70.72 20.87
C SER A 66 -37.78 70.32 19.98
N GLN A 67 -37.84 69.14 19.38
CA GLN A 67 -36.65 68.51 18.74
C GLN A 67 -36.45 69.18 17.40
N LYS A 68 -35.18 69.51 17.18
CA LYS A 68 -34.56 70.16 15.99
C LYS A 68 -35.46 71.24 15.39
N LYS A 69 -35.51 71.35 14.06
CA LYS A 69 -36.70 71.85 13.32
C LYS A 69 -36.90 70.93 12.10
N ALA A 70 -37.15 69.66 12.40
CA ALA A 70 -37.83 68.65 11.58
C ALA A 70 -39.30 69.06 11.43
N PHE A 71 -39.83 68.66 10.30
CA PHE A 71 -41.24 69.02 9.95
C PHE A 71 -42.23 68.34 10.89
N GLN A 72 -42.14 67.01 10.86
CA GLN A 72 -43.10 66.12 11.53
C GLN A 72 -42.37 65.15 12.44
N ILE A 73 -43.02 64.81 13.57
CA ILE A 73 -42.38 63.87 14.52
C ILE A 73 -43.31 62.73 14.94
N GLU A 74 -42.71 61.57 15.22
CA GLU A 74 -43.40 60.37 15.74
C GLU A 74 -43.00 60.18 17.21
N PHE A 75 -43.66 59.22 17.84
CA PHE A 75 -43.51 58.97 19.30
C PHE A 75 -43.09 57.52 19.65
N GLY A 76 -42.11 57.00 18.91
CA GLY A 76 -41.68 55.60 19.02
C GLY A 76 -42.82 54.59 18.94
N ARG A 77 -42.71 53.50 19.72
CA ARG A 77 -43.73 52.41 19.77
C ARG A 77 -45.02 52.88 20.49
N LYS A 78 -44.91 53.87 21.38
CA LYS A 78 -46.08 54.45 22.09
C LYS A 78 -46.95 55.26 21.11
N GLY A 79 -46.30 55.80 20.09
CA GLY A 79 -46.93 56.60 19.02
C GLY A 79 -47.56 55.81 17.88
N THR A 80 -47.89 54.55 18.19
CA THR A 80 -48.42 53.55 17.23
C THR A 80 -49.45 52.68 17.94
N ASN A 81 -50.24 51.93 17.18
CA ASN A 81 -51.16 50.90 17.73
C ASN A 81 -52.12 51.60 18.70
N LEU A 82 -52.55 52.79 18.28
CA LEU A 82 -53.57 53.53 19.06
C LEU A 82 -54.98 53.16 18.58
N THR A 83 -55.85 52.88 19.55
CA THR A 83 -57.23 52.42 19.27
C THR A 83 -58.08 53.57 18.76
N TYR A 84 -59.24 53.22 18.23
CA TYR A 84 -60.17 54.16 17.58
C TYR A 84 -60.79 55.13 18.60
N GLN A 85 -61.03 54.68 19.83
CA GLN A 85 -61.65 55.52 20.91
C GLN A 85 -60.58 56.44 21.50
N ASP A 86 -59.28 56.08 21.40
CA ASP A 86 -58.14 56.99 21.68
C ASP A 86 -58.14 58.10 20.64
N LYS A 87 -58.33 57.72 19.37
CA LYS A 87 -58.33 58.69 18.27
C LYS A 87 -59.42 59.74 18.52
N LEU A 88 -60.66 59.27 18.67
CA LEU A 88 -61.84 60.12 18.95
C LEU A 88 -61.56 61.08 20.11
N LYS A 89 -61.02 60.59 21.25
CA LYS A 89 -60.72 61.43 22.43
C LYS A 89 -59.84 62.63 22.03
N ILE A 90 -58.78 62.38 21.25
CA ILE A 90 -57.80 63.44 20.89
C ILE A 90 -58.46 64.36 19.85
N GLU A 91 -59.14 63.77 18.87
CA GLU A 91 -59.74 64.55 17.77
C GLU A 91 -60.63 65.68 18.31
N LYS A 92 -61.24 65.49 19.50
CA LYS A 92 -62.13 66.49 20.16
C LYS A 92 -61.31 67.64 20.74
N MET A 93 -60.00 67.46 20.98
CA MET A 93 -59.10 68.51 21.50
C MET A 93 -58.75 69.51 20.39
N ASN A 94 -58.84 69.08 19.12
CA ASN A 94 -58.69 69.91 17.89
C ASN A 94 -57.38 70.70 17.94
N LEU A 95 -56.28 70.05 18.35
CA LEU A 95 -54.97 70.69 18.59
C LEU A 95 -54.26 71.05 17.28
N PRO A 96 -53.44 72.12 17.29
CA PRO A 96 -52.75 72.55 16.07
C PRO A 96 -51.62 71.60 15.72
N GLY A 97 -51.58 71.00 14.53
CA GLY A 97 -50.41 70.20 14.14
C GLY A 97 -50.46 68.73 14.49
N ILE A 98 -51.48 68.32 15.24
CA ILE A 98 -51.67 66.92 15.71
C ILE A 98 -52.60 66.17 14.75
N SER A 99 -52.20 64.96 14.43
CA SER A 99 -53.03 64.12 13.53
C SER A 99 -52.74 62.66 13.84
N LEU A 100 -53.71 61.82 13.50
CA LEU A 100 -53.57 60.36 13.62
C LEU A 100 -53.79 59.76 12.26
N LEU A 101 -52.84 58.97 11.77
CA LEU A 101 -52.98 58.32 10.46
C LEU A 101 -53.35 56.86 10.71
N PRO A 102 -54.31 56.34 9.92
CA PRO A 102 -54.68 54.94 10.01
C PRO A 102 -53.54 54.04 9.56
N GLU A 103 -53.39 52.92 10.26
CA GLU A 103 -52.45 51.85 9.86
C GLU A 103 -53.05 50.51 10.23
N THR A 104 -52.88 49.52 9.36
CA THR A 104 -53.35 48.14 9.60
C THR A 104 -52.27 47.36 10.33
N GLU A 105 -52.70 46.62 11.35
CA GLU A 105 -51.84 45.73 12.16
C GLU A 105 -52.53 44.37 12.22
N ARG A 106 -51.72 43.33 12.39
CA ARG A 106 -52.22 41.97 12.59
C ARG A 106 -52.48 41.84 14.06
N PHE A 107 -53.66 41.34 14.39
CA PHE A 107 -54.12 41.23 15.78
C PHE A 107 -54.37 39.77 16.12
N TYR A 108 -53.77 39.32 17.21
CA TYR A 108 -54.01 37.97 17.74
C TYR A 108 -54.70 38.18 19.08
N PRO A 109 -56.05 38.07 19.10
CA PRO A 109 -56.85 38.25 20.32
C PRO A 109 -56.37 37.63 21.62
N ASN A 110 -55.78 36.44 21.51
CA ASN A 110 -55.35 35.63 22.67
C ASN A 110 -53.90 35.94 23.11
N GLY A 111 -53.19 36.74 22.30
CA GLY A 111 -51.73 36.94 22.45
C GLY A 111 -50.98 35.65 22.28
N ASN A 112 -50.22 35.27 23.30
CA ASN A 112 -49.52 33.97 23.39
C ASN A 112 -50.57 32.87 23.49
N PHE A 113 -50.77 32.17 22.38
CA PHE A 113 -51.81 31.14 22.22
C PHE A 113 -51.51 30.33 20.98
N ALA A 114 -51.13 29.06 21.11
CA ALA A 114 -50.67 28.24 19.97
C ALA A 114 -49.68 28.98 19.09
N SER A 115 -48.83 29.76 19.74
CA SER A 115 -47.96 30.76 19.06
C SER A 115 -47.19 30.11 17.93
N HIS A 116 -46.72 28.90 18.19
CA HIS A 116 -45.81 28.20 17.26
C HIS A 116 -46.52 27.57 16.09
N LEU A 117 -47.81 27.31 16.22
CA LEU A 117 -48.67 26.81 15.14
C LEU A 117 -49.24 27.96 14.29
N ILE A 118 -50.00 28.82 14.94
CA ILE A 118 -50.63 29.99 14.26
C ILE A 118 -49.55 30.69 13.44
N GLY A 119 -48.44 31.00 14.09
CA GLY A 119 -47.33 31.75 13.49
C GLY A 119 -47.52 33.23 13.66
N ARG A 120 -46.74 33.98 12.89
CA ARG A 120 -46.65 35.45 13.03
C ARG A 120 -46.38 36.08 11.67
N ALA A 121 -47.09 37.16 11.37
CA ALA A 121 -46.87 37.93 10.14
C ALA A 121 -46.23 39.28 10.50
N GLN A 122 -45.17 39.59 9.75
CA GLN A 122 -44.37 40.83 9.97
C GLN A 122 -44.86 41.89 9.01
N LYS A 123 -44.67 43.14 9.43
CA LYS A 123 -45.13 44.30 8.64
C LYS A 123 -43.95 44.98 7.96
N ASN A 124 -44.13 45.28 6.67
CA ASN A 124 -43.16 46.09 5.91
C ASN A 124 -43.48 47.53 6.24
N PRO A 125 -42.55 48.25 6.93
CA PRO A 125 -42.75 49.65 7.30
C PRO A 125 -43.32 50.52 6.20
N ASP A 126 -42.65 50.49 5.05
CA ASP A 126 -42.95 51.40 3.90
C ASP A 126 -44.39 51.22 3.38
N THR A 127 -44.67 49.98 2.98
CA THR A 127 -45.92 49.64 2.28
C THR A 127 -47.06 49.26 3.23
N GLY A 128 -46.76 48.93 4.47
CA GLY A 128 -47.78 48.44 5.41
C GLY A 128 -48.18 47.00 5.17
N GLU A 129 -47.44 46.28 4.34
CA GLU A 129 -47.84 44.92 3.89
C GLU A 129 -47.37 43.89 4.90
N LEU A 130 -48.28 43.00 5.25
CA LEU A 130 -48.04 41.93 6.22
C LEU A 130 -47.59 40.67 5.47
N LYS A 131 -46.61 39.94 5.97
CA LYS A 131 -46.04 38.74 5.30
C LYS A 131 -45.76 37.70 6.37
N GLY A 132 -46.29 36.48 6.23
CA GLY A 132 -46.07 35.44 7.25
C GLY A 132 -44.63 35.02 7.35
N ALA A 133 -44.14 34.92 8.58
CA ALA A 133 -42.75 34.56 8.87
C ALA A 133 -42.62 33.16 9.47
N LEU A 134 -43.69 32.59 10.00
CA LEU A 134 -43.67 31.28 10.65
C LEU A 134 -45.09 30.73 10.75
N GLY A 135 -45.17 29.39 10.86
CA GLY A 135 -46.50 28.78 11.12
C GLY A 135 -47.46 29.02 9.98
N VAL A 136 -48.73 28.81 10.30
CA VAL A 136 -49.87 29.07 9.37
C VAL A 136 -49.55 30.28 8.50
N GLU A 137 -49.25 31.40 9.17
CA GLU A 137 -49.16 32.70 8.47
C GLU A 137 -48.20 32.54 7.30
N LYS A 138 -47.12 31.77 7.47
CA LYS A 138 -46.14 31.63 6.36
C LYS A 138 -46.61 30.65 5.29
N ILE A 139 -47.01 29.47 5.71
CA ILE A 139 -47.48 28.41 4.79
C ILE A 139 -48.53 28.93 3.83
N PHE A 140 -49.54 29.60 4.40
CA PHE A 140 -50.73 30.06 3.65
C PHE A 140 -50.67 31.53 3.28
N ASP A 141 -49.48 32.12 3.32
CA ASP A 141 -49.30 33.56 3.08
C ASP A 141 -50.06 33.96 1.82
N SER A 142 -49.67 33.39 0.69
CA SER A 142 -50.24 33.74 -0.62
C SER A 142 -51.78 33.75 -0.61
N TYR A 143 -52.40 32.81 0.09
CA TYR A 143 -53.87 32.67 0.09
C TYR A 143 -54.48 33.71 1.02
N LEU A 144 -53.93 33.79 2.22
CA LEU A 144 -54.26 34.86 3.19
C LEU A 144 -54.21 36.26 2.53
N SER A 145 -53.07 36.55 1.89
CA SER A 145 -52.78 37.85 1.24
C SER A 145 -53.81 38.12 0.15
N GLY A 146 -54.70 39.10 0.37
CA GLY A 146 -55.70 39.53 -0.61
C GLY A 146 -55.04 40.18 -1.82
N SER A 147 -53.83 40.69 -1.63
CA SER A 147 -53.06 41.39 -2.68
C SER A 147 -52.49 40.37 -3.66
N LYS A 148 -51.63 39.48 -3.17
CA LYS A 148 -50.92 38.45 -3.99
C LYS A 148 -51.96 37.49 -4.58
N GLY A 149 -52.48 37.81 -5.77
CA GLY A 149 -53.39 36.90 -6.50
C GLY A 149 -52.82 36.53 -7.85
N SER A 150 -51.50 36.63 -8.04
CA SER A 150 -50.80 36.29 -9.30
C SER A 150 -50.88 34.77 -9.49
N LEU A 151 -49.99 34.04 -8.84
CA LEU A 151 -50.02 32.56 -8.82
C LEU A 151 -49.91 32.13 -7.38
N ARG A 152 -51.01 31.67 -6.79
CA ARG A 152 -51.02 31.34 -5.33
C ARG A 152 -50.50 29.93 -5.13
N TYR A 153 -49.46 29.76 -4.29
CA TYR A 153 -48.79 28.45 -4.05
C TYR A 153 -48.79 28.14 -2.55
N ILE A 154 -49.14 26.89 -2.20
CA ILE A 154 -49.10 26.42 -0.80
C ILE A 154 -47.67 25.98 -0.50
N HIS A 155 -46.87 26.94 -0.09
CA HIS A 155 -45.46 26.84 0.39
C HIS A 155 -44.78 25.61 -0.21
N ASP A 156 -44.94 24.45 0.42
CA ASP A 156 -44.16 23.20 0.23
C ASP A 156 -45.13 22.07 -0.18
N ILE A 157 -46.39 22.20 0.23
CA ILE A 157 -47.50 21.23 -0.04
C ILE A 157 -47.87 21.34 -1.52
N TRP A 158 -47.04 20.72 -2.37
CA TRP A 158 -47.10 20.78 -3.86
C TRP A 158 -48.52 20.51 -4.40
N GLY A 159 -49.09 21.52 -5.06
CA GLY A 159 -50.46 21.50 -5.62
C GLY A 159 -51.37 22.57 -5.02
N TYR A 160 -52.65 22.50 -5.37
CA TYR A 160 -53.74 23.45 -5.02
C TYR A 160 -53.54 24.84 -5.64
N ILE A 161 -52.83 24.94 -6.77
CA ILE A 161 -52.27 26.21 -7.31
C ILE A 161 -53.36 27.00 -8.05
N ALA A 162 -54.50 27.24 -7.41
CA ALA A 162 -55.55 28.16 -7.88
C ALA A 162 -54.96 29.57 -8.05
N PRO A 163 -54.94 30.14 -9.28
CA PRO A 163 -54.46 31.50 -9.50
C PRO A 163 -55.50 32.63 -9.34
N PRO A 171 -59.57 45.66 -5.51
CA PRO A 171 -60.49 45.73 -4.40
C PRO A 171 -60.51 44.45 -3.55
N LYS A 172 -59.40 43.69 -3.48
CA LYS A 172 -59.45 42.22 -3.18
C LYS A 172 -59.29 41.83 -1.71
N ARG A 173 -60.20 40.96 -1.27
CA ARG A 173 -60.27 40.44 0.10
C ARG A 173 -59.53 39.12 0.10
N GLY A 174 -58.96 38.76 1.24
CA GLY A 174 -58.13 37.54 1.36
C GLY A 174 -58.91 36.29 1.75
N ASP A 175 -58.16 35.20 1.75
CA ASP A 175 -58.74 33.85 2.03
C ASP A 175 -58.58 33.52 3.50
N ASP A 176 -59.64 32.92 4.05
CA ASP A 176 -59.71 32.56 5.49
C ASP A 176 -59.25 31.12 5.71
N VAL A 177 -58.49 30.92 6.77
CA VAL A 177 -57.92 29.60 7.13
C VAL A 177 -58.56 29.09 8.41
N HIS A 178 -59.25 27.96 8.29
CA HIS A 178 -59.98 27.31 9.40
C HIS A 178 -59.13 26.19 9.94
N LEU A 179 -58.83 26.23 11.24
CA LEU A 179 -58.02 25.17 11.84
C LEU A 179 -58.92 24.16 12.58
N THR A 180 -58.32 23.08 13.06
CA THR A 180 -59.07 22.05 13.81
C THR A 180 -59.04 22.36 15.31
N ILE A 181 -58.24 23.33 15.68
CA ILE A 181 -58.01 23.72 17.10
C ILE A 181 -59.33 24.12 17.76
N ASP A 182 -59.48 23.77 19.00
CA ASP A 182 -60.61 24.21 19.83
C ASP A 182 -60.01 25.13 20.86
N SER A 183 -60.35 26.40 20.80
CA SER A 183 -59.90 27.44 21.75
C SER A 183 -60.10 27.01 23.20
N ASN A 184 -61.21 26.33 23.47
CA ASN A 184 -61.51 25.89 24.86
C ASN A 184 -60.46 24.91 25.38
N ILE A 185 -60.06 23.97 24.55
CA ILE A 185 -59.04 22.97 24.92
C ILE A 185 -57.67 23.64 24.95
N GLN A 186 -57.42 24.56 24.00
CA GLN A 186 -56.14 25.28 23.92
C GLN A 186 -55.87 25.99 25.26
N VAL A 187 -56.90 26.59 25.83
CA VAL A 187 -56.80 27.24 27.18
C VAL A 187 -56.21 26.25 28.16
N PHE A 188 -56.76 25.04 28.25
CA PHE A 188 -56.31 24.06 29.26
C PHE A 188 -54.82 23.80 29.04
N VAL A 189 -54.44 23.66 27.79
CA VAL A 189 -53.03 23.37 27.46
C VAL A 189 -52.19 24.56 27.93
N GLU A 190 -52.50 25.78 27.49
CA GLU A 190 -51.61 26.94 27.78
C GLU A 190 -51.46 27.07 29.31
N GLU A 191 -52.57 26.94 30.01
CA GLU A 191 -52.56 27.08 31.49
C GLU A 191 -51.65 26.03 32.12
N ALA A 192 -51.81 24.77 31.74
CA ALA A 192 -51.04 23.66 32.35
C ALA A 192 -49.55 23.80 32.02
N LEU A 193 -49.20 24.22 30.79
CA LEU A 193 -47.78 24.39 30.40
C LEU A 193 -47.13 25.53 31.18
N ASP A 194 -47.85 26.63 31.34
CA ASP A 194 -47.41 27.74 32.21
C ASP A 194 -46.99 27.22 33.60
N GLY A 195 -47.78 26.30 34.11
CA GLY A 195 -47.56 25.66 35.39
C GLY A 195 -46.24 24.92 35.45
N MET A 196 -46.00 24.14 34.39
CA MET A 196 -44.80 23.27 34.27
C MET A 196 -43.54 24.13 34.17
N VAL A 197 -43.65 25.23 33.44
CA VAL A 197 -42.50 26.15 33.27
C VAL A 197 -42.14 26.72 34.64
N GLU A 198 -43.14 27.18 35.36
CA GLU A 198 -42.98 27.78 36.72
C GLU A 198 -42.23 26.77 37.58
N ARG A 199 -42.74 25.54 37.65
CA ARG A 199 -42.21 24.42 38.50
C ARG A 199 -40.80 24.00 38.08
N TYR A 200 -40.68 23.60 36.83
CA TYR A 200 -39.51 22.83 36.33
C TYR A 200 -38.54 23.66 35.49
N GLN A 201 -38.99 24.77 34.90
CA GLN A 201 -38.15 25.54 33.94
C GLN A 201 -37.41 24.64 32.96
N PRO A 202 -38.13 23.86 32.15
CA PRO A 202 -37.46 22.99 31.18
C PRO A 202 -36.83 23.78 30.04
N LYS A 203 -35.91 23.12 29.33
CA LYS A 203 -35.36 23.72 28.11
C LYS A 203 -36.32 23.55 26.92
N ASP A 204 -37.19 22.57 26.98
CA ASP A 204 -38.14 22.27 25.89
C ASP A 204 -39.35 21.56 26.49
N LEU A 205 -40.51 21.82 25.92
CA LEU A 205 -41.77 21.32 26.50
C LEU A 205 -42.86 21.43 25.45
N PHE A 206 -43.71 20.43 25.36
CA PHE A 206 -44.89 20.51 24.47
C PHE A 206 -46.04 19.67 25.02
N ALA A 207 -47.23 19.98 24.55
CA ALA A 207 -48.40 19.11 24.74
C ALA A 207 -49.31 19.28 23.56
N VAL A 208 -49.88 18.17 23.14
CA VAL A 208 -50.78 18.12 21.97
C VAL A 208 -51.97 17.26 22.35
N VAL A 209 -53.13 17.70 21.91
CA VAL A 209 -54.39 16.95 22.10
C VAL A 209 -54.88 16.63 20.71
N MET A 210 -55.07 15.35 20.46
CA MET A 210 -55.57 14.87 19.16
C MET A 210 -56.84 14.06 19.35
N ASP A 211 -57.81 14.26 18.46
CA ASP A 211 -59.04 13.44 18.40
C ASP A 211 -58.61 12.03 18.01
N ALA A 212 -58.85 11.08 18.91
CA ALA A 212 -58.44 9.67 18.72
C ALA A 212 -58.99 9.05 17.44
N LYS A 213 -60.19 9.50 17.03
CA LYS A 213 -60.97 8.92 15.93
C LYS A 213 -60.90 9.68 14.61
N THR A 214 -60.27 10.85 14.57
CA THR A 214 -60.13 11.60 13.30
C THR A 214 -58.66 11.92 12.96
N GLY A 215 -57.80 12.17 13.95
CA GLY A 215 -56.48 12.76 13.59
C GLY A 215 -56.48 14.28 13.57
N GLU A 216 -57.56 14.85 14.11
CA GLU A 216 -57.63 16.33 14.23
C GLU A 216 -56.84 16.78 15.45
N ILE A 217 -56.01 17.80 15.26
CA ILE A 217 -55.28 18.43 16.38
C ILE A 217 -56.23 19.41 17.03
N LEU A 218 -56.66 19.12 18.26
CA LEU A 218 -57.57 19.98 19.02
C LEU A 218 -56.83 21.05 19.81
N ALA A 219 -55.60 20.78 20.19
CA ALA A 219 -54.77 21.78 20.89
C ALA A 219 -53.32 21.41 20.75
N TYR A 220 -52.48 22.45 20.71
CA TYR A 220 -51.03 22.28 20.67
C TYR A 220 -50.33 23.53 21.20
N SER A 221 -49.41 23.38 22.15
CA SER A 221 -48.43 24.47 22.38
C SER A 221 -47.14 23.95 22.96
N GLN A 222 -46.16 24.83 23.00
CA GLN A 222 -44.77 24.49 23.35
C GLN A 222 -44.16 25.64 24.14
N ARG A 223 -43.18 25.30 24.96
CA ARG A 223 -42.31 26.29 25.62
C ARG A 223 -40.86 25.89 25.39
N PRO A 224 -39.97 26.84 25.02
CA PRO A 224 -40.31 28.27 25.00
C PRO A 224 -40.88 28.78 23.67
N THR A 225 -42.08 29.36 23.75
CA THR A 225 -42.80 29.85 22.56
C THR A 225 -42.58 31.36 22.52
N PHE A 226 -43.38 32.03 21.68
CA PHE A 226 -43.32 33.50 21.56
C PHE A 226 -44.72 34.06 21.64
N ASN A 227 -44.77 35.38 21.68
CA ASN A 227 -46.04 36.12 21.72
C ASN A 227 -46.24 36.75 20.35
N PRO A 228 -47.21 36.25 19.56
CA PRO A 228 -47.35 36.68 18.18
C PRO A 228 -47.70 38.16 18.02
N GLU A 229 -48.44 38.64 19.01
CA GLU A 229 -48.94 40.03 19.06
C GLU A 229 -47.79 41.03 19.08
N THR A 230 -46.88 40.82 20.03
CA THR A 230 -45.81 41.76 20.40
C THR A 230 -44.54 41.54 19.59
N GLY A 231 -44.30 40.29 19.23
CA GLY A 231 -43.05 39.92 18.58
C GLY A 231 -41.95 39.59 19.60
N LYS A 232 -42.39 39.39 20.84
CA LYS A 232 -41.57 38.94 21.99
C LYS A 232 -41.09 37.52 21.70
N ASP A 233 -39.78 37.28 21.83
CA ASP A 233 -39.15 35.93 21.80
C ASP A 233 -39.26 35.27 20.42
N PHE A 234 -39.82 35.98 19.44
CA PHE A 234 -39.92 35.42 18.08
C PHE A 234 -38.51 35.26 17.53
N GLY A 235 -38.17 34.05 17.11
CA GLY A 235 -36.96 33.77 16.31
C GLY A 235 -35.86 33.10 17.11
N LYS A 236 -36.07 32.94 18.40
CA LYS A 236 -35.10 32.24 19.27
C LYS A 236 -35.21 30.78 18.90
N LYS A 237 -36.24 30.12 19.43
CA LYS A 237 -36.72 28.85 18.88
C LYS A 237 -37.65 29.14 17.70
N TRP A 238 -37.10 28.94 16.52
CA TRP A 238 -37.91 28.95 15.27
C TRP A 238 -38.74 27.68 15.10
N ALA A 239 -38.15 26.55 15.41
CA ALA A 239 -38.74 25.23 15.11
C ALA A 239 -39.99 24.93 15.93
N ASN A 240 -41.01 24.44 15.22
CA ASN A 240 -42.23 23.94 15.85
C ASN A 240 -41.90 22.56 16.39
N ASP A 241 -42.15 22.34 17.67
CA ASP A 241 -41.85 21.03 18.29
C ASP A 241 -42.56 19.92 17.50
N LEU A 242 -43.88 20.09 17.38
CA LEU A 242 -44.79 19.00 16.92
C LEU A 242 -44.37 18.43 15.57
N TYR A 243 -43.96 19.32 14.67
CA TYR A 243 -43.75 18.98 13.24
C TYR A 243 -42.29 19.04 12.80
N GLN A 244 -41.46 19.86 13.45
CA GLN A 244 -40.12 20.17 12.89
C GLN A 244 -38.98 19.68 13.76
N ASN A 245 -39.21 19.56 15.08
CA ASN A 245 -38.17 19.14 16.04
C ASN A 245 -38.16 17.62 16.29
N THR A 246 -36.97 17.04 16.28
CA THR A 246 -36.83 15.59 16.54
C THR A 246 -36.49 15.35 17.99
N TYR A 247 -36.97 14.22 18.50
CA TYR A 247 -36.65 13.71 19.83
C TYR A 247 -36.27 12.23 19.78
N GLU A 248 -35.35 11.87 20.70
CA GLU A 248 -35.11 10.49 21.09
C GLU A 248 -36.27 10.25 22.04
N PRO A 249 -37.34 9.55 21.62
CA PRO A 249 -38.62 9.59 22.36
C PRO A 249 -38.66 8.94 23.73
N GLY A 250 -37.80 7.93 23.87
CA GLY A 250 -37.71 7.03 25.03
C GLY A 250 -38.79 5.99 25.08
N SER A 251 -39.30 5.71 26.27
CA SER A 251 -40.10 4.49 26.55
C SER A 251 -41.50 4.50 25.92
N THR A 252 -41.94 5.68 25.49
CA THR A 252 -43.19 5.87 24.74
C THR A 252 -43.15 4.98 23.50
N PHE A 253 -41.93 4.83 23.02
CA PHE A 253 -41.59 4.14 21.75
C PHE A 253 -41.65 2.63 21.92
N LYS A 254 -41.69 2.17 23.15
CA LYS A 254 -41.79 0.71 23.43
C LYS A 254 -43.13 0.16 22.93
N SER A 255 -44.17 0.99 23.00
CA SER A 255 -45.52 0.60 22.57
C SER A 255 -45.45 -0.08 21.19
N TYR A 256 -44.57 0.43 20.30
CA TYR A 256 -44.52 -0.08 18.90
C TYR A 256 -43.70 -1.37 18.83
N GLY A 257 -42.63 -1.40 19.61
CA GLY A 257 -41.76 -2.58 19.82
C GLY A 257 -42.57 -3.75 20.31
N LEU A 258 -43.63 -3.46 21.04
CA LEU A 258 -44.53 -4.46 21.66
C LEU A 258 -45.48 -4.99 20.60
N ALA A 259 -46.26 -4.08 20.03
CA ALA A 259 -47.15 -4.40 18.90
C ALA A 259 -46.49 -5.34 17.89
N ALA A 260 -45.33 -4.94 17.39
CA ALA A 260 -44.55 -5.79 16.47
C ALA A 260 -44.54 -7.25 16.95
N ALA A 261 -43.95 -7.45 18.13
CA ALA A 261 -43.88 -8.75 18.83
C ALA A 261 -45.24 -9.44 18.86
N ILE A 262 -46.23 -8.79 19.47
CA ILE A 262 -47.55 -9.38 19.72
C ILE A 262 -48.01 -10.01 18.43
N GLN A 263 -47.81 -9.30 17.31
CA GLN A 263 -48.32 -9.77 16.00
C GLN A 263 -47.57 -11.00 15.48
N GLU A 264 -46.25 -10.92 15.49
CA GLU A 264 -45.33 -12.03 15.15
C GLU A 264 -45.50 -13.23 16.07
N GLY A 265 -46.25 -13.06 17.16
CA GLY A 265 -46.52 -14.12 18.14
C GLY A 265 -45.36 -14.44 19.05
N ALA A 266 -44.44 -13.49 19.20
CA ALA A 266 -43.24 -13.61 20.04
C ALA A 266 -43.50 -13.17 21.48
N PHE A 267 -44.46 -12.29 21.70
CA PHE A 267 -44.82 -11.76 23.04
C PHE A 267 -46.01 -12.54 23.58
N ASP A 268 -45.82 -13.13 24.75
CA ASP A 268 -46.86 -13.82 25.54
C ASP A 268 -46.82 -13.12 26.88
N PRO A 269 -47.90 -12.44 27.28
CA PRO A 269 -47.91 -11.71 28.56
C PRO A 269 -47.50 -12.48 29.82
N ASP A 270 -47.81 -13.77 29.85
CA ASP A 270 -47.52 -14.67 31.00
C ASP A 270 -46.15 -15.35 30.91
N LYS A 271 -45.50 -15.32 29.76
CA LYS A 271 -44.18 -15.96 29.58
C LYS A 271 -43.15 -15.14 30.36
N LYS A 272 -42.32 -15.83 31.13
CA LYS A 272 -41.25 -15.23 31.97
C LYS A 272 -39.99 -15.04 31.12
N TYR A 273 -39.30 -13.92 31.33
CA TYR A 273 -38.08 -13.51 30.60
C TYR A 273 -37.09 -13.06 31.66
N LYS A 274 -35.81 -13.11 31.30
CA LYS A 274 -34.70 -12.72 32.21
C LYS A 274 -34.46 -11.21 32.15
N SER A 275 -34.79 -10.50 33.24
CA SER A 275 -34.53 -9.06 33.36
C SER A 275 -33.19 -8.84 34.05
N GLY A 276 -32.68 -7.61 33.99
CA GLY A 276 -31.41 -7.27 34.64
C GLY A 276 -30.50 -6.53 33.72
N HIS A 277 -29.53 -7.24 33.14
CA HIS A 277 -28.53 -6.59 32.24
C HIS A 277 -28.48 -7.28 30.89
N ARG A 278 -27.89 -6.61 29.90
CA ARG A 278 -27.73 -7.21 28.55
C ARG A 278 -26.44 -6.66 27.95
N ASP A 279 -25.44 -7.51 27.78
CA ASP A 279 -24.12 -7.05 27.29
C ASP A 279 -24.15 -6.92 25.76
N ILE A 280 -24.20 -5.69 25.25
CA ILE A 280 -24.26 -5.43 23.80
C ILE A 280 -23.07 -4.57 23.41
N MET A 281 -22.28 -5.04 22.46
CA MET A 281 -21.10 -4.29 21.93
C MET A 281 -20.30 -3.69 23.09
N GLY A 282 -19.95 -4.52 24.08
CA GLY A 282 -19.08 -4.11 25.20
C GLY A 282 -19.70 -3.00 26.04
N SER A 283 -20.99 -3.09 26.33
CA SER A 283 -21.72 -2.14 27.20
C SER A 283 -22.84 -2.83 27.95
N ARG A 284 -23.00 -2.51 29.23
CA ARG A 284 -24.04 -3.15 30.06
C ARG A 284 -25.34 -2.34 29.92
N ILE A 285 -26.02 -2.52 28.82
CA ILE A 285 -27.36 -1.86 28.65
C ILE A 285 -28.30 -2.55 29.62
N SER A 286 -28.78 -1.83 30.62
CA SER A 286 -29.61 -2.47 31.68
C SER A 286 -30.94 -1.78 31.84
N ASP A 287 -31.78 -2.30 32.72
CA ASP A 287 -33.12 -1.71 32.97
C ASP A 287 -32.97 -0.39 33.73
N TRP A 288 -34.06 0.35 33.88
CA TRP A 288 -33.99 1.67 34.55
C TRP A 288 -33.51 1.51 36.01
N ASN A 289 -33.79 0.37 36.62
CA ASN A 289 -33.42 0.16 38.04
C ASN A 289 -31.98 -0.35 38.14
N ARG A 290 -31.35 -0.61 37.00
CA ARG A 290 -29.91 -1.04 36.92
C ARG A 290 -29.70 -2.45 37.46
N VAL A 291 -30.67 -3.02 38.18
CA VAL A 291 -30.48 -4.35 38.82
C VAL A 291 -31.47 -5.36 38.24
N GLY A 292 -32.65 -4.90 37.85
CA GLY A 292 -33.68 -5.77 37.28
C GLY A 292 -34.57 -6.36 38.35
N TRP A 293 -35.48 -7.25 37.94
CA TRP A 293 -36.42 -7.91 38.87
C TRP A 293 -36.30 -9.42 38.71
N GLY A 294 -35.19 -9.88 38.13
CA GLY A 294 -34.92 -11.32 37.92
C GLY A 294 -35.82 -11.91 36.85
N GLU A 295 -36.30 -13.12 37.04
CA GLU A 295 -37.24 -13.76 36.08
C GLU A 295 -38.65 -13.28 36.36
N ILE A 296 -39.26 -12.59 35.41
CA ILE A 296 -40.63 -12.05 35.59
C ILE A 296 -41.43 -12.22 34.31
N PRO A 297 -42.79 -12.26 34.39
CA PRO A 297 -43.65 -12.22 33.20
C PRO A 297 -43.45 -10.99 32.33
N MET A 298 -43.57 -11.10 31.00
CA MET A 298 -43.38 -9.97 30.09
C MET A 298 -44.39 -8.87 30.42
N SER A 299 -45.64 -9.26 30.65
CA SER A 299 -46.70 -8.30 31.01
C SER A 299 -46.16 -7.33 32.04
N LEU A 300 -45.55 -7.85 33.10
CA LEU A 300 -44.97 -7.01 34.17
C LEU A 300 -43.88 -6.11 33.60
N GLY A 301 -42.87 -6.68 32.96
CA GLY A 301 -41.75 -5.92 32.42
C GLY A 301 -42.23 -4.66 31.74
N PHE A 302 -43.28 -4.79 30.95
CA PHE A 302 -43.82 -3.68 30.17
C PHE A 302 -44.49 -2.69 31.10
N THR A 303 -45.25 -3.18 32.08
CA THR A 303 -45.90 -2.30 33.08
C THR A 303 -44.81 -1.43 33.74
N TYR A 304 -43.71 -2.10 34.11
CA TYR A 304 -42.58 -1.45 34.79
C TYR A 304 -41.81 -0.55 33.84
N SER A 305 -41.85 -0.89 32.55
CA SER A 305 -41.00 -0.31 31.48
C SER A 305 -39.61 -0.91 31.50
N SER A 306 -39.53 -2.21 31.34
CA SER A 306 -38.23 -2.92 31.21
C SER A 306 -37.51 -2.67 29.88
N ASN A 307 -36.30 -2.12 29.96
CA ASN A 307 -35.49 -1.92 28.74
C ASN A 307 -34.99 -3.25 28.19
N THR A 308 -34.76 -4.23 29.04
CA THR A 308 -34.34 -5.58 28.63
C THR A 308 -35.44 -6.27 27.82
N LEU A 309 -36.70 -6.11 28.23
CA LEU A 309 -37.83 -6.74 27.52
C LEU A 309 -37.77 -6.52 26.01
N MET A 310 -37.71 -5.26 25.62
CA MET A 310 -37.72 -4.79 24.22
C MET A 310 -36.56 -5.41 23.47
N MET A 311 -35.42 -5.52 24.13
CA MET A 311 -34.18 -6.09 23.56
C MET A 311 -34.34 -7.60 23.32
N HIS A 312 -34.83 -8.30 24.32
CA HIS A 312 -35.26 -9.70 24.18
C HIS A 312 -36.15 -9.84 22.92
N LEU A 313 -37.25 -9.09 22.96
CA LEU A 313 -38.32 -9.24 21.95
C LEU A 313 -37.71 -9.01 20.58
N GLN A 314 -36.78 -8.05 20.48
CA GLN A 314 -36.15 -7.74 19.17
C GLN A 314 -35.48 -8.99 18.63
N ASP A 315 -34.75 -9.68 19.52
CA ASP A 315 -34.00 -10.90 19.18
C ASP A 315 -34.94 -11.98 18.70
N LEU A 316 -36.06 -12.17 19.40
CA LEU A 316 -37.05 -13.21 19.01
C LEU A 316 -37.64 -12.91 17.63
N VAL A 317 -38.03 -11.66 17.41
CA VAL A 317 -38.67 -11.26 16.12
C VAL A 317 -37.60 -11.34 15.01
N GLY A 318 -36.49 -10.63 15.18
CA GLY A 318 -35.44 -10.53 14.14
C GLY A 318 -35.16 -9.08 13.80
N ALA A 319 -33.88 -8.78 13.60
CA ALA A 319 -33.42 -7.42 13.25
C ALA A 319 -34.20 -6.93 12.03
N ASP A 320 -34.05 -7.61 10.91
CA ASP A 320 -34.55 -7.07 9.62
C ASP A 320 -36.04 -6.81 9.76
N LYS A 321 -36.74 -7.66 10.47
CA LYS A 321 -38.21 -7.60 10.53
C LYS A 321 -38.61 -6.42 11.41
N MET A 322 -37.87 -6.19 12.50
CA MET A 322 -38.23 -5.09 13.43
C MET A 322 -37.99 -3.76 12.72
N LYS A 323 -36.96 -3.67 11.87
CA LYS A 323 -36.71 -2.39 11.18
C LYS A 323 -37.94 -2.04 10.33
N SER A 324 -38.43 -3.04 9.60
CA SER A 324 -39.61 -2.90 8.72
C SER A 324 -40.84 -2.58 9.56
N TRP A 325 -40.91 -3.17 10.75
CA TRP A 325 -42.04 -2.86 11.66
C TRP A 325 -42.07 -1.37 11.98
N TYR A 326 -40.92 -0.81 12.37
CA TYR A 326 -40.88 0.63 12.75
C TYR A 326 -41.16 1.51 11.53
N GLU A 327 -40.75 1.06 10.34
CA GLU A 327 -41.04 1.77 9.08
C GLU A 327 -42.55 1.75 8.82
N ARG A 328 -43.19 0.61 9.03
CA ARG A 328 -44.65 0.52 8.77
C ARG A 328 -45.45 1.31 9.79
N PHE A 329 -44.83 1.63 10.93
CA PHE A 329 -45.46 2.53 11.94
C PHE A 329 -45.18 4.01 11.62
N GLY A 330 -44.60 4.30 10.46
CA GLY A 330 -44.56 5.67 9.90
C GLY A 330 -43.36 6.47 10.32
N PHE A 331 -42.42 5.82 10.99
CA PHE A 331 -41.21 6.45 11.52
C PHE A 331 -40.11 6.52 10.48
N GLY A 332 -39.29 7.56 10.60
CA GLY A 332 -38.24 7.82 9.61
C GLY A 332 -38.78 8.45 8.35
N LYS A 333 -40.09 8.72 8.30
CA LYS A 333 -40.72 9.36 7.13
C LYS A 333 -41.64 10.46 7.61
N SER A 334 -41.74 11.47 6.78
CA SER A 334 -42.71 12.58 6.96
C SER A 334 -44.14 12.05 7.04
N THR A 335 -44.97 12.65 7.89
CA THR A 335 -46.38 12.25 8.02
C THR A 335 -47.23 12.89 6.93
N LYS A 336 -46.60 13.65 6.04
CA LYS A 336 -47.23 14.40 4.94
C LYS A 336 -48.31 15.31 5.48
N GLY A 337 -48.07 15.84 6.67
CA GLY A 337 -48.91 16.87 7.28
C GLY A 337 -48.75 18.17 6.55
N MET A 338 -49.62 19.11 6.89
CA MET A 338 -49.78 20.37 6.11
C MET A 338 -48.75 21.44 6.48
N PHE A 339 -47.71 21.08 7.22
CA PHE A 339 -46.80 22.06 7.80
C PHE A 339 -45.56 22.09 6.91
N ASP A 340 -44.87 23.22 6.97
CA ASP A 340 -43.61 23.44 6.22
C ASP A 340 -42.48 22.58 6.76
N GLY A 341 -41.61 22.10 5.88
CA GLY A 341 -40.37 21.39 6.25
C GLY A 341 -40.51 20.46 7.42
N GLU A 342 -41.59 19.67 7.42
CA GLU A 342 -41.79 18.65 8.46
C GLU A 342 -40.61 17.69 8.50
N ALA A 343 -40.09 17.48 9.70
CA ALA A 343 -38.89 16.66 9.91
C ALA A 343 -39.19 15.17 9.77
N PRO A 344 -38.31 14.42 9.08
CA PRO A 344 -38.55 12.99 8.86
C PRO A 344 -38.10 12.09 10.02
N GLY A 345 -37.17 12.61 10.83
CA GLY A 345 -36.43 11.85 11.84
C GLY A 345 -35.64 10.73 11.19
N GLN A 346 -35.25 9.72 11.97
CA GLN A 346 -34.52 8.56 11.39
C GLN A 346 -34.43 7.41 12.35
N ILE A 347 -34.60 6.22 11.78
CA ILE A 347 -34.56 4.96 12.55
C ILE A 347 -33.07 4.62 12.70
N GLY A 348 -32.60 4.57 13.95
CA GLY A 348 -31.21 4.23 14.28
C GLY A 348 -31.01 2.75 14.18
N TRP A 349 -30.37 2.31 13.11
CA TRP A 349 -30.25 0.86 12.81
C TRP A 349 -28.90 0.52 12.19
N SER A 350 -27.86 1.34 12.40
CA SER A 350 -26.54 1.19 11.73
C SER A 350 -25.74 -0.01 12.27
N ASN A 351 -25.94 -0.31 13.54
CA ASN A 351 -25.28 -1.46 14.21
C ASN A 351 -26.19 -2.00 15.29
N GLU A 352 -25.79 -3.11 15.91
CA GLU A 352 -26.60 -3.80 16.94
C GLU A 352 -26.94 -2.85 18.09
N LEU A 353 -25.98 -2.01 18.48
CA LEU A 353 -26.18 -1.08 19.61
C LEU A 353 -27.38 -0.22 19.29
N GLN A 354 -27.33 0.46 18.15
CA GLN A 354 -28.38 1.43 17.76
C GLN A 354 -29.70 0.69 17.70
N GLN A 355 -29.67 -0.49 17.12
CA GLN A 355 -30.90 -1.29 16.94
C GLN A 355 -31.53 -1.60 18.30
N LYS A 356 -30.72 -2.14 19.18
CA LYS A 356 -31.20 -2.49 20.54
C LYS A 356 -31.75 -1.23 21.24
N THR A 357 -30.89 -0.24 21.36
CA THR A 357 -31.25 1.03 22.08
C THR A 357 -32.53 1.60 21.46
N SER A 358 -32.70 1.41 20.14
CA SER A 358 -33.91 1.92 19.46
C SER A 358 -35.13 1.30 20.11
N SER A 359 -35.20 0.01 20.42
CA SER A 359 -36.51 -0.59 20.79
C SER A 359 -37.08 0.05 22.05
N PHE A 360 -36.28 0.81 22.79
CA PHE A 360 -36.77 1.52 23.99
C PHE A 360 -36.56 3.03 23.86
N GLY A 361 -36.31 3.46 22.62
CA GLY A 361 -36.49 4.85 22.15
C GLY A 361 -35.27 5.73 22.16
N GLN A 362 -34.09 5.17 22.02
CA GLN A 362 -32.84 5.91 21.88
C GLN A 362 -32.27 5.64 20.50
N SER A 363 -31.37 6.51 20.06
CA SER A 363 -30.74 6.54 18.72
C SER A 363 -31.73 7.01 17.66
N THR A 364 -32.85 6.32 17.61
CA THR A 364 -33.98 6.66 16.73
C THR A 364 -34.58 8.02 17.09
N THR A 365 -34.82 8.85 16.10
CA THR A 365 -35.42 10.17 16.29
C THR A 365 -36.79 10.19 15.64
N VAL A 366 -37.70 10.89 16.29
CA VAL A 366 -39.10 11.04 15.82
C VAL A 366 -39.58 12.47 15.99
N THR A 367 -40.54 12.84 15.12
CA THR A 367 -41.44 13.97 15.37
C THR A 367 -42.53 13.51 16.33
N PRO A 368 -42.95 14.39 17.26
CA PRO A 368 -44.10 14.11 18.10
C PRO A 368 -45.31 13.60 17.31
N VAL A 369 -45.42 14.11 16.09
CA VAL A 369 -46.55 13.80 15.17
C VAL A 369 -46.46 12.34 14.73
N GLN A 370 -45.31 11.87 14.25
CA GLN A 370 -45.05 10.47 13.90
C GLN A 370 -45.62 9.59 14.99
N MET A 371 -45.46 10.07 16.23
CA MET A 371 -45.86 9.29 17.43
C MET A 371 -47.38 9.27 17.56
N LEU A 372 -48.04 10.43 17.37
CA LEU A 372 -49.52 10.45 17.35
C LEU A 372 -50.03 9.48 16.29
N GLN A 373 -49.40 9.54 15.13
CA GLN A 373 -49.82 8.75 13.97
C GLN A 373 -49.78 7.30 14.40
N ALA A 374 -48.62 6.84 14.82
CA ALA A 374 -48.41 5.48 15.38
C ALA A 374 -49.56 5.14 16.33
N GLN A 375 -49.59 5.84 17.46
CA GLN A 375 -50.48 5.49 18.60
C GLN A 375 -51.93 5.35 18.15
N SER A 376 -52.35 6.12 17.18
CA SER A 376 -53.76 6.09 16.73
C SER A 376 -54.21 4.71 16.34
N ALA A 377 -53.31 3.94 15.73
CA ALA A 377 -53.51 2.53 15.37
C ALA A 377 -54.28 1.71 16.39
N PHE A 378 -53.98 1.95 17.67
CA PHE A 378 -54.40 1.04 18.76
C PHE A 378 -55.90 1.15 19.04
N PHE A 379 -56.46 2.30 18.65
CA PHE A 379 -57.85 2.68 18.98
C PHE A 379 -58.77 2.72 17.77
N ASN A 380 -58.19 2.46 16.61
CA ASN A 380 -58.83 2.43 15.26
C ASN A 380 -58.34 1.19 14.50
N ASP A 381 -58.30 0.04 15.20
CA ASP A 381 -58.40 -1.33 14.60
C ASP A 381 -57.22 -1.58 13.66
N GLY A 382 -56.10 -0.99 14.06
CA GLY A 382 -54.76 -1.08 13.48
C GLY A 382 -54.48 -0.05 12.42
N ASN A 383 -55.41 0.84 12.10
CA ASN A 383 -55.22 1.89 11.10
C ASN A 383 -54.61 3.14 11.74
N MET A 384 -53.42 3.54 11.28
CA MET A 384 -52.86 4.86 11.65
C MET A 384 -53.56 5.94 10.85
N LEU A 385 -53.92 6.99 11.61
CA LEU A 385 -54.57 8.18 11.07
C LEU A 385 -53.54 9.26 10.80
N LYS A 386 -53.68 9.89 9.65
CA LYS A 386 -52.84 11.03 9.25
C LYS A 386 -53.27 12.18 10.12
N PRO A 387 -52.36 12.71 10.95
CA PRO A 387 -52.68 13.87 11.75
C PRO A 387 -52.63 15.18 10.96
N TRP A 388 -53.71 15.95 11.08
CA TRP A 388 -53.94 17.20 10.32
C TRP A 388 -54.58 18.22 11.24
N PHE A 389 -54.30 19.47 10.92
CA PHE A 389 -54.69 20.63 11.76
C PHE A 389 -55.42 21.71 10.96
N VAL A 390 -55.41 21.57 9.64
CA VAL A 390 -56.06 22.54 8.73
C VAL A 390 -57.37 21.95 8.31
N ASN A 391 -58.46 22.62 8.70
CA ASN A 391 -59.83 22.16 8.39
C ASN A 391 -60.21 22.62 6.99
N SER A 392 -59.95 23.89 6.64
CA SER A 392 -60.25 24.45 5.29
C SER A 392 -59.62 25.85 5.09
N VAL A 393 -59.29 26.14 3.83
CA VAL A 393 -58.82 27.44 3.29
C VAL A 393 -59.87 27.80 2.27
N GLU A 394 -60.65 28.82 2.59
CA GLU A 394 -61.71 29.27 1.68
C GLU A 394 -61.92 30.78 1.70
N ASN A 395 -62.06 31.40 0.53
CA ASN A 395 -62.45 32.81 0.44
C ASN A 395 -63.89 32.96 0.94
N PRO A 396 -64.12 33.83 1.93
CA PRO A 396 -65.44 33.89 2.56
C PRO A 396 -66.50 34.62 1.74
N VAL A 397 -66.05 35.36 0.73
CA VAL A 397 -66.95 35.97 -0.28
C VAL A 397 -67.57 34.86 -1.13
N SER A 398 -66.72 34.14 -1.86
CA SER A 398 -67.18 33.13 -2.85
C SER A 398 -67.58 31.82 -2.18
N LYS A 399 -67.07 31.57 -0.99
CA LYS A 399 -67.22 30.32 -0.21
C LYS A 399 -66.41 29.20 -0.82
N ARG A 400 -65.49 29.52 -1.73
CA ARG A 400 -64.81 28.49 -2.54
C ARG A 400 -63.73 27.83 -1.70
N GLN A 401 -63.77 26.48 -1.55
CA GLN A 401 -62.79 25.79 -0.70
C GLN A 401 -61.58 25.39 -1.51
N PHE A 402 -60.49 26.10 -1.29
CA PHE A 402 -59.19 25.78 -1.95
C PHE A 402 -58.54 24.55 -1.35
N TYR A 403 -58.73 24.31 -0.06
CA TYR A 403 -58.42 22.99 0.55
C TYR A 403 -59.44 22.70 1.64
N LYS A 404 -59.74 21.42 1.75
CA LYS A 404 -60.59 20.93 2.85
C LYS A 404 -59.95 19.67 3.40
N GLY A 405 -59.60 19.73 4.68
CA GLY A 405 -58.95 18.60 5.34
C GLY A 405 -59.94 17.51 5.69
N GLN A 406 -59.43 16.28 5.73
CA GLN A 406 -60.25 15.13 6.13
C GLN A 406 -59.37 14.04 6.72
N LYS A 407 -60.01 13.15 7.44
CA LYS A 407 -59.32 12.00 8.06
C LYS A 407 -58.92 11.00 6.97
N GLN A 408 -57.64 10.65 6.98
CA GLN A 408 -57.00 9.76 6.00
C GLN A 408 -56.29 8.70 6.81
N ILE A 409 -56.13 7.56 6.16
CA ILE A 409 -55.49 6.36 6.75
C ILE A 409 -54.10 6.26 6.11
N ALA A 410 -53.07 6.55 6.93
CA ALA A 410 -51.65 6.57 6.51
C ALA A 410 -51.07 5.17 6.57
N GLY A 411 -51.82 4.20 7.05
CA GLY A 411 -51.42 2.80 6.89
C GLY A 411 -52.06 1.95 7.95
N LYS A 412 -52.23 0.67 7.66
CA LYS A 412 -52.63 -0.34 8.67
C LYS A 412 -51.48 -1.31 8.85
N PRO A 413 -50.54 -1.00 9.77
CA PRO A 413 -49.42 -1.90 10.01
C PRO A 413 -49.73 -3.16 10.82
N ILE A 414 -50.85 -3.12 11.53
CA ILE A 414 -51.19 -4.13 12.57
C ILE A 414 -52.65 -4.50 12.45
N THR A 415 -52.99 -5.60 13.13
CA THR A 415 -54.30 -6.24 13.03
C THR A 415 -55.22 -5.65 14.10
N LYS A 416 -56.49 -6.02 14.05
CA LYS A 416 -57.45 -5.59 15.10
C LYS A 416 -57.07 -6.30 16.42
N ASP A 417 -56.83 -7.61 16.32
CA ASP A 417 -56.47 -8.46 17.48
C ASP A 417 -55.26 -7.89 18.19
N THR A 418 -54.19 -7.66 17.45
CA THR A 418 -52.95 -7.05 18.00
C THR A 418 -53.26 -5.76 18.76
N ALA A 419 -54.03 -4.86 18.14
CA ALA A 419 -54.35 -3.56 18.78
C ALA A 419 -55.04 -3.73 20.12
N GLU A 420 -55.98 -4.65 20.24
CA GLU A 420 -56.70 -4.87 21.50
C GLU A 420 -55.74 -5.37 22.57
N LYS A 421 -54.80 -6.20 22.18
CA LYS A 421 -53.81 -6.76 23.11
C LYS A 421 -52.84 -5.69 23.57
N VAL A 422 -52.47 -4.79 22.66
CA VAL A 422 -51.59 -3.64 23.01
C VAL A 422 -52.35 -2.77 24.01
N GLU A 423 -53.61 -2.47 23.72
CA GLU A 423 -54.42 -1.60 24.62
C GLU A 423 -54.46 -2.20 26.04
N LYS A 424 -54.61 -3.50 26.13
CA LYS A 424 -54.68 -4.19 27.44
C LYS A 424 -53.42 -3.90 28.26
N GLN A 425 -52.26 -3.88 27.62
CA GLN A 425 -50.98 -3.61 28.31
C GLN A 425 -50.90 -2.13 28.69
N LEU A 426 -51.34 -1.24 27.80
CA LEU A 426 -51.34 0.22 28.08
C LEU A 426 -52.22 0.53 29.29
N ASP A 427 -53.33 -0.18 29.40
CA ASP A 427 -54.26 -0.07 30.55
C ASP A 427 -53.47 -0.43 31.80
N LEU A 428 -52.82 -1.59 31.76
CA LEU A 428 -51.99 -2.08 32.89
C LEU A 428 -50.93 -1.04 33.30
N VAL A 429 -50.16 -0.58 32.34
CA VAL A 429 -49.02 0.35 32.65
C VAL A 429 -49.44 1.34 33.72
N VAL A 430 -50.66 1.84 33.60
CA VAL A 430 -51.20 2.86 34.54
C VAL A 430 -51.98 2.23 35.68
N ASN A 431 -52.93 1.36 35.33
CA ASN A 431 -53.89 0.80 36.31
C ASN A 431 -53.52 -0.62 36.72
N SER A 432 -52.27 -0.87 37.05
CA SER A 432 -51.82 -2.18 37.56
C SER A 432 -51.53 -2.05 39.06
N LYS A 433 -51.51 -3.18 39.76
CA LYS A 433 -51.23 -3.17 41.22
C LYS A 433 -49.82 -2.67 41.45
N LYS A 434 -48.88 -3.07 40.58
CA LYS A 434 -47.46 -2.69 40.74
C LYS A 434 -47.10 -1.60 39.74
N SER A 435 -48.04 -0.75 39.39
CA SER A 435 -47.81 0.29 38.35
C SER A 435 -46.73 1.27 38.82
N HIS A 436 -45.77 1.57 37.96
CA HIS A 436 -44.77 2.61 38.25
C HIS A 436 -45.22 3.90 37.56
N ALA A 437 -46.53 4.08 37.44
CA ALA A 437 -47.11 5.23 36.72
C ALA A 437 -48.49 5.58 37.31
N ALA A 438 -48.65 5.41 38.61
CA ALA A 438 -49.91 5.77 39.27
C ALA A 438 -50.09 7.30 39.31
N ASN A 439 -49.00 8.02 39.17
CA ASN A 439 -49.01 9.50 39.22
C ASN A 439 -49.88 10.07 38.11
N TYR A 440 -50.17 9.26 37.08
CA TYR A 440 -50.93 9.73 35.89
C TYR A 440 -52.41 9.46 36.01
N ARG A 441 -52.83 8.78 37.08
CA ARG A 441 -54.23 8.43 37.30
C ARG A 441 -55.06 9.65 37.61
N ILE A 442 -56.28 9.62 37.10
CA ILE A 442 -57.31 10.67 37.31
C ILE A 442 -58.57 10.09 37.93
N ASP A 443 -59.13 10.90 38.82
CA ASP A 443 -60.39 10.68 39.53
C ASP A 443 -61.57 10.77 38.57
N GLY A 444 -62.39 9.74 38.59
CA GLY A 444 -63.66 9.63 37.83
C GLY A 444 -63.50 9.07 36.43
N TYR A 445 -62.27 9.12 35.91
CA TYR A 445 -61.94 8.78 34.50
C TYR A 445 -60.86 7.69 34.41
N GLU A 446 -61.03 6.77 33.47
CA GLU A 446 -60.16 5.61 33.19
C GLU A 446 -59.11 6.02 32.17
N VAL A 447 -57.83 5.98 32.58
CA VAL A 447 -56.68 6.50 31.79
C VAL A 447 -55.83 5.32 31.38
N GLU A 448 -55.06 5.50 30.34
CA GLU A 448 -54.06 4.49 29.95
C GLU A 448 -53.01 5.18 29.11
N GLY A 449 -51.85 4.55 28.97
CA GLY A 449 -50.76 5.19 28.22
C GLY A 449 -49.42 4.65 28.61
N LYS A 450 -48.37 5.39 28.27
CA LYS A 450 -46.99 4.86 28.42
C LYS A 450 -46.07 5.93 28.99
N THR A 451 -45.34 5.62 30.06
CA THR A 451 -44.27 6.50 30.57
C THR A 451 -43.16 6.62 29.53
N GLY A 452 -42.42 7.72 29.51
CA GLY A 452 -41.48 7.95 28.41
C GLY A 452 -40.25 8.67 28.87
N THR A 453 -39.42 8.05 29.69
CA THR A 453 -38.15 8.66 30.19
C THR A 453 -37.02 8.35 29.22
N ALA A 454 -36.37 9.39 28.72
CA ALA A 454 -35.24 9.23 27.75
C ALA A 454 -34.04 10.10 28.08
N GLN A 455 -32.87 9.66 27.64
CA GLN A 455 -31.69 10.54 27.66
C GLN A 455 -31.69 11.39 26.40
N VAL A 456 -31.25 12.62 26.55
CA VAL A 456 -31.23 13.62 25.46
C VAL A 456 -29.79 13.75 24.98
N ALA A 457 -29.65 13.92 23.68
CA ALA A 457 -28.36 14.12 22.99
C ALA A 457 -27.78 15.52 23.22
N ALA A 458 -26.46 15.60 23.23
CA ALA A 458 -25.73 16.89 23.26
C ALA A 458 -26.03 17.65 21.97
N PRO A 459 -26.51 18.92 22.05
CA PRO A 459 -26.99 19.65 20.88
C PRO A 459 -26.12 19.49 19.64
N ASN A 460 -24.87 19.93 19.75
CA ASN A 460 -23.91 19.77 18.64
C ASN A 460 -22.77 18.82 19.07
N GLY A 461 -22.77 17.63 18.48
CA GLY A 461 -21.71 16.61 18.70
C GLY A 461 -21.69 16.15 20.15
N GLY A 462 -20.72 15.31 20.50
CA GLY A 462 -20.68 14.54 21.76
C GLY A 462 -21.77 13.47 21.84
N GLY A 463 -21.89 12.88 23.01
CA GLY A 463 -22.86 11.79 23.35
C GLY A 463 -24.19 12.32 23.85
N TYR A 464 -24.53 11.98 25.09
CA TYR A 464 -25.77 12.45 25.76
C TYR A 464 -25.43 13.54 26.77
N VAL A 465 -26.42 14.35 27.08
CA VAL A 465 -26.35 15.34 28.18
C VAL A 465 -26.30 14.59 29.51
N LYS A 466 -25.39 15.05 30.36
CA LYS A 466 -25.14 14.51 31.72
C LYS A 466 -25.62 15.54 32.72
N GLY A 467 -25.72 15.14 33.98
CA GLY A 467 -26.29 15.98 35.05
C GLY A 467 -27.02 15.12 36.06
N PRO A 468 -27.82 15.72 36.97
CA PRO A 468 -28.54 14.96 37.98
C PRO A 468 -29.60 14.05 37.38
N ASN A 469 -30.53 14.67 36.64
CA ASN A 469 -31.61 13.99 35.88
C ASN A 469 -31.74 14.61 34.50
N PRO A 470 -30.80 14.31 33.58
CA PRO A 470 -30.84 14.87 32.24
C PRO A 470 -31.74 14.08 31.31
N TYR A 471 -33.01 14.06 31.65
CA TYR A 471 -34.02 13.23 30.95
C TYR A 471 -35.13 14.03 30.26
N PHE A 472 -35.59 13.48 29.14
CA PHE A 472 -36.76 13.97 28.41
C PHE A 472 -37.85 12.99 28.83
N VAL A 473 -38.77 13.49 29.63
CA VAL A 473 -39.91 12.70 30.16
C VAL A 473 -41.12 12.97 29.30
N SER A 474 -41.93 11.95 29.09
CA SER A 474 -43.13 12.05 28.24
C SER A 474 -44.21 11.09 28.70
N PHE A 475 -45.42 11.34 28.24
CA PHE A 475 -46.54 10.40 28.43
C PHE A 475 -47.46 10.44 27.23
N MET A 476 -47.74 9.28 26.65
CA MET A 476 -48.64 9.15 25.49
C MET A 476 -49.94 8.52 25.95
N GLY A 477 -50.83 9.37 26.45
CA GLY A 477 -52.06 8.88 27.11
C GLY A 477 -53.30 8.99 26.27
N ASP A 478 -54.31 8.24 26.69
CA ASP A 478 -55.59 8.24 25.95
C ASP A 478 -56.67 7.89 26.94
N ALA A 479 -57.89 8.33 26.65
CA ALA A 479 -59.03 8.19 27.56
C ALA A 479 -60.30 8.65 26.86
N PRO A 480 -61.48 8.12 27.23
CA PRO A 480 -61.62 7.01 28.19
C PRO A 480 -60.97 5.74 27.68
N LYS A 481 -60.50 4.92 28.62
CA LYS A 481 -59.81 3.65 28.31
C LYS A 481 -60.61 2.78 27.35
N LYS A 482 -59.89 2.07 26.46
CA LYS A 482 -60.45 1.17 25.43
C LYS A 482 -61.04 1.95 24.24
N ASN A 483 -62.10 2.73 24.50
CA ASN A 483 -62.77 3.57 23.48
C ASN A 483 -62.58 5.06 23.72
N PRO A 484 -61.35 5.55 23.50
CA PRO A 484 -61.01 6.93 23.78
C PRO A 484 -61.62 8.01 22.89
N LYS A 485 -61.63 9.20 23.44
CA LYS A 485 -62.09 10.42 22.78
C LYS A 485 -60.86 11.13 22.25
N VAL A 486 -59.80 11.14 23.04
CA VAL A 486 -58.58 11.92 22.72
C VAL A 486 -57.33 11.14 23.09
N ILE A 487 -56.27 11.55 22.43
CA ILE A 487 -54.89 11.19 22.77
C ILE A 487 -54.26 12.48 23.25
N VAL A 488 -53.60 12.44 24.38
CA VAL A 488 -52.80 13.59 24.88
C VAL A 488 -51.37 13.14 24.96
N TYR A 489 -50.48 13.84 24.26
CA TYR A 489 -49.03 13.59 24.30
C TYR A 489 -48.32 14.81 24.86
N ALA A 490 -47.73 14.67 26.05
CA ALA A 490 -46.91 15.74 26.65
C ALA A 490 -45.48 15.26 26.67
N GLY A 491 -44.54 16.17 26.47
CA GLY A 491 -43.11 15.88 26.59
C GLY A 491 -42.37 17.05 27.18
N MET A 492 -41.38 16.77 28.03
CA MET A 492 -40.54 17.77 28.72
C MET A 492 -39.10 17.34 28.60
N SER A 493 -38.26 18.28 28.23
CA SER A 493 -36.81 18.02 28.06
C SER A 493 -35.97 18.89 28.98
N LEU A 494 -35.20 18.21 29.82
CA LEU A 494 -34.21 18.84 30.74
C LEU A 494 -34.81 19.90 31.65
N ALA A 495 -35.56 19.44 32.66
CA ALA A 495 -36.02 20.31 33.73
C ALA A 495 -34.80 20.90 34.44
N GLN A 496 -34.81 22.22 34.62
CA GLN A 496 -33.65 22.95 35.22
C GLN A 496 -33.87 23.18 36.71
N LYS A 497 -35.07 22.91 37.15
CA LYS A 497 -35.46 23.10 38.54
C LYS A 497 -36.28 21.88 38.92
N ASN A 498 -36.18 21.45 40.19
CA ASN A 498 -36.86 20.23 40.70
C ASN A 498 -36.65 19.05 39.75
N ASP A 499 -35.44 18.92 39.24
CA ASP A 499 -35.15 17.85 38.24
C ASP A 499 -35.49 16.48 38.82
N GLN A 500 -35.35 16.35 40.14
CA GLN A 500 -35.71 15.08 40.82
C GLN A 500 -37.20 14.77 40.69
N GLU A 501 -38.04 15.71 41.08
CA GLU A 501 -39.50 15.49 40.98
C GLU A 501 -39.86 15.19 39.53
N ALA A 502 -39.20 15.87 38.61
CA ALA A 502 -39.41 15.68 37.17
C ALA A 502 -39.23 14.20 36.88
N TYR A 503 -38.12 13.60 37.25
CA TYR A 503 -37.86 12.19 36.92
C TYR A 503 -38.92 11.32 37.59
N GLU A 504 -39.32 11.72 38.79
CA GLU A 504 -40.25 10.90 39.60
C GLU A 504 -41.67 10.96 39.05
N LEU A 505 -42.16 12.15 38.82
CA LEU A 505 -43.57 12.36 38.43
C LEU A 505 -43.73 12.33 36.90
N GLY A 506 -42.71 12.85 36.22
CA GLY A 506 -42.76 13.25 34.80
C GLY A 506 -43.75 14.38 34.56
N VAL A 507 -44.40 14.25 33.43
CA VAL A 507 -45.32 15.30 32.91
C VAL A 507 -46.71 15.04 33.47
N SER A 508 -46.81 14.17 34.48
CA SER A 508 -48.12 13.83 35.10
C SER A 508 -48.87 15.10 35.56
N LYS A 509 -48.11 16.05 36.08
CA LYS A 509 -48.66 17.31 36.63
C LYS A 509 -49.33 18.17 35.56
N ALA A 510 -49.05 17.90 34.29
CA ALA A 510 -49.64 18.65 33.16
C ALA A 510 -50.71 17.80 32.48
N PHE A 511 -50.40 16.52 32.24
CA PHE A 511 -51.35 15.58 31.60
C PHE A 511 -52.68 15.54 32.37
N LYS A 512 -52.60 15.32 33.69
CA LYS A 512 -53.82 15.18 34.52
C LYS A 512 -54.81 16.32 34.32
N PRO A 513 -54.43 17.58 34.60
CA PRO A 513 -55.34 18.69 34.37
C PRO A 513 -55.88 18.84 32.95
N ILE A 514 -54.99 18.73 31.97
CA ILE A 514 -55.41 18.83 30.54
C ILE A 514 -56.47 17.77 30.26
N MET A 515 -56.16 16.50 30.57
CA MET A 515 -57.13 15.43 30.26
C MET A 515 -58.43 15.60 31.02
N GLU A 516 -58.37 15.85 32.31
CA GLU A 516 -59.58 16.03 33.13
C GLU A 516 -60.45 17.14 32.56
N ASN A 517 -59.88 18.31 32.38
CA ASN A 517 -60.60 19.49 31.81
C ASN A 517 -61.23 19.22 30.46
N THR A 518 -60.50 18.52 29.60
CA THR A 518 -60.93 18.23 28.23
C THR A 518 -62.14 17.28 28.26
N LEU A 519 -62.00 16.21 29.04
CA LEU A 519 -63.07 15.18 29.11
C LEU A 519 -64.38 15.81 29.65
N LYS A 520 -64.19 16.68 30.64
CA LYS A 520 -65.25 17.47 31.34
C LYS A 520 -65.98 18.34 30.30
N TYR A 521 -65.21 19.07 29.49
CA TYR A 521 -65.69 20.01 28.44
C TYR A 521 -66.41 19.25 27.33
N LEU A 522 -65.92 18.04 27.02
CA LEU A 522 -66.52 17.17 25.99
C LEU A 522 -67.68 16.36 26.55
N ASN A 523 -68.07 16.63 27.78
CA ASN A 523 -69.20 15.96 28.48
C ASN A 523 -69.06 14.44 28.44
N VAL A 524 -67.90 13.98 28.90
CA VAL A 524 -67.68 12.52 29.06
C VAL A 524 -68.03 12.18 30.50
N GLY A 525 -68.87 11.16 30.66
CA GLY A 525 -69.33 10.64 31.96
C GLY A 525 -68.26 10.28 33.00
N LYS A 526 -68.60 10.45 34.28
CA LYS A 526 -67.71 10.23 35.45
C LYS A 526 -68.14 8.98 36.22
N SER A 527 -67.47 8.71 37.36
CA SER A 527 -67.84 7.67 38.36
C SER A 527 -67.89 8.24 39.80
N LYS A 528 -66.74 8.54 40.41
CA LYS A 528 -66.63 8.64 41.89
C LYS A 528 -65.59 9.69 42.34
N ASP A 529 -65.99 10.56 43.28
CA ASP A 529 -65.15 11.59 43.96
C ASP A 529 -65.44 11.57 45.47
N MET B 1 -22.50 19.39 7.72
CA MET B 1 -22.40 20.86 7.62
C MET B 1 -23.54 21.44 6.78
N ARG B 2 -23.95 22.66 7.11
CA ARG B 2 -24.71 23.52 6.18
C ARG B 2 -23.71 24.04 5.15
N GLY B 3 -24.07 23.99 3.87
CA GLY B 3 -23.21 24.39 2.78
C GLY B 3 -22.80 25.83 2.88
N LYS B 4 -21.85 26.19 2.06
CA LYS B 4 -21.31 27.57 2.05
C LYS B 4 -22.01 28.45 1.03
N ILE B 5 -22.00 29.75 1.31
CA ILE B 5 -22.50 30.70 0.27
C ILE B 5 -21.30 31.49 -0.15
N TYR B 6 -20.97 31.41 -1.44
CA TYR B 6 -19.81 32.08 -2.08
C TYR B 6 -20.27 33.21 -3.00
N ASP B 7 -19.31 34.08 -3.30
CA ASP B 7 -19.50 35.10 -4.35
C ASP B 7 -19.05 34.50 -5.68
N ARG B 8 -18.94 35.31 -6.72
CA ARG B 8 -18.51 34.85 -8.07
C ARG B 8 -17.02 34.48 -8.07
N ASN B 9 -16.25 35.16 -7.23
CA ASN B 9 -14.79 34.93 -7.11
C ASN B 9 -14.44 33.79 -6.17
N GLY B 10 -15.41 33.20 -5.51
CA GLY B 10 -15.19 32.05 -4.62
C GLY B 10 -14.99 32.47 -3.18
N LYS B 11 -15.14 33.76 -2.87
CA LYS B 11 -14.94 34.25 -1.49
C LYS B 11 -16.19 33.94 -0.68
N VAL B 12 -15.95 33.50 0.54
CA VAL B 12 -17.04 33.03 1.43
C VAL B 12 -17.83 34.22 1.95
N LEU B 13 -19.15 34.11 1.83
CA LEU B 13 -20.11 35.12 2.37
C LEU B 13 -20.78 34.64 3.64
N ALA B 14 -20.89 33.33 3.80
CA ALA B 14 -21.51 32.60 4.91
C ALA B 14 -20.97 31.17 4.99
N GLU B 15 -20.72 30.72 6.21
CA GLU B 15 -20.21 29.36 6.49
C GLU B 15 -20.48 28.99 7.94
N ASP B 16 -20.40 27.70 8.26
CA ASP B 16 -20.48 27.23 9.66
C ASP B 16 -19.11 27.38 10.32
N VAL B 17 -19.10 27.76 11.58
CA VAL B 17 -17.86 27.74 12.42
C VAL B 17 -18.13 27.07 13.76
N GLU B 18 -17.09 26.55 14.40
CA GLU B 18 -17.21 25.94 15.74
C GLU B 18 -16.78 26.96 16.77
N ARG B 19 -17.70 27.35 17.64
CA ARG B 19 -17.45 28.30 18.76
C ARG B 19 -17.74 27.54 20.04
N TYR B 20 -17.74 28.21 21.18
CA TYR B 20 -17.93 27.52 22.48
C TYR B 20 -18.82 28.32 23.40
N LYS B 21 -19.31 27.63 24.40
CA LYS B 21 -20.29 28.17 25.36
C LYS B 21 -19.84 27.89 26.78
N LEU B 22 -19.89 28.90 27.60
CA LEU B 22 -19.46 28.78 29.02
C LEU B 22 -20.57 28.18 29.86
N VAL B 23 -20.25 27.16 30.64
CA VAL B 23 -21.21 26.53 31.57
C VAL B 23 -20.55 26.40 32.94
N ALA B 24 -21.29 26.69 34.00
CA ALA B 24 -20.77 26.59 35.37
C ALA B 24 -21.70 25.77 36.24
N VAL B 25 -21.21 24.70 36.81
CA VAL B 25 -21.96 23.89 37.82
C VAL B 25 -21.80 24.57 39.18
N ILE B 26 -22.94 24.86 39.80
CA ILE B 26 -23.04 25.61 41.08
C ILE B 26 -23.49 24.77 42.28
N ASP B 27 -23.89 23.52 42.07
CA ASP B 27 -24.48 22.67 43.12
C ASP B 27 -23.43 21.70 43.69
N LYS B 28 -23.41 21.61 45.01
CA LYS B 28 -22.37 20.83 45.74
C LYS B 28 -22.44 19.35 45.36
N LYS B 29 -23.59 18.87 44.88
CA LYS B 29 -23.83 17.44 44.56
C LYS B 29 -22.75 16.90 43.64
N ALA B 30 -22.30 17.74 42.71
CA ALA B 30 -21.26 17.45 41.67
C ALA B 30 -19.96 16.91 42.28
N SER B 31 -19.59 17.45 43.45
CA SER B 31 -18.29 17.21 44.15
C SER B 31 -18.48 16.20 45.29
N ALA B 32 -19.72 15.74 45.52
CA ALA B 32 -20.11 14.82 46.60
C ALA B 32 -19.51 13.43 46.36
N ASN B 33 -19.10 13.14 45.12
CA ASN B 33 -18.77 11.77 44.63
C ASN B 33 -17.26 11.52 44.71
N SER B 34 -16.44 12.56 44.91
CA SER B 34 -14.95 12.44 44.93
C SER B 34 -14.28 13.64 45.60
N LYS B 35 -12.94 13.64 45.62
CA LYS B 35 -12.08 14.69 46.23
C LYS B 35 -12.31 15.99 45.43
N LYS B 36 -11.64 16.13 44.28
CA LYS B 36 -11.48 17.41 43.53
C LYS B 36 -12.82 18.02 43.15
N PRO B 37 -13.13 19.23 43.65
CA PRO B 37 -14.47 19.79 43.45
C PRO B 37 -14.86 20.01 41.99
N ARG B 38 -16.11 19.67 41.65
CA ARG B 38 -16.63 19.84 40.28
C ARG B 38 -17.80 20.81 40.30
N HIS B 39 -17.82 21.70 41.27
CA HIS B 39 -18.81 22.80 41.37
C HIS B 39 -18.06 24.04 41.82
N VAL B 40 -18.57 25.23 41.55
CA VAL B 40 -17.87 26.50 41.85
C VAL B 40 -17.88 26.69 43.36
N VAL B 41 -16.68 26.67 43.93
CA VAL B 41 -16.50 26.59 45.41
C VAL B 41 -16.30 28.02 45.95
N ASP B 42 -15.48 28.82 45.28
CA ASP B 42 -15.37 30.27 45.60
C ASP B 42 -16.08 31.06 44.52
N LYS B 43 -17.39 31.29 44.65
CA LYS B 43 -18.14 32.05 43.62
C LYS B 43 -17.41 33.37 43.32
N LYS B 44 -16.95 34.00 44.41
CA LYS B 44 -16.48 35.41 44.50
C LYS B 44 -15.24 35.56 43.61
N GLU B 45 -14.22 34.74 43.86
CA GLU B 45 -12.91 34.81 43.17
C GLU B 45 -13.04 34.16 41.78
N THR B 46 -13.88 33.13 41.63
CA THR B 46 -14.14 32.51 40.29
C THR B 46 -14.68 33.58 39.36
N ALA B 47 -15.63 34.37 39.84
CA ALA B 47 -16.30 35.46 39.08
C ALA B 47 -15.29 36.52 38.65
N LYS B 48 -14.36 36.89 39.54
CA LYS B 48 -13.30 37.87 39.24
C LYS B 48 -12.39 37.33 38.14
N LYS B 49 -11.92 36.09 38.29
CA LYS B 49 -10.98 35.44 37.34
C LYS B 49 -11.61 35.38 35.93
N LEU B 50 -12.93 35.19 35.86
CA LEU B 50 -13.69 35.08 34.58
C LEU B 50 -13.98 36.47 34.02
N SER B 51 -14.05 37.49 34.88
CA SER B 51 -14.22 38.92 34.48
C SER B 51 -13.03 39.38 33.62
N THR B 52 -12.00 38.54 33.47
CA THR B 52 -10.84 38.77 32.57
C THR B 52 -11.22 38.51 31.11
N VAL B 53 -11.92 37.41 30.84
CA VAL B 53 -12.20 36.89 29.47
C VAL B 53 -13.50 37.53 28.95
N ILE B 54 -14.61 37.25 29.62
CA ILE B 54 -15.94 37.84 29.28
C ILE B 54 -15.96 39.30 29.73
N ASN B 55 -16.59 40.19 28.95
CA ASN B 55 -16.85 41.60 29.33
C ASN B 55 -18.14 41.66 30.16
N MET B 56 -18.20 40.81 31.17
CA MET B 56 -19.22 40.86 32.24
C MET B 56 -18.54 41.45 33.48
N LYS B 57 -19.32 42.10 34.33
CA LYS B 57 -18.87 42.61 35.65
C LYS B 57 -18.79 41.42 36.61
N PRO B 58 -17.77 41.37 37.50
CA PRO B 58 -17.65 40.26 38.45
C PRO B 58 -18.92 40.00 39.29
N GLU B 59 -19.67 41.06 39.60
CA GLU B 59 -20.91 40.99 40.42
C GLU B 59 -22.05 40.33 39.62
N GLU B 60 -22.14 40.63 38.33
CA GLU B 60 -23.18 40.07 37.42
C GLU B 60 -22.93 38.58 37.20
N ILE B 61 -21.66 38.16 37.25
CA ILE B 61 -21.23 36.73 37.19
C ILE B 61 -21.62 36.05 38.51
N GLU B 62 -21.49 36.76 39.63
CA GLU B 62 -21.81 36.24 40.98
C GLU B 62 -23.33 36.10 41.15
N LYS B 63 -24.10 37.06 40.63
CA LYS B 63 -25.58 36.98 40.56
C LYS B 63 -26.00 35.65 39.91
N ARG B 64 -25.32 35.28 38.83
CA ARG B 64 -25.64 34.07 38.02
C ARG B 64 -25.16 32.82 38.76
N LEU B 65 -23.96 32.88 39.33
CA LEU B 65 -23.40 31.78 40.15
C LEU B 65 -24.21 31.57 41.44
N SER B 66 -24.97 32.59 41.86
CA SER B 66 -25.71 32.59 43.15
C SER B 66 -27.16 32.13 42.97
N GLN B 67 -27.52 31.63 41.79
CA GLN B 67 -28.88 31.16 41.50
C GLN B 67 -29.16 29.87 42.29
N LYS B 68 -30.32 29.88 42.91
CA LYS B 68 -30.76 28.79 43.82
C LYS B 68 -31.41 27.66 43.03
N LYS B 69 -31.30 26.45 43.57
CA LYS B 69 -31.86 25.21 42.99
C LYS B 69 -31.61 25.19 41.47
N ALA B 70 -30.34 25.37 41.11
CA ALA B 70 -29.85 25.14 39.74
C ALA B 70 -28.61 24.27 39.81
N PHE B 71 -28.54 23.29 38.93
CA PHE B 71 -27.30 22.49 38.75
C PHE B 71 -26.29 23.30 37.97
N GLN B 72 -26.66 23.66 36.74
CA GLN B 72 -25.75 24.29 35.77
C GLN B 72 -26.31 25.62 35.28
N ILE B 73 -25.42 26.57 35.03
CA ILE B 73 -25.87 27.91 34.53
C ILE B 73 -25.14 28.38 33.28
N GLU B 74 -25.85 29.15 32.46
CA GLU B 74 -25.32 29.84 31.27
C GLU B 74 -25.19 31.33 31.54
N PHE B 75 -24.58 32.03 30.60
CA PHE B 75 -24.24 33.47 30.75
C PHE B 75 -24.78 34.34 29.61
N GLY B 76 -26.08 34.22 29.34
CA GLY B 76 -26.76 35.03 28.30
C GLY B 76 -26.07 34.99 26.94
N ARG B 77 -25.97 36.10 26.21
CA ARG B 77 -25.26 36.21 24.90
C ARG B 77 -23.73 36.15 25.10
N LYS B 78 -23.24 36.63 26.24
CA LYS B 78 -21.77 36.75 26.52
C LYS B 78 -21.16 35.36 26.71
N GLY B 79 -21.97 34.43 27.22
CA GLY B 79 -21.60 33.03 27.50
C GLY B 79 -21.77 32.11 26.30
N THR B 80 -21.64 32.70 25.11
CA THR B 80 -21.82 31.97 23.82
C THR B 80 -20.85 32.59 22.81
N ASN B 81 -20.64 31.91 21.68
CA ASN B 81 -19.88 32.48 20.54
C ASN B 81 -18.48 32.84 21.04
N LEU B 82 -17.95 31.95 21.86
CA LEU B 82 -16.55 32.10 22.36
C LEU B 82 -15.58 31.40 21.41
N THR B 83 -14.52 32.12 21.06
CA THR B 83 -13.45 31.59 20.16
C THR B 83 -12.61 30.57 20.91
N TYR B 84 -11.80 29.85 20.14
CA TYR B 84 -10.97 28.73 20.62
C TYR B 84 -9.85 29.24 21.55
N GLN B 85 -9.29 30.44 21.28
CA GLN B 85 -8.19 31.02 22.09
C GLN B 85 -8.77 31.63 23.38
N ASP B 86 -10.06 31.98 23.40
CA ASP B 86 -10.82 32.31 24.63
C ASP B 86 -10.95 31.05 25.49
N LYS B 87 -11.26 29.93 24.84
CA LYS B 87 -11.43 28.64 25.53
C LYS B 87 -10.11 28.29 26.25
N LEU B 88 -9.02 28.24 25.47
CA LEU B 88 -7.66 27.96 25.98
C LEU B 88 -7.33 28.86 27.19
N LYS B 89 -7.56 30.18 27.09
CA LYS B 89 -7.27 31.13 28.20
C LYS B 89 -7.95 30.67 29.50
N ILE B 90 -9.24 30.29 29.43
CA ILE B 90 -10.01 29.91 30.65
C ILE B 90 -9.54 28.54 31.11
N GLU B 91 -9.35 27.61 30.16
CA GLU B 91 -8.96 26.22 30.51
C GLU B 91 -7.71 26.21 31.42
N LYS B 92 -6.83 27.21 31.28
CA LYS B 92 -5.58 27.35 32.06
C LYS B 92 -5.88 27.80 33.51
N MET B 93 -7.05 28.39 33.76
CA MET B 93 -7.47 28.85 35.11
C MET B 93 -7.90 27.64 35.95
N ASN B 94 -8.32 26.54 35.30
CA ASN B 94 -8.63 25.21 35.91
C ASN B 94 -9.64 25.39 37.06
N LEU B 95 -10.68 26.22 36.86
CA LEU B 95 -11.67 26.60 37.88
C LEU B 95 -12.65 25.46 38.14
N PRO B 96 -13.17 25.34 39.38
CA PRO B 96 -14.04 24.21 39.73
C PRO B 96 -15.43 24.40 39.12
N GLY B 97 -15.92 23.46 38.31
CA GLY B 97 -17.32 23.63 37.84
C GLY B 97 -17.46 24.22 36.46
N ILE B 98 -16.36 24.72 35.91
CA ILE B 98 -16.34 25.50 34.64
C ILE B 98 -16.02 24.58 33.46
N SER B 99 -16.77 24.77 32.40
CA SER B 99 -16.55 23.98 31.16
C SER B 99 -17.05 24.78 29.98
N LEU B 100 -16.51 24.45 28.82
CA LEU B 100 -16.91 25.07 27.54
C LEU B 100 -17.37 23.96 26.61
N LEU B 101 -18.58 24.03 26.08
CA LEU B 101 -19.07 23.01 25.15
C LEU B 101 -18.99 23.59 23.75
N PRO B 102 -18.53 22.77 22.77
CA PRO B 102 -18.53 23.18 21.38
C PRO B 102 -19.94 23.38 20.84
N GLU B 103 -20.09 24.40 20.03
CA GLU B 103 -21.36 24.65 19.31
C GLU B 103 -21.05 25.26 17.95
N THR B 104 -21.83 24.84 16.94
CA THR B 104 -21.73 25.38 15.58
C THR B 104 -22.64 26.61 15.45
N GLU B 105 -22.09 27.64 14.82
CA GLU B 105 -22.76 28.91 14.53
C GLU B 105 -22.56 29.25 13.07
N ARG B 106 -23.50 30.01 12.52
CA ARG B 106 -23.39 30.52 11.15
C ARG B 106 -22.60 31.80 11.25
N PHE B 107 -21.61 31.91 10.40
CA PHE B 107 -20.67 33.06 10.40
C PHE B 107 -20.76 33.78 9.07
N TYR B 108 -20.96 35.09 9.14
CA TYR B 108 -20.94 35.97 7.97
C TYR B 108 -19.73 36.86 8.14
N PRO B 109 -18.61 36.51 7.49
CA PRO B 109 -17.36 37.27 7.56
C PRO B 109 -17.41 38.80 7.49
N ASN B 110 -18.33 39.30 6.66
CA ASN B 110 -18.47 40.74 6.38
C ASN B 110 -19.42 41.46 7.35
N GLY B 111 -20.12 40.68 8.17
CA GLY B 111 -21.25 41.18 9.00
C GLY B 111 -22.36 41.72 8.13
N ASN B 112 -22.69 42.99 8.33
CA ASN B 112 -23.65 43.75 7.49
C ASN B 112 -23.04 43.92 6.10
N PHE B 113 -23.54 43.13 5.17
CA PHE B 113 -23.02 43.04 3.80
C PHE B 113 -24.04 42.33 2.94
N ALA B 114 -24.70 43.01 2.01
CA ALA B 114 -25.82 42.44 1.22
C ALA B 114 -26.82 41.70 2.11
N SER B 115 -27.04 42.24 3.28
CA SER B 115 -27.76 41.56 4.38
C SER B 115 -29.09 41.03 3.88
N HIS B 116 -29.75 41.83 3.06
CA HIS B 116 -31.13 41.55 2.63
C HIS B 116 -31.20 40.51 1.52
N LEU B 117 -30.11 40.34 0.78
CA LEU B 117 -29.98 39.29 -0.25
C LEU B 117 -29.49 37.97 0.35
N ILE B 118 -28.32 38.00 0.93
CA ILE B 118 -27.70 36.79 1.56
C ILE B 118 -28.75 36.13 2.44
N GLY B 119 -29.33 36.94 3.32
CA GLY B 119 -30.32 36.48 4.32
C GLY B 119 -29.62 36.04 5.58
N ARG B 120 -30.39 35.34 6.41
CA ARG B 120 -29.96 34.95 7.78
C ARG B 120 -30.58 33.62 8.15
N ALA B 121 -29.77 32.75 8.75
CA ALA B 121 -30.25 31.46 9.27
C ALA B 121 -30.24 31.49 10.80
N GLN B 122 -31.37 31.07 11.36
CA GLN B 122 -31.59 31.07 12.82
C GLN B 122 -31.27 29.70 13.37
N LYS B 123 -30.86 29.70 14.64
CA LYS B 123 -30.44 28.45 15.31
C LYS B 123 -31.52 27.97 16.27
N ASN B 124 -31.79 26.68 16.20
CA ASN B 124 -32.68 26.03 17.17
C ASN B 124 -31.81 25.72 18.38
N PRO B 125 -32.08 26.36 19.54
CA PRO B 125 -31.30 26.17 20.77
C PRO B 125 -31.01 24.70 21.09
N ASP B 126 -32.07 23.91 21.13
CA ASP B 126 -32.01 22.50 21.58
C ASP B 126 -31.09 21.65 20.70
N THR B 127 -31.40 21.62 19.41
CA THR B 127 -30.73 20.73 18.44
C THR B 127 -29.48 21.34 17.81
N GLY B 128 -29.32 22.66 17.88
CA GLY B 128 -28.21 23.35 17.20
C GLY B 128 -28.43 23.50 15.70
N GLU B 129 -29.64 23.24 15.23
CA GLU B 129 -29.93 23.19 13.77
C GLU B 129 -30.23 24.59 13.25
N LEU B 130 -29.58 24.92 12.15
CA LEU B 130 -29.68 26.24 11.50
C LEU B 130 -30.76 26.15 10.42
N LYS B 131 -31.62 27.16 10.28
CA LYS B 131 -32.73 27.15 9.31
C LYS B 131 -32.84 28.56 8.72
N GLY B 132 -32.81 28.71 7.40
CA GLY B 132 -32.89 30.05 6.78
C GLY B 132 -34.21 30.72 7.03
N ALA B 133 -34.14 31.99 7.40
CA ALA B 133 -35.32 32.80 7.72
C ALA B 133 -35.60 33.86 6.67
N LEU B 134 -34.63 34.22 5.84
CA LEU B 134 -34.78 35.26 4.82
C LEU B 134 -33.69 35.12 3.76
N GLY B 135 -33.97 35.66 2.57
CA GLY B 135 -32.92 35.70 1.53
C GLY B 135 -32.50 34.31 1.11
N VAL B 136 -31.33 34.29 0.47
CA VAL B 136 -30.66 33.03 0.01
C VAL B 136 -30.93 31.93 1.04
N GLU B 137 -30.56 32.21 2.29
CA GLU B 137 -30.55 31.16 3.33
C GLU B 137 -31.91 30.47 3.34
N LYS B 138 -33.00 31.22 3.14
CA LYS B 138 -34.34 30.60 3.19
C LYS B 138 -34.68 29.86 1.90
N ILE B 139 -34.52 30.53 0.78
CA ILE B 139 -34.82 29.96 -0.55
C ILE B 139 -34.16 28.61 -0.74
N PHE B 140 -32.86 28.55 -0.44
CA PHE B 140 -32.01 27.36 -0.68
C PHE B 140 -31.79 26.53 0.56
N ASP B 141 -32.61 26.73 1.59
CA ASP B 141 -32.44 26.05 2.89
C ASP B 141 -32.19 24.57 2.65
N SER B 142 -33.16 23.89 2.08
CA SER B 142 -33.12 22.43 1.87
C SER B 142 -31.81 21.97 1.24
N TYR B 143 -31.26 22.72 0.31
CA TYR B 143 -30.04 22.33 -0.44
C TYR B 143 -28.82 22.59 0.43
N LEU B 144 -28.77 23.80 0.98
CA LEU B 144 -27.75 24.17 1.99
C LEU B 144 -27.65 23.12 3.11
N SER B 145 -28.80 22.80 3.70
CA SER B 145 -28.93 21.85 4.84
C SER B 145 -28.42 20.47 4.42
N GLY B 146 -27.29 20.04 4.96
CA GLY B 146 -26.70 18.72 4.71
C GLY B 146 -27.58 17.61 5.27
N SER B 147 -28.41 17.96 6.27
CA SER B 147 -29.41 17.04 6.86
C SER B 147 -30.51 16.70 5.84
N LYS B 148 -31.42 17.65 5.59
CA LYS B 148 -32.50 17.57 4.56
C LYS B 148 -31.88 17.27 3.17
N GLY B 149 -31.40 16.06 2.98
CA GLY B 149 -30.72 15.57 1.77
C GLY B 149 -31.54 15.73 0.49
N SER B 150 -31.19 16.74 -0.31
CA SER B 150 -31.89 17.17 -1.55
C SER B 150 -31.70 16.15 -2.67
N LEU B 151 -32.79 15.56 -3.15
CA LEU B 151 -32.81 14.48 -4.15
C LEU B 151 -33.31 15.00 -5.49
N ARG B 152 -33.67 16.29 -5.60
CA ARG B 152 -34.34 16.85 -6.78
C ARG B 152 -33.30 17.60 -7.62
N TYR B 153 -33.80 18.31 -8.64
CA TYR B 153 -33.05 19.20 -9.57
C TYR B 153 -33.85 20.51 -9.65
N ILE B 154 -33.19 21.66 -9.51
CA ILE B 154 -33.80 22.95 -9.08
C ILE B 154 -34.77 23.52 -10.12
N HIS B 155 -34.53 23.30 -11.42
CA HIS B 155 -35.02 24.14 -12.56
C HIS B 155 -35.35 25.57 -12.09
N ASP B 156 -36.61 25.83 -11.72
CA ASP B 156 -37.10 27.19 -11.32
C ASP B 156 -37.54 27.15 -9.85
N ILE B 157 -37.58 28.30 -9.18
CA ILE B 157 -37.90 28.41 -7.74
C ILE B 157 -39.39 28.22 -7.46
N TRP B 158 -40.08 27.25 -8.07
CA TRP B 158 -41.54 27.08 -7.81
C TRP B 158 -41.74 26.59 -6.38
N GLY B 159 -42.49 27.35 -5.55
CA GLY B 159 -42.73 27.03 -4.13
C GLY B 159 -41.41 26.81 -3.41
N TYR B 160 -40.52 27.80 -3.48
CA TYR B 160 -39.10 27.67 -3.05
C TYR B 160 -38.51 26.54 -3.89
N ILE B 161 -37.90 25.56 -3.25
CA ILE B 161 -37.36 24.35 -3.97
C ILE B 161 -37.34 23.20 -2.95
N ALA B 162 -38.53 22.71 -2.57
CA ALA B 162 -38.68 21.50 -1.72
C ALA B 162 -38.02 20.30 -2.41
N PRO B 163 -37.14 19.55 -1.70
CA PRO B 163 -36.57 18.31 -2.22
C PRO B 163 -37.38 17.09 -1.72
N ASN B 164 -36.71 16.07 -1.21
CA ASN B 164 -37.37 14.82 -0.72
C ASN B 164 -36.59 14.34 0.50
N THR B 165 -37.00 14.76 1.69
CA THR B 165 -36.41 14.35 3.00
C THR B 165 -34.89 14.22 2.88
N LYS B 166 -34.35 12.99 2.99
CA LYS B 166 -32.89 12.72 2.89
C LYS B 166 -32.66 11.49 2.00
N LYS B 167 -32.13 11.70 0.79
CA LYS B 167 -31.66 10.60 -0.11
C LYS B 167 -30.42 9.94 0.51
N GLU B 168 -30.20 8.65 0.23
CA GLU B 168 -29.01 7.88 0.72
C GLU B 168 -28.76 8.22 2.20
N PRO B 171 -23.44 11.37 8.57
CA PRO B 171 -22.90 12.74 8.43
C PRO B 171 -22.65 13.22 7.00
N LYS B 172 -23.72 13.78 6.39
CA LYS B 172 -23.71 14.42 5.05
C LYS B 172 -23.34 15.91 5.07
N ARG B 173 -22.58 16.32 4.06
CA ARG B 173 -22.16 17.69 3.83
C ARG B 173 -23.21 18.35 2.96
N GLY B 174 -23.36 19.65 3.11
CA GLY B 174 -24.38 20.44 2.40
C GLY B 174 -23.95 20.95 1.04
N ASP B 175 -24.92 21.56 0.37
CA ASP B 175 -24.70 22.10 -1.00
C ASP B 175 -24.31 23.57 -0.91
N ASP B 176 -23.36 23.94 -1.78
CA ASP B 176 -22.79 25.30 -1.81
C ASP B 176 -23.53 26.16 -2.85
N VAL B 177 -23.80 27.40 -2.47
CA VAL B 177 -24.55 28.36 -3.32
C VAL B 177 -23.63 29.49 -3.75
N HIS B 178 -23.45 29.60 -5.06
CA HIS B 178 -22.55 30.58 -5.69
C HIS B 178 -23.37 31.72 -6.22
N LEU B 179 -23.07 32.93 -5.78
CA LEU B 179 -23.83 34.10 -6.26
C LEU B 179 -23.05 34.83 -7.37
N THR B 180 -23.70 35.83 -7.96
CA THR B 180 -23.04 36.63 -9.03
C THR B 180 -22.35 37.86 -8.42
N ILE B 181 -22.58 38.08 -7.15
CA ILE B 181 -22.08 39.26 -6.41
C ILE B 181 -20.54 39.29 -6.46
N ASP B 182 -20.00 40.48 -6.58
CA ASP B 182 -18.56 40.70 -6.49
C ASP B 182 -18.37 41.47 -5.19
N SER B 183 -17.70 40.85 -4.23
CA SER B 183 -17.39 41.47 -2.92
C SER B 183 -16.74 42.83 -3.08
N ASN B 184 -15.87 42.98 -4.07
CA ASN B 184 -15.17 44.26 -4.29
C ASN B 184 -16.14 45.39 -4.61
N ILE B 185 -17.13 45.12 -5.45
CA ILE B 185 -18.14 46.13 -5.84
C ILE B 185 -19.10 46.33 -4.66
N GLN B 186 -19.43 45.24 -3.96
CA GLN B 186 -20.35 45.30 -2.80
C GLN B 186 -19.81 46.30 -1.77
N VAL B 187 -18.50 46.28 -1.55
CA VAL B 187 -17.83 47.27 -0.65
C VAL B 187 -18.22 48.67 -1.07
N PHE B 188 -18.07 49.02 -2.33
CA PHE B 188 -18.32 50.39 -2.81
C PHE B 188 -19.77 50.75 -2.47
N VAL B 189 -20.66 49.82 -2.71
CA VAL B 189 -22.10 50.07 -2.44
C VAL B 189 -22.27 50.32 -0.94
N GLU B 190 -21.82 49.39 -0.09
CA GLU B 190 -22.12 49.51 1.37
C GLU B 190 -21.57 50.84 1.87
N GLU B 191 -20.35 51.17 1.45
CA GLU B 191 -19.71 52.44 1.91
C GLU B 191 -20.54 53.65 1.48
N ALA B 192 -20.93 53.71 0.21
CA ALA B 192 -21.66 54.88 -0.31
C ALA B 192 -23.04 54.99 0.34
N LEU B 193 -23.72 53.86 0.59
CA LEU B 193 -25.07 53.90 1.25
C LEU B 193 -24.94 54.38 2.70
N ASP B 194 -23.93 53.91 3.40
CA ASP B 194 -23.62 54.42 4.76
C ASP B 194 -23.55 55.96 4.77
N GLY B 195 -22.94 56.49 3.73
CA GLY B 195 -22.77 57.93 3.51
C GLY B 195 -24.10 58.65 3.42
N MET B 196 -24.99 58.06 2.61
CA MET B 196 -26.32 58.63 2.31
C MET B 196 -27.19 58.61 3.57
N VAL B 197 -27.07 57.55 4.34
CA VAL B 197 -27.86 57.44 5.59
C VAL B 197 -27.42 58.55 6.54
N GLU B 198 -26.11 58.72 6.69
CA GLU B 198 -25.50 59.76 7.56
C GLU B 198 -26.09 61.11 7.16
N ARG B 199 -25.99 61.45 5.88
CA ARG B 199 -26.43 62.75 5.27
C ARG B 199 -27.95 62.96 5.41
N TYR B 200 -28.69 62.03 4.84
CA TYR B 200 -30.14 62.22 4.54
C TYR B 200 -31.07 61.48 5.50
N GLN B 201 -30.59 60.43 6.17
CA GLN B 201 -31.49 59.56 7.00
C GLN B 201 -32.80 59.24 6.31
N PRO B 202 -32.76 58.58 5.14
CA PRO B 202 -34.00 58.25 4.45
C PRO B 202 -34.78 57.15 5.16
N LYS B 203 -36.07 57.04 4.81
CA LYS B 203 -36.88 55.91 5.32
C LYS B 203 -36.60 54.64 4.52
N ASP B 204 -36.13 54.78 3.29
CA ASP B 204 -35.87 53.62 2.40
C ASP B 204 -34.80 54.03 1.41
N LEU B 205 -33.96 53.08 1.04
CA LEU B 205 -32.79 53.39 0.20
C LEU B 205 -32.26 52.09 -0.38
N PHE B 206 -31.87 52.10 -1.64
CA PHE B 206 -31.21 50.93 -2.26
C PHE B 206 -30.24 51.36 -3.36
N ALA B 207 -29.34 50.48 -3.68
CA ALA B 207 -28.50 50.60 -4.88
C ALA B 207 -28.19 49.22 -5.42
N VAL B 208 -28.25 49.13 -6.74
CA VAL B 208 -28.04 47.83 -7.43
C VAL B 208 -27.08 48.04 -8.59
N VAL B 209 -26.11 47.16 -8.72
CA VAL B 209 -25.14 47.19 -9.84
C VAL B 209 -25.37 45.93 -10.62
N MET B 210 -25.71 46.10 -11.88
CA MET B 210 -25.98 44.98 -12.79
C MET B 210 -25.04 45.05 -13.99
N ASP B 211 -24.52 43.88 -14.40
CA ASP B 211 -23.74 43.74 -15.65
C ASP B 211 -24.69 44.02 -16.80
N ALA B 212 -24.39 45.09 -17.55
CA ALA B 212 -25.25 45.55 -18.67
C ALA B 212 -25.50 44.46 -19.72
N LYS B 213 -24.51 43.59 -19.90
CA LYS B 213 -24.46 42.58 -20.97
C LYS B 213 -24.85 41.17 -20.56
N THR B 214 -25.06 40.91 -19.28
CA THR B 214 -25.50 39.56 -18.82
C THR B 214 -26.80 39.60 -18.00
N GLY B 215 -27.04 40.64 -17.22
CA GLY B 215 -28.15 40.53 -16.23
C GLY B 215 -27.71 39.97 -14.88
N GLU B 216 -26.39 39.91 -14.71
CA GLU B 216 -25.83 39.48 -13.41
C GLU B 216 -25.86 40.64 -12.42
N ILE B 217 -26.35 40.37 -11.21
CA ILE B 217 -26.32 41.35 -10.10
C ILE B 217 -24.93 41.28 -9.50
N LEU B 218 -24.15 42.34 -9.67
CA LEU B 218 -22.77 42.43 -9.14
C LEU B 218 -22.75 42.97 -7.72
N ALA B 219 -23.74 43.79 -7.37
CA ALA B 219 -23.84 44.30 -5.98
C ALA B 219 -25.26 44.75 -5.74
N TYR B 220 -25.68 44.63 -4.49
CA TYR B 220 -27.00 45.08 -4.04
C TYR B 220 -27.00 45.32 -2.54
N SER B 221 -27.44 46.49 -2.08
CA SER B 221 -27.86 46.60 -0.66
C SER B 221 -28.88 47.69 -0.46
N GLN B 222 -29.43 47.71 0.74
CA GLN B 222 -30.59 48.56 1.08
C GLN B 222 -30.43 49.03 2.51
N ARG B 223 -31.03 50.17 2.80
CA ARG B 223 -31.19 50.68 4.17
C ARG B 223 -32.66 51.05 4.37
N PRO B 224 -33.28 50.68 5.51
CA PRO B 224 -32.57 50.04 6.63
C PRO B 224 -32.49 48.51 6.56
N THR B 225 -31.26 47.99 6.59
CA THR B 225 -31.01 46.55 6.48
C THR B 225 -30.76 46.03 7.88
N PHE B 226 -30.23 44.82 7.97
CA PHE B 226 -29.88 44.19 9.26
C PHE B 226 -28.48 43.64 9.19
N ASN B 227 -28.02 43.19 10.34
CA ASN B 227 -26.70 42.57 10.49
C ASN B 227 -26.90 41.07 10.67
N PRO B 228 -26.55 40.26 9.65
CA PRO B 228 -26.87 38.83 9.68
C PRO B 228 -26.19 38.07 10.80
N GLU B 229 -25.00 38.55 11.14
CA GLU B 229 -24.13 37.94 12.16
C GLU B 229 -24.80 37.95 13.53
N THR B 230 -25.25 39.14 13.92
CA THR B 230 -25.73 39.46 15.28
C THR B 230 -27.22 39.21 15.44
N GLY B 231 -27.95 39.41 14.35
CA GLY B 231 -29.40 39.34 14.41
C GLY B 231 -30.03 40.69 14.78
N LYS B 232 -29.20 41.74 14.70
CA LYS B 232 -29.56 43.16 14.88
C LYS B 232 -30.52 43.56 13.77
N ASP B 233 -31.67 44.14 14.13
CA ASP B 233 -32.63 44.79 13.19
C ASP B 233 -33.33 43.75 12.29
N PHE B 234 -33.02 42.48 12.46
CA PHE B 234 -33.66 41.43 11.63
C PHE B 234 -35.15 41.41 11.97
N GLY B 235 -35.98 41.57 10.94
CA GLY B 235 -37.42 41.35 11.02
C GLY B 235 -38.22 42.63 11.04
N LYS B 236 -37.53 43.78 11.08
CA LYS B 236 -38.23 45.08 11.08
C LYS B 236 -38.75 45.25 9.66
N LYS B 237 -37.85 45.65 8.77
CA LYS B 237 -38.05 45.49 7.31
C LYS B 237 -37.66 44.06 6.93
N TRP B 238 -38.70 43.26 6.72
CA TRP B 238 -38.51 41.91 6.12
C TRP B 238 -38.24 41.96 4.62
N ALA B 239 -38.97 42.82 3.93
CA ALA B 239 -38.99 42.86 2.46
C ALA B 239 -37.67 43.32 1.85
N ASN B 240 -37.24 42.56 0.84
CA ASN B 240 -36.07 42.91 0.02
C ASN B 240 -36.55 43.98 -0.94
N ASP B 241 -35.87 45.11 -0.96
CA ASP B 241 -36.26 46.23 -1.86
C ASP B 241 -36.30 45.70 -3.29
N LEU B 242 -35.17 45.14 -3.73
CA LEU B 242 -34.91 44.84 -5.16
C LEU B 242 -36.00 43.97 -5.78
N TYR B 243 -36.46 42.99 -5.03
CA TYR B 243 -37.35 41.92 -5.54
C TYR B 243 -38.76 41.96 -4.99
N GLN B 244 -38.96 42.48 -3.78
CA GLN B 244 -40.25 42.30 -3.08
C GLN B 244 -41.01 43.60 -2.85
N ASN B 245 -40.30 44.73 -2.77
CA ASN B 245 -40.92 46.05 -2.50
C ASN B 245 -41.27 46.80 -3.78
N THR B 246 -42.47 47.37 -3.81
CA THR B 246 -42.92 48.15 -4.99
C THR B 246 -42.67 49.63 -4.75
N TYR B 247 -42.40 50.32 -5.84
CA TYR B 247 -42.26 51.79 -5.87
C TYR B 247 -43.05 52.38 -7.03
N GLU B 248 -43.56 53.60 -6.78
CA GLU B 248 -44.01 54.51 -7.83
C GLU B 248 -42.69 55.08 -8.32
N PRO B 249 -42.15 54.63 -9.46
CA PRO B 249 -40.74 54.89 -9.79
C PRO B 249 -40.33 56.32 -10.09
N GLY B 250 -41.31 57.06 -10.61
CA GLY B 250 -41.16 58.43 -11.11
C GLY B 250 -40.53 58.52 -12.48
N SER B 251 -39.67 59.51 -12.67
CA SER B 251 -39.22 59.95 -14.03
C SER B 251 -38.29 58.96 -14.72
N THR B 252 -37.74 58.03 -13.95
CA THR B 252 -36.92 56.92 -14.46
C THR B 252 -37.74 56.15 -15.49
N PHE B 253 -39.03 56.15 -15.23
CA PHE B 253 -40.06 55.38 -15.98
C PHE B 253 -40.39 56.06 -17.30
N LYS B 254 -39.97 57.30 -17.47
CA LYS B 254 -40.20 58.02 -18.75
C LYS B 254 -39.42 57.37 -19.88
N SER B 255 -38.25 56.82 -19.55
CA SER B 255 -37.39 56.14 -20.55
C SER B 255 -38.23 55.20 -21.42
N TYR B 256 -39.21 54.51 -20.81
CA TYR B 256 -39.99 53.46 -21.52
C TYR B 256 -41.11 54.12 -22.34
N GLY B 257 -41.71 55.15 -21.76
CA GLY B 257 -42.71 56.02 -22.42
C GLY B 257 -42.16 56.63 -23.67
N LEU B 258 -40.85 56.83 -23.69
CA LEU B 258 -40.12 57.45 -24.82
C LEU B 258 -39.92 56.42 -25.90
N ALA B 259 -39.22 55.34 -25.55
CA ALA B 259 -39.03 54.19 -26.44
C ALA B 259 -40.28 53.84 -27.22
N ALA B 260 -41.38 53.61 -26.50
CA ALA B 260 -42.68 53.35 -27.13
C ALA B 260 -42.92 54.29 -28.31
N ALA B 261 -42.98 55.59 -28.00
CA ALA B 261 -43.13 56.69 -28.97
C ALA B 261 -42.16 56.55 -30.14
N ILE B 262 -40.87 56.54 -29.84
CA ILE B 262 -39.80 56.56 -30.85
C ILE B 262 -40.14 55.51 -31.87
N GLN B 263 -40.57 54.33 -31.39
CA GLN B 263 -40.82 53.19 -32.30
C GLN B 263 -42.05 53.40 -33.20
N GLU B 264 -43.15 53.79 -32.58
CA GLU B 264 -44.42 54.16 -33.26
C GLU B 264 -44.23 55.36 -34.20
N GLY B 265 -43.08 56.03 -34.12
CA GLY B 265 -42.74 57.17 -34.96
C GLY B 265 -43.46 58.45 -34.59
N ALA B 266 -43.89 58.53 -33.33
CA ALA B 266 -44.60 59.69 -32.76
C ALA B 266 -43.63 60.72 -32.18
N PHE B 267 -42.45 60.29 -31.74
CA PHE B 267 -41.43 61.17 -31.16
C PHE B 267 -40.40 61.55 -32.21
N ASP B 268 -40.24 62.86 -32.40
CA ASP B 268 -39.22 63.46 -33.28
C ASP B 268 -38.48 64.41 -32.37
N PRO B 269 -37.17 64.18 -32.10
CA PRO B 269 -36.41 65.06 -31.19
C PRO B 269 -36.48 66.57 -31.44
N ASP B 270 -36.58 66.95 -32.71
CA ASP B 270 -36.60 68.38 -33.15
C ASP B 270 -38.01 68.97 -33.21
N LYS B 271 -39.05 68.13 -33.17
CA LYS B 271 -40.43 68.62 -33.23
C LYS B 271 -40.75 69.34 -31.92
N LYS B 272 -41.35 70.52 -32.04
CA LYS B 272 -41.75 71.37 -30.88
C LYS B 272 -43.13 70.94 -30.37
N TYR B 273 -43.30 70.93 -29.06
CA TYR B 273 -44.53 70.54 -28.35
C TYR B 273 -44.81 71.62 -27.32
N LYS B 274 -46.08 71.73 -26.92
CA LYS B 274 -46.52 72.74 -25.92
C LYS B 274 -46.31 72.21 -24.50
N SER B 275 -45.37 72.82 -23.77
CA SER B 275 -45.13 72.51 -22.34
C SER B 275 -45.96 73.44 -21.45
N GLY B 276 -46.01 73.13 -20.18
CA GLY B 276 -46.73 73.96 -19.19
C GLY B 276 -47.63 73.13 -18.34
N HIS B 277 -48.90 73.08 -18.71
CA HIS B 277 -49.91 72.30 -17.97
C HIS B 277 -50.59 71.33 -18.95
N ARG B 278 -51.58 70.60 -18.44
CA ARG B 278 -52.46 69.68 -19.21
C ARG B 278 -53.65 69.39 -18.31
N ASP B 279 -54.86 69.86 -18.66
CA ASP B 279 -56.05 69.70 -17.79
C ASP B 279 -56.65 68.34 -18.07
N ILE B 280 -56.72 67.50 -17.05
CA ILE B 280 -57.11 66.09 -17.19
C ILE B 280 -57.95 65.63 -15.99
N MET B 281 -59.13 65.13 -16.32
CA MET B 281 -60.21 64.77 -15.36
C MET B 281 -60.30 65.82 -14.25
N GLY B 282 -60.37 67.10 -14.66
CA GLY B 282 -60.55 68.26 -13.78
C GLY B 282 -59.40 68.47 -12.80
N SER B 283 -58.17 68.05 -13.18
CA SER B 283 -56.94 68.33 -12.39
C SER B 283 -55.84 68.94 -13.25
N ARG B 284 -55.21 70.03 -12.80
CA ARG B 284 -54.17 70.69 -13.60
C ARG B 284 -52.87 69.94 -13.37
N ILE B 285 -52.51 69.04 -14.31
CA ILE B 285 -51.27 68.25 -14.20
C ILE B 285 -50.21 68.94 -15.03
N SER B 286 -49.14 69.38 -14.37
CA SER B 286 -48.14 70.24 -15.01
C SER B 286 -46.75 69.69 -14.83
N ASP B 287 -45.78 70.39 -15.39
CA ASP B 287 -44.36 69.96 -15.28
C ASP B 287 -43.83 70.26 -13.87
N TRP B 288 -42.60 69.89 -13.61
CA TRP B 288 -42.00 70.10 -12.25
C TRP B 288 -41.81 71.60 -11.98
N ASN B 289 -41.59 72.41 -13.02
CA ASN B 289 -41.44 73.87 -12.82
C ASN B 289 -42.82 74.53 -12.70
N ARG B 290 -43.89 73.78 -12.97
CA ARG B 290 -45.30 74.26 -12.87
C ARG B 290 -45.65 75.25 -13.98
N VAL B 291 -44.73 76.08 -14.42
CA VAL B 291 -45.05 77.15 -15.41
C VAL B 291 -44.80 76.60 -16.83
N GLY B 292 -43.82 75.72 -16.97
CA GLY B 292 -43.46 75.19 -18.30
C GLY B 292 -42.35 76.00 -18.94
N TRP B 293 -41.84 75.54 -20.06
CA TRP B 293 -40.79 76.27 -20.80
C TRP B 293 -41.34 76.76 -22.13
N GLY B 294 -42.65 76.68 -22.31
CA GLY B 294 -43.31 77.16 -23.54
C GLY B 294 -43.19 76.15 -24.68
N GLU B 295 -43.25 76.61 -25.91
CA GLU B 295 -43.04 75.71 -27.08
C GLU B 295 -41.57 75.36 -27.16
N ILE B 296 -41.24 74.09 -27.00
CA ILE B 296 -39.83 73.62 -27.02
C ILE B 296 -39.72 72.32 -27.79
N PRO B 297 -38.54 71.98 -28.36
CA PRO B 297 -38.28 70.65 -28.92
C PRO B 297 -38.46 69.52 -27.93
N MET B 298 -38.94 68.34 -28.38
CA MET B 298 -39.16 67.20 -27.48
C MET B 298 -37.84 66.78 -26.84
N SER B 299 -36.78 66.75 -27.66
CA SER B 299 -35.44 66.39 -27.15
C SER B 299 -35.19 67.12 -25.85
N LEU B 300 -35.41 68.42 -25.84
CA LEU B 300 -35.24 69.25 -24.62
C LEU B 300 -36.14 68.77 -23.49
N GLY B 301 -37.45 68.72 -23.73
CA GLY B 301 -38.42 68.31 -22.71
C GLY B 301 -37.92 67.12 -21.94
N PHE B 302 -37.38 66.14 -22.65
CA PHE B 302 -36.92 64.90 -22.05
C PHE B 302 -35.66 65.15 -21.24
N THR B 303 -34.75 65.95 -21.78
CA THR B 303 -33.51 66.32 -21.04
C THR B 303 -33.93 66.94 -19.69
N TYR B 304 -34.90 67.84 -19.76
CA TYR B 304 -35.40 68.56 -18.57
C TYR B 304 -36.20 67.64 -17.65
N SER B 305 -36.82 66.61 -18.26
CA SER B 305 -37.81 65.73 -17.61
C SER B 305 -39.18 66.38 -17.57
N SER B 306 -39.70 66.72 -18.74
CA SER B 306 -41.07 67.26 -18.88
C SER B 306 -42.17 66.23 -18.64
N ASN B 307 -43.03 66.47 -17.65
CA ASN B 307 -44.17 65.58 -17.40
C ASN B 307 -45.22 65.72 -18.50
N THR B 308 -45.34 66.90 -19.09
CA THR B 308 -46.28 67.14 -20.21
C THR B 308 -45.87 66.33 -21.43
N LEU B 309 -44.58 66.24 -21.71
CA LEU B 309 -44.09 65.50 -22.89
C LEU B 309 -44.71 64.09 -23.00
N MET B 310 -44.55 63.34 -21.92
CA MET B 310 -44.98 61.93 -21.79
C MET B 310 -46.48 61.84 -22.03
N MET B 311 -47.20 62.81 -21.53
CA MET B 311 -48.67 62.91 -21.65
C MET B 311 -49.10 63.17 -23.10
N HIS B 312 -48.46 64.14 -23.72
CA HIS B 312 -48.57 64.38 -25.17
C HIS B 312 -48.37 63.05 -25.91
N LEU B 313 -47.20 62.47 -25.70
CA LEU B 313 -46.74 61.30 -26.48
C LEU B 313 -47.77 60.20 -26.31
N GLN B 314 -48.33 60.06 -25.11
CA GLN B 314 -49.32 59.00 -24.85
C GLN B 314 -50.50 59.17 -25.79
N ASP B 315 -50.96 60.42 -25.92
CA ASP B 315 -52.11 60.79 -26.76
C ASP B 315 -51.81 60.45 -28.21
N LEU B 316 -50.62 60.79 -28.70
CA LEU B 316 -50.25 60.51 -30.11
C LEU B 316 -50.23 59.00 -30.37
N VAL B 317 -49.62 58.24 -29.47
CA VAL B 317 -49.50 56.76 -29.64
C VAL B 317 -50.90 56.14 -29.50
N GLY B 318 -51.58 56.39 -28.39
CA GLY B 318 -52.89 55.78 -28.09
C GLY B 318 -52.84 55.04 -26.76
N ALA B 319 -53.94 55.17 -26.00
CA ALA B 319 -54.07 54.51 -24.69
C ALA B 319 -53.76 53.03 -24.82
N ASP B 320 -54.57 52.31 -25.60
CA ASP B 320 -54.51 50.83 -25.59
C ASP B 320 -53.10 50.40 -25.94
N LYS B 321 -52.47 51.11 -26.84
CA LYS B 321 -51.15 50.69 -27.38
C LYS B 321 -50.09 50.93 -26.31
N MET B 322 -50.19 52.03 -25.58
CA MET B 322 -49.17 52.37 -24.55
C MET B 322 -49.26 51.35 -23.42
N LYS B 323 -50.48 50.89 -23.09
CA LYS B 323 -50.61 49.89 -22.02
C LYS B 323 -49.81 48.65 -22.39
N SER B 324 -49.99 48.20 -23.62
CA SER B 324 -49.31 47.01 -24.17
C SER B 324 -47.81 47.25 -24.23
N TRP B 325 -47.42 48.49 -24.52
CA TRP B 325 -45.98 48.83 -24.52
C TRP B 325 -45.37 48.58 -23.14
N TYR B 326 -46.02 49.07 -22.09
CA TYR B 326 -45.48 48.91 -20.72
C TYR B 326 -45.47 47.44 -20.33
N GLU B 327 -46.47 46.69 -20.80
CA GLU B 327 -46.53 45.23 -20.56
C GLU B 327 -45.37 44.52 -21.25
N ARG B 328 -45.07 44.92 -22.48
CA ARG B 328 -43.95 44.28 -23.22
C ARG B 328 -42.61 44.65 -22.63
N PHE B 329 -42.56 45.73 -21.85
CA PHE B 329 -41.33 46.10 -21.10
C PHE B 329 -41.27 45.39 -19.74
N GLY B 330 -42.15 44.44 -19.49
CA GLY B 330 -42.01 43.47 -18.39
C GLY B 330 -42.64 43.92 -17.10
N PHE B 331 -43.36 45.04 -17.13
CA PHE B 331 -43.99 45.65 -15.96
C PHE B 331 -45.35 45.04 -15.67
N GLY B 332 -45.69 45.02 -14.39
CA GLY B 332 -46.92 44.38 -13.93
C GLY B 332 -46.79 42.87 -13.87
N LYS B 333 -45.61 42.33 -14.18
CA LYS B 333 -45.37 40.88 -14.14
C LYS B 333 -44.05 40.64 -13.44
N SER B 334 -44.01 39.50 -12.75
CA SER B 334 -42.77 38.98 -12.12
C SER B 334 -41.68 38.79 -13.17
N THR B 335 -40.42 39.07 -12.79
CA THR B 335 -39.27 38.89 -13.70
C THR B 335 -38.82 37.44 -13.72
N LYS B 336 -39.50 36.59 -12.97
CA LYS B 336 -39.19 35.15 -12.82
C LYS B 336 -37.77 34.97 -12.34
N GLY B 337 -37.32 35.91 -11.51
CA GLY B 337 -36.03 35.83 -10.83
C GLY B 337 -36.08 34.77 -9.76
N MET B 338 -34.91 34.46 -9.21
CA MET B 338 -34.72 33.29 -8.33
C MET B 338 -35.14 33.54 -6.89
N PHE B 339 -35.82 34.64 -6.61
CA PHE B 339 -36.07 35.09 -5.24
C PHE B 339 -37.49 34.69 -4.90
N ASP B 340 -37.72 34.54 -3.61
CA ASP B 340 -39.05 34.18 -3.04
C ASP B 340 -40.04 35.32 -3.21
N GLY B 341 -41.31 34.99 -3.45
CA GLY B 341 -42.43 35.94 -3.48
C GLY B 341 -42.10 37.26 -4.12
N GLU B 342 -41.42 37.21 -5.27
CA GLU B 342 -41.12 38.42 -6.05
C GLU B 342 -42.41 39.15 -6.40
N ALA B 343 -42.42 40.45 -6.12
CA ALA B 343 -43.61 41.29 -6.31
C ALA B 343 -43.85 41.59 -7.79
N PRO B 344 -45.12 41.53 -8.24
CA PRO B 344 -45.43 41.77 -9.64
C PRO B 344 -45.61 43.25 -10.00
N GLY B 345 -45.90 44.07 -8.99
CA GLY B 345 -46.35 45.46 -9.15
C GLY B 345 -47.63 45.52 -9.96
N GLN B 346 -47.94 46.70 -10.52
CA GLN B 346 -49.14 46.82 -11.37
C GLN B 346 -49.16 48.11 -12.15
N ILE B 347 -49.60 47.99 -13.40
CA ILE B 347 -49.70 49.13 -14.32
C ILE B 347 -51.01 49.84 -13.99
N GLY B 348 -50.91 51.10 -13.58
CA GLY B 348 -52.06 51.94 -13.23
C GLY B 348 -52.71 52.44 -14.48
N TRP B 349 -53.84 51.85 -14.84
CA TRP B 349 -54.51 52.15 -16.14
C TRP B 349 -56.03 52.12 -16.01
N SER B 350 -56.58 52.34 -14.81
CA SER B 350 -58.05 52.21 -14.54
C SER B 350 -58.87 53.35 -15.15
N ASN B 351 -58.26 54.52 -15.24
CA ASN B 351 -58.89 55.72 -15.83
C ASN B 351 -57.81 56.59 -16.47
N GLU B 352 -58.23 57.65 -17.14
CA GLU B 352 -57.30 58.57 -17.87
C GLU B 352 -56.25 59.14 -16.92
N LEU B 353 -56.66 59.47 -15.70
CA LEU B 353 -55.74 60.08 -14.71
C LEU B 353 -54.58 59.12 -14.52
N GLN B 354 -54.90 57.88 -14.14
CA GLN B 354 -53.87 56.86 -13.80
C GLN B 354 -52.99 56.69 -15.02
N GLN B 355 -53.60 56.60 -16.18
CA GLN B 355 -52.86 56.35 -17.43
C GLN B 355 -51.85 57.46 -17.67
N LYS B 356 -52.34 58.69 -17.63
CA LYS B 356 -51.46 59.87 -17.84
C LYS B 356 -50.32 59.86 -16.81
N THR B 357 -50.71 59.87 -15.54
CA THR B 357 -49.73 59.95 -14.42
C THR B 357 -48.71 58.81 -14.57
N SER B 358 -49.17 57.67 -15.09
CA SER B 358 -48.27 56.50 -15.29
C SER B 358 -47.14 56.93 -16.20
N SER B 359 -47.33 57.65 -17.31
CA SER B 359 -46.23 57.79 -18.30
C SER B 359 -45.02 58.49 -17.68
N PHE B 360 -45.17 59.12 -16.52
CA PHE B 360 -44.04 59.78 -15.83
C PHE B 360 -43.83 59.18 -14.44
N GLY B 361 -44.44 58.02 -14.22
CA GLY B 361 -44.06 57.05 -13.18
C GLY B 361 -44.84 57.11 -11.89
N GLN B 362 -46.08 57.54 -11.93
CA GLN B 362 -46.99 57.54 -10.78
C GLN B 362 -48.14 56.59 -11.09
N SER B 363 -48.84 56.18 -10.03
CA SER B 363 -49.93 55.17 -10.05
C SER B 363 -49.38 53.77 -10.26
N THR B 364 -48.64 53.63 -11.35
CA THR B 364 -47.94 52.38 -11.70
C THR B 364 -46.87 52.03 -10.66
N THR B 365 -46.84 50.78 -10.24
CA THR B 365 -45.85 50.30 -9.26
C THR B 365 -44.93 49.28 -9.94
N VAL B 366 -43.67 49.34 -9.56
CA VAL B 366 -42.63 48.44 -10.11
C VAL B 366 -41.72 47.93 -9.01
N THR B 367 -41.15 46.75 -9.25
CA THR B 367 -39.94 46.29 -8.58
C THR B 367 -38.74 46.97 -9.22
N PRO B 368 -37.72 47.34 -8.42
CA PRO B 368 -36.46 47.83 -8.97
C PRO B 368 -35.91 46.94 -10.08
N VAL B 369 -36.18 45.64 -9.94
CA VAL B 369 -35.69 44.61 -10.87
C VAL B 369 -36.39 44.75 -12.23
N GLN B 370 -37.72 44.85 -12.25
CA GLN B 370 -38.50 45.13 -13.47
C GLN B 370 -37.81 46.22 -14.25
N MET B 371 -37.29 47.19 -13.50
CA MET B 371 -36.68 48.41 -14.10
C MET B 371 -35.33 48.06 -14.71
N LEU B 372 -34.51 47.28 -14.01
CA LEU B 372 -33.23 46.80 -14.60
C LEU B 372 -33.53 46.05 -15.89
N GLN B 373 -34.55 45.21 -15.83
CA GLN B 373 -34.90 44.33 -16.94
C GLN B 373 -35.19 45.24 -18.13
N ALA B 374 -36.15 46.14 -17.97
CA ALA B 374 -36.48 47.18 -18.96
C ALA B 374 -35.21 47.78 -19.53
N GLN B 375 -34.50 48.53 -18.69
CA GLN B 375 -33.37 49.38 -19.11
C GLN B 375 -32.35 48.58 -19.94
N SER B 376 -32.17 47.32 -19.64
CA SER B 376 -31.16 46.51 -20.34
C SER B 376 -31.35 46.50 -21.84
N ALA B 377 -32.61 46.53 -22.27
CA ALA B 377 -33.01 46.64 -23.68
C ALA B 377 -32.15 47.61 -24.50
N PHE B 378 -31.81 48.74 -23.90
CA PHE B 378 -31.25 49.89 -24.65
C PHE B 378 -29.81 49.64 -25.09
N PHE B 379 -29.17 48.71 -24.39
CA PHE B 379 -27.71 48.43 -24.55
C PHE B 379 -27.42 47.06 -25.16
N ASN B 380 -28.49 46.31 -25.40
CA ASN B 380 -28.51 44.94 -25.98
C ASN B 380 -29.62 44.86 -27.04
N ASP B 381 -29.70 45.89 -27.90
CA ASP B 381 -30.27 45.83 -29.28
C ASP B 381 -31.75 45.45 -29.21
N GLY B 382 -32.36 45.95 -28.15
CA GLY B 382 -33.79 45.88 -27.80
C GLY B 382 -34.19 44.67 -27.01
N ASN B 383 -33.24 43.79 -26.67
CA ASN B 383 -33.52 42.59 -25.86
C ASN B 383 -33.41 42.88 -24.37
N MET B 384 -34.50 42.71 -23.62
CA MET B 384 -34.44 42.75 -22.15
C MET B 384 -33.84 41.43 -21.64
N LEU B 385 -32.91 41.62 -20.70
CA LEU B 385 -32.20 40.52 -20.05
C LEU B 385 -32.86 40.23 -18.71
N LYS B 386 -33.06 38.93 -18.46
CA LYS B 386 -33.61 38.43 -17.18
C LYS B 386 -32.52 38.66 -16.16
N PRO B 387 -32.81 39.48 -15.14
CA PRO B 387 -31.84 39.66 -14.07
C PRO B 387 -31.84 38.52 -13.06
N TRP B 388 -30.63 38.03 -12.80
CA TRP B 388 -30.37 36.84 -11.96
C TRP B 388 -29.12 37.09 -11.12
N PHE B 389 -29.12 36.45 -9.95
CA PHE B 389 -28.08 36.65 -8.92
C PHE B 389 -27.47 35.36 -8.42
N VAL B 390 -28.06 34.24 -8.83
CA VAL B 390 -27.60 32.89 -8.44
C VAL B 390 -26.82 32.33 -9.61
N ASN B 391 -25.53 32.11 -9.38
CA ASN B 391 -24.62 31.59 -10.41
C ASN B 391 -24.74 30.06 -10.46
N SER B 392 -24.74 29.37 -9.31
CA SER B 392 -24.90 27.90 -9.23
C SER B 392 -25.09 27.41 -7.78
N VAL B 393 -25.82 26.28 -7.66
CA VAL B 393 -26.05 25.47 -6.44
C VAL B 393 -25.46 24.14 -6.78
N GLU B 394 -24.35 23.82 -6.15
CA GLU B 394 -23.69 22.50 -6.38
C GLU B 394 -23.06 21.92 -5.12
N ASN B 395 -23.27 20.63 -4.89
CA ASN B 395 -22.56 19.92 -3.82
C ASN B 395 -21.08 19.83 -4.16
N PRO B 396 -20.19 20.33 -3.30
CA PRO B 396 -18.78 20.40 -3.64
C PRO B 396 -18.02 19.08 -3.60
N VAL B 397 -18.64 18.08 -2.96
CA VAL B 397 -18.15 16.69 -2.98
C VAL B 397 -18.33 16.11 -4.38
N SER B 398 -19.58 16.01 -4.81
CA SER B 398 -19.93 15.33 -6.08
C SER B 398 -19.68 16.23 -7.30
N LYS B 399 -19.64 17.54 -7.08
CA LYS B 399 -19.53 18.59 -8.12
C LYS B 399 -20.83 18.72 -8.89
N ARG B 400 -21.90 18.14 -8.40
CA ARG B 400 -23.15 18.03 -9.19
C ARG B 400 -23.87 19.38 -9.18
N GLN B 401 -24.18 19.95 -10.35
CA GLN B 401 -24.82 21.29 -10.39
C GLN B 401 -26.32 21.12 -10.43
N PHE B 402 -26.96 21.40 -9.29
CA PHE B 402 -28.44 21.34 -9.19
C PHE B 402 -29.10 22.51 -9.89
N TYR B 403 -28.45 23.68 -9.92
CA TYR B 403 -28.86 24.79 -10.81
C TYR B 403 -27.62 25.54 -11.24
N LYS B 404 -27.67 26.00 -12.48
CA LYS B 404 -26.64 26.89 -13.01
C LYS B 404 -27.34 28.03 -13.75
N GLY B 405 -27.09 29.25 -13.28
CA GLY B 405 -27.71 30.42 -13.87
C GLY B 405 -27.05 30.82 -15.16
N GLN B 406 -27.84 31.45 -16.03
CA GLN B 406 -27.31 31.97 -17.31
C GLN B 406 -28.16 33.13 -17.77
N LYS B 407 -27.57 33.90 -18.68
CA LYS B 407 -28.26 35.05 -19.28
C LYS B 407 -29.36 34.58 -20.22
N GLN B 408 -30.57 35.09 -20.00
CA GLN B 408 -31.79 34.74 -20.72
C GLN B 408 -32.38 36.05 -21.21
N ILE B 409 -33.14 35.93 -22.28
CA ILE B 409 -33.80 37.08 -22.95
C ILE B 409 -35.28 36.97 -22.61
N ALA B 410 -35.73 37.91 -21.75
CA ALA B 410 -37.13 37.97 -21.24
C ALA B 410 -38.02 38.70 -22.22
N GLY B 411 -37.46 39.24 -23.28
CA GLY B 411 -38.28 39.72 -24.40
C GLY B 411 -37.54 40.76 -25.19
N LYS B 412 -37.90 40.91 -26.45
CA LYS B 412 -37.42 42.04 -27.30
C LYS B 412 -38.63 42.90 -27.64
N PRO B 413 -38.95 43.90 -26.79
CA PRO B 413 -40.08 44.77 -27.07
C PRO B 413 -39.84 45.85 -28.14
N ILE B 414 -38.57 46.11 -28.42
CA ILE B 414 -38.14 47.28 -29.23
C ILE B 414 -37.05 46.85 -30.18
N THR B 415 -36.79 47.73 -31.14
CA THR B 415 -35.90 47.47 -32.27
C THR B 415 -34.50 47.91 -31.91
N LYS B 416 -33.54 47.61 -32.77
CA LYS B 416 -32.15 48.09 -32.55
C LYS B 416 -32.12 49.61 -32.75
N ASP B 417 -32.76 50.06 -33.83
CA ASP B 417 -32.83 51.52 -34.19
C ASP B 417 -33.40 52.30 -33.03
N THR B 418 -34.57 51.91 -32.55
CA THR B 418 -35.22 52.56 -31.39
C THR B 418 -34.25 52.67 -30.20
N ALA B 419 -33.58 51.57 -29.86
CA ALA B 419 -32.65 51.56 -28.70
C ALA B 419 -31.54 52.60 -28.84
N GLU B 420 -30.96 52.73 -30.02
CA GLU B 420 -29.87 53.70 -30.24
C GLU B 420 -30.38 55.11 -30.05
N LYS B 421 -31.60 55.36 -30.49
CA LYS B 421 -32.23 56.70 -30.38
C LYS B 421 -32.55 57.01 -28.93
N VAL B 422 -32.99 56.01 -28.17
CA VAL B 422 -33.25 56.18 -26.73
C VAL B 422 -31.92 56.50 -26.05
N GLU B 423 -30.88 55.76 -26.36
CA GLU B 423 -29.55 55.99 -25.73
C GLU B 423 -29.10 57.43 -25.97
N LYS B 424 -29.32 57.94 -27.17
CA LYS B 424 -28.91 59.31 -27.52
C LYS B 424 -29.55 60.32 -26.58
N GLN B 425 -30.81 60.11 -26.22
CA GLN B 425 -31.54 61.02 -25.30
C GLN B 425 -31.02 60.86 -23.88
N LEU B 426 -30.75 59.63 -23.46
CA LEU B 426 -30.20 59.36 -22.09
C LEU B 426 -28.84 60.03 -21.93
N ASP B 427 -28.05 60.04 -23.00
CA ASP B 427 -26.74 60.72 -23.03
C ASP B 427 -27.00 62.20 -22.77
N LEU B 428 -27.92 62.78 -23.54
CA LEU B 428 -28.29 64.21 -23.39
C LEU B 428 -28.73 64.52 -21.94
N VAL B 429 -29.67 63.75 -21.42
CA VAL B 429 -30.24 64.05 -20.07
C VAL B 429 -29.13 64.51 -19.12
N VAL B 430 -27.98 63.85 -19.21
CA VAL B 430 -26.83 64.16 -18.33
C VAL B 430 -25.86 65.15 -18.98
N ASN B 431 -25.45 64.85 -20.20
CA ASN B 431 -24.37 65.60 -20.91
C ASN B 431 -24.86 66.58 -22.00
N SER B 432 -26.02 67.18 -21.76
CA SER B 432 -26.56 68.32 -22.55
C SER B 432 -26.15 69.65 -21.88
N LYS B 433 -26.17 70.70 -22.67
CA LYS B 433 -25.67 72.04 -22.24
C LYS B 433 -26.62 72.56 -21.14
N LYS B 434 -27.91 72.26 -21.33
CA LYS B 434 -28.99 72.71 -20.43
C LYS B 434 -29.42 71.59 -19.50
N SER B 435 -28.60 70.57 -19.30
CA SER B 435 -29.00 69.39 -18.48
C SER B 435 -29.44 69.79 -17.08
N HIS B 436 -30.50 69.15 -16.58
CA HIS B 436 -30.94 69.30 -15.18
C HIS B 436 -30.50 68.05 -14.41
N ALA B 437 -29.35 67.51 -14.84
CA ALA B 437 -28.78 66.30 -14.23
C ALA B 437 -27.27 66.36 -14.24
N ALA B 438 -26.68 67.55 -14.21
CA ALA B 438 -25.22 67.72 -14.33
C ALA B 438 -24.49 67.18 -13.09
N ASN B 439 -25.19 67.14 -11.97
CA ASN B 439 -24.62 66.66 -10.70
C ASN B 439 -24.23 65.19 -10.77
N TYR B 440 -24.78 64.46 -11.75
CA TYR B 440 -24.48 63.02 -11.87
C TYR B 440 -23.23 62.76 -12.72
N ARG B 441 -22.63 63.82 -13.25
CA ARG B 441 -21.44 63.69 -14.09
C ARG B 441 -20.23 63.28 -13.25
N ILE B 442 -19.41 62.47 -13.89
CA ILE B 442 -18.13 61.97 -13.34
C ILE B 442 -16.96 62.34 -14.25
N ASP B 443 -15.86 62.67 -13.59
CA ASP B 443 -14.55 62.99 -14.16
C ASP B 443 -13.92 61.74 -14.75
N GLY B 444 -13.51 61.87 -16.01
CA GLY B 444 -12.76 60.85 -16.78
C GLY B 444 -13.64 59.86 -17.51
N TYR B 445 -14.91 59.77 -17.08
CA TYR B 445 -15.88 58.74 -17.54
C TYR B 445 -17.16 59.39 -18.08
N GLU B 446 -17.69 58.83 -19.17
CA GLU B 446 -18.91 59.26 -19.89
C GLU B 446 -20.11 58.52 -19.28
N VAL B 447 -21.03 59.27 -18.71
CA VAL B 447 -22.20 58.74 -17.95
C VAL B 447 -23.45 59.06 -18.73
N GLU B 448 -24.51 58.31 -18.48
CA GLU B 448 -25.82 58.66 -19.04
C GLU B 448 -26.87 57.99 -18.17
N GLY B 449 -28.10 58.45 -18.29
CA GLY B 449 -29.18 57.90 -17.44
C GLY B 449 -30.32 58.85 -17.28
N LYS B 450 -31.15 58.62 -16.27
CA LYS B 450 -32.41 59.37 -16.14
C LYS B 450 -32.66 59.75 -14.69
N THR B 451 -32.92 61.03 -14.43
CA THR B 451 -33.36 61.50 -13.10
C THR B 451 -34.72 60.89 -12.75
N GLY B 452 -35.03 60.71 -11.48
CA GLY B 452 -36.22 59.94 -11.13
C GLY B 452 -36.89 60.46 -9.88
N THR B 453 -37.45 61.66 -9.92
CA THR B 453 -38.14 62.27 -8.74
C THR B 453 -39.60 61.87 -8.75
N ALA B 454 -40.07 61.25 -7.67
CA ALA B 454 -41.47 60.80 -7.55
C ALA B 454 -42.12 61.13 -6.22
N GLN B 455 -43.44 61.22 -6.21
CA GLN B 455 -44.18 61.29 -4.93
C GLN B 455 -44.46 59.88 -4.46
N VAL B 456 -44.39 59.71 -3.16
CA VAL B 456 -44.57 58.41 -2.47
C VAL B 456 -45.96 58.36 -1.87
N ALA B 457 -46.57 57.19 -1.95
CA ALA B 457 -47.89 56.89 -1.37
C ALA B 457 -47.85 56.76 0.15
N ALA B 458 -48.93 57.14 0.80
CA ALA B 458 -49.11 56.99 2.27
C ALA B 458 -49.17 55.50 2.56
N PRO B 459 -48.36 54.96 3.51
CA PRO B 459 -48.66 53.62 4.09
C PRO B 459 -50.17 53.42 4.33
N ASN B 460 -50.67 52.29 3.90
CA ASN B 460 -52.10 51.92 3.84
C ASN B 460 -53.03 53.10 3.47
N GLY B 461 -53.67 53.73 4.45
CA GLY B 461 -54.64 54.81 4.22
C GLY B 461 -54.01 56.02 3.53
N GLY B 462 -54.83 56.99 3.15
CA GLY B 462 -54.39 58.29 2.64
C GLY B 462 -53.89 58.23 1.21
N GLY B 463 -53.58 59.41 0.66
CA GLY B 463 -53.15 59.69 -0.73
C GLY B 463 -51.66 59.57 -0.94
N TYR B 464 -50.96 60.68 -1.18
CA TYR B 464 -49.49 60.72 -1.15
C TYR B 464 -49.00 61.34 0.16
N VAL B 465 -47.78 61.01 0.53
CA VAL B 465 -47.08 61.65 1.66
C VAL B 465 -46.81 63.13 1.32
N LYS B 466 -47.10 63.98 2.30
CA LYS B 466 -46.87 65.42 2.25
C LYS B 466 -45.71 65.78 3.17
N GLY B 467 -45.23 67.00 3.06
CA GLY B 467 -44.04 67.48 3.78
C GLY B 467 -43.27 68.47 2.93
N PRO B 468 -42.02 68.81 3.32
CA PRO B 468 -41.22 69.78 2.56
C PRO B 468 -40.85 69.26 1.16
N ASN B 469 -40.17 68.11 1.16
CA ASN B 469 -39.79 67.37 -0.06
C ASN B 469 -40.07 65.88 0.12
N PRO B 470 -41.35 65.47 0.04
CA PRO B 470 -41.71 64.07 0.23
C PRO B 470 -41.56 63.27 -1.04
N TYR B 471 -40.33 63.19 -1.52
CA TYR B 471 -40.00 62.56 -2.82
C TYR B 471 -39.10 61.33 -2.72
N PHE B 472 -39.33 60.40 -3.64
CA PHE B 472 -38.49 59.22 -3.85
C PHE B 472 -37.68 59.60 -5.07
N VAL B 473 -36.40 59.85 -4.83
CA VAL B 473 -35.43 60.26 -5.90
C VAL B 473 -34.67 59.04 -6.34
N SER B 474 -34.38 58.97 -7.61
CA SER B 474 -33.67 57.81 -8.19
C SER B 474 -32.82 58.24 -9.40
N PHE B 475 -31.92 57.36 -9.78
CA PHE B 475 -31.16 57.52 -11.04
C PHE B 475 -30.86 56.16 -11.63
N MET B 476 -31.21 55.99 -12.91
CA MET B 476 -30.96 54.73 -13.64
C MET B 476 -29.84 54.97 -14.63
N GLY B 477 -28.61 54.84 -14.15
CA GLY B 477 -27.43 55.20 -14.94
C GLY B 477 -26.68 54.04 -15.54
N ASP B 478 -25.87 54.35 -16.52
CA ASP B 478 -25.08 53.32 -17.21
C ASP B 478 -23.84 53.99 -17.75
N ALA B 479 -22.79 53.19 -17.94
CA ALA B 479 -21.48 53.70 -18.34
C ALA B 479 -20.54 52.53 -18.59
N PRO B 480 -19.52 52.68 -19.47
CA PRO B 480 -19.31 53.88 -20.30
C PRO B 480 -20.48 54.08 -21.28
N LYS B 481 -20.72 55.34 -21.60
CA LYS B 481 -21.83 55.74 -22.50
C LYS B 481 -21.80 54.96 -23.81
N LYS B 482 -23.00 54.66 -24.33
CA LYS B 482 -23.21 53.88 -25.58
C LYS B 482 -22.97 52.38 -25.37
N ASN B 483 -21.73 52.01 -25.05
CA ASN B 483 -21.32 50.60 -24.82
C ASN B 483 -20.95 50.31 -23.37
N PRO B 484 -21.96 50.32 -22.49
CA PRO B 484 -21.72 50.19 -21.06
C PRO B 484 -21.26 48.83 -20.54
N LYS B 485 -20.66 48.91 -19.38
CA LYS B 485 -20.18 47.74 -18.63
C LYS B 485 -21.26 47.40 -17.62
N VAL B 486 -21.82 48.41 -17.00
CA VAL B 486 -22.78 48.24 -15.88
C VAL B 486 -23.92 49.23 -15.97
N ILE B 487 -25.00 48.84 -15.32
CA ILE B 487 -26.14 49.69 -15.00
C ILE B 487 -26.10 49.83 -13.49
N VAL B 488 -26.21 51.06 -13.01
CA VAL B 488 -26.32 51.34 -11.56
C VAL B 488 -27.66 52.00 -11.35
N TYR B 489 -28.51 51.41 -10.51
CA TYR B 489 -29.82 51.97 -10.12
C TYR B 489 -29.81 52.25 -8.62
N ALA B 490 -29.86 53.54 -8.26
CA ALA B 490 -30.00 53.93 -6.84
C ALA B 490 -31.36 54.55 -6.68
N GLY B 491 -31.98 54.34 -5.53
CA GLY B 491 -33.24 54.99 -5.16
C GLY B 491 -33.27 55.32 -3.69
N MET B 492 -33.85 56.47 -3.35
CA MET B 492 -33.98 56.99 -1.97
C MET B 492 -35.40 57.47 -1.79
N SER B 493 -35.99 57.08 -0.69
CA SER B 493 -37.38 57.45 -0.35
C SER B 493 -37.44 58.23 0.97
N LEU B 494 -37.95 59.45 0.86
CA LEU B 494 -38.22 60.33 2.02
C LEU B 494 -37.01 60.57 2.92
N ALA B 495 -36.09 61.39 2.42
CA ALA B 495 -34.97 61.90 3.23
C ALA B 495 -35.55 62.67 4.41
N GLN B 496 -35.06 62.35 5.60
CA GLN B 496 -35.58 62.98 6.87
C GLN B 496 -34.70 64.15 7.30
N LYS B 497 -33.57 64.27 6.64
CA LYS B 497 -32.58 65.31 6.94
C LYS B 497 -32.10 65.83 5.59
N ASN B 498 -31.79 67.14 5.52
CA ASN B 498 -31.38 67.81 4.26
C ASN B 498 -32.31 67.45 3.10
N ASP B 499 -33.59 67.41 3.38
CA ASP B 499 -34.58 67.01 2.35
C ASP B 499 -34.47 67.90 1.13
N GLN B 500 -34.09 69.16 1.33
CA GLN B 500 -33.89 70.10 0.22
C GLN B 500 -32.76 69.65 -0.70
N GLU B 501 -31.58 69.41 -0.15
CA GLU B 501 -30.45 68.95 -0.97
C GLU B 501 -30.84 67.66 -1.68
N ALA B 502 -31.57 66.81 -1.00
CA ALA B 502 -32.05 65.54 -1.57
C ALA B 502 -32.78 65.85 -2.86
N TYR B 503 -33.77 66.74 -2.84
CA TYR B 503 -34.55 67.02 -4.06
C TYR B 503 -33.62 67.59 -5.12
N GLU B 504 -32.66 68.39 -4.69
CA GLU B 504 -31.78 69.11 -5.64
C GLU B 504 -30.77 68.17 -6.30
N LEU B 505 -30.08 67.42 -5.48
CA LEU B 505 -28.96 66.56 -5.95
C LEU B 505 -29.46 65.16 -6.36
N GLY B 506 -30.46 64.67 -5.63
CA GLY B 506 -30.88 63.28 -5.58
C GLY B 506 -29.80 62.37 -5.05
N VAL B 507 -29.73 61.21 -5.67
CA VAL B 507 -28.85 60.10 -5.22
C VAL B 507 -27.50 60.27 -5.92
N SER B 508 -27.25 61.44 -6.51
CA SER B 508 -25.97 61.72 -7.22
C SER B 508 -24.76 61.44 -6.32
N LYS B 509 -24.91 61.80 -5.04
CA LYS B 509 -23.84 61.67 -4.03
C LYS B 509 -23.44 60.21 -3.78
N ALA B 510 -24.29 59.26 -4.18
CA ALA B 510 -24.03 57.82 -4.00
C ALA B 510 -23.65 57.21 -5.34
N PHE B 511 -24.40 57.53 -6.38
CA PHE B 511 -24.12 57.01 -7.75
C PHE B 511 -22.69 57.29 -8.17
N LYS B 512 -22.27 58.56 -8.04
CA LYS B 512 -20.92 58.98 -8.50
C LYS B 512 -19.81 58.10 -7.94
N PRO B 513 -19.64 58.01 -6.61
CA PRO B 513 -18.63 57.12 -6.06
C PRO B 513 -18.72 55.66 -6.45
N ILE B 514 -19.92 55.10 -6.38
CA ILE B 514 -20.13 53.68 -6.77
C ILE B 514 -19.66 53.47 -8.21
N MET B 515 -20.17 54.30 -9.13
CA MET B 515 -19.80 54.11 -10.55
C MET B 515 -18.32 54.33 -10.77
N GLU B 516 -17.75 55.40 -10.27
CA GLU B 516 -16.32 55.69 -10.42
C GLU B 516 -15.47 54.52 -9.92
N ASN B 517 -15.68 54.11 -8.71
CA ASN B 517 -14.95 52.98 -8.08
C ASN B 517 -15.07 51.68 -8.86
N THR B 518 -16.25 51.41 -9.36
CA THR B 518 -16.56 50.16 -10.10
C THR B 518 -15.79 50.17 -11.43
N LEU B 519 -15.90 51.27 -12.16
CA LEU B 519 -15.27 51.38 -13.50
C LEU B 519 -13.73 51.23 -13.37
N LYS B 520 -13.22 51.85 -12.31
CA LYS B 520 -11.78 51.85 -11.92
C LYS B 520 -11.32 50.41 -11.66
N TYR B 521 -12.09 49.67 -10.87
CA TYR B 521 -11.84 48.25 -10.46
C TYR B 521 -11.93 47.34 -11.67
N LEU B 522 -12.84 47.64 -12.60
CA LEU B 522 -13.03 46.85 -13.84
C LEU B 522 -12.04 47.29 -14.93
N ASN B 523 -11.10 48.16 -14.57
CA ASN B 523 -10.04 48.67 -15.49
C ASN B 523 -10.65 49.21 -16.79
N VAL B 524 -11.60 50.14 -16.63
CA VAL B 524 -12.15 50.86 -17.79
C VAL B 524 -11.35 52.14 -17.93
N GLY B 525 -10.88 52.38 -19.15
CA GLY B 525 -10.09 53.57 -19.52
C GLY B 525 -10.66 54.95 -19.17
N LYS B 526 -9.76 55.90 -18.87
CA LYS B 526 -10.08 57.28 -18.42
C LYS B 526 -9.74 58.26 -19.55
N SER B 527 -10.75 58.81 -20.23
CA SER B 527 -10.59 59.87 -21.28
C SER B 527 -10.27 61.21 -20.63
N MET C 1 -28.57 -82.00 10.19
CA MET C 1 -29.40 -80.88 10.75
C MET C 1 -28.76 -79.53 10.36
N ARG C 2 -29.61 -78.55 10.16
CA ARG C 2 -29.21 -77.12 10.20
C ARG C 2 -28.99 -76.76 11.66
N GLY C 3 -27.89 -76.08 11.96
CA GLY C 3 -27.51 -75.75 13.31
C GLY C 3 -28.53 -74.87 13.98
N LYS C 4 -28.36 -74.70 15.27
CA LYS C 4 -29.30 -73.90 16.09
C LYS C 4 -28.84 -72.46 16.23
N ILE C 5 -29.81 -71.57 16.44
CA ILE C 5 -29.44 -70.17 16.78
C ILE C 5 -29.90 -69.97 18.19
N TYR C 6 -28.94 -69.65 19.08
CA TYR C 6 -29.15 -69.42 20.53
C TYR C 6 -28.97 -67.95 20.89
N ASP C 7 -29.51 -67.60 22.05
CA ASP C 7 -29.24 -66.29 22.66
C ASP C 7 -27.99 -66.44 23.54
N ARG C 8 -27.69 -65.40 24.33
CA ARG C 8 -26.49 -65.42 25.21
C ARG C 8 -26.65 -66.42 26.37
N ASN C 9 -27.89 -66.62 26.78
CA ASN C 9 -28.22 -67.57 27.87
C ASN C 9 -28.37 -69.00 27.37
N GLY C 10 -28.28 -69.24 26.07
CA GLY C 10 -28.37 -70.58 25.50
C GLY C 10 -29.78 -70.98 25.14
N LYS C 11 -30.73 -70.04 25.22
CA LYS C 11 -32.14 -70.34 24.87
C LYS C 11 -32.28 -70.31 23.36
N VAL C 12 -33.02 -71.27 22.85
CA VAL C 12 -33.12 -71.48 21.39
C VAL C 12 -34.02 -70.40 20.78
N LEU C 13 -33.51 -69.80 19.70
CA LEU C 13 -34.26 -68.78 18.92
C LEU C 13 -34.79 -69.36 17.60
N ALA C 14 -34.11 -70.38 17.09
CA ALA C 14 -34.38 -71.10 15.85
C ALA C 14 -33.74 -72.49 15.90
N GLU C 15 -34.47 -73.48 15.39
CA GLU C 15 -34.01 -74.89 15.35
C GLU C 15 -34.83 -75.65 14.32
N ASP C 16 -34.32 -76.81 13.90
CA ASP C 16 -35.08 -77.74 13.05
C ASP C 16 -36.01 -78.55 13.94
N VAL C 17 -37.22 -78.83 13.43
CA VAL C 17 -38.16 -79.80 14.07
C VAL C 17 -38.68 -80.78 13.04
N GLU C 18 -39.13 -81.94 13.49
CA GLU C 18 -39.74 -82.95 12.60
C GLU C 18 -41.25 -82.80 12.72
N ARG C 19 -41.89 -82.47 11.60
CA ARG C 19 -43.34 -82.29 11.50
C ARG C 19 -43.79 -83.31 10.49
N TYR C 20 -45.08 -83.30 10.12
CA TYR C 20 -45.61 -84.32 9.19
C TYR C 20 -46.56 -83.69 8.18
N LYS C 21 -46.77 -84.43 7.13
CA LYS C 21 -47.58 -84.00 5.98
C LYS C 21 -48.61 -85.06 5.65
N LEU C 22 -49.83 -84.62 5.46
CA LEU C 22 -50.95 -85.53 5.14
C LEU C 22 -50.95 -85.85 3.65
N VAL C 23 -51.01 -87.13 3.31
CA VAL C 23 -51.05 -87.55 1.87
C VAL C 23 -52.10 -88.64 1.73
N ALA C 24 -52.96 -88.53 0.72
CA ALA C 24 -54.08 -89.49 0.58
C ALA C 24 -54.11 -90.11 -0.81
N VAL C 25 -54.02 -91.43 -0.88
CA VAL C 25 -54.14 -92.16 -2.17
C VAL C 25 -55.61 -92.22 -2.51
N ILE C 26 -55.97 -91.84 -3.75
CA ILE C 26 -57.40 -91.79 -4.19
C ILE C 26 -57.63 -92.76 -5.35
N ASP C 27 -56.59 -93.21 -6.05
CA ASP C 27 -56.75 -94.12 -7.21
C ASP C 27 -56.95 -95.56 -6.74
N LYS C 28 -57.92 -96.24 -7.35
CA LYS C 28 -58.35 -97.59 -6.88
C LYS C 28 -57.23 -98.61 -7.09
N LYS C 29 -56.30 -98.36 -8.03
CA LYS C 29 -55.19 -99.31 -8.34
C LYS C 29 -54.49 -99.74 -7.05
N ALA C 30 -54.55 -98.86 -6.02
CA ALA C 30 -53.86 -99.10 -4.71
C ALA C 30 -54.41 -100.34 -3.99
N SER C 31 -55.73 -100.55 -4.08
CA SER C 31 -56.51 -101.58 -3.35
C SER C 31 -56.78 -102.79 -4.25
N ALA C 32 -56.36 -102.73 -5.51
CA ALA C 32 -56.58 -103.78 -6.52
C ALA C 32 -55.74 -105.02 -6.18
N ASN C 33 -54.69 -104.86 -5.37
CA ASN C 33 -53.62 -105.88 -5.21
C ASN C 33 -53.83 -106.65 -3.91
N SER C 34 -54.71 -106.17 -3.02
CA SER C 34 -54.89 -106.79 -1.68
C SER C 34 -56.27 -106.49 -1.05
N LYS C 35 -56.49 -107.11 0.11
CA LYS C 35 -57.79 -107.14 0.82
C LYS C 35 -58.10 -105.71 1.27
N LYS C 36 -57.54 -105.29 2.41
CA LYS C 36 -57.86 -103.99 3.10
C LYS C 36 -57.58 -102.83 2.15
N PRO C 37 -58.60 -101.99 1.84
CA PRO C 37 -58.41 -100.93 0.84
C PRO C 37 -57.32 -99.91 1.21
N ARG C 38 -56.51 -99.53 0.22
CA ARG C 38 -55.38 -98.60 0.43
C ARG C 38 -55.60 -97.32 -0.36
N HIS C 39 -56.85 -97.01 -0.68
CA HIS C 39 -57.27 -95.74 -1.30
C HIS C 39 -58.53 -95.29 -0.58
N VAL C 40 -58.88 -94.01 -0.68
CA VAL C 40 -60.02 -93.45 0.07
C VAL C 40 -61.31 -93.99 -0.56
N VAL C 41 -62.03 -94.75 0.22
CA VAL C 41 -63.18 -95.57 -0.26
C VAL C 41 -64.44 -94.76 0.00
N ASP C 42 -64.60 -94.20 1.20
CA ASP C 42 -65.70 -93.24 1.49
C ASP C 42 -65.09 -91.84 1.53
N LYS C 43 -65.01 -91.16 0.38
CA LYS C 43 -64.44 -89.80 0.36
C LYS C 43 -65.10 -88.93 1.45
N LYS C 44 -66.43 -89.09 1.53
CA LYS C 44 -67.38 -88.21 2.26
C LYS C 44 -67.05 -88.25 3.76
N GLU C 45 -67.03 -89.45 4.33
CA GLU C 45 -66.80 -89.68 5.79
C GLU C 45 -65.31 -89.55 6.10
N THR C 46 -64.42 -89.92 5.17
CA THR C 46 -62.95 -89.73 5.35
C THR C 46 -62.67 -88.24 5.54
N ALA C 47 -63.29 -87.41 4.71
CA ALA C 47 -63.15 -85.93 4.73
C ALA C 47 -63.64 -85.35 6.06
N LYS C 48 -64.76 -85.86 6.58
CA LYS C 48 -65.29 -85.44 7.90
C LYS C 48 -64.30 -85.80 9.02
N LYS C 49 -63.81 -87.04 9.01
CA LYS C 49 -62.79 -87.50 9.99
C LYS C 49 -61.49 -86.71 9.82
N LEU C 50 -61.20 -86.23 8.61
CA LEU C 50 -60.02 -85.38 8.31
C LEU C 50 -60.30 -83.92 8.69
N SER C 51 -61.56 -83.51 8.72
CA SER C 51 -61.97 -82.14 9.17
C SER C 51 -61.66 -81.97 10.65
N THR C 52 -61.49 -83.08 11.39
CA THR C 52 -61.05 -83.03 12.80
C THR C 52 -59.53 -82.95 12.72
N VAL C 53 -58.89 -82.38 13.71
CA VAL C 53 -57.41 -82.09 13.74
C VAL C 53 -57.07 -81.02 12.68
N ILE C 54 -57.22 -81.31 11.40
CA ILE C 54 -56.84 -80.30 10.34
C ILE C 54 -57.97 -79.28 10.20
N ASN C 55 -57.63 -77.99 10.00
CA ASN C 55 -58.62 -76.89 9.99
C ASN C 55 -59.07 -76.67 8.54
N MET C 56 -59.49 -77.75 7.87
CA MET C 56 -60.08 -77.60 6.51
C MET C 56 -61.55 -78.02 6.60
N LYS C 57 -62.40 -77.37 5.83
CA LYS C 57 -63.86 -77.70 5.75
C LYS C 57 -64.00 -79.09 5.12
N PRO C 58 -64.91 -79.96 5.59
CA PRO C 58 -65.06 -81.30 5.02
C PRO C 58 -65.26 -81.32 3.49
N GLU C 59 -65.94 -80.30 2.96
CA GLU C 59 -66.26 -80.17 1.51
C GLU C 59 -65.00 -79.84 0.72
N GLU C 60 -64.13 -78.98 1.27
CA GLU C 60 -62.86 -78.58 0.63
C GLU C 60 -61.89 -79.76 0.58
N ILE C 61 -61.98 -80.67 1.56
CA ILE C 61 -61.22 -81.95 1.61
C ILE C 61 -61.77 -82.89 0.54
N GLU C 62 -63.08 -82.89 0.33
CA GLU C 62 -63.77 -83.75 -0.67
C GLU C 62 -63.45 -83.27 -2.09
N LYS C 63 -63.42 -81.95 -2.30
CA LYS C 63 -62.95 -81.33 -3.56
C LYS C 63 -61.58 -81.90 -3.95
N ARG C 64 -60.68 -82.01 -2.97
CA ARG C 64 -59.27 -82.46 -3.17
C ARG C 64 -59.25 -83.97 -3.39
N LEU C 65 -60.02 -84.71 -2.60
CA LEU C 65 -60.15 -86.17 -2.74
C LEU C 65 -60.86 -86.54 -4.06
N SER C 66 -61.58 -85.59 -4.67
CA SER C 66 -62.39 -85.82 -5.88
C SER C 66 -61.64 -85.46 -7.16
N GLN C 67 -60.33 -85.17 -7.06
CA GLN C 67 -59.48 -84.86 -8.21
C GLN C 67 -59.33 -86.08 -9.11
N LYS C 68 -59.45 -85.82 -10.38
CA LYS C 68 -59.33 -86.81 -11.49
C LYS C 68 -57.86 -87.03 -11.84
N LYS C 69 -57.57 -88.25 -12.30
CA LYS C 69 -56.23 -88.65 -12.79
C LYS C 69 -55.15 -88.14 -11.82
N ALA C 70 -55.33 -88.45 -10.55
CA ALA C 70 -54.31 -88.30 -9.50
C ALA C 70 -54.21 -89.59 -8.72
N PHE C 71 -52.98 -90.01 -8.47
CA PHE C 71 -52.72 -91.13 -7.53
C PHE C 71 -52.90 -90.65 -6.09
N GLN C 72 -52.08 -89.66 -5.74
CA GLN C 72 -51.95 -89.15 -4.38
C GLN C 72 -52.16 -87.64 -4.35
N ILE C 73 -52.72 -87.14 -3.25
CA ILE C 73 -52.97 -85.68 -3.13
C ILE C 73 -52.45 -85.09 -1.81
N GLU C 74 -52.10 -83.81 -1.85
CA GLU C 74 -51.75 -83.00 -0.66
C GLU C 74 -52.87 -82.03 -0.35
N PHE C 75 -52.73 -81.36 0.79
CA PHE C 75 -53.78 -80.47 1.34
C PHE C 75 -53.30 -79.03 1.62
N GLY C 76 -52.68 -78.42 0.60
CA GLY C 76 -52.18 -77.03 0.71
C GLY C 76 -51.28 -76.79 1.93
N ARG C 77 -51.38 -75.64 2.61
CA ARG C 77 -50.61 -75.36 3.85
C ARG C 77 -51.16 -76.17 5.05
N LYS C 78 -52.44 -76.49 5.05
CA LYS C 78 -53.12 -77.18 6.20
C LYS C 78 -52.63 -78.64 6.31
N GLY C 79 -52.27 -79.20 5.17
CA GLY C 79 -51.76 -80.58 5.02
C GLY C 79 -50.25 -80.70 5.21
N THR C 80 -49.71 -79.80 6.01
CA THR C 80 -48.25 -79.70 6.30
C THR C 80 -48.08 -79.20 7.72
N ASN C 81 -46.87 -79.32 8.27
CA ASN C 81 -46.53 -78.72 9.58
C ASN C 81 -47.47 -79.29 10.63
N LEU C 82 -47.73 -80.59 10.49
CA LEU C 82 -48.55 -81.32 11.50
C LEU C 82 -47.67 -81.88 12.60
N THR C 83 -48.06 -81.63 13.85
CA THR C 83 -47.33 -82.10 15.04
C THR C 83 -47.52 -83.60 15.21
N TYR C 84 -46.71 -84.19 16.08
CA TYR C 84 -46.65 -85.63 16.33
C TYR C 84 -47.95 -86.13 16.99
N GLN C 85 -48.58 -85.33 17.87
CA GLN C 85 -49.84 -85.71 18.58
C GLN C 85 -51.03 -85.55 17.63
N ASP C 86 -50.92 -84.72 16.59
CA ASP C 86 -51.88 -84.67 15.45
C ASP C 86 -51.77 -85.97 14.65
N LYS C 87 -50.54 -86.41 14.43
CA LYS C 87 -50.28 -87.66 13.66
C LYS C 87 -50.96 -88.82 14.39
N LEU C 88 -50.60 -89.01 15.66
CA LEU C 88 -51.19 -90.06 16.53
C LEU C 88 -52.72 -90.03 16.48
N LYS C 89 -53.35 -88.86 16.63
CA LYS C 89 -54.84 -88.73 16.59
C LYS C 89 -55.40 -89.36 15.31
N ILE C 90 -54.80 -89.07 14.15
CA ILE C 90 -55.32 -89.55 12.84
C ILE C 90 -55.00 -91.03 12.72
N GLU C 91 -53.78 -91.43 13.09
CA GLU C 91 -53.33 -92.83 12.93
C GLU C 91 -54.35 -93.79 13.59
N LYS C 92 -55.04 -93.36 14.66
CA LYS C 92 -56.04 -94.16 15.40
C LYS C 92 -57.33 -94.31 14.59
N MET C 93 -57.59 -93.45 13.61
CA MET C 93 -58.79 -93.51 12.73
C MET C 93 -58.62 -94.64 11.71
N ASN C 94 -57.36 -94.99 11.38
CA ASN C 94 -56.97 -96.14 10.51
C ASN C 94 -57.69 -96.05 9.16
N LEU C 95 -57.75 -94.85 8.58
CA LEU C 95 -58.57 -94.52 7.39
C LEU C 95 -57.92 -95.05 6.12
N PRO C 96 -58.74 -95.38 5.10
CA PRO C 96 -58.18 -95.92 3.85
C PRO C 96 -57.42 -94.88 3.03
N GLY C 97 -56.15 -95.12 2.71
CA GLY C 97 -55.46 -94.22 1.77
C GLY C 97 -54.64 -93.11 2.41
N ILE C 98 -54.80 -92.93 3.70
CA ILE C 98 -54.23 -91.76 4.44
C ILE C 98 -52.91 -92.12 5.10
N SER C 99 -51.93 -91.27 4.96
CA SER C 99 -50.61 -91.47 5.58
C SER C 99 -49.96 -90.12 5.83
N LEU C 100 -49.02 -90.12 6.77
CA LEU C 100 -48.29 -88.89 7.16
C LEU C 100 -46.81 -89.14 6.96
N LEU C 101 -46.14 -88.30 6.17
CA LEU C 101 -44.70 -88.46 5.93
C LEU C 101 -43.97 -87.43 6.76
N PRO C 102 -42.86 -87.83 7.41
CA PRO C 102 -42.02 -86.90 8.15
C PRO C 102 -41.38 -85.87 7.24
N GLU C 103 -41.31 -84.65 7.74
CA GLU C 103 -40.57 -83.55 7.06
C GLU C 103 -39.99 -82.61 8.10
N THR C 104 -38.79 -82.12 7.83
CA THR C 104 -38.11 -81.14 8.72
C THR C 104 -38.52 -79.73 8.32
N GLU C 105 -38.81 -78.92 9.33
CA GLU C 105 -39.18 -77.50 9.21
C GLU C 105 -38.35 -76.69 10.19
N ARG C 106 -38.13 -75.42 9.85
CA ARG C 106 -37.44 -74.49 10.72
C ARG C 106 -38.47 -73.93 11.67
N PHE C 107 -38.14 -73.95 12.94
CA PHE C 107 -39.06 -73.51 14.01
C PHE C 107 -38.45 -72.33 14.75
N TYR C 108 -39.22 -71.27 14.90
CA TYR C 108 -38.82 -70.11 15.72
C TYR C 108 -39.81 -70.08 16.88
N PRO C 109 -39.40 -70.62 18.04
CA PRO C 109 -40.23 -70.67 19.24
C PRO C 109 -41.05 -69.44 19.63
N ASN C 110 -40.48 -68.27 19.42
CA ASN C 110 -41.07 -66.97 19.81
C ASN C 110 -41.97 -66.37 18.72
N GLY C 111 -41.96 -66.97 17.53
CA GLY C 111 -42.58 -66.37 16.32
C GLY C 111 -41.95 -65.06 15.96
N ASN C 112 -42.76 -64.00 15.92
CA ASN C 112 -42.29 -62.61 15.72
C ASN C 112 -41.48 -62.20 16.95
N PHE C 113 -40.17 -62.17 16.77
CA PHE C 113 -39.20 -61.91 17.85
C PHE C 113 -37.85 -61.61 17.23
N ALA C 114 -37.35 -60.37 17.31
CA ALA C 114 -36.13 -59.95 16.61
C ALA C 114 -36.12 -60.40 15.15
N SER C 115 -37.29 -60.36 14.54
CA SER C 115 -37.54 -60.99 13.23
C SER C 115 -36.50 -60.56 12.22
N HIS C 116 -36.16 -59.29 12.27
CA HIS C 116 -35.29 -58.66 11.24
C HIS C 116 -33.82 -58.97 11.45
N LEU C 117 -33.43 -59.31 12.67
CA LEU C 117 -32.07 -59.75 13.01
C LEU C 117 -31.88 -61.26 12.78
N ILE C 118 -32.67 -62.04 13.49
CA ILE C 118 -32.61 -63.53 13.38
C ILE C 118 -32.63 -63.91 11.90
N GLY C 119 -33.62 -63.36 11.20
CA GLY C 119 -33.86 -63.67 9.77
C GLY C 119 -34.75 -64.87 9.63
N ARG C 120 -34.76 -65.39 8.41
CA ARG C 120 -35.71 -66.47 8.00
C ARG C 120 -35.06 -67.35 6.96
N ALA C 121 -35.23 -68.66 7.12
CA ALA C 121 -34.74 -69.64 6.13
C ALA C 121 -35.93 -70.28 5.42
N GLN C 122 -35.81 -70.31 4.10
CA GLN C 122 -36.87 -70.83 3.20
C GLN C 122 -36.57 -72.27 2.87
N LYS C 123 -37.64 -73.03 2.59
CA LYS C 123 -37.52 -74.46 2.27
C LYS C 123 -37.69 -74.70 0.78
N ASN C 124 -36.78 -75.51 0.22
CA ASN C 124 -36.90 -75.96 -1.17
C ASN C 124 -37.86 -77.15 -1.14
N PRO C 125 -39.05 -77.01 -1.77
CA PRO C 125 -40.06 -78.08 -1.80
C PRO C 125 -39.50 -79.45 -2.11
N ASP C 126 -38.77 -79.54 -3.21
CA ASP C 126 -38.29 -80.83 -3.76
C ASP C 126 -37.37 -81.57 -2.78
N THR C 127 -36.29 -80.90 -2.41
CA THR C 127 -35.19 -81.48 -1.62
C THR C 127 -35.41 -81.37 -0.11
N GLY C 128 -36.29 -80.49 0.34
CA GLY C 128 -36.48 -80.25 1.78
C GLY C 128 -35.38 -79.39 2.38
N GLU C 129 -34.55 -78.76 1.55
CA GLU C 129 -33.35 -78.04 2.02
C GLU C 129 -33.71 -76.62 2.41
N LEU C 130 -33.24 -76.22 3.58
CA LEU C 130 -33.49 -74.89 4.16
C LEU C 130 -32.34 -73.96 3.76
N LYS C 131 -32.62 -72.72 3.38
CA LYS C 131 -31.59 -71.76 2.91
C LYS C 131 -31.94 -70.38 3.47
N GLY C 132 -31.01 -69.73 4.18
CA GLY C 132 -31.31 -68.41 4.77
C GLY C 132 -31.54 -67.36 3.72
N ALA C 133 -32.58 -66.56 3.93
CA ALA C 133 -33.00 -65.51 2.99
C ALA C 133 -32.73 -64.11 3.55
N LEU C 134 -32.54 -63.97 4.86
CA LEU C 134 -32.34 -62.66 5.49
C LEU C 134 -31.73 -62.85 6.88
N GLY C 135 -31.06 -61.80 7.37
CA GLY C 135 -30.57 -61.84 8.76
C GLY C 135 -29.55 -62.94 8.95
N VAL C 136 -29.35 -63.25 10.24
CA VAL C 136 -28.43 -64.35 10.69
C VAL C 136 -28.51 -65.50 9.68
N GLU C 137 -29.73 -65.99 9.45
CA GLU C 137 -29.92 -67.24 8.68
C GLU C 137 -29.17 -67.12 7.36
N LYS C 138 -29.16 -65.93 6.75
CA LYS C 138 -28.48 -65.78 5.43
C LYS C 138 -26.98 -65.65 5.58
N ILE C 139 -26.54 -64.74 6.44
CA ILE C 139 -25.11 -64.48 6.69
C ILE C 139 -24.36 -65.76 6.97
N PHE C 140 -24.90 -66.56 7.90
CA PHE C 140 -24.24 -67.78 8.41
C PHE C 140 -24.76 -69.06 7.77
N ASP C 141 -25.45 -68.93 6.66
CA ASP C 141 -26.10 -70.08 5.99
C ASP C 141 -25.12 -71.24 5.92
N SER C 142 -24.02 -71.05 5.21
CA SER C 142 -23.04 -72.11 4.96
C SER C 142 -22.64 -72.85 6.25
N TYR C 143 -22.49 -72.14 7.35
CA TYR C 143 -22.00 -72.73 8.62
C TYR C 143 -23.15 -73.47 9.29
N LEU C 144 -24.28 -72.79 9.38
CA LEU C 144 -25.55 -73.41 9.85
C LEU C 144 -25.84 -74.73 9.11
N SER C 145 -25.81 -74.68 7.78
CA SER C 145 -26.11 -75.81 6.88
C SER C 145 -25.12 -76.95 7.15
N GLY C 146 -25.59 -78.05 7.75
CA GLY C 146 -24.77 -79.25 7.97
C GLY C 146 -24.40 -79.92 6.67
N SER C 147 -25.21 -79.67 5.64
CA SER C 147 -25.10 -80.29 4.30
C SER C 147 -24.04 -79.56 3.48
N LYS C 148 -23.92 -79.95 2.20
CA LYS C 148 -23.02 -79.34 1.18
C LYS C 148 -21.57 -79.54 1.63
N GLY C 149 -21.15 -78.86 2.70
CA GLY C 149 -19.77 -78.81 3.19
C GLY C 149 -18.81 -78.28 2.16
N SER C 150 -19.29 -77.63 1.09
CA SER C 150 -18.48 -76.97 0.03
C SER C 150 -17.80 -75.71 0.58
N LEU C 151 -16.48 -75.67 0.58
CA LEU C 151 -15.67 -74.55 1.12
C LEU C 151 -16.61 -73.49 1.70
N ARG C 152 -16.65 -73.35 3.03
CA ARG C 152 -17.63 -72.48 3.73
C ARG C 152 -17.03 -71.07 3.92
N TYR C 153 -17.86 -70.05 3.78
CA TYR C 153 -17.54 -68.61 3.53
C TYR C 153 -18.60 -67.80 4.27
N ILE C 154 -18.20 -66.75 4.99
CA ILE C 154 -19.14 -65.83 5.67
C ILE C 154 -19.50 -64.74 4.66
N HIS C 155 -20.73 -64.78 4.13
CA HIS C 155 -21.26 -63.73 3.22
C HIS C 155 -20.81 -62.34 3.69
N ASP C 156 -19.96 -61.68 2.89
CA ASP C 156 -19.47 -60.28 3.09
C ASP C 156 -18.30 -60.24 4.08
N ILE C 157 -18.43 -60.88 5.25
CA ILE C 157 -17.36 -60.85 6.29
C ILE C 157 -16.08 -61.57 5.81
N TRP C 158 -15.07 -60.78 5.43
CA TRP C 158 -13.76 -61.27 4.91
C TRP C 158 -13.13 -62.31 5.86
N GLY C 159 -12.91 -63.52 5.34
CA GLY C 159 -12.15 -64.59 6.02
C GLY C 159 -13.02 -65.60 6.78
N TYR C 160 -12.42 -66.22 7.79
CA TYR C 160 -13.03 -67.34 8.56
C TYR C 160 -13.33 -68.51 7.62
N ILE C 161 -12.88 -68.45 6.34
CA ILE C 161 -13.14 -69.50 5.33
C ILE C 161 -12.63 -70.85 5.87
N ALA C 162 -13.56 -71.77 6.18
CA ALA C 162 -13.23 -73.12 6.66
C ALA C 162 -13.86 -74.14 5.71
N PRO C 163 -13.08 -75.02 5.04
CA PRO C 163 -13.62 -75.96 4.04
C PRO C 163 -14.12 -77.31 4.58
N ASN C 164 -14.63 -77.35 5.80
CA ASN C 164 -15.08 -78.61 6.46
C ASN C 164 -16.16 -79.27 5.59
N THR C 165 -15.84 -80.41 4.98
CA THR C 165 -16.80 -81.21 4.18
C THR C 165 -17.10 -82.50 4.97
N LYS C 166 -16.24 -83.53 4.84
CA LYS C 166 -16.36 -84.83 5.56
C LYS C 166 -17.79 -85.38 5.40
N PRO C 171 -21.65 -85.56 7.41
CA PRO C 171 -22.61 -84.85 6.58
C PRO C 171 -23.95 -84.55 7.30
N LYS C 172 -23.87 -84.24 8.61
CA LYS C 172 -25.07 -84.20 9.51
C LYS C 172 -25.11 -82.91 10.33
N ARG C 173 -24.63 -82.94 11.57
CA ARG C 173 -24.80 -81.79 12.49
C ARG C 173 -24.18 -80.52 11.89
N GLY C 174 -24.86 -79.40 12.09
CA GLY C 174 -24.37 -78.10 11.59
C GLY C 174 -23.83 -77.24 12.70
N ASP C 175 -23.37 -76.05 12.37
CA ASP C 175 -22.72 -75.16 13.36
C ASP C 175 -23.76 -74.31 14.08
N ASP C 176 -23.57 -74.09 15.38
CA ASP C 176 -24.56 -73.35 16.21
C ASP C 176 -24.13 -71.89 16.35
N VAL C 177 -25.06 -70.96 16.18
CA VAL C 177 -24.77 -69.50 16.19
C VAL C 177 -25.34 -68.89 17.47
N HIS C 178 -24.45 -68.35 18.28
CA HIS C 178 -24.77 -67.76 19.59
C HIS C 178 -24.81 -66.27 19.45
N LEU C 179 -25.94 -65.65 19.80
CA LEU C 179 -26.04 -64.19 19.70
C LEU C 179 -25.82 -63.54 21.08
N THR C 180 -25.77 -62.21 21.09
CA THR C 180 -25.59 -61.47 22.36
C THR C 180 -26.94 -61.11 22.97
N ILE C 181 -28.00 -61.36 22.22
CA ILE C 181 -29.39 -61.00 22.58
C ILE C 181 -29.77 -61.69 23.89
N ASP C 182 -30.52 -60.99 24.72
CA ASP C 182 -31.11 -61.56 25.94
C ASP C 182 -32.60 -61.60 25.67
N SER C 183 -33.15 -62.79 25.59
CA SER C 183 -34.60 -63.03 25.38
C SER C 183 -35.46 -62.22 26.36
N ASN C 184 -34.99 -62.12 27.60
CA ASN C 184 -35.76 -61.39 28.64
C ASN C 184 -35.91 -59.91 28.28
N ILE C 185 -34.85 -59.29 27.79
CA ILE C 185 -34.87 -57.87 27.39
C ILE C 185 -35.64 -57.73 26.08
N GLN C 186 -35.47 -58.70 25.17
CA GLN C 186 -36.14 -58.69 23.85
C GLN C 186 -37.66 -58.61 24.08
N VAL C 187 -38.17 -59.36 25.05
CA VAL C 187 -39.62 -59.30 25.44
C VAL C 187 -40.00 -57.84 25.68
N PHE C 188 -39.26 -57.12 26.51
CA PHE C 188 -39.64 -55.75 26.88
C PHE C 188 -39.73 -54.91 25.61
N VAL C 189 -38.76 -55.10 24.73
CA VAL C 189 -38.74 -54.33 23.46
C VAL C 189 -39.98 -54.68 22.67
N GLU C 190 -40.23 -55.97 22.38
CA GLU C 190 -41.33 -56.34 21.46
C GLU C 190 -42.65 -55.79 22.03
N GLU C 191 -42.84 -55.94 23.33
CA GLU C 191 -44.09 -55.47 23.98
C GLU C 191 -44.25 -53.96 23.81
N ALA C 192 -43.20 -53.19 24.11
CA ALA C 192 -43.29 -51.72 24.06
C ALA C 192 -43.49 -51.24 22.62
N LEU C 193 -42.85 -51.89 21.63
CA LEU C 193 -43.02 -51.49 20.21
C LEU C 193 -44.45 -51.78 19.73
N ASP C 194 -44.98 -52.92 20.11
CA ASP C 194 -46.40 -53.24 19.84
C ASP C 194 -47.32 -52.09 20.30
N GLY C 195 -47.00 -51.55 21.45
CA GLY C 195 -47.70 -50.43 22.08
C GLY C 195 -47.70 -49.20 21.20
N MET C 196 -46.51 -48.88 20.69
CA MET C 196 -46.26 -47.68 19.87
C MET C 196 -46.99 -47.80 18.53
N VAL C 197 -47.00 -49.00 17.97
CA VAL C 197 -47.68 -49.23 16.69
C VAL C 197 -49.19 -48.98 16.88
N GLU C 198 -49.73 -49.53 17.97
CA GLU C 198 -51.17 -49.40 18.32
C GLU C 198 -51.49 -47.91 18.37
N ARG C 199 -50.72 -47.16 19.16
CA ARG C 199 -50.91 -45.70 19.43
C ARG C 199 -50.74 -44.85 18.15
N TYR C 200 -49.57 -44.97 17.57
CA TYR C 200 -49.06 -44.00 16.56
C TYR C 200 -49.13 -44.52 15.12
N GLN C 201 -49.15 -45.83 14.91
CA GLN C 201 -49.05 -46.42 13.55
C GLN C 201 -47.99 -45.74 12.70
N PRO C 202 -46.72 -45.78 13.13
CA PRO C 202 -45.66 -45.16 12.34
C PRO C 202 -45.36 -45.92 11.05
N LYS C 203 -44.69 -45.24 10.12
CA LYS C 203 -44.21 -45.93 8.91
C LYS C 203 -42.93 -46.71 9.19
N ASP C 204 -42.19 -46.32 10.22
CA ASP C 204 -40.90 -46.97 10.57
C ASP C 204 -40.65 -46.75 12.04
N LEU C 205 -40.04 -47.73 12.68
CA LEU C 205 -39.87 -47.71 14.14
C LEU C 205 -38.82 -48.72 14.52
N PHE C 206 -37.96 -48.38 15.47
CA PHE C 206 -36.98 -49.35 16.01
C PHE C 206 -36.65 -49.02 17.45
N ALA C 207 -36.12 -50.01 18.14
CA ALA C 207 -35.48 -49.82 19.46
C ALA C 207 -34.40 -50.84 19.61
N VAL C 208 -33.30 -50.40 20.20
CA VAL C 208 -32.11 -51.26 20.39
C VAL C 208 -31.60 -50.99 21.78
N VAL C 209 -31.18 -52.05 22.44
CA VAL C 209 -30.57 -52.00 23.78
C VAL C 209 -29.18 -52.52 23.62
N MET C 210 -28.22 -51.71 24.01
CA MET C 210 -26.79 -52.08 23.93
C MET C 210 -26.16 -51.96 25.32
N ASP C 211 -25.30 -52.94 25.65
CA ASP C 211 -24.47 -52.91 26.86
C ASP C 211 -23.49 -51.75 26.71
N ALA C 212 -23.62 -50.76 27.60
CA ALA C 212 -22.80 -49.53 27.55
C ALA C 212 -21.29 -49.80 27.58
N LYS C 213 -20.91 -50.89 28.25
CA LYS C 213 -19.51 -51.23 28.54
C LYS C 213 -18.90 -52.31 27.64
N THR C 214 -19.68 -52.94 26.78
CA THR C 214 -19.13 -53.94 25.84
C THR C 214 -19.43 -53.63 24.37
N GLY C 215 -20.58 -53.03 24.05
CA GLY C 215 -20.97 -53.00 22.62
C GLY C 215 -21.81 -54.21 22.19
N GLU C 216 -22.25 -54.96 23.19
CA GLU C 216 -23.16 -56.11 22.91
C GLU C 216 -24.58 -55.61 22.70
N ILE C 217 -25.21 -56.09 21.64
CA ILE C 217 -26.65 -55.81 21.39
C ILE C 217 -27.44 -56.79 22.24
N LEU C 218 -28.13 -56.28 23.26
CA LEU C 218 -28.96 -57.10 24.16
C LEU C 218 -30.38 -57.27 23.62
N ALA C 219 -30.86 -56.33 22.85
CA ALA C 219 -32.19 -56.44 22.23
C ALA C 219 -32.27 -55.52 21.03
N TYR C 220 -33.04 -55.95 20.05
CA TYR C 220 -33.30 -55.15 18.84
C TYR C 220 -34.60 -55.60 18.17
N SER C 221 -35.51 -54.67 17.91
CA SER C 221 -36.56 -54.98 16.88
C SER C 221 -37.08 -53.72 16.22
N GLN C 222 -37.87 -53.94 15.19
CA GLN C 222 -38.32 -52.87 14.29
C GLN C 222 -39.74 -53.18 13.84
N ARG C 223 -40.46 -52.13 13.50
CA ARG C 223 -41.77 -52.23 12.83
C ARG C 223 -41.76 -51.32 11.61
N PRO C 224 -42.24 -51.79 10.44
CA PRO C 224 -42.91 -53.09 10.32
C PRO C 224 -42.00 -54.28 10.02
N THR C 225 -42.04 -55.27 10.90
CA THR C 225 -41.19 -56.47 10.81
C THR C 225 -42.04 -57.58 10.21
N PHE C 226 -41.55 -58.80 10.29
CA PHE C 226 -42.26 -59.98 9.78
C PHE C 226 -42.26 -61.07 10.85
N ASN C 227 -43.01 -62.12 10.55
CA ASN C 227 -43.11 -63.30 11.44
C ASN C 227 -42.31 -64.41 10.78
N PRO C 228 -41.16 -64.79 11.36
CA PRO C 228 -40.26 -65.74 10.70
C PRO C 228 -40.86 -67.13 10.51
N GLU C 229 -41.71 -67.47 11.48
CA GLU C 229 -42.37 -68.79 11.55
C GLU C 229 -43.26 -69.03 10.33
N THR C 230 -44.13 -68.06 10.08
CA THR C 230 -45.24 -68.16 9.11
C THR C 230 -44.82 -67.69 7.72
N GLY C 231 -43.91 -66.73 7.69
CA GLY C 231 -43.55 -66.09 6.42
C GLY C 231 -44.45 -64.92 6.07
N LYS C 232 -45.21 -64.49 7.08
CA LYS C 232 -46.08 -63.29 7.07
C LYS C 232 -45.20 -62.06 6.91
N ASP C 233 -45.53 -61.20 5.94
CA ASP C 233 -44.91 -59.85 5.75
C ASP C 233 -43.44 -59.93 5.35
N PHE C 234 -42.91 -61.14 5.18
CA PHE C 234 -41.50 -61.29 4.78
C PHE C 234 -41.34 -60.71 3.37
N GLY C 235 -40.42 -59.77 3.23
CA GLY C 235 -39.94 -59.30 1.92
C GLY C 235 -40.46 -57.93 1.54
N LYS C 236 -41.35 -57.38 2.36
CA LYS C 236 -41.93 -56.05 2.12
C LYS C 236 -40.83 -55.07 2.44
N LYS C 237 -40.63 -54.81 3.73
CA LYS C 237 -39.36 -54.24 4.23
C LYS C 237 -38.35 -55.36 4.38
N TRP C 238 -37.44 -55.40 3.42
CA TRP C 238 -36.25 -56.29 3.51
C TRP C 238 -35.19 -55.75 4.46
N ALA C 239 -34.97 -54.44 4.40
CA ALA C 239 -33.85 -53.78 5.10
C ALA C 239 -33.99 -53.82 6.63
N ASN C 240 -32.90 -54.18 7.27
CA ASN C 240 -32.78 -54.13 8.73
C ASN C 240 -32.55 -52.68 9.09
N ASP C 241 -33.36 -52.12 9.97
CA ASP C 241 -33.21 -50.70 10.37
C ASP C 241 -31.80 -50.48 10.89
N LEU C 242 -31.43 -51.27 11.89
CA LEU C 242 -30.23 -51.04 12.73
C LEU C 242 -28.95 -50.92 11.90
N TYR C 243 -28.84 -51.76 10.88
CA TYR C 243 -27.59 -51.95 10.11
C TYR C 243 -27.67 -51.46 8.67
N GLN C 244 -28.85 -51.46 8.05
CA GLN C 244 -28.95 -51.28 6.59
C GLN C 244 -29.69 -50.01 6.19
N ASN C 245 -30.58 -49.51 7.04
CA ASN C 245 -31.41 -48.31 6.75
C ASN C 245 -30.75 -47.02 7.27
N THR C 246 -30.74 -45.99 6.44
CA THR C 246 -30.19 -44.67 6.85
C THR C 246 -31.30 -43.77 7.31
N TYR C 247 -30.95 -42.90 8.26
CA TYR C 247 -31.81 -41.83 8.78
C TYR C 247 -31.06 -40.50 8.84
N GLU C 248 -31.81 -39.42 8.61
CA GLU C 248 -31.43 -38.07 8.97
C GLU C 248 -31.72 -38.06 10.46
N PRO C 249 -30.73 -38.19 11.34
CA PRO C 249 -30.99 -38.54 12.75
C PRO C 249 -31.70 -37.51 13.61
N GLY C 250 -31.47 -36.25 13.23
CA GLY C 250 -31.93 -35.06 13.97
C GLY C 250 -31.10 -34.73 15.18
N SER C 251 -31.75 -34.29 16.24
CA SER C 251 -31.09 -33.62 17.39
C SER C 251 -30.22 -34.54 18.25
N THR C 252 -30.42 -35.84 18.10
CA THR C 252 -29.60 -36.89 18.72
C THR C 252 -28.14 -36.65 18.35
N PHE C 253 -28.00 -36.14 17.14
CA PHE C 253 -26.70 -35.92 16.44
C PHE C 253 -25.99 -34.70 16.99
N LYS C 254 -26.70 -33.86 17.74
CA LYS C 254 -26.08 -32.67 18.35
C LYS C 254 -25.02 -33.07 19.38
N SER C 255 -25.27 -34.19 20.06
CA SER C 255 -24.34 -34.71 21.09
C SER C 255 -22.90 -34.67 20.56
N TYR C 256 -22.71 -34.99 19.26
CA TYR C 256 -21.34 -35.12 18.68
C TYR C 256 -20.79 -33.73 18.32
N GLY C 257 -21.68 -32.88 17.80
CA GLY C 257 -21.43 -31.47 17.51
C GLY C 257 -20.95 -30.73 18.73
N LEU C 258 -21.41 -31.20 19.91
CA LEU C 258 -21.11 -30.60 21.22
C LEU C 258 -19.71 -31.05 21.64
N ALA C 259 -19.55 -32.36 21.77
CA ALA C 259 -18.25 -32.98 22.06
C ALA C 259 -17.11 -32.30 21.30
N ALA C 260 -17.25 -32.25 19.98
CA ALA C 260 -16.26 -31.56 19.12
C ALA C 260 -15.84 -30.21 19.75
N ALA C 261 -16.83 -29.32 19.88
CA ALA C 261 -16.68 -28.00 20.52
C ALA C 261 -15.95 -28.09 21.85
N ILE C 262 -16.52 -28.85 22.78
CA ILE C 262 -16.02 -28.93 24.18
C ILE C 262 -14.54 -29.15 24.11
N GLN C 263 -14.11 -30.04 23.20
CA GLN C 263 -12.68 -30.42 23.13
C GLN C 263 -11.79 -29.28 22.59
N GLU C 264 -12.20 -28.71 21.48
CA GLU C 264 -11.57 -27.53 20.86
C GLU C 264 -11.60 -26.32 21.78
N GLY C 265 -12.34 -26.39 22.88
CA GLY C 265 -12.45 -25.31 23.87
C GLY C 265 -13.31 -24.15 23.44
N ALA C 266 -14.21 -24.40 22.49
CA ALA C 266 -15.12 -23.39 21.93
C ALA C 266 -16.44 -23.32 22.72
N PHE C 267 -16.83 -24.41 23.38
CA PHE C 267 -18.07 -24.47 24.18
C PHE C 267 -17.75 -24.23 25.66
N ASP C 268 -18.40 -23.22 26.22
CA ASP C 268 -18.35 -22.91 27.66
C ASP C 268 -19.80 -22.91 28.08
N PRO C 269 -20.22 -23.83 28.97
CA PRO C 269 -21.63 -23.90 29.39
C PRO C 269 -22.30 -22.60 29.86
N ASP C 270 -21.53 -21.73 30.51
CA ASP C 270 -22.01 -20.45 31.07
C ASP C 270 -21.93 -19.28 30.09
N LYS C 271 -21.21 -19.43 28.98
CA LYS C 271 -21.07 -18.37 27.98
C LYS C 271 -22.41 -18.20 27.27
N LYS C 272 -22.87 -16.95 27.15
CA LYS C 272 -24.14 -16.57 26.49
C LYS C 272 -23.92 -16.45 24.98
N TYR C 273 -24.89 -16.92 24.19
CA TYR C 273 -24.87 -16.92 22.72
C TYR C 273 -26.21 -16.38 22.26
N LYS C 274 -26.25 -15.85 21.04
CA LYS C 274 -27.50 -15.30 20.44
C LYS C 274 -28.34 -16.40 19.80
N SER C 275 -29.50 -16.69 20.38
CA SER C 275 -30.48 -17.64 19.81
C SER C 275 -31.48 -16.89 18.94
N GLY C 276 -32.27 -17.64 18.21
CA GLY C 276 -33.31 -17.06 17.34
C GLY C 276 -33.24 -17.61 15.95
N HIS C 277 -32.59 -16.87 15.06
CA HIS C 277 -32.45 -17.30 13.65
C HIS C 277 -30.95 -17.31 13.32
N ARG C 278 -30.64 -17.61 12.05
CA ARG C 278 -29.29 -17.58 11.46
C ARG C 278 -29.46 -17.62 9.95
N ASP C 279 -29.14 -16.54 9.23
CA ASP C 279 -29.41 -16.48 7.76
C ASP C 279 -28.27 -17.15 7.04
N ILE C 280 -28.58 -18.19 6.29
CA ILE C 280 -27.56 -19.05 5.65
C ILE C 280 -28.02 -19.49 4.24
N MET C 281 -27.15 -19.16 3.29
CA MET C 281 -27.39 -19.32 1.84
C MET C 281 -28.82 -18.89 1.51
N GLY C 282 -29.23 -17.71 1.97
CA GLY C 282 -30.53 -17.08 1.70
C GLY C 282 -31.70 -17.86 2.23
N SER C 283 -31.51 -18.62 3.33
CA SER C 283 -32.61 -19.31 4.06
C SER C 283 -32.58 -19.00 5.55
N ARG C 284 -33.73 -18.65 6.14
CA ARG C 284 -33.77 -18.29 7.57
C ARG C 284 -33.84 -19.59 8.36
N ILE C 285 -32.68 -20.06 8.88
CA ILE C 285 -32.64 -21.32 9.64
C ILE C 285 -32.68 -20.96 11.11
N SER C 286 -33.79 -21.28 11.75
CA SER C 286 -34.04 -20.87 13.14
C SER C 286 -34.12 -22.06 14.09
N ASP C 287 -34.51 -21.82 15.32
CA ASP C 287 -34.67 -22.90 16.32
C ASP C 287 -36.03 -23.59 16.13
N TRP C 288 -36.38 -24.52 17.02
CA TRP C 288 -37.64 -25.28 16.89
C TRP C 288 -38.84 -24.41 17.28
N ASN C 289 -38.64 -23.42 18.14
CA ASN C 289 -39.71 -22.48 18.52
C ASN C 289 -39.70 -21.37 17.47
N ARG C 290 -38.67 -21.30 16.61
CA ARG C 290 -38.56 -20.33 15.49
C ARG C 290 -38.41 -18.87 15.94
N VAL C 291 -38.61 -18.58 17.22
CA VAL C 291 -38.47 -17.20 17.75
C VAL C 291 -37.18 -17.24 18.53
N GLY C 292 -36.87 -18.34 19.19
CA GLY C 292 -35.64 -18.42 20.01
C GLY C 292 -35.93 -18.02 21.44
N TRP C 293 -34.87 -17.94 22.26
CA TRP C 293 -35.01 -17.56 23.68
C TRP C 293 -34.07 -16.39 24.01
N GLY C 294 -33.61 -15.69 22.98
CA GLY C 294 -32.77 -14.48 23.16
C GLY C 294 -31.35 -14.84 23.55
N GLU C 295 -30.65 -13.91 24.18
CA GLU C 295 -29.28 -14.21 24.70
C GLU C 295 -29.40 -15.16 25.88
N ILE C 296 -28.85 -16.36 25.74
CA ILE C 296 -28.94 -17.39 26.81
C ILE C 296 -27.61 -18.13 26.91
N PRO C 297 -27.28 -18.73 28.09
CA PRO C 297 -26.14 -19.63 28.22
C PRO C 297 -26.20 -20.83 27.28
N MET C 298 -25.05 -21.31 26.79
CA MET C 298 -25.01 -22.46 25.86
C MET C 298 -25.60 -23.69 26.55
N SER C 299 -25.24 -23.90 27.82
CA SER C 299 -25.78 -25.03 28.60
C SER C 299 -27.26 -25.12 28.38
N LEU C 300 -27.98 -24.03 28.51
CA LEU C 300 -29.45 -23.99 28.30
C LEU C 300 -29.78 -24.37 26.87
N GLY C 301 -29.23 -23.69 25.87
CA GLY C 301 -29.52 -23.95 24.47
C GLY C 301 -29.55 -25.44 24.21
N PHE C 302 -28.57 -26.14 24.74
CA PHE C 302 -28.42 -27.59 24.50
C PHE C 302 -29.52 -28.33 25.23
N THR C 303 -29.81 -27.94 26.46
CA THR C 303 -30.92 -28.55 27.23
C THR C 303 -32.21 -28.47 26.39
N TYR C 304 -32.43 -27.27 25.84
CA TYR C 304 -33.64 -26.98 25.04
C TYR C 304 -33.59 -27.67 23.68
N SER C 305 -32.36 -27.92 23.20
CA SER C 305 -32.07 -28.38 21.82
C SER C 305 -32.12 -27.21 20.83
N SER C 306 -31.29 -26.22 21.06
CA SER C 306 -31.14 -25.08 20.12
C SER C 306 -30.42 -25.45 18.82
N ASN C 307 -31.10 -25.26 17.70
CA ASN C 307 -30.47 -25.50 16.38
C ASN C 307 -29.44 -24.42 16.08
N THR C 308 -29.64 -23.21 16.57
CA THR C 308 -28.67 -22.10 16.40
C THR C 308 -27.36 -22.41 17.12
N LEU C 309 -27.43 -23.00 18.30
CA LEU C 309 -26.22 -23.30 19.09
C LEU C 309 -25.17 -24.04 18.26
N MET C 310 -25.59 -25.14 17.67
CA MET C 310 -24.75 -26.07 16.88
C MET C 310 -24.12 -25.32 15.72
N MET C 311 -24.88 -24.42 15.13
CA MET C 311 -24.45 -23.59 13.98
C MET C 311 -23.37 -22.58 14.41
N HIS C 312 -23.64 -21.88 15.49
CA HIS C 312 -22.64 -21.04 16.17
C HIS C 312 -21.34 -21.86 16.34
N LEU C 313 -21.48 -22.95 17.07
CA LEU C 313 -20.31 -23.75 17.52
C LEU C 313 -19.53 -24.16 16.29
N GLN C 314 -20.24 -24.50 15.21
CA GLN C 314 -19.54 -24.96 13.97
C GLN C 314 -18.62 -23.86 13.49
N ASP C 315 -19.12 -22.63 13.50
CA ASP C 315 -18.38 -21.43 13.06
C ASP C 315 -17.15 -21.24 13.90
N LEU C 316 -17.29 -21.35 15.22
CA LEU C 316 -16.15 -21.15 16.14
C LEU C 316 -15.06 -22.22 15.90
N VAL C 317 -15.48 -23.48 15.76
CA VAL C 317 -14.52 -24.60 15.56
C VAL C 317 -13.89 -24.46 14.16
N GLY C 318 -14.72 -24.40 13.12
CA GLY C 318 -14.24 -24.38 11.72
C GLY C 318 -14.85 -25.51 10.93
N ALA C 319 -15.21 -25.21 9.68
CA ALA C 319 -15.81 -26.18 8.75
C ALA C 319 -14.92 -27.42 8.69
N ASP C 320 -13.70 -27.25 8.21
CA ASP C 320 -12.84 -28.41 7.86
C ASP C 320 -12.69 -29.29 9.10
N LYS C 321 -12.60 -28.67 10.25
CA LYS C 321 -12.29 -29.40 11.49
C LYS C 321 -13.52 -30.19 11.92
N MET C 322 -14.71 -29.59 11.76
CA MET C 322 -15.96 -30.26 12.20
C MET C 322 -16.20 -31.47 11.30
N LYS C 323 -15.86 -31.38 10.01
CA LYS C 323 -16.06 -32.54 9.12
C LYS C 323 -15.26 -33.72 9.64
N SER C 324 -14.01 -33.46 9.99
CA SER C 324 -13.07 -34.46 10.52
C SER C 324 -13.58 -34.98 11.85
N TRP C 325 -14.19 -34.10 12.64
CA TRP C 325 -14.76 -34.54 13.93
C TRP C 325 -15.84 -35.60 13.69
N TYR C 326 -16.75 -35.34 12.77
CA TYR C 326 -17.85 -36.29 12.51
C TYR C 326 -17.31 -37.60 11.93
N GLU C 327 -16.24 -37.50 11.15
CA GLU C 327 -15.56 -38.69 10.59
C GLU C 327 -14.92 -39.51 11.72
N ARG C 328 -14.30 -38.83 12.68
CA ARG C 328 -13.65 -39.55 13.80
C ARG C 328 -14.67 -40.17 14.74
N PHE C 329 -15.92 -39.68 14.68
CA PHE C 329 -17.03 -40.31 15.43
C PHE C 329 -17.68 -41.45 14.64
N GLY C 330 -17.08 -41.86 13.52
CA GLY C 330 -17.41 -43.15 12.85
C GLY C 330 -18.50 -43.03 11.83
N PHE C 331 -18.92 -41.81 11.53
CA PHE C 331 -20.02 -41.51 10.61
C PHE C 331 -19.53 -41.44 9.17
N GLY C 332 -20.42 -41.82 8.26
CA GLY C 332 -20.07 -41.92 6.84
C GLY C 332 -19.28 -43.17 6.52
N LYS C 333 -19.03 -44.01 7.51
CA LYS C 333 -18.29 -45.27 7.30
C LYS C 333 -19.03 -46.39 8.00
N SER C 334 -18.90 -47.57 7.40
CA SER C 334 -19.39 -48.83 8.00
C SER C 334 -18.78 -49.07 9.38
N THR C 335 -19.54 -49.63 10.30
CA THR C 335 -19.05 -49.95 11.66
C THR C 335 -18.30 -51.27 11.66
N LYS C 336 -18.20 -51.91 10.50
CA LYS C 336 -17.56 -53.22 10.31
C LYS C 336 -18.19 -54.26 11.23
N GLY C 337 -19.49 -54.10 11.44
CA GLY C 337 -20.31 -55.07 12.16
C GLY C 337 -20.50 -56.31 11.32
N MET C 338 -21.05 -57.34 11.95
CA MET C 338 -21.09 -58.71 11.39
C MET C 338 -22.24 -58.91 10.41
N PHE C 339 -22.91 -57.86 9.99
CA PHE C 339 -24.16 -57.97 9.24
C PHE C 339 -23.82 -57.75 7.78
N ASP C 340 -24.67 -58.27 6.92
CA ASP C 340 -24.55 -58.13 5.44
C ASP C 340 -24.82 -56.69 5.01
N GLY C 341 -24.10 -56.24 3.98
CA GLY C 341 -24.36 -54.95 3.31
C GLY C 341 -24.72 -53.82 4.22
N GLU C 342 -23.98 -53.70 5.32
CA GLU C 342 -24.16 -52.60 6.27
C GLU C 342 -24.00 -51.26 5.56
N ALA C 343 -24.97 -50.38 5.77
CA ALA C 343 -25.00 -49.07 5.08
C ALA C 343 -23.99 -48.11 5.69
N PRO C 344 -23.27 -47.35 4.83
CA PRO C 344 -22.25 -46.43 5.31
C PRO C 344 -22.78 -45.06 5.74
N GLY C 345 -23.96 -44.71 5.22
CA GLY C 345 -24.54 -43.36 5.29
C GLY C 345 -23.62 -42.35 4.63
N GLN C 346 -23.79 -41.07 4.94
CA GLN C 346 -22.89 -40.03 4.38
C GLN C 346 -23.02 -38.70 5.09
N ILE C 347 -21.88 -38.07 5.28
CA ILE C 347 -21.81 -36.75 5.95
C ILE C 347 -22.13 -35.72 4.88
N GLY C 348 -23.21 -34.97 5.10
CA GLY C 348 -23.66 -33.90 4.20
C GLY C 348 -22.82 -32.68 4.38
N TRP C 349 -21.90 -32.44 3.45
CA TRP C 349 -20.89 -31.37 3.61
C TRP C 349 -20.57 -30.71 2.26
N SER C 350 -21.48 -30.78 1.29
CA SER C 350 -21.23 -30.28 -0.11
C SER C 350 -21.20 -28.75 -0.20
N ASN C 351 -21.98 -28.10 0.67
CA ASN C 351 -22.05 -26.63 0.75
C ASN C 351 -22.35 -26.22 2.18
N GLU C 352 -22.33 -24.91 2.43
CA GLU C 352 -22.54 -24.35 3.80
C GLU C 352 -23.88 -24.80 4.38
N LEU C 353 -24.90 -24.86 3.52
CA LEU C 353 -26.26 -25.23 3.98
C LEU C 353 -26.17 -26.62 4.59
N GLN C 354 -25.66 -27.58 3.83
CA GLN C 354 -25.60 -29.00 4.25
C GLN C 354 -24.80 -29.06 5.53
N GLN C 355 -23.69 -28.34 5.56
CA GLN C 355 -22.77 -28.38 6.71
C GLN C 355 -23.50 -27.91 7.97
N LYS C 356 -24.11 -26.74 7.86
CA LYS C 356 -24.87 -26.17 9.00
C LYS C 356 -25.96 -27.15 9.45
N THR C 357 -26.84 -27.48 8.51
CA THR C 357 -28.01 -28.36 8.81
C THR C 357 -27.50 -29.67 9.43
N SER C 358 -26.32 -30.11 8.99
CA SER C 358 -25.72 -31.37 9.55
C SER C 358 -25.57 -31.20 11.05
N SER C 359 -25.08 -30.09 11.61
CA SER C 359 -24.70 -30.09 13.04
C SER C 359 -25.90 -30.39 13.95
N PHE C 360 -27.12 -30.33 13.42
CA PHE C 360 -28.33 -30.65 14.20
C PHE C 360 -29.10 -31.80 13.55
N GLY C 361 -28.44 -32.48 12.63
CA GLY C 361 -28.77 -33.86 12.18
C GLY C 361 -29.60 -33.97 10.92
N GLN C 362 -29.50 -33.01 10.03
CA GLN C 362 -30.14 -33.05 8.71
C GLN C 362 -29.05 -33.10 7.65
N SER C 363 -29.42 -33.52 6.45
CA SER C 363 -28.54 -33.77 5.28
C SER C 363 -27.72 -35.03 5.48
N THR C 364 -26.99 -35.04 6.58
CA THR C 364 -26.18 -36.19 7.01
C THR C 364 -27.06 -37.41 7.30
N THR C 365 -26.67 -38.57 6.79
CA THR C 365 -27.39 -39.82 7.03
C THR C 365 -26.53 -40.76 7.85
N VAL C 366 -27.17 -41.49 8.74
CA VAL C 366 -26.51 -42.46 9.64
C VAL C 366 -27.29 -43.75 9.73
N THR C 367 -26.56 -44.83 10.00
CA THR C 367 -27.13 -46.06 10.57
C THR C 367 -27.35 -45.86 12.06
N PRO C 368 -28.44 -46.40 12.63
CA PRO C 368 -28.64 -46.40 14.06
C PRO C 368 -27.40 -46.88 14.83
N VAL C 369 -26.69 -47.81 14.20
CA VAL C 369 -25.50 -48.46 14.78
C VAL C 369 -24.36 -47.44 14.90
N GLN C 370 -24.05 -46.71 13.83
CA GLN C 370 -23.06 -45.60 13.84
C GLN C 370 -23.29 -44.77 15.09
N MET C 371 -24.57 -44.60 15.40
CA MET C 371 -24.98 -43.69 16.53
C MET C 371 -24.66 -44.38 17.86
N LEU C 372 -24.96 -45.66 18.01
CA LEU C 372 -24.57 -46.40 19.23
C LEU C 372 -23.06 -46.30 19.41
N GLN C 373 -22.35 -46.47 18.31
CA GLN C 373 -20.88 -46.51 18.32
C GLN C 373 -20.43 -45.18 18.90
N ALA C 374 -20.81 -44.10 18.25
CA ALA C 374 -20.57 -42.72 18.73
C ALA C 374 -20.82 -42.63 20.22
N GLN C 375 -22.09 -42.75 20.61
CA GLN C 375 -22.56 -42.47 21.98
C GLN C 375 -21.74 -43.22 23.02
N SER C 376 -21.28 -44.41 22.69
CA SER C 376 -20.53 -45.23 23.66
C SER C 376 -19.32 -44.51 24.24
N ALA C 377 -18.67 -43.71 23.40
CA ALA C 377 -17.55 -42.84 23.77
C ALA C 377 -17.72 -42.16 25.14
N PHE C 378 -18.92 -41.71 25.44
CA PHE C 378 -19.17 -40.78 26.55
C PHE C 378 -19.05 -41.48 27.90
N PHE C 379 -19.22 -42.79 27.88
CA PHE C 379 -19.31 -43.65 29.09
C PHE C 379 -18.13 -44.59 29.28
N ASN C 380 -17.23 -44.54 28.30
CA ASN C 380 -15.98 -45.34 28.20
C ASN C 380 -14.82 -44.42 27.78
N ASP C 381 -14.76 -43.22 28.38
CA ASP C 381 -13.50 -42.41 28.55
C ASP C 381 -12.94 -42.03 27.18
N GLY C 382 -13.89 -41.80 26.29
CA GLY C 382 -13.74 -41.31 24.91
C GLY C 382 -13.54 -42.40 23.88
N ASN C 383 -13.54 -43.67 24.28
CA ASN C 383 -13.38 -44.80 23.35
C ASN C 383 -14.74 -45.25 22.79
N MET C 384 -14.91 -45.17 21.48
CA MET C 384 -16.08 -45.80 20.83
C MET C 384 -15.88 -47.30 20.74
N LEU C 385 -16.95 -47.99 21.10
CA LEU C 385 -17.00 -49.46 21.09
C LEU C 385 -17.68 -49.92 19.81
N LYS C 386 -17.05 -50.92 19.18
CA LYS C 386 -17.59 -51.56 17.97
C LYS C 386 -18.79 -52.36 18.43
N PRO C 387 -19.99 -52.01 17.91
CA PRO C 387 -21.18 -52.79 18.26
C PRO C 387 -21.28 -54.09 17.48
N TRP C 388 -21.51 -55.17 18.23
CA TRP C 388 -21.54 -56.56 17.72
C TRP C 388 -22.64 -57.31 18.42
N PHE C 389 -23.17 -58.29 17.70
CA PHE C 389 -24.36 -59.07 18.11
C PHE C 389 -24.13 -60.57 18.04
N VAL C 390 -23.02 -60.98 17.46
CA VAL C 390 -22.66 -62.40 17.29
C VAL C 390 -21.65 -62.73 18.36
N ASN C 391 -22.03 -63.62 19.28
CA ASN C 391 -21.18 -64.03 20.40
C ASN C 391 -20.22 -65.12 19.93
N SER C 392 -20.71 -66.14 19.20
CA SER C 392 -19.88 -67.24 18.65
C SER C 392 -20.65 -68.12 17.65
N VAL C 393 -19.90 -68.69 16.70
CA VAL C 393 -20.32 -69.71 15.70
C VAL C 393 -19.43 -70.89 16.01
N GLU C 394 -20.03 -71.94 16.54
CA GLU C 394 -19.26 -73.16 16.87
C GLU C 394 -20.05 -74.45 16.64
N ASN C 395 -19.43 -75.44 16.03
CA ASN C 395 -20.02 -76.78 15.92
C ASN C 395 -20.11 -77.40 17.30
N PRO C 396 -21.31 -77.82 17.74
CA PRO C 396 -21.48 -78.29 19.12
C PRO C 396 -20.94 -79.70 19.38
N VAL C 397 -20.67 -80.43 18.31
CA VAL C 397 -19.97 -81.74 18.38
C VAL C 397 -18.51 -81.49 18.78
N SER C 398 -17.77 -80.79 17.93
CA SER C 398 -16.32 -80.59 18.10
C SER C 398 -16.00 -79.51 19.15
N LYS C 399 -16.94 -78.62 19.39
CA LYS C 399 -16.82 -77.41 20.24
C LYS C 399 -15.95 -76.36 19.58
N ARG C 400 -15.67 -76.52 18.30
CA ARG C 400 -14.66 -75.66 17.64
C ARG C 400 -15.25 -74.30 17.34
N GLN C 401 -14.64 -73.21 17.81
CA GLN C 401 -15.19 -71.86 17.59
C GLN C 401 -14.65 -71.27 16.31
N PHE C 402 -15.51 -71.23 15.30
CA PHE C 402 -15.16 -70.62 13.99
C PHE C 402 -15.12 -69.09 14.06
N TYR C 403 -15.97 -68.50 14.90
CA TYR C 403 -15.82 -67.07 15.27
C TYR C 403 -16.24 -66.90 16.72
N LYS C 404 -15.54 -65.99 17.37
CA LYS C 404 -15.90 -65.58 18.75
C LYS C 404 -15.82 -64.06 18.80
N GLY C 405 -16.96 -63.45 19.11
CA GLY C 405 -17.03 -61.99 19.19
C GLY C 405 -16.45 -61.48 20.47
N GLN C 406 -15.93 -60.24 20.41
CA GLN C 406 -15.39 -59.57 21.61
C GLN C 406 -15.50 -58.06 21.43
N LYS C 407 -15.39 -57.39 22.56
CA LYS C 407 -15.43 -55.92 22.59
C LYS C 407 -14.13 -55.36 22.00
N GLN C 408 -14.30 -54.46 21.03
CA GLN C 408 -13.22 -53.82 20.27
C GLN C 408 -13.46 -52.33 20.36
N ILE C 409 -12.38 -51.61 20.23
CA ILE C 409 -12.35 -50.13 20.29
C ILE C 409 -12.16 -49.64 18.86
N ALA C 410 -13.24 -49.06 18.31
CA ALA C 410 -13.31 -48.57 16.91
C ALA C 410 -12.75 -47.16 16.82
N GLY C 411 -12.39 -46.56 17.95
CA GLY C 411 -11.59 -45.34 17.92
C GLY C 411 -11.77 -44.56 19.18
N LYS C 412 -10.80 -43.74 19.54
CA LYS C 412 -10.92 -42.76 20.63
C LYS C 412 -10.85 -41.37 20.03
N PRO C 413 -11.99 -40.79 19.59
CA PRO C 413 -11.98 -39.46 19.01
C PRO C 413 -11.84 -38.31 20.02
N ILE C 414 -12.12 -38.59 21.28
CA ILE C 414 -12.30 -37.56 22.33
C ILE C 414 -11.60 -38.01 23.59
N THR C 415 -11.45 -37.05 24.50
CA THR C 415 -10.66 -37.21 25.73
C THR C 415 -11.57 -37.69 26.85
N LYS C 416 -10.99 -38.03 27.98
CA LYS C 416 -11.79 -38.41 29.18
C LYS C 416 -12.54 -37.17 29.67
N ASP C 417 -11.80 -36.06 29.78
CA ASP C 417 -12.36 -34.76 30.27
C ASP C 417 -13.56 -34.36 29.43
N THR C 418 -13.40 -34.32 28.12
CA THR C 418 -14.49 -34.00 27.20
C THR C 418 -15.72 -34.87 27.46
N ALA C 419 -15.53 -36.18 27.57
CA ALA C 419 -16.65 -37.12 27.77
C ALA C 419 -17.44 -36.79 29.05
N GLU C 420 -16.76 -36.47 30.14
CA GLU C 420 -17.44 -36.16 31.41
C GLU C 420 -18.28 -34.91 31.25
N LYS C 421 -17.78 -33.95 30.51
CA LYS C 421 -18.48 -32.67 30.28
C LYS C 421 -19.68 -32.88 29.39
N VAL C 422 -19.56 -33.75 28.40
CA VAL C 422 -20.71 -34.11 27.53
C VAL C 422 -21.76 -34.78 28.39
N GLU C 423 -21.36 -35.72 29.24
CA GLU C 423 -22.33 -36.45 30.09
C GLU C 423 -23.10 -35.46 30.97
N LYS C 424 -22.42 -34.46 31.50
CA LYS C 424 -23.06 -33.46 32.38
C LYS C 424 -24.21 -32.77 31.64
N GLN C 425 -24.03 -32.46 30.36
CA GLN C 425 -25.07 -31.80 29.55
C GLN C 425 -26.21 -32.78 29.25
N LEU C 426 -25.89 -34.03 28.95
CA LEU C 426 -26.92 -35.07 28.68
C LEU C 426 -27.80 -35.27 29.91
N ASP C 427 -27.18 -35.21 31.08
CA ASP C 427 -27.91 -35.30 32.38
C ASP C 427 -28.90 -34.15 32.42
N LEU C 428 -28.41 -32.94 32.17
CA LEU C 428 -29.26 -31.72 32.16
C LEU C 428 -30.44 -31.87 31.18
N VAL C 429 -30.14 -32.23 29.94
CA VAL C 429 -31.20 -32.29 28.89
C VAL C 429 -32.48 -32.88 29.47
N VAL C 430 -32.34 -33.88 30.31
CA VAL C 430 -33.50 -34.59 30.92
C VAL C 430 -33.84 -34.01 32.30
N ASN C 431 -32.83 -33.88 33.13
CA ASN C 431 -33.04 -33.52 34.57
C ASN C 431 -32.71 -32.06 34.88
N SER C 432 -32.97 -31.14 33.97
CA SER C 432 -32.84 -29.70 34.24
C SER C 432 -34.20 -29.17 34.71
N LYS C 433 -34.16 -28.06 35.44
CA LYS C 433 -35.43 -27.46 35.94
C LYS C 433 -36.30 -27.06 34.73
N LYS C 434 -35.65 -26.55 33.70
CA LYS C 434 -36.34 -26.11 32.47
C LYS C 434 -36.09 -27.13 31.36
N SER C 435 -36.32 -28.40 31.63
CA SER C 435 -36.05 -29.49 30.63
C SER C 435 -37.20 -29.63 29.64
N HIS C 436 -36.89 -29.82 28.36
CA HIS C 436 -37.92 -30.10 27.35
C HIS C 436 -37.89 -31.61 27.06
N ALA C 437 -37.52 -32.39 28.08
CA ALA C 437 -37.46 -33.85 27.97
C ALA C 437 -37.81 -34.49 29.30
N ALA C 438 -38.72 -33.87 30.06
CA ALA C 438 -39.18 -34.44 31.33
C ALA C 438 -40.02 -35.69 31.10
N ASN C 439 -40.61 -35.79 29.92
CA ASN C 439 -41.46 -36.96 29.55
C ASN C 439 -40.64 -38.24 29.62
N TYR C 440 -39.31 -38.14 29.53
CA TYR C 440 -38.43 -39.32 29.46
C TYR C 440 -37.96 -39.77 30.84
N ARG C 441 -38.32 -39.03 31.88
CA ARG C 441 -37.92 -39.33 33.26
C ARG C 441 -38.63 -40.58 33.76
N ILE C 442 -37.88 -41.33 34.54
CA ILE C 442 -38.34 -42.56 35.22
C ILE C 442 -38.15 -42.46 36.73
N ASP C 443 -39.14 -43.02 37.42
CA ASP C 443 -39.20 -43.17 38.88
C ASP C 443 -38.19 -44.18 39.36
N GLY C 444 -37.40 -43.76 40.34
CA GLY C 444 -36.42 -44.60 41.07
C GLY C 444 -35.04 -44.58 40.43
N TYR C 445 -34.99 -44.23 39.14
CA TYR C 445 -33.79 -44.37 38.28
C TYR C 445 -33.44 -43.02 37.61
N GLU C 446 -32.13 -42.76 37.55
CA GLU C 446 -31.51 -41.53 37.01
C GLU C 446 -31.22 -41.75 35.53
N VAL C 447 -31.86 -40.95 34.67
CA VAL C 447 -31.85 -41.13 33.20
C VAL C 447 -31.10 -39.95 32.60
N GLU C 448 -30.59 -40.13 31.40
CA GLU C 448 -29.99 -39.00 30.67
C GLU C 448 -30.00 -39.38 29.20
N GLY C 449 -29.86 -38.38 28.34
CA GLY C 449 -29.91 -38.64 26.89
C GLY C 449 -30.29 -37.43 26.11
N LYS C 450 -30.71 -37.63 24.87
CA LYS C 450 -30.92 -36.50 23.95
C LYS C 450 -32.19 -36.68 23.15
N THR C 451 -33.07 -35.67 23.12
CA THR C 451 -34.25 -35.65 22.25
C THR C 451 -33.79 -35.61 20.78
N GLY C 452 -34.59 -36.12 19.86
CA GLY C 452 -34.09 -36.29 18.49
C GLY C 452 -35.18 -36.08 17.47
N THR C 453 -35.71 -34.88 17.33
CA THR C 453 -36.78 -34.56 16.34
C THR C 453 -36.16 -34.15 15.02
N ALA C 454 -36.50 -34.87 13.95
CA ALA C 454 -35.95 -34.57 12.59
C ALA C 454 -37.01 -34.56 11.50
N GLN C 455 -36.74 -33.83 10.42
CA GLN C 455 -37.55 -33.95 9.20
C GLN C 455 -37.02 -35.11 8.38
N VAL C 456 -37.92 -35.82 7.74
CA VAL C 456 -37.63 -37.01 6.94
C VAL C 456 -37.70 -36.62 5.47
N ALA C 457 -36.80 -37.21 4.70
CA ALA C 457 -36.70 -37.03 3.24
C ALA C 457 -37.80 -37.77 2.47
N ALA C 458 -38.22 -37.20 1.35
CA ALA C 458 -39.21 -37.83 0.44
C ALA C 458 -38.56 -39.07 -0.17
N PRO C 459 -39.18 -40.26 -0.07
CA PRO C 459 -38.55 -41.52 -0.52
C PRO C 459 -37.81 -41.39 -1.86
N ASN C 460 -38.56 -41.08 -2.89
CA ASN C 460 -38.01 -40.75 -4.22
C ASN C 460 -38.45 -39.31 -4.54
N GLY C 461 -37.49 -38.39 -4.54
CA GLY C 461 -37.61 -37.02 -5.08
C GLY C 461 -38.78 -36.21 -4.59
N GLY C 462 -38.61 -35.39 -3.54
CA GLY C 462 -39.69 -34.53 -3.02
C GLY C 462 -39.23 -33.34 -2.19
N GLY C 463 -37.93 -33.21 -1.88
CA GLY C 463 -37.39 -32.51 -0.68
C GLY C 463 -37.56 -33.29 0.62
N TYR C 464 -38.24 -32.68 1.57
CA TYR C 464 -38.69 -33.38 2.80
C TYR C 464 -40.18 -33.67 2.72
N VAL C 465 -40.59 -34.69 3.45
CA VAL C 465 -42.03 -35.03 3.62
C VAL C 465 -42.71 -33.93 4.45
N LYS C 466 -43.88 -33.55 3.97
CA LYS C 466 -44.73 -32.49 4.54
C LYS C 466 -45.95 -33.15 5.16
N GLY C 467 -46.70 -32.37 5.94
CA GLY C 467 -47.85 -32.86 6.71
C GLY C 467 -47.98 -32.13 8.02
N PRO C 468 -48.81 -32.62 8.96
CA PRO C 468 -48.99 -31.96 10.25
C PRO C 468 -47.72 -31.97 11.11
N ASN C 469 -47.24 -33.19 11.37
CA ASN C 469 -45.97 -33.44 12.09
C ASN C 469 -45.18 -34.53 11.38
N PRO C 470 -44.54 -34.20 10.24
CA PRO C 470 -43.77 -35.19 9.49
C PRO C 470 -42.37 -35.34 10.02
N TYR C 471 -42.27 -35.80 11.25
CA TYR C 471 -41.00 -35.91 11.99
C TYR C 471 -40.61 -37.34 12.37
N PHE C 472 -39.29 -37.55 12.38
CA PHE C 472 -38.68 -38.78 12.88
C PHE C 472 -38.17 -38.37 14.25
N VAL C 473 -38.83 -38.89 15.26
CA VAL C 473 -38.51 -38.60 16.69
C VAL C 473 -37.66 -39.72 17.23
N SER C 474 -36.71 -39.39 18.07
CA SER C 474 -35.78 -40.38 18.64
C SER C 474 -35.32 -39.96 20.04
N PHE C 475 -34.76 -40.92 20.75
CA PHE C 475 -34.09 -40.64 22.04
C PHE C 475 -32.92 -41.58 22.23
N MET C 476 -31.74 -41.01 22.50
CA MET C 476 -30.51 -41.79 22.74
C MET C 476 -30.18 -41.75 24.22
N GLY C 477 -30.80 -42.64 24.97
CA GLY C 477 -30.73 -42.60 26.44
C GLY C 477 -29.78 -43.61 27.05
N ASP C 478 -29.43 -43.36 28.29
CA ASP C 478 -28.50 -44.24 29.00
C ASP C 478 -28.80 -44.10 30.48
N ALA C 479 -28.46 -45.14 31.24
CA ALA C 479 -28.81 -45.22 32.66
C ALA C 479 -28.16 -46.47 33.26
N PRO C 480 -27.84 -46.47 34.58
CA PRO C 480 -27.96 -45.30 35.47
C PRO C 480 -27.02 -44.18 35.02
N LYS C 481 -27.44 -42.95 35.30
CA LYS C 481 -26.67 -41.74 34.92
C LYS C 481 -25.22 -41.82 35.37
N LYS C 482 -24.33 -41.25 34.53
CA LYS C 482 -22.86 -41.21 34.75
C LYS C 482 -22.19 -42.57 34.46
N ASN C 483 -22.54 -43.59 35.26
CA ASN C 483 -22.01 -44.97 35.10
C ASN C 483 -23.08 -45.95 34.66
N PRO C 484 -23.51 -45.83 33.39
CA PRO C 484 -24.58 -46.65 32.86
C PRO C 484 -24.32 -48.14 32.65
N LYS C 485 -25.41 -48.86 32.59
CA LYS C 485 -25.42 -50.30 32.32
C LYS C 485 -25.73 -50.48 30.85
N VAL C 486 -26.66 -49.67 30.35
CA VAL C 486 -27.16 -49.81 28.96
C VAL C 486 -27.38 -48.46 28.31
N ILE C 487 -27.36 -48.52 27.00
CA ILE C 487 -27.79 -47.45 26.10
C ILE C 487 -29.05 -47.98 25.44
N VAL C 488 -30.11 -47.20 25.44
CA VAL C 488 -31.35 -47.53 24.69
C VAL C 488 -31.54 -46.45 23.66
N TYR C 489 -31.62 -46.84 22.40
CA TYR C 489 -31.90 -45.93 21.26
C TYR C 489 -33.22 -46.34 20.62
N ALA C 490 -34.24 -45.49 20.73
CA ALA C 490 -35.52 -45.71 20.04
C ALA C 490 -35.66 -44.64 18.98
N GLY C 491 -36.26 -44.98 17.85
CA GLY C 491 -36.59 -44.02 16.80
C GLY C 491 -37.89 -44.36 16.14
N MET C 492 -38.67 -43.34 15.79
CA MET C 492 -40.01 -43.46 15.15
C MET C 492 -40.05 -42.47 14.00
N SER C 493 -40.51 -42.95 12.87
CA SER C 493 -40.62 -42.14 11.65
C SER C 493 -42.06 -42.06 11.15
N LEU C 494 -42.56 -40.82 11.10
CA LEU C 494 -43.89 -40.51 10.53
C LEU C 494 -45.04 -41.27 11.18
N ALA C 495 -45.38 -40.88 12.40
CA ALA C 495 -46.59 -41.36 13.08
C ALA C 495 -47.79 -40.99 12.21
N GLN C 496 -48.66 -41.96 11.97
CA GLN C 496 -49.86 -41.76 11.09
C GLN C 496 -51.10 -41.47 11.92
N LYS C 497 -50.97 -41.64 13.21
CA LYS C 497 -52.07 -41.44 14.17
C LYS C 497 -51.46 -40.71 15.35
N ASN C 498 -52.25 -39.83 15.98
CA ASN C 498 -51.79 -38.98 17.13
C ASN C 498 -50.44 -38.33 16.81
N ASP C 499 -50.29 -37.85 15.59
CA ASP C 499 -49.01 -37.25 15.17
C ASP C 499 -48.60 -36.11 16.09
N GLN C 500 -49.60 -35.42 16.63
CA GLN C 500 -49.34 -34.33 17.60
C GLN C 500 -48.68 -34.84 18.87
N GLU C 501 -49.28 -35.83 19.51
CA GLU C 501 -48.67 -36.39 20.74
C GLU C 501 -47.27 -36.89 20.43
N ALA C 502 -47.10 -37.47 19.26
CA ALA C 502 -45.80 -37.98 18.80
C ALA C 502 -44.81 -36.85 18.90
N TYR C 503 -45.08 -35.70 18.31
CA TYR C 503 -44.09 -34.59 18.32
C TYR C 503 -43.86 -34.16 19.75
N GLU C 504 -44.91 -34.19 20.55
CA GLU C 504 -44.84 -33.66 21.94
C GLU C 504 -44.05 -34.60 22.86
N LEU C 505 -44.42 -35.86 22.83
CA LEU C 505 -43.84 -36.86 23.78
C LEU C 505 -42.57 -37.52 23.20
N GLY C 506 -42.60 -37.71 21.88
CA GLY C 506 -41.70 -38.61 21.13
C GLY C 506 -41.86 -40.06 21.54
N VAL C 507 -40.73 -40.72 21.59
CA VAL C 507 -40.66 -42.19 21.83
C VAL C 507 -40.59 -42.42 23.33
N SER C 508 -40.88 -41.39 24.13
CA SER C 508 -40.84 -41.50 25.62
C SER C 508 -41.68 -42.68 26.12
N LYS C 509 -42.83 -42.87 25.48
CA LYS C 509 -43.81 -43.91 25.85
C LYS C 509 -43.26 -45.33 25.67
N ALA C 510 -42.18 -45.48 24.90
CA ALA C 510 -41.54 -46.78 24.65
C ALA C 510 -40.25 -46.88 25.46
N PHE C 511 -39.44 -45.82 25.43
CA PHE C 511 -38.16 -45.79 26.18
C PHE C 511 -38.39 -46.10 27.66
N LYS C 512 -39.33 -45.37 28.28
CA LYS C 512 -39.57 -45.53 29.73
C LYS C 512 -39.78 -46.98 30.15
N PRO C 513 -40.80 -47.67 29.63
CA PRO C 513 -40.99 -49.08 29.98
C PRO C 513 -39.80 -49.99 29.70
N ILE C 514 -39.21 -49.87 28.53
CA ILE C 514 -38.03 -50.70 28.17
C ILE C 514 -36.92 -50.48 29.20
N MET C 515 -36.56 -49.22 29.45
CA MET C 515 -35.46 -48.95 30.40
C MET C 515 -35.81 -49.42 31.81
N GLU C 516 -36.97 -49.07 32.30
CA GLU C 516 -37.41 -49.49 33.65
C GLU C 516 -37.33 -50.99 33.82
N ASN C 517 -37.98 -51.72 32.94
CA ASN C 517 -37.98 -53.20 32.94
C ASN C 517 -36.59 -53.81 32.88
N THR C 518 -35.74 -53.25 32.06
CA THR C 518 -34.36 -53.74 31.85
C THR C 518 -33.54 -53.56 33.14
N LEU C 519 -33.60 -52.35 33.69
CA LEU C 519 -32.82 -52.02 34.92
C LEU C 519 -33.25 -52.94 36.08
N LYS C 520 -34.55 -53.16 36.16
CA LYS C 520 -35.24 -54.02 37.16
C LYS C 520 -34.72 -55.46 37.03
N TYR C 521 -34.68 -55.98 35.80
CA TYR C 521 -34.22 -57.36 35.44
C TYR C 521 -32.74 -57.51 35.73
N LEU C 522 -31.97 -56.45 35.50
CA LEU C 522 -30.50 -56.44 35.75
C LEU C 522 -30.21 -56.14 37.22
N ASN C 523 -31.23 -56.07 38.06
CA ASN C 523 -31.10 -55.81 39.51
C ASN C 523 -30.25 -54.55 39.77
N VAL C 524 -30.67 -53.46 39.16
CA VAL C 524 -30.00 -52.15 39.36
C VAL C 524 -30.80 -51.45 40.47
N GLY C 525 -30.07 -50.98 41.48
CA GLY C 525 -30.64 -50.28 42.66
C GLY C 525 -31.52 -49.05 42.37
N LYS C 526 -32.37 -48.74 43.34
CA LYS C 526 -33.33 -47.59 43.30
C LYS C 526 -32.87 -46.50 44.28
N MET D 1 -47.23 -6.11 -10.04
CA MET D 1 -48.53 -5.86 -10.70
C MET D 1 -48.76 -4.36 -10.88
N ARG D 2 -49.41 -4.00 -11.97
CA ARG D 2 -50.11 -2.69 -12.09
C ARG D 2 -51.39 -2.79 -11.25
N GLY D 3 -51.67 -1.78 -10.46
CA GLY D 3 -52.80 -1.76 -9.55
C GLY D 3 -54.11 -1.90 -10.28
N LYS D 4 -55.14 -2.11 -9.51
CA LYS D 4 -56.49 -2.30 -10.07
C LYS D 4 -57.26 -0.99 -10.10
N ILE D 5 -58.20 -0.92 -11.03
CA ILE D 5 -59.15 0.24 -11.01
C ILE D 5 -60.49 -0.33 -10.69
N TYR D 6 -61.06 0.13 -9.57
CA TYR D 6 -62.37 -0.31 -9.03
C TYR D 6 -63.43 0.79 -9.19
N ASP D 7 -64.69 0.36 -9.09
CA ASP D 7 -65.82 1.30 -8.97
C ASP D 7 -66.04 1.58 -7.49
N ARG D 8 -67.14 2.24 -7.15
CA ARG D 8 -67.47 2.60 -5.74
C ARG D 8 -67.84 1.33 -4.94
N ASN D 9 -68.42 0.35 -5.62
CA ASN D 9 -68.85 -0.92 -5.00
C ASN D 9 -67.72 -1.94 -4.91
N GLY D 10 -66.56 -1.64 -5.45
CA GLY D 10 -65.38 -2.52 -5.39
C GLY D 10 -65.29 -3.46 -6.57
N LYS D 11 -66.13 -3.27 -7.58
CA LYS D 11 -66.12 -4.15 -8.77
C LYS D 11 -65.00 -3.68 -9.68
N VAL D 12 -64.27 -4.65 -10.22
CA VAL D 12 -63.06 -4.37 -11.02
C VAL D 12 -63.46 -3.82 -12.38
N LEU D 13 -62.82 -2.72 -12.76
CA LEU D 13 -63.00 -2.08 -14.10
C LEU D 13 -61.82 -2.36 -15.02
N ALA D 14 -60.66 -2.60 -14.43
CA ALA D 14 -59.36 -2.87 -15.07
C ALA D 14 -58.44 -3.61 -14.11
N GLU D 15 -57.71 -4.57 -14.65
CA GLU D 15 -56.75 -5.39 -13.87
C GLU D 15 -55.76 -6.07 -14.81
N ASP D 16 -54.65 -6.55 -14.28
CA ASP D 16 -53.71 -7.38 -15.04
C ASP D 16 -54.22 -8.82 -15.06
N VAL D 17 -54.05 -9.49 -16.19
CA VAL D 17 -54.32 -10.95 -16.30
C VAL D 17 -53.16 -11.65 -17.00
N GLU D 18 -53.02 -12.96 -16.78
CA GLU D 18 -51.99 -13.78 -17.42
C GLU D 18 -52.61 -14.45 -18.64
N ARG D 19 -52.07 -14.15 -19.82
CA ARG D 19 -52.49 -14.73 -21.10
C ARG D 19 -51.26 -15.43 -21.64
N TYR D 20 -51.32 -15.94 -22.88
CA TYR D 20 -50.18 -16.71 -23.41
C TYR D 20 -49.90 -16.40 -24.86
N LYS D 21 -48.67 -16.71 -25.26
CA LYS D 21 -48.22 -16.41 -26.64
C LYS D 21 -47.74 -17.70 -27.31
N LEU D 22 -48.17 -17.94 -28.53
CA LEU D 22 -47.83 -19.17 -29.30
C LEU D 22 -46.45 -19.02 -29.93
N VAL D 23 -45.56 -19.98 -29.70
CA VAL D 23 -44.13 -19.89 -30.08
C VAL D 23 -43.75 -21.21 -30.71
N ALA D 24 -42.63 -21.28 -31.41
CA ALA D 24 -42.11 -22.58 -31.88
C ALA D 24 -40.68 -22.92 -31.40
N VAL D 25 -40.60 -23.37 -30.14
CA VAL D 25 -39.29 -23.64 -29.48
C VAL D 25 -38.47 -24.68 -30.28
N LYS D 48 -50.21 -28.95 -39.26
CA LYS D 48 -50.96 -30.20 -38.92
C LYS D 48 -52.30 -29.77 -38.28
N LYS D 49 -52.56 -30.19 -37.04
CA LYS D 49 -53.77 -29.82 -36.28
C LYS D 49 -53.70 -28.35 -35.86
N LEU D 50 -52.53 -27.70 -35.94
CA LEU D 50 -52.31 -26.29 -35.58
C LEU D 50 -53.18 -25.37 -36.46
N SER D 51 -53.62 -25.84 -37.63
CA SER D 51 -54.53 -25.11 -38.55
C SER D 51 -55.76 -24.57 -37.80
N THR D 52 -56.16 -25.23 -36.69
CA THR D 52 -57.42 -24.88 -35.98
C THR D 52 -57.11 -23.81 -34.93
N VAL D 53 -58.02 -23.58 -33.97
CA VAL D 53 -57.92 -22.58 -32.88
C VAL D 53 -57.73 -21.17 -33.45
N ILE D 54 -56.50 -20.76 -33.79
CA ILE D 54 -56.19 -19.37 -34.23
C ILE D 54 -56.92 -19.04 -35.54
N ASN D 55 -57.41 -17.81 -35.67
CA ASN D 55 -58.08 -17.33 -36.90
C ASN D 55 -57.11 -17.36 -38.08
N MET D 56 -55.81 -17.27 -37.81
CA MET D 56 -54.77 -17.44 -38.86
C MET D 56 -55.17 -18.68 -39.66
N LYS D 57 -55.36 -18.52 -40.97
CA LYS D 57 -55.66 -19.64 -41.90
C LYS D 57 -54.45 -20.57 -41.92
N PRO D 58 -54.62 -21.91 -42.08
CA PRO D 58 -53.50 -22.83 -42.25
C PRO D 58 -52.47 -22.38 -43.29
N GLU D 59 -52.91 -21.69 -44.35
CA GLU D 59 -51.99 -21.06 -45.37
C GLU D 59 -51.02 -20.08 -44.69
N GLU D 60 -51.57 -19.12 -43.96
CA GLU D 60 -50.79 -18.05 -43.29
C GLU D 60 -50.00 -18.64 -42.11
N ILE D 61 -50.51 -19.73 -41.50
CA ILE D 61 -49.76 -20.48 -40.44
C ILE D 61 -48.52 -21.09 -41.10
N GLU D 62 -48.68 -21.71 -42.29
CA GLU D 62 -47.56 -22.35 -43.01
C GLU D 62 -46.57 -21.27 -43.48
N LYS D 63 -47.08 -20.11 -43.90
CA LYS D 63 -46.22 -18.96 -44.26
C LYS D 63 -45.33 -18.61 -43.07
N ARG D 64 -45.92 -18.42 -41.88
CA ARG D 64 -45.18 -18.03 -40.67
C ARG D 64 -44.19 -19.14 -40.30
N LEU D 65 -44.65 -20.39 -40.34
CA LEU D 65 -43.77 -21.54 -40.01
C LEU D 65 -42.59 -21.59 -40.99
N SER D 66 -42.86 -21.46 -42.28
CA SER D 66 -41.83 -21.52 -43.35
C SER D 66 -41.24 -20.13 -43.66
N GLN D 67 -40.52 -19.58 -42.68
CA GLN D 67 -39.87 -18.24 -42.80
C GLN D 67 -38.39 -18.36 -42.41
N PHE D 71 -36.64 -18.52 -36.70
CA PHE D 71 -36.89 -19.44 -35.55
C PHE D 71 -38.12 -18.96 -34.77
N GLN D 72 -38.93 -19.91 -34.25
CA GLN D 72 -40.13 -19.61 -33.42
C GLN D 72 -41.19 -18.87 -34.22
N ILE D 73 -41.05 -17.54 -34.39
CA ILE D 73 -41.95 -16.69 -35.21
C ILE D 73 -43.36 -16.64 -34.60
N GLU D 74 -43.70 -15.54 -33.95
CA GLU D 74 -45.06 -15.40 -33.36
C GLU D 74 -46.07 -15.21 -34.47
N PHE D 75 -47.32 -15.59 -34.23
CA PHE D 75 -48.35 -15.54 -35.30
C PHE D 75 -49.14 -14.22 -35.22
N GLY D 76 -48.42 -13.09 -35.17
CA GLY D 76 -49.06 -11.77 -35.12
C GLY D 76 -49.95 -11.60 -33.89
N ARG D 77 -51.01 -10.79 -34.01
CA ARG D 77 -51.97 -10.57 -32.89
C ARG D 77 -52.55 -11.94 -32.50
N LYS D 78 -52.94 -12.75 -33.49
CA LYS D 78 -53.60 -14.06 -33.21
C LYS D 78 -52.69 -14.93 -32.35
N GLY D 79 -51.39 -14.72 -32.48
CA GLY D 79 -50.36 -15.46 -31.71
C GLY D 79 -50.06 -14.90 -30.32
N THR D 80 -51.04 -14.18 -29.78
CA THR D 80 -50.93 -13.48 -28.47
C THR D 80 -52.30 -13.47 -27.80
N ASN D 81 -52.36 -13.11 -26.52
CA ASN D 81 -53.64 -12.87 -25.81
C ASN D 81 -54.45 -14.16 -25.89
N LEU D 82 -53.74 -15.27 -25.72
CA LEU D 82 -54.40 -16.60 -25.66
C LEU D 82 -54.79 -16.95 -24.22
N THR D 83 -56.06 -17.33 -24.04
CA THR D 83 -56.61 -17.67 -22.73
C THR D 83 -56.09 -19.04 -22.31
N TYR D 84 -56.30 -19.35 -21.03
CA TYR D 84 -55.81 -20.60 -20.41
C TYR D 84 -56.54 -21.83 -20.98
N GLN D 85 -57.82 -21.70 -21.34
CA GLN D 85 -58.64 -22.82 -21.90
C GLN D 85 -58.27 -23.04 -23.38
N ASP D 86 -57.73 -22.02 -24.07
CA ASP D 86 -57.09 -22.14 -25.40
C ASP D 86 -55.81 -22.94 -25.25
N LYS D 87 -55.05 -22.64 -24.21
CA LYS D 87 -53.76 -23.34 -23.94
C LYS D 87 -54.06 -24.84 -23.77
N LEU D 88 -54.94 -25.16 -22.81
CA LEU D 88 -55.37 -26.54 -22.52
C LEU D 88 -55.80 -27.26 -23.82
N LYS D 89 -56.65 -26.65 -24.65
CA LYS D 89 -57.13 -27.26 -25.92
C LYS D 89 -55.94 -27.71 -26.78
N ILE D 90 -54.91 -26.86 -26.94
CA ILE D 90 -53.75 -27.16 -27.82
C ILE D 90 -52.89 -28.20 -27.13
N GLU D 91 -52.65 -28.03 -25.83
CA GLU D 91 -51.75 -28.94 -25.07
C GLU D 91 -52.18 -30.42 -25.28
N LYS D 92 -53.49 -30.67 -25.48
CA LYS D 92 -54.05 -32.03 -25.68
C LYS D 92 -53.70 -32.56 -27.08
N MET D 93 -53.35 -31.70 -28.04
CA MET D 93 -52.95 -32.11 -29.42
C MET D 93 -51.54 -32.71 -29.38
N ASN D 94 -50.71 -32.31 -28.40
CA ASN D 94 -49.35 -32.85 -28.14
C ASN D 94 -48.49 -32.82 -29.42
N LEU D 95 -48.62 -31.78 -30.24
CA LEU D 95 -47.91 -31.66 -31.55
C LEU D 95 -46.43 -31.38 -31.32
N PRO D 96 -45.55 -31.86 -32.23
CA PRO D 96 -44.11 -31.55 -32.14
C PRO D 96 -43.77 -30.09 -32.37
N GLY D 97 -43.15 -29.42 -31.36
CA GLY D 97 -42.70 -28.04 -31.52
C GLY D 97 -43.76 -26.99 -31.23
N ILE D 98 -44.47 -27.11 -30.12
CA ILE D 98 -45.49 -26.12 -29.70
C ILE D 98 -45.16 -25.59 -28.32
N SER D 99 -45.25 -24.29 -28.13
CA SER D 99 -44.92 -23.69 -26.81
C SER D 99 -45.72 -22.44 -26.54
N LEU D 100 -46.23 -22.27 -25.33
CA LEU D 100 -46.92 -21.03 -24.94
C LEU D 100 -46.16 -20.44 -23.77
N LEU D 101 -45.75 -19.19 -23.87
CA LEU D 101 -45.12 -18.49 -22.74
C LEU D 101 -46.15 -17.56 -22.14
N PRO D 102 -46.19 -17.51 -20.78
CA PRO D 102 -47.05 -16.58 -20.09
C PRO D 102 -46.66 -15.13 -20.34
N GLU D 103 -47.67 -14.29 -20.48
CA GLU D 103 -47.48 -12.83 -20.59
C GLU D 103 -48.66 -12.11 -19.95
N THR D 104 -48.37 -11.00 -19.28
CA THR D 104 -49.39 -10.17 -18.61
C THR D 104 -49.95 -9.14 -19.58
N GLU D 105 -51.27 -9.01 -19.56
CA GLU D 105 -52.04 -8.04 -20.37
C GLU D 105 -53.03 -7.33 -19.47
N ARG D 106 -53.41 -6.13 -19.87
CA ARG D 106 -54.41 -5.34 -19.15
C ARG D 106 -55.77 -5.79 -19.64
N PHE D 107 -56.64 -6.08 -18.69
CA PHE D 107 -57.99 -6.59 -18.99
C PHE D 107 -59.04 -5.63 -18.48
N TYR D 108 -59.98 -5.29 -19.33
CA TYR D 108 -61.14 -4.47 -18.97
C TYR D 108 -62.34 -5.39 -19.13
N PRO D 109 -62.82 -5.97 -18.01
CA PRO D 109 -63.97 -6.88 -18.01
C PRO D 109 -65.21 -6.50 -18.83
N ASN D 110 -65.52 -5.22 -18.87
CA ASN D 110 -66.73 -4.71 -19.55
C ASN D 110 -66.50 -4.35 -21.03
N GLY D 111 -65.24 -4.40 -21.46
CA GLY D 111 -64.82 -3.87 -22.78
C GLY D 111 -65.09 -2.39 -22.89
N ASN D 112 -65.88 -2.01 -23.89
CA ASN D 112 -66.38 -0.63 -24.07
C ASN D 112 -67.32 -0.30 -22.93
N PHE D 113 -66.82 0.50 -21.99
CA PHE D 113 -67.51 0.86 -20.74
C PHE D 113 -66.80 2.03 -20.11
N ALA D 114 -67.41 3.21 -20.08
CA ALA D 114 -66.74 4.45 -19.62
C ALA D 114 -65.36 4.61 -20.23
N SER D 115 -65.25 4.21 -21.49
CA SER D 115 -63.95 4.04 -22.18
C SER D 115 -63.11 5.29 -22.05
N HIS D 116 -63.77 6.43 -22.16
CA HIS D 116 -63.07 7.74 -22.23
C HIS D 116 -62.62 8.23 -20.86
N LEU D 117 -63.25 7.76 -19.80
CA LEU D 117 -62.86 8.05 -18.41
C LEU D 117 -61.78 7.08 -17.91
N ILE D 118 -62.13 5.81 -17.89
CA ILE D 118 -61.20 4.74 -17.42
C ILE D 118 -59.84 4.95 -18.11
N GLY D 119 -59.89 5.06 -19.44
CA GLY D 119 -58.70 5.18 -20.28
C GLY D 119 -58.17 3.83 -20.67
N ARG D 120 -56.94 3.83 -21.16
CA ARG D 120 -56.30 2.65 -21.78
C ARG D 120 -54.80 2.67 -21.53
N ALA D 121 -54.24 1.54 -21.17
CA ALA D 121 -52.78 1.38 -20.98
C ALA D 121 -52.23 0.49 -22.08
N GLN D 122 -51.15 0.97 -22.69
CA GLN D 122 -50.48 0.29 -23.82
C GLN D 122 -49.33 -0.52 -23.29
N LYS D 123 -49.00 -1.59 -24.01
CA LYS D 123 -47.89 -2.48 -23.64
C LYS D 123 -46.67 -2.24 -24.51
N ASN D 124 -45.51 -2.13 -23.85
CA ASN D 124 -44.22 -2.04 -24.56
C ASN D 124 -43.85 -3.47 -24.90
N PRO D 125 -43.80 -3.84 -26.21
CA PRO D 125 -43.46 -5.19 -26.66
C PRO D 125 -42.26 -5.79 -25.96
N ASP D 126 -41.14 -5.05 -25.98
CA ASP D 126 -39.83 -5.54 -25.49
C ASP D 126 -39.85 -5.89 -24.01
N THR D 127 -40.22 -4.91 -23.21
CA THR D 127 -40.14 -5.00 -21.73
C THR D 127 -41.41 -5.59 -21.09
N GLY D 128 -42.52 -5.60 -21.80
CA GLY D 128 -43.80 -6.04 -21.23
C GLY D 128 -44.44 -5.00 -20.33
N GLU D 129 -43.94 -3.77 -20.35
CA GLU D 129 -44.38 -2.72 -19.40
C GLU D 129 -45.63 -2.03 -19.93
N LEU D 130 -46.61 -1.90 -19.05
CA LEU D 130 -47.90 -1.25 -19.36
C LEU D 130 -47.80 0.24 -18.97
N LYS D 131 -48.31 1.14 -19.78
CA LYS D 131 -48.17 2.61 -19.55
C LYS D 131 -49.48 3.27 -19.97
N GLY D 132 -50.13 4.03 -19.07
CA GLY D 132 -51.41 4.67 -19.41
C GLY D 132 -51.26 5.71 -20.50
N ALA D 133 -52.18 5.66 -21.46
CA ALA D 133 -52.17 6.56 -22.62
C ALA D 133 -53.30 7.58 -22.58
N LEU D 134 -54.34 7.35 -21.78
CA LEU D 134 -55.51 8.25 -21.70
C LEU D 134 -56.28 7.96 -20.41
N GLY D 135 -57.05 8.97 -19.97
CA GLY D 135 -57.96 8.72 -18.83
C GLY D 135 -57.19 8.38 -17.57
N VAL D 136 -57.94 7.82 -16.63
CA VAL D 136 -57.41 7.31 -15.33
C VAL D 136 -56.01 6.74 -15.55
N GLU D 137 -55.92 5.78 -16.47
CA GLU D 137 -54.68 4.99 -16.63
C GLU D 137 -53.51 5.95 -16.77
N LYS D 138 -53.70 7.07 -17.49
CA LYS D 138 -52.57 8.01 -17.71
C LYS D 138 -52.31 8.88 -16.49
N ILE D 139 -53.35 9.52 -15.99
CA ILE D 139 -53.27 10.42 -14.82
C ILE D 139 -52.53 9.75 -13.66
N PHE D 140 -52.96 8.54 -13.34
CA PHE D 140 -52.48 7.78 -12.15
C PHE D 140 -51.42 6.75 -12.48
N ASP D 141 -50.83 6.85 -13.66
CA ASP D 141 -49.87 5.84 -14.15
C ASP D 141 -48.87 5.51 -13.06
N SER D 142 -48.10 6.49 -12.63
CA SER D 142 -47.02 6.29 -11.65
C SER D 142 -47.49 5.51 -10.42
N TYR D 143 -48.70 5.75 -9.95
CA TYR D 143 -49.22 5.14 -8.70
C TYR D 143 -49.66 3.71 -9.01
N LEU D 144 -50.46 3.59 -10.06
CA LEU D 144 -50.84 2.26 -10.61
C LEU D 144 -49.61 1.35 -10.80
N SER D 145 -48.61 1.86 -11.50
CA SER D 145 -47.36 1.14 -11.85
C SER D 145 -46.64 0.73 -10.57
N GLY D 146 -46.60 -0.58 -10.29
CA GLY D 146 -45.89 -1.15 -9.13
C GLY D 146 -44.38 -0.98 -9.29
N SER D 147 -43.91 -0.79 -10.53
CA SER D 147 -42.48 -0.52 -10.84
C SER D 147 -42.11 0.88 -10.31
N LYS D 148 -42.54 1.93 -11.00
CA LYS D 148 -42.37 3.36 -10.59
C LYS D 148 -42.96 3.60 -9.19
N GLY D 149 -42.33 3.02 -8.17
CA GLY D 149 -42.75 3.08 -6.75
C GLY D 149 -42.94 4.49 -6.21
N SER D 150 -44.20 4.91 -6.09
CA SER D 150 -44.64 6.27 -5.67
C SER D 150 -44.35 6.50 -4.19
N LEU D 151 -43.53 7.51 -3.88
CA LEU D 151 -43.14 7.84 -2.48
C LEU D 151 -43.82 9.15 -2.04
N ARG D 152 -44.66 9.76 -2.86
CA ARG D 152 -45.25 11.08 -2.62
C ARG D 152 -46.67 10.93 -2.10
N TYR D 153 -47.36 12.07 -1.95
CA TYR D 153 -48.78 12.18 -1.50
C TYR D 153 -49.52 13.10 -2.46
N ILE D 154 -50.64 12.64 -3.05
CA ILE D 154 -51.27 13.30 -4.24
C ILE D 154 -51.57 14.79 -4.01
N HIS D 155 -52.29 15.15 -2.95
CA HIS D 155 -52.85 16.52 -2.79
C HIS D 155 -53.70 16.83 -4.05
N ASP D 156 -53.12 17.42 -5.11
CA ASP D 156 -53.82 17.82 -6.35
C ASP D 156 -53.20 17.10 -7.55
N ILE D 157 -53.79 17.26 -8.74
CA ILE D 157 -53.34 16.56 -9.97
C ILE D 157 -52.35 17.43 -10.73
N TRP D 158 -51.45 18.14 -10.05
CA TRP D 158 -50.50 19.06 -10.75
C TRP D 158 -49.49 18.24 -11.54
N GLY D 159 -49.47 18.40 -12.89
CA GLY D 159 -48.58 17.63 -13.79
C GLY D 159 -48.73 16.14 -13.53
N TYR D 160 -49.95 15.62 -13.65
CA TYR D 160 -50.34 14.27 -13.15
C TYR D 160 -49.99 14.26 -11.67
N ILE D 161 -49.15 13.34 -11.20
CA ILE D 161 -48.62 13.38 -9.80
C ILE D 161 -47.29 12.67 -9.80
N ALA D 162 -46.41 12.96 -10.77
CA ALA D 162 -45.10 12.27 -10.92
C ALA D 162 -44.31 12.31 -9.61
N PRO D 163 -44.08 11.15 -8.93
CA PRO D 163 -43.52 11.12 -7.59
C PRO D 163 -42.04 10.69 -7.56
N ASN D 164 -41.54 10.27 -6.40
CA ASN D 164 -40.21 9.59 -6.31
C ASN D 164 -40.35 8.21 -6.94
N THR D 165 -40.43 8.15 -8.27
CA THR D 165 -40.34 6.91 -9.09
C THR D 165 -39.30 5.97 -8.47
N LYS D 166 -39.73 5.06 -7.58
CA LYS D 166 -38.86 4.11 -6.81
C LYS D 166 -39.35 2.68 -7.04
N LYS D 172 -42.45 -4.65 -6.65
CA LYS D 172 -43.58 -5.16 -5.84
C LYS D 172 -44.91 -4.85 -6.54
N ARG D 173 -45.96 -4.61 -5.76
CA ARG D 173 -47.33 -4.40 -6.30
C ARG D 173 -47.63 -2.91 -6.41
N GLY D 174 -48.63 -2.55 -7.21
CA GLY D 174 -48.98 -1.16 -7.44
C GLY D 174 -50.16 -0.67 -6.62
N ASP D 175 -50.60 0.57 -6.88
CA ASP D 175 -51.68 1.17 -6.06
C ASP D 175 -53.01 1.05 -6.79
N ASP D 176 -54.09 0.86 -6.03
CA ASP D 176 -55.46 0.68 -6.56
C ASP D 176 -56.20 2.01 -6.58
N VAL D 177 -56.93 2.24 -7.66
CA VAL D 177 -57.69 3.50 -7.87
C VAL D 177 -59.18 3.22 -7.84
N HIS D 178 -59.86 3.84 -6.87
CA HIS D 178 -61.30 3.66 -6.62
C HIS D 178 -62.04 4.84 -7.21
N LEU D 179 -62.99 4.57 -8.10
CA LEU D 179 -63.77 5.66 -8.71
C LEU D 179 -65.13 5.81 -8.02
N THR D 180 -65.87 6.84 -8.40
CA THR D 180 -67.21 7.08 -7.82
C THR D 180 -68.28 6.41 -8.67
N ILE D 181 -67.88 5.89 -9.82
CA ILE D 181 -68.78 5.28 -10.83
C ILE D 181 -69.52 4.10 -10.21
N ASP D 182 -70.76 3.94 -10.58
CA ASP D 182 -71.56 2.75 -10.22
C ASP D 182 -71.77 2.02 -11.51
N SER D 183 -71.20 0.82 -11.61
CA SER D 183 -71.33 -0.08 -12.78
C SER D 183 -72.80 -0.27 -13.18
N ASN D 184 -73.68 -0.36 -12.20
CA ASN D 184 -75.12 -0.57 -12.49
C ASN D 184 -75.72 0.59 -13.26
N ILE D 185 -75.38 1.81 -12.89
CA ILE D 185 -75.88 3.02 -13.57
C ILE D 185 -75.16 3.17 -14.91
N GLN D 186 -73.86 2.83 -14.95
CA GLN D 186 -73.06 2.92 -16.19
C GLN D 186 -73.72 2.08 -17.28
N VAL D 187 -74.21 0.90 -16.92
CA VAL D 187 -74.96 0.03 -17.87
C VAL D 187 -76.08 0.83 -18.51
N PHE D 188 -76.91 1.50 -17.72
CA PHE D 188 -78.07 2.21 -18.25
C PHE D 188 -77.59 3.24 -19.26
N VAL D 189 -76.52 3.94 -18.91
CA VAL D 189 -75.97 4.98 -19.81
C VAL D 189 -75.53 4.30 -21.10
N GLU D 190 -74.66 3.29 -21.03
CA GLU D 190 -74.07 2.72 -22.28
C GLU D 190 -75.20 2.24 -23.18
N GLU D 191 -76.18 1.56 -22.58
CA GLU D 191 -77.32 1.02 -23.37
C GLU D 191 -78.09 2.14 -24.07
N ALA D 192 -78.43 3.18 -23.34
CA ALA D 192 -79.25 4.29 -23.88
C ALA D 192 -78.46 5.04 -24.96
N LEU D 193 -77.15 5.25 -24.79
CA LEU D 193 -76.33 5.94 -25.82
C LEU D 193 -76.22 5.11 -27.09
N ASP D 194 -76.04 3.81 -26.94
CA ASP D 194 -76.08 2.88 -28.09
C ASP D 194 -77.34 3.10 -28.94
N GLY D 195 -78.44 3.29 -28.24
CA GLY D 195 -79.76 3.55 -28.82
C GLY D 195 -79.77 4.80 -29.67
N MET D 196 -79.20 5.86 -29.10
CA MET D 196 -79.18 7.21 -29.74
C MET D 196 -78.30 7.18 -30.99
N VAL D 197 -77.20 6.45 -30.91
CA VAL D 197 -76.28 6.35 -32.06
C VAL D 197 -77.03 5.65 -33.20
N GLU D 198 -77.70 4.56 -32.89
CA GLU D 198 -78.48 3.76 -33.87
C GLU D 198 -79.46 4.70 -34.57
N ARG D 199 -80.26 5.41 -33.78
CA ARG D 199 -81.34 6.34 -34.25
C ARG D 199 -80.78 7.52 -35.07
N TYR D 200 -79.91 8.27 -34.42
CA TYR D 200 -79.52 9.63 -34.88
C TYR D 200 -78.14 9.70 -35.52
N GLN D 201 -77.26 8.75 -35.24
CA GLN D 201 -75.83 8.83 -35.71
C GLN D 201 -75.24 10.22 -35.54
N PRO D 202 -75.18 10.73 -34.29
CA PRO D 202 -74.60 12.05 -34.09
C PRO D 202 -73.09 12.06 -34.29
N LYS D 203 -72.55 13.28 -34.48
CA LYS D 203 -71.07 13.42 -34.54
C LYS D 203 -70.47 13.43 -33.12
N ASP D 204 -71.26 13.77 -32.13
CA ASP D 204 -70.78 13.86 -30.73
C ASP D 204 -71.97 13.67 -29.81
N LEU D 205 -71.73 13.02 -28.67
CA LEU D 205 -72.82 12.63 -27.78
C LEU D 205 -72.24 12.29 -26.42
N PHE D 206 -72.91 12.72 -25.36
CA PHE D 206 -72.48 12.31 -24.00
C PHE D 206 -73.69 12.25 -23.07
N ALA D 207 -73.51 11.54 -21.98
CA ALA D 207 -74.45 11.59 -20.84
C ALA D 207 -73.66 11.33 -19.58
N VAL D 208 -74.04 12.07 -18.55
CA VAL D 208 -73.35 12.00 -17.25
C VAL D 208 -74.43 11.99 -16.19
N VAL D 209 -74.21 11.19 -15.17
CA VAL D 209 -75.10 11.11 -14.01
C VAL D 209 -74.27 11.51 -12.82
N MET D 210 -74.74 12.54 -12.12
CA MET D 210 -74.06 13.06 -10.94
C MET D 210 -75.00 13.01 -9.73
N ASP D 211 -74.44 12.62 -8.58
CA ASP D 211 -75.16 12.68 -7.29
C ASP D 211 -75.41 14.15 -6.97
N ALA D 212 -76.68 14.53 -6.91
CA ALA D 212 -77.10 15.94 -6.70
C ALA D 212 -76.51 16.54 -5.42
N LYS D 213 -76.31 15.70 -4.40
CA LYS D 213 -75.93 16.10 -3.04
C LYS D 213 -74.45 15.92 -2.71
N THR D 214 -73.65 15.30 -3.56
CA THR D 214 -72.20 15.15 -3.32
C THR D 214 -71.32 15.74 -4.44
N GLY D 215 -71.76 15.67 -5.70
CA GLY D 215 -70.79 15.97 -6.78
C GLY D 215 -70.01 14.74 -7.27
N GLU D 216 -70.50 13.59 -6.85
CA GLU D 216 -69.91 12.31 -7.34
C GLU D 216 -70.46 11.99 -8.72
N ILE D 217 -69.56 11.63 -9.63
CA ILE D 217 -69.95 11.16 -10.97
C ILE D 217 -70.29 9.68 -10.83
N LEU D 218 -71.56 9.35 -11.00
CA LEU D 218 -72.05 7.96 -10.89
C LEU D 218 -71.96 7.24 -12.23
N ALA D 219 -72.03 7.96 -13.33
CA ALA D 219 -71.88 7.36 -14.67
C ALA D 219 -71.51 8.43 -15.65
N TYR D 220 -70.73 8.02 -16.65
CA TYR D 220 -70.33 8.92 -17.75
C TYR D 220 -69.94 8.09 -18.98
N SER D 221 -70.53 8.39 -20.14
CA SER D 221 -69.88 7.93 -21.40
C SER D 221 -70.23 8.83 -22.56
N GLN D 222 -69.53 8.59 -23.67
CA GLN D 222 -69.58 9.48 -24.84
C GLN D 222 -69.49 8.63 -26.09
N ARG D 223 -70.03 9.15 -27.17
CA ARG D 223 -69.85 8.58 -28.53
C ARG D 223 -69.41 9.71 -29.45
N PRO D 224 -68.38 9.47 -30.31
CA PRO D 224 -67.77 8.15 -30.48
C PRO D 224 -66.61 7.85 -29.53
N THR D 225 -66.73 6.76 -28.78
CA THR D 225 -65.72 6.36 -27.78
C THR D 225 -64.89 5.25 -28.41
N PHE D 226 -64.11 4.57 -27.58
CA PHE D 226 -63.27 3.44 -28.04
C PHE D 226 -63.48 2.25 -27.13
N ASN D 227 -62.88 1.15 -27.54
CA ASN D 227 -62.94 -0.11 -26.77
C ASN D 227 -61.56 -0.31 -26.14
N PRO D 228 -61.46 -0.17 -24.81
CA PRO D 228 -60.14 -0.18 -24.16
C PRO D 228 -59.40 -1.51 -24.28
N GLU D 229 -60.20 -2.56 -24.34
CA GLU D 229 -59.71 -3.95 -24.40
C GLU D 229 -58.91 -4.20 -25.66
N THR D 230 -59.52 -3.84 -26.79
CA THR D 230 -59.04 -4.18 -28.14
C THR D 230 -58.11 -3.11 -28.71
N GLY D 231 -58.35 -1.87 -28.32
CA GLY D 231 -57.61 -0.75 -28.89
C GLY D 231 -58.27 -0.23 -30.16
N LYS D 232 -59.53 -0.65 -30.36
CA LYS D 232 -60.45 -0.21 -31.43
C LYS D 232 -60.76 1.28 -31.21
N ASP D 233 -60.57 2.09 -32.26
CA ASP D 233 -61.01 3.52 -32.30
C ASP D 233 -60.21 4.40 -31.33
N PHE D 234 -59.25 3.81 -30.63
CA PHE D 234 -58.44 4.60 -29.68
C PHE D 234 -57.61 5.61 -30.50
N GLY D 235 -57.76 6.89 -30.15
CA GLY D 235 -56.88 7.96 -30.65
C GLY D 235 -57.55 8.81 -31.71
N LYS D 236 -58.78 8.45 -32.12
CA LYS D 236 -59.51 9.24 -33.12
C LYS D 236 -59.95 10.51 -32.40
N LYS D 237 -61.03 10.38 -31.63
CA LYS D 237 -61.35 11.33 -30.55
C LYS D 237 -60.53 10.97 -29.32
N TRP D 238 -59.49 11.77 -29.11
CA TRP D 238 -58.70 11.71 -27.85
C TRP D 238 -59.44 12.36 -26.68
N ALA D 239 -60.06 13.50 -26.96
CA ALA D 239 -60.65 14.38 -25.93
C ALA D 239 -61.85 13.75 -25.22
N ASN D 240 -61.82 13.85 -23.90
CA ASN D 240 -62.93 13.45 -23.05
C ASN D 240 -63.96 14.58 -23.14
N ASP D 241 -65.19 14.25 -23.49
CA ASP D 241 -66.25 15.27 -23.62
C ASP D 241 -66.35 16.04 -22.30
N LEU D 242 -66.57 15.29 -21.22
CA LEU D 242 -67.01 15.84 -19.91
C LEU D 242 -66.04 16.91 -19.40
N TYR D 243 -64.75 16.67 -19.58
CA TYR D 243 -63.68 17.48 -18.95
C TYR D 243 -62.85 18.31 -19.94
N GLN D 244 -62.75 17.87 -21.19
CA GLN D 244 -61.75 18.46 -22.11
C GLN D 244 -62.36 19.17 -23.30
N ASN D 245 -63.57 18.77 -23.72
CA ASN D 245 -64.25 19.34 -24.89
C ASN D 245 -65.20 20.50 -24.52
N THR D 246 -65.12 21.58 -25.28
CA THR D 246 -66.00 22.75 -25.05
C THR D 246 -67.21 22.68 -25.97
N TYR D 247 -68.32 23.21 -25.46
CA TYR D 247 -69.58 23.37 -26.21
C TYR D 247 -70.16 24.78 -26.00
N GLU D 248 -70.80 25.27 -27.06
CA GLU D 248 -71.73 26.40 -26.99
C GLU D 248 -72.97 25.73 -26.44
N PRO D 249 -73.28 25.87 -25.14
CA PRO D 249 -74.26 24.97 -24.49
C PRO D 249 -75.72 25.07 -24.91
N GLY D 250 -76.06 26.29 -25.33
CA GLY D 250 -77.43 26.70 -25.68
C GLY D 250 -78.31 26.99 -24.50
N SER D 251 -79.57 26.60 -24.58
CA SER D 251 -80.64 27.08 -23.66
C SER D 251 -80.53 26.56 -22.23
N THR D 252 -79.74 25.51 -22.05
CA THR D 252 -79.40 24.93 -20.74
C THR D 252 -78.80 26.05 -19.88
N PHE D 253 -78.11 26.93 -20.57
CA PHE D 253 -77.32 28.04 -19.99
C PHE D 253 -78.21 29.18 -19.54
N LYS D 254 -79.46 29.17 -19.96
CA LYS D 254 -80.43 30.21 -19.52
C LYS D 254 -80.69 30.12 -18.01
N SER D 255 -80.65 28.90 -17.48
CA SER D 255 -80.87 28.65 -16.04
C SER D 255 -80.05 29.65 -15.22
N TYR D 256 -78.82 29.95 -15.65
CA TYR D 256 -77.89 30.80 -14.84
C TYR D 256 -78.22 32.29 -15.05
N GLY D 257 -78.56 32.63 -16.29
CA GLY D 257 -79.05 33.95 -16.70
C GLY D 257 -80.27 34.35 -15.91
N LEU D 258 -81.05 33.35 -15.49
CA LEU D 258 -82.31 33.52 -14.75
C LEU D 258 -81.97 33.79 -13.28
N ALA D 259 -81.29 32.83 -12.67
CA ALA D 259 -80.78 32.97 -11.30
C ALA D 259 -80.21 34.37 -11.03
N ALA D 260 -79.27 34.78 -11.87
CA ALA D 260 -78.70 36.14 -11.76
C ALA D 260 -79.80 37.19 -11.53
N ALA D 261 -80.69 37.29 -12.51
CA ALA D 261 -81.89 38.16 -12.48
C ALA D 261 -82.64 38.04 -11.16
N ILE D 262 -83.10 36.83 -10.87
CA ILE D 262 -83.99 36.56 -9.71
C ILE D 262 -83.36 37.23 -8.52
N GLN D 263 -82.04 37.08 -8.38
CA GLN D 263 -81.33 37.59 -7.18
C GLN D 263 -81.28 39.14 -7.13
N GLU D 264 -80.86 39.73 -8.24
CA GLU D 264 -80.85 41.19 -8.45
C GLU D 264 -82.25 41.79 -8.36
N GLY D 265 -83.29 40.96 -8.33
CA GLY D 265 -84.68 41.39 -8.18
C GLY D 265 -85.27 41.98 -9.44
N ALA D 266 -84.72 41.58 -10.58
CA ALA D 266 -85.18 42.05 -11.91
C ALA D 266 -86.28 41.12 -12.46
N PHE D 267 -86.16 39.82 -12.20
CA PHE D 267 -87.11 38.81 -12.72
C PHE D 267 -88.28 38.68 -11.75
N ASP D 268 -89.49 38.90 -12.28
CA ASP D 268 -90.75 38.67 -11.57
C ASP D 268 -91.52 37.74 -12.48
N PRO D 269 -91.83 36.52 -12.04
CA PRO D 269 -92.53 35.54 -12.90
C PRO D 269 -93.82 36.02 -13.59
N ASP D 270 -94.57 36.88 -12.91
CA ASP D 270 -95.87 37.41 -13.39
C ASP D 270 -95.74 38.69 -14.22
N LYS D 271 -94.58 39.34 -14.19
CA LYS D 271 -94.37 40.58 -14.95
C LYS D 271 -94.31 40.22 -16.43
N LYS D 272 -95.04 40.98 -17.25
CA LYS D 272 -95.10 40.82 -18.73
C LYS D 272 -93.93 41.56 -19.39
N TYR D 273 -93.35 40.94 -20.42
CA TYR D 273 -92.21 41.46 -21.18
C TYR D 273 -92.56 41.31 -22.65
N LYS D 274 -91.91 42.11 -23.50
CA LYS D 274 -92.13 42.09 -24.95
C LYS D 274 -91.29 41.01 -25.63
N SER D 275 -91.93 39.96 -26.13
CA SER D 275 -91.25 38.90 -26.91
C SER D 275 -91.32 39.23 -28.41
N GLY D 276 -90.57 38.47 -29.19
CA GLY D 276 -90.54 38.64 -30.65
C GLY D 276 -89.13 38.72 -31.16
N HIS D 277 -88.67 39.94 -31.37
CA HIS D 277 -87.29 40.20 -31.87
C HIS D 277 -86.58 41.12 -30.88
N ARG D 278 -85.34 41.49 -31.23
CA ARG D 278 -84.51 42.47 -30.50
C ARG D 278 -83.37 42.85 -31.45
N ASP D 279 -83.33 44.10 -31.94
CA ASP D 279 -82.33 44.51 -32.96
C ASP D 279 -81.04 44.88 -32.25
N ILE D 280 -79.97 44.16 -32.56
CA ILE D 280 -78.69 44.27 -31.84
C ILE D 280 -77.50 44.16 -32.81
N MET D 281 -76.68 45.21 -32.76
CA MET D 281 -75.54 45.45 -33.67
C MET D 281 -75.95 45.09 -35.10
N GLY D 282 -77.10 45.63 -35.54
CA GLY D 282 -77.62 45.50 -36.91
C GLY D 282 -77.97 44.07 -37.28
N SER D 283 -78.34 43.23 -36.30
CA SER D 283 -78.84 41.85 -36.54
C SER D 283 -80.16 41.59 -35.82
N ARG D 284 -81.16 41.02 -36.51
CA ARG D 284 -82.46 40.77 -35.87
C ARG D 284 -82.36 39.49 -35.08
N ILE D 285 -82.13 39.59 -33.77
CA ILE D 285 -81.99 38.39 -32.90
C ILE D 285 -83.34 38.14 -32.25
N SER D 286 -83.98 37.05 -32.63
CA SER D 286 -85.37 36.78 -32.22
C SER D 286 -85.48 35.46 -31.47
N ASP D 287 -86.70 35.09 -31.11
CA ASP D 287 -86.94 33.82 -30.39
C ASP D 287 -86.86 32.64 -31.35
N TRP D 288 -87.08 31.43 -30.85
CA TRP D 288 -86.99 30.21 -31.70
C TRP D 288 -88.15 30.17 -32.70
N ASN D 289 -89.30 30.73 -32.35
CA ASN D 289 -90.46 30.77 -33.28
C ASN D 289 -90.27 31.91 -34.27
N ARG D 290 -89.31 32.81 -34.04
CA ARG D 290 -88.97 33.94 -34.94
C ARG D 290 -90.09 34.97 -35.06
N VAL D 291 -91.24 34.75 -34.42
CA VAL D 291 -92.39 35.67 -34.48
C VAL D 291 -92.71 36.17 -33.06
N GLY D 292 -92.44 35.36 -32.05
CA GLY D 292 -92.69 35.72 -30.65
C GLY D 292 -94.09 35.35 -30.22
N TRP D 293 -94.42 35.62 -28.97
CA TRP D 293 -95.78 35.38 -28.44
C TRP D 293 -96.34 36.71 -27.92
N GLY D 294 -95.77 37.81 -28.40
CA GLY D 294 -96.22 39.16 -28.03
C GLY D 294 -95.90 39.49 -26.59
N GLU D 295 -96.78 40.17 -25.89
CA GLU D 295 -96.58 40.50 -24.45
C GLU D 295 -96.99 39.31 -23.62
N ILE D 296 -96.06 38.72 -22.89
CA ILE D 296 -96.34 37.50 -22.07
C ILE D 296 -95.62 37.61 -20.74
N PRO D 297 -96.10 36.92 -19.67
CA PRO D 297 -95.36 36.79 -18.40
C PRO D 297 -93.98 36.16 -18.58
N MET D 298 -92.98 36.58 -17.79
CA MET D 298 -91.62 36.03 -17.89
C MET D 298 -91.64 34.53 -17.61
N SER D 299 -92.40 34.13 -16.58
CA SER D 299 -92.54 32.70 -16.23
C SER D 299 -92.75 31.91 -17.50
N LEU D 300 -93.68 32.33 -18.33
CA LEU D 300 -93.98 31.63 -19.60
C LEU D 300 -92.75 31.64 -20.50
N GLY D 301 -92.21 32.80 -20.82
CA GLY D 301 -91.06 32.93 -21.71
C GLY D 301 -90.04 31.86 -21.41
N PHE D 302 -89.76 31.66 -20.13
CA PHE D 302 -88.73 30.72 -19.69
C PHE D 302 -89.20 29.30 -19.93
N THR D 303 -90.47 29.02 -19.64
CA THR D 303 -91.05 27.68 -19.90
C THR D 303 -90.84 27.35 -21.39
N TYR D 304 -91.16 28.34 -22.24
CA TYR D 304 -91.07 28.19 -23.70
C TYR D 304 -89.61 28.15 -24.16
N SER D 305 -88.73 28.78 -23.38
CA SER D 305 -87.31 29.06 -23.74
C SER D 305 -87.21 30.25 -24.66
N SER D 306 -87.70 31.40 -24.21
CA SER D 306 -87.56 32.68 -24.95
C SER D 306 -86.13 33.22 -24.97
N ASN D 307 -85.57 33.39 -26.17
CA ASN D 307 -84.23 34.02 -26.30
C ASN D 307 -84.29 35.50 -25.98
N THR D 308 -85.40 36.15 -26.25
CA THR D 308 -85.61 37.58 -25.92
C THR D 308 -85.59 37.80 -24.42
N LEU D 309 -86.20 36.90 -23.67
CA LEU D 309 -86.28 37.05 -22.20
C LEU D 309 -84.90 37.35 -21.58
N MET D 310 -83.96 36.48 -21.87
CA MET D 310 -82.58 36.50 -21.34
C MET D 310 -81.91 37.82 -21.70
N MET D 311 -82.18 38.30 -22.89
CA MET D 311 -81.64 39.56 -23.43
C MET D 311 -82.22 40.78 -22.69
N HIS D 312 -83.53 40.79 -22.53
CA HIS D 312 -84.23 41.74 -21.65
C HIS D 312 -83.51 41.77 -20.29
N LEU D 313 -83.50 40.60 -19.66
CA LEU D 313 -83.05 40.47 -18.26
C LEU D 313 -81.63 41.00 -18.17
N GLN D 314 -80.81 40.73 -19.20
CA GLN D 314 -79.40 41.19 -19.17
C GLN D 314 -79.37 42.71 -19.05
N ASP D 315 -80.22 43.37 -19.82
CA ASP D 315 -80.32 44.83 -19.87
C ASP D 315 -80.72 45.37 -18.50
N LEU D 316 -81.72 44.76 -17.87
CA LEU D 316 -82.19 45.20 -16.54
C LEU D 316 -81.07 45.06 -15.50
N VAL D 317 -80.39 43.92 -15.50
CA VAL D 317 -79.32 43.66 -14.49
C VAL D 317 -78.12 44.58 -14.80
N GLY D 318 -77.61 44.53 -16.03
CA GLY D 318 -76.40 45.29 -16.41
C GLY D 318 -75.33 44.36 -16.96
N ALA D 319 -74.65 44.82 -18.01
CA ALA D 319 -73.57 44.06 -18.67
C ALA D 319 -72.56 43.61 -17.62
N ASP D 320 -71.91 44.57 -16.97
CA ASP D 320 -70.73 44.27 -16.13
C ASP D 320 -71.15 43.25 -15.06
N LYS D 321 -72.36 43.39 -14.56
CA LYS D 321 -72.81 42.57 -13.42
C LYS D 321 -73.09 41.15 -13.90
N MET D 322 -73.65 41.02 -15.11
CA MET D 322 -73.99 39.68 -15.64
C MET D 322 -72.70 38.93 -15.92
N LYS D 323 -71.65 39.63 -16.38
CA LYS D 323 -70.39 38.93 -16.66
C LYS D 323 -69.88 38.28 -15.38
N SER D 324 -69.90 39.05 -14.30
CA SER D 324 -69.46 38.60 -12.96
C SER D 324 -70.36 37.47 -12.48
N TRP D 325 -71.64 37.55 -12.80
CA TRP D 325 -72.57 36.46 -12.42
C TRP D 325 -72.12 35.14 -13.04
N TYR D 326 -71.83 35.16 -14.34
CA TYR D 326 -71.44 33.91 -15.05
C TYR D 326 -70.09 33.41 -14.51
N GLU D 327 -69.21 34.34 -14.12
CA GLU D 327 -67.91 33.99 -13.51
C GLU D 327 -68.13 33.33 -12.15
N ARG D 328 -69.06 33.86 -11.36
CA ARG D 328 -69.32 33.27 -10.03
C ARG D 328 -70.00 31.93 -10.12
N PHE D 329 -70.62 31.64 -11.29
CA PHE D 329 -71.18 30.30 -11.56
C PHE D 329 -70.12 29.33 -12.13
N GLY D 330 -68.85 29.73 -12.12
CA GLY D 330 -67.71 28.82 -12.33
C GLY D 330 -67.31 28.65 -13.77
N PHE D 331 -67.90 29.46 -14.65
CA PHE D 331 -67.67 29.40 -16.10
C PHE D 331 -66.45 30.22 -16.50
N GLY D 332 -65.80 29.76 -17.56
CA GLY D 332 -64.55 30.37 -18.01
C GLY D 332 -63.36 29.95 -17.16
N LYS D 333 -63.58 29.10 -16.17
CA LYS D 333 -62.49 28.61 -15.29
C LYS D 333 -62.62 27.11 -15.15
N SER D 334 -61.46 26.49 -15.00
CA SER D 334 -61.35 25.05 -14.65
C SER D 334 -62.09 24.74 -13.36
N THR D 335 -62.74 23.57 -13.29
CA THR D 335 -63.46 23.13 -12.08
C THR D 335 -62.51 22.52 -11.07
N LYS D 336 -61.21 22.49 -11.40
CA LYS D 336 -60.13 21.91 -10.58
C LYS D 336 -60.45 20.46 -10.26
N GLY D 337 -61.09 19.79 -11.22
CA GLY D 337 -61.34 18.35 -11.17
C GLY D 337 -60.06 17.60 -11.36
N MET D 338 -60.13 16.29 -11.12
CA MET D 338 -58.94 15.42 -11.03
C MET D 338 -58.42 14.97 -12.40
N PHE D 339 -58.90 15.57 -13.48
CA PHE D 339 -58.62 15.05 -14.83
C PHE D 339 -57.53 15.92 -15.42
N ASP D 340 -56.81 15.33 -16.35
CA ASP D 340 -55.71 16.01 -17.10
C ASP D 340 -56.26 17.11 -18.01
N GLY D 341 -55.49 18.19 -18.14
CA GLY D 341 -55.78 19.28 -19.11
C GLY D 341 -57.23 19.63 -19.25
N GLU D 342 -57.92 19.74 -18.11
CA GLU D 342 -59.34 20.17 -18.11
C GLU D 342 -59.49 21.53 -18.78
N ALA D 343 -60.43 21.60 -19.71
CA ALA D 343 -60.63 22.82 -20.52
C ALA D 343 -61.35 23.90 -19.71
N PRO D 344 -60.89 25.16 -19.84
CA PRO D 344 -61.48 26.26 -19.10
C PRO D 344 -62.74 26.87 -19.72
N GLY D 345 -62.89 26.68 -21.04
CA GLY D 345 -63.86 27.38 -21.88
C GLY D 345 -63.66 28.88 -21.83
N GLN D 346 -64.67 29.66 -22.19
CA GLN D 346 -64.54 31.13 -22.12
C GLN D 346 -65.88 31.84 -22.28
N ILE D 347 -66.04 32.87 -21.49
CA ILE D 347 -67.28 33.69 -21.49
C ILE D 347 -67.14 34.67 -22.64
N GLY D 348 -68.04 34.58 -23.61
CA GLY D 348 -68.08 35.45 -24.79
C GLY D 348 -68.65 36.79 -24.42
N TRP D 349 -67.80 37.79 -24.26
CA TRP D 349 -68.23 39.11 -23.74
C TRP D 349 -67.47 40.26 -24.42
N SER D 350 -66.95 40.05 -25.63
CA SER D 350 -66.08 41.05 -26.34
C SER D 350 -66.87 42.27 -26.86
N ASN D 351 -68.13 42.04 -27.21
CA ASN D 351 -69.04 43.10 -27.68
C ASN D 351 -70.47 42.76 -27.28
N GLU D 352 -71.39 43.67 -27.55
CA GLU D 352 -72.82 43.51 -27.16
C GLU D 352 -73.40 42.23 -27.76
N LEU D 353 -73.03 41.94 -29.00
CA LEU D 353 -73.57 40.75 -29.69
C LEU D 353 -73.23 39.52 -28.85
N GLN D 354 -71.96 39.34 -28.56
CA GLN D 354 -71.47 38.14 -27.85
C GLN D 354 -72.18 38.08 -26.50
N GLN D 355 -72.27 39.23 -25.85
CA GLN D 355 -72.86 39.30 -24.50
C GLN D 355 -74.31 38.83 -24.55
N LYS D 356 -75.06 39.42 -25.46
CA LYS D 356 -76.49 39.05 -25.62
C LYS D 356 -76.61 37.55 -25.92
N THR D 357 -75.97 37.14 -27.01
CA THR D 357 -76.06 35.73 -27.50
C THR D 357 -75.64 34.79 -26.35
N SER D 358 -74.71 35.25 -25.51
CA SER D 358 -74.25 34.44 -24.35
C SER D 358 -75.46 34.11 -23.48
N SER D 359 -76.36 35.04 -23.15
CA SER D 359 -77.35 34.75 -22.09
C SER D 359 -78.23 33.56 -22.45
N PHE D 360 -78.24 33.13 -23.71
CA PHE D 360 -79.02 31.95 -24.13
C PHE D 360 -78.10 30.88 -24.72
N GLY D 361 -76.80 31.03 -24.49
CA GLY D 361 -75.79 29.96 -24.55
C GLY D 361 -75.00 29.85 -25.82
N GLN D 362 -74.81 30.95 -26.52
CA GLN D 362 -73.96 31.03 -27.71
C GLN D 362 -72.80 31.95 -27.41
N SER D 363 -71.74 31.84 -28.21
CA SER D 363 -70.43 32.54 -28.07
C SER D 363 -69.65 31.95 -26.92
N THR D 364 -70.28 31.95 -25.76
CA THR D 364 -69.72 31.36 -24.52
C THR D 364 -69.52 29.85 -24.67
N THR D 365 -68.36 29.35 -24.27
CA THR D 365 -68.04 27.92 -24.31
C THR D 365 -67.89 27.40 -22.89
N VAL D 366 -68.36 26.17 -22.70
CA VAL D 366 -68.32 25.49 -21.38
C VAL D 366 -67.89 24.03 -21.55
N THR D 367 -67.29 23.51 -20.48
CA THR D 367 -67.21 22.07 -20.23
C THR D 367 -68.55 21.60 -19.67
N PRO D 368 -68.99 20.39 -20.06
CA PRO D 368 -70.16 19.78 -19.44
C PRO D 368 -70.11 19.81 -17.92
N VAL D 369 -68.90 19.72 -17.40
CA VAL D 369 -68.64 19.68 -15.94
C VAL D 369 -68.95 21.03 -15.31
N GLN D 370 -68.45 22.14 -15.87
CA GLN D 370 -68.79 23.51 -15.45
C GLN D 370 -70.27 23.60 -15.23
N MET D 371 -71.01 22.92 -16.12
CA MET D 371 -72.50 23.00 -16.12
C MET D 371 -73.06 22.19 -14.95
N LEU D 372 -72.54 20.99 -14.69
CA LEU D 372 -72.96 20.23 -13.50
C LEU D 372 -72.70 21.07 -12.26
N GLN D 373 -71.54 21.69 -12.23
CA GLN D 373 -71.09 22.46 -11.07
C GLN D 373 -72.14 23.52 -10.82
N ALA D 374 -72.36 24.36 -11.82
CA ALA D 374 -73.43 25.38 -11.81
C ALA D 374 -74.72 24.81 -11.24
N GLN D 375 -75.32 23.89 -11.99
CA GLN D 375 -76.68 23.37 -11.72
C GLN D 375 -76.81 22.89 -10.28
N SER D 376 -75.76 22.35 -9.71
CA SER D 376 -75.83 21.78 -8.34
C SER D 376 -76.31 22.80 -7.33
N ALA D 377 -75.92 24.06 -7.52
CA ALA D 377 -76.36 25.21 -6.71
C ALA D 377 -77.84 25.17 -6.33
N PHE D 378 -78.69 24.75 -7.26
CA PHE D 378 -80.15 24.95 -7.15
C PHE D 378 -80.77 24.01 -6.11
N PHE D 379 -80.05 22.92 -5.84
CA PHE D 379 -80.55 21.80 -5.01
C PHE D 379 -79.81 21.66 -3.68
N ASN D 380 -78.80 22.51 -3.50
CA ASN D 380 -77.91 22.62 -2.32
C ASN D 380 -77.75 24.10 -1.93
N ASP D 381 -78.86 24.84 -1.93
CA ASP D 381 -79.08 26.08 -1.12
C ASP D 381 -78.08 27.16 -1.54
N GLY D 382 -77.79 27.12 -2.82
CA GLY D 382 -76.95 28.05 -3.60
C GLY D 382 -75.50 27.68 -3.65
N ASN D 383 -75.09 26.57 -3.03
CA ASN D 383 -73.68 26.12 -3.05
C ASN D 383 -73.41 25.23 -4.27
N MET D 384 -72.50 25.65 -5.14
CA MET D 384 -71.99 24.76 -6.19
C MET D 384 -71.02 23.76 -5.60
N LEU D 385 -71.22 22.51 -6.03
CA LEU D 385 -70.40 21.37 -5.60
C LEU D 385 -69.36 21.09 -6.67
N LYS D 386 -68.12 20.88 -6.20
CA LYS D 386 -66.99 20.51 -7.06
C LYS D 386 -67.26 19.10 -7.51
N PRO D 387 -67.42 18.88 -8.83
CA PRO D 387 -67.59 17.54 -9.32
C PRO D 387 -66.28 16.75 -9.41
N TRP D 388 -66.33 15.54 -8.84
CA TRP D 388 -65.17 14.64 -8.68
C TRP D 388 -65.61 13.21 -8.94
N PHE D 389 -64.66 12.43 -9.42
CA PHE D 389 -64.90 11.05 -9.88
C PHE D 389 -63.94 10.04 -9.28
N VAL D 390 -62.93 10.54 -8.57
CA VAL D 390 -61.90 9.71 -7.92
C VAL D 390 -62.25 9.65 -6.46
N ASN D 391 -62.57 8.44 -5.99
CA ASN D 391 -62.96 8.21 -4.58
C ASN D 391 -61.70 8.06 -3.74
N SER D 392 -60.70 7.27 -4.18
CA SER D 392 -59.41 7.07 -3.46
C SER D 392 -58.38 6.32 -4.30
N VAL D 393 -57.10 6.63 -4.06
CA VAL D 393 -55.88 5.96 -4.57
C VAL D 393 -55.20 5.44 -3.34
N GLU D 394 -55.20 4.12 -3.19
CA GLU D 394 -54.54 3.51 -2.01
C GLU D 394 -53.89 2.17 -2.34
N ASN D 395 -52.67 1.96 -1.87
CA ASN D 395 -52.02 0.65 -1.96
C ASN D 395 -52.75 -0.34 -1.07
N PRO D 396 -53.22 -1.47 -1.64
CA PRO D 396 -54.07 -2.37 -0.88
C PRO D 396 -53.33 -3.25 0.15
N VAL D 397 -52.02 -3.30 0.01
CA VAL D 397 -51.13 -3.94 1.01
C VAL D 397 -51.13 -3.09 2.29
N SER D 398 -50.64 -1.86 2.17
CA SER D 398 -50.42 -0.97 3.34
C SER D 398 -51.73 -0.32 3.80
N LYS D 399 -52.71 -0.23 2.91
CA LYS D 399 -53.99 0.47 3.10
C LYS D 399 -53.80 1.98 3.08
N ARG D 400 -52.64 2.45 2.65
CA ARG D 400 -52.30 3.87 2.79
C ARG D 400 -53.02 4.68 1.73
N GLN D 401 -53.81 5.70 2.12
CA GLN D 401 -54.59 6.49 1.14
C GLN D 401 -53.77 7.67 0.68
N PHE D 402 -53.27 7.58 -0.56
CA PHE D 402 -52.50 8.69 -1.18
C PHE D 402 -53.41 9.84 -1.59
N TYR D 403 -54.65 9.54 -1.99
CA TYR D 403 -55.69 10.59 -2.13
C TYR D 403 -57.03 9.99 -1.74
N LYS D 404 -57.84 10.84 -1.14
CA LYS D 404 -59.24 10.48 -0.84
C LYS D 404 -60.11 11.65 -1.23
N GLY D 405 -61.03 11.40 -2.15
CA GLY D 405 -61.93 12.46 -2.63
C GLY D 405 -63.04 12.73 -1.66
N GLN D 406 -63.53 13.96 -1.67
CA GLN D 406 -64.67 14.36 -0.83
C GLN D 406 -65.41 15.52 -1.48
N LYS D 407 -66.64 15.69 -1.03
CA LYS D 407 -67.49 16.80 -1.51
C LYS D 407 -66.97 18.13 -0.99
N GLN D 408 -66.76 19.07 -1.93
CA GLN D 408 -66.19 20.39 -1.69
C GLN D 408 -67.16 21.37 -2.31
N ILE D 409 -67.13 22.57 -1.77
CA ILE D 409 -68.01 23.68 -2.18
C ILE D 409 -67.13 24.66 -2.97
N ALA D 410 -67.36 24.69 -4.29
CA ALA D 410 -66.59 25.50 -5.27
C ALA D 410 -67.15 26.91 -5.33
N GLY D 411 -68.23 27.18 -4.63
CA GLY D 411 -68.67 28.57 -4.43
C GLY D 411 -70.13 28.62 -4.10
N LYS D 412 -70.56 29.65 -3.40
CA LYS D 412 -72.01 29.96 -3.23
C LYS D 412 -72.29 31.27 -3.93
N PRO D 413 -72.63 31.23 -5.24
CA PRO D 413 -72.92 32.46 -5.97
C PRO D 413 -74.30 33.07 -5.68
N ILE D 414 -75.20 32.26 -5.14
CA ILE D 414 -76.64 32.59 -5.05
C ILE D 414 -77.15 32.20 -3.68
N THR D 415 -78.35 32.70 -3.39
CA THR D 415 -78.97 32.58 -2.06
C THR D 415 -79.83 31.33 -2.03
N LYS D 416 -80.35 30.99 -0.86
CA LYS D 416 -81.30 29.85 -0.74
C LYS D 416 -82.60 30.22 -1.45
N ASP D 417 -83.09 31.44 -1.17
CA ASP D 417 -84.35 31.97 -1.75
C ASP D 417 -84.30 31.90 -3.26
N THR D 418 -83.26 32.49 -3.84
CA THR D 418 -83.05 32.46 -5.31
C THR D 418 -83.14 31.03 -5.85
N ALA D 419 -82.43 30.09 -5.23
CA ALA D 419 -82.39 28.69 -5.70
C ALA D 419 -83.80 28.07 -5.74
N GLU D 420 -84.61 28.31 -4.73
CA GLU D 420 -85.97 27.74 -4.69
C GLU D 420 -86.81 28.30 -5.82
N LYS D 421 -86.61 29.57 -6.13
CA LYS D 421 -87.37 30.25 -7.20
C LYS D 421 -86.93 29.73 -8.56
N VAL D 422 -85.64 29.47 -8.71
CA VAL D 422 -85.11 28.88 -9.97
C VAL D 422 -85.72 27.50 -10.12
N GLU D 423 -85.71 26.70 -9.06
CA GLU D 423 -86.26 25.32 -9.13
C GLU D 423 -87.73 25.35 -9.58
N LYS D 424 -88.49 26.31 -9.09
CA LYS D 424 -89.91 26.42 -9.44
C LYS D 424 -90.09 26.58 -10.94
N GLN D 425 -89.21 27.35 -11.58
CA GLN D 425 -89.27 27.57 -13.04
C GLN D 425 -88.83 26.31 -13.78
N LEU D 426 -87.80 25.63 -13.30
CA LEU D 426 -87.31 24.36 -13.92
C LEU D 426 -88.41 23.30 -13.89
N ASP D 427 -89.17 23.28 -12.80
CA ASP D 427 -90.33 22.37 -12.65
C ASP D 427 -91.30 22.70 -13.77
N LEU D 428 -91.65 23.98 -13.90
CA LEU D 428 -92.58 24.44 -14.96
C LEU D 428 -92.09 24.02 -16.36
N VAL D 429 -90.84 24.34 -16.67
CA VAL D 429 -90.32 24.08 -18.05
C VAL D 429 -90.82 22.73 -18.56
N VAL D 430 -90.85 21.74 -17.67
CA VAL D 430 -91.28 20.36 -18.03
C VAL D 430 -92.76 20.15 -17.75
N ASN D 431 -93.17 20.45 -16.52
CA ASN D 431 -94.52 20.14 -16.00
C ASN D 431 -95.51 21.32 -15.95
N SER D 432 -95.40 22.22 -16.93
CA SER D 432 -96.38 23.29 -17.22
C SER D 432 -97.38 22.82 -18.28
N LYS D 433 -98.51 23.47 -18.35
CA LYS D 433 -99.64 23.06 -19.22
C LYS D 433 -99.21 23.29 -20.69
N LYS D 434 -98.47 24.38 -20.87
CA LYS D 434 -98.00 24.84 -22.20
C LYS D 434 -96.54 24.48 -22.40
N SER D 435 -96.00 23.51 -21.64
CA SER D 435 -94.57 23.14 -21.73
C SER D 435 -94.14 22.78 -23.14
N HIS D 436 -92.95 23.22 -23.54
CA HIS D 436 -92.34 22.80 -24.82
C HIS D 436 -91.25 21.76 -24.50
N ALA D 437 -91.51 20.99 -23.45
CA ALA D 437 -90.56 19.97 -22.98
C ALA D 437 -91.30 18.78 -22.40
N ALA D 438 -92.52 18.51 -22.87
CA ALA D 438 -93.36 17.43 -22.31
C ALA D 438 -92.79 16.04 -22.62
N ASN D 439 -92.00 15.96 -23.68
CA ASN D 439 -91.40 14.69 -24.12
C ASN D 439 -90.41 14.16 -23.08
N TYR D 440 -89.94 15.02 -22.18
CA TYR D 440 -88.96 14.61 -21.15
C TYR D 440 -89.64 14.04 -19.91
N ARG D 441 -90.96 14.05 -19.89
CA ARG D 441 -91.72 13.54 -18.73
C ARG D 441 -91.61 12.02 -18.64
N ILE D 442 -91.58 11.59 -17.38
CA ILE D 442 -91.53 10.16 -17.00
C ILE D 442 -92.70 9.81 -16.09
N ASP D 443 -93.19 8.59 -16.33
CA ASP D 443 -94.26 7.91 -15.60
C ASP D 443 -93.78 7.54 -14.19
N GLY D 444 -94.57 7.96 -13.21
CA GLY D 444 -94.37 7.64 -11.77
C GLY D 444 -93.47 8.59 -11.02
N TYR D 445 -92.65 9.33 -11.78
CA TYR D 445 -91.56 10.19 -11.24
C TYR D 445 -91.69 11.65 -11.74
N GLU D 446 -91.42 12.58 -10.83
CA GLU D 446 -91.49 14.05 -11.03
C GLU D 446 -90.13 14.52 -11.53
N VAL D 447 -90.09 15.09 -12.73
CA VAL D 447 -88.85 15.48 -13.45
C VAL D 447 -88.84 16.99 -13.55
N GLU D 448 -87.66 17.55 -13.72
CA GLU D 448 -87.56 18.99 -14.02
C GLU D 448 -86.21 19.21 -14.68
N GLY D 449 -86.06 20.35 -15.35
CA GLY D 449 -84.81 20.62 -16.07
C GLY D 449 -85.00 21.61 -17.18
N LYS D 450 -84.05 21.65 -18.10
CA LYS D 450 -84.04 22.73 -19.12
C LYS D 450 -83.70 22.17 -20.48
N THR D 451 -84.50 22.47 -21.50
CA THR D 451 -84.19 22.15 -22.91
C THR D 451 -82.95 22.92 -23.35
N GLY D 452 -82.18 22.41 -24.29
CA GLY D 452 -80.89 23.03 -24.59
C GLY D 452 -80.53 22.95 -26.04
N THR D 453 -81.25 23.63 -26.91
CA THR D 453 -81.01 23.61 -28.38
C THR D 453 -80.02 24.73 -28.73
N ALA D 454 -78.90 24.37 -29.35
CA ALA D 454 -77.86 25.34 -29.74
C ALA D 454 -77.32 25.16 -31.14
N GLN D 455 -76.78 26.24 -31.72
CA GLN D 455 -76.02 26.12 -32.97
C GLN D 455 -74.57 25.81 -32.63
N VAL D 456 -73.98 24.99 -33.45
CA VAL D 456 -72.59 24.50 -33.28
C VAL D 456 -71.69 25.27 -34.24
N ALA D 457 -70.50 25.57 -33.76
CA ALA D 457 -69.43 26.25 -34.51
C ALA D 457 -68.77 25.32 -35.54
N ALA D 458 -68.34 25.89 -36.65
CA ALA D 458 -67.54 25.18 -37.68
C ALA D 458 -66.20 24.81 -37.07
N PRO D 459 -65.78 23.52 -37.10
CA PRO D 459 -64.54 23.07 -36.46
C PRO D 459 -63.37 24.03 -36.61
N ASN D 460 -62.96 24.27 -37.85
CA ASN D 460 -61.87 25.24 -38.14
C ASN D 460 -62.39 26.52 -38.80
N GLY D 461 -62.37 26.67 -40.13
CA GLY D 461 -62.86 27.89 -40.80
C GLY D 461 -64.36 28.10 -40.58
N GLY D 462 -64.88 29.25 -41.00
CA GLY D 462 -66.33 29.51 -41.02
C GLY D 462 -66.93 29.79 -39.64
N GLY D 463 -68.21 30.15 -39.65
CA GLY D 463 -69.03 30.64 -38.52
C GLY D 463 -69.70 29.51 -37.80
N TYR D 464 -71.01 29.28 -37.99
CA TYR D 464 -71.70 28.10 -37.47
C TYR D 464 -71.92 27.09 -38.58
N VAL D 465 -72.08 25.84 -38.18
CA VAL D 465 -72.50 24.74 -39.10
C VAL D 465 -73.93 24.99 -39.56
N LYS D 466 -74.12 24.81 -40.86
CA LYS D 466 -75.42 24.95 -41.56
C LYS D 466 -75.89 23.56 -41.98
N GLY D 467 -77.13 23.48 -42.39
CA GLY D 467 -77.79 22.20 -42.73
C GLY D 467 -79.26 22.24 -42.36
N PRO D 468 -79.95 21.08 -42.36
CA PRO D 468 -81.38 21.05 -42.02
C PRO D 468 -81.65 21.44 -40.57
N ASN D 469 -81.03 20.68 -39.66
CA ASN D 469 -81.06 20.93 -38.20
C ASN D 469 -79.67 20.77 -37.61
N PRO D 470 -78.78 21.77 -37.82
CA PRO D 470 -77.42 21.68 -37.31
C PRO D 470 -77.32 22.15 -35.88
N TYR D 471 -78.00 21.42 -35.01
CA TYR D 471 -78.13 21.78 -33.58
C TYR D 471 -77.51 20.77 -32.61
N PHE D 472 -77.00 21.32 -31.50
CA PHE D 472 -76.51 20.55 -30.37
C PHE D 472 -77.65 20.67 -29.36
N VAL D 473 -78.34 19.56 -29.18
CA VAL D 473 -79.50 19.46 -28.26
C VAL D 473 -79.04 18.89 -26.95
N SER D 474 -79.60 19.37 -25.87
CA SER D 474 -79.21 18.93 -24.52
C SER D 474 -80.38 19.01 -23.55
N PHE D 475 -80.24 18.34 -22.42
CA PHE D 475 -81.19 18.48 -21.30
C PHE D 475 -80.45 18.34 -19.98
N MET D 476 -80.63 19.31 -19.09
CA MET D 476 -80.01 19.30 -17.76
C MET D 476 -81.08 19.01 -16.73
N GLY D 477 -81.34 17.73 -16.53
CA GLY D 477 -82.48 17.30 -15.70
C GLY D 477 -82.10 16.83 -14.32
N ASP D 478 -83.10 16.80 -13.45
CA ASP D 478 -82.88 16.37 -12.07
C ASP D 478 -84.19 15.81 -11.56
N ALA D 479 -84.09 14.94 -10.57
CA ALA D 479 -85.25 14.19 -10.05
C ALA D 479 -84.82 13.39 -8.83
N PRO D 480 -85.75 13.11 -7.88
CA PRO D 480 -87.12 13.63 -7.87
C PRO D 480 -87.12 15.15 -7.74
N LYS D 481 -88.15 15.76 -8.30
CA LYS D 481 -88.32 17.24 -8.29
C LYS D 481 -88.18 17.82 -6.89
N LYS D 482 -87.60 19.03 -6.82
CA LYS D 482 -87.35 19.78 -5.56
C LYS D 482 -86.17 19.21 -4.76
N ASN D 483 -86.32 17.96 -4.29
CA ASN D 483 -85.26 17.24 -3.51
C ASN D 483 -84.68 16.07 -4.27
N PRO D 484 -83.89 16.36 -5.32
CA PRO D 484 -83.34 15.33 -6.19
C PRO D 484 -82.26 14.41 -5.61
N LYS D 485 -82.14 13.28 -6.27
CA LYS D 485 -81.14 12.26 -5.97
C LYS D 485 -79.99 12.48 -6.93
N VAL D 486 -80.32 12.77 -8.18
CA VAL D 486 -79.32 12.85 -9.27
C VAL D 486 -79.64 14.00 -10.21
N ILE D 487 -78.58 14.41 -10.89
CA ILE D 487 -78.62 15.31 -12.04
C ILE D 487 -78.18 14.44 -13.21
N VAL D 488 -78.94 14.47 -14.28
CA VAL D 488 -78.55 13.79 -15.55
C VAL D 488 -78.41 14.86 -16.59
N TYR D 489 -77.24 14.96 -17.20
CA TYR D 489 -76.97 15.89 -18.32
C TYR D 489 -76.62 15.07 -19.56
N ALA D 490 -77.50 15.14 -20.57
CA ALA D 490 -77.21 14.50 -21.88
C ALA D 490 -77.03 15.62 -22.88
N GLY D 491 -76.15 15.41 -23.84
CA GLY D 491 -75.97 16.34 -24.97
C GLY D 491 -75.66 15.58 -26.23
N MET D 492 -76.20 16.05 -27.36
CA MET D 492 -76.02 15.47 -28.70
C MET D 492 -75.70 16.59 -29.66
N SER D 493 -74.69 16.36 -30.46
CA SER D 493 -74.24 17.35 -31.46
C SER D 493 -74.33 16.79 -32.88
N LEU D 494 -75.12 17.49 -33.69
CA LEU D 494 -75.26 17.20 -35.14
C LEU D 494 -75.68 15.76 -35.46
N ALA D 495 -76.94 15.45 -35.19
CA ALA D 495 -77.56 14.20 -35.63
C ALA D 495 -77.47 14.12 -37.15
N GLN D 496 -76.99 13.00 -37.65
CA GLN D 496 -76.78 12.81 -39.13
C GLN D 496 -77.97 12.08 -39.75
N LYS D 497 -78.82 11.56 -38.91
CA LYS D 497 -80.00 10.79 -39.32
C LYS D 497 -81.14 11.26 -38.45
N ASN D 498 -82.35 11.29 -39.01
CA ASN D 498 -83.57 11.79 -38.31
C ASN D 498 -83.30 13.13 -37.63
N ASP D 499 -82.58 14.00 -38.32
CA ASP D 499 -82.20 15.31 -37.72
C ASP D 499 -83.44 16.08 -37.28
N GLN D 500 -84.55 15.88 -37.99
CA GLN D 500 -85.82 16.52 -37.63
C GLN D 500 -86.32 16.05 -36.26
N GLU D 501 -86.45 14.75 -36.08
CA GLU D 501 -86.90 14.21 -34.77
C GLU D 501 -85.97 14.72 -33.68
N ALA D 502 -84.68 14.76 -33.98
CA ALA D 502 -83.65 15.25 -33.04
C ALA D 502 -84.08 16.62 -32.57
N TYR D 503 -84.35 17.56 -33.47
CA TYR D 503 -84.69 18.94 -33.04
C TYR D 503 -85.97 18.90 -32.24
N GLU D 504 -86.89 18.02 -32.63
CA GLU D 504 -88.23 17.97 -32.00
C GLU D 504 -88.17 17.37 -30.59
N LEU D 505 -87.56 16.22 -30.48
CA LEU D 505 -87.55 15.44 -29.22
C LEU D 505 -86.36 15.83 -28.33
N GLY D 506 -85.24 16.13 -28.99
CA GLY D 506 -83.89 16.20 -28.39
C GLY D 506 -83.44 14.86 -27.85
N VAL D 507 -82.77 14.95 -26.71
CA VAL D 507 -82.11 13.79 -26.07
C VAL D 507 -83.12 13.13 -25.14
N SER D 508 -84.40 13.48 -25.27
CA SER D 508 -85.47 12.91 -24.40
C SER D 508 -85.45 11.38 -24.42
N LYS D 509 -85.20 10.83 -25.61
CA LYS D 509 -85.19 9.37 -25.85
C LYS D 509 -84.09 8.65 -25.05
N ALA D 510 -83.10 9.39 -24.57
CA ALA D 510 -81.98 8.82 -23.79
C ALA D 510 -82.15 9.17 -22.32
N PHE D 511 -82.48 10.43 -22.03
CA PHE D 511 -82.70 10.89 -20.65
C PHE D 511 -83.74 10.03 -19.93
N LYS D 512 -84.91 9.85 -20.56
CA LYS D 512 -86.02 9.10 -19.94
C LYS D 512 -85.59 7.74 -19.42
N PRO D 513 -85.10 6.83 -20.27
CA PRO D 513 -84.64 5.54 -19.78
C PRO D 513 -83.55 5.57 -18.70
N ILE D 514 -82.54 6.39 -18.91
CA ILE D 514 -81.44 6.52 -17.90
C ILE D 514 -82.04 6.93 -16.57
N MET D 515 -82.82 8.02 -16.56
CA MET D 515 -83.37 8.50 -15.27
C MET D 515 -84.30 7.46 -14.64
N GLU D 516 -85.22 6.93 -15.39
CA GLU D 516 -86.16 5.91 -14.88
C GLU D 516 -85.41 4.74 -14.25
N ASN D 517 -84.52 4.14 -15.00
CA ASN D 517 -83.70 3.00 -14.54
C ASN D 517 -82.90 3.30 -13.29
N THR D 518 -82.33 4.48 -13.23
CA THR D 518 -81.47 4.92 -12.12
C THR D 518 -82.31 5.07 -10.84
N LEU D 519 -83.45 5.77 -10.98
CA LEU D 519 -84.32 6.04 -9.81
C LEU D 519 -84.84 4.72 -9.22
N LYS D 520 -85.17 3.80 -10.14
CA LYS D 520 -85.68 2.42 -9.86
C LYS D 520 -84.62 1.65 -9.06
N TYR D 521 -83.36 1.68 -9.54
CA TYR D 521 -82.18 0.99 -8.94
C TYR D 521 -81.86 1.58 -7.57
N LEU D 522 -82.05 2.90 -7.43
CA LEU D 522 -81.79 3.61 -6.15
C LEU D 522 -82.99 3.52 -5.22
N ASN D 523 -83.99 2.73 -5.59
CA ASN D 523 -85.22 2.52 -4.78
C ASN D 523 -85.85 3.87 -4.37
N VAL D 524 -86.11 4.69 -5.38
CA VAL D 524 -86.77 5.99 -5.15
C VAL D 524 -88.26 5.76 -5.39
N GLY D 525 -89.08 6.17 -4.43
CA GLY D 525 -90.55 6.06 -4.50
C GLY D 525 -91.23 6.74 -5.69
N LYS D 526 -92.48 6.31 -5.94
CA LYS D 526 -93.40 6.94 -6.94
C LYS D 526 -94.50 7.73 -6.23
N MET E 1 -9.96 -3.18 100.96
CA MET E 1 -10.67 -2.36 99.94
C MET E 1 -9.73 -2.04 98.76
N ARG E 2 -10.30 -1.94 97.58
CA ARG E 2 -9.66 -1.22 96.44
C ARG E 2 -9.80 0.27 96.74
N GLY E 3 -8.73 1.02 96.57
CA GLY E 3 -8.69 2.43 96.88
C GLY E 3 -9.69 3.22 96.06
N LYS E 4 -9.86 4.46 96.44
CA LYS E 4 -10.83 5.35 95.77
C LYS E 4 -10.18 6.17 94.69
N ILE E 5 -10.97 6.57 93.70
CA ILE E 5 -10.45 7.55 92.70
C ILE E 5 -11.25 8.80 92.91
N TYR E 6 -10.55 9.88 93.24
CA TYR E 6 -11.11 11.23 93.53
C TYR E 6 -10.78 12.22 92.40
N ASP E 7 -11.56 13.30 92.38
CA ASP E 7 -11.24 14.45 91.53
C ASP E 7 -10.35 15.40 92.32
N ARG E 8 -10.11 16.60 91.80
CA ARG E 8 -9.23 17.59 92.47
C ARG E 8 -9.90 18.15 93.74
N ASN E 9 -11.23 18.20 93.71
CA ASN E 9 -12.04 18.69 94.86
C ASN E 9 -12.28 17.61 95.90
N GLY E 10 -11.88 16.37 95.66
CA GLY E 10 -12.03 15.28 96.61
C GLY E 10 -13.33 14.52 96.43
N LYS E 11 -14.07 14.81 95.35
CA LYS E 11 -15.34 14.11 95.08
C LYS E 11 -15.02 12.75 94.46
N VAL E 12 -15.76 11.75 94.90
CA VAL E 12 -15.49 10.35 94.51
C VAL E 12 -15.95 10.12 93.07
N LEU E 13 -15.05 9.54 92.28
CA LEU E 13 -15.34 9.14 90.87
C LEU E 13 -15.57 7.64 90.74
N ALA E 14 -14.98 6.87 91.65
CA ALA E 14 -14.99 5.42 91.74
C ALA E 14 -14.69 4.98 93.17
N GLU E 15 -15.43 3.96 93.63
CA GLU E 15 -15.26 3.37 94.97
C GLU E 15 -15.88 2.00 95.01
N ASP E 16 -15.54 1.20 96.01
CA ASP E 16 -16.19 -0.10 96.27
C ASP E 16 -17.48 0.15 97.04
N VAL E 17 -18.52 -0.62 96.71
CA VAL E 17 -19.76 -0.65 97.54
C VAL E 17 -20.16 -2.09 97.84
N GLU E 18 -20.91 -2.29 98.91
CA GLU E 18 -21.41 -3.63 99.28
C GLU E 18 -22.84 -3.74 98.79
N ARG E 19 -23.09 -4.68 97.89
CA ARG E 19 -24.42 -4.93 97.31
C ARG E 19 -24.74 -6.37 97.69
N TYR E 20 -25.84 -6.91 97.18
CA TYR E 20 -26.25 -8.29 97.57
C TYR E 20 -26.76 -9.06 96.37
N LYS E 21 -26.80 -10.35 96.54
CA LYS E 21 -27.14 -11.30 95.49
C LYS E 21 -28.18 -12.28 96.00
N LEU E 22 -29.21 -12.47 95.21
CA LEU E 22 -30.32 -13.38 95.57
C LEU E 22 -29.95 -14.82 95.26
N VAL E 23 -30.13 -15.71 96.24
CA VAL E 23 -29.87 -17.15 96.06
C VAL E 23 -31.06 -17.93 96.60
N ALA E 24 -31.48 -18.96 95.90
CA ALA E 24 -32.64 -19.77 96.30
C ALA E 24 -32.29 -21.25 96.26
N VAL E 25 -32.42 -21.90 97.41
CA VAL E 25 -32.26 -23.38 97.53
C VAL E 25 -33.58 -24.03 97.16
N ILE E 26 -33.49 -24.93 96.18
CA ILE E 26 -34.66 -25.60 95.54
C ILE E 26 -34.76 -27.09 95.87
N ASP E 27 -33.77 -27.65 96.55
CA ASP E 27 -33.67 -29.11 96.80
C ASP E 27 -34.14 -29.44 98.21
N LYS E 28 -34.99 -30.47 98.30
CA LYS E 28 -35.66 -30.84 99.57
C LYS E 28 -34.62 -31.25 100.62
N LYS E 29 -33.40 -31.66 100.21
CA LYS E 29 -32.34 -32.15 101.14
C LYS E 29 -32.11 -31.16 102.27
N ALA E 30 -32.18 -29.86 101.95
CA ALA E 30 -31.95 -28.70 102.86
C ALA E 30 -32.83 -28.76 104.12
N SER E 31 -34.07 -29.24 103.94
CA SER E 31 -35.15 -29.25 104.97
C SER E 31 -35.35 -30.66 105.52
N ALA E 32 -34.46 -31.60 105.18
CA ALA E 32 -34.42 -32.99 105.68
C ALA E 32 -34.23 -33.04 107.20
N ASN E 33 -33.74 -31.95 107.83
CA ASN E 33 -33.89 -31.68 109.28
C ASN E 33 -35.22 -30.94 109.59
N SER E 34 -36.07 -30.77 108.59
CA SER E 34 -37.52 -30.47 108.71
C SER E 34 -37.70 -29.11 109.36
N LYS E 35 -37.54 -29.01 110.67
CA LYS E 35 -37.69 -27.77 111.50
C LYS E 35 -38.38 -26.57 110.79
N LYS E 36 -37.72 -25.43 110.57
CA LYS E 36 -38.07 -24.48 109.47
C LYS E 36 -37.63 -25.18 108.18
N PRO E 37 -38.48 -25.35 107.15
CA PRO E 37 -37.99 -25.71 105.80
C PRO E 37 -36.98 -24.69 105.22
N ARG E 38 -35.91 -25.19 104.61
CA ARG E 38 -34.79 -24.35 104.13
C ARG E 38 -34.66 -24.51 102.62
N HIS E 39 -35.74 -24.88 101.96
CA HIS E 39 -35.81 -24.93 100.47
C HIS E 39 -37.15 -24.36 100.06
N VAL E 40 -37.29 -23.90 98.84
CA VAL E 40 -38.53 -23.21 98.39
C VAL E 40 -39.61 -24.27 98.25
N VAL E 41 -40.64 -24.14 99.08
CA VAL E 41 -41.67 -25.19 99.26
C VAL E 41 -42.86 -24.90 98.33
N ASP E 42 -43.29 -23.65 98.23
CA ASP E 42 -44.28 -23.22 97.21
C ASP E 42 -43.54 -22.41 96.16
N LYS E 43 -43.01 -23.06 95.12
CA LYS E 43 -42.29 -22.31 94.06
C LYS E 43 -43.15 -21.14 93.55
N LYS E 44 -44.43 -21.44 93.39
CA LYS E 44 -45.44 -20.65 92.67
C LYS E 44 -45.65 -19.31 93.37
N GLU E 45 -45.97 -19.37 94.67
CA GLU E 45 -46.27 -18.17 95.49
C GLU E 45 -44.95 -17.49 95.89
N THR E 46 -43.86 -18.24 96.09
CA THR E 46 -42.52 -17.65 96.39
C THR E 46 -42.15 -16.72 95.23
N ALA E 47 -42.34 -17.20 93.99
CA ALA E 47 -42.01 -16.46 92.75
C ALA E 47 -42.82 -15.17 92.64
N LYS E 48 -44.11 -15.23 92.98
CA LYS E 48 -45.01 -14.06 92.98
C LYS E 48 -44.53 -13.03 93.99
N LYS E 49 -44.27 -13.46 95.22
CA LYS E 49 -43.84 -12.57 96.33
C LYS E 49 -42.53 -11.84 95.97
N LEU E 50 -41.64 -12.52 95.22
CA LEU E 50 -40.33 -11.97 94.80
C LEU E 50 -40.49 -11.08 93.57
N SER E 51 -41.54 -11.31 92.76
CA SER E 51 -41.89 -10.46 91.60
C SER E 51 -42.23 -9.03 92.05
N THR E 52 -42.30 -8.79 93.36
CA THR E 52 -42.50 -7.45 93.96
C THR E 52 -41.19 -6.63 93.92
N VAL E 53 -40.07 -7.25 94.28
CA VAL E 53 -38.76 -6.57 94.47
C VAL E 53 -38.01 -6.53 93.14
N ILE E 54 -37.65 -7.70 92.63
CA ILE E 54 -36.94 -7.86 91.32
C ILE E 54 -37.94 -7.58 90.19
N ASN E 55 -37.47 -6.94 89.12
CA ASN E 55 -38.28 -6.65 87.89
C ASN E 55 -38.23 -7.87 86.96
N MET E 56 -38.44 -9.04 87.54
CA MET E 56 -38.59 -10.33 86.83
C MET E 56 -40.08 -10.68 86.83
N LYS E 57 -40.50 -11.44 85.83
CA LYS E 57 -41.89 -11.96 85.73
C LYS E 57 -41.98 -13.18 86.66
N PRO E 58 -43.11 -13.37 87.38
CA PRO E 58 -43.25 -14.52 88.29
C PRO E 58 -42.96 -15.88 87.63
N GLU E 59 -43.28 -16.02 86.35
CA GLU E 59 -43.11 -17.27 85.56
C GLU E 59 -41.63 -17.51 85.28
N GLU E 60 -40.88 -16.46 84.99
CA GLU E 60 -39.42 -16.53 84.70
C GLU E 60 -38.65 -16.91 85.97
N ILE E 61 -39.18 -16.50 87.14
CA ILE E 61 -38.64 -16.88 88.48
C ILE E 61 -38.95 -18.37 88.73
N GLU E 62 -40.13 -18.83 88.29
CA GLU E 62 -40.57 -20.24 88.47
C GLU E 62 -39.77 -21.16 87.55
N LYS E 63 -39.50 -20.73 86.33
CA LYS E 63 -38.59 -21.44 85.38
C LYS E 63 -37.26 -21.74 86.07
N ARG E 64 -36.73 -20.76 86.80
CA ARG E 64 -35.41 -20.85 87.47
C ARG E 64 -35.52 -21.72 88.72
N LEU E 65 -36.59 -21.53 89.49
CA LEU E 65 -36.86 -22.35 90.68
C LEU E 65 -37.17 -23.82 90.30
N SER E 66 -37.55 -24.06 89.04
CA SER E 66 -38.00 -25.39 88.56
C SER E 66 -36.86 -26.17 87.91
N GLN E 67 -35.62 -25.68 88.02
CA GLN E 67 -34.43 -26.38 87.50
C GLN E 67 -34.16 -27.64 88.33
N LYS E 68 -33.97 -28.72 87.59
CA LYS E 68 -33.80 -30.08 88.18
C LYS E 68 -32.35 -30.33 88.56
N LYS E 69 -32.19 -31.17 89.58
CA LYS E 69 -30.86 -31.58 90.11
C LYS E 69 -29.95 -30.36 90.22
N ALA E 70 -30.47 -29.33 90.90
CA ALA E 70 -29.71 -28.15 91.35
C ALA E 70 -30.00 -27.93 92.82
N PHE E 71 -28.95 -27.64 93.57
CA PHE E 71 -29.11 -27.27 95.00
C PHE E 71 -29.59 -25.83 95.10
N GLN E 72 -28.74 -24.94 94.59
CA GLN E 72 -28.89 -23.49 94.72
C GLN E 72 -28.90 -22.80 93.35
N ILE E 73 -29.71 -21.75 93.24
CA ILE E 73 -29.82 -21.05 91.92
C ILE E 73 -29.67 -19.53 92.04
N GLU E 74 -29.14 -18.93 90.98
CA GLU E 74 -29.00 -17.45 90.85
C GLU E 74 -30.01 -16.95 89.82
N PHE E 75 -30.09 -15.63 89.74
CA PHE E 75 -31.09 -14.93 88.88
C PHE E 75 -30.49 -13.96 87.88
N GLY E 76 -29.51 -14.45 87.09
CA GLY E 76 -28.84 -13.64 86.05
C GLY E 76 -28.31 -12.29 86.57
N ARG E 77 -28.42 -11.21 85.78
CA ARG E 77 -28.01 -9.84 86.21
C ARG E 77 -28.99 -9.25 87.25
N LYS E 78 -30.27 -9.66 87.20
CA LYS E 78 -31.34 -9.09 88.07
C LYS E 78 -31.13 -9.54 89.52
N GLY E 79 -30.57 -10.73 89.68
CA GLY E 79 -30.28 -11.38 90.97
C GLY E 79 -28.93 -10.97 91.57
N THR E 80 -28.49 -9.76 91.22
CA THR E 80 -27.18 -9.20 91.65
C THR E 80 -27.35 -7.70 91.83
N ASN E 81 -26.38 -7.06 92.48
CA ASN E 81 -26.33 -5.57 92.57
C ASN E 81 -27.61 -5.10 93.25
N LEU E 82 -28.02 -5.86 94.25
CA LEU E 82 -29.20 -5.48 95.07
C LEU E 82 -28.78 -4.60 96.24
N THR E 83 -29.50 -3.49 96.42
CA THR E 83 -29.24 -2.53 97.51
C THR E 83 -29.69 -3.12 98.83
N TYR E 84 -29.27 -2.46 99.91
CA TYR E 84 -29.51 -2.89 101.30
C TYR E 84 -31.00 -2.81 101.66
N GLN E 85 -31.73 -1.82 101.14
CA GLN E 85 -33.18 -1.62 101.44
C GLN E 85 -34.01 -2.62 100.60
N ASP E 86 -33.46 -3.12 99.49
CA ASP E 86 -34.02 -4.28 98.73
C ASP E 86 -33.89 -5.53 99.60
N LYS E 87 -32.72 -5.69 100.22
CA LYS E 87 -32.44 -6.86 101.08
C LYS E 87 -33.47 -6.89 102.21
N LEU E 88 -33.54 -5.80 102.98
CA LEU E 88 -34.49 -5.62 104.10
C LEU E 88 -35.92 -5.98 103.65
N LYS E 89 -36.40 -5.43 102.52
CA LYS E 89 -37.77 -5.72 102.00
C LYS E 89 -38.01 -7.23 101.92
N ILE E 90 -37.06 -7.99 101.34
CA ILE E 90 -37.24 -9.45 101.12
C ILE E 90 -37.10 -10.15 102.46
N GLU E 91 -36.13 -9.76 103.27
CA GLU E 91 -35.86 -10.43 104.56
C GLU E 91 -37.14 -10.50 105.42
N LYS E 92 -38.05 -9.53 105.27
CA LYS E 92 -39.34 -9.45 106.01
C LYS E 92 -40.34 -10.49 105.49
N MET E 93 -40.16 -11.00 104.27
CA MET E 93 -41.03 -12.04 103.66
C MET E 93 -40.72 -13.42 104.29
N ASN E 94 -39.50 -13.59 104.81
CA ASN E 94 -39.04 -14.78 105.60
C ASN E 94 -39.30 -16.07 104.79
N LEU E 95 -38.99 -16.04 103.50
CA LEU E 95 -39.34 -17.10 102.51
C LEU E 95 -38.43 -18.30 102.67
N PRO E 96 -38.93 -19.52 102.36
CA PRO E 96 -38.12 -20.73 102.60
C PRO E 96 -37.03 -20.87 101.53
N GLY E 97 -35.75 -20.95 101.89
CA GLY E 97 -34.75 -21.21 100.83
C GLY E 97 -34.07 -20.00 100.25
N ILE E 98 -34.58 -18.83 100.59
CA ILE E 98 -34.15 -17.52 100.01
C ILE E 98 -33.12 -16.87 100.92
N SER E 99 -32.08 -16.36 100.31
CA SER E 99 -31.00 -15.68 101.07
C SER E 99 -30.32 -14.69 100.15
N LEU E 100 -29.69 -13.69 100.77
CA LEU E 100 -28.93 -12.66 100.06
C LEU E 100 -27.51 -12.69 100.59
N LEU E 101 -26.52 -12.86 99.71
CA LEU E 101 -25.12 -12.85 100.14
C LEU E 101 -24.51 -11.51 99.77
N PRO E 102 -23.71 -10.92 100.69
CA PRO E 102 -22.98 -9.70 100.39
C PRO E 102 -21.95 -9.93 99.28
N GLU E 103 -21.83 -8.92 98.41
CA GLU E 103 -20.77 -8.90 97.39
C GLU E 103 -20.35 -7.46 97.15
N THR E 104 -19.05 -7.27 96.92
CA THR E 104 -18.48 -5.95 96.59
C THR E 104 -18.53 -5.73 95.09
N GLU E 105 -18.94 -4.53 94.71
CA GLU E 105 -18.97 -4.05 93.32
C GLU E 105 -18.27 -2.70 93.25
N ARG E 106 -17.71 -2.42 92.09
CA ARG E 106 -17.07 -1.11 91.83
C ARG E 106 -18.19 -0.21 91.38
N PHE E 107 -18.24 0.96 91.99
CA PHE E 107 -19.34 1.92 91.75
C PHE E 107 -18.77 3.21 91.20
N TYR E 108 -19.33 3.66 90.08
CA TYR E 108 -18.97 4.95 89.48
C TYR E 108 -20.22 5.80 89.60
N PRO E 109 -20.26 6.67 90.63
CA PRO E 109 -21.42 7.56 90.88
C PRO E 109 -22.06 8.29 89.70
N ASN E 110 -21.23 8.70 88.75
CA ASN E 110 -21.64 9.51 87.59
C ASN E 110 -22.07 8.65 86.38
N GLY E 111 -21.85 7.34 86.47
CA GLY E 111 -21.98 6.42 85.32
C GLY E 111 -21.02 6.77 84.22
N ASN E 112 -21.57 7.04 83.04
CA ASN E 112 -20.81 7.54 81.86
C ASN E 112 -20.32 8.94 82.19
N PHE E 113 -19.04 9.04 82.48
CA PHE E 113 -18.38 10.28 82.94
C PHE E 113 -16.88 10.11 82.84
N ALA E 114 -16.21 10.80 81.91
CA ALA E 114 -14.77 10.60 81.63
C ALA E 114 -14.43 9.11 81.51
N SER E 115 -15.34 8.37 80.91
CA SER E 115 -15.31 6.89 80.91
C SER E 115 -13.97 6.37 80.45
N HIS E 116 -13.43 7.05 79.45
CA HIS E 116 -12.20 6.59 78.76
C HIS E 116 -10.93 6.91 79.55
N LEU E 117 -10.99 7.89 80.42
CA LEU E 117 -9.88 8.25 81.34
C LEU E 117 -9.94 7.43 82.63
N ILE E 118 -11.03 7.57 83.36
CA ILE E 118 -11.22 6.85 84.65
C ILE E 118 -10.88 5.37 84.42
N GLY E 119 -11.51 4.80 83.39
CA GLY E 119 -11.38 3.38 83.07
C GLY E 119 -12.41 2.56 83.80
N ARG E 120 -12.17 1.25 83.81
CA ARG E 120 -13.14 0.26 84.33
C ARG E 120 -12.40 -0.93 84.92
N ALA E 121 -12.85 -1.38 86.08
CA ALA E 121 -12.30 -2.59 86.73
C ALA E 121 -13.33 -3.72 86.67
N GLN E 122 -12.85 -4.88 86.24
CA GLN E 122 -13.68 -6.09 86.06
C GLN E 122 -13.56 -6.96 87.29
N LYS E 123 -14.62 -7.73 87.54
CA LYS E 123 -14.67 -8.62 88.72
C LYS E 123 -14.44 -10.06 88.33
N ASN E 124 -13.59 -10.74 89.10
CA ASN E 124 -13.37 -12.19 88.95
C ASN E 124 -14.50 -12.85 89.73
N PRO E 125 -15.41 -13.56 89.04
CA PRO E 125 -16.55 -14.23 89.68
C PRO E 125 -16.19 -15.00 90.94
N ASP E 126 -15.20 -15.88 90.83
CA ASP E 126 -14.81 -16.84 91.90
C ASP E 126 -14.38 -16.11 93.17
N THR E 127 -13.35 -15.29 93.03
CA THR E 127 -12.66 -14.64 94.16
C THR E 127 -13.28 -13.30 94.56
N GLY E 128 -14.07 -12.70 93.69
CA GLY E 128 -14.62 -11.36 93.96
C GLY E 128 -13.63 -10.24 93.74
N GLU E 129 -12.48 -10.55 93.12
CA GLU E 129 -11.35 -9.59 93.00
C GLU E 129 -11.55 -8.71 91.79
N LEU E 130 -11.38 -7.41 92.01
CA LEU E 130 -11.54 -6.38 90.98
C LEU E 130 -10.18 -6.10 90.35
N LYS E 131 -10.09 -5.95 89.04
CA LYS E 131 -8.81 -5.77 88.31
C LYS E 131 -9.05 -4.74 87.20
N GLY E 132 -8.26 -3.67 87.15
CA GLY E 132 -8.45 -2.63 86.13
C GLY E 132 -8.18 -3.14 84.73
N ALA E 133 -9.07 -2.81 83.82
CA ALA E 133 -8.99 -3.26 82.41
C ALA E 133 -8.63 -2.12 81.47
N LEU E 134 -8.80 -0.86 81.88
CA LEU E 134 -8.54 0.30 81.02
C LEU E 134 -8.40 1.56 81.89
N GLY E 135 -7.72 2.56 81.33
CA GLY E 135 -7.66 3.85 82.04
C GLY E 135 -6.96 3.75 83.36
N VAL E 136 -7.20 4.78 84.18
CA VAL E 136 -6.68 4.87 85.59
C VAL E 136 -6.68 3.47 86.20
N GLU E 137 -7.85 2.83 86.18
CA GLU E 137 -8.05 1.58 86.95
C GLU E 137 -6.94 0.61 86.56
N LYS E 138 -6.54 0.58 85.30
CA LYS E 138 -5.50 -0.39 84.87
C LYS E 138 -4.10 0.07 85.24
N ILE E 139 -3.77 1.30 84.88
CA ILE E 139 -2.43 1.89 85.16
C ILE E 139 -2.05 1.72 86.63
N PHE E 140 -2.98 2.10 87.51
CA PHE E 140 -2.74 2.14 88.97
C PHE E 140 -3.29 0.93 89.70
N ASP E 141 -3.59 -0.14 88.97
CA ASP E 141 -4.23 -1.33 89.56
C ASP E 141 -3.51 -1.71 90.84
N SER E 142 -2.24 -2.07 90.72
CA SER E 142 -1.45 -2.57 91.85
C SER E 142 -1.56 -1.68 93.09
N TYR E 143 -1.61 -0.37 92.91
CA TYR E 143 -1.62 0.59 94.04
C TYR E 143 -3.04 0.65 94.62
N LEU E 144 -4.01 0.83 93.73
CA LEU E 144 -5.44 0.73 94.09
C LEU E 144 -5.74 -0.54 94.90
N SER E 145 -5.32 -1.69 94.36
CA SER E 145 -5.55 -3.03 94.95
C SER E 145 -4.91 -3.11 96.33
N GLY E 146 -5.72 -3.16 97.38
CA GLY E 146 -5.25 -3.32 98.77
C GLY E 146 -4.60 -4.67 98.98
N SER E 147 -4.94 -5.66 98.13
CA SER E 147 -4.34 -7.01 98.15
C SER E 147 -2.87 -6.93 97.71
N LYS E 148 -2.63 -6.72 96.41
CA LYS E 148 -1.28 -6.53 95.79
C LYS E 148 -0.56 -5.33 96.45
N GLY E 149 -0.16 -5.52 97.71
CA GLY E 149 0.48 -4.47 98.55
C GLY E 149 1.73 -3.83 97.95
N SER E 150 1.57 -2.62 97.42
CA SER E 150 2.59 -1.84 96.69
C SER E 150 3.71 -1.36 97.63
N LEU E 151 4.94 -1.79 97.40
CA LEU E 151 6.08 -1.54 98.33
C LEU E 151 7.05 -0.56 97.70
N ARG E 152 6.87 -0.16 96.43
CA ARG E 152 7.86 0.72 95.76
C ARG E 152 7.24 2.12 95.65
N TYR E 153 7.86 2.96 94.81
CA TYR E 153 7.61 4.43 94.68
C TYR E 153 7.50 4.74 93.18
N ILE E 154 6.50 5.51 92.76
CA ILE E 154 5.96 5.51 91.37
C ILE E 154 6.96 6.06 90.33
N HIS E 155 7.80 7.02 90.70
CA HIS E 155 8.45 8.02 89.80
C HIS E 155 7.65 8.19 88.51
N ASP E 156 7.97 7.43 87.44
CA ASP E 156 7.34 7.55 86.10
C ASP E 156 6.60 6.26 85.75
N ILE E 157 5.75 6.28 84.73
CA ILE E 157 4.88 5.13 84.37
C ILE E 157 5.64 4.08 83.59
N TRP E 158 6.81 3.63 84.05
CA TRP E 158 7.53 2.47 83.43
C TRP E 158 6.63 1.22 83.49
N GLY E 159 6.18 0.70 82.33
CA GLY E 159 5.14 -0.34 82.25
C GLY E 159 3.85 0.16 82.89
N TYR E 160 3.34 -0.53 83.89
CA TYR E 160 2.23 0.01 84.73
C TYR E 160 2.72 0.20 86.15
N ILE E 161 4.02 0.39 86.34
CA ILE E 161 4.67 0.54 87.69
C ILE E 161 4.26 -0.62 88.63
N ALA E 162 4.62 -1.85 88.27
CA ALA E 162 4.37 -3.05 89.09
C ALA E 162 5.28 -2.99 90.32
N PRO E 163 4.72 -3.11 91.56
CA PRO E 163 5.48 -2.96 92.79
C PRO E 163 5.71 -4.26 93.57
N ASN E 164 6.25 -5.28 92.93
CA ASN E 164 6.54 -6.62 93.50
C ASN E 164 5.25 -7.28 94.04
N THR E 165 4.07 -6.66 93.89
CA THR E 165 2.75 -7.28 94.16
C THR E 165 2.77 -8.14 95.43
N LYS E 166 3.18 -7.60 96.58
CA LYS E 166 3.19 -8.35 97.87
C LYS E 166 2.69 -7.41 98.96
N PRO E 171 -5.48 -7.96 105.67
CA PRO E 171 -6.61 -7.10 106.00
C PRO E 171 -6.39 -5.65 105.53
N LYS E 172 -5.76 -5.47 104.37
CA LYS E 172 -5.12 -4.19 103.94
C LYS E 172 -6.01 -3.29 103.09
N ARG E 173 -5.91 -1.99 103.31
CA ARG E 173 -6.68 -0.96 102.59
C ARG E 173 -5.83 -0.51 101.43
N GLY E 174 -6.49 -0.08 100.35
CA GLY E 174 -5.82 0.32 99.11
C GLY E 174 -5.46 1.80 99.04
N ASP E 175 -4.75 2.11 97.97
CA ASP E 175 -4.24 3.49 97.74
C ASP E 175 -5.21 4.29 96.89
N ASP E 176 -5.38 5.55 97.28
CA ASP E 176 -6.33 6.48 96.63
C ASP E 176 -5.64 7.29 95.55
N VAL E 177 -6.32 7.45 94.42
CA VAL E 177 -5.78 8.17 93.24
C VAL E 177 -6.56 9.45 93.01
N HIS E 178 -5.86 10.57 93.10
CA HIS E 178 -6.42 11.93 92.99
C HIS E 178 -6.14 12.45 91.59
N LEU E 179 -7.18 12.81 90.86
CA LEU E 179 -6.99 13.34 89.50
C LEU E 179 -7.06 14.87 89.49
N THR E 180 -6.78 15.47 88.35
CA THR E 180 -6.83 16.94 88.20
C THR E 180 -8.21 17.38 87.72
N ILE E 181 -9.04 16.41 87.36
CA ILE E 181 -10.37 16.65 86.77
C ILE E 181 -11.25 17.45 87.75
N ASP E 182 -12.05 18.33 87.22
CA ASP E 182 -13.07 19.06 87.98
C ASP E 182 -14.39 18.53 87.49
N SER E 183 -15.12 17.85 88.36
CA SER E 183 -16.45 17.29 88.06
C SER E 183 -17.39 18.34 87.46
N ASN E 184 -17.30 19.57 87.94
CA ASN E 184 -18.18 20.65 87.45
C ASN E 184 -17.94 20.95 85.98
N ILE E 185 -16.69 20.99 85.56
CA ILE E 185 -16.31 21.25 84.16
C ILE E 185 -16.63 19.99 83.33
N GLN E 186 -16.38 18.81 83.90
CA GLN E 186 -16.65 17.54 83.21
C GLN E 186 -18.11 17.48 82.77
N VAL E 187 -19.01 17.93 83.65
CA VAL E 187 -20.47 18.03 83.31
C VAL E 187 -20.63 18.79 81.99
N PHE E 188 -20.04 19.97 81.89
CA PHE E 188 -20.23 20.82 80.71
C PHE E 188 -19.79 20.05 79.47
N VAL E 189 -18.66 19.36 79.60
CA VAL E 189 -18.12 18.59 78.46
C VAL E 189 -19.14 17.50 78.11
N GLU E 190 -19.52 16.66 79.06
CA GLU E 190 -20.38 15.48 78.73
C GLU E 190 -21.65 15.98 78.06
N GLU E 191 -22.24 17.03 78.62
CA GLU E 191 -23.51 17.57 78.07
C GLU E 191 -23.33 18.05 76.62
N ALA E 192 -22.28 18.82 76.37
CA ALA E 192 -22.07 19.41 75.04
C ALA E 192 -21.75 18.29 74.02
N LEU E 193 -20.98 17.27 74.41
CA LEU E 193 -20.66 16.15 73.48
C LEU E 193 -21.91 15.34 73.14
N ASP E 194 -22.74 15.08 74.14
CA ASP E 194 -24.06 14.45 73.90
C ASP E 194 -24.82 15.17 72.78
N GLY E 195 -24.76 16.48 72.82
CA GLY E 195 -25.40 17.37 71.86
C GLY E 195 -24.89 17.13 70.44
N MET E 196 -23.56 17.05 70.34
CA MET E 196 -22.86 16.90 69.04
C MET E 196 -23.18 15.53 68.44
N VAL E 197 -23.25 14.52 69.29
CA VAL E 197 -23.56 13.15 68.80
C VAL E 197 -24.96 13.16 68.21
N GLU E 198 -25.91 13.75 68.95
CA GLU E 198 -27.33 13.85 68.53
C GLU E 198 -27.37 14.48 67.13
N ARG E 199 -26.75 15.65 67.00
CA ARG E 199 -26.71 16.48 65.76
C ARG E 199 -26.02 15.76 64.59
N TYR E 200 -24.77 15.42 64.82
CA TYR E 200 -23.82 15.04 63.74
C TYR E 200 -23.56 13.54 63.64
N GLN E 201 -23.77 12.78 64.72
CA GLN E 201 -23.40 11.33 64.74
C GLN E 201 -22.03 11.08 64.15
N PRO E 202 -20.97 11.68 64.72
CA PRO E 202 -19.63 11.44 64.20
C PRO E 202 -19.13 10.03 64.47
N LYS E 203 -18.09 9.62 63.73
CA LYS E 203 -17.42 8.34 64.04
C LYS E 203 -16.46 8.49 65.22
N ASP E 204 -15.99 9.70 65.47
CA ASP E 204 -15.01 9.97 66.53
C ASP E 204 -15.17 11.42 66.99
N LEU E 205 -14.97 11.66 68.27
CA LEU E 205 -15.24 12.99 68.84
C LEU E 205 -14.54 13.09 70.19
N PHE E 206 -13.94 14.24 70.48
CA PHE E 206 -13.38 14.48 71.82
C PHE E 206 -13.42 15.96 72.16
N ALA E 207 -13.32 16.25 73.44
CA ALA E 207 -13.06 17.61 73.93
C ALA E 207 -12.28 17.50 75.22
N VAL E 208 -11.33 18.40 75.37
CA VAL E 208 -10.43 18.41 76.55
C VAL E 208 -10.30 19.86 76.98
N VAL E 209 -10.30 20.05 78.28
CA VAL E 209 -10.11 21.37 78.90
C VAL E 209 -8.85 21.27 79.71
N MET E 210 -7.90 22.13 79.41
CA MET E 210 -6.61 22.17 80.13
C MET E 210 -6.40 23.55 80.73
N ASP E 211 -5.88 23.58 81.96
CA ASP E 211 -5.45 24.83 82.62
C ASP E 211 -4.26 25.38 81.84
N ALA E 212 -4.45 26.56 81.26
CA ALA E 212 -3.43 27.20 80.39
C ALA E 212 -2.08 27.37 81.08
N LYS E 213 -2.12 27.58 82.40
CA LYS E 213 -0.96 27.95 83.22
C LYS E 213 -0.34 26.80 84.02
N THR E 214 -0.94 25.62 84.03
CA THR E 214 -0.35 24.47 84.74
C THR E 214 -0.13 23.24 83.83
N GLY E 215 -1.02 23.01 82.86
CA GLY E 215 -0.97 21.68 82.18
C GLY E 215 -1.86 20.63 82.84
N GLU E 216 -2.70 21.10 83.75
CA GLU E 216 -3.69 20.20 84.39
C GLU E 216 -4.87 19.97 83.46
N ILE E 217 -5.25 18.70 83.31
CA ILE E 217 -6.46 18.34 82.54
C ILE E 217 -7.64 18.53 83.49
N LEU E 218 -8.49 19.50 83.20
CA LEU E 218 -9.68 19.80 84.03
C LEU E 218 -10.88 18.99 83.57
N ALA E 219 -10.93 18.62 82.31
CA ALA E 219 -12.03 17.78 81.79
C ALA E 219 -11.59 17.12 80.51
N TYR E 220 -12.12 15.93 80.27
CA TYR E 220 -11.87 15.18 79.03
C TYR E 220 -12.98 14.14 78.80
N SER E 221 -13.56 14.11 77.60
CA SER E 221 -14.44 12.97 77.27
C SER E 221 -14.37 12.59 75.79
N GLN E 222 -14.83 11.38 75.49
CA GLN E 222 -14.68 10.82 74.14
C GLN E 222 -15.98 10.22 73.65
N ARG E 223 -16.23 10.18 72.36
CA ARG E 223 -17.41 9.47 71.80
C ARG E 223 -16.91 8.77 70.54
N PRO E 224 -16.96 7.42 70.44
CA PRO E 224 -17.86 6.57 71.24
C PRO E 224 -17.22 6.02 72.51
N THR E 225 -17.78 6.38 73.67
CA THR E 225 -17.21 5.97 74.98
C THR E 225 -18.10 4.86 75.55
N PHE E 226 -17.79 4.43 76.75
CA PHE E 226 -18.54 3.35 77.42
C PHE E 226 -19.12 3.83 78.74
N ASN E 227 -19.93 2.98 79.34
CA ASN E 227 -20.51 3.28 80.66
C ASN E 227 -19.79 2.39 81.66
N PRO E 228 -18.91 2.94 82.52
CA PRO E 228 -18.07 2.12 83.37
C PRO E 228 -18.84 1.25 84.36
N GLU E 229 -19.98 1.80 84.76
CA GLU E 229 -20.88 1.17 85.76
C GLU E 229 -21.40 -0.17 85.25
N THR E 230 -21.97 -0.13 84.05
CA THR E 230 -22.74 -1.24 83.45
C THR E 230 -21.86 -2.18 82.65
N GLY E 231 -20.81 -1.63 82.04
CA GLY E 231 -19.99 -2.40 81.13
C GLY E 231 -20.51 -2.37 79.70
N LYS E 232 -21.43 -1.44 79.47
CA LYS E 232 -22.03 -1.10 78.15
C LYS E 232 -20.92 -0.55 77.26
N ASP E 233 -20.77 -1.10 76.05
CA ASP E 233 -19.89 -0.56 74.98
C ASP E 233 -18.41 -0.67 75.33
N PHE E 234 -18.09 -1.25 76.48
CA PHE E 234 -16.67 -1.42 76.87
C PHE E 234 -16.02 -2.38 75.88
N GLY E 235 -14.93 -1.93 75.26
CA GLY E 235 -14.02 -2.80 74.50
C GLY E 235 -14.16 -2.63 73.00
N LYS E 236 -15.12 -1.81 72.56
CA LYS E 236 -15.34 -1.54 71.13
C LYS E 236 -14.19 -0.67 70.71
N LYS E 237 -14.30 0.62 71.02
CA LYS E 237 -13.13 1.53 71.07
C LYS E 237 -12.44 1.36 72.42
N TRP E 238 -11.33 0.66 72.37
CA TRP E 238 -10.40 0.56 73.53
C TRP E 238 -9.58 1.84 73.72
N ALA E 239 -9.11 2.40 72.62
CA ALA E 239 -8.15 3.52 72.62
C ALA E 239 -8.73 4.82 73.19
N ASN E 240 -7.96 5.43 74.07
CA ASN E 240 -8.27 6.76 74.59
C ASN E 240 -7.86 7.74 73.51
N ASP E 241 -8.78 8.61 73.11
CA ASP E 241 -8.48 9.61 72.04
C ASP E 241 -7.25 10.42 72.47
N LEU E 242 -7.35 11.03 73.63
CA LEU E 242 -6.43 12.10 74.09
C LEU E 242 -4.97 11.65 74.05
N TYR E 243 -4.72 10.40 74.45
CA TYR E 243 -3.36 9.87 74.69
C TYR E 243 -2.93 8.79 73.71
N GLN E 244 -3.87 8.04 73.14
CA GLN E 244 -3.50 6.81 72.41
C GLN E 244 -3.82 6.86 70.93
N ASN E 245 -4.82 7.66 70.54
CA ASN E 245 -5.27 7.77 69.14
C ASN E 245 -4.57 8.91 68.37
N THR E 246 -4.11 8.61 67.16
CA THR E 246 -3.45 9.64 66.32
C THR E 246 -4.46 10.25 65.36
N TYR E 247 -4.23 11.52 65.05
CA TYR E 247 -4.98 12.26 64.04
C TYR E 247 -4.03 13.03 63.11
N GLU E 248 -4.48 13.15 61.85
CA GLU E 248 -3.94 14.13 60.90
C GLU E 248 -4.65 15.39 61.35
N PRO E 249 -3.99 16.31 62.09
CA PRO E 249 -4.71 17.35 62.84
C PRO E 249 -5.43 18.42 62.04
N GLY E 250 -4.88 18.67 60.84
CA GLY E 250 -5.29 19.74 59.93
C GLY E 250 -4.79 21.12 60.32
N SER E 251 -5.64 22.12 60.15
CA SER E 251 -5.21 23.55 60.17
C SER E 251 -4.81 24.07 61.54
N THR E 252 -5.20 23.34 62.57
CA THR E 252 -4.82 23.61 63.97
C THR E 252 -3.30 23.64 64.06
N PHE E 253 -2.71 22.82 63.20
CA PHE E 253 -1.26 22.53 63.13
C PHE E 253 -0.51 23.66 62.46
N LYS E 254 -1.23 24.56 61.80
CA LYS E 254 -0.59 25.74 61.14
C LYS E 254 0.02 26.67 62.20
N SER E 255 -0.61 26.73 63.36
CA SER E 255 -0.15 27.59 64.47
C SER E 255 1.37 27.39 64.67
N TYR E 256 1.86 26.15 64.53
CA TYR E 256 3.28 25.84 64.84
C TYR E 256 4.17 26.22 63.64
N GLY E 257 3.65 25.95 62.44
CA GLY E 257 4.25 26.35 61.16
C GLY E 257 4.49 27.83 61.10
N LEU E 258 3.63 28.58 61.80
CA LEU E 258 3.65 30.05 61.84
C LEU E 258 4.75 30.50 62.80
N ALA E 259 4.61 30.08 64.06
CA ALA E 259 5.62 30.31 65.09
C ALA E 259 7.04 30.13 64.55
N ALA E 260 7.30 28.96 63.98
CA ALA E 260 8.61 28.68 63.35
C ALA E 260 9.08 29.88 62.52
N ALA E 261 8.29 30.20 61.49
CA ALA E 261 8.51 31.35 60.60
C ALA E 261 8.79 32.63 61.39
N ILE E 262 7.84 33.03 62.22
CA ILE E 262 7.89 34.31 62.95
C ILE E 262 9.25 34.43 63.56
N GLN E 263 9.75 33.33 64.14
CA GLN E 263 11.04 33.36 64.87
C GLN E 263 12.24 33.55 63.94
N GLU E 264 12.28 32.72 62.90
CA GLU E 264 13.29 32.79 61.82
C GLU E 264 13.24 34.12 61.07
N GLY E 265 12.21 34.94 61.32
CA GLY E 265 12.03 36.25 60.70
C GLY E 265 11.58 36.20 59.26
N ALA E 266 10.96 35.09 58.87
CA ALA E 266 10.45 34.87 57.51
C ALA E 266 9.01 35.37 57.34
N PHE E 267 8.24 35.41 58.43
CA PHE E 267 6.83 35.87 58.41
C PHE E 267 6.75 37.33 58.84
N ASP E 268 6.17 38.15 57.96
CA ASP E 268 5.86 39.57 58.23
C ASP E 268 4.37 39.67 57.95
N PRO E 269 3.55 39.98 58.96
CA PRO E 269 2.09 40.05 58.77
C PRO E 269 1.57 40.91 57.59
N ASP E 270 2.28 41.99 57.31
CA ASP E 270 1.91 42.95 56.23
C ASP E 270 2.50 42.60 54.86
N LYS E 271 3.48 41.70 54.81
CA LYS E 271 4.10 41.30 53.54
C LYS E 271 3.08 40.48 52.74
N LYS E 272 2.94 40.83 51.45
CA LYS E 272 2.02 40.16 50.50
C LYS E 272 2.70 38.93 49.91
N TYR E 273 1.94 37.85 49.74
CA TYR E 273 2.38 36.55 49.22
C TYR E 273 1.37 36.13 48.17
N LYS E 274 1.81 35.27 47.25
CA LYS E 274 0.94 34.76 46.16
C LYS E 274 0.12 33.55 46.63
N SER E 275 -1.19 33.75 46.77
CA SER E 275 -2.12 32.67 47.17
C SER E 275 -2.85 32.18 45.92
N GLY E 276 -3.24 30.90 45.92
CA GLY E 276 -3.99 30.35 44.78
C GLY E 276 -3.71 28.87 44.64
N HIS E 277 -2.46 28.51 44.33
CA HIS E 277 -2.09 27.08 44.12
C HIS E 277 -0.58 26.90 44.26
N ARG E 278 -0.13 25.66 44.29
CA ARG E 278 1.33 25.37 44.32
C ARG E 278 1.52 23.97 43.73
N ASP E 279 2.21 23.86 42.60
CA ASP E 279 2.36 22.55 41.91
C ASP E 279 3.55 21.80 42.52
N ILE E 280 3.30 20.98 43.54
CA ILE E 280 4.41 20.25 44.23
C ILE E 280 4.31 18.76 43.92
N MET E 281 5.43 18.10 43.61
CA MET E 281 5.47 16.64 43.32
C MET E 281 4.30 16.25 42.39
N GLY E 282 4.16 16.94 41.27
CA GLY E 282 3.10 16.63 40.29
C GLY E 282 1.72 16.63 40.90
N SER E 283 1.40 17.67 41.69
CA SER E 283 0.05 17.78 42.30
C SER E 283 -0.27 19.26 42.58
N ARG E 284 -1.40 19.73 42.05
CA ARG E 284 -1.82 21.13 42.28
C ARG E 284 -2.36 21.24 43.69
N ILE E 285 -1.48 21.39 44.68
CA ILE E 285 -1.94 21.59 46.08
C ILE E 285 -2.38 23.03 46.21
N SER E 286 -3.67 23.26 46.42
CA SER E 286 -4.21 24.64 46.44
C SER E 286 -4.85 24.96 47.79
N ASP E 287 -5.38 26.17 47.90
CA ASP E 287 -6.05 26.60 49.15
C ASP E 287 -7.41 25.92 49.28
N TRP E 288 -8.09 26.14 50.38
CA TRP E 288 -9.41 25.50 50.62
C TRP E 288 -10.43 26.01 49.59
N ASN E 289 -10.24 27.24 49.11
CA ASN E 289 -11.17 27.81 48.10
C ASN E 289 -10.74 27.38 46.70
N ARG E 290 -9.61 26.69 46.58
CA ARG E 290 -9.12 26.11 45.28
C ARG E 290 -8.69 27.17 44.28
N VAL E 291 -9.02 28.46 44.50
CA VAL E 291 -8.70 29.52 43.52
C VAL E 291 -7.80 30.59 44.17
N GLY E 292 -7.84 30.68 45.49
CA GLY E 292 -7.01 31.66 46.23
C GLY E 292 -7.64 33.02 46.25
N TRP E 293 -6.94 34.00 46.79
CA TRP E 293 -7.41 35.40 46.86
C TRP E 293 -6.38 36.32 46.20
N GLY E 294 -5.53 35.73 45.36
CA GLY E 294 -4.48 36.46 44.62
C GLY E 294 -3.35 36.90 45.53
N GLU E 295 -2.84 38.10 45.34
CA GLU E 295 -1.78 38.65 46.22
C GLU E 295 -2.42 39.25 47.46
N ILE E 296 -2.12 38.71 48.63
CA ILE E 296 -2.71 39.21 49.90
C ILE E 296 -1.65 39.22 50.98
N PRO E 297 -1.81 40.06 52.05
CA PRO E 297 -0.96 40.02 53.24
C PRO E 297 -0.98 38.67 53.93
N MET E 298 0.14 38.23 54.53
CA MET E 298 0.23 36.93 55.20
C MET E 298 -0.77 36.90 56.37
N SER E 299 -0.84 38.00 57.11
CA SER E 299 -1.79 38.11 58.24
C SER E 299 -3.14 37.59 57.81
N LEU E 300 -3.63 38.06 56.67
CA LEU E 300 -4.93 37.61 56.12
C LEU E 300 -4.90 36.12 55.84
N GLY E 301 -3.97 35.64 55.04
CA GLY E 301 -3.88 34.23 54.67
C GLY E 301 -4.13 33.34 55.88
N PHE E 302 -3.50 33.70 56.98
CA PHE E 302 -3.58 32.89 58.21
C PHE E 302 -4.97 33.01 58.81
N THR E 303 -5.53 34.22 58.82
CA THR E 303 -6.91 34.42 59.32
C THR E 303 -7.86 33.48 58.54
N TYR E 304 -7.66 33.48 57.22
CA TYR E 304 -8.50 32.68 56.30
C TYR E 304 -8.20 31.19 56.43
N SER E 305 -6.96 30.88 56.84
CA SER E 305 -6.38 29.52 56.83
C SER E 305 -5.91 29.13 55.45
N SER E 306 -5.00 29.92 54.88
CA SER E 306 -4.37 29.61 53.58
C SER E 306 -3.38 28.43 53.64
N ASN E 307 -3.66 27.38 52.85
CA ASN E 307 -2.73 26.24 52.76
C ASN E 307 -1.46 26.62 52.03
N THR E 308 -1.55 27.54 51.08
CA THR E 308 -0.38 28.05 50.33
C THR E 308 0.58 28.79 51.26
N LEU E 309 0.04 29.57 52.19
CA LEU E 309 0.89 30.36 53.10
C LEU E 309 1.99 29.50 53.77
N MET E 310 1.54 28.43 54.40
CA MET E 310 2.38 27.49 55.17
C MET E 310 3.45 26.90 54.28
N MET E 311 3.09 26.62 53.05
CA MET E 311 3.98 26.04 52.02
C MET E 311 5.06 27.04 51.60
N HIS E 312 4.63 28.25 51.30
CA HIS E 312 5.54 29.39 51.10
C HIS E 312 6.56 29.43 52.27
N LEU E 313 5.99 29.58 53.46
CA LEU E 313 6.80 29.86 54.67
C LEU E 313 7.81 28.74 54.82
N GLN E 314 7.40 27.50 54.52
CA GLN E 314 8.30 26.34 54.67
C GLN E 314 9.53 26.55 53.80
N ASP E 315 9.30 27.00 52.57
CA ASP E 315 10.36 27.24 51.58
C ASP E 315 11.31 28.32 52.08
N LEU E 316 10.77 29.41 52.61
CA LEU E 316 11.62 30.52 53.11
C LEU E 316 12.49 30.04 54.29
N VAL E 317 11.91 29.31 55.22
CA VAL E 317 12.64 28.83 56.42
C VAL E 317 13.66 27.76 55.97
N GLY E 318 13.19 26.71 55.30
CA GLY E 318 14.05 25.58 54.90
C GLY E 318 13.49 24.27 55.43
N ALA E 319 13.56 23.24 54.60
CA ALA E 319 13.08 21.88 54.94
C ALA E 319 13.69 21.46 56.28
N ASP E 320 15.00 21.32 56.31
CA ASP E 320 15.68 20.67 57.47
C ASP E 320 15.29 21.41 58.73
N LYS E 321 15.17 22.72 58.64
CA LYS E 321 14.97 23.56 59.84
C LYS E 321 13.53 23.40 60.32
N MET E 322 12.58 23.29 59.38
CA MET E 322 11.14 23.17 59.76
C MET E 322 10.94 21.81 60.42
N LYS E 323 11.65 20.78 59.97
CA LYS E 323 11.48 19.45 60.61
C LYS E 323 11.85 19.55 62.08
N SER E 324 12.98 20.19 62.35
CA SER E 324 13.51 20.40 63.70
C SER E 324 12.55 21.26 64.50
N TRP E 325 11.93 22.24 63.83
CA TRP E 325 10.93 23.08 64.52
C TRP E 325 9.78 22.23 65.05
N TYR E 326 9.24 21.35 64.21
CA TYR E 326 8.09 20.51 64.63
C TYR E 326 8.52 19.54 65.74
N GLU E 327 9.76 19.09 65.68
CA GLU E 327 10.34 18.21 66.73
C GLU E 327 10.45 18.97 68.05
N ARG E 328 10.89 20.22 67.99
CA ARG E 328 11.03 21.02 69.23
C ARG E 328 9.69 21.40 69.81
N PHE E 329 8.63 21.33 68.99
CA PHE E 329 7.24 21.52 69.49
C PHE E 329 6.63 20.21 70.02
N GLY E 330 7.44 19.16 70.15
CA GLY E 330 7.08 17.95 70.92
C GLY E 330 6.38 16.90 70.14
N PHE E 331 6.31 17.09 68.83
CA PHE E 331 5.59 16.18 67.90
C PHE E 331 6.49 15.04 67.46
N GLY E 332 5.84 13.91 67.20
CA GLY E 332 6.57 12.67 66.85
C GLY E 332 7.17 12.00 68.08
N LYS E 333 6.94 12.55 69.26
CA LYS E 333 7.45 11.98 70.51
C LYS E 333 6.35 11.97 71.54
N SER E 334 6.41 10.96 72.40
CA SER E 334 5.53 10.85 73.58
C SER E 334 5.66 12.08 74.48
N THR E 335 4.56 12.53 75.08
CA THR E 335 4.58 13.68 76.01
C THR E 335 5.02 13.26 77.39
N LYS E 336 5.33 11.97 77.56
CA LYS E 336 5.74 11.35 78.83
C LYS E 336 4.69 11.59 79.90
N GLY E 337 3.43 11.61 79.46
CA GLY E 337 2.26 11.67 80.33
C GLY E 337 2.10 10.36 81.06
N MET E 338 1.21 10.38 82.04
CA MET E 338 1.08 9.26 83.01
C MET E 338 0.23 8.10 82.49
N PHE E 339 -0.07 8.08 81.20
CA PHE E 339 -1.06 7.14 80.66
C PHE E 339 -0.27 6.01 80.00
N ASP E 340 -0.92 4.87 79.92
CA ASP E 340 -0.36 3.65 79.29
C ASP E 340 -0.21 3.82 77.79
N GLY E 341 0.85 3.23 77.22
CA GLY E 341 1.06 3.16 75.77
C GLY E 341 0.67 4.39 75.02
N GLU E 342 1.07 5.55 75.54
CA GLU E 342 0.82 6.84 74.86
C GLU E 342 1.45 6.81 73.48
N ALA E 343 0.65 7.20 72.48
CA ALA E 343 1.07 7.15 71.08
C ALA E 343 2.04 8.28 70.74
N PRO E 344 3.10 7.97 69.98
CA PRO E 344 4.10 8.99 69.65
C PRO E 344 3.74 9.86 68.43
N GLY E 345 2.86 9.32 67.58
CA GLY E 345 2.55 9.86 66.25
C GLY E 345 3.80 9.89 65.38
N GLN E 346 3.80 10.68 64.33
CA GLN E 346 5.00 10.79 63.46
C GLN E 346 4.93 11.96 62.51
N ILE E 347 6.07 12.61 62.35
CA ILE E 347 6.21 13.78 61.47
C ILE E 347 6.41 13.22 60.06
N GLY E 348 5.48 13.54 59.16
CA GLY E 348 5.52 13.12 57.76
C GLY E 348 6.50 13.96 57.00
N TRP E 349 7.68 13.41 56.73
CA TRP E 349 8.78 14.20 56.13
C TRP E 349 9.60 13.36 55.14
N SER E 350 9.02 12.30 54.57
CA SER E 350 9.76 11.33 53.69
C SER E 350 10.10 11.92 52.31
N ASN E 351 9.25 12.82 51.83
CA ASN E 351 9.45 13.51 50.55
C ASN E 351 8.83 14.89 50.62
N GLU E 352 9.02 15.68 49.57
CA GLU E 352 8.55 17.09 49.52
C GLU E 352 7.03 17.15 49.74
N LEU E 353 6.31 16.19 49.16
CA LEU E 353 4.83 16.18 49.26
C LEU E 353 4.47 16.15 50.74
N GLN E 354 4.99 15.15 51.45
CA GLN E 354 4.65 14.92 52.87
C GLN E 354 5.01 16.18 53.64
N GLN E 355 6.18 16.71 53.35
CA GLN E 355 6.71 17.89 54.08
C GLN E 355 5.75 19.06 53.90
N LYS E 356 5.42 19.35 52.66
CA LYS E 356 4.50 20.47 52.36
C LYS E 356 3.15 20.24 53.07
N THR E 357 2.54 19.11 52.74
CA THR E 357 1.18 18.78 53.29
C THR E 357 1.23 18.86 54.83
N SER E 358 2.38 18.51 55.40
CA SER E 358 2.54 18.57 56.88
C SER E 358 2.28 19.98 57.33
N SER E 359 2.78 21.05 56.71
CA SER E 359 2.73 22.38 57.35
C SER E 359 1.30 22.84 57.59
N PHE E 360 0.31 22.18 56.98
CA PHE E 360 -1.11 22.50 57.19
C PHE E 360 -1.87 21.29 57.74
N GLY E 361 -1.12 20.30 58.20
CA GLY E 361 -1.57 19.26 59.15
C GLY E 361 -2.01 17.95 58.55
N GLN E 362 -1.45 17.59 57.40
CA GLN E 362 -1.69 16.28 56.76
C GLN E 362 -0.37 15.52 56.73
N SER E 363 -0.46 14.22 56.55
CA SER E 363 0.67 13.24 56.61
C SER E 363 1.13 13.02 58.03
N THR E 364 1.49 14.13 58.66
CA THR E 364 1.91 14.16 60.08
C THR E 364 0.77 13.75 61.00
N THR E 365 1.05 12.87 61.95
CA THR E 365 0.06 12.40 62.93
C THR E 365 0.46 12.89 64.32
N VAL E 366 -0.55 13.23 65.10
CA VAL E 366 -0.37 13.74 66.48
C VAL E 366 -1.40 13.12 67.42
N THR E 367 -1.00 13.03 68.69
CA THR E 367 -1.93 12.90 69.81
C THR E 367 -2.52 14.27 70.11
N PRO E 368 -3.83 14.32 70.48
CA PRO E 368 -4.42 15.57 70.95
C PRO E 368 -3.58 16.25 72.02
N VAL E 369 -2.91 15.43 72.82
CA VAL E 369 -2.07 15.89 73.96
C VAL E 369 -0.85 16.64 73.44
N GLN E 370 -0.11 16.07 72.48
CA GLN E 370 1.02 16.73 71.82
C GLN E 370 0.62 18.15 71.46
N MET E 371 -0.64 18.28 71.05
CA MET E 371 -1.17 19.57 70.55
C MET E 371 -1.39 20.52 71.73
N LEU E 372 -1.97 20.05 72.84
CA LEU E 372 -2.09 20.88 74.05
C LEU E 372 -0.71 21.36 74.47
N GLN E 373 0.24 20.44 74.43
CA GLN E 373 1.61 20.71 74.89
C GLN E 373 2.12 21.87 74.07
N ALA E 374 2.15 21.69 72.76
CA ALA E 374 2.50 22.75 71.79
C ALA E 374 1.86 24.07 72.18
N GLN E 375 0.54 24.12 72.06
CA GLN E 375 -0.24 25.36 72.19
C GLN E 375 0.09 26.11 73.46
N SER E 376 0.38 25.40 74.53
CA SER E 376 0.65 26.05 75.84
C SER E 376 1.75 27.08 75.77
N ALA E 377 2.75 26.79 74.94
CA ALA E 377 3.88 27.71 74.64
C ALA E 377 3.46 29.18 74.50
N PHE E 378 2.33 29.42 73.85
CA PHE E 378 1.96 30.76 73.37
C PHE E 378 1.54 31.67 74.52
N PHE E 379 1.14 31.05 75.62
CA PHE E 379 0.52 31.75 76.79
C PHE E 379 1.41 31.71 78.03
N ASN E 380 2.54 31.03 77.91
CA ASN E 380 3.59 30.83 78.95
C ASN E 380 4.97 31.05 78.33
N ASP E 381 5.09 32.12 77.54
CA ASP E 381 6.38 32.85 77.26
C ASP E 381 7.37 31.92 76.56
N GLY E 382 6.78 31.05 75.75
CA GLY E 382 7.41 30.07 74.85
C GLY E 382 7.68 28.73 75.48
N ASN E 383 7.34 28.53 76.75
CA ASN E 383 7.53 27.25 77.44
C ASN E 383 6.33 26.32 77.24
N MET E 384 6.55 25.16 76.64
CA MET E 384 5.53 24.10 76.60
C MET E 384 5.46 23.41 77.95
N LEU E 385 4.21 23.23 78.39
CA LEU E 385 3.90 22.59 79.66
C LEU E 385 3.54 21.14 79.39
N LYS E 386 4.11 20.26 80.23
CA LYS E 386 3.82 18.81 80.18
C LYS E 386 2.41 18.66 80.70
N PRO E 387 1.50 18.14 79.86
CA PRO E 387 0.15 17.89 80.32
C PRO E 387 0.03 16.62 81.15
N TRP E 388 -0.61 16.78 82.31
CA TRP E 388 -0.76 15.73 83.34
C TRP E 388 -2.14 15.80 83.94
N PHE E 389 -2.61 14.64 84.39
CA PHE E 389 -3.99 14.45 84.87
C PHE E 389 -4.05 13.79 86.23
N VAL E 390 -2.91 13.30 86.71
CA VAL E 390 -2.78 12.60 88.00
C VAL E 390 -2.20 13.60 88.97
N ASN E 391 -2.99 13.94 89.99
CA ASN E 391 -2.58 14.91 91.02
C ASN E 391 -1.75 14.19 92.09
N SER E 392 -2.18 13.02 92.56
CA SER E 392 -1.44 12.20 93.57
C SER E 392 -2.05 10.80 93.76
N VAL E 393 -1.18 9.84 94.10
CA VAL E 393 -1.48 8.45 94.51
C VAL E 393 -0.95 8.36 95.92
N GLU E 394 -1.86 8.26 96.87
CA GLU E 394 -1.44 8.16 98.29
C GLU E 394 -2.36 7.27 99.11
N ASN E 395 -1.78 6.39 99.92
CA ASN E 395 -2.55 5.61 100.89
C ASN E 395 -3.12 6.54 101.95
N PRO E 396 -4.45 6.54 102.14
CA PRO E 396 -5.05 7.53 103.04
C PRO E 396 -4.87 7.24 104.53
N VAL E 397 -4.48 6.01 104.83
CA VAL E 397 -4.07 5.61 106.21
C VAL E 397 -2.76 6.30 106.56
N SER E 398 -1.71 5.97 105.82
CA SER E 398 -0.33 6.44 106.14
C SER E 398 -0.11 7.88 105.68
N LYS E 399 -0.89 8.34 104.72
CA LYS E 399 -0.77 9.64 104.05
C LYS E 399 0.42 9.67 103.12
N ARG E 400 1.00 8.51 102.82
CA ARG E 400 2.27 8.45 102.08
C ARG E 400 2.02 8.72 100.60
N GLN E 401 2.68 9.71 100.01
CA GLN E 401 2.46 10.06 98.59
C GLN E 401 3.43 9.28 97.72
N PHE E 402 2.91 8.26 97.05
CA PHE E 402 3.71 7.44 96.11
C PHE E 402 4.00 8.19 94.82
N TYR E 403 3.08 9.05 94.38
CA TYR E 403 3.39 10.04 93.31
C TYR E 403 2.59 11.30 93.60
N LYS E 404 3.22 12.41 93.25
CA LYS E 404 2.55 13.72 93.28
C LYS E 404 2.89 14.45 92.00
N GLY E 405 1.86 14.79 91.24
CA GLY E 405 2.04 15.47 89.97
C GLY E 405 2.31 16.94 90.16
N GLN E 406 3.04 17.51 89.21
CA GLN E 406 3.33 18.96 89.22
C GLN E 406 3.57 19.45 87.80
N LYS E 407 3.47 20.75 87.65
CA LYS E 407 3.71 21.41 86.35
C LYS E 407 5.20 21.38 86.02
N GLN E 408 5.51 20.87 84.84
CA GLN E 408 6.85 20.66 84.31
C GLN E 408 6.89 21.34 82.95
N ILE E 409 8.10 21.72 82.58
CA ILE E 409 8.37 22.43 81.32
C ILE E 409 9.05 21.41 80.40
N ALA E 410 8.30 20.99 79.38
CA ALA E 410 8.73 19.95 78.40
C ALA E 410 9.55 20.59 77.29
N GLY E 411 9.68 21.90 77.29
CA GLY E 411 10.66 22.55 76.42
C GLY E 411 10.28 23.97 76.16
N LYS E 412 11.25 24.82 75.85
CA LYS E 412 11.01 26.19 75.36
C LYS E 412 11.52 26.26 73.92
N PRO E 413 10.67 25.92 72.93
CA PRO E 413 11.11 25.98 71.54
C PRO E 413 11.18 27.38 70.93
N ILE E 414 10.49 28.33 71.56
CA ILE E 414 10.22 29.67 70.99
C ILE E 414 10.43 30.72 72.06
N THR E 415 10.50 31.96 71.60
CA THR E 415 10.85 33.12 72.41
C THR E 415 9.58 33.73 72.99
N LYS E 416 9.73 34.70 73.88
CA LYS E 416 8.55 35.43 74.42
C LYS E 416 7.95 36.28 73.28
N ASP E 417 8.82 36.99 72.56
CA ASP E 417 8.41 37.88 71.43
C ASP E 417 7.61 37.09 70.41
N THR E 418 8.14 35.98 69.95
CA THR E 418 7.45 35.09 68.99
C THR E 418 6.06 34.73 69.49
N ALA E 419 5.95 34.29 70.76
CA ALA E 419 4.65 33.87 71.32
C ALA E 419 3.62 34.98 71.27
N GLU E 420 4.00 36.21 71.59
CA GLU E 420 3.04 37.34 71.57
C GLU E 420 2.55 37.59 70.16
N LYS E 421 3.43 37.44 69.19
CA LYS E 421 3.10 37.67 67.77
C LYS E 421 2.17 36.55 67.27
N VAL E 422 2.40 35.33 67.72
CA VAL E 422 1.51 34.19 67.37
C VAL E 422 0.14 34.48 67.96
N GLU E 423 0.09 34.89 69.22
CA GLU E 423 -1.21 35.16 69.90
C GLU E 423 -2.00 36.22 69.11
N LYS E 424 -1.31 37.23 68.64
CA LYS E 424 -1.96 38.33 67.87
C LYS E 424 -2.70 37.76 66.66
N GLN E 425 -2.11 36.79 65.98
CA GLN E 425 -2.71 36.17 64.78
C GLN E 425 -3.89 35.28 65.20
N LEU E 426 -3.74 34.53 66.29
CA LEU E 426 -4.82 33.66 66.81
C LEU E 426 -6.05 34.50 67.19
N ASP E 427 -5.80 35.68 67.74
CA ASP E 427 -6.87 36.65 68.08
C ASP E 427 -7.59 37.00 66.78
N LEU E 428 -6.82 37.39 65.77
CA LEU E 428 -7.39 37.74 64.44
C LEU E 428 -8.24 36.59 63.87
N VAL E 429 -7.68 35.40 63.81
CA VAL E 429 -8.38 34.24 63.18
C VAL E 429 -9.86 34.27 63.53
N VAL E 430 -10.16 34.60 64.77
CA VAL E 430 -11.56 34.63 65.28
C VAL E 430 -12.16 36.03 65.18
N ASN E 431 -11.45 37.02 65.71
CA ASN E 431 -11.96 38.41 65.88
C ASN E 431 -11.43 39.44 64.85
N SER E 432 -11.21 38.97 63.63
CA SER E 432 -10.92 39.81 62.44
C SER E 432 -12.22 40.10 61.69
N LYS E 433 -12.19 41.15 60.89
CA LYS E 433 -13.42 41.64 60.19
C LYS E 433 -13.78 40.62 59.11
N LYS E 434 -12.77 40.00 58.53
CA LYS E 434 -12.89 39.01 57.45
C LYS E 434 -12.76 37.59 57.98
N SER E 435 -12.91 37.38 59.30
CA SER E 435 -12.67 36.05 59.90
C SER E 435 -13.51 34.96 59.26
N HIS E 436 -12.92 33.78 59.06
CA HIS E 436 -13.66 32.58 58.61
C HIS E 436 -13.85 31.67 59.83
N ALA E 437 -13.99 32.30 60.99
CA ALA E 437 -14.15 31.59 62.27
C ALA E 437 -15.05 32.37 63.20
N ALA E 438 -15.98 33.16 62.68
CA ALA E 438 -16.82 34.04 63.52
C ALA E 438 -17.82 33.23 64.35
N ASN E 439 -18.13 32.02 63.90
CA ASN E 439 -19.08 31.13 64.59
C ASN E 439 -18.55 30.71 65.96
N TYR E 440 -17.25 30.84 66.18
CA TYR E 440 -16.64 30.43 67.46
C TYR E 440 -16.70 31.54 68.50
N ARG E 441 -17.19 32.71 68.12
CA ARG E 441 -17.27 33.86 69.04
C ARG E 441 -18.34 33.63 70.09
N ILE E 442 -18.01 34.13 71.27
CA ILE E 442 -18.87 34.11 72.47
C ILE E 442 -19.12 35.53 72.99
N ASP E 443 -20.34 35.71 73.46
CA ASP E 443 -20.84 36.93 74.11
C ASP E 443 -20.22 37.10 75.49
N GLY E 444 -19.67 38.30 75.69
CA GLY E 444 -19.13 38.78 76.99
C GLY E 444 -17.67 38.45 77.20
N TYR E 445 -17.17 37.47 76.44
CA TYR E 445 -15.82 36.87 76.58
C TYR E 445 -15.05 36.91 75.25
N GLU E 446 -13.75 37.23 75.35
CA GLU E 446 -12.79 37.39 74.24
C GLU E 446 -12.14 36.04 73.98
N VAL E 447 -12.34 35.51 72.78
CA VAL E 447 -11.92 34.13 72.38
C VAL E 447 -10.83 34.26 71.34
N GLU E 448 -10.03 33.22 71.21
CA GLU E 448 -9.06 33.15 70.11
C GLU E 448 -8.71 31.70 69.90
N GLY E 449 -8.13 31.40 68.75
CA GLY E 449 -7.81 30.00 68.43
C GLY E 449 -7.71 29.76 66.96
N LYS E 450 -7.77 28.50 66.57
CA LYS E 450 -7.49 28.13 65.16
C LYS E 450 -8.48 27.10 64.67
N THR E 451 -9.12 27.33 63.51
CA THR E 451 -9.99 26.32 62.90
C THR E 451 -9.13 25.16 62.41
N GLY E 452 -9.70 23.96 62.31
CA GLY E 452 -8.87 22.79 61.97
C GLY E 452 -9.60 21.79 61.11
N THR E 453 -9.97 22.15 59.88
CA THR E 453 -10.58 21.19 58.93
C THR E 453 -9.47 20.36 58.31
N ALA E 454 -9.58 19.03 58.42
CA ALA E 454 -8.58 18.11 57.86
C ALA E 454 -9.24 17.03 57.01
N GLN E 455 -8.45 16.13 56.46
CA GLN E 455 -8.96 14.97 55.73
C GLN E 455 -8.51 13.71 56.48
N VAL E 456 -9.43 12.73 56.56
CA VAL E 456 -9.15 11.51 57.36
C VAL E 456 -8.66 10.39 56.46
N ALA E 457 -7.65 9.67 56.92
CA ALA E 457 -7.07 8.51 56.19
C ALA E 457 -8.04 7.31 56.21
N ALA E 458 -8.01 6.52 55.15
CA ALA E 458 -8.75 5.23 55.09
C ALA E 458 -8.12 4.28 56.10
N PRO E 459 -8.90 3.68 57.03
CA PRO E 459 -8.35 2.85 58.11
C PRO E 459 -7.22 1.94 57.67
N ASN E 460 -7.53 1.02 56.75
CA ASN E 460 -6.52 0.12 56.17
C ASN E 460 -6.35 0.42 54.68
N GLY E 461 -7.14 1.33 54.11
CA GLY E 461 -7.13 1.65 52.68
C GLY E 461 -5.80 2.23 52.23
N GLY E 462 -5.75 2.69 50.98
CA GLY E 462 -4.70 3.52 50.38
C GLY E 462 -4.71 4.92 50.97
N GLY E 463 -5.44 5.86 50.37
CA GLY E 463 -5.35 7.30 50.67
C GLY E 463 -6.39 7.76 51.67
N TYR E 464 -7.20 8.74 51.31
CA TYR E 464 -8.10 9.42 52.25
C TYR E 464 -9.53 8.95 52.03
N VAL E 465 -10.34 9.08 53.07
CA VAL E 465 -11.81 8.87 53.01
C VAL E 465 -12.43 9.95 52.13
N LYS E 466 -13.31 9.49 51.24
CA LYS E 466 -14.07 10.32 50.29
C LYS E 466 -15.54 10.33 50.75
N GLY E 467 -16.31 11.23 50.16
CA GLY E 467 -17.70 11.46 50.54
C GLY E 467 -18.07 12.92 50.36
N PRO E 468 -19.21 13.39 50.92
CA PRO E 468 -19.63 14.77 50.78
C PRO E 468 -18.68 15.73 51.49
N ASN E 469 -18.54 15.51 52.81
CA ASN E 469 -17.61 16.25 53.70
C ASN E 469 -16.88 15.28 54.62
N PRO E 470 -15.89 14.53 54.08
CA PRO E 470 -15.15 13.58 54.89
C PRO E 470 -14.01 14.23 55.66
N TYR E 471 -14.37 15.14 56.54
CA TYR E 471 -13.40 15.97 57.28
C TYR E 471 -13.39 15.77 58.79
N PHE E 472 -12.21 15.93 59.37
CA PHE E 472 -12.01 15.94 60.82
C PHE E 472 -11.86 17.43 61.12
N VAL E 473 -12.87 17.98 61.76
CA VAL E 473 -12.92 19.42 62.13
C VAL E 473 -12.50 19.56 63.56
N SER E 474 -11.79 20.63 63.86
CA SER E 474 -11.28 20.88 65.22
C SER E 474 -11.17 22.38 65.50
N PHE E 475 -11.03 22.70 66.77
CA PHE E 475 -10.71 24.08 67.19
C PHE E 475 -9.85 24.06 68.44
N MET E 476 -8.72 24.76 68.38
CA MET E 476 -7.78 24.86 69.52
C MET E 476 -7.89 26.25 70.12
N GLY E 477 -8.86 26.41 71.01
CA GLY E 477 -9.21 27.74 71.52
C GLY E 477 -8.70 28.02 72.92
N ASP E 478 -8.66 29.30 73.25
CA ASP E 478 -8.18 29.72 74.58
C ASP E 478 -8.85 31.03 74.90
N ALA E 479 -8.97 31.31 76.20
CA ALA E 479 -9.71 32.48 76.69
C ALA E 479 -9.51 32.58 78.20
N PRO E 480 -9.59 33.81 78.79
CA PRO E 480 -9.72 35.08 78.04
C PRO E 480 -8.51 35.33 77.16
N LYS E 481 -8.75 36.02 76.06
CA LYS E 481 -7.70 36.35 75.06
C LYS E 481 -6.47 36.98 75.72
N LYS E 482 -5.29 36.66 75.18
CA LYS E 482 -3.97 37.13 75.66
C LYS E 482 -3.52 36.42 76.95
N ASN E 483 -4.28 36.62 78.03
CA ASN E 483 -4.00 35.99 79.35
C ASN E 483 -5.05 34.97 79.74
N PRO E 484 -5.06 33.82 79.05
CA PRO E 484 -6.08 32.80 79.26
C PRO E 484 -6.05 32.03 80.58
N LYS E 485 -7.20 31.47 80.88
CA LYS E 485 -7.41 30.61 82.04
C LYS E 485 -7.31 29.17 81.56
N VAL E 486 -7.87 28.91 80.40
CA VAL E 486 -7.98 27.52 79.87
C VAL E 486 -7.73 27.48 78.38
N ILE E 487 -7.35 26.30 77.95
CA ILE E 487 -7.30 25.89 76.54
C ILE E 487 -8.39 24.85 76.41
N VAL E 488 -9.22 24.99 75.40
CA VAL E 488 -10.24 23.97 75.06
C VAL E 488 -9.90 23.48 73.67
N TYR E 489 -9.69 22.17 73.53
CA TYR E 489 -9.47 21.51 72.23
C TYR E 489 -10.60 20.52 71.96
N ALA E 490 -11.42 20.81 70.95
CA ALA E 490 -12.47 19.87 70.51
C ALA E 490 -12.08 19.36 69.13
N GLY E 491 -12.38 18.11 68.85
CA GLY E 491 -12.20 17.53 67.52
C GLY E 491 -13.30 16.56 67.20
N MET E 492 -13.73 16.55 65.93
CA MET E 492 -14.82 15.69 65.41
C MET E 492 -14.33 15.09 64.11
N SER E 493 -14.53 13.80 63.98
CA SER E 493 -14.11 13.05 62.77
C SER E 493 -15.31 12.38 62.10
N LEU E 494 -15.51 12.77 60.84
CA LEU E 494 -16.54 12.17 59.96
C LEU E 494 -17.96 12.21 60.53
N ALA E 495 -18.54 13.40 60.54
CA ALA E 495 -19.96 13.57 60.87
C ALA E 495 -20.78 12.76 59.85
N GLN E 496 -21.72 11.96 60.34
CA GLN E 496 -22.53 11.05 59.48
C GLN E 496 -23.88 11.68 59.16
N LYS E 497 -24.17 12.76 59.85
CA LYS E 497 -25.44 13.47 59.70
C LYS E 497 -25.10 14.96 59.68
N ASN E 498 -25.85 15.74 58.91
CA ASN E 498 -25.59 17.20 58.72
C ASN E 498 -24.12 17.46 58.42
N ASP E 499 -23.53 16.62 57.58
CA ASP E 499 -22.08 16.74 57.28
C ASP E 499 -21.75 18.12 56.74
N GLN E 500 -22.73 18.72 56.05
CA GLN E 500 -22.55 20.09 55.51
C GLN E 500 -22.38 21.11 56.63
N GLU E 501 -23.33 21.15 57.56
CA GLU E 501 -23.22 22.09 58.70
C GLU E 501 -21.91 21.86 59.43
N ALA E 502 -21.53 20.60 59.56
CA ALA E 502 -20.27 20.22 60.22
C ALA E 502 -19.16 20.99 59.55
N TYR E 503 -19.01 20.91 58.24
CA TYR E 503 -17.88 21.59 57.56
C TYR E 503 -18.00 23.08 57.78
N GLU E 504 -19.23 23.59 57.80
CA GLU E 504 -19.46 25.04 57.87
C GLU E 504 -19.17 25.59 59.27
N LEU E 505 -19.74 24.96 60.26
CA LEU E 505 -19.66 25.45 61.66
C LEU E 505 -18.43 24.89 62.38
N GLY E 506 -18.10 23.64 62.06
CA GLY E 506 -17.21 22.76 62.84
C GLY E 506 -17.76 22.46 64.21
N VAL E 507 -16.83 22.42 65.15
CA VAL E 507 -17.12 22.02 66.55
C VAL E 507 -17.53 23.26 67.34
N SER E 508 -17.83 24.36 66.65
CA SER E 508 -18.24 25.63 67.30
C SER E 508 -19.40 25.40 68.28
N LYS E 509 -20.32 24.54 67.87
CA LYS E 509 -21.56 24.24 68.63
C LYS E 509 -21.25 23.58 69.98
N ALA E 510 -20.05 23.04 70.15
CA ALA E 510 -19.63 22.37 71.39
C ALA E 510 -18.67 23.27 72.16
N PHE E 511 -17.70 23.86 71.46
CA PHE E 511 -16.72 24.77 72.08
C PHE E 511 -17.42 25.90 72.83
N LYS E 512 -18.34 26.60 72.14
CA LYS E 512 -19.03 27.77 72.74
C LYS E 512 -19.62 27.47 74.11
N PRO E 513 -20.56 26.52 74.24
CA PRO E 513 -21.09 26.19 75.54
C PRO E 513 -20.08 25.77 76.60
N ILE E 514 -19.17 24.89 76.23
CA ILE E 514 -18.10 24.45 77.19
C ILE E 514 -17.34 25.66 77.69
N MET E 515 -16.83 26.48 76.78
CA MET E 515 -16.00 27.64 77.21
C MET E 515 -16.84 28.61 78.05
N GLU E 516 -18.02 28.99 77.58
CA GLU E 516 -18.89 29.92 78.33
C GLU E 516 -19.15 29.42 79.74
N ASN E 517 -19.64 28.22 79.86
CA ASN E 517 -19.94 27.58 81.16
C ASN E 517 -18.74 27.52 82.10
N THR E 518 -17.59 27.20 81.55
CA THR E 518 -16.34 27.04 82.32
C THR E 518 -15.91 28.41 82.87
N LEU E 519 -15.89 29.42 81.99
CA LEU E 519 -15.43 30.77 82.38
C LEU E 519 -16.33 31.33 83.49
N LYS E 520 -17.63 31.07 83.33
CA LYS E 520 -18.73 31.46 84.25
C LYS E 520 -18.48 30.83 85.62
N TYR E 521 -18.21 29.52 85.65
CA TYR E 521 -17.95 28.69 86.86
C TYR E 521 -16.66 29.14 87.56
N LEU E 522 -15.67 29.54 86.76
CA LEU E 522 -14.36 30.02 87.28
C LEU E 522 -14.44 31.50 87.64
N ASN E 523 -15.63 32.08 87.59
CA ASN E 523 -15.87 33.51 87.95
C ASN E 523 -14.92 34.43 87.20
N VAL E 524 -14.93 34.28 85.87
CA VAL E 524 -14.17 35.22 85.00
C VAL E 524 -15.15 36.31 84.59
N GLY E 525 -14.72 37.55 84.75
CA GLY E 525 -15.51 38.76 84.43
C GLY E 525 -15.93 38.91 82.97
N LYS E 526 -17.12 39.50 82.77
CA LYS E 526 -17.84 39.64 81.49
C LYS E 526 -17.78 41.12 81.02
N SER E 527 -16.99 41.38 79.98
CA SER E 527 -16.44 42.72 79.62
C SER E 527 -17.53 43.65 79.06
N LYS E 528 -18.13 43.29 77.91
CA LYS E 528 -19.40 43.89 77.41
C LYS E 528 -19.10 45.30 76.90
N MET F 1 66.30 16.66 -35.56
CA MET F 1 65.81 15.29 -35.33
C MET F 1 65.29 15.14 -33.89
N ARG F 2 64.30 14.29 -33.71
CA ARG F 2 64.00 13.68 -32.39
C ARG F 2 65.08 12.61 -32.15
N GLY F 3 65.65 12.60 -30.95
CA GLY F 3 66.74 11.69 -30.61
C GLY F 3 66.33 10.26 -30.73
N LYS F 4 67.31 9.40 -30.65
CA LYS F 4 67.09 7.94 -30.78
C LYS F 4 66.91 7.29 -29.43
N ILE F 5 66.19 6.17 -29.43
CA ILE F 5 66.13 5.35 -28.19
C ILE F 5 66.83 4.06 -28.52
N TYR F 6 67.90 3.78 -27.77
CA TYR F 6 68.78 2.60 -27.91
C TYR F 6 68.58 1.62 -26.75
N ASP F 7 69.03 0.39 -26.99
CA ASP F 7 69.14 -0.61 -25.91
C ASP F 7 70.53 -0.48 -25.29
N ARG F 8 70.91 -1.43 -24.45
CA ARG F 8 72.24 -1.42 -23.77
C ARG F 8 73.37 -1.70 -24.77
N ASN F 9 73.06 -2.49 -25.79
CA ASN F 9 74.02 -2.87 -26.85
C ASN F 9 74.12 -1.82 -27.95
N GLY F 10 73.31 -0.78 -27.90
CA GLY F 10 73.33 0.32 -28.88
C GLY F 10 72.44 0.05 -30.07
N LYS F 11 71.59 -0.96 -30.00
CA LYS F 11 70.66 -1.27 -31.11
C LYS F 11 69.47 -0.34 -30.98
N VAL F 12 69.04 0.16 -32.13
CA VAL F 12 67.97 1.19 -32.17
C VAL F 12 66.62 0.54 -31.89
N LEU F 13 65.88 1.17 -30.97
CA LEU F 13 64.50 0.74 -30.62
C LEU F 13 63.45 1.67 -31.23
N ALA F 14 63.84 2.92 -31.48
CA ALA F 14 63.03 4.01 -32.03
C ALA F 14 63.95 5.07 -32.66
N GLU F 15 63.52 5.58 -33.81
CA GLU F 15 64.27 6.63 -34.55
C GLU F 15 63.33 7.33 -35.52
N ASP F 16 63.74 8.50 -36.01
CA ASP F 16 63.02 9.21 -37.08
C ASP F 16 63.44 8.61 -38.41
N VAL F 17 62.48 8.51 -39.33
CA VAL F 17 62.78 8.17 -40.76
C VAL F 17 62.06 9.14 -41.69
N GLU F 18 62.56 9.28 -42.91
CA GLU F 18 61.92 10.13 -43.93
C GLU F 18 61.10 9.23 -44.83
N ARG F 19 59.79 9.45 -44.85
CA ARG F 19 58.83 8.70 -45.66
C ARG F 19 58.20 9.72 -46.58
N TYR F 20 57.19 9.31 -47.36
CA TYR F 20 56.57 10.24 -48.35
C TYR F 20 55.08 10.07 -48.39
N LYS F 21 54.43 11.06 -48.94
CA LYS F 21 52.96 11.17 -48.99
C LYS F 21 52.52 11.48 -50.40
N LEU F 22 51.54 10.73 -50.86
CA LEU F 22 51.01 10.90 -52.23
C LEU F 22 50.00 12.04 -52.28
N VAL F 23 50.18 12.94 -53.23
CA VAL F 23 49.23 14.07 -53.44
C VAL F 23 48.89 14.15 -54.92
N ALA F 24 47.63 14.39 -55.24
CA ALA F 24 47.16 14.45 -56.63
C ALA F 24 46.32 15.69 -56.85
N VAL F 25 46.72 16.52 -57.80
CA VAL F 25 45.93 17.72 -58.20
C VAL F 25 44.87 17.27 -59.18
N ILE F 26 43.63 17.60 -58.89
CA ILE F 26 42.44 17.18 -59.67
C ILE F 26 41.72 18.31 -60.43
N ASP F 27 42.12 19.55 -60.23
CA ASP F 27 41.41 20.74 -60.77
C ASP F 27 42.08 21.26 -62.04
N LYS F 28 41.27 21.53 -63.05
CA LYS F 28 41.77 21.89 -64.39
C LYS F 28 42.58 23.19 -64.35
N LYS F 29 42.36 24.03 -63.33
CA LYS F 29 43.02 25.37 -63.17
C LYS F 29 44.54 25.23 -63.33
N ALA F 30 45.08 24.14 -62.78
CA ALA F 30 46.53 23.79 -62.74
C ALA F 30 47.18 23.81 -64.13
N SER F 31 46.41 23.36 -65.14
CA SER F 31 46.85 23.12 -66.54
C SER F 31 46.31 24.22 -67.46
N ALA F 32 45.76 25.29 -66.89
CA ALA F 32 45.08 26.40 -67.61
C ALA F 32 46.03 27.15 -68.55
N ASN F 33 47.35 27.00 -68.41
CA ASN F 33 48.33 27.29 -69.50
C ASN F 33 48.58 26.03 -70.37
N SER F 34 48.15 24.85 -69.91
CA SER F 34 47.99 23.63 -70.74
C SER F 34 49.25 23.34 -71.56
N LYS F 35 50.44 23.71 -71.09
CA LYS F 35 51.72 23.25 -71.68
C LYS F 35 51.79 21.75 -71.36
N LYS F 36 52.36 21.40 -70.21
CA LYS F 36 52.19 20.04 -69.62
C LYS F 36 50.94 20.14 -68.75
N PRO F 37 49.91 19.28 -68.96
CA PRO F 37 48.82 19.19 -67.99
C PRO F 37 49.31 18.82 -66.58
N ARG F 38 48.91 19.64 -65.60
CA ARG F 38 49.37 19.47 -64.19
C ARG F 38 48.22 19.08 -63.28
N HIS F 39 47.16 18.56 -63.87
CA HIS F 39 46.01 17.96 -63.17
C HIS F 39 45.70 16.61 -63.79
N VAL F 40 45.06 15.72 -63.04
CA VAL F 40 44.85 14.33 -63.48
C VAL F 40 43.85 14.32 -64.63
N VAL F 41 44.34 13.91 -65.79
CA VAL F 41 43.59 14.09 -67.07
C VAL F 41 42.86 12.81 -67.40
N ASP F 42 43.50 11.65 -67.15
CA ASP F 42 42.89 10.32 -67.39
C ASP F 42 42.69 9.63 -66.05
N LYS F 43 41.57 9.89 -65.40
CA LYS F 43 41.27 9.29 -64.08
C LYS F 43 41.55 7.77 -64.12
N LYS F 44 41.07 7.12 -65.18
CA LYS F 44 41.09 5.63 -65.32
C LYS F 44 42.55 5.17 -65.42
N GLU F 45 43.30 5.73 -66.37
CA GLU F 45 44.74 5.37 -66.60
C GLU F 45 45.50 5.58 -65.28
N THR F 46 45.36 6.77 -64.69
CA THR F 46 46.04 7.11 -63.40
C THR F 46 45.72 6.05 -62.35
N ALA F 47 44.44 5.76 -62.10
CA ALA F 47 43.99 4.81 -61.06
C ALA F 47 44.59 3.42 -61.31
N LYS F 48 44.66 2.99 -62.59
CA LYS F 48 45.27 1.69 -62.96
C LYS F 48 46.74 1.67 -62.55
N LYS F 49 47.49 2.66 -63.03
CA LYS F 49 48.96 2.76 -62.76
C LYS F 49 49.21 2.89 -61.26
N LEU F 50 48.30 3.56 -60.54
CA LEU F 50 48.48 3.83 -59.08
C LEU F 50 48.22 2.55 -58.28
N SER F 51 47.24 1.73 -58.69
CA SER F 51 46.81 0.58 -57.85
C SER F 51 47.90 -0.50 -57.87
N THR F 52 48.97 -0.31 -58.66
CA THR F 52 50.10 -1.28 -58.68
C THR F 52 51.04 -1.02 -57.49
N VAL F 53 51.05 0.18 -56.94
CA VAL F 53 51.95 0.56 -55.80
C VAL F 53 51.12 0.47 -54.51
N ILE F 54 50.08 1.30 -54.40
CA ILE F 54 49.25 1.35 -53.16
C ILE F 54 48.32 0.13 -53.12
N ASN F 55 48.02 -0.35 -51.92
CA ASN F 55 47.01 -1.42 -51.67
C ASN F 55 45.59 -0.84 -51.67
N MET F 56 45.34 0.14 -52.55
CA MET F 56 43.99 0.67 -52.78
C MET F 56 43.41 0.04 -54.04
N LYS F 57 42.09 -0.06 -54.10
CA LYS F 57 41.36 -0.54 -55.31
C LYS F 57 41.32 0.63 -56.30
N PRO F 58 41.48 0.36 -57.63
CA PRO F 58 41.46 1.43 -58.63
C PRO F 58 40.22 2.33 -58.58
N GLU F 59 39.07 1.75 -58.20
CA GLU F 59 37.77 2.46 -58.12
C GLU F 59 37.76 3.43 -56.94
N GLU F 60 38.35 3.01 -55.80
CA GLU F 60 38.42 3.84 -54.57
C GLU F 60 39.37 5.02 -54.79
N ILE F 61 40.38 4.84 -55.65
CA ILE F 61 41.31 5.93 -56.09
C ILE F 61 40.54 6.90 -57.00
N GLU F 62 39.65 6.38 -57.84
CA GLU F 62 38.84 7.17 -58.80
C GLU F 62 37.78 7.98 -58.05
N LYS F 63 37.16 7.38 -57.03
CA LYS F 63 36.23 8.07 -56.09
C LYS F 63 36.90 9.34 -55.54
N ARG F 64 38.17 9.22 -55.16
CA ARG F 64 38.96 10.31 -54.52
C ARG F 64 39.36 11.32 -55.58
N LEU F 65 39.81 10.85 -56.74
CA LEU F 65 40.16 11.71 -57.88
C LEU F 65 38.93 12.43 -58.44
N SER F 66 37.72 11.92 -58.16
CA SER F 66 36.45 12.41 -58.74
C SER F 66 35.76 13.41 -57.80
N GLN F 67 36.43 13.82 -56.73
CA GLN F 67 35.90 14.84 -55.80
C GLN F 67 35.87 16.20 -56.51
N LYS F 68 34.74 16.87 -56.38
CA LYS F 68 34.52 18.22 -56.94
C LYS F 68 35.02 19.30 -55.96
N LYS F 69 35.31 20.45 -56.54
CA LYS F 69 35.77 21.67 -55.80
C LYS F 69 36.79 21.27 -54.73
N ALA F 70 37.80 20.54 -55.16
CA ALA F 70 39.04 20.24 -54.43
C ALA F 70 40.20 20.48 -55.37
N PHE F 71 41.23 21.17 -54.88
CA PHE F 71 42.44 21.39 -55.68
C PHE F 71 43.30 20.13 -55.66
N GLN F 72 43.69 19.77 -54.43
CA GLN F 72 44.61 18.67 -54.17
C GLN F 72 43.99 17.64 -53.24
N ILE F 73 44.33 16.37 -53.45
CA ILE F 73 43.75 15.29 -52.58
C ILE F 73 44.81 14.34 -52.01
N GLU F 74 44.51 13.81 -50.83
CA GLU F 74 45.29 12.74 -50.16
C GLU F 74 44.53 11.42 -50.26
N PHE F 75 45.21 10.37 -49.81
CA PHE F 75 44.69 8.98 -49.91
C PHE F 75 44.62 8.25 -48.56
N GLY F 76 44.11 8.93 -47.53
CA GLY F 76 44.08 8.40 -46.17
C GLY F 76 45.42 7.87 -45.66
N ARG F 77 45.39 6.77 -44.87
CA ARG F 77 46.63 6.15 -44.32
C ARG F 77 47.47 5.45 -45.40
N LYS F 78 46.84 5.01 -46.51
CA LYS F 78 47.59 4.39 -47.64
C LYS F 78 48.41 5.45 -48.38
N GLY F 79 47.93 6.69 -48.33
CA GLY F 79 48.58 7.86 -48.96
C GLY F 79 49.70 8.51 -48.15
N THR F 80 50.26 7.73 -47.24
CA THR F 80 51.27 8.18 -46.25
C THR F 80 52.25 7.04 -46.01
N ASN F 81 53.39 7.34 -45.38
CA ASN F 81 54.34 6.32 -44.88
C ASN F 81 54.79 5.50 -46.09
N LEU F 82 55.01 6.20 -47.19
CA LEU F 82 55.57 5.56 -48.41
C LEU F 82 57.09 5.61 -48.39
N THR F 83 57.71 4.46 -48.65
CA THR F 83 59.18 4.32 -48.69
C THR F 83 59.75 5.00 -49.92
N TYR F 84 61.06 5.17 -49.92
CA TYR F 84 61.80 5.89 -50.97
C TYR F 84 61.76 5.11 -52.32
N GLN F 85 61.78 3.77 -52.27
CA GLN F 85 61.75 2.93 -53.50
C GLN F 85 60.32 2.87 -54.05
N ASP F 86 59.30 3.10 -53.22
CA ASP F 86 57.90 3.34 -53.66
C ASP F 86 57.84 4.67 -54.41
N LYS F 87 58.52 5.68 -53.87
CA LYS F 87 58.53 7.03 -54.48
C LYS F 87 59.12 6.91 -55.89
N LEU F 88 60.34 6.37 -55.99
CA LEU F 88 61.04 6.14 -57.27
C LEU F 88 60.13 5.42 -58.27
N LYS F 89 59.48 4.31 -57.87
CA LYS F 89 58.57 3.54 -58.77
C LYS F 89 57.52 4.46 -59.41
N ILE F 90 56.88 5.32 -58.60
CA ILE F 90 55.78 6.20 -59.10
C ILE F 90 56.39 7.30 -59.94
N GLU F 91 57.49 7.89 -59.47
CA GLU F 91 58.13 9.04 -60.17
C GLU F 91 58.38 8.68 -61.65
N LYS F 92 58.64 7.40 -61.96
CA LYS F 92 58.92 6.91 -63.33
C LYS F 92 57.65 6.88 -64.18
N MET F 93 56.46 6.88 -63.56
CA MET F 93 55.15 6.89 -64.28
C MET F 93 54.87 8.30 -64.83
N ASN F 94 55.45 9.33 -64.19
CA ASN F 94 55.41 10.75 -64.62
C ASN F 94 53.97 11.20 -64.85
N LEU F 95 53.07 10.84 -63.93
CA LEU F 95 51.60 11.02 -64.06
C LEU F 95 51.21 12.47 -63.79
N PRO F 96 50.15 12.96 -64.48
CA PRO F 96 49.82 14.41 -64.42
C PRO F 96 49.23 14.82 -63.07
N GLY F 97 49.87 15.77 -62.35
CA GLY F 97 49.32 16.20 -61.07
C GLY F 97 49.75 15.41 -59.86
N ILE F 98 50.56 14.35 -60.08
CA ILE F 98 50.99 13.45 -58.97
C ILE F 98 52.33 13.90 -58.40
N SER F 99 52.42 13.89 -57.09
CA SER F 99 53.66 14.29 -56.40
C SER F 99 53.72 13.62 -55.05
N LEU F 100 54.94 13.49 -54.53
CA LEU F 100 55.20 12.90 -53.21
C LEU F 100 55.94 13.93 -52.37
N LEU F 101 55.44 14.26 -51.20
CA LEU F 101 56.13 15.20 -50.31
C LEU F 101 56.80 14.41 -49.21
N PRO F 102 58.05 14.77 -48.86
CA PRO F 102 58.74 14.16 -47.74
C PRO F 102 58.06 14.50 -46.42
N GLU F 103 58.02 13.50 -45.54
CA GLU F 103 57.55 13.69 -44.15
C GLU F 103 58.32 12.77 -43.22
N THR F 104 58.62 13.26 -42.03
CA THR F 104 59.31 12.47 -40.98
C THR F 104 58.28 11.73 -40.15
N GLU F 105 58.57 10.46 -39.88
CA GLU F 105 57.76 9.55 -39.07
C GLU F 105 58.66 8.86 -38.05
N ARG F 106 58.06 8.46 -36.94
CA ARG F 106 58.76 7.71 -35.90
C ARG F 106 58.69 6.26 -36.30
N PHE F 107 59.82 5.61 -36.26
CA PHE F 107 59.94 4.20 -36.67
C PHE F 107 60.40 3.36 -35.50
N TYR F 108 59.68 2.28 -35.23
CA TYR F 108 60.08 1.30 -34.21
C TYR F 108 60.38 0.02 -34.98
N PRO F 109 61.68 -0.24 -35.24
CA PRO F 109 62.12 -1.43 -35.98
C PRO F 109 61.51 -2.79 -35.63
N ASN F 110 61.22 -2.99 -34.34
CA ASN F 110 60.69 -4.27 -33.83
C ASN F 110 59.17 -4.34 -33.83
N GLY F 111 58.51 -3.22 -34.14
CA GLY F 111 57.04 -3.08 -33.97
C GLY F 111 56.64 -3.24 -32.53
N ASN F 112 55.76 -4.20 -32.28
CA ASN F 112 55.34 -4.62 -30.92
C ASN F 112 56.55 -5.26 -30.22
N PHE F 113 57.14 -4.50 -29.31
CA PHE F 113 58.38 -4.86 -28.62
C PHE F 113 58.56 -3.95 -27.43
N ALA F 114 58.43 -4.45 -26.20
CA ALA F 114 58.44 -3.61 -24.98
C ALA F 114 57.54 -2.38 -25.14
N SER F 115 56.42 -2.58 -25.81
CA SER F 115 55.54 -1.48 -26.28
C SER F 115 55.21 -0.53 -25.16
N HIS F 116 54.96 -1.10 -23.99
CA HIS F 116 54.46 -0.33 -22.83
C HIS F 116 55.55 0.44 -22.10
N LEU F 117 56.80 0.02 -22.26
CA LEU F 117 57.98 0.73 -21.73
C LEU F 117 58.47 1.80 -22.71
N ILE F 118 58.85 1.37 -23.89
CA ILE F 118 59.36 2.30 -24.95
C ILE F 118 58.39 3.47 -25.05
N GLY F 119 57.11 3.14 -25.22
CA GLY F 119 56.05 4.13 -25.43
C GLY F 119 55.87 4.45 -26.89
N ARG F 120 55.16 5.54 -27.14
CA ARG F 120 54.74 5.92 -28.51
C ARG F 120 54.66 7.45 -28.60
N ALA F 121 55.16 7.98 -29.70
CA ALA F 121 55.08 9.42 -29.99
C ALA F 121 54.11 9.65 -31.15
N GLN F 122 53.20 10.59 -30.93
CA GLN F 122 52.14 10.94 -31.89
C GLN F 122 52.58 12.12 -32.72
N LYS F 123 52.05 12.18 -33.94
CA LYS F 123 52.42 13.25 -34.89
C LYS F 123 51.31 14.28 -35.00
N ASN F 124 51.71 15.55 -34.95
CA ASN F 124 50.78 16.66 -35.20
C ASN F 124 50.71 16.80 -36.71
N PRO F 125 49.53 16.53 -37.33
CA PRO F 125 49.35 16.63 -38.78
C PRO F 125 49.95 17.89 -39.41
N ASP F 126 49.57 19.03 -38.86
CA ASP F 126 49.90 20.37 -39.42
C ASP F 126 51.41 20.61 -39.48
N THR F 127 52.03 20.52 -38.32
CA THR F 127 53.45 20.89 -38.12
C THR F 127 54.41 19.73 -38.37
N GLY F 128 53.93 18.50 -38.34
CA GLY F 128 54.81 17.31 -38.46
C GLY F 128 55.54 17.00 -37.18
N GLU F 129 55.16 17.61 -36.06
CA GLU F 129 55.91 17.51 -34.79
C GLU F 129 55.46 16.26 -34.03
N LEU F 130 56.45 15.51 -33.57
CA LEU F 130 56.25 14.26 -32.83
C LEU F 130 56.26 14.59 -31.33
N LYS F 131 55.37 14.02 -30.54
CA LYS F 131 55.24 14.31 -29.09
C LYS F 131 54.96 13.00 -28.37
N GLY F 132 55.75 12.63 -27.36
CA GLY F 132 55.53 11.36 -26.64
C GLY F 132 54.23 11.35 -25.88
N ALA F 133 53.50 10.25 -26.02
CA ALA F 133 52.19 10.07 -25.39
C ALA F 133 52.23 9.05 -24.24
N LEU F 134 53.24 8.20 -24.18
CA LEU F 134 53.34 7.16 -23.15
C LEU F 134 54.78 6.66 -23.06
N GLY F 135 55.11 6.09 -21.90
CA GLY F 135 56.44 5.44 -21.79
C GLY F 135 57.57 6.43 -21.94
N VAL F 136 58.75 5.87 -22.20
CA VAL F 136 60.00 6.64 -22.47
C VAL F 136 59.63 7.91 -23.25
N GLU F 137 58.96 7.72 -24.38
CA GLU F 137 58.76 8.82 -25.34
C GLU F 137 58.15 10.01 -24.59
N LYS F 138 57.25 9.74 -23.63
CA LYS F 138 56.62 10.88 -22.91
C LYS F 138 57.51 11.46 -21.84
N ILE F 139 58.05 10.60 -20.98
CA ILE F 139 58.94 11.01 -19.87
C ILE F 139 60.05 11.92 -20.36
N PHE F 140 60.73 11.48 -21.42
CA PHE F 140 61.94 12.15 -21.97
C PHE F 140 61.65 13.01 -23.17
N ASP F 141 60.38 13.34 -23.40
CA ASP F 141 59.97 14.10 -24.59
C ASP F 141 60.90 15.27 -24.81
N SER F 142 60.91 16.20 -23.85
CA SER F 142 61.67 17.44 -23.96
C SER F 142 63.13 17.21 -24.38
N TYR F 143 63.76 16.14 -23.91
CA TYR F 143 65.20 15.87 -24.17
C TYR F 143 65.32 15.27 -25.57
N LEU F 144 64.50 14.25 -25.83
CA LEU F 144 64.38 13.67 -27.17
C LEU F 144 64.17 14.76 -28.25
N SER F 145 63.18 15.63 -28.03
CA SER F 145 62.77 16.72 -28.96
C SER F 145 63.96 17.67 -29.17
N GLY F 146 64.52 17.65 -30.38
CA GLY F 146 65.62 18.55 -30.78
C GLY F 146 65.15 19.98 -30.85
N SER F 147 63.84 20.19 -31.01
CA SER F 147 63.21 21.54 -31.09
C SER F 147 63.30 22.22 -29.71
N LYS F 148 62.71 21.61 -28.68
CA LYS F 148 62.82 22.11 -27.28
C LYS F 148 64.07 21.50 -26.64
N GLY F 149 65.24 21.63 -27.25
CA GLY F 149 66.51 21.05 -26.78
C GLY F 149 66.68 21.29 -25.29
N SER F 150 66.89 20.22 -24.51
CA SER F 150 67.03 20.26 -23.03
C SER F 150 68.07 21.28 -22.55
N LEU F 151 67.70 22.10 -21.57
CA LEU F 151 68.65 23.01 -20.87
C LEU F 151 68.99 22.44 -19.50
N ARG F 152 68.08 21.70 -18.88
CA ARG F 152 68.26 21.24 -17.48
C ARG F 152 69.09 19.94 -17.43
N TYR F 153 69.53 19.62 -16.22
CA TYR F 153 70.24 18.36 -15.86
C TYR F 153 69.26 17.49 -15.04
N ILE F 154 69.12 16.22 -15.39
CA ILE F 154 67.91 15.39 -15.14
C ILE F 154 67.68 15.12 -13.65
N HIS F 155 68.76 14.97 -12.85
CA HIS F 155 68.66 14.57 -11.43
C HIS F 155 67.66 13.41 -11.31
N ASP F 156 66.49 13.66 -10.70
CA ASP F 156 65.38 12.67 -10.55
C ASP F 156 64.20 13.12 -11.42
N ILE F 157 63.32 12.20 -11.80
CA ILE F 157 62.19 12.48 -12.72
C ILE F 157 61.08 13.26 -12.01
N TRP F 158 61.39 14.35 -11.29
CA TRP F 158 60.33 15.23 -10.71
C TRP F 158 59.53 15.84 -11.87
N GLY F 159 58.21 15.58 -11.91
CA GLY F 159 57.37 15.85 -13.10
C GLY F 159 57.83 14.92 -14.21
N TYR F 160 58.14 15.43 -15.40
CA TYR F 160 58.86 14.64 -16.43
C TYR F 160 60.21 15.27 -16.67
N ILE F 161 60.83 15.87 -15.64
CA ILE F 161 62.06 16.72 -15.74
C ILE F 161 61.97 17.71 -16.93
N ALA F 162 61.01 18.63 -16.86
CA ALA F 162 60.82 19.70 -17.87
C ALA F 162 62.01 20.65 -17.80
N PRO F 163 62.76 20.88 -18.90
CA PRO F 163 63.96 21.72 -18.89
C PRO F 163 63.76 23.16 -19.37
N ASN F 164 62.60 23.78 -19.12
CA ASN F 164 62.31 25.18 -19.55
C ASN F 164 62.69 25.41 -21.01
N THR F 165 61.83 24.94 -21.92
CA THR F 165 62.07 24.85 -23.38
C THR F 165 63.55 24.52 -23.65
N LYS F 166 64.39 25.53 -23.80
CA LYS F 166 65.86 25.42 -23.99
C LYS F 166 66.53 26.40 -23.04
N LYS F 172 69.08 22.05 -35.10
CA LYS F 172 69.99 21.12 -34.36
C LYS F 172 69.40 19.69 -34.29
N ARG F 173 69.61 19.02 -33.17
CA ARG F 173 69.55 17.55 -33.08
C ARG F 173 69.18 17.22 -31.64
N GLY F 174 68.44 16.11 -31.47
CA GLY F 174 67.90 15.71 -30.18
C GLY F 174 68.81 14.80 -29.36
N ASP F 175 68.34 14.54 -28.15
CA ASP F 175 69.11 13.73 -27.16
C ASP F 175 68.69 12.28 -27.25
N ASP F 176 69.70 11.41 -27.15
CA ASP F 176 69.52 9.94 -27.26
C ASP F 176 69.34 9.31 -25.89
N VAL F 177 68.40 8.38 -25.81
CA VAL F 177 68.05 7.69 -24.54
C VAL F 177 68.44 6.23 -24.62
N HIS F 178 69.36 5.83 -23.74
CA HIS F 178 69.92 4.47 -23.68
C HIS F 178 69.24 3.71 -22.58
N LEU F 179 68.64 2.57 -22.90
CA LEU F 179 67.96 1.77 -21.88
C LEU F 179 68.86 0.62 -21.42
N THR F 180 68.40 -0.11 -20.41
CA THR F 180 69.16 -1.28 -19.88
C THR F 180 68.71 -2.56 -20.58
N ILE F 181 67.66 -2.45 -21.38
CA ILE F 181 67.01 -3.60 -22.07
C ILE F 181 68.03 -4.27 -23.00
N ASP F 182 67.96 -5.58 -23.07
CA ASP F 182 68.74 -6.37 -24.03
C ASP F 182 67.73 -6.91 -25.00
N SER F 183 67.81 -6.47 -26.25
CA SER F 183 66.93 -6.94 -27.35
C SER F 183 66.88 -8.46 -27.44
N ASN F 184 68.00 -9.11 -27.20
CA ASN F 184 68.06 -10.59 -27.28
C ASN F 184 67.16 -11.25 -26.25
N ILE F 185 67.16 -10.74 -25.03
CA ILE F 185 66.32 -11.27 -23.93
C ILE F 185 64.87 -10.85 -24.17
N GLN F 186 64.67 -9.63 -24.68
CA GLN F 186 63.31 -9.11 -24.95
C GLN F 186 62.59 -10.05 -25.92
N VAL F 187 63.32 -10.54 -26.92
CA VAL F 187 62.76 -11.57 -27.88
C VAL F 187 62.16 -12.72 -27.08
N PHE F 188 62.93 -13.30 -26.16
CA PHE F 188 62.47 -14.49 -25.43
C PHE F 188 61.17 -14.16 -24.72
N VAL F 189 61.14 -12.99 -24.11
CA VAL F 189 59.94 -12.56 -23.36
C VAL F 189 58.78 -12.47 -24.35
N GLU F 190 58.91 -11.69 -25.42
CA GLU F 190 57.75 -11.42 -26.33
C GLU F 190 57.23 -12.77 -26.84
N GLU F 191 58.14 -13.64 -27.24
CA GLU F 191 57.73 -14.96 -27.79
C GLU F 191 56.95 -15.77 -26.76
N ALA F 192 57.47 -15.87 -25.54
CA ALA F 192 56.84 -16.69 -24.50
C ALA F 192 55.47 -16.10 -24.09
N LEU F 193 55.35 -14.76 -24.03
CA LEU F 193 54.05 -14.13 -23.67
C LEU F 193 53.01 -14.37 -24.76
N ASP F 194 53.42 -14.25 -26.02
CA ASP F 194 52.55 -14.61 -27.16
C ASP F 194 51.93 -16.01 -26.96
N GLY F 195 52.76 -16.91 -26.49
CA GLY F 195 52.40 -18.30 -26.20
C GLY F 195 51.29 -18.39 -25.18
N MET F 196 51.47 -17.64 -24.09
CA MET F 196 50.55 -17.64 -22.92
C MET F 196 49.19 -17.04 -23.33
N VAL F 197 49.23 -16.01 -24.16
CA VAL F 197 47.99 -15.36 -24.61
C VAL F 197 47.19 -16.36 -25.43
N GLU F 198 47.89 -17.06 -26.35
CA GLU F 198 47.28 -18.08 -27.23
C GLU F 198 46.57 -19.10 -26.33
N ARG F 199 47.32 -19.68 -25.39
CA ARG F 199 46.87 -20.76 -24.47
C ARG F 199 45.71 -20.31 -23.56
N TYR F 200 45.98 -19.28 -22.78
CA TYR F 200 45.16 -18.88 -21.62
C TYR F 200 44.26 -17.68 -21.87
N GLN F 201 44.58 -16.83 -22.84
CA GLN F 201 43.89 -15.53 -23.06
C GLN F 201 43.58 -14.82 -21.74
N PRO F 202 44.62 -14.44 -20.97
CA PRO F 202 44.39 -13.74 -19.72
C PRO F 202 43.90 -12.31 -19.95
N LYS F 203 43.32 -11.73 -18.88
CA LYS F 203 42.96 -10.31 -18.94
C LYS F 203 44.19 -9.41 -18.70
N ASP F 204 45.21 -9.94 -18.05
CA ASP F 204 46.42 -9.17 -17.74
C ASP F 204 47.58 -10.15 -17.59
N LEU F 205 48.76 -9.72 -18.00
CA LEU F 205 49.92 -10.62 -18.05
C LEU F 205 51.17 -9.78 -18.15
N PHE F 206 52.22 -10.18 -17.44
CA PHE F 206 53.52 -9.51 -17.59
C PHE F 206 54.66 -10.47 -17.30
N ALA F 207 55.84 -10.13 -17.78
CA ALA F 207 57.10 -10.78 -17.37
C ALA F 207 58.20 -9.77 -17.44
N VAL F 208 59.09 -9.85 -16.45
CA VAL F 208 60.21 -8.91 -16.33
C VAL F 208 61.43 -9.74 -15.98
N VAL F 209 62.54 -9.36 -16.57
CA VAL F 209 63.85 -9.99 -16.29
C VAL F 209 64.72 -8.88 -15.74
N MET F 210 65.23 -9.11 -14.55
CA MET F 210 66.11 -8.13 -13.88
C MET F 210 67.45 -8.79 -13.54
N ASP F 211 68.53 -8.04 -13.75
CA ASP F 211 69.89 -8.45 -13.31
C ASP F 211 69.89 -8.50 -11.79
N ALA F 212 70.10 -9.70 -11.26
CA ALA F 212 70.04 -9.94 -9.79
C ALA F 212 71.00 -9.04 -9.00
N LYS F 213 72.13 -8.69 -9.63
CA LYS F 213 73.25 -7.99 -8.98
C LYS F 213 73.34 -6.50 -9.29
N THR F 214 72.51 -5.97 -10.17
CA THR F 214 72.51 -4.51 -10.44
C THR F 214 71.13 -3.85 -10.24
N GLY F 215 70.04 -4.56 -10.52
CA GLY F 215 68.74 -3.83 -10.58
C GLY F 215 68.42 -3.29 -11.98
N GLU F 216 69.19 -3.76 -12.95
CA GLU F 216 68.91 -3.40 -14.36
C GLU F 216 67.77 -4.26 -14.91
N ILE F 217 66.82 -3.60 -15.56
CA ILE F 217 65.73 -4.31 -16.25
C ILE F 217 66.28 -4.73 -17.61
N LEU F 218 66.44 -6.03 -17.80
CA LEU F 218 66.96 -6.59 -19.07
C LEU F 218 65.83 -6.85 -20.07
N ALA F 219 64.63 -7.11 -19.59
CA ALA F 219 63.48 -7.28 -20.48
C ALA F 219 62.21 -7.06 -19.69
N TYR F 220 61.21 -6.54 -20.40
CA TYR F 220 59.87 -6.33 -19.83
C TYR F 220 58.81 -6.29 -20.93
N SER F 221 57.75 -7.09 -20.81
CA SER F 221 56.53 -6.77 -21.61
C SER F 221 55.28 -7.28 -20.94
N GLN F 222 54.16 -6.86 -21.49
CA GLN F 222 52.84 -7.09 -20.88
C GLN F 222 51.83 -7.33 -21.99
N ARG F 223 50.78 -8.06 -21.65
CA ARG F 223 49.58 -8.21 -22.50
C ARG F 223 48.36 -7.90 -21.67
N PRO F 224 47.40 -7.10 -22.20
CA PRO F 224 47.42 -6.64 -23.59
C PRO F 224 48.17 -5.34 -23.84
N THR F 225 49.17 -5.39 -24.73
CA THR F 225 50.02 -4.23 -25.04
C THR F 225 49.52 -3.64 -26.34
N PHE F 226 50.32 -2.76 -26.94
CA PHE F 226 49.99 -2.14 -28.23
C PHE F 226 51.17 -2.24 -29.16
N ASN F 227 50.93 -1.84 -30.39
CA ASN F 227 51.98 -1.82 -31.44
C ASN F 227 52.35 -0.36 -31.68
N PRO F 228 53.56 0.04 -31.27
CA PRO F 228 53.93 1.47 -31.31
C PRO F 228 53.98 2.05 -32.71
N GLU F 229 54.34 1.17 -33.64
CA GLU F 229 54.52 1.52 -35.07
C GLU F 229 53.21 2.01 -35.68
N THR F 230 52.18 1.20 -35.50
CA THR F 230 50.87 1.33 -36.18
C THR F 230 49.90 2.19 -35.40
N GLY F 231 50.03 2.15 -34.08
CA GLY F 231 49.06 2.82 -33.20
C GLY F 231 47.86 1.94 -32.89
N LYS F 232 48.02 0.64 -33.18
CA LYS F 232 47.07 -0.45 -32.88
C LYS F 232 46.99 -0.58 -31.35
N ASP F 233 45.77 -0.58 -30.81
CA ASP F 233 45.47 -0.89 -29.37
C ASP F 233 46.02 0.16 -28.42
N PHE F 234 46.65 1.21 -28.95
CA PHE F 234 47.19 2.27 -28.08
C PHE F 234 46.01 2.96 -27.38
N GLY F 235 46.06 3.00 -26.06
CA GLY F 235 45.17 3.83 -25.23
C GLY F 235 44.09 3.05 -24.53
N LYS F 236 44.01 1.75 -24.80
CA LYS F 236 43.02 0.87 -24.16
C LYS F 236 43.51 0.68 -22.75
N LYS F 237 44.49 -0.19 -22.57
CA LYS F 237 45.35 -0.20 -21.38
C LYS F 237 46.44 0.84 -21.55
N TRP F 238 46.25 1.96 -20.87
CA TRP F 238 47.31 2.99 -20.74
C TRP F 238 48.40 2.58 -19.76
N ALA F 239 48.00 2.00 -18.65
CA ALA F 239 48.89 1.72 -17.50
C ALA F 239 49.96 0.68 -17.81
N ASN F 240 51.18 1.00 -17.44
CA ASN F 240 52.32 0.08 -17.50
C ASN F 240 52.16 -0.85 -16.30
N ASP F 241 52.14 -2.15 -16.54
CA ASP F 241 51.99 -3.13 -15.43
C ASP F 241 53.09 -2.88 -14.40
N LEU F 242 54.33 -2.93 -14.87
CA LEU F 242 55.53 -3.01 -14.01
C LEU F 242 55.59 -1.88 -12.97
N TYR F 243 55.22 -0.68 -13.41
CA TYR F 243 55.41 0.57 -12.63
C TYR F 243 54.13 1.21 -12.14
N GLN F 244 53.01 1.02 -12.85
CA GLN F 244 51.81 1.84 -12.59
C GLN F 244 50.62 1.04 -12.09
N ASN F 245 50.56 -0.26 -12.41
CA ASN F 245 49.43 -1.14 -12.02
C ASN F 245 49.69 -1.87 -10.70
N THR F 246 48.70 -1.90 -9.83
CA THR F 246 48.82 -2.60 -8.53
C THR F 246 48.20 -3.97 -8.64
N TYR F 247 48.77 -4.90 -7.88
CA TYR F 247 48.27 -6.27 -7.71
C TYR F 247 48.24 -6.66 -6.23
N GLU F 248 47.23 -7.49 -5.90
CA GLU F 248 47.21 -8.29 -4.67
C GLU F 248 48.15 -9.42 -5.05
N PRO F 249 49.41 -9.44 -4.59
CA PRO F 249 50.44 -10.32 -5.19
C PRO F 249 50.28 -11.81 -5.00
N GLY F 250 49.66 -12.15 -3.87
CA GLY F 250 49.49 -13.52 -3.36
C GLY F 250 50.72 -14.09 -2.72
N SER F 251 50.99 -15.37 -2.96
CA SER F 251 51.95 -16.17 -2.16
C SER F 251 53.42 -15.80 -2.38
N THR F 252 53.68 -15.07 -3.46
CA THR F 252 55.00 -14.51 -3.78
C THR F 252 55.46 -13.65 -2.59
N PHE F 253 54.45 -13.06 -1.96
CA PHE F 253 54.57 -12.07 -0.87
C PHE F 253 54.91 -12.75 0.44
N LYS F 254 54.76 -14.05 0.50
CA LYS F 254 55.12 -14.82 1.73
C LYS F 254 56.63 -14.74 2.00
N SER F 255 57.40 -14.69 0.92
CA SER F 255 58.88 -14.62 1.01
C SER F 255 59.28 -13.56 2.05
N TYR F 256 58.55 -12.44 2.10
CA TYR F 256 58.94 -11.29 2.97
C TYR F 256 58.47 -11.54 4.41
N GLY F 257 57.27 -12.11 4.52
CA GLY F 257 56.67 -12.57 5.78
C GLY F 257 57.56 -13.54 6.49
N LEU F 258 58.33 -14.30 5.70
CA LEU F 258 59.25 -15.36 6.18
C LEU F 258 60.52 -14.68 6.70
N ALA F 259 61.19 -13.96 5.82
CA ALA F 259 62.37 -13.16 6.19
C ALA F 259 62.19 -12.45 7.53
N ALA F 260 61.12 -11.68 7.64
CA ALA F 260 60.78 -10.99 8.91
C ALA F 260 60.97 -11.93 10.10
N ALA F 261 60.18 -13.01 10.10
CA ALA F 261 60.25 -14.09 11.10
C ALA F 261 61.68 -14.56 11.35
N ILE F 262 62.32 -15.04 10.30
CA ILE F 262 63.65 -15.68 10.40
C ILE F 262 64.52 -14.76 11.22
N GLN F 263 64.44 -13.45 10.95
CA GLN F 263 65.32 -12.46 11.61
C GLN F 263 65.01 -12.29 13.10
N GLU F 264 63.73 -12.07 13.39
CA GLU F 264 63.20 -11.99 14.77
C GLU F 264 63.40 -13.29 15.54
N GLY F 265 63.82 -14.35 14.87
CA GLY F 265 64.10 -15.65 15.48
C GLY F 265 62.85 -16.44 15.84
N ALA F 266 61.75 -16.13 15.18
CA ALA F 266 60.43 -16.77 15.40
C ALA F 266 60.26 -18.01 14.51
N PHE F 267 60.93 -18.05 13.36
CA PHE F 267 60.83 -19.18 12.40
C PHE F 267 62.01 -20.12 12.61
N ASP F 268 61.67 -21.39 12.86
CA ASP F 268 62.64 -22.50 12.96
C ASP F 268 62.13 -23.51 11.95
N PRO F 269 62.91 -23.81 10.89
CA PRO F 269 62.45 -24.75 9.84
C PRO F 269 61.93 -26.11 10.31
N ASP F 270 62.51 -26.63 11.39
CA ASP F 270 62.18 -27.97 11.96
C ASP F 270 61.06 -27.92 12.99
N LYS F 271 60.70 -26.74 13.49
CA LYS F 271 59.64 -26.60 14.50
C LYS F 271 58.31 -26.90 13.82
N LYS F 272 57.48 -27.73 14.47
CA LYS F 272 56.15 -28.13 13.98
C LYS F 272 55.10 -27.09 14.42
N TYR F 273 54.16 -26.78 13.53
CA TYR F 273 53.09 -25.79 13.73
C TYR F 273 51.79 -26.46 13.30
N LYS F 274 50.68 -25.94 13.82
CA LYS F 274 49.32 -26.47 13.51
C LYS F 274 48.78 -25.86 12.21
N SER F 275 48.67 -26.67 11.17
CA SER F 275 48.05 -26.27 9.88
C SER F 275 46.57 -26.61 9.88
N GLY F 276 45.86 -26.10 8.89
CA GLY F 276 44.42 -26.36 8.74
C GLY F 276 43.65 -25.11 8.54
N HIS F 277 43.15 -24.54 9.64
CA HIS F 277 42.34 -23.30 9.57
C HIS F 277 42.75 -22.32 10.65
N ARG F 278 42.25 -21.09 10.56
CA ARG F 278 42.47 -20.06 11.61
C ARG F 278 41.22 -19.19 11.63
N ASP F 279 40.43 -19.27 12.68
CA ASP F 279 39.15 -18.51 12.73
C ASP F 279 39.45 -17.07 13.17
N ILE F 280 39.40 -16.12 12.22
CA ILE F 280 39.75 -14.71 12.58
C ILE F 280 38.60 -13.76 12.20
N MET F 281 38.30 -12.79 13.07
CA MET F 281 37.15 -11.85 12.96
C MET F 281 35.95 -12.56 12.33
N GLY F 282 35.60 -13.74 12.86
CA GLY F 282 34.43 -14.54 12.47
C GLY F 282 34.48 -15.02 11.04
N SER F 283 35.70 -15.24 10.50
CA SER F 283 35.90 -15.87 9.15
C SER F 283 36.87 -17.03 9.22
N ARG F 284 36.53 -18.19 8.65
CA ARG F 284 37.42 -19.36 8.71
C ARG F 284 38.45 -19.22 7.60
N ILE F 285 39.65 -18.72 7.95
CA ILE F 285 40.73 -18.53 6.96
C ILE F 285 41.64 -19.74 7.02
N SER F 286 41.64 -20.53 5.97
CA SER F 286 42.35 -21.81 5.94
C SER F 286 43.44 -21.85 4.88
N ASP F 287 44.07 -22.99 4.70
CA ASP F 287 45.11 -23.17 3.67
C ASP F 287 44.47 -23.35 2.29
N TRP F 288 45.28 -23.61 1.27
CA TRP F 288 44.77 -23.80 -0.11
C TRP F 288 44.06 -25.15 -0.24
N ASN F 289 44.45 -26.13 0.55
CA ASN F 289 43.76 -27.45 0.54
C ASN F 289 42.52 -27.39 1.43
N ARG F 290 42.32 -26.30 2.16
CA ARG F 290 41.13 -26.04 3.02
C ARG F 290 41.05 -26.96 4.22
N VAL F 291 41.88 -28.01 4.28
CA VAL F 291 41.81 -29.01 5.37
C VAL F 291 43.13 -29.02 6.16
N GLY F 292 44.22 -28.62 5.51
CA GLY F 292 45.55 -28.60 6.15
C GLY F 292 46.25 -29.94 6.04
N TRP F 293 47.47 -30.01 6.53
CA TRP F 293 48.26 -31.26 6.49
C TRP F 293 48.57 -31.72 7.91
N GLY F 294 47.88 -31.15 8.90
CA GLY F 294 48.08 -31.51 10.31
C GLY F 294 49.32 -30.85 10.89
N GLU F 295 49.78 -31.32 12.03
CA GLU F 295 51.06 -30.81 12.62
C GLU F 295 52.20 -31.13 11.67
N ILE F 296 52.85 -30.10 11.15
CA ILE F 296 53.98 -30.29 10.20
C ILE F 296 55.09 -29.29 10.51
N PRO F 297 56.36 -29.58 10.13
CA PRO F 297 57.45 -28.60 10.19
C PRO F 297 57.18 -27.34 9.38
N MET F 298 57.64 -26.16 9.83
CA MET F 298 57.41 -24.90 9.12
C MET F 298 58.05 -24.98 7.72
N SER F 299 59.26 -25.53 7.66
CA SER F 299 59.96 -25.69 6.37
C SER F 299 58.99 -26.23 5.36
N LEU F 300 58.27 -27.29 5.68
CA LEU F 300 57.29 -27.93 4.79
C LEU F 300 56.18 -26.93 4.44
N GLY F 301 55.52 -26.35 5.42
CA GLY F 301 54.42 -25.42 5.20
C GLY F 301 54.76 -24.43 4.11
N PHE F 302 55.96 -23.89 4.18
CA PHE F 302 56.42 -22.86 3.24
C PHE F 302 56.61 -23.47 1.86
N THR F 303 57.21 -24.67 1.81
CA THR F 303 57.37 -25.40 0.52
C THR F 303 56.00 -25.55 -0.14
N TYR F 304 55.02 -25.97 0.68
CA TYR F 304 53.64 -26.20 0.20
C TYR F 304 52.97 -24.85 -0.10
N SER F 305 53.38 -23.81 0.63
CA SER F 305 52.75 -22.45 0.61
C SER F 305 51.56 -22.47 1.55
N SER F 306 51.80 -22.76 2.82
CA SER F 306 50.72 -22.72 3.85
C SER F 306 50.30 -21.29 4.20
N ASN F 307 49.01 -20.99 4.03
CA ASN F 307 48.48 -19.67 4.43
C ASN F 307 48.44 -19.54 5.95
N THR F 308 48.23 -20.64 6.66
CA THR F 308 48.24 -20.65 8.14
C THR F 308 49.62 -20.30 8.69
N LEU F 309 50.67 -20.80 8.06
CA LEU F 309 52.05 -20.54 8.52
C LEU F 309 52.30 -19.05 8.77
N MET F 310 52.04 -18.26 7.73
CA MET F 310 52.29 -16.81 7.69
C MET F 310 51.50 -16.13 8.81
N MET F 311 50.30 -16.61 9.04
CA MET F 311 49.39 -16.09 10.08
C MET F 311 49.93 -16.39 11.49
N HIS F 312 50.32 -17.63 11.72
CA HIS F 312 51.06 -18.04 12.91
C HIS F 312 52.22 -17.04 13.13
N LEU F 313 53.10 -16.99 12.13
CA LEU F 313 54.39 -16.27 12.24
C LEU F 313 54.08 -14.83 12.59
N GLN F 314 53.00 -14.27 12.02
CA GLN F 314 52.65 -12.86 12.28
C GLN F 314 52.41 -12.67 13.76
N ASP F 315 51.68 -13.61 14.35
CA ASP F 315 51.31 -13.60 15.78
C ASP F 315 52.57 -13.65 16.63
N LEU F 316 53.50 -14.54 16.29
CA LEU F 316 54.75 -14.68 17.07
C LEU F 316 55.57 -13.39 17.02
N VAL F 317 55.72 -12.81 15.82
CA VAL F 317 56.53 -11.58 15.65
C VAL F 317 55.80 -10.41 16.33
N GLY F 318 54.54 -10.16 15.96
CA GLY F 318 53.77 -9.01 16.47
C GLY F 318 53.26 -8.16 15.33
N ALA F 319 52.02 -7.68 15.47
CA ALA F 319 51.36 -6.83 14.47
C ALA F 319 52.29 -5.65 14.12
N ASP F 320 52.56 -4.81 15.11
CA ASP F 320 53.22 -3.51 14.85
C ASP F 320 54.53 -3.77 14.14
N LYS F 321 55.22 -4.84 14.53
CA LYS F 321 56.58 -5.09 14.04
C LYS F 321 56.50 -5.57 12.59
N MET F 322 55.49 -6.39 12.28
CA MET F 322 55.36 -6.95 10.90
C MET F 322 55.02 -5.81 9.96
N LYS F 323 54.22 -4.83 10.40
CA LYS F 323 53.88 -3.70 9.51
C LYS F 323 55.16 -3.00 9.09
N SER F 324 56.01 -2.73 10.07
CA SER F 324 57.31 -2.05 9.87
C SER F 324 58.20 -2.91 8.98
N TRP F 325 58.12 -4.22 9.15
CA TRP F 325 58.91 -5.14 8.29
C TRP F 325 58.53 -4.93 6.82
N TYR F 326 57.24 -4.93 6.52
CA TYR F 326 56.78 -4.79 5.12
C TYR F 326 57.16 -3.40 4.57
N GLU F 327 57.15 -2.40 5.45
CA GLU F 327 57.57 -1.03 5.08
C GLU F 327 59.05 -1.01 4.74
N ARG F 328 59.86 -1.70 5.54
CA ARG F 328 61.33 -1.72 5.30
C ARG F 328 61.67 -2.51 4.06
N PHE F 329 60.74 -3.37 3.61
CA PHE F 329 60.91 -4.09 2.33
C PHE F 329 60.39 -3.26 1.13
N GLY F 330 60.06 -2.00 1.36
CA GLY F 330 59.85 -1.00 0.28
C GLY F 330 58.44 -0.94 -0.24
N PHE F 331 57.53 -1.63 0.44
CA PHE F 331 56.12 -1.73 0.05
C PHE F 331 55.31 -0.56 0.60
N GLY F 332 54.28 -0.20 -0.16
CA GLY F 332 53.46 0.97 0.18
C GLY F 332 54.14 2.27 -0.19
N LYS F 333 55.32 2.20 -0.78
CA LYS F 333 56.07 3.41 -1.20
C LYS F 333 56.59 3.20 -2.61
N SER F 334 56.66 4.31 -3.33
CA SER F 334 57.29 4.36 -4.67
C SER F 334 58.74 3.90 -4.60
N THR F 335 59.21 3.20 -5.64
CA THR F 335 60.60 2.72 -5.70
C THR F 335 61.53 3.81 -6.20
N LYS F 336 60.97 5.00 -6.47
CA LYS F 336 61.66 6.18 -7.01
C LYS F 336 62.38 5.82 -8.30
N GLY F 337 61.74 4.93 -9.07
CA GLY F 337 62.17 4.58 -10.42
C GLY F 337 61.91 5.72 -11.36
N MET F 338 62.45 5.59 -12.56
CA MET F 338 62.53 6.70 -13.54
C MET F 338 61.23 6.88 -14.33
N PHE F 339 60.14 6.23 -13.92
CA PHE F 339 58.93 6.18 -14.75
C PHE F 339 57.96 7.18 -14.17
N ASP F 340 57.06 7.63 -15.02
CA ASP F 340 55.98 8.59 -14.66
C ASP F 340 54.96 7.95 -13.73
N GLY F 341 54.44 8.75 -12.80
CA GLY F 341 53.31 8.34 -11.93
C GLY F 341 53.38 6.92 -11.44
N GLU F 342 54.57 6.51 -11.00
CA GLU F 342 54.75 5.18 -10.40
C GLU F 342 53.83 5.00 -9.20
N ALA F 343 53.10 3.89 -9.20
CA ALA F 343 52.08 3.61 -8.17
C ALA F 343 52.74 3.19 -6.87
N PRO F 344 52.23 3.71 -5.72
CA PRO F 344 52.82 3.39 -4.43
C PRO F 344 52.31 2.08 -3.81
N GLY F 345 51.12 1.64 -4.27
CA GLY F 345 50.34 0.55 -3.65
C GLY F 345 50.00 0.89 -2.21
N GLN F 346 49.67 -0.11 -1.41
CA GLN F 346 49.36 0.15 0.03
C GLN F 346 49.31 -1.12 0.84
N ILE F 347 49.87 -1.03 2.03
CA ILE F 347 49.91 -2.16 2.98
C ILE F 347 48.56 -2.18 3.67
N GLY F 348 47.82 -3.28 3.50
CA GLY F 348 46.50 -3.50 4.11
C GLY F 348 46.65 -3.86 5.55
N TRP F 349 46.40 -2.92 6.44
CA TRP F 349 46.68 -3.12 7.88
C TRP F 349 45.63 -2.42 8.76
N SER F 350 44.41 -2.18 8.23
CA SER F 350 43.35 -1.41 8.94
C SER F 350 42.72 -2.19 10.11
N ASN F 351 42.68 -3.51 9.97
CA ASN F 351 42.14 -4.42 11.01
C ASN F 351 42.87 -5.75 10.94
N GLU F 352 42.59 -6.63 11.88
CA GLU F 352 43.25 -7.95 12.00
C GLU F 352 43.09 -8.75 10.71
N LEU F 353 41.92 -8.67 10.10
CA LEU F 353 41.62 -9.44 8.87
C LEU F 353 42.66 -9.04 7.83
N GLN F 354 42.74 -7.75 7.55
CA GLN F 354 43.61 -7.21 6.48
C GLN F 354 45.03 -7.63 6.80
N GLN F 355 45.40 -7.48 8.06
CA GLN F 355 46.79 -7.77 8.50
C GLN F 355 47.12 -9.23 8.22
N LYS F 356 46.27 -10.12 8.69
CA LYS F 356 46.47 -11.57 8.49
C LYS F 356 46.56 -11.87 6.98
N THR F 357 45.50 -11.52 6.28
CA THR F 357 45.38 -11.82 4.82
C THR F 357 46.63 -11.25 4.11
N SER F 358 47.13 -10.12 4.59
CA SER F 358 48.34 -9.50 3.99
C SER F 358 49.48 -10.50 4.03
N SER F 359 49.74 -11.24 5.10
CA SER F 359 51.02 -12.00 5.18
C SER F 359 51.13 -13.04 4.06
N PHE F 360 50.03 -13.34 3.38
CA PHE F 360 50.05 -14.29 2.25
C PHE F 360 49.56 -13.61 0.97
N GLY F 361 49.50 -12.30 1.00
CA GLY F 361 49.50 -11.41 -0.19
C GLY F 361 48.15 -10.93 -0.65
N GLN F 362 47.20 -10.80 0.23
CA GLN F 362 45.87 -10.24 -0.06
C GLN F 362 45.72 -8.96 0.76
N SER F 363 44.78 -8.12 0.34
CA SER F 363 44.50 -6.76 0.87
C SER F 363 45.58 -5.78 0.45
N THR F 364 46.81 -6.14 0.78
CA THR F 364 48.02 -5.37 0.40
C THR F 364 48.20 -5.35 -1.11
N THR F 365 48.47 -4.17 -1.66
CA THR F 365 48.71 -3.99 -3.09
C THR F 365 50.16 -3.58 -3.32
N VAL F 366 50.72 -4.10 -4.41
CA VAL F 366 52.12 -3.83 -4.79
C VAL F 366 52.23 -3.57 -6.29
N THR F 367 53.25 -2.79 -6.64
CA THR F 367 53.80 -2.77 -8.00
C THR F 367 54.71 -3.99 -8.16
N PRO F 368 54.70 -4.61 -9.37
CA PRO F 368 55.66 -5.66 -9.67
C PRO F 368 57.10 -5.28 -9.32
N VAL F 369 57.38 -3.99 -9.45
CA VAL F 369 58.74 -3.43 -9.21
C VAL F 369 59.07 -3.49 -7.73
N GLN F 370 58.18 -3.03 -6.85
CA GLN F 370 58.33 -3.15 -5.38
C GLN F 370 58.81 -4.55 -5.06
N MET F 371 58.26 -5.51 -5.81
CA MET F 371 58.53 -6.96 -5.55
C MET F 371 59.94 -7.30 -6.01
N LEU F 372 60.36 -6.84 -7.18
CA LEU F 372 61.76 -7.05 -7.62
C LEU F 372 62.70 -6.46 -6.57
N GLN F 373 62.36 -5.28 -6.11
CA GLN F 373 63.20 -4.53 -5.17
C GLN F 373 63.38 -5.42 -3.96
N ALA F 374 62.28 -5.78 -3.33
CA ALA F 374 62.25 -6.74 -2.20
C ALA F 374 63.18 -7.90 -2.47
N GLN F 375 62.79 -8.72 -3.44
CA GLN F 375 63.44 -10.03 -3.71
C GLN F 375 64.94 -9.89 -3.86
N SER F 376 65.42 -8.79 -4.39
CA SER F 376 66.86 -8.60 -4.64
C SER F 376 67.69 -8.78 -3.38
N ALA F 377 67.14 -8.34 -2.26
CA ALA F 377 67.73 -8.50 -0.91
C ALA F 377 68.39 -9.86 -0.68
N PHE F 378 67.76 -10.91 -1.18
CA PHE F 378 68.09 -12.30 -0.77
C PHE F 378 69.42 -12.75 -1.38
N PHE F 379 69.79 -12.09 -2.47
CA PHE F 379 70.96 -12.47 -3.32
C PHE F 379 72.11 -11.48 -3.25
N ASN F 380 71.88 -10.40 -2.52
CA ASN F 380 72.82 -9.26 -2.28
C ASN F 380 72.80 -8.90 -0.79
N ASP F 381 72.85 -9.91 0.07
CA ASP F 381 73.38 -9.85 1.48
C ASP F 381 72.53 -8.87 2.29
N GLY F 382 71.25 -8.89 1.95
CA GLY F 382 70.14 -8.16 2.57
C GLY F 382 69.89 -6.79 2.02
N ASN F 383 70.67 -6.34 1.03
CA ASN F 383 70.48 -5.02 0.41
C ASN F 383 69.49 -5.09 -0.75
N MET F 384 68.39 -4.36 -0.65
CA MET F 384 67.48 -4.17 -1.80
C MET F 384 68.09 -3.17 -2.77
N LEU F 385 68.02 -3.57 -4.04
CA LEU F 385 68.53 -2.76 -5.15
C LEU F 385 67.36 -1.99 -5.78
N LYS F 386 67.62 -0.72 -6.04
CA LYS F 386 66.66 0.17 -6.74
C LYS F 386 66.63 -0.31 -8.16
N PRO F 387 65.46 -0.76 -8.63
CA PRO F 387 65.33 -1.15 -10.03
C PRO F 387 65.19 0.03 -10.97
N TRP F 388 66.02 0.01 -12.01
CA TRP F 388 66.15 1.10 -13.01
C TRP F 388 66.33 0.50 -14.38
N PHE F 389 65.87 1.26 -15.37
CA PHE F 389 65.79 0.82 -16.78
C PHE F 389 66.44 1.80 -17.74
N VAL F 390 66.78 2.99 -17.23
CA VAL F 390 67.39 4.07 -18.03
C VAL F 390 68.87 4.05 -17.72
N ASN F 391 69.66 3.75 -18.75
CA ASN F 391 71.12 3.66 -18.63
C ASN F 391 71.72 5.08 -18.75
N SER F 392 71.28 5.88 -19.74
CA SER F 392 71.76 7.27 -19.93
C SER F 392 70.92 8.04 -20.97
N VAL F 393 70.83 9.36 -20.78
CA VAL F 393 70.24 10.38 -21.68
C VAL F 393 71.40 11.28 -22.00
N GLU F 394 71.85 11.21 -23.24
CA GLU F 394 72.98 12.07 -23.68
C GLU F 394 72.85 12.53 -25.12
N ASN F 395 73.12 13.81 -25.38
CA ASN F 395 73.21 14.32 -26.75
C ASN F 395 74.43 13.72 -27.43
N PRO F 396 74.25 13.05 -28.59
CA PRO F 396 75.34 12.32 -29.20
C PRO F 396 76.38 13.19 -29.92
N VAL F 397 76.01 14.44 -30.16
CA VAL F 397 76.94 15.47 -30.67
C VAL F 397 77.97 15.81 -29.58
N SER F 398 77.46 16.35 -28.47
CA SER F 398 78.34 16.87 -27.38
C SER F 398 78.87 15.75 -26.49
N LYS F 399 78.18 14.62 -26.48
CA LYS F 399 78.43 13.46 -25.60
C LYS F 399 78.02 13.76 -24.17
N ARG F 400 77.29 14.83 -23.95
CA ARG F 400 77.03 15.30 -22.58
C ARG F 400 75.96 14.45 -21.93
N GLN F 401 76.25 13.84 -20.75
CA GLN F 401 75.29 12.93 -20.10
C GLN F 401 74.41 13.72 -19.16
N PHE F 402 73.16 13.93 -19.57
CA PHE F 402 72.15 14.61 -18.72
C PHE F 402 71.68 13.73 -17.58
N TYR F 403 71.62 12.41 -17.80
CA TYR F 403 71.47 11.44 -16.69
C TYR F 403 72.23 10.19 -17.04
N LYS F 404 72.78 9.60 -15.99
CA LYS F 404 73.43 8.27 -16.10
C LYS F 404 72.96 7.43 -14.93
N GLY F 405 72.31 6.31 -15.26
CA GLY F 405 71.79 5.42 -14.23
C GLY F 405 72.87 4.57 -13.64
N GLN F 406 72.65 4.19 -12.38
CA GLN F 406 73.58 3.29 -11.67
C GLN F 406 72.84 2.53 -10.60
N LYS F 407 73.47 1.45 -10.15
CA LYS F 407 72.90 0.61 -9.08
C LYS F 407 72.99 1.35 -7.74
N GLN F 408 71.85 1.43 -7.07
CA GLN F 408 71.65 2.12 -5.80
C GLN F 408 71.02 1.11 -4.87
N ILE F 409 71.26 1.35 -3.59
CA ILE F 409 70.77 0.49 -2.49
C ILE F 409 69.63 1.26 -1.81
N ALA F 410 68.41 0.75 -2.03
CA ALA F 410 67.14 1.36 -1.55
C ALA F 410 66.86 0.91 -0.13
N GLY F 411 67.68 0.03 0.42
CA GLY F 411 67.64 -0.25 1.86
C GLY F 411 68.21 -1.60 2.16
N LYS F 412 68.72 -1.79 3.37
CA LYS F 412 69.09 -3.12 3.88
C LYS F 412 68.16 -3.45 5.04
N PRO F 413 66.99 -4.06 4.76
CA PRO F 413 66.06 -4.41 5.83
C PRO F 413 66.44 -5.64 6.66
N ILE F 414 67.32 -6.46 6.10
CA ILE F 414 67.62 -7.82 6.63
C ILE F 414 69.11 -8.05 6.60
N THR F 415 69.51 -9.10 7.31
CA THR F 415 70.92 -9.44 7.56
C THR F 415 71.41 -10.36 6.45
N LYS F 416 72.70 -10.63 6.44
CA LYS F 416 73.27 -11.61 5.48
C LYS F 416 72.76 -13.02 5.85
N ASP F 417 72.84 -13.33 7.15
CA ASP F 417 72.41 -14.65 7.71
C ASP F 417 70.97 -14.92 7.32
N THR F 418 70.08 -14.00 7.62
CA THR F 418 68.65 -14.12 7.26
C THR F 418 68.49 -14.43 5.77
N ALA F 419 69.16 -13.67 4.90
CA ALA F 419 69.04 -13.87 3.44
C ALA F 419 69.40 -15.28 3.01
N GLU F 420 70.47 -15.85 3.56
CA GLU F 420 70.91 -17.20 3.19
C GLU F 420 69.85 -18.21 3.60
N LYS F 421 69.23 -17.99 4.74
CA LYS F 421 68.19 -18.90 5.27
C LYS F 421 66.93 -18.80 4.42
N VAL F 422 66.60 -17.60 3.97
CA VAL F 422 65.44 -17.41 3.07
C VAL F 422 65.74 -18.15 1.77
N GLU F 423 66.93 -17.98 1.23
CA GLU F 423 67.29 -18.64 -0.06
C GLU F 423 67.13 -20.16 0.06
N LYS F 424 67.53 -20.71 1.19
CA LYS F 424 67.44 -22.17 1.41
C LYS F 424 66.00 -22.64 1.26
N GLN F 425 65.05 -21.87 1.76
CA GLN F 425 63.61 -22.22 1.67
C GLN F 425 63.11 -22.06 0.24
N LEU F 426 63.55 -21.00 -0.46
CA LEU F 426 63.15 -20.75 -1.87
C LEU F 426 63.65 -21.91 -2.75
N ASP F 427 64.83 -22.42 -2.44
CA ASP F 427 65.41 -23.59 -3.14
C ASP F 427 64.46 -24.75 -2.95
N LEU F 428 64.09 -25.01 -1.69
CA LEU F 428 63.14 -26.12 -1.35
C LEU F 428 61.81 -25.96 -2.11
N VAL F 429 61.21 -24.79 -2.03
CA VAL F 429 59.86 -24.59 -2.64
C VAL F 429 59.78 -25.30 -3.99
N VAL F 430 60.86 -25.22 -4.76
CA VAL F 430 60.93 -25.83 -6.11
C VAL F 430 61.54 -27.21 -6.08
N ASN F 431 62.71 -27.34 -5.47
CA ASN F 431 63.54 -28.57 -5.49
C ASN F 431 63.49 -29.43 -4.21
N SER F 432 62.32 -29.46 -3.56
CA SER F 432 61.97 -30.38 -2.47
C SER F 432 61.26 -31.61 -3.02
N LYS F 433 61.28 -32.69 -2.27
CA LYS F 433 60.75 -34.00 -2.75
C LYS F 433 59.23 -33.89 -2.85
N LYS F 434 58.65 -33.12 -1.93
CA LYS F 434 57.20 -32.89 -1.83
C LYS F 434 56.81 -31.55 -2.43
N SER F 435 57.66 -30.96 -3.27
CA SER F 435 57.38 -29.59 -3.81
C SER F 435 56.04 -29.52 -4.53
N HIS F 436 55.32 -28.42 -4.34
CA HIS F 436 54.09 -28.12 -5.10
C HIS F 436 54.43 -27.08 -6.16
N ALA F 437 55.66 -27.15 -6.65
CA ALA F 437 56.18 -26.22 -7.66
C ALA F 437 57.15 -26.91 -8.58
N ALA F 438 57.00 -28.21 -8.79
CA ALA F 438 57.96 -29.00 -9.61
C ALA F 438 57.88 -28.63 -11.09
N ASN F 439 56.73 -28.10 -11.50
CA ASN F 439 56.50 -27.71 -12.90
C ASN F 439 57.42 -26.57 -13.32
N TYR F 440 57.99 -25.85 -12.36
CA TYR F 440 58.87 -24.70 -12.67
C TYR F 440 60.32 -25.14 -12.86
N ARG F 441 60.60 -26.43 -12.68
CA ARG F 441 61.97 -26.95 -12.83
C ARG F 441 62.39 -26.94 -14.28
N ILE F 442 63.68 -26.67 -14.45
CA ILE F 442 64.38 -26.65 -15.76
C ILE F 442 65.55 -27.62 -15.77
N ASP F 443 65.69 -28.24 -16.93
CA ASP F 443 66.75 -29.18 -17.30
C ASP F 443 68.09 -28.44 -17.44
N GLY F 444 69.08 -28.95 -16.73
CA GLY F 444 70.48 -28.46 -16.78
C GLY F 444 70.78 -27.34 -15.79
N TYR F 445 69.73 -26.65 -15.34
CA TYR F 445 69.81 -25.40 -14.54
C TYR F 445 69.04 -25.51 -13.21
N GLU F 446 69.64 -24.94 -12.17
CA GLU F 446 69.16 -25.00 -10.76
C GLU F 446 68.29 -23.76 -10.52
N VAL F 447 67.00 -23.96 -10.24
CA VAL F 447 65.98 -22.87 -10.18
C VAL F 447 65.52 -22.76 -8.73
N GLU F 448 65.01 -21.60 -8.38
CA GLU F 448 64.36 -21.44 -7.06
C GLU F 448 63.42 -20.27 -7.17
N GLY F 449 62.49 -20.18 -6.23
CA GLY F 449 61.49 -19.10 -6.28
C GLY F 449 60.26 -19.44 -5.53
N LYS F 450 59.18 -18.72 -5.80
CA LYS F 450 57.95 -18.84 -4.99
C LYS F 450 56.72 -18.84 -5.86
N THR F 451 55.83 -19.82 -5.68
CA THR F 451 54.51 -19.84 -6.33
C THR F 451 53.68 -18.67 -5.83
N GLY F 452 52.75 -18.17 -6.63
CA GLY F 452 52.06 -16.93 -6.26
C GLY F 452 50.64 -16.90 -6.70
N THR F 453 49.78 -17.75 -6.13
CA THR F 453 48.34 -17.82 -6.49
C THR F 453 47.56 -16.85 -5.61
N ALA F 454 46.83 -15.91 -6.24
CA ALA F 454 46.04 -14.91 -5.50
C ALA F 454 44.64 -14.71 -6.04
N GLN F 455 43.73 -14.24 -5.19
CA GLN F 455 42.42 -13.80 -5.67
C GLN F 455 42.51 -12.33 -6.06
N VAL F 456 41.81 -11.99 -7.11
CA VAL F 456 41.79 -10.64 -7.71
C VAL F 456 40.51 -9.94 -7.27
N ALA F 457 40.66 -8.66 -7.00
CA ALA F 457 39.55 -7.76 -6.58
C ALA F 457 38.63 -7.39 -7.75
N ALA F 458 37.36 -7.18 -7.46
CA ALA F 458 36.39 -6.64 -8.43
C ALA F 458 36.82 -5.20 -8.81
N PRO F 459 36.99 -4.88 -10.10
CA PRO F 459 37.60 -3.62 -10.52
C PRO F 459 37.10 -2.40 -9.74
N ASN F 460 35.81 -2.14 -9.84
CA ASN F 460 35.18 -1.04 -9.07
C ASN F 460 34.19 -1.61 -8.04
N GLY F 461 34.56 -1.52 -6.77
CA GLY F 461 33.71 -1.94 -5.64
C GLY F 461 33.43 -3.43 -5.69
N GLY F 462 32.60 -3.93 -4.78
CA GLY F 462 32.41 -5.36 -4.48
C GLY F 462 33.64 -6.01 -3.85
N GLY F 463 33.62 -7.33 -3.77
CA GLY F 463 34.65 -8.16 -3.10
C GLY F 463 35.75 -8.60 -4.04
N TYR F 464 35.89 -9.93 -4.18
CA TYR F 464 36.81 -10.54 -5.16
C TYR F 464 36.02 -11.05 -6.36
N VAL F 465 36.71 -11.17 -7.47
CA VAL F 465 36.17 -11.83 -8.69
C VAL F 465 35.96 -13.32 -8.41
N LYS F 466 34.81 -13.80 -8.84
CA LYS F 466 34.37 -15.21 -8.71
C LYS F 466 34.39 -15.83 -10.10
N GLY F 467 34.28 -17.14 -10.13
CA GLY F 467 34.41 -17.94 -11.36
C GLY F 467 35.01 -19.30 -11.05
N PRO F 468 35.43 -20.07 -12.08
CA PRO F 468 36.04 -21.38 -11.86
C PRO F 468 37.37 -21.28 -11.14
N ASN F 469 38.30 -20.54 -11.75
CA ASN F 469 39.64 -20.23 -11.21
C ASN F 469 39.97 -18.75 -11.40
N PRO F 470 39.35 -17.86 -10.60
CA PRO F 470 39.58 -16.43 -10.73
C PRO F 470 40.83 -15.99 -9.98
N TYR F 471 41.96 -16.51 -10.41
CA TYR F 471 43.26 -16.29 -9.74
C TYR F 471 44.30 -15.55 -10.59
N PHE F 472 45.13 -14.78 -9.89
CA PHE F 472 46.30 -14.12 -10.45
C PHE F 472 47.44 -15.01 -9.98
N VAL F 473 48.01 -15.72 -10.93
CA VAL F 473 49.14 -16.66 -10.68
C VAL F 473 50.44 -15.97 -11.01
N SER F 474 51.46 -16.25 -10.25
CA SER F 474 52.77 -15.61 -10.43
C SER F 474 53.91 -16.53 -9.99
N PHE F 475 55.11 -16.21 -10.42
CA PHE F 475 56.33 -16.87 -9.92
C PHE F 475 57.48 -15.88 -9.87
N MET F 476 58.12 -15.79 -8.72
CA MET F 476 59.28 -14.90 -8.53
C MET F 476 60.54 -15.74 -8.45
N GLY F 477 61.09 -16.05 -9.61
CA GLY F 477 62.20 -17.01 -9.71
C GLY F 477 63.55 -16.39 -9.91
N ASP F 478 64.57 -17.17 -9.63
CA ASP F 478 65.96 -16.69 -9.78
C ASP F 478 66.82 -17.90 -10.04
N ALA F 479 67.96 -17.67 -10.68
CA ALA F 479 68.85 -18.74 -11.15
C ALA F 479 70.12 -18.12 -11.73
N PRO F 480 71.27 -18.84 -11.68
CA PRO F 480 71.42 -20.13 -11.00
C PRO F 480 71.19 -19.99 -9.49
N LYS F 481 70.70 -21.06 -8.89
CA LYS F 481 70.39 -21.10 -7.44
C LYS F 481 71.56 -20.64 -6.59
N LYS F 482 71.24 -19.94 -5.49
CA LYS F 482 72.22 -19.37 -4.53
C LYS F 482 72.90 -18.10 -5.08
N ASN F 483 73.65 -18.25 -6.18
CA ASN F 483 74.37 -17.12 -6.83
C ASN F 483 73.81 -16.78 -8.20
N PRO F 484 72.59 -16.22 -8.22
CA PRO F 484 71.89 -15.96 -9.47
C PRO F 484 72.45 -14.86 -10.38
N LYS F 485 72.07 -14.98 -11.63
CA LYS F 485 72.40 -14.01 -12.68
C LYS F 485 71.20 -13.08 -12.81
N VAL F 486 70.02 -13.65 -12.76
CA VAL F 486 68.76 -12.91 -13.05
C VAL F 486 67.66 -13.33 -12.10
N ILE F 487 66.71 -12.41 -11.98
CA ILE F 487 65.41 -12.63 -11.35
C ILE F 487 64.42 -12.53 -12.50
N VAL F 488 63.53 -13.50 -12.61
CA VAL F 488 62.41 -13.45 -13.58
C VAL F 488 61.13 -13.45 -12.78
N TYR F 489 60.31 -12.43 -12.97
CA TYR F 489 58.97 -12.33 -12.35
C TYR F 489 57.91 -12.33 -13.44
N ALA F 490 57.10 -13.40 -13.48
CA ALA F 490 55.96 -13.45 -14.41
C ALA F 490 54.69 -13.41 -13.57
N GLY F 491 53.66 -12.78 -14.09
CA GLY F 491 52.34 -12.77 -13.46
C GLY F 491 51.25 -12.80 -14.49
N MET F 492 50.16 -13.54 -14.20
CA MET F 492 48.99 -13.70 -15.08
C MET F 492 47.74 -13.50 -14.24
N SER F 493 46.84 -12.72 -14.77
CA SER F 493 45.56 -12.42 -14.07
C SER F 493 44.36 -12.85 -14.90
N LEU F 494 43.58 -13.75 -14.31
CA LEU F 494 42.30 -14.22 -14.88
C LEU F 494 42.42 -14.81 -16.29
N ALA F 495 42.99 -16.00 -16.37
CA ALA F 495 42.99 -16.79 -17.60
C ALA F 495 41.54 -17.03 -18.01
N GLN F 496 41.24 -16.77 -19.28
CA GLN F 496 39.84 -16.89 -19.80
C GLN F 496 39.63 -18.23 -20.49
N LYS F 497 40.73 -18.92 -20.71
CA LYS F 497 40.73 -20.21 -21.40
C LYS F 497 41.67 -21.11 -20.62
N ASN F 498 41.37 -22.41 -20.55
CA ASN F 498 42.17 -23.40 -19.77
C ASN F 498 42.46 -22.89 -18.36
N ASP F 499 41.47 -22.29 -17.74
CA ASP F 499 41.65 -21.68 -16.40
C ASP F 499 42.12 -22.72 -15.40
N GLN F 500 41.69 -23.97 -15.60
CA GLN F 500 42.13 -25.09 -14.73
C GLN F 500 43.64 -25.31 -14.83
N GLU F 501 44.14 -25.47 -16.04
CA GLU F 501 45.59 -25.67 -16.23
C GLU F 501 46.34 -24.49 -15.63
N ALA F 502 45.80 -23.31 -15.81
CA ALA F 502 46.40 -22.07 -15.27
C ALA F 502 46.59 -22.28 -13.79
N TYR F 503 45.57 -22.64 -13.03
CA TYR F 503 45.71 -22.78 -11.57
C TYR F 503 46.74 -23.85 -11.27
N GLU F 504 46.75 -24.89 -12.09
CA GLU F 504 47.63 -26.07 -11.82
C GLU F 504 49.09 -25.77 -12.11
N LEU F 505 49.34 -25.23 -13.29
CA LEU F 505 50.74 -25.01 -13.77
C LEU F 505 51.26 -23.64 -13.34
N GLY F 506 50.35 -22.65 -13.33
CA GLY F 506 50.63 -21.22 -13.33
C GLY F 506 51.38 -20.77 -14.56
N VAL F 507 52.30 -19.86 -14.31
CA VAL F 507 53.07 -19.17 -15.38
C VAL F 507 54.31 -20.00 -15.69
N SER F 508 54.35 -21.25 -15.22
CA SER F 508 55.51 -22.14 -15.45
C SER F 508 55.85 -22.25 -16.94
N LYS F 509 54.80 -22.30 -17.76
CA LYS F 509 54.92 -22.46 -19.21
C LYS F 509 55.63 -21.28 -19.89
N ALA F 510 55.72 -20.15 -19.20
CA ALA F 510 56.39 -18.93 -19.72
C ALA F 510 57.74 -18.76 -19.05
N PHE F 511 57.77 -18.92 -17.72
CA PHE F 511 59.04 -18.80 -16.94
C PHE F 511 60.11 -19.72 -17.50
N LYS F 512 59.78 -21.01 -17.66
CA LYS F 512 60.77 -22.01 -18.11
C LYS F 512 61.51 -21.60 -19.37
N PRO F 513 60.81 -21.37 -20.49
CA PRO F 513 61.50 -20.92 -21.70
C PRO F 513 62.30 -19.63 -21.58
N ILE F 514 61.72 -18.62 -20.95
CA ILE F 514 62.43 -17.33 -20.75
C ILE F 514 63.72 -17.59 -19.99
N MET F 515 63.63 -18.25 -18.83
CA MET F 515 64.85 -18.47 -18.03
C MET F 515 65.87 -19.32 -18.78
N GLU F 516 65.46 -20.43 -19.34
CA GLU F 516 66.37 -21.32 -20.10
C GLU F 516 67.10 -20.56 -21.18
N ASN F 517 66.35 -19.89 -22.04
CA ASN F 517 66.91 -19.09 -23.16
C ASN F 517 67.87 -18.01 -22.70
N THR F 518 67.54 -17.34 -21.61
CA THR F 518 68.33 -16.22 -21.06
C THR F 518 69.67 -16.76 -20.53
N LEU F 519 69.60 -17.84 -19.74
CA LEU F 519 70.81 -18.41 -19.12
C LEU F 519 71.79 -18.90 -20.22
N LYS F 520 71.19 -19.50 -21.25
CA LYS F 520 71.88 -20.04 -22.45
C LYS F 520 72.61 -18.90 -23.17
N TYR F 521 71.92 -17.78 -23.40
CA TYR F 521 72.43 -16.55 -24.08
C TYR F 521 73.53 -15.90 -23.26
N LEU F 522 73.40 -15.95 -21.93
CA LEU F 522 74.38 -15.36 -21.00
C LEU F 522 75.52 -16.35 -20.73
N ASN F 523 75.54 -17.46 -21.45
CA ASN F 523 76.60 -18.50 -21.32
C ASN F 523 76.79 -18.93 -19.86
N VAL F 524 75.68 -19.34 -19.26
CA VAL F 524 75.72 -19.89 -17.88
C VAL F 524 75.80 -21.41 -18.02
N GLY F 525 76.76 -22.00 -17.34
CA GLY F 525 77.05 -23.45 -17.34
C GLY F 525 75.87 -24.39 -17.04
N LYS F 526 75.90 -25.58 -17.67
CA LYS F 526 74.82 -26.62 -17.60
C LYS F 526 75.32 -27.81 -16.76
N SER F 527 74.84 -27.94 -15.51
CA SER F 527 75.22 -29.01 -14.55
C SER F 527 74.49 -30.31 -14.90
N LYS F 528 74.77 -30.93 -16.06
CA LYS F 528 74.02 -32.12 -16.53
C LYS F 528 74.43 -33.35 -15.69
N MET G 1 5.85 -82.46 -7.86
CA MET G 1 6.63 -81.37 -8.52
C MET G 1 5.98 -80.01 -8.23
N ARG G 2 6.80 -78.98 -8.14
CA ARG G 2 6.35 -77.58 -8.33
C ARG G 2 6.12 -77.39 -9.83
N GLY G 3 5.01 -76.78 -10.20
CA GLY G 3 4.63 -76.59 -11.59
C GLY G 3 5.64 -75.76 -12.33
N LYS G 4 5.47 -75.73 -13.64
CA LYS G 4 6.40 -75.00 -14.53
C LYS G 4 5.89 -73.60 -14.82
N ILE G 5 6.83 -72.71 -15.11
CA ILE G 5 6.41 -71.36 -15.61
C ILE G 5 6.88 -71.29 -17.04
N TYR G 6 5.92 -71.11 -17.94
CA TYR G 6 6.12 -71.02 -19.42
C TYR G 6 5.91 -69.60 -19.93
N ASP G 7 6.45 -69.37 -21.12
CA ASP G 7 6.15 -68.14 -21.86
C ASP G 7 4.92 -68.40 -22.74
N ARG G 8 4.59 -67.48 -23.62
CA ARG G 8 3.40 -67.61 -24.51
C ARG G 8 3.60 -68.71 -25.54
N ASN G 9 4.86 -68.92 -25.95
CA ASN G 9 5.23 -69.96 -26.92
C ASN G 9 5.40 -71.33 -26.28
N GLY G 10 5.32 -71.44 -24.96
CA GLY G 10 5.42 -72.71 -24.27
C GLY G 10 6.85 -73.04 -23.85
N LYS G 11 7.78 -72.09 -24.01
CA LYS G 11 9.18 -72.31 -23.63
C LYS G 11 9.29 -72.11 -22.11
N VAL G 12 10.06 -73.01 -21.51
CA VAL G 12 10.17 -73.05 -20.03
C VAL G 12 11.02 -71.88 -19.54
N LEU G 13 10.49 -71.18 -18.53
CA LEU G 13 11.21 -70.06 -17.86
C LEU G 13 11.75 -70.48 -16.49
N ALA G 14 11.09 -71.46 -15.88
CA ALA G 14 11.36 -72.03 -14.56
C ALA G 14 10.78 -73.45 -14.47
N GLU G 15 11.54 -74.34 -13.85
CA GLU G 15 11.14 -75.76 -13.65
C GLU G 15 11.97 -76.37 -12.55
N ASP G 16 11.53 -77.49 -12.01
CA ASP G 16 12.32 -78.29 -11.05
C ASP G 16 13.29 -79.15 -11.84
N VAL G 17 14.50 -79.31 -11.32
CA VAL G 17 15.48 -80.31 -11.85
C VAL G 17 16.05 -81.15 -10.70
N GLU G 18 16.50 -82.35 -11.02
CA GLU G 18 17.13 -83.24 -10.02
C GLU G 18 18.64 -83.08 -10.17
N ARG G 19 19.30 -82.61 -9.11
CA ARG G 19 20.75 -82.41 -9.06
C ARG G 19 21.22 -83.29 -7.92
N TYR G 20 22.50 -83.22 -7.57
CA TYR G 20 23.05 -84.12 -6.52
C TYR G 20 23.99 -83.36 -5.59
N LYS G 21 24.21 -83.96 -4.46
CA LYS G 21 25.01 -83.38 -3.37
C LYS G 21 26.04 -84.37 -2.89
N LEU G 22 27.26 -83.89 -2.76
CA LEU G 22 28.39 -84.74 -2.33
C LEU G 22 28.38 -84.89 -0.80
N VAL G 23 28.49 -86.12 -0.33
CA VAL G 23 28.57 -86.42 1.13
C VAL G 23 29.71 -87.39 1.36
N ALA G 24 30.49 -87.18 2.41
CA ALA G 24 31.65 -88.04 2.71
C ALA G 24 31.61 -88.44 4.18
N VAL G 25 31.60 -89.75 4.42
CA VAL G 25 31.69 -90.32 5.80
C VAL G 25 33.18 -90.43 6.15
N ILE G 26 33.53 -89.81 7.28
CA ILE G 26 34.93 -89.65 7.73
C ILE G 26 35.26 -90.45 8.99
N ASP G 27 34.27 -91.09 9.61
CA ASP G 27 34.41 -91.78 10.91
C ASP G 27 34.57 -93.29 10.71
N LYS G 28 35.54 -93.85 11.43
CA LYS G 28 35.94 -95.26 11.24
C LYS G 28 34.79 -96.22 11.57
N LYS G 29 33.81 -95.78 12.36
CA LYS G 29 32.67 -96.61 12.84
C LYS G 29 31.99 -97.30 11.65
N ALA G 30 31.90 -96.58 10.53
CA ALA G 30 31.23 -96.99 9.27
C ALA G 30 31.78 -98.32 8.72
N SER G 31 33.11 -98.52 8.87
CA SER G 31 33.89 -99.65 8.31
C SER G 31 34.15 -100.72 9.36
N ALA G 32 33.70 -100.49 10.59
CA ALA G 32 33.90 -101.38 11.76
C ALA G 32 33.11 -102.67 11.58
N ASN G 33 32.10 -102.68 10.69
CA ASN G 33 31.07 -103.74 10.59
C ASN G 33 31.45 -104.76 9.50
N SER G 34 32.41 -104.45 8.63
CA SER G 34 32.71 -105.28 7.43
C SER G 34 34.09 -104.97 6.83
N LYS G 35 34.41 -105.71 5.76
CA LYS G 35 35.69 -105.68 5.03
C LYS G 35 35.84 -104.29 4.40
N LYS G 36 35.21 -104.06 3.24
CA LYS G 36 35.45 -102.89 2.35
C LYS G 36 35.15 -101.59 3.09
N PRO G 37 36.14 -100.69 3.26
CA PRO G 37 35.92 -99.50 4.08
C PRO G 37 34.80 -98.57 3.57
N ARG G 38 34.00 -98.06 4.49
CA ARG G 38 32.87 -97.15 4.15
C ARG G 38 33.10 -95.80 4.80
N HIS G 39 34.35 -95.45 5.03
CA HIS G 39 34.80 -94.14 5.54
C HIS G 39 36.05 -93.77 4.79
N VAL G 40 36.39 -92.48 4.72
CA VAL G 40 37.52 -92.02 3.90
C VAL G 40 38.82 -92.44 4.56
N VAL G 41 39.54 -93.31 3.88
CA VAL G 41 40.71 -94.03 4.47
C VAL G 41 42.00 -93.27 4.11
N ASP G 42 42.12 -92.84 2.86
CA ASP G 42 43.23 -91.93 2.47
C ASP G 42 42.65 -90.54 2.23
N LYS G 43 42.54 -89.72 3.26
CA LYS G 43 41.95 -88.37 3.08
C LYS G 43 42.66 -87.65 1.91
N LYS G 44 43.98 -87.81 1.89
CA LYS G 44 44.97 -87.03 1.10
C LYS G 44 44.70 -87.28 -0.39
N GLU G 45 44.70 -88.54 -0.79
CA GLU G 45 44.55 -88.96 -2.21
C GLU G 45 43.07 -88.88 -2.60
N THR G 46 42.13 -89.13 -1.67
CA THR G 46 40.67 -88.99 -1.95
C THR G 46 40.40 -87.54 -2.36
N ALA G 47 40.98 -86.59 -1.61
CA ALA G 47 40.82 -85.14 -1.84
C ALA G 47 41.37 -84.73 -3.21
N LYS G 48 42.52 -85.28 -3.61
CA LYS G 48 43.13 -85.02 -4.93
C LYS G 48 42.23 -85.54 -6.05
N LYS G 49 41.77 -86.78 -5.93
CA LYS G 49 40.90 -87.44 -6.95
C LYS G 49 39.61 -86.65 -7.16
N LEU G 50 39.09 -86.05 -6.08
CA LEU G 50 37.82 -85.25 -6.10
C LEU G 50 38.10 -83.85 -6.63
N SER G 51 39.33 -83.34 -6.47
CA SER G 51 39.78 -82.04 -7.02
C SER G 51 39.70 -82.03 -8.54
N THR G 52 39.40 -83.18 -9.16
CA THR G 52 39.14 -83.32 -10.61
C THR G 52 37.75 -82.79 -10.98
N VAL G 53 36.73 -83.16 -10.21
CA VAL G 53 35.29 -82.91 -10.52
C VAL G 53 34.90 -81.53 -9.99
N ILE G 54 34.94 -81.34 -8.66
CA ILE G 54 34.63 -80.03 -8.04
C ILE G 54 35.83 -79.08 -8.25
N ASN G 55 35.56 -77.79 -8.45
CA ASN G 55 36.60 -76.73 -8.51
C ASN G 55 36.94 -76.27 -7.09
N MET G 56 37.20 -77.25 -6.21
CA MET G 56 37.81 -77.00 -4.88
C MET G 56 39.29 -77.38 -4.97
N LYS G 57 40.10 -76.77 -4.11
CA LYS G 57 41.53 -77.12 -3.94
C LYS G 57 41.63 -78.40 -3.13
N PRO G 58 42.57 -79.32 -3.45
CA PRO G 58 42.71 -80.57 -2.70
C PRO G 58 42.87 -80.37 -1.18
N GLU G 59 43.51 -79.28 -0.77
CA GLU G 59 43.79 -78.95 0.65
C GLU G 59 42.49 -78.53 1.35
N GLU G 60 41.63 -77.77 0.66
CA GLU G 60 40.34 -77.29 1.20
C GLU G 60 39.37 -78.47 1.38
N ILE G 61 39.51 -79.50 0.54
CA ILE G 61 38.75 -80.78 0.64
C ILE G 61 39.28 -81.56 1.86
N GLU G 62 40.59 -81.51 2.10
CA GLU G 62 41.25 -82.22 3.22
C GLU G 62 40.89 -81.56 4.55
N LYS G 63 40.85 -80.22 4.57
CA LYS G 63 40.36 -79.44 5.74
C LYS G 63 38.98 -79.95 6.17
N ARG G 64 38.10 -80.21 5.20
CA ARG G 64 36.70 -80.63 5.44
C ARG G 64 36.67 -82.09 5.85
N LEU G 65 37.46 -82.94 5.18
CA LEU G 65 37.59 -84.36 5.52
C LEU G 65 38.25 -84.54 6.90
N SER G 66 38.97 -83.52 7.38
CA SER G 66 39.78 -83.60 8.62
C SER G 66 39.01 -83.05 9.84
N GLN G 67 37.72 -82.76 9.66
CA GLN G 67 36.82 -82.39 10.77
C GLN G 67 36.62 -83.61 11.69
N LYS G 68 36.69 -83.30 12.96
CA LYS G 68 36.63 -84.24 14.11
C LYS G 68 35.18 -84.45 14.57
N LYS G 69 35.03 -85.44 15.42
CA LYS G 69 33.74 -85.87 16.04
C LYS G 69 32.60 -85.81 15.03
N ALA G 70 32.88 -85.86 13.73
CA ALA G 70 31.87 -85.71 12.69
C ALA G 70 31.69 -87.02 11.93
N PHE G 71 30.44 -87.40 11.73
CA PHE G 71 30.16 -88.64 10.97
C PHE G 71 30.30 -88.37 9.47
N GLN G 72 29.44 -87.45 9.01
CA GLN G 72 29.26 -87.13 7.60
C GLN G 72 29.45 -85.64 7.34
N ILE G 73 30.04 -85.33 6.18
CA ILE G 73 30.34 -83.89 5.89
C ILE G 73 29.87 -83.46 4.50
N GLU G 74 29.53 -82.18 4.38
CA GLU G 74 29.14 -81.53 3.11
C GLU G 74 30.26 -80.59 2.67
N PHE G 75 30.11 -80.07 1.45
CA PHE G 75 31.13 -79.22 0.80
C PHE G 75 30.63 -77.85 0.36
N GLY G 76 29.98 -77.14 1.28
CA GLY G 76 29.44 -75.78 1.00
C GLY G 76 28.57 -75.71 -0.26
N ARG G 77 28.67 -74.62 -1.05
CA ARG G 77 27.92 -74.49 -2.33
C ARG G 77 28.47 -75.44 -3.42
N LYS G 78 29.76 -75.76 -3.37
CA LYS G 78 30.44 -76.59 -4.40
C LYS G 78 29.96 -78.04 -4.33
N GLY G 79 29.60 -78.46 -3.12
CA GLY G 79 29.10 -79.81 -2.79
C GLY G 79 27.60 -79.96 -2.98
N THR G 80 27.06 -79.18 -3.92
CA THR G 80 25.60 -79.12 -4.22
C THR G 80 25.44 -78.82 -5.71
N ASN G 81 24.24 -79.02 -6.24
CA ASN G 81 23.89 -78.59 -7.62
C ASN G 81 24.85 -79.30 -8.57
N LEU G 82 25.12 -80.55 -8.27
CA LEU G 82 25.96 -81.40 -9.17
C LEU G 82 25.08 -82.11 -10.20
N THR G 83 25.50 -82.01 -11.46
CA THR G 83 24.79 -82.64 -12.59
C THR G 83 24.99 -84.15 -12.56
N TYR G 84 24.19 -84.84 -13.36
CA TYR G 84 24.14 -86.31 -13.43
C TYR G 84 25.45 -86.88 -14.01
N GLN G 85 26.08 -86.19 -14.97
CA GLN G 85 27.35 -86.67 -15.61
C GLN G 85 28.54 -86.39 -14.67
N ASP G 86 28.40 -85.42 -13.75
CA ASP G 86 29.34 -85.22 -12.61
C ASP G 86 29.23 -86.41 -11.67
N LYS G 87 28.00 -86.82 -11.40
CA LYS G 87 27.74 -87.97 -10.48
C LYS G 87 28.42 -89.21 -11.04
N LEU G 88 28.08 -89.56 -12.29
CA LEU G 88 28.67 -90.72 -13.00
C LEU G 88 30.20 -90.68 -12.93
N LYS G 89 30.84 -89.54 -13.24
CA LYS G 89 32.33 -89.41 -13.19
C LYS G 89 32.87 -89.87 -11.83
N ILE G 90 32.26 -89.42 -10.73
CA ILE G 90 32.76 -89.72 -9.36
C ILE G 90 32.44 -91.17 -9.04
N GLU G 91 31.23 -91.61 -9.38
CA GLU G 91 30.77 -92.98 -9.04
C GLU G 91 31.79 -94.02 -9.55
N LYS G 92 32.49 -93.73 -10.66
CA LYS G 92 33.51 -94.63 -11.26
C LYS G 92 34.79 -94.67 -10.43
N MET G 93 35.03 -93.67 -9.57
CA MET G 93 36.22 -93.62 -8.67
C MET G 93 36.03 -94.59 -7.51
N ASN G 94 34.77 -94.91 -7.16
CA ASN G 94 34.36 -95.93 -6.15
C ASN G 94 35.06 -95.64 -4.81
N LEU G 95 35.09 -94.37 -4.42
CA LEU G 95 35.90 -93.86 -3.27
C LEU G 95 35.24 -94.21 -1.94
N PRO G 96 36.05 -94.46 -0.90
CA PRO G 96 35.49 -94.94 0.39
C PRO G 96 34.74 -93.86 1.18
N GLY G 97 33.44 -94.08 1.45
CA GLY G 97 32.68 -93.08 2.22
C GLY G 97 31.98 -92.04 1.40
N ILE G 98 32.19 -92.06 0.07
CA ILE G 98 31.65 -90.99 -0.82
C ILE G 98 30.30 -91.41 -1.40
N SER G 99 29.37 -90.47 -1.40
CA SER G 99 28.04 -90.73 -1.97
C SER G 99 27.45 -89.42 -2.44
N LEU G 100 26.51 -89.53 -3.39
CA LEU G 100 25.77 -88.38 -3.92
C LEU G 100 24.30 -88.62 -3.67
N LEU G 101 23.61 -87.70 -3.00
CA LEU G 101 22.18 -87.85 -2.75
C LEU G 101 21.45 -86.93 -3.72
N PRO G 102 20.33 -87.42 -4.31
CA PRO G 102 19.50 -86.60 -5.16
C PRO G 102 18.84 -85.46 -4.37
N GLU G 103 18.76 -84.31 -5.01
CA GLU G 103 18.02 -83.16 -4.46
C GLU G 103 17.41 -82.37 -5.61
N THR G 104 16.21 -81.86 -5.38
CA THR G 104 15.50 -81.00 -6.36
C THR G 104 15.91 -79.55 -6.14
N GLU G 105 16.16 -78.87 -7.25
CA GLU G 105 16.47 -77.43 -7.31
C GLU G 105 15.55 -76.78 -8.34
N ARG G 106 15.28 -75.50 -8.13
CA ARG G 106 14.53 -74.71 -9.10
C ARG G 106 15.54 -74.20 -10.11
N PHE G 107 15.21 -74.38 -11.36
CA PHE G 107 16.12 -74.05 -12.48
C PHE G 107 15.47 -72.99 -13.35
N TYR G 108 16.21 -71.92 -13.60
CA TYR G 108 15.80 -70.87 -14.53
C TYR G 108 16.78 -70.93 -15.68
N PRO G 109 16.40 -71.60 -16.78
CA PRO G 109 17.26 -71.75 -17.96
C PRO G 109 18.04 -70.54 -18.47
N ASN G 110 17.42 -69.37 -18.38
CA ASN G 110 17.96 -68.11 -18.91
C ASN G 110 18.84 -67.36 -17.88
N GLY G 111 18.85 -67.83 -16.64
CA GLY G 111 19.45 -67.11 -15.50
C GLY G 111 18.75 -65.78 -15.27
N ASN G 112 19.53 -64.70 -15.34
CA ASN G 112 19.02 -63.32 -15.28
C ASN G 112 18.21 -63.05 -16.55
N PHE G 113 16.90 -63.06 -16.38
CA PHE G 113 15.92 -62.95 -17.48
C PHE G 113 14.57 -62.63 -16.90
N ALA G 114 14.04 -61.42 -17.11
CA ALA G 114 12.79 -60.96 -16.47
C ALA G 114 12.78 -61.26 -14.98
N SER G 115 13.93 -61.13 -14.36
CA SER G 115 14.19 -61.62 -12.99
C SER G 115 13.13 -61.11 -12.04
N HIS G 116 12.76 -59.85 -12.23
CA HIS G 116 11.86 -59.14 -11.29
C HIS G 116 10.40 -59.52 -11.46
N LEU G 117 10.03 -60.00 -12.64
CA LEU G 117 8.69 -60.53 -12.93
C LEU G 117 8.56 -62.00 -12.54
N ILE G 118 9.37 -62.83 -13.16
CA ILE G 118 9.35 -64.31 -12.91
C ILE G 118 9.37 -64.52 -11.39
N GLY G 119 10.34 -63.87 -10.74
CA GLY G 119 10.57 -64.02 -9.30
C GLY G 119 11.49 -65.16 -9.01
N ARG G 120 11.52 -65.56 -7.75
CA ARG G 120 12.49 -66.55 -7.24
C ARG G 120 11.86 -67.36 -6.10
N ALA G 121 12.08 -68.66 -6.12
CA ALA G 121 11.61 -69.56 -5.06
C ALA G 121 12.81 -70.08 -4.26
N GLN G 122 12.68 -69.98 -2.95
CA GLN G 122 13.75 -70.37 -2.00
C GLN G 122 13.49 -71.77 -1.51
N LYS G 123 14.55 -72.48 -1.17
CA LYS G 123 14.45 -73.89 -0.74
C LYS G 123 14.66 -74.03 0.76
N ASN G 124 13.77 -74.76 1.42
CA ASN G 124 13.89 -75.08 2.85
C ASN G 124 14.89 -76.23 2.91
N PRO G 125 16.08 -76.02 3.52
CA PRO G 125 17.11 -77.06 3.63
C PRO G 125 16.58 -78.42 4.07
N ASP G 126 15.85 -78.40 5.19
CA ASP G 126 15.39 -79.64 5.89
C ASP G 126 14.48 -80.48 4.99
N THR G 127 13.39 -79.86 4.56
CA THR G 127 12.29 -80.54 3.85
C THR G 127 12.50 -80.59 2.34
N GLY G 128 13.36 -79.74 1.78
CA GLY G 128 13.53 -79.65 0.33
C GLY G 128 12.41 -78.89 -0.35
N GLU G 129 11.59 -78.19 0.42
CA GLU G 129 10.37 -77.51 -0.12
C GLU G 129 10.74 -76.15 -0.66
N LEU G 130 10.27 -75.88 -1.86
CA LEU G 130 10.50 -74.61 -2.57
C LEU G 130 9.32 -73.68 -2.29
N LYS G 131 9.55 -72.40 -2.02
CA LYS G 131 8.49 -71.43 -1.66
C LYS G 131 8.81 -70.11 -2.35
N GLY G 132 7.87 -69.55 -3.13
CA GLY G 132 8.12 -68.29 -3.85
C GLY G 132 8.32 -67.13 -2.90
N ALA G 133 9.34 -66.33 -3.19
CA ALA G 133 9.71 -65.17 -2.37
C ALA G 133 9.41 -63.85 -3.07
N LEU G 134 9.24 -63.84 -4.39
CA LEU G 134 8.98 -62.62 -5.14
C LEU G 134 8.40 -62.98 -6.51
N GLY G 135 7.70 -62.00 -7.11
CA GLY G 135 7.22 -62.21 -8.49
C GLY G 135 6.23 -63.34 -8.58
N VAL G 136 6.05 -63.80 -9.82
CA VAL G 136 5.18 -64.96 -10.16
C VAL G 136 5.28 -66.00 -9.04
N GLU G 137 6.52 -66.42 -8.74
CA GLU G 137 6.74 -67.57 -7.86
C GLU G 137 5.97 -67.35 -6.56
N LYS G 138 5.93 -66.09 -6.07
CA LYS G 138 5.23 -65.83 -4.79
C LYS G 138 3.72 -65.77 -4.95
N ILE G 139 3.26 -64.96 -5.90
CA ILE G 139 1.83 -64.77 -6.18
C ILE G 139 1.11 -66.11 -6.33
N PHE G 140 1.69 -66.97 -7.17
CA PHE G 140 1.07 -68.26 -7.56
C PHE G 140 1.62 -69.45 -6.79
N ASP G 141 2.30 -69.19 -5.68
CA ASP G 141 2.98 -70.24 -4.90
C ASP G 141 2.03 -71.42 -4.71
N SER G 142 0.92 -71.19 -4.03
CA SER G 142 -0.03 -72.25 -3.69
C SER G 142 -0.40 -73.13 -4.89
N TYR G 143 -0.55 -72.54 -6.07
CA TYR G 143 -1.00 -73.27 -7.28
C TYR G 143 0.18 -74.05 -7.85
N LEU G 144 1.29 -73.34 -8.00
CA LEU G 144 2.58 -73.96 -8.39
C LEU G 144 2.89 -75.20 -7.51
N SER G 145 2.85 -75.00 -6.20
CA SER G 145 3.18 -76.02 -5.17
C SER G 145 2.23 -77.20 -5.33
N GLY G 146 2.73 -78.36 -5.77
CA GLY G 146 1.92 -79.59 -5.84
C GLY G 146 1.56 -80.10 -4.46
N SER G 147 2.35 -79.72 -3.45
CA SER G 147 2.22 -80.16 -2.04
C SER G 147 0.93 -79.58 -1.44
N LYS G 148 0.56 -78.34 -1.79
CA LYS G 148 -0.64 -77.65 -1.26
C LYS G 148 -1.92 -78.48 -1.52
N GLY G 149 -2.22 -79.42 -0.62
CA GLY G 149 -3.46 -80.21 -0.67
C GLY G 149 -4.50 -79.62 0.23
N SER G 150 -4.67 -78.29 0.21
CA SER G 150 -5.63 -77.58 1.11
C SER G 150 -6.47 -76.58 0.31
N LEU G 151 -6.51 -75.32 0.72
CA LEU G 151 -7.25 -74.24 0.02
C LEU G 151 -6.23 -73.39 -0.75
N ARG G 152 -6.23 -73.54 -2.06
CA ARG G 152 -5.29 -72.79 -2.93
C ARG G 152 -5.85 -71.37 -3.12
N TYR G 153 -5.08 -70.34 -2.80
CA TYR G 153 -5.52 -68.92 -2.84
C TYR G 153 -4.49 -68.09 -3.61
N ILE G 154 -4.95 -67.02 -4.26
CA ILE G 154 -4.05 -66.10 -5.03
C ILE G 154 -3.82 -64.87 -4.15
N HIS G 155 -2.63 -64.74 -3.57
CA HIS G 155 -2.27 -63.60 -2.70
C HIS G 155 -2.70 -62.29 -3.37
N ASP G 156 -3.57 -61.51 -2.70
CA ASP G 156 -4.04 -60.15 -3.13
C ASP G 156 -5.17 -60.26 -4.17
N ILE G 157 -5.00 -61.12 -5.19
CA ILE G 157 -6.04 -61.33 -6.24
C ILE G 157 -7.21 -62.10 -5.62
N TRP G 158 -8.04 -61.43 -4.84
CA TRP G 158 -9.12 -62.07 -4.04
C TRP G 158 -10.10 -62.84 -4.94
N GLY G 159 -10.19 -64.17 -4.75
CA GLY G 159 -10.98 -65.09 -5.59
C GLY G 159 -10.14 -66.18 -6.23
N TYR G 160 -10.77 -66.98 -7.09
CA TYR G 160 -10.23 -68.17 -7.80
C TYR G 160 -9.87 -69.31 -6.83
N ILE G 161 -10.53 -69.40 -5.66
CA ILE G 161 -10.10 -70.24 -4.52
C ILE G 161 -10.55 -71.68 -4.73
N ALA G 162 -10.17 -72.29 -5.86
CA ALA G 162 -10.38 -73.72 -6.11
C ALA G 162 -9.52 -74.52 -5.12
N PRO G 163 -10.10 -75.46 -4.33
CA PRO G 163 -9.33 -76.27 -3.38
C PRO G 163 -8.58 -77.47 -3.98
N ASN G 164 -7.90 -78.25 -3.15
CA ASN G 164 -7.06 -79.41 -3.57
C ASN G 164 -7.67 -80.18 -4.76
N PRO G 171 1.56 -88.26 -4.36
CA PRO G 171 2.09 -88.27 -5.69
C PRO G 171 1.62 -87.08 -6.53
N LYS G 172 1.48 -85.90 -5.90
CA LYS G 172 0.72 -84.74 -6.54
C LYS G 172 1.60 -83.76 -7.34
N ARG G 173 1.17 -83.47 -8.56
CA ARG G 173 1.90 -82.64 -9.51
C ARG G 173 1.33 -81.25 -9.39
N GLY G 174 2.15 -80.24 -9.67
CA GLY G 174 1.74 -78.83 -9.51
C GLY G 174 1.14 -78.21 -10.77
N ASP G 175 0.69 -76.98 -10.58
CA ASP G 175 -0.01 -76.22 -11.66
C ASP G 175 0.99 -75.35 -12.40
N ASP G 176 0.81 -75.32 -13.72
CA ASP G 176 1.71 -74.59 -14.65
C ASP G 176 1.17 -73.19 -14.91
N VAL G 177 2.07 -72.22 -14.93
CA VAL G 177 1.73 -70.79 -15.12
C VAL G 177 2.28 -70.29 -16.44
N HIS G 178 1.39 -69.88 -17.32
CA HIS G 178 1.70 -69.42 -18.68
C HIS G 178 1.70 -67.90 -18.69
N LEU G 179 2.80 -67.30 -19.11
CA LEU G 179 2.86 -65.84 -19.16
C LEU G 179 2.63 -65.34 -20.59
N THR G 180 2.55 -64.02 -20.74
CA THR G 180 2.36 -63.42 -22.09
C THR G 180 3.71 -63.09 -22.72
N ILE G 181 4.77 -63.23 -21.94
CA ILE G 181 6.14 -62.86 -22.35
C ILE G 181 6.57 -63.66 -23.59
N ASP G 182 7.29 -63.03 -24.47
CA ASP G 182 7.92 -63.70 -25.61
C ASP G 182 9.40 -63.66 -25.33
N SER G 183 9.99 -64.83 -25.13
CA SER G 183 11.45 -64.99 -24.88
C SER G 183 12.29 -64.27 -25.94
N ASN G 184 11.84 -64.30 -27.18
CA ASN G 184 12.59 -63.65 -28.28
C ASN G 184 12.70 -62.14 -28.08
N ILE G 185 11.60 -61.51 -27.67
CA ILE G 185 11.57 -60.05 -27.42
C ILE G 185 12.32 -59.76 -26.12
N GLN G 186 12.18 -60.63 -25.12
CA GLN G 186 12.83 -60.46 -23.81
C GLN G 186 14.34 -60.35 -24.03
N VAL G 187 14.89 -61.19 -24.92
CA VAL G 187 16.33 -61.13 -25.30
C VAL G 187 16.69 -59.70 -25.68
N PHE G 188 15.93 -59.09 -26.60
CA PHE G 188 16.27 -57.75 -27.11
C PHE G 188 16.32 -56.78 -25.93
N VAL G 189 15.34 -56.91 -25.04
CA VAL G 189 15.28 -56.01 -23.86
C VAL G 189 16.54 -56.23 -23.03
N GLU G 190 16.81 -57.47 -22.60
CA GLU G 190 17.93 -57.71 -21.65
C GLU G 190 19.23 -57.18 -22.26
N GLU G 191 19.43 -57.46 -23.54
CA GLU G 191 20.67 -57.02 -24.24
C GLU G 191 20.79 -55.50 -24.22
N ALA G 192 19.72 -54.80 -24.60
CA ALA G 192 19.75 -53.33 -24.71
C ALA G 192 19.93 -52.69 -23.33
N LEU G 193 19.31 -53.25 -22.28
CA LEU G 193 19.45 -52.69 -20.91
C LEU G 193 20.88 -52.88 -20.40
N ASP G 194 21.47 -54.05 -20.66
CA ASP G 194 22.89 -54.29 -20.36
C ASP G 194 23.78 -53.17 -20.92
N GLY G 195 23.45 -52.76 -22.13
CA GLY G 195 24.12 -51.69 -22.86
C GLY G 195 24.08 -50.38 -22.11
N MET G 196 22.87 -50.05 -21.65
CA MET G 196 22.58 -48.77 -20.97
C MET G 196 23.29 -48.72 -19.61
N VAL G 197 23.34 -49.86 -18.93
CA VAL G 197 24.02 -49.93 -17.62
C VAL G 197 25.51 -49.65 -17.83
N GLU G 198 26.08 -50.30 -18.85
CA GLU G 198 27.52 -50.17 -19.20
C GLU G 198 27.80 -48.67 -19.41
N ARG G 199 27.01 -48.04 -20.29
CA ARG G 199 27.15 -46.61 -20.70
C ARG G 199 26.94 -45.64 -19.54
N TYR G 200 25.77 -45.72 -18.94
CA TYR G 200 25.23 -44.67 -18.04
C TYR G 200 25.31 -45.02 -16.56
N GLN G 201 25.37 -46.31 -16.21
CA GLN G 201 25.28 -46.74 -14.78
C GLN G 201 24.19 -46.01 -14.02
N PRO G 202 22.91 -46.14 -14.45
CA PRO G 202 21.83 -45.48 -13.75
C PRO G 202 21.55 -46.11 -12.39
N LYS G 203 20.84 -45.35 -11.53
CA LYS G 203 20.37 -45.93 -10.26
C LYS G 203 19.13 -46.79 -10.46
N ASP G 204 18.39 -46.54 -11.53
CA ASP G 204 17.12 -47.27 -11.81
C ASP G 204 16.88 -47.21 -13.30
N LEU G 205 16.30 -48.29 -13.83
CA LEU G 205 16.15 -48.43 -15.29
C LEU G 205 15.13 -49.50 -15.57
N PHE G 206 14.27 -49.28 -16.55
CA PHE G 206 13.33 -50.34 -16.98
C PHE G 206 12.99 -50.18 -18.46
N ALA G 207 12.50 -51.25 -19.04
CA ALA G 207 11.85 -51.21 -20.37
C ALA G 207 10.81 -52.29 -20.41
N VAL G 208 9.70 -51.95 -21.04
CA VAL G 208 8.54 -52.85 -21.15
C VAL G 208 8.05 -52.75 -22.58
N VAL G 209 7.65 -53.89 -23.11
CA VAL G 209 7.06 -53.99 -24.45
C VAL G 209 5.68 -54.55 -24.25
N MET G 210 4.69 -53.81 -24.72
CA MET G 210 3.28 -54.20 -24.62
C MET G 210 2.65 -54.27 -26.00
N ASP G 211 1.84 -55.30 -26.23
CA ASP G 211 1.01 -55.42 -27.45
C ASP G 211 0.00 -54.28 -27.42
N ALA G 212 0.11 -53.39 -28.41
CA ALA G 212 -0.76 -52.18 -28.51
C ALA G 212 -2.25 -52.51 -28.50
N LYS G 213 -2.60 -53.67 -29.07
CA LYS G 213 -3.99 -54.08 -29.32
C LYS G 213 -4.56 -55.08 -28.32
N THR G 214 -3.77 -55.60 -27.39
CA THR G 214 -4.30 -56.51 -26.36
C THR G 214 -4.03 -56.04 -24.92
N GLY G 215 -2.89 -55.38 -24.66
CA GLY G 215 -2.51 -55.18 -23.24
C GLY G 215 -1.66 -56.32 -22.68
N GLU G 216 -1.17 -57.15 -23.59
CA GLU G 216 -0.24 -58.23 -23.20
C GLU G 216 1.17 -57.68 -23.03
N ILE G 217 1.81 -58.02 -21.93
CA ILE G 217 3.22 -57.67 -21.70
C ILE G 217 4.06 -58.70 -22.44
N LEU G 218 4.74 -58.27 -23.49
CA LEU G 218 5.60 -59.16 -24.31
C LEU G 218 7.02 -59.22 -23.76
N ALA G 219 7.47 -58.19 -23.06
CA ALA G 219 8.80 -58.21 -22.44
C ALA G 219 8.83 -57.16 -21.34
N TYR G 220 9.62 -57.46 -20.32
CA TYR G 220 9.83 -56.51 -19.21
C TYR G 220 11.15 -56.85 -18.49
N SER G 221 12.04 -55.86 -18.33
CA SER G 221 13.08 -56.03 -17.28
C SER G 221 13.56 -54.70 -16.74
N GLN G 222 14.35 -54.78 -15.68
CA GLN G 222 14.76 -53.62 -14.90
C GLN G 222 16.18 -53.83 -14.41
N ARG G 223 16.87 -52.73 -14.19
CA ARG G 223 18.18 -52.72 -13.49
C ARG G 223 18.12 -51.68 -12.38
N PRO G 224 18.62 -52.01 -11.16
CA PRO G 224 19.33 -53.27 -10.91
C PRO G 224 18.44 -54.45 -10.50
N THR G 225 18.52 -55.54 -11.26
CA THR G 225 17.69 -56.73 -11.04
C THR G 225 18.57 -57.76 -10.32
N PHE G 226 18.11 -58.99 -10.27
CA PHE G 226 18.86 -60.09 -9.65
C PHE G 226 18.90 -61.28 -10.59
N ASN G 227 19.67 -62.27 -10.19
CA ASN G 227 19.82 -63.52 -10.94
C ASN G 227 19.05 -64.59 -10.18
N PRO G 228 17.91 -65.07 -10.73
CA PRO G 228 17.04 -65.98 -9.98
C PRO G 228 17.68 -67.32 -9.65
N GLU G 229 18.56 -67.73 -10.57
CA GLU G 229 19.26 -69.02 -10.50
C GLU G 229 20.14 -69.11 -9.26
N THR G 230 20.98 -68.09 -9.10
CA THR G 230 22.07 -68.06 -8.11
C THR G 230 21.63 -67.46 -6.78
N GLY G 231 20.69 -66.54 -6.86
CA GLY G 231 20.28 -65.79 -5.67
C GLY G 231 21.15 -64.55 -5.44
N LYS G 232 21.91 -64.19 -6.48
CA LYS G 232 22.75 -62.97 -6.58
C LYS G 232 21.82 -61.76 -6.55
N ASP G 233 22.11 -60.80 -5.67
CA ASP G 233 21.45 -59.46 -5.63
C ASP G 233 19.98 -59.54 -5.23
N PHE G 234 19.48 -60.74 -4.94
CA PHE G 234 18.07 -60.89 -4.53
C PHE G 234 17.90 -60.18 -3.19
N GLY G 235 16.94 -59.25 -3.15
CA GLY G 235 16.48 -58.63 -1.90
C GLY G 235 17.00 -57.22 -1.71
N LYS G 236 17.87 -56.76 -2.60
CA LYS G 236 18.41 -55.38 -2.52
C LYS G 236 17.25 -54.47 -2.91
N LYS G 237 17.03 -54.37 -4.21
CA LYS G 237 15.75 -53.89 -4.77
C LYS G 237 14.78 -55.06 -4.79
N TRP G 238 13.87 -55.03 -3.83
CA TRP G 238 12.71 -55.96 -3.84
C TRP G 238 11.64 -55.55 -4.85
N ALA G 239 11.37 -54.26 -4.92
CA ALA G 239 10.26 -53.71 -5.70
C ALA G 239 10.40 -53.89 -7.21
N ASN G 240 9.31 -54.35 -7.82
CA ASN G 240 9.21 -54.46 -9.28
C ASN G 240 8.93 -53.06 -9.78
N ASP G 241 9.74 -52.57 -10.70
CA ASP G 241 9.55 -51.21 -11.26
C ASP G 241 8.12 -51.10 -11.80
N LEU G 242 7.79 -52.00 -12.71
CA LEU G 242 6.59 -51.90 -13.58
C LEU G 242 5.31 -51.73 -12.76
N TYR G 243 5.21 -52.47 -11.66
CA TYR G 243 3.95 -52.61 -10.89
C TYR G 243 4.01 -51.97 -9.50
N GLN G 244 5.19 -51.86 -8.89
CA GLN G 244 5.27 -51.53 -7.46
C GLN G 244 5.97 -50.20 -7.18
N ASN G 245 6.85 -49.77 -8.08
CA ASN G 245 7.63 -48.53 -7.90
C ASN G 245 6.95 -47.31 -8.56
N THR G 246 6.90 -46.20 -7.83
CA THR G 246 6.30 -44.95 -8.38
C THR G 246 7.38 -44.07 -8.94
N TYR G 247 7.01 -43.32 -9.98
CA TYR G 247 7.83 -42.29 -10.59
C TYR G 247 7.04 -40.99 -10.80
N GLU G 248 7.76 -39.87 -10.69
CA GLU G 248 7.33 -38.57 -11.19
C GLU G 248 7.65 -38.72 -12.66
N PRO G 249 6.66 -38.98 -13.54
CA PRO G 249 6.94 -39.46 -14.91
C PRO G 249 7.63 -38.50 -15.87
N GLY G 250 7.36 -37.22 -15.62
CA GLY G 250 7.78 -36.10 -16.47
C GLY G 250 6.94 -35.91 -17.71
N SER G 251 7.59 -35.57 -18.82
CA SER G 251 6.92 -35.05 -20.03
C SER G 251 6.08 -36.08 -20.79
N THR G 252 6.33 -37.35 -20.50
CA THR G 252 5.54 -38.49 -21.02
C THR G 252 4.07 -38.26 -20.67
N PHE G 253 3.90 -37.63 -19.52
CA PHE G 253 2.59 -37.38 -18.86
C PHE G 253 1.85 -36.25 -19.53
N LYS G 254 2.54 -35.48 -20.36
CA LYS G 254 1.88 -34.37 -21.11
C LYS G 254 0.85 -34.92 -22.09
N SER G 255 1.13 -36.10 -22.64
CA SER G 255 0.23 -36.76 -23.61
C SER G 255 -1.21 -36.70 -23.10
N TYR G 256 -1.40 -36.89 -21.78
CA TYR G 256 -2.78 -37.00 -21.19
C TYR G 256 -3.36 -35.60 -20.98
N GLY G 257 -2.51 -34.67 -20.56
CA GLY G 257 -2.81 -33.25 -20.40
C GLY G 257 -3.30 -32.66 -21.71
N LEU G 258 -2.83 -33.23 -22.82
CA LEU G 258 -3.13 -32.78 -24.19
C LEU G 258 -4.50 -33.32 -24.57
N ALA G 259 -4.62 -34.64 -24.56
CA ALA G 259 -5.90 -35.32 -24.79
C ALA G 259 -7.07 -34.62 -24.11
N ALA G 260 -6.95 -34.42 -22.80
CA ALA G 260 -7.97 -33.68 -22.03
C ALA G 260 -8.42 -32.43 -22.79
N ALA G 261 -7.47 -31.52 -23.01
CA ALA G 261 -7.66 -30.27 -23.78
C ALA G 261 -8.37 -30.54 -25.10
N ILE G 262 -7.77 -31.37 -25.94
CA ILE G 262 -8.23 -31.61 -27.32
C ILE G 262 -9.72 -31.88 -27.24
N GLN G 263 -10.13 -32.67 -26.25
CA GLN G 263 -11.55 -33.10 -26.15
C GLN G 263 -12.48 -31.94 -25.75
N GLU G 264 -12.10 -31.24 -24.69
CA GLU G 264 -12.78 -30.03 -24.20
C GLU G 264 -12.78 -28.91 -25.25
N GLY G 265 -12.03 -29.08 -26.33
CA GLY G 265 -11.95 -28.11 -27.43
C GLY G 265 -11.14 -26.89 -27.12
N ALA G 266 -10.24 -27.00 -26.14
CA ALA G 266 -9.37 -25.90 -25.69
C ALA G 266 -8.05 -25.86 -26.47
N PHE G 267 -7.61 -27.00 -27.01
CA PHE G 267 -6.36 -27.11 -27.79
C PHE G 267 -6.68 -27.05 -29.28
N ASP G 268 -6.05 -26.08 -29.95
CA ASP G 268 -6.10 -25.91 -31.41
C ASP G 268 -4.64 -25.90 -31.82
N PRO G 269 -4.19 -26.89 -32.62
CA PRO G 269 -2.77 -26.96 -33.02
C PRO G 269 -2.13 -25.69 -33.60
N ASP G 270 -2.92 -24.91 -34.33
CA ASP G 270 -2.47 -23.67 -35.01
C ASP G 270 -2.61 -22.42 -34.15
N LYS G 271 -3.35 -22.49 -33.04
CA LYS G 271 -3.54 -21.33 -32.17
C LYS G 271 -2.22 -21.04 -31.45
N LYS G 272 -1.82 -19.77 -31.44
CA LYS G 272 -0.56 -19.29 -30.81
C LYS G 272 -0.80 -19.02 -29.32
N TYR G 273 0.16 -19.37 -28.49
CA TYR G 273 0.13 -19.23 -27.02
C TYR G 273 1.45 -18.59 -26.62
N LYS G 274 1.46 -17.94 -25.45
CA LYS G 274 2.67 -17.27 -24.91
C LYS G 274 3.55 -18.25 -24.15
N SER G 275 4.71 -18.57 -24.69
CA SER G 275 5.73 -19.42 -24.02
C SER G 275 6.70 -18.55 -23.23
N GLY G 276 7.45 -19.16 -22.36
CA GLY G 276 8.47 -18.44 -21.57
C GLY G 276 8.45 -18.83 -20.14
N HIS G 277 7.69 -18.11 -19.32
CA HIS G 277 7.60 -18.41 -17.87
C HIS G 277 6.16 -18.29 -17.38
N ARG G 278 5.90 -18.70 -16.14
CA ARG G 278 4.54 -18.57 -15.54
C ARG G 278 4.70 -18.44 -14.03
N ASP G 279 4.51 -17.24 -13.49
CA ASP G 279 4.70 -17.01 -12.04
C ASP G 279 3.55 -17.65 -11.27
N ILE G 280 3.76 -18.85 -10.73
CA ILE G 280 2.69 -19.57 -9.99
C ILE G 280 3.12 -19.73 -8.53
N MET G 281 2.25 -19.32 -7.62
CA MET G 281 2.49 -19.42 -6.16
C MET G 281 3.88 -18.86 -5.81
N GLY G 282 4.22 -17.69 -6.36
CA GLY G 282 5.47 -16.97 -6.07
C GLY G 282 6.70 -17.70 -6.59
N SER G 283 6.56 -18.60 -7.57
CA SER G 283 7.71 -19.35 -8.14
C SER G 283 7.66 -19.28 -9.66
N ARG G 284 8.73 -18.83 -10.27
CA ARG G 284 8.77 -18.69 -11.75
C ARG G 284 8.95 -20.07 -12.36
N ILE G 285 7.87 -20.72 -12.77
CA ILE G 285 7.96 -22.03 -13.44
C ILE G 285 8.02 -21.79 -14.95
N SER G 286 9.08 -22.26 -15.58
CA SER G 286 9.33 -21.95 -17.01
C SER G 286 9.54 -23.22 -17.83
N ASP G 287 9.75 -23.05 -19.13
CA ASP G 287 10.01 -24.19 -20.05
C ASP G 287 11.42 -24.73 -19.81
N TRP G 288 11.79 -25.80 -20.52
CA TRP G 288 13.12 -26.44 -20.33
C TRP G 288 14.22 -25.50 -20.79
N ASN G 289 13.93 -24.63 -21.76
CA ASN G 289 14.94 -23.67 -22.26
C ASN G 289 14.98 -22.43 -21.37
N ARG G 290 14.07 -22.34 -20.39
CA ARG G 290 14.02 -21.23 -19.39
C ARG G 290 13.65 -19.88 -20.00
N VAL G 291 13.81 -19.70 -21.31
CA VAL G 291 13.57 -18.37 -21.94
C VAL G 291 12.34 -18.44 -22.86
N GLY G 292 11.97 -19.64 -23.25
CA GLY G 292 10.80 -19.84 -24.12
C GLY G 292 11.10 -19.55 -25.57
N TRP G 293 10.10 -19.64 -26.41
CA TRP G 293 10.25 -19.37 -27.86
C TRP G 293 9.28 -18.28 -28.31
N GLY G 294 8.67 -17.58 -27.34
CA GLY G 294 7.76 -16.46 -27.63
C GLY G 294 6.37 -16.94 -28.01
N GLU G 295 5.64 -16.11 -28.79
CA GLU G 295 4.32 -16.53 -29.30
C GLU G 295 4.51 -17.58 -30.37
N ILE G 296 4.12 -18.82 -30.06
CA ILE G 296 4.26 -19.94 -31.02
C ILE G 296 2.95 -20.75 -31.05
N PRO G 297 2.67 -21.47 -32.17
CA PRO G 297 1.56 -22.42 -32.23
C PRO G 297 1.66 -23.53 -31.18
N MET G 298 0.52 -23.98 -30.64
CA MET G 298 0.50 -25.02 -29.59
C MET G 298 1.15 -26.30 -30.12
N SER G 299 0.95 -26.63 -31.38
CA SER G 299 1.58 -27.83 -31.99
C SER G 299 3.07 -27.83 -31.69
N LEU G 300 3.74 -26.71 -32.00
CA LEU G 300 5.19 -26.59 -31.80
C LEU G 300 5.53 -26.86 -30.33
N GLY G 301 4.76 -26.24 -29.43
CA GLY G 301 4.98 -26.45 -27.99
C GLY G 301 5.14 -27.91 -27.66
N PHE G 302 4.17 -28.74 -28.04
CA PHE G 302 4.21 -30.19 -27.69
C PHE G 302 5.40 -30.85 -28.37
N THR G 303 5.64 -30.53 -29.65
CA THR G 303 6.82 -31.07 -30.36
C THR G 303 8.08 -30.78 -29.56
N TYR G 304 8.24 -29.54 -29.13
CA TYR G 304 9.43 -29.10 -28.37
C TYR G 304 9.38 -29.62 -26.94
N SER G 305 8.18 -29.96 -26.44
CA SER G 305 7.93 -30.37 -25.03
C SER G 305 7.92 -29.13 -24.14
N SER G 306 6.94 -28.26 -24.35
CA SER G 306 6.80 -27.01 -23.59
C SER G 306 6.07 -27.24 -22.29
N ASN G 307 6.65 -26.78 -21.17
CA ASN G 307 6.01 -26.90 -19.85
C ASN G 307 4.93 -25.84 -19.66
N THR G 308 5.10 -24.67 -20.27
CA THR G 308 4.10 -23.59 -20.24
C THR G 308 2.80 -24.01 -20.92
N LEU G 309 2.90 -24.69 -22.05
CA LEU G 309 1.69 -25.13 -22.80
C LEU G 309 0.67 -25.82 -21.90
N MET G 310 1.12 -26.85 -21.20
CA MET G 310 0.30 -27.71 -20.32
C MET G 310 -0.36 -26.86 -19.25
N MET G 311 0.37 -25.89 -18.75
CA MET G 311 -0.11 -24.96 -17.70
C MET G 311 -1.20 -24.03 -18.22
N HIS G 312 -0.94 -23.44 -19.37
CA HIS G 312 -1.96 -22.70 -20.14
C HIS G 312 -3.24 -23.57 -20.23
N LEU G 313 -3.05 -24.74 -20.84
CA LEU G 313 -4.19 -25.61 -21.22
C LEU G 313 -4.97 -25.92 -19.96
N GLN G 314 -4.28 -26.13 -18.83
CA GLN G 314 -4.95 -26.47 -17.57
C GLN G 314 -5.93 -25.36 -17.21
N ASP G 315 -5.46 -24.11 -17.35
CA ASP G 315 -6.24 -22.90 -17.03
C ASP G 315 -7.48 -22.84 -17.91
N LEU G 316 -7.32 -23.08 -19.21
CA LEU G 316 -8.46 -23.02 -20.16
C LEU G 316 -9.51 -24.08 -19.80
N VAL G 317 -9.05 -25.30 -19.54
CA VAL G 317 -9.99 -26.43 -19.23
C VAL G 317 -10.63 -26.17 -17.86
N GLY G 318 -9.81 -25.97 -16.83
CA GLY G 318 -10.30 -25.81 -15.45
C GLY G 318 -9.68 -26.84 -14.52
N ALA G 319 -9.33 -26.39 -13.32
CA ALA G 319 -8.70 -27.25 -12.29
C ALA G 319 -9.55 -28.51 -12.09
N ASP G 320 -10.79 -28.32 -11.64
CA ASP G 320 -11.61 -29.47 -11.17
C ASP G 320 -11.70 -30.49 -12.31
N LYS G 321 -11.81 -30.00 -13.52
CA LYS G 321 -12.10 -30.87 -14.69
C LYS G 321 -10.82 -31.65 -15.04
N MET G 322 -9.66 -30.99 -14.92
CA MET G 322 -8.39 -31.66 -15.29
C MET G 322 -8.11 -32.76 -14.27
N LYS G 323 -8.46 -32.54 -12.99
CA LYS G 323 -8.22 -33.59 -11.99
C LYS G 323 -8.97 -34.85 -12.38
N SER G 324 -10.23 -34.67 -12.75
CA SER G 324 -11.13 -35.76 -13.18
C SER G 324 -10.60 -36.40 -14.44
N TRP G 325 -10.01 -35.59 -15.32
CA TRP G 325 -9.42 -36.14 -16.56
C TRP G 325 -8.30 -37.13 -16.21
N TYR G 326 -7.41 -36.74 -15.32
CA TYR G 326 -6.28 -37.63 -14.96
C TYR G 326 -6.78 -38.89 -14.25
N GLU G 327 -7.87 -38.74 -13.48
CA GLU G 327 -8.52 -39.89 -12.81
C GLU G 327 -9.11 -40.84 -13.84
N ARG G 328 -9.75 -40.29 -14.87
CA ARG G 328 -10.36 -41.15 -15.91
C ARG G 328 -9.31 -41.82 -16.77
N PHE G 329 -8.09 -41.29 -16.76
CA PHE G 329 -6.94 -41.95 -17.44
C PHE G 329 -6.26 -42.99 -16.53
N GLY G 330 -6.86 -43.30 -15.38
CA GLY G 330 -6.50 -44.48 -14.57
C GLY G 330 -5.43 -44.23 -13.57
N PHE G 331 -5.04 -42.98 -13.40
CA PHE G 331 -3.95 -42.55 -12.50
C PHE G 331 -4.47 -42.35 -11.08
N GLY G 332 -3.57 -42.60 -10.13
CA GLY G 332 -3.93 -42.55 -8.71
C GLY G 332 -4.67 -43.78 -8.27
N LYS G 333 -4.88 -44.74 -9.16
CA LYS G 333 -5.58 -46.00 -8.82
C LYS G 333 -4.80 -47.16 -9.41
N SER G 334 -4.89 -48.27 -8.68
CA SER G 334 -4.35 -49.56 -9.15
C SER G 334 -4.95 -49.96 -10.50
N THR G 335 -4.15 -50.59 -11.36
CA THR G 335 -4.62 -51.06 -12.68
C THR G 335 -5.32 -52.40 -12.55
N LYS G 336 -5.42 -52.92 -11.33
CA LYS G 336 -6.02 -54.22 -10.99
C LYS G 336 -5.35 -55.32 -11.79
N GLY G 337 -4.05 -55.15 -12.01
CA GLY G 337 -3.20 -56.17 -12.62
C GLY G 337 -2.99 -57.31 -11.66
N MET G 338 -2.41 -58.38 -12.18
CA MET G 338 -2.32 -59.68 -11.47
C MET G 338 -1.17 -59.74 -10.48
N PHE G 339 -0.54 -58.61 -10.17
CA PHE G 339 0.72 -58.60 -9.40
C PHE G 339 0.36 -58.25 -7.98
N ASP G 340 1.22 -58.65 -7.08
CA ASP G 340 1.09 -58.35 -5.62
C ASP G 340 1.32 -56.88 -5.34
N GLY G 341 0.58 -56.33 -4.36
CA GLY G 341 0.81 -54.99 -3.82
C GLY G 341 1.14 -53.94 -4.86
N GLU G 342 0.38 -53.96 -5.95
CA GLU G 342 0.53 -52.95 -7.02
C GLU G 342 0.32 -51.55 -6.45
N ALA G 343 1.26 -50.67 -6.74
CA ALA G 343 1.25 -49.31 -6.20
C ALA G 343 0.21 -48.44 -6.90
N PRO G 344 -0.54 -47.63 -6.13
CA PRO G 344 -1.59 -46.80 -6.71
C PRO G 344 -1.11 -45.46 -7.28
N GLY G 345 0.06 -45.01 -6.80
CA GLY G 345 0.59 -43.66 -7.00
C GLY G 345 -0.37 -42.62 -6.46
N GLN G 346 -0.24 -41.38 -6.91
CA GLN G 346 -1.18 -40.32 -6.46
C GLN G 346 -1.08 -39.07 -7.30
N ILE G 347 -2.25 -38.50 -7.56
CA ILE G 347 -2.36 -37.27 -8.38
C ILE G 347 -2.08 -36.11 -7.43
N GLY G 348 -1.03 -35.35 -7.72
CA GLY G 348 -0.61 -34.18 -6.92
C GLY G 348 -1.49 -33.02 -7.24
N TRP G 349 -2.43 -32.72 -6.35
CA TRP G 349 -3.47 -31.70 -6.62
C TRP G 349 -3.83 -30.91 -5.36
N SER G 350 -2.93 -30.84 -4.37
CA SER G 350 -3.21 -30.21 -3.05
C SER G 350 -3.28 -28.67 -3.12
N ASN G 351 -2.52 -28.10 -4.04
CA ASN G 351 -2.50 -26.64 -4.27
C ASN G 351 -2.20 -26.37 -5.73
N GLU G 352 -2.26 -25.10 -6.13
CA GLU G 352 -2.06 -24.69 -7.54
C GLU G 352 -0.68 -25.15 -8.06
N LEU G 353 0.32 -25.07 -7.20
CA LEU G 353 1.70 -25.45 -7.60
C LEU G 353 1.66 -26.90 -8.07
N GLN G 354 1.17 -27.79 -7.20
CA GLN G 354 1.16 -29.25 -7.48
C GLN G 354 0.37 -29.48 -8.75
N GLN G 355 -0.76 -28.80 -8.86
CA GLN G 355 -1.67 -29.00 -10.02
C GLN G 355 -0.94 -28.64 -11.30
N LYS G 356 -0.37 -27.45 -11.31
CA LYS G 356 0.38 -26.98 -12.51
C LYS G 356 1.52 -27.97 -12.84
N THR G 357 2.39 -28.15 -11.87
CA THR G 357 3.60 -29.02 -12.06
C THR G 357 3.12 -30.41 -12.54
N SER G 358 1.96 -30.84 -12.08
CA SER G 358 1.41 -32.16 -12.49
C SER G 358 1.27 -32.17 -14.00
N SER G 359 0.75 -31.15 -14.67
CA SER G 359 0.38 -31.31 -16.11
C SER G 359 1.59 -31.67 -16.96
N PHE G 360 2.80 -31.50 -16.45
CA PHE G 360 4.03 -31.86 -17.18
C PHE G 360 4.83 -32.91 -16.42
N GLY G 361 4.19 -33.52 -15.42
CA GLY G 361 4.57 -34.81 -14.84
C GLY G 361 5.39 -34.77 -13.57
N GLN G 362 5.24 -33.73 -12.78
CA GLN G 362 5.88 -33.61 -11.46
C GLN G 362 4.77 -33.58 -10.41
N SER G 363 5.16 -33.87 -9.17
CA SER G 363 4.28 -34.01 -7.97
C SER G 363 3.50 -35.30 -8.04
N THR G 364 2.78 -35.46 -9.15
CA THR G 364 2.00 -36.68 -9.45
C THR G 364 2.93 -37.88 -9.63
N THR G 365 2.57 -39.00 -9.01
CA THR G 365 3.34 -40.24 -9.10
C THR G 365 2.50 -41.29 -9.82
N VAL G 366 3.19 -42.08 -10.62
CA VAL G 366 2.56 -43.16 -11.41
C VAL G 366 3.39 -44.44 -11.36
N THR G 367 2.70 -45.56 -11.53
CA THR G 367 3.32 -46.83 -11.96
C THR G 367 3.54 -46.76 -13.47
N PRO G 368 4.66 -47.33 -13.96
CA PRO G 368 4.87 -47.47 -15.40
C PRO G 368 3.65 -48.07 -16.11
N VAL G 369 2.97 -48.96 -15.38
CA VAL G 369 1.80 -49.69 -15.91
C VAL G 369 0.63 -48.75 -16.13
N GLN G 370 0.29 -47.91 -15.15
CA GLN G 370 -0.73 -46.85 -15.28
C GLN G 370 -0.54 -46.15 -16.60
N MET G 371 0.74 -45.95 -16.94
CA MET G 371 1.13 -45.17 -18.14
C MET G 371 0.84 -45.99 -19.40
N LEU G 372 1.19 -47.27 -19.41
CA LEU G 372 0.82 -48.14 -20.55
C LEU G 372 -0.69 -48.11 -20.74
N GLN G 373 -1.39 -48.21 -19.64
CA GLN G 373 -2.86 -48.29 -19.64
C GLN G 373 -3.35 -47.04 -20.36
N ALA G 374 -3.00 -45.89 -19.83
CA ALA G 374 -3.29 -44.57 -20.44
C ALA G 374 -3.03 -44.64 -21.94
N GLN G 375 -1.76 -44.75 -22.31
CA GLN G 375 -1.28 -44.60 -23.70
C GLN G 375 -2.08 -45.49 -24.66
N SER G 376 -2.50 -46.65 -24.21
CA SER G 376 -3.21 -47.60 -25.10
C SER G 376 -4.43 -46.98 -25.74
N ALA G 377 -5.11 -46.12 -25.01
CA ALA G 377 -6.27 -45.33 -25.48
C ALA G 377 -6.11 -44.80 -26.90
N PHE G 378 -4.92 -44.34 -27.24
CA PHE G 378 -4.70 -43.52 -28.44
C PHE G 378 -4.77 -44.37 -29.72
N PHE G 379 -4.56 -45.67 -29.55
CA PHE G 379 -4.43 -46.63 -30.66
C PHE G 379 -5.57 -47.62 -30.75
N ASN G 380 -6.49 -47.52 -29.79
CA ASN G 380 -7.72 -48.35 -29.61
C ASN G 380 -8.91 -47.43 -29.29
N ASP G 381 -9.01 -46.32 -30.03
CA ASP G 381 -10.28 -45.58 -30.30
C ASP G 381 -10.87 -45.06 -28.98
N GLY G 382 -9.94 -44.71 -28.11
CA GLY G 382 -10.11 -44.08 -26.79
C GLY G 382 -10.28 -45.05 -25.65
N ASN G 383 -10.25 -46.36 -25.92
CA ASN G 383 -10.38 -47.38 -24.86
C ASN G 383 -9.02 -47.72 -24.26
N MET G 384 -8.84 -47.49 -22.96
CA MET G 384 -7.67 -48.01 -22.24
C MET G 384 -7.82 -49.50 -21.99
N LEU G 385 -6.73 -50.19 -22.26
CA LEU G 385 -6.63 -51.65 -22.11
C LEU G 385 -5.95 -51.95 -20.77
N LYS G 386 -6.55 -52.90 -20.06
CA LYS G 386 -5.98 -53.39 -18.78
C LYS G 386 -4.76 -54.18 -19.16
N PRO G 387 -3.57 -53.75 -18.67
CA PRO G 387 -2.36 -54.51 -18.92
C PRO G 387 -2.22 -55.72 -18.01
N TRP G 388 -1.96 -56.86 -18.65
CA TRP G 388 -1.90 -58.19 -18.00
C TRP G 388 -0.76 -58.99 -18.61
N PHE G 389 -0.21 -59.86 -17.79
CA PHE G 389 1.01 -60.64 -18.11
C PHE G 389 0.84 -62.13 -17.88
N VAL G 390 -0.28 -62.51 -17.27
CA VAL G 390 -0.59 -63.92 -16.96
C VAL G 390 -1.58 -64.38 -18.00
N ASN G 391 -1.17 -65.35 -18.81
CA ASN G 391 -2.00 -65.89 -19.89
C ASN G 391 -2.93 -66.97 -19.32
N SER G 392 -2.41 -67.89 -18.49
CA SER G 392 -3.21 -68.96 -17.83
C SER G 392 -2.43 -69.71 -16.74
N VAL G 393 -3.15 -70.19 -15.74
CA VAL G 393 -2.72 -71.09 -14.63
C VAL G 393 -3.57 -72.32 -14.81
N GLU G 394 -2.94 -73.39 -15.23
CA GLU G 394 -3.67 -74.67 -15.42
C GLU G 394 -2.83 -75.89 -15.06
N ASN G 395 -3.42 -76.84 -14.34
CA ASN G 395 -2.79 -78.14 -14.08
C ASN G 395 -2.69 -78.91 -15.39
N PRO G 396 -1.47 -79.33 -15.79
CA PRO G 396 -1.28 -79.93 -17.10
C PRO G 396 -1.77 -81.37 -17.22
N VAL G 397 -2.02 -81.99 -16.08
CA VAL G 397 -2.68 -83.33 -16.02
C VAL G 397 -4.15 -83.17 -16.44
N SER G 398 -4.90 -82.41 -15.66
CA SER G 398 -6.37 -82.28 -15.86
C SER G 398 -6.72 -81.32 -17.00
N LYS G 399 -5.80 -80.44 -17.34
CA LYS G 399 -5.96 -79.33 -18.31
C LYS G 399 -6.87 -78.25 -17.76
N ARG G 400 -7.15 -78.27 -16.47
CA ARG G 400 -8.18 -77.39 -15.89
C ARG G 400 -7.63 -75.98 -15.74
N GLN G 401 -8.29 -74.97 -16.32
CA GLN G 401 -7.78 -73.59 -16.28
C GLN G 401 -8.33 -72.87 -15.07
N PHE G 402 -7.49 -72.69 -14.06
CA PHE G 402 -7.86 -71.95 -12.84
C PHE G 402 -7.94 -70.45 -13.08
N TYR G 403 -7.11 -69.92 -13.98
CA TYR G 403 -7.30 -68.55 -14.50
C TYR G 403 -6.88 -68.52 -15.96
N LYS G 404 -7.59 -67.72 -16.70
CA LYS G 404 -7.22 -67.43 -18.10
C LYS G 404 -7.35 -65.95 -18.32
N GLY G 405 -6.24 -65.32 -18.69
CA GLY G 405 -6.21 -63.88 -18.92
C GLY G 405 -6.80 -63.53 -20.25
N GLN G 406 -7.36 -62.32 -20.34
CA GLN G 406 -7.90 -61.79 -21.60
C GLN G 406 -7.85 -60.27 -21.58
N LYS G 407 -7.95 -59.71 -22.77
CA LYS G 407 -7.98 -58.25 -22.95
C LYS G 407 -9.29 -57.68 -22.43
N GLN G 408 -9.17 -56.69 -21.55
CA GLN G 408 -10.27 -56.03 -20.83
C GLN G 408 -10.09 -54.54 -21.07
N ILE G 409 -11.20 -53.85 -21.02
CA ILE G 409 -11.26 -52.39 -21.25
C ILE G 409 -11.49 -51.75 -19.88
N ALA G 410 -10.42 -51.08 -19.39
CA ALA G 410 -10.38 -50.44 -18.06
C ALA G 410 -11.00 -49.04 -18.12
N GLY G 411 -11.37 -48.60 -19.31
CA GLY G 411 -12.20 -47.39 -19.42
C GLY G 411 -12.03 -46.75 -20.76
N LYS G 412 -13.03 -46.00 -21.21
CA LYS G 412 -12.92 -45.14 -22.40
C LYS G 412 -13.04 -43.70 -21.94
N PRO G 413 -11.92 -43.05 -21.57
CA PRO G 413 -11.98 -41.66 -21.13
C PRO G 413 -12.13 -40.63 -22.24
N ILE G 414 -11.84 -41.04 -23.47
CA ILE G 414 -11.68 -40.12 -24.62
C ILE G 414 -12.35 -40.72 -25.83
N THR G 415 -12.53 -39.87 -26.84
CA THR G 415 -13.30 -40.18 -28.04
C THR G 415 -12.36 -40.76 -29.10
N LYS G 416 -12.92 -41.23 -30.19
CA LYS G 416 -12.09 -41.71 -31.33
C LYS G 416 -11.37 -40.50 -31.97
N ASP G 417 -12.15 -39.43 -32.19
CA ASP G 417 -11.65 -38.17 -32.81
C ASP G 417 -10.46 -37.65 -32.02
N THR G 418 -10.65 -37.47 -30.72
CA THR G 418 -9.56 -37.00 -29.82
C THR G 418 -8.31 -37.87 -29.99
N ALA G 419 -8.46 -39.18 -29.95
CA ALA G 419 -7.30 -40.10 -30.05
C ALA G 419 -6.51 -39.88 -31.35
N GLU G 420 -7.18 -39.71 -32.47
CA GLU G 420 -6.51 -39.51 -33.77
C GLU G 420 -5.72 -38.21 -33.74
N LYS G 421 -6.27 -37.19 -33.10
CA LYS G 421 -5.61 -35.87 -33.01
C LYS G 421 -4.40 -35.94 -32.09
N VAL G 422 -4.51 -36.72 -31.02
CA VAL G 422 -3.36 -36.94 -30.11
C VAL G 422 -2.26 -37.65 -30.90
N GLU G 423 -2.63 -38.70 -31.63
CA GLU G 423 -1.62 -39.48 -32.40
C GLU G 423 -0.88 -38.55 -33.38
N LYS G 424 -1.58 -37.64 -34.01
CA LYS G 424 -0.97 -36.71 -34.98
C LYS G 424 0.13 -35.91 -34.32
N GLN G 425 -0.06 -35.49 -33.08
CA GLN G 425 0.95 -34.70 -32.34
C GLN G 425 2.12 -35.60 -31.94
N LEU G 426 1.84 -36.83 -31.51
CA LEU G 426 2.89 -37.80 -31.11
C LEU G 426 3.79 -38.11 -32.33
N ASP G 427 3.19 -38.18 -33.51
CA ASP G 427 3.93 -38.39 -34.77
C ASP G 427 4.88 -37.21 -34.93
N LEU G 428 4.34 -36.00 -34.81
CA LEU G 428 5.16 -34.76 -34.93
C LEU G 428 6.34 -34.77 -33.93
N VAL G 429 6.04 -35.01 -32.66
CA VAL G 429 7.09 -34.92 -31.60
C VAL G 429 8.40 -35.52 -32.11
N VAL G 430 8.30 -36.62 -32.84
CA VAL G 430 9.49 -37.34 -33.37
C VAL G 430 9.81 -36.90 -34.79
N ASN G 431 8.82 -36.94 -35.66
CA ASN G 431 8.99 -36.74 -37.13
C ASN G 431 8.55 -35.35 -37.65
N SER G 432 8.75 -34.32 -36.83
CA SER G 432 8.64 -32.90 -37.22
C SER G 432 10.01 -32.35 -37.61
N LYS G 433 10.02 -31.27 -38.37
CA LYS G 433 11.26 -30.71 -38.94
C LYS G 433 12.10 -30.12 -37.81
N LYS G 434 11.39 -29.57 -36.82
CA LYS G 434 12.00 -28.92 -35.64
C LYS G 434 11.98 -29.84 -34.43
N SER G 435 11.80 -31.15 -34.63
CA SER G 435 11.67 -32.10 -33.50
C SER G 435 12.85 -32.03 -32.55
N HIS G 436 12.57 -32.09 -31.24
CA HIS G 436 13.61 -32.21 -30.20
C HIS G 436 13.65 -33.68 -29.74
N ALA G 437 13.35 -34.58 -30.67
CA ALA G 437 13.31 -36.02 -30.40
C ALA G 437 13.76 -36.82 -31.61
N ALA G 438 14.62 -36.24 -32.45
CA ALA G 438 15.03 -36.89 -33.72
C ALA G 438 15.91 -38.13 -33.46
N ASN G 439 16.55 -38.15 -32.30
CA ASN G 439 17.45 -39.26 -31.91
C ASN G 439 16.67 -40.56 -31.76
N TYR G 440 15.36 -40.49 -31.59
CA TYR G 440 14.52 -41.70 -31.41
C TYR G 440 14.09 -42.30 -32.73
N ARG G 441 14.44 -41.66 -33.84
CA ARG G 441 14.05 -42.15 -35.18
C ARG G 441 14.82 -43.41 -35.53
N ILE G 442 14.09 -44.27 -36.24
CA ILE G 442 14.60 -45.54 -36.77
C ILE G 442 14.43 -45.60 -38.29
N ASP G 443 15.44 -46.19 -38.89
CA ASP G 443 15.57 -46.47 -40.33
C ASP G 443 14.58 -47.57 -40.73
N GLY G 444 13.80 -47.26 -41.75
CA GLY G 444 12.83 -48.19 -42.39
C GLY G 444 11.46 -48.21 -41.76
N TYR G 445 11.39 -47.73 -40.51
CA TYR G 445 10.19 -47.83 -39.64
C TYR G 445 9.75 -46.43 -39.13
N GLU G 446 8.44 -46.23 -39.10
CA GLU G 446 7.77 -44.96 -38.70
C GLU G 446 7.48 -45.03 -37.20
N VAL G 447 8.08 -44.13 -36.43
CA VAL G 447 8.05 -44.15 -34.95
C VAL G 447 7.27 -42.94 -34.49
N GLU G 448 6.74 -43.00 -33.28
CA GLU G 448 6.11 -41.82 -32.67
C GLU G 448 6.12 -42.04 -31.17
N GLY G 449 5.94 -40.96 -30.42
CA GLY G 449 5.96 -41.07 -28.96
C GLY G 449 6.32 -39.77 -28.30
N LYS G 450 6.74 -39.83 -27.06
CA LYS G 450 6.90 -38.60 -26.25
C LYS G 450 8.17 -38.66 -25.43
N THR G 451 9.01 -37.62 -25.50
CA THR G 451 10.18 -37.46 -24.62
C THR G 451 9.70 -37.29 -23.17
N GLY G 452 10.51 -37.68 -22.21
CA GLY G 452 10.02 -37.71 -20.83
C GLY G 452 11.08 -37.38 -19.82
N THR G 453 11.58 -36.14 -19.82
CA THR G 453 12.63 -35.69 -18.87
C THR G 453 11.98 -35.15 -17.60
N ALA G 454 12.34 -35.74 -16.46
CA ALA G 454 11.78 -35.33 -15.14
C ALA G 454 12.82 -35.15 -14.06
N GLN G 455 12.51 -34.32 -13.07
CA GLN G 455 13.34 -34.28 -11.84
C GLN G 455 12.84 -35.36 -10.90
N VAL G 456 13.77 -35.97 -10.20
CA VAL G 456 13.52 -37.08 -9.27
C VAL G 456 13.56 -36.52 -7.85
N ALA G 457 12.69 -37.05 -7.01
CA ALA G 457 12.57 -36.70 -5.58
C ALA G 457 13.70 -37.32 -4.75
N ALA G 458 14.07 -36.63 -3.68
CA ALA G 458 15.01 -37.15 -2.65
C ALA G 458 14.38 -38.36 -1.95
N PRO G 459 15.06 -39.53 -1.94
CA PRO G 459 14.50 -40.78 -1.42
C PRO G 459 13.70 -40.63 -0.13
N ASN G 460 14.36 -40.16 0.91
CA ASN G 460 13.71 -39.90 2.21
C ASN G 460 13.76 -38.40 2.52
N GLY G 461 12.59 -37.75 2.46
CA GLY G 461 12.41 -36.32 2.76
C GLY G 461 13.25 -35.43 1.84
N GLY G 462 13.25 -34.14 2.11
CA GLY G 462 13.78 -33.08 1.22
C GLY G 462 12.97 -32.91 -0.06
N GLY G 463 13.49 -32.10 -0.97
CA GLY G 463 12.90 -31.74 -2.27
C GLY G 463 13.28 -32.68 -3.38
N TYR G 464 13.94 -32.17 -4.42
CA TYR G 464 14.42 -32.98 -5.55
C TYR G 464 15.92 -33.22 -5.42
N VAL G 465 16.38 -34.28 -6.05
CA VAL G 465 17.83 -34.58 -6.21
C VAL G 465 18.45 -33.51 -7.13
N LYS G 466 19.60 -33.03 -6.68
CA LYS G 466 20.43 -32.03 -7.39
C LYS G 466 21.69 -32.72 -7.91
N GLY G 467 22.41 -32.03 -8.76
CA GLY G 467 23.58 -32.59 -9.47
C GLY G 467 23.69 -31.98 -10.85
N PRO G 468 24.55 -32.55 -11.73
CA PRO G 468 24.72 -32.02 -13.09
C PRO G 468 23.46 -32.18 -13.93
N ASN G 469 23.01 -33.43 -14.07
CA ASN G 469 21.76 -33.81 -14.76
C ASN G 469 21.00 -34.84 -13.93
N PRO G 470 20.33 -34.40 -12.84
CA PRO G 470 19.60 -35.33 -11.98
C PRO G 470 18.20 -35.59 -12.50
N TYR G 471 18.13 -36.18 -13.68
CA TYR G 471 16.87 -36.41 -14.41
C TYR G 471 16.52 -37.88 -14.63
N PHE G 472 15.22 -38.15 -14.62
CA PHE G 472 14.64 -39.44 -14.98
C PHE G 472 14.14 -39.19 -16.39
N VAL G 473 14.81 -39.80 -17.34
CA VAL G 473 14.49 -39.68 -18.79
C VAL G 473 13.68 -40.88 -19.19
N SER G 474 12.73 -40.67 -20.08
CA SER G 474 11.83 -41.74 -20.54
C SER G 474 11.38 -41.48 -21.99
N PHE G 475 10.86 -42.52 -22.59
CA PHE G 475 10.19 -42.41 -23.90
C PHE G 475 9.05 -43.40 -23.99
N MET G 476 7.86 -42.92 -24.34
CA MET G 476 6.66 -43.75 -24.49
C MET G 476 6.34 -43.87 -25.97
N GLY G 477 7.00 -44.82 -26.62
CA GLY G 477 6.92 -44.93 -28.08
C GLY G 477 6.02 -46.03 -28.59
N ASP G 478 5.66 -45.92 -29.85
CA ASP G 478 4.77 -46.91 -30.49
C ASP G 478 5.08 -46.90 -31.96
N ALA G 479 4.79 -48.03 -32.61
CA ALA G 479 5.15 -48.25 -34.01
C ALA G 479 4.54 -49.57 -34.47
N PRO G 480 4.24 -49.73 -35.79
CA PRO G 480 4.32 -48.65 -36.80
C PRO G 480 3.35 -47.52 -36.47
N LYS G 481 3.72 -46.32 -36.87
CA LYS G 481 2.92 -45.09 -36.63
C LYS G 481 1.47 -45.27 -37.07
N LYS G 482 0.55 -44.65 -36.30
CA LYS G 482 -0.91 -44.69 -36.53
C LYS G 482 -1.54 -46.03 -36.11
N ASN G 483 -1.15 -47.11 -36.79
CA ASN G 483 -1.63 -48.48 -36.49
C ASN G 483 -0.54 -49.38 -35.94
N PRO G 484 -0.11 -49.11 -34.70
CA PRO G 484 0.97 -49.84 -34.07
C PRO G 484 0.75 -51.30 -33.71
N LYS G 485 1.88 -51.98 -33.57
CA LYS G 485 1.93 -53.38 -33.15
C LYS G 485 2.24 -53.39 -31.66
N VAL G 486 3.12 -52.50 -31.25
CA VAL G 486 3.62 -52.48 -29.85
C VAL G 486 3.79 -51.06 -29.34
N ILE G 487 3.76 -50.98 -28.03
CA ILE G 487 4.16 -49.81 -27.25
C ILE G 487 5.43 -50.24 -26.54
N VAL G 488 6.46 -49.42 -26.62
CA VAL G 488 7.71 -49.63 -25.84
C VAL G 488 7.85 -48.44 -24.92
N TYR G 489 7.93 -48.70 -23.62
CA TYR G 489 8.18 -47.66 -22.59
C TYR G 489 9.50 -47.96 -21.90
N ALA G 490 10.50 -47.09 -22.10
CA ALA G 490 11.78 -47.19 -21.38
C ALA G 490 11.87 -46.01 -20.44
N GLY G 491 12.47 -46.22 -19.28
CA GLY G 491 12.76 -45.14 -18.32
C GLY G 491 14.07 -45.37 -17.64
N MET G 492 14.82 -44.29 -17.40
CA MET G 492 16.14 -44.29 -16.73
C MET G 492 16.15 -43.20 -15.69
N SER G 493 16.61 -43.54 -14.52
CA SER G 493 16.68 -42.58 -13.39
C SER G 493 18.12 -42.40 -12.91
N LEU G 494 18.57 -41.15 -12.98
CA LEU G 494 19.90 -40.72 -12.46
C LEU G 494 21.08 -41.52 -13.02
N ALA G 495 21.40 -41.25 -14.28
CA ALA G 495 22.63 -41.76 -14.90
C ALA G 495 23.82 -41.24 -14.07
N GLN G 496 24.72 -42.14 -13.71
CA GLN G 496 25.89 -41.81 -12.85
C GLN G 496 27.14 -41.55 -13.70
N LYS G 497 27.02 -41.89 -14.96
CA LYS G 497 28.13 -41.76 -15.91
C LYS G 497 27.53 -41.19 -17.19
N ASN G 498 28.29 -40.36 -17.90
CA ASN G 498 27.80 -39.67 -19.14
C ASN G 498 26.43 -39.02 -18.92
N ASP G 499 26.27 -38.40 -17.78
CA ASP G 499 24.95 -37.81 -17.41
C ASP G 499 24.52 -36.78 -18.44
N GLN G 500 25.50 -36.10 -19.05
CA GLN G 500 25.20 -35.13 -20.12
C GLN G 500 24.56 -35.79 -21.34
N GLU G 501 25.20 -36.84 -21.86
CA GLU G 501 24.63 -37.56 -23.01
C GLU G 501 23.24 -38.06 -22.66
N ALA G 502 23.07 -38.52 -21.43
CA ALA G 502 21.79 -39.02 -20.94
C ALA G 502 20.75 -37.94 -21.16
N TYR G 503 20.98 -36.73 -20.69
CA TYR G 503 19.96 -35.66 -20.83
C TYR G 503 19.73 -35.39 -22.30
N GLU G 504 20.78 -35.47 -23.09
CA GLU G 504 20.71 -35.11 -24.53
C GLU G 504 19.96 -36.16 -25.33
N LEU G 505 20.36 -37.40 -25.18
CA LEU G 505 19.83 -38.52 -25.99
C LEU G 505 18.58 -39.14 -25.36
N GLY G 506 18.60 -39.19 -24.03
CA GLY G 506 17.73 -40.03 -23.19
C GLY G 506 17.94 -41.51 -23.44
N VAL G 507 16.83 -42.22 -23.42
CA VAL G 507 16.82 -43.70 -23.51
C VAL G 507 16.77 -44.09 -24.98
N SER G 508 17.03 -43.15 -25.87
CA SER G 508 16.99 -43.41 -27.34
C SER G 508 17.88 -44.61 -27.71
N LYS G 509 19.03 -44.68 -27.05
CA LYS G 509 20.05 -45.72 -27.30
C LYS G 509 19.54 -47.14 -26.99
N ALA G 510 18.46 -47.23 -26.20
CA ALA G 510 17.86 -48.53 -25.83
C ALA G 510 16.58 -48.76 -26.62
N PHE G 511 15.74 -47.73 -26.71
CA PHE G 511 14.46 -47.82 -27.46
C PHE G 511 14.71 -48.27 -28.90
N LYS G 512 15.63 -47.58 -29.60
CA LYS G 512 15.90 -47.87 -31.02
C LYS G 512 16.16 -49.35 -31.29
N PRO G 513 17.19 -49.96 -30.68
CA PRO G 513 17.42 -51.39 -30.89
C PRO G 513 16.27 -52.30 -30.52
N ILE G 514 15.66 -52.08 -29.36
CA ILE G 514 14.49 -52.91 -28.93
C ILE G 514 13.41 -52.84 -30.00
N MET G 515 13.00 -51.62 -30.36
CA MET G 515 11.89 -51.49 -31.35
C MET G 515 12.28 -52.09 -32.68
N GLU G 516 13.44 -51.76 -33.22
CA GLU G 516 13.89 -52.30 -34.51
C GLU G 516 13.86 -53.82 -34.52
N ASN G 517 14.53 -54.41 -33.56
CA ASN G 517 14.59 -55.89 -33.41
C ASN G 517 13.22 -56.55 -33.30
N THR G 518 12.33 -55.93 -32.55
CA THR G 518 10.98 -56.45 -32.30
C THR G 518 10.17 -56.43 -33.60
N LEU G 519 10.19 -55.29 -34.27
CA LEU G 519 9.40 -55.11 -35.53
C LEU G 519 9.87 -56.13 -36.58
N LYS G 520 11.19 -56.31 -36.63
CA LYS G 520 11.91 -57.24 -37.53
C LYS G 520 11.45 -58.67 -37.26
N TYR G 521 11.42 -59.07 -35.99
CA TYR G 521 11.00 -60.42 -35.49
C TYR G 521 9.52 -60.66 -35.77
N LEU G 522 8.72 -59.61 -35.66
CA LEU G 522 7.26 -59.67 -35.93
C LEU G 522 6.97 -59.53 -37.42
N ASN G 523 8.00 -59.51 -38.25
CA ASN G 523 7.88 -59.41 -39.72
C ASN G 523 6.99 -58.22 -40.12
N VAL G 524 7.37 -57.05 -39.63
CA VAL G 524 6.67 -55.80 -39.99
C VAL G 524 7.47 -55.19 -41.14
N GLY G 525 6.77 -54.86 -42.23
CA GLY G 525 7.35 -54.27 -43.44
C GLY G 525 8.14 -52.97 -43.26
N LYS G 526 8.96 -52.67 -44.28
CA LYS G 526 9.75 -51.41 -44.40
C LYS G 526 9.13 -50.44 -45.41
N MET H 1 -52.63 29.29 -33.73
CA MET H 1 -51.62 28.35 -34.21
C MET H 1 -50.91 27.73 -33.01
N ARG H 2 -50.77 26.42 -33.07
CA ARG H 2 -49.79 25.62 -32.26
C ARG H 2 -48.39 26.02 -32.73
N GLY H 3 -47.50 26.27 -31.80
CA GLY H 3 -46.14 26.69 -32.06
C GLY H 3 -45.38 25.67 -32.88
N LYS H 4 -44.24 26.12 -33.37
CA LYS H 4 -43.37 25.30 -34.27
C LYS H 4 -42.33 24.53 -33.47
N ILE H 5 -41.90 23.41 -34.02
CA ILE H 5 -40.74 22.71 -33.41
C ILE H 5 -39.64 22.80 -34.44
N TYR H 6 -38.53 23.42 -34.04
CA TYR H 6 -37.32 23.66 -34.86
C TYR H 6 -36.15 22.78 -34.39
N ASP H 7 -35.18 22.62 -35.30
CA ASP H 7 -33.87 22.03 -34.95
C ASP H 7 -32.96 23.17 -34.47
N ARG H 8 -31.69 22.86 -34.26
CA ARG H 8 -30.68 23.87 -33.79
C ARG H 8 -30.40 24.93 -34.87
N ASN H 9 -30.50 24.51 -36.13
CA ASN H 9 -30.27 25.39 -37.29
C ASN H 9 -31.50 26.19 -37.66
N GLY H 10 -32.65 25.99 -37.03
CA GLY H 10 -33.85 26.75 -37.31
C GLY H 10 -34.78 26.06 -38.29
N LYS H 11 -34.41 24.86 -38.75
CA LYS H 11 -35.19 24.14 -39.78
C LYS H 11 -36.40 23.50 -39.10
N VAL H 12 -37.53 23.61 -39.78
CA VAL H 12 -38.83 23.22 -39.20
C VAL H 12 -38.93 21.69 -39.17
N LEU H 13 -39.29 21.18 -37.99
CA LEU H 13 -39.51 19.71 -37.78
C LEU H 13 -41.01 19.40 -37.74
N ALA H 14 -41.81 20.36 -37.30
CA ALA H 14 -43.27 20.29 -37.11
C ALA H 14 -43.86 21.69 -37.14
N GLU H 15 -45.03 21.79 -37.78
CA GLU H 15 -45.77 23.09 -37.92
C GLU H 15 -47.20 22.80 -38.27
N ASP H 16 -48.08 23.78 -38.10
CA ASP H 16 -49.47 23.71 -38.61
C ASP H 16 -49.45 24.08 -40.09
N VAL H 17 -50.29 23.40 -40.86
CA VAL H 17 -50.54 23.76 -42.30
C VAL H 17 -52.02 23.76 -42.59
N GLU H 18 -52.43 24.45 -43.65
CA GLU H 18 -53.82 24.51 -44.11
C GLU H 18 -54.02 23.47 -45.19
N ARG H 19 -54.90 22.51 -44.93
CA ARG H 19 -55.30 21.45 -45.89
C ARG H 19 -56.78 21.67 -46.10
N TYR H 20 -57.43 20.81 -46.89
CA TYR H 20 -58.84 21.04 -47.28
C TYR H 20 -59.66 19.76 -47.21
N LYS H 21 -60.95 19.96 -47.21
CA LYS H 21 -61.95 18.88 -47.00
C LYS H 21 -63.08 19.05 -47.95
N LEU H 22 -63.40 18.06 -48.77
CA LEU H 22 -64.63 18.09 -49.59
C LEU H 22 -65.82 17.70 -48.74
N VAL H 23 -66.91 18.48 -48.76
CA VAL H 23 -68.28 18.00 -48.47
C VAL H 23 -69.18 18.31 -49.68
N ALA H 24 -70.42 17.81 -49.64
CA ALA H 24 -71.49 18.34 -50.51
C ALA H 24 -72.69 18.90 -49.70
N VAL H 25 -73.31 19.94 -50.24
CA VAL H 25 -74.26 20.78 -49.47
C VAL H 25 -75.53 19.96 -49.25
N PHE H 75 -65.86 13.24 -46.79
CA PHE H 75 -66.16 11.87 -47.27
C PHE H 75 -65.11 10.92 -46.67
N GLY H 76 -65.26 10.71 -45.36
CA GLY H 76 -64.38 9.77 -44.62
C GLY H 76 -62.90 10.14 -44.74
N ARG H 77 -62.03 9.14 -44.66
CA ARG H 77 -60.55 9.35 -44.69
C ARG H 77 -60.26 10.18 -45.96
N LYS H 78 -60.95 9.92 -47.08
CA LYS H 78 -60.55 10.45 -48.39
C LYS H 78 -60.89 11.94 -48.47
N GLY H 79 -61.94 12.33 -47.77
CA GLY H 79 -62.46 13.72 -47.75
C GLY H 79 -61.78 14.66 -46.76
N THR H 80 -60.49 14.38 -46.51
CA THR H 80 -59.69 15.18 -45.55
C THR H 80 -58.27 15.32 -46.10
N ASN H 81 -57.50 16.26 -45.54
CA ASN H 81 -56.03 16.31 -45.72
C ASN H 81 -55.76 16.42 -47.22
N LEU H 82 -56.57 17.24 -47.88
CA LEU H 82 -56.34 17.54 -49.32
C LEU H 82 -55.43 18.76 -49.48
N THR H 83 -54.35 18.56 -50.28
CA THR H 83 -53.23 19.54 -50.30
C THR H 83 -53.64 20.70 -51.18
N TYR H 84 -52.84 21.77 -51.12
CA TYR H 84 -53.08 23.03 -51.85
C TYR H 84 -52.93 22.82 -53.36
N GLN H 85 -51.99 21.96 -53.80
CA GLN H 85 -51.73 21.69 -55.24
C GLN H 85 -52.79 20.75 -55.80
N ASP H 86 -53.47 19.97 -54.95
CA ASP H 86 -54.67 19.16 -55.33
C ASP H 86 -55.81 20.15 -55.54
N LYS H 87 -55.91 21.16 -54.68
CA LYS H 87 -56.97 22.19 -54.80
C LYS H 87 -56.78 22.92 -56.13
N LEU H 88 -55.56 23.34 -56.42
CA LEU H 88 -55.22 24.03 -57.69
C LEU H 88 -55.63 23.14 -58.88
N LYS H 89 -55.34 21.83 -58.79
CA LYS H 89 -55.65 20.86 -59.89
C LYS H 89 -57.15 20.93 -60.20
N ILE H 90 -58.02 21.03 -59.21
CA ILE H 90 -59.49 21.19 -59.46
C ILE H 90 -59.74 22.68 -59.66
N GLU H 91 -59.71 23.13 -60.90
CA GLU H 91 -59.95 24.54 -61.26
C GLU H 91 -61.20 24.60 -62.13
N LYS H 92 -62.16 25.45 -61.75
CA LYS H 92 -63.42 25.78 -62.51
C LYS H 92 -64.16 24.54 -63.08
N MET H 93 -64.18 23.41 -62.34
CA MET H 93 -64.93 22.20 -62.80
C MET H 93 -66.40 22.35 -62.44
N ASN H 94 -66.71 23.09 -61.38
CA ASN H 94 -68.09 23.43 -60.92
C ASN H 94 -68.91 22.16 -60.73
N LEU H 101 -63.31 23.19 -47.76
CA LEU H 101 -63.18 24.11 -46.60
C LEU H 101 -61.79 23.92 -46.01
N PRO H 102 -61.14 25.04 -45.64
CA PRO H 102 -59.85 24.99 -44.99
C PRO H 102 -59.93 24.32 -43.61
N GLU H 103 -58.90 23.53 -43.32
CA GLU H 103 -58.71 22.95 -41.97
C GLU H 103 -57.22 22.81 -41.71
N THR H 104 -56.83 23.08 -40.46
CA THR H 104 -55.41 23.01 -40.03
C THR H 104 -55.10 21.61 -39.57
N GLU H 105 -53.93 21.12 -40.01
CA GLU H 105 -53.35 19.82 -39.66
C GLU H 105 -51.89 20.03 -39.28
N ARG H 106 -51.38 19.11 -38.49
CA ARG H 106 -49.99 19.14 -38.05
C ARG H 106 -49.17 18.46 -39.13
N PHE H 107 -48.11 19.13 -39.53
CA PHE H 107 -47.27 18.69 -40.65
C PHE H 107 -45.86 18.45 -40.16
N TYR H 108 -45.33 17.28 -40.47
CA TYR H 108 -43.92 16.94 -40.18
C TYR H 108 -43.27 16.79 -41.54
N PRO H 109 -42.57 17.84 -42.00
CA PRO H 109 -41.86 17.83 -43.29
C PRO H 109 -41.06 16.60 -43.69
N ASN H 110 -40.42 15.98 -42.71
CA ASN H 110 -39.52 14.83 -42.92
C ASN H 110 -40.24 13.47 -42.86
N GLY H 111 -41.52 13.49 -42.47
CA GLY H 111 -42.28 12.26 -42.14
C GLY H 111 -41.65 11.53 -40.97
N ASN H 112 -41.29 10.27 -41.22
CA ASN H 112 -40.53 9.43 -40.26
C ASN H 112 -39.13 10.02 -40.11
N PHE H 113 -38.91 10.69 -38.99
CA PHE H 113 -37.68 11.42 -38.68
C PHE H 113 -37.65 11.75 -37.21
N ALA H 114 -36.76 11.14 -36.43
CA ALA H 114 -36.74 11.27 -34.96
C ALA H 114 -38.14 11.10 -34.36
N SER H 115 -38.90 10.19 -34.95
CA SER H 115 -40.35 10.05 -34.69
C SER H 115 -40.61 9.95 -33.21
N HIS H 116 -39.76 9.22 -32.52
CA HIS H 116 -39.98 8.88 -31.10
C HIS H 116 -39.62 10.01 -30.16
N LEU H 117 -38.76 10.92 -30.60
CA LEU H 117 -38.41 12.15 -29.87
C LEU H 117 -39.41 13.28 -30.13
N ILE H 118 -39.49 13.68 -31.39
CA ILE H 118 -40.40 14.78 -31.81
C ILE H 118 -41.78 14.51 -31.20
N GLY H 119 -42.28 13.30 -31.42
CA GLY H 119 -43.62 12.89 -31.00
C GLY H 119 -44.66 13.22 -32.03
N ARG H 120 -45.91 13.17 -31.61
CA ARG H 120 -47.08 13.28 -32.52
C ARG H 120 -48.24 13.94 -31.78
N ALA H 121 -48.90 14.87 -32.46
CA ALA H 121 -50.10 15.55 -31.92
C ALA H 121 -51.32 15.10 -32.71
N GLN H 122 -52.35 14.73 -31.96
CA GLN H 122 -53.63 14.22 -32.51
C GLN H 122 -54.63 15.35 -32.60
N LYS H 123 -55.56 15.22 -33.52
CA LYS H 123 -56.62 16.24 -33.74
C LYS H 123 -57.94 15.78 -33.16
N ASN H 124 -58.59 16.68 -32.42
CA ASN H 124 -59.95 16.44 -31.92
C ASN H 124 -60.88 16.80 -33.07
N PRO H 125 -61.61 15.81 -33.63
CA PRO H 125 -62.54 16.04 -34.74
C PRO H 125 -63.43 17.26 -34.58
N ASP H 126 -64.12 17.32 -33.45
CA ASP H 126 -65.16 18.35 -33.17
C ASP H 126 -64.59 19.77 -33.21
N THR H 127 -63.60 20.00 -32.35
CA THR H 127 -63.04 21.34 -32.10
C THR H 127 -61.89 21.70 -33.04
N GLY H 128 -61.28 20.72 -33.69
CA GLY H 128 -60.10 20.97 -34.52
C GLY H 128 -58.82 21.16 -33.72
N GLU H 129 -58.86 20.84 -32.43
CA GLU H 129 -57.74 21.14 -31.50
C GLU H 129 -56.72 20.02 -31.54
N LEU H 130 -55.45 20.41 -31.69
CA LEU H 130 -54.31 19.50 -31.74
C LEU H 130 -53.75 19.31 -30.33
N LYS H 131 -53.42 18.10 -29.93
CA LYS H 131 -52.99 17.78 -28.54
C LYS H 131 -51.87 16.74 -28.62
N GLY H 132 -50.70 17.03 -28.02
CA GLY H 132 -49.57 16.08 -28.09
C GLY H 132 -49.86 14.79 -27.37
N ALA H 133 -49.53 13.69 -28.02
CA ALA H 133 -49.75 12.33 -27.50
C ALA H 133 -48.46 11.65 -27.08
N LEU H 134 -47.31 12.10 -27.57
CA LEU H 134 -46.02 11.46 -27.27
C LEU H 134 -44.88 12.45 -27.56
N GLY H 135 -43.73 12.21 -26.91
CA GLY H 135 -42.54 13.02 -27.26
C GLY H 135 -42.75 14.49 -26.93
N VAL H 136 -41.88 15.29 -27.54
CA VAL H 136 -41.91 16.79 -27.44
C VAL H 136 -43.38 17.24 -27.39
N GLU H 137 -44.14 16.83 -28.40
CA GLU H 137 -45.50 17.38 -28.59
C GLU H 137 -46.27 17.25 -27.28
N LYS H 138 -46.07 16.14 -26.55
CA LYS H 138 -46.84 15.95 -25.30
C LYS H 138 -46.26 16.75 -24.14
N ILE H 139 -44.96 16.62 -23.91
CA ILE H 139 -44.25 17.33 -22.83
C ILE H 139 -44.57 18.81 -22.84
N PHE H 140 -44.43 19.43 -24.00
CA PHE H 140 -44.56 20.89 -24.18
C PHE H 140 -45.91 21.33 -24.71
N ASP H 141 -46.89 20.44 -24.64
CA ASP H 141 -48.23 20.69 -25.20
C ASP H 141 -48.69 22.08 -24.79
N SER H 142 -48.86 22.30 -23.50
CA SER H 142 -49.41 23.57 -22.98
C SER H 142 -48.72 24.79 -23.58
N TYR H 143 -47.42 24.75 -23.80
CA TYR H 143 -46.64 25.92 -24.28
C TYR H 143 -46.85 26.06 -25.79
N LEU H 144 -46.72 24.93 -26.49
CA LEU H 144 -47.01 24.91 -27.94
C LEU H 144 -48.44 25.40 -28.21
N SER H 145 -49.42 24.91 -27.45
CA SER H 145 -50.86 25.23 -27.61
C SER H 145 -51.07 26.70 -27.27
N GLY H 146 -51.25 27.58 -28.26
CA GLY H 146 -51.60 28.99 -28.03
C GLY H 146 -53.01 29.12 -27.49
N SER H 147 -53.84 28.11 -27.77
CA SER H 147 -55.25 28.05 -27.26
C SER H 147 -55.22 28.01 -25.73
N LYS H 148 -54.60 26.99 -25.13
CA LYS H 148 -54.39 26.89 -23.67
C LYS H 148 -53.79 28.20 -23.14
N GLY H 149 -54.64 29.06 -22.55
CA GLY H 149 -54.21 30.31 -21.91
C GLY H 149 -54.46 30.31 -20.42
N SER H 150 -54.70 29.14 -19.81
CA SER H 150 -54.95 29.02 -18.35
C SER H 150 -53.60 29.00 -17.62
N LEU H 151 -53.25 27.87 -17.00
CA LEU H 151 -51.99 27.70 -16.24
C LEU H 151 -51.04 26.83 -17.05
N ARG H 152 -49.93 27.39 -17.49
CA ARG H 152 -48.94 26.63 -18.32
C ARG H 152 -48.00 25.86 -17.38
N TYR H 153 -47.83 24.57 -17.62
CA TYR H 153 -47.11 23.60 -16.74
C TYR H 153 -46.35 22.66 -17.68
N ILE H 154 -45.07 22.41 -17.41
CA ILE H 154 -44.26 21.41 -18.15
C ILE H 154 -44.52 20.06 -17.50
N HIS H 155 -45.31 19.22 -18.17
CA HIS H 155 -45.65 17.86 -17.67
C HIS H 155 -44.39 17.19 -17.13
N ASP H 156 -44.41 16.86 -15.83
CA ASP H 156 -43.32 16.15 -15.07
C ASP H 156 -42.20 17.11 -14.65
N ILE H 157 -41.68 17.93 -15.57
CA ILE H 157 -40.55 18.86 -15.27
C ILE H 157 -41.06 20.00 -14.36
N TRP H 158 -41.16 19.72 -13.06
CA TRP H 158 -41.72 20.68 -12.07
C TRP H 158 -40.86 21.94 -11.98
N GLY H 159 -41.45 23.12 -12.24
CA GLY H 159 -40.84 24.43 -11.91
C GLY H 159 -41.25 25.59 -12.79
N TYR H 160 -41.26 25.40 -14.11
CA TYR H 160 -41.42 26.48 -15.12
C TYR H 160 -42.92 26.67 -15.33
N ILE H 161 -43.59 27.45 -14.46
CA ILE H 161 -45.07 27.65 -14.49
C ILE H 161 -45.38 29.14 -14.79
N ALA H 162 -44.85 29.67 -15.89
CA ALA H 162 -45.33 30.95 -16.50
C ALA H 162 -46.81 30.84 -16.84
N PRO H 163 -47.71 31.62 -16.19
CA PRO H 163 -49.16 31.39 -16.28
C PRO H 163 -49.90 32.18 -17.37
N ASN H 164 -49.24 32.41 -18.50
CA ASN H 164 -49.86 32.98 -19.74
C ASN H 164 -51.18 32.28 -20.05
N LYS H 172 -53.11 34.64 -29.73
CA LYS H 172 -53.63 33.37 -30.31
C LYS H 172 -52.49 32.41 -30.62
N ARG H 173 -51.27 32.91 -30.74
CA ARG H 173 -50.15 32.18 -31.38
C ARG H 173 -49.37 31.50 -30.26
N GLY H 174 -48.81 30.33 -30.59
CA GLY H 174 -48.17 29.48 -29.58
C GLY H 174 -46.66 29.68 -29.47
N ASP H 175 -46.10 28.89 -28.57
CA ASP H 175 -44.65 28.96 -28.25
C ASP H 175 -43.89 27.93 -29.09
N ASP H 176 -42.72 28.37 -29.56
CA ASP H 176 -41.84 27.55 -30.41
C ASP H 176 -40.80 26.80 -29.59
N VAL H 177 -40.58 25.55 -29.94
CA VAL H 177 -39.62 24.65 -29.23
C VAL H 177 -38.43 24.35 -30.12
N HIS H 178 -37.26 24.75 -29.66
CA HIS H 178 -35.98 24.60 -30.37
C HIS H 178 -35.25 23.40 -29.80
N LEU H 179 -34.92 22.44 -30.65
CA LEU H 179 -34.18 21.26 -30.17
C LEU H 179 -32.68 21.38 -30.47
N THR H 180 -31.90 20.44 -29.97
CA THR H 180 -30.43 20.44 -30.21
C THR H 180 -30.10 19.62 -31.46
N ILE H 181 -31.10 18.94 -31.99
CA ILE H 181 -30.95 18.01 -33.14
C ILE H 181 -30.42 18.77 -34.36
N ASP H 182 -29.58 18.12 -35.11
CA ASP H 182 -29.10 18.64 -36.40
C ASP H 182 -29.71 17.73 -37.44
N SER H 183 -30.60 18.28 -38.26
CA SER H 183 -31.26 17.54 -39.36
C SER H 183 -30.25 16.83 -40.25
N ASN H 184 -29.10 17.45 -40.48
CA ASN H 184 -28.07 16.84 -41.36
C ASN H 184 -27.55 15.52 -40.77
N ILE H 185 -27.30 15.49 -39.48
CA ILE H 185 -26.81 14.28 -38.78
C ILE H 185 -27.95 13.28 -38.66
N GLN H 186 -29.17 13.78 -38.41
CA GLN H 186 -30.36 12.91 -38.26
C GLN H 186 -30.53 12.07 -39.53
N VAL H 187 -30.33 12.69 -40.69
CA VAL H 187 -30.36 11.96 -42.00
C VAL H 187 -29.45 10.74 -41.91
N PHE H 188 -28.19 10.93 -41.51
CA PHE H 188 -27.21 9.83 -41.51
C PHE H 188 -27.75 8.70 -40.63
N VAL H 189 -28.30 9.08 -39.48
CA VAL H 189 -28.84 8.07 -38.54
C VAL H 189 -29.98 7.34 -39.24
N GLU H 190 -31.00 8.05 -39.73
CA GLU H 190 -32.21 7.37 -40.26
C GLU H 190 -31.78 6.42 -41.37
N GLU H 191 -30.91 6.88 -42.25
CA GLU H 191 -30.45 6.05 -43.39
C GLU H 191 -29.76 4.77 -42.90
N ALA H 192 -28.82 4.91 -41.97
CA ALA H 192 -28.04 3.76 -41.48
C ALA H 192 -28.95 2.76 -40.73
N LEU H 193 -29.93 3.26 -39.95
CA LEU H 193 -30.85 2.35 -39.21
C LEU H 193 -31.75 1.59 -40.17
N ASP H 194 -32.24 2.28 -41.21
CA ASP H 194 -32.99 1.61 -42.30
C ASP H 194 -32.22 0.39 -42.83
N GLY H 195 -30.93 0.59 -42.99
CA GLY H 195 -29.99 -0.43 -43.47
C GLY H 195 -29.97 -1.64 -42.57
N MET H 196 -29.88 -1.38 -41.26
CA MET H 196 -29.75 -2.42 -40.22
C MET H 196 -31.06 -3.23 -40.15
N VAL H 197 -32.17 -2.54 -40.30
CA VAL H 197 -33.48 -3.22 -40.25
C VAL H 197 -33.57 -4.19 -41.43
N GLU H 198 -33.20 -3.70 -42.62
CA GLU H 198 -33.21 -4.50 -43.87
C GLU H 198 -32.41 -5.79 -43.62
N ARG H 199 -31.16 -5.60 -43.17
CA ARG H 199 -30.17 -6.70 -42.93
C ARG H 199 -30.63 -7.69 -41.85
N TYR H 200 -30.85 -7.14 -40.66
CA TYR H 200 -30.96 -7.93 -39.41
C TYR H 200 -32.39 -8.10 -38.91
N GLN H 201 -33.31 -7.21 -39.29
CA GLN H 201 -34.69 -7.22 -38.72
C GLN H 201 -34.69 -7.42 -37.21
N PRO H 202 -34.05 -6.51 -36.45
CA PRO H 202 -34.04 -6.65 -35.00
C PRO H 202 -35.41 -6.39 -34.37
N LYS H 203 -35.57 -6.83 -33.13
CA LYS H 203 -36.79 -6.47 -32.37
C LYS H 203 -36.69 -5.06 -31.79
N ASP H 204 -35.47 -4.56 -31.62
CA ASP H 204 -35.25 -3.23 -31.02
C ASP H 204 -33.90 -2.72 -31.50
N LEU H 205 -33.81 -1.41 -31.70
CA LEU H 205 -32.61 -0.81 -32.32
C LEU H 205 -32.62 0.67 -32.04
N PHE H 206 -31.47 1.24 -31.73
CA PHE H 206 -31.36 2.70 -31.59
C PHE H 206 -29.95 3.17 -31.95
N ALA H 207 -29.85 4.45 -32.25
CA ALA H 207 -28.55 5.14 -32.35
C ALA H 207 -28.75 6.57 -31.94
N VAL H 208 -27.76 7.08 -31.22
CA VAL H 208 -27.80 8.45 -30.70
C VAL H 208 -26.42 9.05 -30.92
N VAL H 209 -26.42 10.30 -31.30
CA VAL H 209 -25.18 11.08 -31.50
C VAL H 209 -25.24 12.22 -30.52
N MET H 210 -24.24 12.29 -29.67
CA MET H 210 -24.13 13.36 -28.64
C MET H 210 -22.84 14.13 -28.82
N ASP H 211 -22.91 15.45 -28.67
CA ASP H 211 -21.73 16.34 -28.63
C ASP H 211 -20.94 15.98 -27.38
N ALA H 212 -19.72 15.49 -27.59
CA ALA H 212 -18.85 15.03 -26.48
C ALA H 212 -18.60 16.09 -25.41
N LYS H 213 -18.59 17.36 -25.84
CA LYS H 213 -18.21 18.52 -25.01
C LYS H 213 -19.36 19.33 -24.46
N THR H 214 -20.60 19.06 -24.85
CA THR H 214 -21.77 19.78 -24.30
C THR H 214 -22.82 18.85 -23.66
N GLY H 215 -23.02 17.65 -24.20
CA GLY H 215 -24.22 16.88 -23.75
C GLY H 215 -25.46 17.15 -24.61
N GLU H 216 -25.21 17.81 -25.74
CA GLU H 216 -26.32 18.05 -26.71
C GLU H 216 -26.56 16.79 -27.54
N ILE H 217 -27.82 16.41 -27.67
CA ILE H 217 -28.21 15.30 -28.55
C ILE H 217 -28.32 15.88 -29.95
N LEU H 218 -27.41 15.47 -30.83
CA LEU H 218 -27.39 15.93 -32.24
C LEU H 218 -28.26 15.06 -33.13
N ALA H 219 -28.45 13.80 -32.77
CA ALA H 219 -29.35 12.92 -33.54
C ALA H 219 -29.76 11.77 -32.66
N TYR H 220 -30.98 11.29 -32.91
CA TYR H 220 -31.51 10.12 -32.22
C TYR H 220 -32.64 9.46 -33.04
N SER H 221 -32.54 8.17 -33.29
CA SER H 221 -33.78 7.43 -33.70
C SER H 221 -33.71 5.98 -33.32
N GLN H 222 -34.85 5.32 -33.48
CA GLN H 222 -35.05 3.94 -32.99
C GLN H 222 -35.94 3.21 -33.98
N ARG H 223 -35.79 1.89 -34.01
CA ARG H 223 -36.71 0.98 -34.72
C ARG H 223 -37.14 -0.11 -33.75
N PRO H 224 -38.43 -0.45 -33.69
CA PRO H 224 -39.45 0.09 -34.62
C PRO H 224 -40.12 1.38 -34.17
N THR H 225 -40.03 2.41 -35.01
CA THR H 225 -40.56 3.75 -34.72
C THR H 225 -41.88 3.87 -35.47
N PHE H 226 -42.39 5.09 -35.54
CA PHE H 226 -43.65 5.37 -36.27
C PHE H 226 -43.44 6.56 -37.19
N ASN H 227 -44.46 6.80 -37.99
CA ASN H 227 -44.47 7.93 -38.94
C ASN H 227 -45.42 8.99 -38.37
N PRO H 228 -44.89 10.13 -37.90
CA PRO H 228 -45.73 11.10 -37.20
C PRO H 228 -46.82 11.73 -38.06
N GLU H 229 -46.48 11.83 -39.34
CA GLU H 229 -47.34 12.47 -40.36
C GLU H 229 -48.65 11.70 -40.51
N THR H 230 -48.51 10.40 -40.72
CA THR H 230 -49.61 9.49 -41.12
C THR H 230 -50.31 8.88 -39.93
N GLY H 231 -49.56 8.68 -38.85
CA GLY H 231 -50.09 7.97 -37.69
C GLY H 231 -49.92 6.46 -37.82
N LYS H 232 -49.07 6.06 -38.77
CA LYS H 232 -48.62 4.67 -39.03
C LYS H 232 -47.81 4.21 -37.82
N ASP H 233 -48.17 3.05 -37.26
CA ASP H 233 -47.38 2.33 -36.21
C ASP H 233 -47.38 3.08 -34.88
N PHE H 234 -48.06 4.22 -34.82
CA PHE H 234 -48.10 4.99 -33.55
C PHE H 234 -48.85 4.15 -32.52
N GLY H 235 -48.20 3.92 -31.38
CA GLY H 235 -48.83 3.32 -30.20
C GLY H 235 -48.45 1.87 -29.99
N LYS H 236 -47.68 1.31 -30.92
CA LYS H 236 -47.23 -0.10 -30.78
C LYS H 236 -46.17 -0.07 -29.68
N LYS H 237 -44.97 0.31 -30.07
CA LYS H 237 -43.95 0.79 -29.12
C LYS H 237 -44.21 2.25 -28.79
N TRP H 238 -44.76 2.44 -27.60
CA TRP H 238 -44.90 3.80 -27.01
C TRP H 238 -43.57 4.35 -26.50
N ALA H 239 -42.80 3.48 -25.84
CA ALA H 239 -41.59 3.88 -25.10
C ALA H 239 -40.47 4.37 -26.01
N ASN H 240 -39.89 5.50 -25.61
CA ASN H 240 -38.69 6.05 -26.25
C ASN H 240 -37.53 5.23 -25.73
N ASP H 241 -36.73 4.67 -26.64
CA ASP H 241 -35.56 3.85 -26.23
C ASP H 241 -34.67 4.67 -25.30
N LEU H 242 -34.25 5.83 -25.81
CA LEU H 242 -33.16 6.63 -25.22
C LEU H 242 -33.42 6.97 -23.75
N TYR H 243 -34.66 7.30 -23.45
CA TYR H 243 -35.05 7.88 -22.13
C TYR H 243 -35.92 6.95 -21.28
N GLN H 244 -36.69 6.05 -21.89
CA GLN H 244 -37.76 5.35 -21.14
C GLN H 244 -37.54 3.84 -21.07
N ASN H 245 -36.82 3.27 -22.03
CA ASN H 245 -36.57 1.81 -22.10
C ASN H 245 -35.26 1.40 -21.40
N THR H 246 -35.31 0.35 -20.60
CA THR H 246 -34.11 -0.16 -19.91
C THR H 246 -33.50 -1.30 -20.70
N TYR H 247 -32.19 -1.40 -20.60
CA TYR H 247 -31.39 -2.50 -21.16
C TYR H 247 -30.39 -3.03 -20.13
N GLU H 248 -30.15 -4.35 -20.22
CA GLU H 248 -28.99 -5.00 -19.62
C GLU H 248 -27.91 -4.64 -20.62
N PRO H 249 -27.03 -3.66 -20.34
CA PRO H 249 -26.20 -3.05 -21.39
C PRO H 249 -25.12 -3.92 -22.02
N GLY H 250 -24.64 -4.86 -21.21
CA GLY H 250 -23.51 -5.73 -21.51
C GLY H 250 -22.15 -5.08 -21.37
N SER H 251 -21.24 -5.38 -22.27
CA SER H 251 -19.80 -5.10 -22.10
C SER H 251 -19.43 -3.61 -22.19
N THR H 252 -20.35 -2.82 -22.72
CA THR H 252 -20.25 -1.35 -22.78
C THR H 252 -20.04 -0.83 -21.36
N PHE H 253 -20.65 -1.57 -20.45
CA PHE H 253 -20.74 -1.23 -19.00
C PHE H 253 -19.43 -1.55 -18.29
N LYS H 254 -18.56 -2.29 -18.94
CA LYS H 254 -17.23 -2.60 -18.34
C LYS H 254 -16.38 -1.34 -18.19
N SER H 255 -16.57 -0.40 -19.12
CA SER H 255 -15.83 0.88 -19.12
C SER H 255 -15.86 1.48 -17.70
N TYR H 256 -17.00 1.36 -17.01
CA TYR H 256 -17.18 2.04 -15.68
C TYR H 256 -16.52 1.18 -14.57
N GLY H 257 -16.67 -0.13 -14.70
CA GLY H 257 -16.02 -1.13 -13.85
C GLY H 257 -14.53 -0.97 -13.85
N LEU H 258 -14.00 -0.47 -14.97
CA LEU H 258 -12.55 -0.27 -15.19
C LEU H 258 -12.13 1.00 -14.49
N ALA H 259 -12.73 2.12 -14.89
CA ALA H 259 -12.52 3.42 -14.24
C ALA H 259 -12.45 3.30 -12.72
N ALA H 260 -13.50 2.70 -12.13
CA ALA H 260 -13.51 2.46 -10.67
C ALA H 260 -12.16 1.92 -10.19
N ALA H 261 -11.79 0.75 -10.72
CA ALA H 261 -10.50 0.08 -10.45
C ALA H 261 -9.33 1.04 -10.60
N ILE H 262 -9.18 1.61 -11.79
CA ILE H 262 -8.02 2.44 -12.16
C ILE H 262 -7.82 3.43 -11.03
N GLN H 263 -8.91 4.01 -10.54
CA GLN H 263 -8.83 5.08 -9.53
C GLN H 263 -8.36 4.56 -8.15
N GLU H 264 -9.02 3.50 -7.70
CA GLU H 264 -8.68 2.77 -6.46
C GLU H 264 -7.27 2.18 -6.52
N GLY H 265 -6.64 2.20 -7.69
CA GLY H 265 -5.28 1.69 -7.90
C GLY H 265 -5.17 0.19 -7.94
N ALA H 266 -6.28 -0.47 -8.24
CA ALA H 266 -6.38 -1.95 -8.32
C ALA H 266 -6.05 -2.47 -9.72
N PHE H 267 -6.26 -1.65 -10.75
CA PHE H 267 -5.99 -2.03 -12.16
C PHE H 267 -4.62 -1.48 -12.58
N ASP H 268 -3.77 -2.39 -13.03
CA ASP H 268 -2.45 -2.09 -13.60
C ASP H 268 -2.48 -2.76 -14.96
N PRO H 269 -2.41 -2.01 -16.07
CA PRO H 269 -2.49 -2.61 -17.41
C PRO H 269 -1.55 -3.78 -17.71
N ASP H 270 -0.35 -3.75 -17.13
CA ASP H 270 0.70 -4.78 -17.33
C ASP H 270 0.62 -5.95 -16.35
N LYS H 271 -0.15 -5.81 -15.27
CA LYS H 271 -0.28 -6.88 -14.27
C LYS H 271 -1.08 -8.02 -14.90
N LYS H 272 -0.57 -9.25 -14.73
CA LYS H 272 -1.20 -10.49 -15.26
C LYS H 272 -2.24 -11.00 -14.26
N TYR H 273 -3.37 -11.48 -14.78
CA TYR H 273 -4.52 -12.00 -14.01
C TYR H 273 -4.90 -13.33 -14.64
N LYS H 274 -5.57 -14.17 -13.84
CA LYS H 274 -6.02 -15.51 -14.30
C LYS H 274 -7.37 -15.41 -15.02
N SER H 275 -7.37 -15.64 -16.33
CA SER H 275 -8.61 -15.71 -17.14
C SER H 275 -9.10 -17.15 -17.22
N GLY H 276 -10.32 -17.32 -17.71
CA GLY H 276 -10.91 -18.67 -17.88
C GLY H 276 -12.29 -18.72 -17.32
N HIS H 277 -12.41 -19.17 -16.09
CA HIS H 277 -13.70 -19.28 -15.37
C HIS H 277 -13.59 -18.55 -14.04
N ARG H 278 -14.67 -18.60 -13.26
CA ARG H 278 -14.77 -18.05 -11.89
C ARG H 278 -16.02 -18.66 -11.26
N ASP H 279 -15.87 -19.51 -10.25
CA ASP H 279 -17.04 -20.25 -9.68
C ASP H 279 -17.69 -19.35 -8.64
N ILE H 280 -18.96 -19.03 -8.87
CA ILE H 280 -19.69 -18.05 -8.04
C ILE H 280 -21.14 -18.49 -7.82
N MET H 281 -21.49 -18.58 -6.54
CA MET H 281 -22.77 -19.11 -6.03
C MET H 281 -23.16 -20.36 -6.84
N GLY H 282 -22.22 -21.30 -6.97
CA GLY H 282 -22.42 -22.61 -7.63
C GLY H 282 -22.74 -22.50 -9.10
N SER H 283 -22.26 -21.44 -9.77
CA SER H 283 -22.38 -21.29 -11.25
C SER H 283 -21.03 -20.97 -11.90
N ARG H 284 -20.65 -21.69 -12.95
CA ARG H 284 -19.33 -21.46 -13.59
C ARG H 284 -19.47 -20.28 -14.53
N ILE H 285 -19.07 -19.08 -14.07
CA ILE H 285 -19.19 -17.86 -14.90
C ILE H 285 -17.84 -17.62 -15.55
N SER H 286 -17.84 -17.63 -16.88
CA SER H 286 -16.58 -17.63 -17.65
C SER H 286 -16.60 -16.53 -18.68
N ASP H 287 -15.51 -16.45 -19.45
CA ASP H 287 -15.37 -15.42 -20.50
C ASP H 287 -16.23 -15.80 -21.71
N TRP H 288 -16.22 -14.96 -22.73
CA TRP H 288 -17.05 -15.19 -23.94
C TRP H 288 -16.51 -16.38 -24.75
N ASN H 289 -15.21 -16.64 -24.69
CA ASN H 289 -14.63 -17.81 -25.40
C ASN H 289 -14.84 -19.07 -24.56
N ARG H 290 -15.31 -18.94 -23.32
CA ARG H 290 -15.63 -20.06 -22.40
C ARG H 290 -14.38 -20.78 -21.91
N VAL H 291 -13.25 -20.62 -22.59
CA VAL H 291 -12.01 -21.33 -22.20
C VAL H 291 -11.08 -20.32 -21.55
N GLY H 292 -10.97 -19.11 -22.08
CA GLY H 292 -10.07 -18.08 -21.54
C GLY H 292 -8.80 -18.02 -22.35
N TRP H 293 -7.86 -17.20 -21.88
CA TRP H 293 -6.55 -17.03 -22.53
C TRP H 293 -5.44 -17.24 -21.48
N GLY H 294 -5.77 -17.95 -20.41
CA GLY H 294 -4.81 -18.30 -19.34
C GLY H 294 -4.37 -17.08 -18.58
N GLU H 295 -3.10 -17.00 -18.21
CA GLU H 295 -2.54 -15.81 -17.52
C GLU H 295 -2.19 -14.76 -18.55
N ILE H 296 -2.85 -13.60 -18.47
CA ILE H 296 -2.63 -12.51 -19.45
C ILE H 296 -2.63 -11.17 -18.74
N PRO H 297 -1.98 -10.12 -19.30
CA PRO H 297 -2.10 -8.75 -18.80
C PRO H 297 -3.53 -8.23 -18.80
N MET H 298 -3.90 -7.40 -17.81
CA MET H 298 -5.27 -6.85 -17.73
C MET H 298 -5.59 -6.04 -18.98
N SER H 299 -4.62 -5.22 -19.42
CA SER H 299 -4.80 -4.42 -20.63
C SER H 299 -5.40 -5.29 -21.72
N LEU H 300 -4.84 -6.45 -21.95
CA LEU H 300 -5.35 -7.40 -22.97
C LEU H 300 -6.78 -7.80 -22.64
N GLY H 301 -7.03 -8.35 -21.46
CA GLY H 301 -8.35 -8.82 -21.05
C GLY H 301 -9.41 -7.84 -21.48
N PHE H 302 -9.16 -6.57 -21.23
CA PHE H 302 -10.12 -5.50 -21.50
C PHE H 302 -10.26 -5.32 -23.01
N THR H 303 -9.15 -5.34 -23.73
CA THR H 303 -9.17 -5.25 -25.22
C THR H 303 -10.10 -6.36 -25.76
N TYR H 304 -9.90 -7.56 -25.22
CA TYR H 304 -10.67 -8.75 -25.63
C TYR H 304 -12.11 -8.67 -25.13
N SER H 305 -12.31 -8.00 -23.99
CA SER H 305 -13.59 -7.95 -23.26
C SER H 305 -13.70 -9.16 -22.36
N SER H 306 -12.74 -9.36 -21.48
CA SER H 306 -12.79 -10.48 -20.49
C SER H 306 -13.84 -10.26 -19.39
N ASN H 307 -14.78 -11.20 -19.28
CA ASN H 307 -15.78 -11.14 -18.20
C ASN H 307 -15.13 -11.44 -16.85
N THR H 308 -14.11 -12.27 -16.83
CA THR H 308 -13.37 -12.60 -15.59
C THR H 308 -12.65 -11.36 -15.04
N LEU H 309 -12.08 -10.55 -15.92
CA LEU H 309 -11.34 -9.35 -15.49
C LEU H 309 -12.15 -8.49 -14.50
N MET H 310 -13.34 -8.13 -14.92
CA MET H 310 -14.28 -7.25 -14.18
C MET H 310 -14.60 -7.85 -12.84
N MET H 311 -14.73 -9.16 -12.81
CA MET H 311 -15.05 -9.94 -11.58
C MET H 311 -13.86 -9.93 -10.61
N HIS H 312 -12.68 -10.20 -11.12
CA HIS H 312 -11.42 -10.01 -10.39
C HIS H 312 -11.43 -8.60 -9.75
N LEU H 313 -11.52 -7.62 -10.63
CA LEU H 313 -11.32 -6.20 -10.23
C LEU H 313 -12.33 -5.88 -9.14
N GLN H 314 -13.54 -6.42 -9.25
CA GLN H 314 -14.59 -6.13 -8.23
C GLN H 314 -14.10 -6.58 -6.88
N ASP H 315 -13.52 -7.79 -6.83
CA ASP H 315 -13.00 -8.40 -5.60
C ASP H 315 -11.92 -7.54 -5.00
N LEU H 316 -10.98 -7.07 -5.83
CA LEU H 316 -9.86 -6.23 -5.34
C LEU H 316 -10.39 -4.92 -4.75
N VAL H 317 -11.32 -4.27 -5.45
CA VAL H 317 -11.88 -2.97 -4.99
C VAL H 317 -12.73 -3.21 -3.73
N GLY H 318 -13.72 -4.10 -3.82
CA GLY H 318 -14.67 -4.35 -2.73
C GLY H 318 -16.09 -4.14 -3.18
N ALA H 319 -16.98 -5.01 -2.73
CA ALA H 319 -18.42 -4.97 -3.06
C ALA H 319 -18.96 -3.57 -2.77
N ASP H 320 -18.92 -3.17 -1.51
CA ASP H 320 -19.64 -1.94 -1.08
C ASP H 320 -19.15 -0.77 -1.92
N LYS H 321 -17.86 -0.77 -2.22
CA LYS H 321 -17.23 0.40 -2.87
C LYS H 321 -17.65 0.43 -4.34
N MET H 322 -17.74 -0.75 -4.96
CA MET H 322 -18.09 -0.81 -6.41
C MET H 322 -19.54 -0.37 -6.56
N LYS H 323 -20.42 -0.72 -5.61
CA LYS H 323 -21.82 -0.30 -5.73
C LYS H 323 -21.89 1.23 -5.80
N SER H 324 -21.16 1.87 -4.90
CA SER H 324 -21.08 3.34 -4.79
C SER H 324 -20.46 3.91 -6.05
N TRP H 325 -19.49 3.19 -6.61
CA TRP H 325 -18.89 3.65 -7.88
C TRP H 325 -19.94 3.74 -8.99
N TYR H 326 -20.74 2.69 -9.14
CA TYR H 326 -21.77 2.68 -10.20
C TYR H 326 -22.83 3.75 -9.94
N GLU H 327 -23.11 4.01 -8.67
CA GLU H 327 -24.05 5.08 -8.28
C GLU H 327 -23.48 6.45 -8.66
N ARG H 328 -22.19 6.65 -8.41
CA ARG H 328 -21.57 7.96 -8.73
C ARG H 328 -21.44 8.16 -10.22
N PHE H 329 -21.52 7.07 -11.00
CA PHE H 329 -21.58 7.16 -12.49
C PHE H 329 -23.02 7.36 -12.99
N GLY H 330 -23.97 7.61 -12.09
CA GLY H 330 -25.30 8.12 -12.45
C GLY H 330 -26.32 7.05 -12.74
N PHE H 331 -25.95 5.81 -12.50
CA PHE H 331 -26.79 4.63 -12.77
C PHE H 331 -27.75 4.35 -11.63
N GLY H 332 -28.90 3.79 -11.99
CA GLY H 332 -29.96 3.55 -11.01
C GLY H 332 -30.73 4.81 -10.68
N LYS H 333 -30.38 5.94 -11.30
CA LYS H 333 -31.06 7.21 -11.05
C LYS H 333 -31.35 7.88 -12.39
N SER H 334 -32.46 8.61 -12.39
CA SER H 334 -32.83 9.47 -13.53
C SER H 334 -31.73 10.49 -13.83
N THR H 335 -31.53 10.81 -15.11
CA THR H 335 -30.52 11.80 -15.53
C THR H 335 -31.08 13.20 -15.42
N LYS H 336 -32.32 13.33 -14.97
CA LYS H 336 -33.07 14.59 -14.82
C LYS H 336 -33.11 15.33 -16.15
N GLY H 337 -33.19 14.55 -17.23
CA GLY H 337 -33.39 15.05 -18.58
C GLY H 337 -34.79 15.58 -18.73
N MET H 338 -35.03 16.25 -19.84
CA MET H 338 -36.27 17.03 -20.08
C MET H 338 -37.43 16.16 -20.54
N PHE H 339 -37.32 14.84 -20.48
CA PHE H 339 -38.28 13.95 -21.12
C PHE H 339 -39.20 13.45 -20.02
N ASP H 340 -40.39 13.06 -20.44
CA ASP H 340 -41.44 12.50 -19.54
C ASP H 340 -41.05 11.12 -19.02
N GLY H 341 -41.41 10.83 -17.77
CA GLY H 341 -41.26 9.51 -17.17
C GLY H 341 -39.98 8.79 -17.52
N GLU H 342 -38.86 9.53 -17.47
CA GLU H 342 -37.54 8.93 -17.71
C GLU H 342 -37.28 7.79 -16.74
N ALA H 343 -36.87 6.65 -17.30
CA ALA H 343 -36.67 5.43 -16.50
C ALA H 343 -35.39 5.49 -15.68
N PRO H 344 -35.45 5.04 -14.41
CA PRO H 344 -34.29 5.11 -13.54
C PRO H 344 -33.31 3.94 -13.69
N GLY H 345 -33.82 2.82 -14.21
CA GLY H 345 -33.15 1.52 -14.21
C GLY H 345 -32.84 1.07 -12.80
N GLN H 346 -31.91 0.14 -12.64
CA GLN H 346 -31.54 -0.33 -11.28
C GLN H 346 -30.26 -1.14 -11.28
N ILE H 347 -29.45 -0.89 -10.26
CA ILE H 347 -28.16 -1.57 -10.07
C ILE H 347 -28.49 -2.90 -9.41
N GLY H 348 -28.15 -4.00 -10.11
CA GLY H 348 -28.37 -5.38 -9.62
C GLY H 348 -27.31 -5.73 -8.62
N TRP H 349 -27.66 -5.70 -7.34
CA TRP H 349 -26.66 -5.88 -6.26
C TRP H 349 -27.26 -6.66 -5.07
N SER H 350 -28.29 -7.49 -5.30
CA SER H 350 -29.02 -8.21 -4.21
C SER H 350 -28.20 -9.36 -3.61
N ASN H 351 -27.36 -9.97 -4.42
CA ASN H 351 -26.47 -11.07 -3.99
C ASN H 351 -25.19 -11.04 -4.82
N GLU H 352 -24.24 -11.89 -4.48
CA GLU H 352 -22.92 -11.94 -5.14
C GLU H 352 -23.07 -12.16 -6.65
N LEU H 353 -24.01 -13.02 -7.03
CA LEU H 353 -24.22 -13.35 -8.45
C LEU H 353 -24.52 -12.04 -9.19
N GLN H 354 -25.54 -11.33 -8.74
CA GLN H 354 -26.01 -10.09 -9.42
C GLN H 354 -24.84 -9.12 -9.47
N GLN H 355 -24.13 -9.01 -8.37
CA GLN H 355 -23.02 -8.04 -8.25
C GLN H 355 -21.96 -8.36 -9.30
N LYS H 356 -21.53 -9.60 -9.31
CA LYS H 356 -20.49 -10.04 -10.29
C LYS H 356 -20.99 -9.79 -11.72
N THR H 357 -22.13 -10.39 -12.04
CA THR H 357 -22.69 -10.30 -13.42
C THR H 357 -22.84 -8.82 -13.80
N SER H 358 -23.13 -7.97 -12.81
CA SER H 358 -23.27 -6.51 -13.08
C SER H 358 -21.97 -6.00 -13.67
N SER H 359 -20.77 -6.34 -13.19
CA SER H 359 -19.56 -5.61 -13.63
C SER H 359 -19.33 -5.74 -15.13
N PHE H 360 -20.01 -6.69 -15.79
CA PHE H 360 -19.89 -6.86 -17.25
C PHE H 360 -21.26 -6.68 -17.93
N GLY H 361 -22.19 -6.13 -17.18
CA GLY H 361 -23.41 -5.46 -17.71
C GLY H 361 -24.67 -6.30 -17.75
N GLN H 362 -24.80 -7.27 -16.85
CA GLN H 362 -26.01 -8.07 -16.70
C GLN H 362 -26.58 -7.80 -15.31
N SER H 363 -27.86 -8.13 -15.15
CA SER H 363 -28.69 -7.85 -13.94
C SER H 363 -29.04 -6.39 -13.86
N THR H 364 -28.00 -5.57 -13.86
CA THR H 364 -28.12 -4.09 -13.84
C THR H 364 -28.80 -3.59 -15.12
N THR H 365 -29.76 -2.69 -14.96
CA THR H 365 -30.48 -2.09 -16.09
C THR H 365 -30.16 -0.61 -16.17
N VAL H 366 -30.05 -0.13 -17.38
CA VAL H 366 -29.73 1.29 -17.67
C VAL H 366 -30.60 1.84 -18.80
N THR H 367 -30.81 3.15 -18.75
CA THR H 367 -31.21 3.93 -19.93
C THR H 367 -29.98 4.19 -20.79
N PRO H 368 -30.14 4.16 -22.13
CA PRO H 368 -29.07 4.57 -23.02
C PRO H 368 -28.43 5.91 -22.62
N VAL H 369 -29.28 6.77 -22.07
CA VAL H 369 -28.88 8.14 -21.66
C VAL H 369 -27.92 8.08 -20.47
N GLN H 370 -28.26 7.33 -19.41
CA GLN H 370 -27.37 7.08 -18.27
C GLN H 370 -25.98 6.78 -18.78
N MET H 371 -25.95 6.03 -19.89
CA MET H 371 -24.67 5.54 -20.47
C MET H 371 -23.93 6.70 -21.14
N LEU H 372 -24.64 7.53 -21.91
CA LEU H 372 -23.99 8.74 -22.48
C LEU H 372 -23.42 9.59 -21.36
N GLN H 373 -24.21 9.73 -20.30
CA GLN H 373 -23.85 10.60 -19.18
C GLN H 373 -22.52 10.08 -18.65
N ALA H 374 -22.51 8.83 -18.24
CA ALA H 374 -21.28 8.10 -17.80
C ALA H 374 -20.13 8.43 -18.73
N GLN H 375 -20.22 7.94 -19.96
CA GLN H 375 -19.11 7.96 -20.94
C GLN H 375 -18.52 9.35 -21.09
N SER H 376 -19.34 10.38 -20.98
CA SER H 376 -18.85 11.76 -21.20
C SER H 376 -17.69 12.12 -20.29
N ALA H 377 -17.72 11.59 -19.07
CA ALA H 377 -16.64 11.72 -18.07
C ALA H 377 -15.23 11.62 -18.66
N PHE H 378 -15.05 10.70 -19.59
CA PHE H 378 -13.70 10.27 -20.03
C PHE H 378 -13.02 11.33 -20.89
N PHE H 379 -13.84 12.20 -21.47
CA PHE H 379 -13.39 13.21 -22.47
C PHE H 379 -13.50 14.64 -21.97
N ASN H 380 -14.00 14.79 -20.75
CA ASN H 380 -14.22 16.05 -20.00
C ASN H 380 -13.74 15.87 -18.56
N ASP H 381 -12.56 15.24 -18.39
CA ASP H 381 -11.64 15.41 -17.22
C ASP H 381 -12.35 14.96 -15.94
N GLY H 382 -13.16 13.94 -16.14
CA GLY H 382 -13.93 13.18 -15.14
C GLY H 382 -15.29 13.72 -14.84
N ASN H 383 -15.71 14.81 -15.49
CA ASN H 383 -17.04 15.40 -15.29
C ASN H 383 -18.07 14.77 -16.22
N MET H 384 -19.10 14.13 -15.66
CA MET H 384 -20.26 13.70 -16.46
C MET H 384 -21.13 14.89 -16.78
N LEU H 385 -21.52 14.93 -18.05
CA LEU H 385 -22.38 15.99 -18.60
C LEU H 385 -23.81 15.49 -18.64
N LYS H 386 -24.72 16.36 -18.19
CA LYS H 386 -26.17 16.09 -18.22
C LYS H 386 -26.56 16.16 -19.67
N PRO H 387 -27.07 15.03 -20.22
CA PRO H 387 -27.54 15.06 -21.59
C PRO H 387 -28.93 15.68 -21.73
N TRP H 388 -29.01 16.62 -22.68
CA TRP H 388 -30.21 17.46 -22.94
C TRP H 388 -30.38 17.64 -24.43
N PHE H 389 -31.64 17.81 -24.81
CA PHE H 389 -32.07 17.84 -26.22
C PHE H 389 -32.92 19.05 -26.55
N VAL H 390 -33.32 19.79 -25.51
CA VAL H 390 -34.18 20.98 -25.65
C VAL H 390 -33.26 22.18 -25.52
N ASN H 391 -33.16 22.95 -26.61
CA ASN H 391 -32.29 24.14 -26.66
C ASN H 391 -33.04 25.33 -26.05
N SER H 392 -34.31 25.54 -26.41
CA SER H 392 -35.16 26.64 -25.87
C SER H 392 -36.63 26.50 -26.26
N VAL H 393 -37.51 27.00 -25.39
CA VAL H 393 -38.98 27.17 -25.55
C VAL H 393 -39.18 28.65 -25.44
N GLU H 394 -39.52 29.28 -26.55
CA GLU H 394 -39.76 30.74 -26.55
C GLU H 394 -40.87 31.16 -27.51
N ASN H 395 -41.76 32.05 -27.06
CA ASN H 395 -42.76 32.66 -27.94
C ASN H 395 -42.05 33.56 -28.95
N PRO H 396 -42.25 33.34 -30.26
CA PRO H 396 -41.47 34.06 -31.25
C PRO H 396 -41.91 35.51 -31.49
N VAL H 397 -43.09 35.84 -30.99
CA VAL H 397 -43.57 37.25 -30.94
C VAL H 397 -42.74 38.03 -29.93
N SER H 398 -42.83 37.64 -28.66
CA SER H 398 -42.19 38.39 -27.55
C SER H 398 -40.69 38.11 -27.45
N LYS H 399 -40.25 36.99 -28.00
CA LYS H 399 -38.88 36.45 -27.92
C LYS H 399 -38.57 35.94 -26.52
N ARG H 400 -39.58 35.78 -25.69
CA ARG H 400 -39.35 35.50 -24.26
C ARG H 400 -38.98 34.03 -24.08
N GLN H 401 -37.83 33.74 -23.46
CA GLN H 401 -37.38 32.34 -23.30
C GLN H 401 -37.90 31.77 -22.00
N PHE H 402 -38.90 30.89 -22.12
CA PHE H 402 -39.48 30.19 -20.97
C PHE H 402 -38.55 29.10 -20.43
N TYR H 403 -37.78 28.46 -21.32
CA TYR H 403 -36.63 27.63 -20.88
C TYR H 403 -35.52 27.77 -21.91
N LYS H 404 -34.31 27.75 -21.39
CA LYS H 404 -33.11 27.70 -22.24
C LYS H 404 -32.18 26.65 -21.67
N GLY H 405 -31.88 25.65 -22.49
CA GLY H 405 -31.00 24.56 -22.07
C GLY H 405 -29.55 24.97 -22.09
N GLN H 406 -28.76 24.34 -21.23
CA GLN H 406 -27.31 24.57 -21.19
C GLN H 406 -26.61 23.34 -20.64
N LYS H 407 -25.32 23.29 -20.92
CA LYS H 407 -24.47 22.19 -20.43
C LYS H 407 -24.27 22.30 -18.91
N GLN H 408 -24.57 21.20 -18.23
CA GLN H 408 -24.55 21.08 -16.77
C GLN H 408 -23.69 19.86 -16.46
N ILE H 409 -23.12 19.90 -15.28
CA ILE H 409 -22.22 18.84 -14.77
C ILE H 409 -23.01 18.07 -13.72
N ALA H 410 -23.37 16.82 -14.09
CA ALA H 410 -24.20 15.92 -13.25
C ALA H 410 -23.32 15.16 -12.27
N GLY H 411 -22.02 15.34 -12.35
CA GLY H 411 -21.13 14.86 -11.29
C GLY H 411 -19.74 14.64 -11.81
N LYS H 412 -18.74 14.73 -10.94
CA LYS H 412 -17.36 14.31 -11.25
C LYS H 412 -17.02 13.11 -10.39
N PRO H 413 -17.32 11.88 -10.86
CA PRO H 413 -17.01 10.69 -10.09
C PRO H 413 -15.54 10.27 -10.08
N ILE H 414 -14.79 10.78 -11.06
CA ILE H 414 -13.42 10.29 -11.37
C ILE H 414 -12.52 11.46 -11.63
N THR H 415 -11.22 11.17 -11.64
CA THR H 415 -10.16 12.18 -11.70
C THR H 415 -9.80 12.41 -13.15
N LYS H 416 -8.95 13.41 -13.40
CA LYS H 416 -8.44 13.65 -14.77
C LYS H 416 -7.53 12.48 -15.18
N ASP H 417 -6.63 12.12 -14.26
CA ASP H 417 -5.64 11.02 -14.48
C ASP H 417 -6.37 9.74 -14.86
N THR H 418 -7.32 9.33 -14.04
CA THR H 418 -8.14 8.14 -14.31
C THR H 418 -8.75 8.18 -15.71
N ALA H 419 -9.36 9.31 -16.08
CA ALA H 419 -10.02 9.43 -17.40
C ALA H 419 -9.05 9.20 -18.55
N GLU H 420 -7.85 9.74 -18.47
CA GLU H 420 -6.85 9.57 -19.55
C GLU H 420 -6.46 8.11 -19.67
N LYS H 421 -6.36 7.43 -18.55
CA LYS H 421 -5.99 6.00 -18.53
C LYS H 421 -7.11 5.14 -19.10
N VAL H 422 -8.34 5.52 -18.80
CA VAL H 422 -9.52 4.80 -19.38
C VAL H 422 -9.50 5.01 -20.89
N GLU H 423 -9.29 6.24 -21.33
CA GLU H 423 -9.28 6.53 -22.79
C GLU H 423 -8.22 5.67 -23.50
N LYS H 424 -7.06 5.50 -22.87
CA LYS H 424 -5.96 4.71 -23.47
C LYS H 424 -6.43 3.28 -23.74
N GLN H 425 -7.21 2.71 -22.84
CA GLN H 425 -7.73 1.33 -23.00
C GLN H 425 -8.80 1.30 -24.08
N LEU H 426 -9.68 2.30 -24.12
CA LEU H 426 -10.75 2.39 -25.15
C LEU H 426 -10.13 2.48 -26.55
N ASP H 427 -9.02 3.20 -26.64
CA ASP H 427 -8.24 3.31 -27.91
C ASP H 427 -7.80 1.92 -28.30
N LEU H 428 -7.18 1.21 -27.35
CA LEU H 428 -6.71 -0.18 -27.59
C LEU H 428 -7.86 -1.09 -28.05
N VAL H 429 -8.95 -1.10 -27.32
CA VAL H 429 -10.08 -2.04 -27.63
C VAL H 429 -10.29 -2.12 -29.14
N VAL H 430 -10.18 -0.99 -29.81
CA VAL H 430 -10.38 -0.92 -31.28
C VAL H 430 -9.08 -1.04 -32.04
N ASN H 431 -8.10 -0.23 -31.67
CA ASN H 431 -6.82 -0.07 -32.42
C ASN H 431 -5.60 -0.77 -31.80
N SER H 432 -5.85 -1.92 -31.18
CA SER H 432 -4.82 -2.88 -30.72
C SER H 432 -4.58 -3.94 -31.79
N LYS H 433 -3.43 -4.59 -31.71
CA LYS H 433 -3.00 -5.56 -32.76
C LYS H 433 -3.88 -6.80 -32.65
N LYS H 434 -4.27 -7.11 -31.44
CA LYS H 434 -5.11 -8.29 -31.11
C LYS H 434 -6.57 -7.89 -30.90
N SER H 435 -6.97 -6.71 -31.36
CA SER H 435 -8.35 -6.20 -31.09
C SER H 435 -9.42 -7.16 -31.55
N HIS H 436 -10.48 -7.32 -30.73
CA HIS H 436 -11.68 -8.08 -31.12
C HIS H 436 -12.78 -7.09 -31.50
N ALA H 437 -12.35 -5.96 -32.05
CA ALA H 437 -13.26 -4.87 -32.43
C ALA H 437 -12.75 -4.14 -33.65
N ALA H 438 -12.00 -4.82 -34.52
CA ALA H 438 -11.37 -4.18 -35.70
C ALA H 438 -12.42 -3.77 -36.74
N ASN H 439 -13.56 -4.41 -36.71
CA ASN H 439 -14.66 -4.14 -37.66
C ASN H 439 -15.20 -2.72 -37.47
N TYR H 440 -14.95 -2.10 -36.31
CA TYR H 440 -15.47 -0.76 -36.02
C TYR H 440 -14.52 0.34 -36.53
N ARG H 441 -13.38 -0.06 -37.09
CA ARG H 441 -12.39 0.90 -37.60
C ARG H 441 -12.91 1.59 -38.85
N ILE H 442 -12.54 2.86 -38.93
CA ILE H 442 -12.84 3.76 -40.08
C ILE H 442 -11.57 4.31 -40.68
N ASP H 443 -11.61 4.40 -42.01
CA ASP H 443 -10.59 4.97 -42.89
C ASP H 443 -10.51 6.47 -42.70
N GLY H 444 -9.30 6.94 -42.45
CA GLY H 444 -8.94 8.37 -42.34
C GLY H 444 -9.11 8.96 -40.94
N TYR H 445 -9.91 8.27 -40.11
CA TYR H 445 -10.37 8.75 -38.78
C TYR H 445 -10.02 7.74 -37.67
N GLU H 446 -9.60 8.28 -36.53
CA GLU H 446 -9.13 7.53 -35.34
C GLU H 446 -10.33 7.31 -34.42
N VAL H 447 -10.69 6.06 -34.18
CA VAL H 447 -11.94 5.67 -33.48
C VAL H 447 -11.54 5.01 -32.17
N GLU H 448 -12.44 5.01 -31.21
CA GLU H 448 -12.23 4.24 -29.97
C GLU H 448 -13.59 3.99 -29.36
N GLY H 449 -13.65 3.03 -28.45
CA GLY H 449 -14.94 2.69 -27.84
C GLY H 449 -14.96 1.29 -27.30
N LYS H 450 -16.14 0.76 -27.06
CA LYS H 450 -16.27 -0.53 -26.35
C LYS H 450 -17.33 -1.41 -27.00
N THR H 451 -16.99 -2.65 -27.31
CA THR H 451 -17.97 -3.66 -27.77
C THR H 451 -18.97 -3.95 -26.66
N GLY H 452 -20.18 -4.35 -26.99
CA GLY H 452 -21.23 -4.45 -25.96
C GLY H 452 -22.18 -5.58 -26.22
N THR H 453 -21.73 -6.82 -26.13
CA THR H 453 -22.58 -8.01 -26.37
C THR H 453 -23.22 -8.45 -25.05
N ALA H 454 -24.56 -8.50 -25.03
CA ALA H 454 -25.31 -8.88 -23.80
C ALA H 454 -26.43 -9.87 -24.05
N GLN H 455 -26.81 -10.62 -23.02
CA GLN H 455 -28.02 -11.44 -23.08
C GLN H 455 -29.21 -10.58 -22.64
N VAL H 456 -30.32 -10.80 -23.30
CA VAL H 456 -31.57 -10.03 -23.08
C VAL H 456 -32.50 -10.90 -22.25
N ALA H 457 -33.27 -10.25 -21.37
CA ALA H 457 -34.21 -10.94 -20.47
C ALA H 457 -35.52 -11.21 -21.19
N ALA H 458 -36.24 -12.27 -20.78
CA ALA H 458 -37.54 -12.62 -21.37
C ALA H 458 -38.52 -11.50 -21.06
N PRO H 459 -39.22 -10.94 -22.09
CA PRO H 459 -40.13 -9.80 -21.90
C PRO H 459 -40.89 -9.82 -20.58
N ASN H 460 -41.74 -10.83 -20.39
CA ASN H 460 -42.56 -10.95 -19.16
C ASN H 460 -42.01 -12.10 -18.31
N GLY H 461 -42.61 -13.30 -18.42
CA GLY H 461 -42.19 -14.48 -17.64
C GLY H 461 -40.92 -15.08 -18.20
N GLY H 462 -40.14 -15.79 -17.37
CA GLY H 462 -38.90 -16.48 -17.81
C GLY H 462 -37.65 -15.69 -17.48
N GLY H 463 -36.48 -16.35 -17.62
CA GLY H 463 -35.15 -15.77 -17.34
C GLY H 463 -34.59 -14.95 -18.49
N TYR H 464 -33.78 -15.58 -19.32
CA TYR H 464 -33.16 -14.88 -20.47
C TYR H 464 -33.66 -15.48 -21.78
N VAL H 465 -33.71 -14.68 -22.83
CA VAL H 465 -34.08 -15.17 -24.17
C VAL H 465 -33.00 -16.12 -24.67
N LYS H 466 -33.45 -17.25 -25.20
CA LYS H 466 -32.62 -18.31 -25.80
C LYS H 466 -32.82 -18.30 -27.30
N GLY H 467 -31.96 -19.02 -28.00
CA GLY H 467 -31.95 -19.05 -29.48
C GLY H 467 -30.53 -19.18 -30.01
N PRO H 468 -30.29 -18.94 -31.31
CA PRO H 468 -28.96 -19.06 -31.89
C PRO H 468 -27.99 -18.03 -31.34
N ASN H 469 -28.35 -16.76 -31.52
CA ASN H 469 -27.61 -15.58 -30.99
C ASN H 469 -28.59 -14.59 -30.38
N PRO H 470 -29.12 -14.87 -29.17
CA PRO H 470 -30.08 -13.98 -28.54
C PRO H 470 -29.39 -12.87 -27.77
N TYR H 471 -28.67 -12.04 -28.49
CA TYR H 471 -27.83 -10.98 -27.91
C TYR H 471 -28.25 -9.55 -28.30
N PHE H 472 -28.03 -8.64 -27.35
CA PHE H 472 -28.19 -7.20 -27.55
C PHE H 472 -26.75 -6.73 -27.72
N VAL H 473 -26.43 -6.36 -28.94
CA VAL H 473 -25.07 -5.88 -29.32
C VAL H 473 -25.08 -4.38 -29.32
N SER H 474 -23.99 -3.78 -28.90
CA SER H 474 -23.87 -2.31 -28.81
C SER H 474 -22.42 -1.86 -29.01
N PHE H 475 -22.27 -0.58 -29.29
CA PHE H 475 -20.94 0.05 -29.32
C PHE H 475 -21.03 1.48 -28.84
N MET H 476 -20.20 1.83 -27.87
CA MET H 476 -20.14 3.19 -27.30
C MET H 476 -18.88 3.87 -27.78
N GLY H 477 -18.96 4.45 -28.98
CA GLY H 477 -17.78 4.99 -29.65
C GLY H 477 -17.64 6.48 -29.58
N ASP H 478 -16.43 6.95 -29.85
CA ASP H 478 -16.14 8.39 -29.82
C ASP H 478 -14.98 8.63 -30.75
N ALA H 479 -14.89 9.87 -31.25
CA ALA H 479 -13.92 10.24 -32.28
C ALA H 479 -14.00 11.74 -32.52
N PRO H 480 -12.89 12.39 -32.95
CA PRO H 480 -11.56 11.77 -33.08
C PRO H 480 -11.03 11.32 -31.72
N LYS H 481 -10.22 10.27 -31.76
CA LYS H 481 -9.63 9.66 -30.54
C LYS H 481 -8.95 10.70 -29.66
N LYS H 482 -9.04 10.51 -28.34
CA LYS H 482 -8.49 11.39 -27.30
C LYS H 482 -9.33 12.67 -27.12
N ASN H 483 -9.38 13.50 -28.16
CA ASN H 483 -10.15 14.78 -28.15
C ASN H 483 -11.34 14.76 -29.08
N PRO H 484 -12.37 13.97 -28.72
CA PRO H 484 -13.52 13.77 -29.59
C PRO H 484 -14.47 14.94 -29.80
N LYS H 485 -15.19 14.84 -30.89
CA LYS H 485 -16.23 15.80 -31.27
C LYS H 485 -17.55 15.23 -30.80
N VAL H 486 -17.72 13.93 -30.98
CA VAL H 486 -19.02 13.26 -30.72
C VAL H 486 -18.82 11.90 -30.08
N ILE H 487 -19.87 11.49 -29.41
CA ILE H 487 -20.06 10.13 -28.91
C ILE H 487 -21.21 9.57 -29.74
N VAL H 488 -21.03 8.39 -30.28
CA VAL H 488 -22.11 7.67 -30.99
C VAL H 488 -22.35 6.39 -30.23
N TYR H 489 -23.58 6.18 -29.78
CA TYR H 489 -24.02 4.94 -29.11
C TYR H 489 -25.09 4.26 -29.95
N ALA H 490 -24.76 3.09 -30.50
CA ALA H 490 -25.77 2.28 -31.24
C ALA H 490 -26.01 1.02 -30.41
N GLY H 491 -27.24 0.54 -30.43
CA GLY H 491 -27.60 -0.73 -29.79
C GLY H 491 -28.63 -1.45 -30.60
N MET H 492 -28.52 -2.78 -30.67
CA MET H 492 -29.43 -3.68 -31.41
C MET H 492 -29.77 -4.84 -30.52
N SER H 493 -31.05 -5.15 -30.46
CA SER H 493 -31.56 -6.26 -29.63
C SER H 493 -32.27 -7.31 -30.49
N LEU H 494 -31.74 -8.52 -30.40
CA LEU H 494 -32.34 -9.73 -31.04
C LEU H 494 -32.57 -9.58 -32.55
N ALA H 495 -31.48 -9.64 -33.30
CA ALA H 495 -31.54 -9.72 -34.76
C ALA H 495 -32.30 -11.00 -35.13
N GLN H 496 -33.26 -10.87 -36.03
CA GLN H 496 -34.14 -12.00 -36.43
C GLN H 496 -33.64 -12.64 -37.72
N LYS H 497 -32.71 -11.97 -38.36
CA LYS H 497 -32.13 -12.41 -39.63
C LYS H 497 -30.64 -12.17 -39.52
N ASN H 498 -29.84 -13.05 -40.14
CA ASN H 498 -28.35 -12.98 -40.07
C ASN H 498 -27.86 -12.81 -38.63
N ASP H 499 -28.48 -13.53 -37.72
CA ASP H 499 -28.15 -13.39 -36.28
C ASP H 499 -26.68 -13.69 -36.04
N GLN H 500 -26.12 -14.58 -36.84
CA GLN H 500 -24.67 -14.89 -36.74
C GLN H 500 -23.80 -13.68 -37.06
N GLU H 501 -24.03 -13.06 -38.20
CA GLU H 501 -23.26 -11.86 -38.57
C GLU H 501 -23.41 -10.80 -37.49
N ALA H 502 -24.62 -10.69 -36.95
CA ALA H 502 -24.92 -9.72 -35.88
C ALA H 502 -23.94 -9.97 -34.76
N TYR H 503 -23.81 -11.19 -34.26
CA TYR H 503 -22.92 -11.45 -33.10
C TYR H 503 -21.49 -11.13 -33.51
N GLU H 504 -21.16 -11.41 -34.76
CA GLU H 504 -19.76 -11.27 -35.23
C GLU H 504 -19.38 -9.80 -35.41
N LEU H 505 -20.21 -9.08 -36.13
CA LEU H 505 -19.90 -7.67 -36.52
C LEU H 505 -20.40 -6.68 -35.45
N GLY H 506 -21.55 -7.02 -34.86
CA GLY H 506 -22.41 -6.11 -34.10
C GLY H 506 -22.96 -4.99 -34.95
N VAL H 507 -23.02 -3.84 -34.33
CA VAL H 507 -23.65 -2.62 -34.91
C VAL H 507 -22.59 -1.87 -35.70
N SER H 508 -21.45 -2.50 -35.98
CA SER H 508 -20.35 -1.88 -36.75
C SER H 508 -20.84 -1.31 -38.08
N LYS H 509 -21.75 -2.05 -38.70
CA LYS H 509 -22.30 -1.71 -40.03
C LYS H 509 -23.11 -0.40 -40.01
N ALA H 510 -23.52 0.04 -38.83
CA ALA H 510 -24.30 1.28 -38.66
C ALA H 510 -23.40 2.38 -38.11
N PHE H 511 -22.61 2.05 -37.08
CA PHE H 511 -21.68 3.02 -36.45
C PHE H 511 -20.76 3.65 -37.50
N LYS H 512 -20.10 2.80 -38.30
CA LYS H 512 -19.12 3.29 -39.30
C LYS H 512 -19.67 4.40 -40.19
N PRO H 513 -20.74 4.15 -40.96
CA PRO H 513 -21.32 5.20 -41.78
C PRO H 513 -21.76 6.46 -41.03
N ILE H 514 -22.45 6.28 -39.92
CA ILE H 514 -22.90 7.45 -39.11
C ILE H 514 -21.69 8.28 -38.70
N MET H 515 -20.70 7.64 -38.09
CA MET H 515 -19.52 8.41 -37.62
C MET H 515 -18.78 9.05 -38.79
N GLU H 516 -18.49 8.32 -39.83
CA GLU H 516 -17.79 8.86 -41.00
C GLU H 516 -18.50 10.08 -41.56
N ASN H 517 -19.77 9.93 -41.87
CA ASN H 517 -20.61 11.03 -42.40
C ASN H 517 -20.65 12.26 -41.51
N THR H 518 -20.74 12.03 -40.21
CA THR H 518 -20.85 13.10 -39.20
C THR H 518 -19.54 13.89 -39.16
N LEU H 519 -18.43 13.15 -39.06
CA LEU H 519 -17.09 13.80 -38.95
C LEU H 519 -16.81 14.65 -40.20
N LYS H 520 -17.20 14.10 -41.35
CA LYS H 520 -17.09 14.70 -42.70
C LYS H 520 -17.87 16.02 -42.73
N TYR H 521 -19.11 15.99 -42.27
CA TYR H 521 -20.07 17.14 -42.22
C TYR H 521 -19.56 18.21 -41.26
N LEU H 522 -18.94 17.78 -40.17
CA LEU H 522 -18.37 18.69 -39.14
C LEU H 522 -16.98 19.15 -39.54
N ASN H 523 -16.53 18.82 -40.74
CA ASN H 523 -15.21 19.22 -41.28
C ASN H 523 -14.08 18.86 -40.29
N VAL H 524 -14.04 17.58 -39.92
CA VAL H 524 -13.06 17.15 -38.89
C VAL H 524 -11.66 16.95 -39.44
N GLY H 525 -11.47 16.44 -40.66
CA GLY H 525 -10.13 16.31 -41.23
C GLY H 525 -9.51 14.90 -41.17
N LYS H 526 -8.83 14.50 -42.25
CA LYS H 526 -8.55 13.06 -42.58
C LYS H 526 -7.04 12.81 -42.52
N SER H 527 -6.61 11.60 -42.89
CA SER H 527 -5.18 11.18 -42.93
C SER H 527 -4.40 12.04 -43.93
N MET I 1 36.40 8.99 -5.68
CA MET I 1 36.01 9.58 -6.99
C MET I 1 37.16 10.38 -7.59
N ARG I 2 37.22 10.42 -8.90
CA ARG I 2 37.97 11.48 -9.64
C ARG I 2 37.15 12.76 -9.55
N GLY I 3 37.79 13.87 -9.23
CA GLY I 3 37.12 15.14 -9.03
C GLY I 3 36.40 15.59 -10.28
N LYS I 4 35.61 16.63 -10.11
CA LYS I 4 34.81 17.17 -11.22
C LYS I 4 35.53 18.32 -11.91
N ILE I 5 35.20 18.52 -13.18
CA ILE I 5 35.70 19.74 -13.87
C ILE I 5 34.48 20.57 -14.16
N TYR I 6 34.47 21.79 -13.60
CA TYR I 6 33.37 22.78 -13.71
C TYR I 6 33.77 23.97 -14.60
N ASP I 7 32.75 24.68 -15.06
CA ASP I 7 32.96 25.97 -15.73
C ASP I 7 32.94 27.06 -14.64
N ARG I 8 32.92 28.32 -15.06
CA ARG I 8 32.92 29.46 -14.10
C ARG I 8 31.59 29.54 -13.34
N ASN I 9 30.52 29.13 -14.02
CA ASN I 9 29.15 29.14 -13.45
C ASN I 9 28.88 27.90 -12.59
N GLY I 10 29.79 26.94 -12.53
CA GLY I 10 29.64 25.75 -11.70
C GLY I 10 28.98 24.61 -12.44
N LYS I 11 28.78 24.75 -13.75
CA LYS I 11 28.16 23.68 -14.57
C LYS I 11 29.22 22.63 -14.87
N VAL I 12 28.82 21.38 -14.76
CA VAL I 12 29.76 20.24 -14.88
C VAL I 12 30.14 20.05 -16.35
N LEU I 13 31.45 19.94 -16.57
CA LEU I 13 32.03 19.66 -17.92
C LEU I 13 32.48 18.20 -18.03
N ALA I 14 32.83 17.60 -16.91
CA ALA I 14 33.33 16.24 -16.75
C ALA I 14 33.09 15.75 -15.32
N GLU I 15 32.68 14.48 -15.20
CA GLU I 15 32.41 13.84 -13.89
C GLU I 15 32.42 12.33 -14.06
N ASP I 16 32.54 11.60 -12.96
CA ASP I 16 32.40 10.13 -12.97
C ASP I 16 30.92 9.78 -12.93
N VAL I 17 30.54 8.74 -13.66
CA VAL I 17 29.18 8.13 -13.55
C VAL I 17 29.26 6.62 -13.41
N GLU I 18 28.23 6.01 -12.86
CA GLU I 18 28.16 4.53 -12.72
C GLU I 18 27.33 4.00 -13.88
N ARG I 19 27.94 3.18 -14.72
CA ARG I 19 27.27 2.51 -15.85
C ARG I 19 27.44 1.02 -15.62
N TYR I 20 27.05 0.18 -16.56
CA TYR I 20 27.09 -1.28 -16.33
C TYR I 20 27.57 -2.03 -17.56
N LYS I 21 27.97 -3.26 -17.32
CA LYS I 21 28.59 -4.12 -18.33
C LYS I 21 27.90 -5.47 -18.35
N LEU I 22 27.58 -5.91 -19.54
CA LEU I 22 26.89 -7.21 -19.73
C LEU I 22 27.88 -8.36 -19.69
N VAL I 23 27.58 -9.37 -18.88
CA VAL I 23 28.42 -10.59 -18.78
C VAL I 23 27.51 -11.80 -18.88
N ALA I 24 27.93 -12.82 -19.62
CA ALA I 24 27.12 -14.05 -19.80
C ALA I 24 27.97 -15.28 -19.55
N VAL I 25 27.53 -16.10 -18.60
CA VAL I 25 28.18 -17.40 -18.29
C VAL I 25 27.60 -18.45 -19.24
N ILE I 26 28.51 -19.11 -19.97
CA ILE I 26 28.18 -20.05 -21.07
C ILE I 26 28.51 -21.51 -20.75
N ASP I 27 29.16 -21.78 -19.62
CA ASP I 27 29.67 -23.13 -19.28
C ASP I 27 28.73 -23.84 -18.30
N LYS I 28 28.44 -25.10 -18.61
CA LYS I 28 27.43 -25.87 -17.86
C LYS I 28 27.82 -26.04 -16.39
N LYS I 29 29.10 -25.91 -16.07
CA LYS I 29 29.66 -26.14 -14.70
C LYS I 29 28.87 -25.30 -13.68
N ALA I 30 28.50 -24.09 -14.08
CA ALA I 30 27.79 -23.07 -13.28
C ALA I 30 26.48 -23.60 -12.67
N SER I 31 25.78 -24.46 -13.45
CA SER I 31 24.42 -24.99 -13.13
C SER I 31 24.51 -26.41 -12.55
N ALA I 32 25.72 -26.97 -12.49
CA ALA I 32 26.00 -28.35 -12.03
C ALA I 32 25.74 -28.46 -10.52
N ASN I 33 25.75 -27.34 -9.80
CA ASN I 33 25.84 -27.33 -8.31
C ASN I 33 24.47 -27.05 -7.71
N SER I 34 23.47 -26.66 -8.53
CA SER I 34 22.12 -26.29 -8.02
C SER I 34 21.03 -26.42 -9.09
N LYS I 35 19.80 -26.15 -8.65
CA LYS I 35 18.54 -26.31 -9.42
C LYS I 35 18.60 -25.31 -10.59
N LYS I 36 18.22 -24.05 -10.34
CA LYS I 36 17.97 -23.01 -11.38
C LYS I 36 19.24 -22.75 -12.19
N PRO I 37 19.21 -22.97 -13.51
CA PRO I 37 20.45 -22.90 -14.31
C PRO I 37 21.13 -21.52 -14.27
N ARG I 38 22.45 -21.52 -14.16
CA ARG I 38 23.25 -20.27 -14.06
C ARG I 38 24.19 -20.17 -15.25
N HIS I 39 23.83 -20.78 -16.35
CA HIS I 39 24.56 -20.69 -17.64
C HIS I 39 23.54 -20.58 -18.74
N VAL I 40 23.93 -20.05 -19.90
CA VAL I 40 22.96 -19.78 -20.98
C VAL I 40 22.55 -21.09 -21.60
N VAL I 41 21.28 -21.43 -21.45
CA VAL I 41 20.75 -22.77 -21.78
C VAL I 41 20.17 -22.76 -23.20
N ASP I 42 19.42 -21.71 -23.55
CA ASP I 42 19.00 -21.51 -24.97
C ASP I 42 19.78 -20.35 -25.53
N LYS I 43 20.97 -20.59 -26.09
CA LYS I 43 21.77 -19.48 -26.66
C LYS I 43 20.91 -18.64 -27.63
N LYS I 44 20.12 -19.37 -28.42
CA LYS I 44 19.40 -18.91 -29.63
C LYS I 44 18.38 -17.85 -29.21
N GLU I 45 17.49 -18.21 -28.28
CA GLU I 45 16.37 -17.35 -27.81
C GLU I 45 16.92 -16.29 -26.84
N THR I 46 17.96 -16.61 -26.05
CA THR I 46 18.61 -15.62 -25.14
C THR I 46 19.14 -14.47 -25.99
N ALA I 47 19.81 -14.81 -27.10
CA ALA I 47 20.42 -13.83 -28.03
C ALA I 47 19.35 -12.92 -28.65
N LYS I 48 18.20 -13.49 -29.04
CA LYS I 48 17.06 -12.72 -29.60
C LYS I 48 16.53 -11.74 -28.55
N LYS I 49 16.27 -12.22 -27.34
CA LYS I 49 15.71 -11.40 -26.25
C LYS I 49 16.62 -10.22 -25.92
N LEU I 50 17.94 -10.42 -26.04
CA LEU I 50 18.97 -9.38 -25.75
C LEU I 50 19.12 -8.44 -26.94
N SER I 51 18.81 -8.91 -28.16
CA SER I 51 18.81 -8.08 -29.39
C SER I 51 17.77 -6.96 -29.29
N THR I 52 16.96 -6.94 -28.23
CA THR I 52 16.00 -5.86 -27.91
C THR I 52 16.71 -4.63 -27.32
N VAL I 53 17.64 -4.85 -26.39
CA VAL I 53 18.30 -3.78 -25.59
C VAL I 53 19.54 -3.28 -26.35
N ILE I 54 20.53 -4.15 -26.54
CA ILE I 54 21.76 -3.80 -27.31
C ILE I 54 21.42 -3.77 -28.80
N ASN I 55 22.02 -2.85 -29.56
CA ASN I 55 21.94 -2.83 -31.05
C ASN I 55 23.03 -3.75 -31.60
N MET I 56 23.04 -4.99 -31.11
CA MET I 56 23.76 -6.12 -31.76
C MET I 56 22.73 -6.97 -32.50
N LYS I 57 23.17 -7.66 -33.56
CA LYS I 57 22.35 -8.66 -34.27
C LYS I 57 22.28 -9.94 -33.43
N PRO I 58 21.12 -10.62 -33.41
CA PRO I 58 20.97 -11.86 -32.62
C PRO I 58 22.05 -12.91 -32.92
N GLU I 59 22.52 -12.98 -34.17
CA GLU I 59 23.51 -13.97 -34.66
C GLU I 59 24.90 -13.62 -34.09
N GLU I 60 25.24 -12.32 -34.02
CA GLU I 60 26.53 -11.84 -33.50
C GLU I 60 26.61 -12.09 -31.99
N ILE I 61 25.47 -12.06 -31.31
CA ILE I 61 25.33 -12.40 -29.86
C ILE I 61 25.54 -13.92 -29.70
N GLU I 62 25.02 -14.70 -30.65
CA GLU I 62 25.11 -16.19 -30.62
C GLU I 62 26.56 -16.63 -30.90
N LYS I 63 27.23 -15.96 -31.84
CA LYS I 63 28.68 -16.16 -32.10
C LYS I 63 29.47 -16.08 -30.79
N ARG I 64 29.14 -15.07 -29.97
CA ARG I 64 29.85 -14.77 -28.70
C ARG I 64 29.45 -15.79 -27.64
N LEU I 65 28.16 -16.11 -27.56
CA LEU I 65 27.65 -17.13 -26.62
C LEU I 65 28.15 -18.54 -27.01
N SER I 66 28.59 -18.71 -28.26
CA SER I 66 28.98 -20.04 -28.81
C SER I 66 30.49 -20.27 -28.70
N GLN I 67 31.21 -19.40 -27.99
CA GLN I 67 32.65 -19.55 -27.76
C GLN I 67 32.90 -20.75 -26.82
N LYS I 68 33.82 -21.60 -27.26
CA LYS I 68 34.13 -22.87 -26.53
C LYS I 68 35.16 -22.63 -25.44
N LYS I 69 35.09 -23.46 -24.41
CA LYS I 69 36.03 -23.46 -23.25
C LYS I 69 36.28 -22.01 -22.80
N ALA I 70 35.19 -21.31 -22.56
CA ALA I 70 35.11 -20.00 -21.89
C ALA I 70 34.04 -20.09 -20.80
N PHE I 71 34.37 -19.55 -19.64
CA PHE I 71 33.38 -19.48 -18.54
C PHE I 71 32.41 -18.35 -18.79
N GLN I 72 32.98 -17.15 -18.85
CA GLN I 72 32.24 -15.89 -18.93
C GLN I 72 32.66 -15.07 -20.15
N ILE I 73 31.70 -14.38 -20.75
CA ILE I 73 32.01 -13.59 -21.99
C ILE I 73 31.49 -12.16 -21.93
N GLU I 74 32.20 -11.26 -22.60
CA GLU I 74 31.82 -9.84 -22.77
C GLU I 74 31.36 -9.59 -24.20
N PHE I 75 30.83 -8.40 -24.42
CA PHE I 75 30.22 -8.01 -25.71
C PHE I 75 30.83 -6.74 -26.33
N GLY I 76 32.15 -6.70 -26.43
CA GLY I 76 32.88 -5.63 -27.17
C GLY I 76 32.52 -4.17 -26.82
N ARG I 77 32.30 -3.30 -27.82
CA ARG I 77 31.89 -1.89 -27.46
C ARG I 77 30.51 -1.94 -26.76
N LYS I 78 29.54 -2.56 -27.42
CA LYS I 78 28.12 -2.68 -26.98
C LYS I 78 27.78 -3.19 -25.58
N GLY I 79 28.59 -4.10 -25.07
CA GLY I 79 28.46 -4.76 -23.75
C GLY I 79 29.09 -3.95 -22.62
N THR I 80 29.12 -2.62 -22.79
CA THR I 80 29.69 -1.67 -21.81
C THR I 80 28.88 -0.39 -21.84
N ASN I 81 29.05 0.48 -20.85
CA ASN I 81 28.47 1.85 -20.86
C ASN I 81 26.96 1.71 -20.99
N LEU I 82 26.44 0.72 -20.27
CA LEU I 82 24.96 0.54 -20.21
C LEU I 82 24.36 1.34 -19.07
N THR I 83 23.29 2.08 -19.38
CA THR I 83 22.58 2.92 -18.39
C THR I 83 21.78 2.03 -17.45
N TYR I 84 21.31 2.64 -16.36
CA TYR I 84 20.60 1.94 -15.27
C TYR I 84 19.23 1.41 -15.73
N GLN I 85 18.54 2.13 -16.61
CA GLN I 85 17.20 1.75 -17.15
C GLN I 85 17.36 0.65 -18.21
N ASP I 86 18.54 0.55 -18.86
CA ASP I 86 18.93 -0.61 -19.70
C ASP I 86 19.08 -1.84 -18.80
N LYS I 87 19.74 -1.65 -17.66
CA LYS I 87 19.98 -2.74 -16.70
C LYS I 87 18.63 -3.31 -16.26
N LEU I 88 17.78 -2.44 -15.71
CA LEU I 88 16.41 -2.81 -15.25
C LEU I 88 15.66 -3.59 -16.34
N LYS I 89 15.65 -3.10 -17.60
CA LYS I 89 14.94 -3.78 -18.73
C LYS I 89 15.39 -5.25 -18.82
N ILE I 90 16.71 -5.50 -18.78
CA ILE I 90 17.26 -6.88 -18.97
C ILE I 90 16.96 -7.68 -17.71
N GLU I 91 17.17 -7.09 -16.54
CA GLU I 91 16.99 -7.80 -15.25
C GLU I 91 15.61 -8.47 -15.19
N LYS I 92 14.59 -7.87 -15.84
CA LYS I 92 13.19 -8.39 -15.87
C LYS I 92 13.08 -9.63 -16.77
N MET I 93 14.04 -9.84 -17.70
CA MET I 93 14.05 -11.03 -18.61
C MET I 93 14.52 -12.27 -17.83
N ASN I 94 15.29 -12.07 -16.74
CA ASN I 94 15.73 -13.11 -15.77
C ASN I 94 16.42 -14.27 -16.52
N LEU I 95 17.27 -13.94 -17.50
CA LEU I 95 17.92 -14.91 -18.40
C LEU I 95 19.04 -15.67 -17.68
N PRO I 96 19.24 -16.96 -18.06
CA PRO I 96 20.19 -17.81 -17.33
C PRO I 96 21.66 -17.45 -17.61
N GLY I 97 22.43 -17.09 -16.58
CA GLY I 97 23.84 -16.75 -16.80
C GLY I 97 24.12 -15.30 -17.08
N ILE I 98 23.05 -14.47 -17.16
CA ILE I 98 23.23 -13.04 -17.53
C ILE I 98 23.34 -12.16 -16.29
N SER I 99 24.28 -11.24 -16.33
CA SER I 99 24.47 -10.31 -15.20
C SER I 99 25.09 -9.03 -15.71
N LEU I 100 24.87 -7.96 -14.95
CA LEU I 100 25.44 -6.64 -15.25
C LEU I 100 26.28 -6.21 -14.05
N LEU I 101 27.55 -5.89 -14.27
CA LEU I 101 28.41 -5.43 -13.18
C LEU I 101 28.56 -3.93 -13.30
N PRO I 102 28.49 -3.21 -12.15
CA PRO I 102 28.74 -1.78 -12.12
C PRO I 102 30.17 -1.45 -12.52
N GLU I 103 30.30 -0.36 -13.28
CA GLU I 103 31.62 0.19 -13.62
C GLU I 103 31.51 1.70 -13.73
N THR I 104 32.54 2.39 -13.26
CA THR I 104 32.66 3.86 -13.34
C THR I 104 33.29 4.24 -14.67
N GLU I 105 32.69 5.26 -15.30
CA GLU I 105 33.15 5.86 -16.56
C GLU I 105 33.20 7.37 -16.40
N ARG I 106 34.06 8.00 -17.18
CA ARG I 106 34.16 9.46 -17.21
C ARG I 106 33.12 9.93 -18.20
N PHE I 107 32.34 10.90 -17.77
CA PHE I 107 31.22 11.42 -18.56
C PHE I 107 31.43 12.88 -18.87
N TYR I 108 31.33 13.24 -20.13
CA TYR I 108 31.40 14.63 -20.58
C TYR I 108 30.02 14.95 -21.12
N PRO I 109 29.16 15.59 -20.29
CA PRO I 109 27.79 15.95 -20.69
C PRO I 109 27.55 16.55 -22.07
N ASN I 110 28.49 17.35 -22.53
CA ASN I 110 28.39 18.10 -23.80
C ASN I 110 28.94 17.32 -25.01
N GLY I 111 29.59 16.18 -24.74
CA GLY I 111 30.37 15.43 -25.74
C GLY I 111 31.51 16.26 -26.27
N ASN I 112 31.52 16.47 -27.59
CA ASN I 112 32.46 17.36 -28.29
C ASN I 112 32.16 18.80 -27.86
N PHE I 113 33.01 19.32 -26.99
CA PHE I 113 32.84 20.64 -26.35
C PHE I 113 34.15 21.05 -25.72
N ALA I 114 34.85 22.06 -26.24
CA ALA I 114 36.21 22.44 -25.79
C ALA I 114 37.10 21.22 -25.65
N SER I 115 36.95 20.28 -26.56
CA SER I 115 37.53 18.92 -26.46
C SER I 115 39.01 19.01 -26.18
N HIS I 116 39.66 19.95 -26.84
CA HIS I 116 41.13 20.06 -26.82
C HIS I 116 41.67 20.72 -25.56
N LEU I 117 40.84 21.51 -24.89
CA LEU I 117 41.15 22.12 -23.58
C LEU I 117 40.82 21.16 -22.43
N ILE I 118 39.56 20.81 -22.32
CA ILE I 118 39.08 19.89 -21.23
C ILE I 118 40.03 18.69 -21.18
N GLY I 119 40.23 18.07 -22.34
CA GLY I 119 41.03 16.84 -22.47
C GLY I 119 40.19 15.62 -22.26
N ARG I 120 40.88 14.50 -22.06
CA ARG I 120 40.25 13.16 -22.01
C ARG I 120 41.03 12.26 -21.06
N ALA I 121 40.32 11.52 -20.23
CA ALA I 121 40.92 10.53 -19.32
C ALA I 121 40.58 9.11 -19.81
N GLN I 122 41.61 8.29 -19.86
CA GLN I 122 41.53 6.89 -20.34
C GLN I 122 41.38 5.96 -19.16
N LYS I 123 40.74 4.83 -19.41
CA LYS I 123 40.43 3.85 -18.34
C LYS I 123 41.34 2.65 -18.41
N ASN I 124 41.87 2.25 -17.26
CA ASN I 124 42.63 1.00 -17.14
C ASN I 124 41.59 -0.10 -16.99
N PRO I 125 41.49 -1.01 -17.97
CA PRO I 125 40.51 -2.12 -17.94
C PRO I 125 40.43 -2.83 -16.59
N ASP I 126 41.59 -3.28 -16.12
CA ASP I 126 41.69 -4.16 -14.92
C ASP I 126 41.14 -3.46 -13.66
N THR I 127 41.72 -2.33 -13.35
CA THR I 127 41.48 -1.60 -12.08
C THR I 127 40.31 -0.62 -12.18
N GLY I 128 39.90 -0.24 -13.38
CA GLY I 128 38.86 0.78 -13.56
C GLY I 128 39.36 2.20 -13.34
N GLU I 129 40.68 2.38 -13.26
CA GLU I 129 41.29 3.67 -12.89
C GLU I 129 41.41 4.57 -14.11
N LEU I 130 40.97 5.80 -13.95
CA LEU I 130 40.94 6.82 -15.02
C LEU I 130 42.23 7.65 -14.91
N LYS I 131 42.88 7.96 -16.02
CA LYS I 131 44.17 8.71 -16.04
C LYS I 131 44.12 9.70 -17.19
N GLY I 132 44.35 10.99 -16.93
CA GLY I 132 44.27 12.01 -18.00
C GLY I 132 45.34 11.82 -19.05
N ALA I 133 44.93 11.91 -20.30
CA ALA I 133 45.81 11.72 -21.46
C ALA I 133 46.09 13.04 -22.20
N LEU I 134 45.27 14.06 -22.01
CA LEU I 134 45.43 15.35 -22.71
C LEU I 134 44.65 16.44 -21.96
N GLY I 135 45.07 17.68 -22.19
CA GLY I 135 44.29 18.81 -21.63
C GLY I 135 44.27 18.78 -20.11
N VAL I 136 43.31 19.54 -19.59
CA VAL I 136 43.04 19.63 -18.12
C VAL I 136 43.29 18.26 -17.49
N GLU I 137 42.61 17.24 -18.02
CA GLU I 137 42.59 15.92 -17.37
C GLU I 137 44.02 15.48 -17.10
N LYS I 138 44.95 15.77 -18.03
CA LYS I 138 46.34 15.32 -17.83
C LYS I 138 47.11 16.21 -16.86
N ILE I 139 47.08 17.51 -17.10
CA ILE I 139 47.77 18.50 -16.26
C ILE I 139 47.47 18.30 -14.79
N PHE I 140 46.18 18.19 -14.48
CA PHE I 140 45.66 18.14 -13.09
C PHE I 140 45.35 16.72 -12.63
N ASP I 141 45.86 15.73 -13.34
CA ASP I 141 45.55 14.31 -13.05
C ASP I 141 45.67 14.06 -11.57
N SER I 142 46.87 14.22 -11.03
CA SER I 142 47.18 13.91 -9.63
C SER I 142 46.16 14.52 -8.67
N TYR I 143 45.68 15.73 -8.93
CA TYR I 143 44.78 16.45 -8.00
C TYR I 143 43.37 15.91 -8.19
N LEU I 144 42.95 15.83 -9.44
CA LEU I 144 41.67 15.17 -9.81
C LEU I 144 41.55 13.77 -9.15
N SER I 145 42.57 12.95 -9.32
CA SER I 145 42.60 11.54 -8.82
C SER I 145 42.50 11.54 -7.29
N GLY I 146 41.42 10.99 -6.72
CA GLY I 146 41.28 10.82 -5.26
C GLY I 146 42.25 9.78 -4.73
N SER I 147 42.74 8.90 -5.61
CA SER I 147 43.76 7.87 -5.28
C SER I 147 45.10 8.53 -4.97
N LYS I 148 46.05 7.76 -4.43
CA LYS I 148 47.43 8.23 -4.10
C LYS I 148 47.36 9.32 -3.03
N GLY I 149 47.22 10.60 -3.44
CA GLY I 149 47.32 11.75 -2.52
C GLY I 149 48.68 11.78 -1.84
N SER I 150 49.74 11.38 -2.55
CA SER I 150 51.13 11.29 -2.03
C SER I 150 51.82 12.64 -2.21
N LEU I 151 52.72 12.76 -3.20
CA LEU I 151 53.35 14.05 -3.55
C LEU I 151 52.66 14.59 -4.81
N ARG I 152 51.52 15.24 -4.63
CA ARG I 152 50.70 15.72 -5.77
C ARG I 152 51.43 16.90 -6.42
N TYR I 153 51.63 16.87 -7.74
CA TYR I 153 52.42 17.88 -8.49
C TYR I 153 51.63 18.33 -9.72
N ILE I 154 51.76 19.62 -10.08
CA ILE I 154 51.12 20.16 -11.32
C ILE I 154 52.15 20.01 -12.44
N HIS I 155 51.96 19.02 -13.31
CA HIS I 155 52.90 18.75 -14.42
C HIS I 155 53.20 20.05 -15.15
N ASP I 156 54.48 20.46 -15.19
CA ASP I 156 55.03 21.57 -16.03
C ASP I 156 54.75 22.95 -15.39
N ILE I 157 53.83 23.04 -14.42
CA ILE I 157 53.63 24.28 -13.62
C ILE I 157 54.63 24.23 -12.48
N TRP I 158 55.38 23.13 -12.33
CA TRP I 158 56.48 22.97 -11.35
C TRP I 158 55.99 23.26 -9.92
N GLY I 159 56.60 24.24 -9.25
CA GLY I 159 56.41 24.49 -7.80
C GLY I 159 54.95 24.64 -7.40
N TYR I 160 54.39 23.63 -6.72
CA TYR I 160 53.00 23.54 -6.25
C TYR I 160 52.79 22.10 -5.74
N ILE I 161 53.45 21.75 -4.64
CA ILE I 161 53.45 20.32 -4.15
C ILE I 161 52.72 20.19 -2.83
N ALA I 162 51.41 20.45 -2.82
CA ALA I 162 50.59 20.14 -1.62
C ALA I 162 50.48 18.62 -1.48
N PRO I 163 50.97 18.01 -0.39
CA PRO I 163 50.89 16.56 -0.22
C PRO I 163 49.47 16.02 -0.41
N LYS I 172 39.05 8.02 -0.40
CA LYS I 172 39.29 9.47 -0.68
C LYS I 172 38.61 10.01 -1.94
N ARG I 173 38.07 11.22 -1.81
CA ARG I 173 37.37 11.96 -2.87
C ARG I 173 38.41 12.87 -3.50
N GLY I 174 38.22 13.18 -4.78
CA GLY I 174 39.18 13.96 -5.57
C GLY I 174 38.92 15.46 -5.55
N ASP I 175 39.87 16.16 -6.17
CA ASP I 175 39.85 17.65 -6.22
C ASP I 175 39.17 18.13 -7.48
N ASP I 176 38.36 19.18 -7.30
CA ASP I 176 37.55 19.77 -8.39
C ASP I 176 38.30 20.92 -9.06
N VAL I 177 38.23 20.96 -10.38
CA VAL I 177 38.93 21.97 -11.21
C VAL I 177 37.92 22.90 -11.86
N HIS I 178 38.01 24.17 -11.51
CA HIS I 178 37.08 25.23 -11.97
C HIS I 178 37.76 25.99 -13.09
N LEU I 179 37.12 26.05 -14.26
CA LEU I 179 37.72 26.79 -15.38
C LEU I 179 37.08 28.18 -15.51
N THR I 180 37.60 28.99 -16.42
CA THR I 180 37.06 30.34 -16.65
C THR I 180 36.00 30.30 -17.76
N ILE I 181 35.89 29.16 -18.42
CA ILE I 181 35.00 28.96 -19.59
C ILE I 181 33.55 29.24 -19.20
N ASP I 182 32.82 29.83 -20.10
CA ASP I 182 31.36 30.02 -19.95
C ASP I 182 30.74 29.12 -20.98
N SER I 183 30.03 28.10 -20.52
CA SER I 183 29.31 27.13 -21.40
C SER I 183 28.43 27.85 -22.43
N ASN I 184 27.81 28.94 -22.02
CA ASN I 184 26.92 29.69 -22.94
C ASN I 184 27.68 30.23 -24.15
N ILE I 185 28.85 30.78 -23.91
CA ILE I 185 29.70 31.34 -24.99
C ILE I 185 30.32 30.19 -25.79
N GLN I 186 30.70 29.11 -25.10
CA GLN I 186 31.31 27.93 -25.74
C GLN I 186 30.36 27.40 -26.82
N VAL I 187 29.06 27.37 -26.51
CA VAL I 187 28.01 26.96 -27.50
C VAL I 187 28.19 27.78 -28.78
N PHE I 188 28.25 29.09 -28.67
CA PHE I 188 28.31 29.96 -29.85
C PHE I 188 29.53 29.58 -30.68
N VAL I 189 30.63 29.34 -29.99
CA VAL I 189 31.90 28.98 -30.68
C VAL I 189 31.67 27.66 -31.40
N GLU I 190 31.24 26.60 -30.69
CA GLU I 190 31.18 25.26 -31.31
C GLU I 190 30.27 25.33 -32.54
N GLU I 191 29.13 26.00 -32.39
CA GLU I 191 28.16 26.10 -33.50
C GLU I 191 28.79 26.80 -34.71
N ALA I 192 29.43 27.94 -34.50
CA ALA I 192 30.00 28.73 -35.60
C ALA I 192 31.16 27.96 -36.27
N LEU I 193 31.98 27.24 -35.50
CA LEU I 193 33.10 26.46 -36.09
C LEU I 193 32.57 25.29 -36.94
N ASP I 194 31.53 24.62 -36.44
CA ASP I 194 30.84 23.59 -37.23
C ASP I 194 30.45 24.12 -38.62
N GLY I 195 29.99 25.35 -38.64
CA GLY I 195 29.58 26.07 -39.84
C GLY I 195 30.72 26.22 -40.83
N MET I 196 31.87 26.63 -40.29
CA MET I 196 33.09 26.93 -41.08
C MET I 196 33.64 25.63 -41.68
N VAL I 197 33.57 24.55 -40.90
CA VAL I 197 34.06 23.25 -41.38
C VAL I 197 33.20 22.82 -42.57
N GLU I 198 31.88 22.93 -42.42
CA GLU I 198 30.90 22.56 -43.46
C GLU I 198 31.26 23.32 -44.74
N ARG I 199 31.39 24.64 -44.64
CA ARG I 199 31.67 25.59 -45.77
C ARG I 199 33.05 25.31 -46.42
N TYR I 200 34.08 25.42 -45.60
CA TYR I 200 35.49 25.55 -46.06
C TYR I 200 36.31 24.27 -45.93
N GLN I 201 35.92 23.35 -45.04
CA GLN I 201 36.76 22.16 -44.73
C GLN I 201 38.24 22.50 -44.59
N PRO I 202 38.59 23.37 -43.62
CA PRO I 202 39.99 23.73 -43.43
C PRO I 202 40.81 22.58 -42.85
N LYS I 203 42.14 22.69 -42.99
CA LYS I 203 43.03 21.70 -42.33
C LYS I 203 43.21 22.05 -40.85
N ASP I 204 43.01 23.30 -40.48
CA ASP I 204 43.19 23.77 -39.09
C ASP I 204 42.32 24.98 -38.88
N LEU I 205 41.80 25.13 -37.67
CA LEU I 205 40.80 26.17 -37.38
C LEU I 205 40.70 26.33 -35.88
N PHE I 206 40.60 27.57 -35.41
CA PHE I 206 40.35 27.82 -33.98
C PHE I 206 39.59 29.13 -33.79
N ALA I 207 38.97 29.25 -32.64
CA ALA I 207 38.42 30.53 -32.17
C ALA I 207 38.48 30.55 -30.67
N VAL I 208 38.83 31.71 -30.14
CA VAL I 208 38.99 31.89 -28.68
C VAL I 208 38.34 33.21 -28.34
N VAL I 209 37.68 33.23 -27.20
CA VAL I 209 37.04 34.43 -26.66
C VAL I 209 37.70 34.69 -25.34
N MET I 210 38.27 35.87 -25.20
CA MET I 210 38.94 36.29 -23.96
C MET I 210 38.31 37.56 -23.41
N ASP I 211 38.13 37.62 -22.09
CA ASP I 211 37.69 38.84 -21.39
C ASP I 211 38.79 39.87 -21.54
N ALA I 212 38.46 40.97 -22.21
CA ALA I 212 39.42 42.05 -22.53
C ALA I 212 40.11 42.61 -21.30
N LYS I 213 39.39 42.62 -20.17
CA LYS I 213 39.79 43.29 -18.92
C LYS I 213 40.36 42.35 -17.85
N THR I 214 40.33 41.03 -18.04
CA THR I 214 40.92 40.10 -17.07
C THR I 214 41.98 39.17 -17.68
N GLY I 215 41.82 38.76 -18.94
CA GLY I 215 42.69 37.65 -19.43
C GLY I 215 42.09 36.27 -19.21
N GLU I 216 40.80 36.27 -18.86
CA GLU I 216 40.07 34.99 -18.70
C GLU I 216 39.65 34.47 -20.06
N ILE I 217 39.91 33.19 -20.30
CA ILE I 217 39.43 32.50 -21.53
C ILE I 217 37.98 32.11 -21.28
N LEU I 218 37.07 32.75 -21.99
CA LEU I 218 35.62 32.48 -21.86
C LEU I 218 35.17 31.35 -22.78
N ALA I 219 35.86 31.16 -23.89
CA ALA I 219 35.55 30.04 -24.81
C ALA I 219 36.75 29.77 -25.68
N TYR I 220 36.89 28.51 -26.05
CA TYR I 220 37.95 28.06 -26.95
C TYR I 220 37.58 26.74 -27.62
N SER I 221 37.64 26.67 -28.94
CA SER I 221 37.70 25.33 -29.59
C SER I 221 38.41 25.37 -30.92
N GLN I 222 38.67 24.19 -31.44
CA GLN I 222 39.51 24.00 -32.63
C GLN I 222 38.95 22.85 -33.45
N ARG I 223 39.21 22.89 -34.75
CA ARG I 223 38.97 21.77 -35.66
C ARG I 223 40.23 21.51 -36.47
N PRO I 224 40.66 20.24 -36.62
CA PRO I 224 39.86 19.07 -36.18
C PRO I 224 40.10 18.63 -34.74
N THR I 225 39.04 18.60 -33.95
CA THR I 225 39.11 18.24 -32.53
C THR I 225 38.67 16.79 -32.40
N PHE I 226 38.40 16.37 -31.17
CA PHE I 226 37.92 15.00 -30.90
C PHE I 226 36.71 15.07 -29.99
N ASN I 227 36.11 13.91 -29.80
CA ASN I 227 34.94 13.75 -28.92
C ASN I 227 35.41 13.05 -27.65
N PRO I 228 35.46 13.76 -26.52
CA PRO I 228 36.07 13.19 -25.30
C PRO I 228 35.32 11.98 -24.76
N GLU I 229 34.01 12.01 -24.98
CA GLU I 229 33.08 10.98 -24.49
C GLU I 229 33.41 9.62 -25.10
N THR I 230 33.51 9.60 -26.42
CA THR I 230 33.59 8.38 -27.24
C THR I 230 35.03 7.93 -27.47
N GLY I 231 35.93 8.90 -27.52
CA GLY I 231 37.32 8.62 -27.86
C GLY I 231 37.54 8.64 -29.38
N LYS I 232 36.56 9.20 -30.09
CA LYS I 232 36.57 9.47 -31.55
C LYS I 232 37.65 10.51 -31.83
N ASP I 233 38.53 10.21 -32.79
CA ASP I 233 39.53 11.17 -33.35
C ASP I 233 40.60 11.56 -32.33
N PHE I 234 40.53 10.99 -31.13
CA PHE I 234 41.54 11.31 -30.10
C PHE I 234 42.89 10.77 -30.57
N GLY I 235 43.87 11.67 -30.62
CA GLY I 235 45.28 11.30 -30.85
C GLY I 235 45.76 11.61 -32.24
N LYS I 236 44.86 12.08 -33.11
CA LYS I 236 45.25 12.45 -34.49
C LYS I 236 46.03 13.74 -34.36
N LYS I 237 45.30 14.84 -34.21
CA LYS I 237 45.86 16.09 -33.68
C LYS I 237 45.87 16.00 -32.16
N TRP I 238 47.06 15.78 -31.62
CA TRP I 238 47.29 15.89 -30.17
C TRP I 238 47.37 17.35 -29.70
N ALA I 239 48.04 18.17 -30.47
CA ALA I 239 48.38 19.55 -30.08
C ALA I 239 47.17 20.47 -29.96
N ASN I 240 47.14 21.21 -28.85
CA ASN I 240 46.14 22.25 -28.62
C ASN I 240 46.59 23.45 -29.44
N ASP I 241 45.70 23.95 -30.29
CA ASP I 241 46.04 25.12 -31.14
C ASP I 241 46.52 26.27 -30.25
N LEU I 242 45.66 26.64 -29.30
CA LEU I 242 45.77 27.89 -28.52
C LEU I 242 47.14 28.02 -27.83
N TYR I 243 47.62 26.92 -27.28
CA TYR I 243 48.80 26.90 -26.39
C TYR I 243 50.02 26.20 -26.97
N GLN I 244 49.83 25.23 -27.87
CA GLN I 244 50.93 24.33 -28.26
C GLN I 244 51.33 24.46 -29.72
N ASN I 245 50.41 24.87 -30.58
CA ASN I 245 50.67 24.99 -32.03
C ASN I 245 51.13 26.40 -32.44
N THR I 246 52.16 26.46 -33.27
CA THR I 246 52.68 27.76 -33.76
C THR I 246 52.09 28.08 -35.11
N TYR I 247 51.92 29.36 -35.36
CA TYR I 247 51.49 29.91 -36.65
C TYR I 247 52.37 31.10 -37.06
N GLU I 248 52.55 31.21 -38.39
CA GLU I 248 53.03 32.43 -39.03
C GLU I 248 51.76 33.26 -39.04
N PRO I 249 51.60 34.25 -38.15
CA PRO I 249 50.27 34.84 -37.90
C PRO I 249 49.64 35.67 -39.01
N GLY I 250 50.54 36.27 -39.80
CA GLY I 250 50.21 37.23 -40.87
C GLY I 250 49.90 38.61 -40.38
N SER I 251 48.91 39.26 -40.99
CA SER I 251 48.70 40.73 -40.87
C SER I 251 48.17 41.17 -39.50
N THR I 252 47.67 40.21 -38.73
CA THR I 252 47.23 40.41 -37.34
C THR I 252 48.40 40.99 -36.55
N PHE I 253 49.58 40.57 -36.98
CA PHE I 253 50.88 40.86 -36.32
C PHE I 253 51.35 42.26 -36.64
N LYS I 254 50.72 42.90 -37.61
CA LYS I 254 51.08 44.31 -37.96
C LYS I 254 50.73 45.24 -36.80
N SER I 255 49.65 44.91 -36.09
CA SER I 255 49.19 45.73 -34.94
C SER I 255 50.38 46.10 -34.04
N TYR I 256 51.32 45.15 -33.86
CA TYR I 256 52.44 45.36 -32.89
C TYR I 256 53.55 46.18 -33.55
N GLY I 257 53.78 45.91 -34.83
CA GLY I 257 54.70 46.67 -35.70
C GLY I 257 54.34 48.12 -35.74
N LEU I 258 53.04 48.41 -35.57
CA LEU I 258 52.46 49.76 -35.62
C LEU I 258 52.72 50.44 -34.28
N ALA I 259 52.20 49.84 -33.23
CA ALA I 259 52.45 50.29 -31.85
C ALA I 259 53.90 50.72 -31.63
N ALA I 260 54.83 49.82 -31.93
CA ALA I 260 56.27 50.14 -31.84
C ALA I 260 56.56 51.53 -32.43
N ALA I 261 56.27 51.67 -33.73
CA ALA I 261 56.41 52.93 -34.49
C ALA I 261 55.77 54.10 -33.74
N ILE I 262 54.47 54.00 -33.48
CA ILE I 262 53.67 55.09 -32.92
C ILE I 262 54.43 55.63 -31.73
N GLN I 263 54.99 54.73 -30.92
CA GLN I 263 55.67 55.14 -29.66
C GLN I 263 56.99 55.88 -29.92
N GLU I 264 57.83 55.28 -30.76
CA GLU I 264 59.09 55.86 -31.24
C GLU I 264 58.88 57.17 -32.00
N GLY I 265 57.63 57.49 -32.32
CA GLY I 265 57.25 58.72 -33.04
C GLY I 265 57.57 58.70 -34.51
N ALA I 266 57.70 57.50 -35.08
CA ALA I 266 58.02 57.28 -36.50
C ALA I 266 56.76 57.23 -37.36
N PHE I 267 55.62 56.83 -36.79
CA PHE I 267 54.33 56.72 -37.49
C PHE I 267 53.50 57.98 -37.25
N ASP I 268 53.13 58.63 -38.36
CA ASP I 268 52.23 59.80 -38.37
C ASP I 268 51.13 59.39 -39.32
N PRO I 269 49.87 59.25 -38.84
CA PRO I 269 48.77 58.81 -39.71
C PRO I 269 48.57 59.55 -41.04
N ASP I 270 48.86 60.85 -41.03
CA ASP I 270 48.69 61.73 -42.22
C ASP I 270 49.93 61.80 -43.12
N LYS I 271 51.08 61.32 -42.65
CA LYS I 271 52.31 61.36 -43.44
C LYS I 271 52.18 60.34 -44.57
N LYS I 272 52.52 60.77 -45.79
CA LYS I 272 52.47 59.93 -47.02
C LYS I 272 53.76 59.11 -47.14
N TYR I 273 53.63 57.86 -47.57
CA TYR I 273 54.73 56.90 -47.75
C TYR I 273 54.56 56.27 -49.13
N LYS I 274 55.65 55.77 -49.68
CA LYS I 274 55.65 55.11 -51.02
C LYS I 274 55.25 53.63 -50.91
N SER I 275 54.06 53.30 -51.42
CA SER I 275 53.58 51.90 -51.48
C SER I 275 53.97 51.26 -52.82
N GLY I 276 53.82 49.96 -52.91
CA GLY I 276 54.08 49.24 -54.18
C GLY I 276 54.91 48.03 -53.93
N HIS I 277 56.21 48.16 -54.11
CA HIS I 277 57.18 47.06 -53.87
C HIS I 277 58.25 47.54 -52.90
N ARG I 278 59.22 46.66 -52.63
CA ARG I 278 60.42 46.94 -51.80
C ARG I 278 61.41 45.82 -52.10
N ASP I 279 62.54 46.12 -52.76
CA ASP I 279 63.50 45.06 -53.17
C ASP I 279 64.42 44.78 -52.01
N ILE I 280 64.41 43.53 -51.56
CA ILE I 280 65.12 43.11 -50.33
C ILE I 280 65.74 41.73 -50.49
N MET I 281 67.05 41.70 -50.27
CA MET I 281 67.93 40.52 -50.49
C MET I 281 67.54 39.82 -51.79
N GLY I 282 67.42 40.60 -52.88
CA GLY I 282 67.15 40.10 -54.24
C GLY I 282 65.80 39.45 -54.38
N SER I 283 64.80 39.87 -53.57
CA SER I 283 63.38 39.43 -53.71
C SER I 283 62.43 40.61 -53.75
N ARG I 284 61.49 40.63 -54.71
CA ARG I 284 60.55 41.76 -54.82
C ARG I 284 59.42 41.52 -53.82
N ILE I 285 59.50 42.15 -52.65
CA ILE I 285 58.45 41.99 -51.60
C ILE I 285 57.49 43.14 -51.72
N SER I 286 56.23 42.84 -52.01
CA SER I 286 55.24 43.88 -52.36
C SER I 286 53.99 43.72 -51.51
N ASP I 287 53.04 44.62 -51.73
CA ASP I 287 51.76 44.60 -50.98
C ASP I 287 50.88 43.48 -51.50
N TRP I 288 49.68 43.33 -50.93
CA TRP I 288 48.77 42.22 -51.35
C TRP I 288 48.25 42.46 -52.77
N ASN I 289 48.11 43.72 -53.17
CA ASN I 289 47.65 44.03 -54.54
C ASN I 289 48.81 43.90 -55.52
N ARG I 290 50.05 43.74 -55.01
CA ARG I 290 51.27 43.54 -55.84
C ARG I 290 51.65 44.78 -56.65
N VAL I 291 50.75 45.73 -56.82
CA VAL I 291 51.01 46.93 -57.66
C VAL I 291 51.12 48.17 -56.77
N GLY I 292 50.48 48.13 -55.61
CA GLY I 292 50.52 49.27 -54.67
C GLY I 292 49.46 50.30 -54.97
N TRP I 293 49.33 51.29 -54.11
CA TRP I 293 48.36 52.39 -54.32
C TRP I 293 49.11 53.70 -54.50
N GLY I 294 50.42 53.65 -54.71
CA GLY I 294 51.22 54.85 -54.94
C GLY I 294 51.54 55.57 -53.64
N GLU I 295 51.73 56.88 -53.69
CA GLU I 295 51.96 57.69 -52.48
C GLU I 295 50.64 57.84 -51.73
N ILE I 296 50.56 57.29 -50.52
CA ILE I 296 49.31 57.37 -49.71
C ILE I 296 49.67 57.65 -48.26
N PRO I 297 48.73 58.23 -47.46
CA PRO I 297 48.88 58.36 -46.01
C PRO I 297 49.07 57.02 -45.31
N MET I 298 49.88 56.96 -44.23
CA MET I 298 50.12 55.70 -43.50
C MET I 298 48.81 55.16 -42.95
N SER I 299 47.98 56.05 -42.40
CA SER I 299 46.67 55.64 -41.86
C SER I 299 45.99 54.72 -42.86
N LEU I 300 45.98 55.09 -44.12
CA LEU I 300 45.30 54.29 -45.17
C LEU I 300 46.01 52.95 -45.34
N GLY I 301 47.33 52.97 -45.31
CA GLY I 301 48.11 51.72 -45.45
C GLY I 301 47.61 50.65 -44.50
N PHE I 302 47.57 50.97 -43.20
CA PHE I 302 47.14 49.99 -42.17
C PHE I 302 45.70 49.56 -42.44
N THR I 303 44.83 50.51 -42.78
CA THR I 303 43.43 50.20 -43.10
C THR I 303 43.40 49.15 -44.22
N TYR I 304 44.14 49.38 -45.28
CA TYR I 304 44.17 48.46 -46.45
C TYR I 304 44.97 47.20 -46.11
N SER I 305 45.81 47.25 -45.06
CA SER I 305 46.75 46.16 -44.69
C SER I 305 47.91 46.14 -45.68
N SER I 306 48.69 47.22 -45.68
CA SER I 306 49.87 47.35 -46.55
C SER I 306 51.08 46.65 -45.94
N ASN I 307 51.73 45.79 -46.70
CA ASN I 307 52.93 45.08 -46.24
C ASN I 307 54.14 46.03 -46.29
N THR I 308 54.17 46.92 -47.28
CA THR I 308 55.29 47.87 -47.47
C THR I 308 55.39 48.84 -46.30
N LEU I 309 54.28 49.30 -45.76
CA LEU I 309 54.26 50.23 -44.62
C LEU I 309 55.11 49.68 -43.49
N MET I 310 54.83 48.46 -43.06
CA MET I 310 55.53 47.86 -41.90
C MET I 310 57.03 47.79 -42.19
N MET I 311 57.39 47.50 -43.43
CA MET I 311 58.80 47.46 -43.84
C MET I 311 59.41 48.84 -43.70
N HIS I 312 58.78 49.86 -44.29
CA HIS I 312 59.16 51.26 -44.11
C HIS I 312 59.42 51.52 -42.61
N LEU I 313 58.38 51.31 -41.83
CA LEU I 313 58.34 51.69 -40.40
C LEU I 313 59.52 51.01 -39.71
N GLN I 314 59.81 49.76 -40.10
CA GLN I 314 60.92 49.01 -39.46
C GLN I 314 62.21 49.79 -39.66
N ASP I 315 62.42 50.27 -40.87
CA ASP I 315 63.62 51.02 -41.29
C ASP I 315 63.73 52.29 -40.46
N LEU I 316 62.63 53.02 -40.31
CA LEU I 316 62.64 54.30 -39.54
C LEU I 316 63.00 54.03 -38.08
N VAL I 317 62.38 53.02 -37.48
CA VAL I 317 62.61 52.69 -36.04
C VAL I 317 64.04 52.16 -35.88
N GLY I 318 64.39 51.11 -36.63
CA GLY I 318 65.70 50.44 -36.50
C GLY I 318 65.53 48.95 -36.21
N ALA I 319 66.37 48.14 -36.85
CA ALA I 319 66.34 46.68 -36.69
C ALA I 319 66.37 46.33 -35.21
N ASP I 320 67.47 46.69 -34.54
CA ASP I 320 67.70 46.17 -33.16
C ASP I 320 66.53 46.55 -32.28
N LYS I 321 65.99 47.72 -32.50
CA LYS I 321 64.94 48.27 -31.60
C LYS I 321 63.64 47.52 -31.84
N MET I 322 63.36 47.20 -33.11
CA MET I 322 62.08 46.50 -33.45
C MET I 322 62.14 45.09 -32.88
N LYS I 323 63.31 44.45 -32.88
CA LYS I 323 63.41 43.10 -32.32
C LYS I 323 62.99 43.12 -30.86
N SER I 324 63.53 44.09 -30.12
CA SER I 324 63.25 44.29 -28.69
C SER I 324 61.78 44.63 -28.50
N TRP I 325 61.21 45.38 -29.44
CA TRP I 325 59.76 45.70 -29.36
C TRP I 325 58.94 44.41 -29.38
N TYR I 326 59.23 43.53 -30.32
CA TYR I 326 58.44 42.27 -30.44
C TYR I 326 58.66 41.39 -29.20
N GLU I 327 59.86 41.44 -28.63
CA GLU I 327 60.19 40.70 -27.39
C GLU I 327 59.36 41.27 -26.23
N ARG I 328 59.26 42.59 -26.14
CA ARG I 328 58.50 43.21 -25.04
C ARG I 328 57.01 42.98 -25.19
N PHE I 329 56.57 42.64 -26.40
CA PHE I 329 55.16 42.24 -26.63
C PHE I 329 54.95 40.74 -26.37
N GLY I 330 55.94 40.05 -25.82
CA GLY I 330 55.76 38.70 -25.21
C GLY I 330 55.97 37.58 -26.18
N PHE I 331 56.43 37.90 -27.39
CA PHE I 331 56.64 36.93 -28.48
C PHE I 331 58.00 36.27 -28.36
N GLY I 332 58.05 35.02 -28.83
CA GLY I 332 59.27 34.21 -28.71
C GLY I 332 59.44 33.64 -27.31
N LYS I 333 58.50 33.91 -26.41
CA LYS I 333 58.56 33.41 -25.03
C LYS I 333 57.20 32.86 -24.66
N SER I 334 57.24 31.83 -23.82
CA SER I 334 56.03 31.24 -23.20
C SER I 334 55.25 32.30 -22.42
N THR I 335 53.93 32.21 -22.43
CA THR I 335 53.07 33.16 -21.70
C THR I 335 52.95 32.74 -20.24
N LYS I 336 53.62 31.66 -19.86
CA LYS I 336 53.59 31.06 -18.52
C LYS I 336 52.17 30.75 -18.10
N GLY I 337 51.36 30.36 -19.09
CA GLY I 337 50.01 29.88 -18.87
C GLY I 337 50.04 28.51 -18.24
N MET I 338 48.88 28.07 -17.80
CA MET I 338 48.74 26.86 -16.93
C MET I 338 48.76 25.56 -17.73
N PHE I 339 49.13 25.59 -19.01
CA PHE I 339 48.95 24.44 -19.89
C PHE I 339 50.32 23.78 -20.00
N ASP I 340 50.27 22.50 -20.32
CA ASP I 340 51.48 21.66 -20.53
C ASP I 340 52.23 22.08 -21.79
N GLY I 341 53.55 22.00 -21.76
CA GLY I 341 54.42 22.20 -22.92
C GLY I 341 53.97 23.30 -23.85
N GLU I 342 53.61 24.45 -23.27
CA GLU I 342 53.24 25.63 -24.06
C GLU I 342 54.38 26.03 -24.97
N ALA I 343 54.05 26.22 -26.24
CA ALA I 343 55.07 26.52 -27.27
C ALA I 343 55.55 27.97 -27.18
N PRO I 344 56.87 28.19 -27.32
CA PRO I 344 57.43 29.52 -27.21
C PRO I 344 57.37 30.35 -28.49
N GLY I 345 57.26 29.65 -29.63
CA GLY I 345 57.43 30.21 -30.98
C GLY I 345 58.81 30.82 -31.14
N GLN I 346 58.98 31.69 -32.12
CA GLN I 346 60.30 32.35 -32.32
C GLN I 346 60.22 33.52 -33.26
N ILE I 347 60.94 34.57 -32.89
CA ILE I 347 60.99 35.82 -33.69
C ILE I 347 62.02 35.57 -34.78
N GLY I 348 61.57 35.63 -36.04
CA GLY I 348 62.42 35.44 -37.23
C GLY I 348 63.22 36.68 -37.48
N TRP I 349 64.50 36.65 -37.13
CA TRP I 349 65.35 37.86 -37.19
C TRP I 349 66.78 37.52 -37.61
N SER I 350 66.99 36.40 -38.31
CA SER I 350 68.36 35.90 -38.68
C SER I 350 69.03 36.75 -39.77
N ASN I 351 68.22 37.32 -40.65
CA ASN I 351 68.71 38.20 -41.74
C ASN I 351 67.65 39.23 -42.05
N GLU I 352 67.98 40.17 -42.93
CA GLU I 352 67.07 41.29 -43.29
C GLU I 352 65.73 40.77 -43.83
N LEU I 353 65.80 39.69 -44.61
CA LEU I 353 64.58 39.13 -45.22
C LEU I 353 63.62 38.76 -44.09
N GLN I 354 64.09 37.94 -43.16
CA GLN I 354 63.26 37.41 -42.05
C GLN I 354 62.71 38.60 -41.29
N GLN I 355 63.58 39.56 -41.03
CA GLN I 355 63.20 40.74 -40.22
C GLN I 355 62.05 41.49 -40.90
N LYS I 356 62.26 41.80 -42.16
CA LYS I 356 61.22 42.53 -42.94
C LYS I 356 59.91 41.72 -42.94
N THR I 357 60.00 40.50 -43.44
CA THR I 357 58.80 39.62 -43.58
C THR I 357 58.11 39.51 -42.21
N SER I 358 58.89 39.53 -41.13
CA SER I 358 58.32 39.44 -39.77
C SER I 358 57.34 40.59 -39.58
N SER I 359 57.63 41.84 -39.96
CA SER I 359 56.77 42.96 -39.50
C SER I 359 55.34 42.81 -40.00
N PHE I 360 55.08 41.93 -40.96
CA PHE I 360 53.73 41.67 -41.47
C PHE I 360 53.35 40.20 -41.27
N GLY I 361 54.12 39.51 -40.45
CA GLY I 361 53.73 38.26 -39.77
C GLY I 361 54.17 36.97 -40.43
N GLN I 362 55.27 36.99 -41.14
CA GLN I 362 55.89 35.79 -41.72
C GLN I 362 57.25 35.59 -41.08
N SER I 363 57.77 34.38 -41.20
CA SER I 363 59.02 33.89 -40.56
C SER I 363 58.83 33.68 -39.08
N THR I 364 58.39 34.74 -38.42
CA THR I 364 58.07 34.74 -36.98
C THR I 364 56.90 33.81 -36.68
N THR I 365 57.03 32.98 -35.66
CA THR I 365 55.97 32.05 -35.23
C THR I 365 55.47 32.47 -33.86
N VAL I 366 54.16 32.31 -33.69
CA VAL I 366 53.49 32.65 -32.42
C VAL I 366 52.47 31.57 -32.04
N THR I 367 52.24 31.48 -30.73
CA THR I 367 51.03 30.86 -30.18
C THR I 367 49.89 31.87 -30.29
N PRO I 368 48.67 31.39 -30.60
CA PRO I 368 47.48 32.24 -30.54
C PRO I 368 47.40 33.05 -29.25
N VAL I 369 47.88 32.43 -28.17
CA VAL I 369 47.85 33.02 -26.81
C VAL I 369 48.77 34.22 -26.72
N GLN I 370 50.02 34.10 -27.17
CA GLN I 370 50.98 35.22 -27.27
C GLN I 370 50.27 36.41 -27.85
N MET I 371 49.41 36.13 -28.82
CA MET I 371 48.71 37.19 -29.60
C MET I 371 47.63 37.82 -28.73
N LEU I 372 46.84 37.02 -28.00
CA LEU I 372 45.87 37.59 -27.04
C LEU I 372 46.60 38.48 -26.05
N GLN I 373 47.72 37.99 -25.58
CA GLN I 373 48.49 38.66 -24.53
C GLN I 373 48.83 40.05 -25.09
N ALA I 374 49.53 40.06 -26.21
CA ALA I 374 49.85 41.29 -26.96
C ALA I 374 48.63 42.22 -27.01
N GLN I 375 47.62 41.79 -27.74
CA GLN I 375 46.45 42.63 -28.09
C GLN I 375 45.84 43.27 -26.86
N SER I 376 45.86 42.58 -25.73
CA SER I 376 45.22 43.10 -24.50
C SER I 376 45.72 44.46 -24.11
N ALA I 377 47.02 44.70 -24.33
CA ALA I 377 47.69 45.99 -24.13
C ALA I 377 46.85 47.20 -24.54
N PHE I 378 46.15 47.08 -25.66
CA PHE I 378 45.55 48.24 -26.35
C PHE I 378 44.33 48.78 -25.59
N PHE I 379 43.74 47.90 -24.77
CA PHE I 379 42.45 48.15 -24.08
C PHE I 379 42.60 48.26 -22.57
N ASN I 380 43.82 48.10 -22.10
CA ASN I 380 44.27 48.16 -20.68
C ASN I 380 45.57 48.99 -20.59
N ASP I 381 45.61 50.11 -21.31
CA ASP I 381 46.48 51.30 -21.00
C ASP I 381 47.95 50.90 -21.05
N GLY I 382 48.19 49.99 -21.99
CA GLY I 382 49.49 49.45 -22.42
C GLY I 382 49.94 48.23 -21.64
N ASN I 383 49.15 47.75 -20.68
CA ASN I 383 49.49 46.55 -19.90
C ASN I 383 49.00 45.29 -20.59
N MET I 384 49.90 44.38 -20.94
CA MET I 384 49.51 43.03 -21.39
C MET I 384 49.10 42.19 -20.19
N LEU I 385 47.98 41.50 -20.39
CA LEU I 385 47.39 40.62 -19.38
C LEU I 385 47.79 39.20 -19.69
N LYS I 386 48.19 38.48 -18.64
CA LYS I 386 48.55 37.05 -18.72
C LYS I 386 47.24 36.32 -18.94
N PRO I 387 47.11 35.62 -20.08
CA PRO I 387 45.91 34.83 -20.31
C PRO I 387 45.92 33.50 -19.55
N TRP I 388 44.81 33.26 -18.84
CA TRP I 388 44.63 32.10 -17.94
C TRP I 388 43.22 31.58 -18.08
N PHE I 389 43.09 30.28 -17.85
CA PHE I 389 41.83 29.54 -18.06
C PHE I 389 41.41 28.72 -16.86
N VAL I 390 42.30 28.63 -15.87
CA VAL I 390 42.05 27.85 -14.63
C VAL I 390 41.68 28.85 -13.57
N ASN I 391 40.44 28.75 -13.07
CA ASN I 391 39.92 29.66 -12.05
C ASN I 391 40.36 29.16 -10.67
N SER I 392 40.23 27.86 -10.38
CA SER I 392 40.66 27.24 -9.10
C SER I 392 40.63 25.71 -9.14
N VAL I 393 41.52 25.10 -8.35
CA VAL I 393 41.64 23.65 -8.04
C VAL I 393 41.43 23.58 -6.55
N GLU I 394 40.30 23.05 -6.15
CA GLU I 394 39.99 22.90 -4.70
C GLU I 394 39.23 21.64 -4.38
N ASN I 395 39.64 20.94 -3.32
CA ASN I 395 38.87 19.81 -2.79
C ASN I 395 37.55 20.32 -2.22
N PRO I 396 36.41 19.80 -2.69
CA PRO I 396 35.12 20.37 -2.30
C PRO I 396 34.66 19.98 -0.89
N VAL I 397 35.31 18.97 -0.33
CA VAL I 397 35.13 18.59 1.10
C VAL I 397 35.72 19.68 1.99
N SER I 398 37.04 19.87 1.88
CA SER I 398 37.78 20.78 2.78
C SER I 398 37.63 22.25 2.37
N LYS I 399 37.28 22.48 1.12
CA LYS I 399 37.20 23.81 0.47
C LYS I 399 38.57 24.39 0.24
N ARG I 400 39.62 23.59 0.37
CA ARG I 400 41.00 24.11 0.36
C ARG I 400 41.42 24.43 -1.07
N GLN I 401 41.84 25.68 -1.34
CA GLN I 401 42.20 26.07 -2.72
C GLN I 401 43.68 25.82 -2.95
N PHE I 402 43.98 24.77 -3.70
CA PHE I 402 45.37 24.43 -4.07
C PHE I 402 45.93 25.39 -5.12
N TYR I 403 45.09 25.89 -6.01
CA TYR I 403 45.45 27.04 -6.87
C TYR I 403 44.21 27.90 -7.08
N LYS I 404 44.46 29.19 -7.15
CA LYS I 404 43.42 30.15 -7.52
C LYS I 404 44.00 31.12 -8.53
N GLY I 405 43.40 31.15 -9.71
CA GLY I 405 43.88 32.01 -10.78
C GLY I 405 43.46 33.44 -10.57
N GLN I 406 44.27 34.36 -11.11
CA GLN I 406 43.94 35.80 -11.05
C GLN I 406 44.59 36.52 -12.21
N LYS I 407 44.07 37.71 -12.47
CA LYS I 407 44.60 38.57 -13.54
C LYS I 407 45.96 39.14 -13.13
N GLN I 408 46.95 38.94 -13.98
CA GLN I 408 48.35 39.32 -13.78
C GLN I 408 48.74 40.14 -15.00
N ILE I 409 49.72 40.98 -14.76
CA ILE I 409 50.25 41.91 -15.80
C ILE I 409 51.62 41.35 -16.20
N ALA I 410 51.66 40.82 -17.44
CA ALA I 410 52.86 40.16 -18.03
C ALA I 410 53.78 41.20 -18.65
N GLY I 411 53.37 42.45 -18.67
CA GLY I 411 54.30 43.54 -19.00
C GLY I 411 53.55 44.73 -19.50
N LYS I 412 54.14 45.92 -19.36
CA LYS I 412 53.64 47.14 -20.01
C LYS I 412 54.67 47.60 -21.02
N PRO I 413 54.59 47.11 -22.27
CA PRO I 413 55.56 47.50 -23.29
C PRO I 413 55.34 48.90 -23.88
N ILE I 414 54.14 49.43 -23.71
CA ILE I 414 53.66 50.64 -24.43
C ILE I 414 52.92 51.53 -23.46
N THR I 415 52.71 52.76 -23.93
CA THR I 415 52.17 53.85 -23.11
C THR I 415 50.65 53.86 -23.25
N LYS I 416 49.98 54.68 -22.46
CA LYS I 416 48.51 54.84 -22.59
C LYS I 416 48.22 55.55 -23.92
N ASP I 417 48.97 56.63 -24.19
CA ASP I 417 48.83 57.45 -25.44
C ASP I 417 48.94 56.55 -26.65
N THR I 418 50.03 55.80 -26.74
CA THR I 418 50.26 54.85 -27.85
C THR I 418 49.05 53.92 -28.05
N ALA I 419 48.56 53.32 -26.96
CA ALA I 419 47.42 52.38 -27.05
C ALA I 419 46.18 53.02 -27.67
N GLU I 420 45.86 54.24 -27.28
CA GLU I 420 44.67 54.94 -27.80
C GLU I 420 44.84 55.17 -29.30
N LYS I 421 46.03 55.49 -29.72
CA LYS I 421 46.33 55.76 -31.15
C LYS I 421 46.26 54.48 -31.95
N VAL I 422 46.72 53.37 -31.37
CA VAL I 422 46.60 52.04 -32.03
C VAL I 422 45.12 51.73 -32.18
N GLU I 423 44.35 51.90 -31.12
CA GLU I 423 42.90 51.59 -31.16
C GLU I 423 42.21 52.37 -32.29
N LYS I 424 42.59 53.63 -32.46
CA LYS I 424 41.98 54.49 -33.50
C LYS I 424 42.18 53.87 -34.88
N GLN I 425 43.35 53.30 -35.13
CA GLN I 425 43.65 52.66 -36.43
C GLN I 425 42.87 51.35 -36.58
N LEU I 426 42.77 50.57 -35.50
CA LEU I 426 42.01 49.29 -35.51
C LEU I 426 40.54 49.56 -35.81
N ASP I 427 40.02 50.67 -35.28
CA ASP I 427 38.63 51.11 -35.55
C ASP I 427 38.51 51.35 -37.06
N LEU I 428 39.44 52.13 -37.61
CA LEU I 428 39.47 52.42 -39.06
C LEU I 428 39.50 51.13 -39.89
N VAL I 429 40.43 50.25 -39.59
CA VAL I 429 40.62 49.02 -40.41
C VAL I 429 39.27 48.45 -40.82
N VAL I 430 38.33 48.47 -39.90
CA VAL I 430 36.96 47.92 -40.12
C VAL I 430 35.98 48.99 -40.58
N ASN I 431 35.93 50.08 -39.83
CA ASN I 431 34.90 51.15 -40.02
C ASN I 431 35.40 52.42 -40.72
N SER I 432 36.32 52.26 -41.66
CA SER I 432 36.76 53.29 -42.62
C SER I 432 35.96 53.17 -43.92
N LYS I 433 35.93 54.24 -44.69
CA LYS I 433 35.06 54.33 -45.89
C LYS I 433 35.62 53.39 -46.96
N LYS I 434 36.94 53.30 -46.97
CA LYS I 434 37.70 52.47 -47.95
C LYS I 434 38.15 51.16 -47.32
N SER I 435 37.54 50.75 -46.19
CA SER I 435 37.99 49.54 -45.46
C SER I 435 38.01 48.30 -46.36
N HIS I 436 39.06 47.47 -46.21
CA HIS I 436 39.13 46.16 -46.88
C HIS I 436 38.81 45.08 -45.83
N ALA I 437 37.92 45.46 -44.91
CA ALA I 437 37.48 44.56 -43.81
C ALA I 437 36.03 44.82 -43.47
N ALA I 438 35.22 45.27 -44.40
CA ALA I 438 33.82 45.65 -44.13
C ALA I 438 32.96 44.42 -43.83
N ASN I 439 33.40 43.26 -44.30
CA ASN I 439 32.67 41.99 -44.09
C ASN I 439 32.62 41.61 -42.61
N TYR I 440 33.51 42.18 -41.80
CA TYR I 440 33.56 41.86 -40.36
C TYR I 440 32.60 42.73 -39.54
N ARG I 441 31.92 43.66 -40.20
CA ARG I 441 30.99 44.57 -39.50
C ARG I 441 29.74 43.82 -39.06
N ILE I 442 29.27 44.26 -37.90
CA ILE I 442 28.04 43.75 -37.26
C ILE I 442 27.06 44.90 -37.02
N ASP I 443 25.80 44.53 -37.23
CA ASP I 443 24.60 45.36 -36.99
C ASP I 443 24.38 45.57 -35.51
N GLY I 444 24.24 46.83 -35.14
CA GLY I 444 23.90 47.30 -33.78
C GLY I 444 25.12 47.54 -32.90
N TYR I 445 26.25 46.92 -33.27
CA TYR I 445 27.49 46.85 -32.45
C TYR I 445 28.70 47.39 -33.22
N GLU I 446 29.56 48.12 -32.50
CA GLU I 446 30.79 48.79 -33.02
C GLU I 446 31.95 47.81 -32.85
N VAL I 447 32.56 47.41 -33.97
CA VAL I 447 33.60 46.35 -34.02
C VAL I 447 34.90 47.01 -34.42
N GLU I 448 36.00 46.36 -34.10
CA GLU I 448 37.31 46.82 -34.60
C GLU I 448 38.26 45.64 -34.53
N GLY I 449 39.37 45.73 -35.24
CA GLY I 449 40.32 44.60 -35.28
C GLY I 449 41.18 44.62 -36.50
N LYS I 450 41.81 43.50 -36.80
CA LYS I 450 42.81 43.47 -37.89
C LYS I 450 42.67 42.20 -38.71
N THR I 451 42.58 42.32 -40.03
CA THR I 451 42.59 41.16 -40.95
C THR I 451 43.95 40.47 -40.85
N GLY I 452 44.00 39.18 -41.20
CA GLY I 452 45.23 38.43 -41.00
C GLY I 452 45.46 37.36 -42.05
N THR I 453 45.53 37.73 -43.33
CA THR I 453 45.85 36.75 -44.40
C THR I 453 47.35 36.50 -44.36
N ALA I 454 47.74 35.22 -44.28
CA ALA I 454 49.17 34.84 -44.24
C ALA I 454 49.48 33.73 -45.23
N GLN I 455 50.68 33.15 -45.13
CA GLN I 455 51.04 31.98 -45.93
C GLN I 455 51.57 30.90 -44.98
N VAL I 456 51.03 29.71 -45.10
CA VAL I 456 51.40 28.59 -44.19
C VAL I 456 52.64 27.91 -44.75
N ALA I 457 53.50 27.42 -43.87
CA ALA I 457 54.74 26.73 -44.25
C ALA I 457 54.49 25.25 -44.53
N ALA I 458 55.36 24.64 -45.33
CA ALA I 458 55.27 23.20 -45.67
C ALA I 458 55.54 22.38 -44.41
N PRO I 459 54.62 21.45 -44.02
CA PRO I 459 54.72 20.73 -42.75
C PRO I 459 56.12 20.27 -42.41
N ASN I 460 56.68 19.42 -43.26
CA ASN I 460 58.08 18.95 -43.09
C ASN I 460 58.97 19.48 -44.22
N GLY I 461 59.85 20.42 -43.88
CA GLY I 461 60.84 21.01 -44.80
C GLY I 461 60.17 21.72 -45.95
N GLY I 462 60.97 22.18 -46.92
CA GLY I 462 60.55 23.08 -48.01
C GLY I 462 60.20 24.48 -47.52
N GLY I 463 59.65 25.29 -48.42
CA GLY I 463 59.20 26.69 -48.21
C GLY I 463 57.78 26.78 -47.74
N TYR I 464 56.91 27.44 -48.52
CA TYR I 464 55.50 27.61 -48.17
C TYR I 464 54.63 26.66 -48.99
N VAL I 465 53.45 26.37 -48.45
CA VAL I 465 52.40 25.63 -49.17
C VAL I 465 51.90 26.46 -50.35
N LYS I 466 51.77 25.78 -51.48
CA LYS I 466 51.26 26.33 -52.75
C LYS I 466 49.87 25.77 -53.03
N GLY I 467 49.19 26.36 -53.98
CA GLY I 467 47.78 26.05 -54.29
C GLY I 467 47.07 27.30 -54.77
N PRO I 468 45.72 27.25 -54.90
CA PRO I 468 44.96 28.42 -55.35
C PRO I 468 45.01 29.57 -54.35
N ASN I 469 44.59 29.28 -53.12
CA ASN I 469 44.65 30.21 -51.97
C ASN I 469 45.18 29.49 -50.73
N PRO I 470 46.50 29.23 -50.67
CA PRO I 470 47.08 28.52 -49.54
C PRO I 470 47.40 29.45 -48.38
N TYR I 471 46.36 30.05 -47.84
CA TYR I 471 46.47 31.09 -46.80
C TYR I 471 45.83 30.71 -45.47
N PHE I 472 46.45 31.22 -44.40
CA PHE I 472 45.92 31.14 -43.04
C PHE I 472 45.34 32.51 -42.82
N VAL I 473 44.02 32.57 -42.77
CA VAL I 473 43.26 33.83 -42.56
C VAL I 473 42.87 33.92 -41.11
N SER I 474 42.88 35.12 -40.59
CA SER I 474 42.57 35.36 -39.17
C SER I 474 41.94 36.75 -38.96
N PHE I 475 41.35 36.92 -37.80
CA PHE I 475 40.88 38.24 -37.37
C PHE I 475 40.99 38.38 -35.87
N MET I 476 41.65 39.44 -35.42
CA MET I 476 41.84 39.74 -33.98
C MET I 476 40.94 40.90 -33.61
N GLY I 477 39.69 40.58 -33.30
CA GLY I 477 38.66 41.59 -33.09
C GLY I 477 38.32 41.86 -31.64
N ASP I 478 37.69 43.00 -31.41
CA ASP I 478 37.31 43.39 -30.05
C ASP I 478 36.11 44.30 -30.16
N ALA I 479 35.32 44.35 -29.10
CA ALA I 479 34.05 45.08 -29.09
C ALA I 479 33.47 45.04 -27.69
N PRO I 480 32.66 46.05 -27.29
CA PRO I 480 32.39 47.27 -28.08
C PRO I 480 33.67 48.08 -28.29
N LYS I 481 33.71 48.77 -29.41
CA LYS I 481 34.87 49.60 -29.81
C LYS I 481 35.30 50.54 -28.70
N LYS I 482 36.63 50.75 -28.58
CA LYS I 482 37.26 51.61 -27.56
C LYS I 482 37.30 50.95 -26.18
N ASN I 483 36.11 50.70 -25.60
CA ASN I 483 35.98 50.05 -24.27
C ASN I 483 35.37 48.67 -24.35
N PRO I 484 36.13 47.71 -24.89
CA PRO I 484 35.62 46.37 -25.13
C PRO I 484 35.35 45.48 -23.92
N LYS I 485 34.51 44.51 -24.16
CA LYS I 485 34.13 43.48 -23.20
C LYS I 485 35.01 42.28 -23.48
N VAL I 486 35.20 41.97 -24.74
CA VAL I 486 35.89 40.73 -25.17
C VAL I 486 36.79 40.99 -26.35
N ILE I 487 37.76 40.10 -26.48
CA ILE I 487 38.61 39.94 -27.66
C ILE I 487 38.21 38.59 -28.23
N VAL I 488 37.94 38.55 -29.53
CA VAL I 488 37.69 37.28 -30.24
C VAL I 488 38.78 37.13 -31.28
N TYR I 489 39.52 36.03 -31.22
CA TYR I 489 40.56 35.69 -32.20
C TYR I 489 40.16 34.39 -32.91
N ALA I 490 39.86 34.49 -34.21
CA ALA I 490 39.59 33.28 -35.03
C ALA I 490 40.72 33.15 -36.02
N GLY I 491 41.10 31.93 -36.33
CA GLY I 491 42.09 31.64 -37.38
C GLY I 491 41.72 30.39 -38.12
N MET I 492 41.95 30.38 -39.44
CA MET I 492 41.67 29.26 -40.36
C MET I 492 42.88 29.05 -41.24
N SER I 493 43.28 27.81 -41.36
CA SER I 493 44.46 27.43 -42.18
C SER I 493 44.06 26.47 -43.30
N LEU I 494 44.32 26.91 -44.52
CA LEU I 494 44.13 26.10 -45.74
C LEU I 494 42.72 25.52 -45.91
N ALA I 495 41.79 26.39 -46.28
CA ALA I 495 40.44 25.98 -46.67
C ALA I 495 40.58 25.05 -47.89
N GLN I 496 39.91 23.91 -47.83
CA GLN I 496 40.00 22.88 -48.91
C GLN I 496 38.82 23.01 -49.88
N LYS I 497 37.87 23.81 -49.49
CA LYS I 497 36.65 24.03 -50.27
C LYS I 497 36.38 25.53 -50.22
N ASN I 498 35.83 26.08 -51.32
CA ASN I 498 35.57 27.55 -51.43
C ASN I 498 36.79 28.36 -51.01
N ASP I 499 37.96 27.91 -51.40
CA ASP I 499 39.22 28.59 -50.99
C ASP I 499 39.21 30.05 -51.40
N GLN I 500 38.53 30.35 -52.51
CA GLN I 500 38.40 31.74 -52.97
C GLN I 500 37.62 32.59 -51.99
N GLU I 501 36.42 32.16 -51.63
CA GLU I 501 35.61 32.92 -50.66
C GLU I 501 36.40 33.09 -49.37
N ALA I 502 37.13 32.06 -48.98
CA ALA I 502 37.98 32.08 -47.77
C ALA I 502 38.88 33.28 -47.88
N TYR I 503 39.64 33.43 -48.96
CA TYR I 503 40.60 34.55 -49.06
C TYR I 503 39.84 35.86 -49.02
N GLU I 504 38.66 35.87 -49.63
CA GLU I 504 37.87 37.12 -49.77
C GLU I 504 37.25 37.56 -48.45
N LEU I 505 36.57 36.63 -47.81
CA LEU I 505 35.78 36.94 -46.58
C LEU I 505 36.65 36.78 -45.32
N GLY I 506 37.53 35.79 -45.36
CA GLY I 506 38.22 35.22 -44.20
C GLY I 506 37.26 34.55 -43.23
N VAL I 507 37.57 34.74 -41.97
CA VAL I 507 36.85 34.07 -40.85
C VAL I 507 35.68 34.96 -40.45
N SER I 508 35.33 35.94 -41.27
CA SER I 508 34.21 36.89 -40.97
C SER I 508 32.92 36.12 -40.66
N LYS I 509 32.70 35.05 -41.41
CA LYS I 509 31.48 34.21 -41.30
C LYS I 509 31.35 33.53 -39.93
N ALA I 510 32.45 33.45 -39.18
CA ALA I 510 32.46 32.83 -37.84
C ALA I 510 32.53 33.91 -36.77
N PHE I 511 33.40 34.90 -36.96
CA PHE I 511 33.55 36.02 -36.00
C PHE I 511 32.22 36.71 -35.76
N LYS I 512 31.52 37.09 -36.83
CA LYS I 512 30.25 37.83 -36.71
C LYS I 512 29.25 37.16 -35.78
N PRO I 513 28.81 35.92 -36.05
CA PRO I 513 27.91 35.25 -35.13
C PRO I 513 28.39 35.10 -33.70
N ILE I 514 29.64 34.68 -33.52
CA ILE I 514 30.22 34.53 -32.15
C ILE I 514 30.13 35.87 -31.43
N MET I 515 30.65 36.93 -32.04
CA MET I 515 30.65 38.25 -31.35
C MET I 515 29.23 38.72 -31.08
N GLU I 516 28.35 38.69 -32.07
CA GLU I 516 26.96 39.13 -31.89
C GLU I 516 26.29 38.39 -30.74
N ASN I 517 26.32 37.09 -30.79
CA ASN I 517 25.72 36.22 -29.74
C ASN I 517 26.27 36.50 -28.35
N THR I 518 27.57 36.69 -28.27
CA THR I 518 28.28 36.91 -27.00
C THR I 518 27.85 38.26 -26.40
N LEU I 519 27.88 39.30 -27.23
CA LEU I 519 27.54 40.67 -26.76
C LEU I 519 26.09 40.70 -26.24
N LYS I 520 25.22 40.00 -26.98
CA LYS I 520 23.77 39.84 -26.72
C LYS I 520 23.59 39.18 -25.35
N TYR I 521 24.30 38.07 -25.11
CA TYR I 521 24.27 37.25 -23.86
C TYR I 521 24.81 38.05 -22.68
N LEU I 522 25.82 38.89 -22.94
CA LEU I 522 26.43 39.75 -21.90
C LEU I 522 25.63 41.04 -21.71
N ASN I 523 24.48 41.15 -22.37
CA ASN I 523 23.58 42.31 -22.26
C ASN I 523 24.33 43.62 -22.54
N VAL I 524 24.99 43.66 -23.69
CA VAL I 524 25.65 44.90 -24.15
C VAL I 524 24.65 45.61 -25.06
N GLY I 525 24.43 46.88 -24.79
CA GLY I 525 23.53 47.77 -25.55
C GLY I 525 23.72 47.82 -27.07
N LYS I 526 22.60 48.03 -27.79
CA LYS I 526 22.50 48.03 -29.28
C LYS I 526 22.25 49.47 -29.75
N SER I 527 23.28 50.14 -30.29
CA SER I 527 23.21 51.54 -30.80
C SER I 527 22.49 51.55 -32.15
N MET J 1 68.88 13.11 15.96
CA MET J 1 70.23 13.49 15.51
C MET J 1 70.17 14.15 14.14
N ARG J 2 71.13 15.04 13.90
CA ARG J 2 71.18 15.83 12.66
C ARG J 2 71.99 15.20 11.56
N GLY J 3 72.33 13.95 11.63
CA GLY J 3 73.00 13.29 10.46
C GLY J 3 74.46 13.73 10.42
N LYS J 4 75.35 12.79 10.10
CA LYS J 4 76.78 13.07 10.10
C LYS J 4 77.28 13.44 8.72
N ILE J 5 78.38 14.19 8.67
CA ILE J 5 79.04 14.43 7.37
C ILE J 5 80.37 13.74 7.44
N TYR J 6 80.58 12.78 6.55
CA TYR J 6 81.81 11.94 6.43
C TYR J 6 82.62 12.31 5.20
N ASP J 7 83.88 11.89 5.23
CA ASP J 7 84.75 11.96 4.05
C ASP J 7 84.59 10.65 3.27
N ARG J 8 85.43 10.42 2.27
CA ARG J 8 85.35 9.19 1.43
C ARG J 8 85.77 7.95 2.23
N ASN J 9 86.68 8.16 3.20
CA ASN J 9 87.18 7.08 4.07
C ASN J 9 86.26 6.82 5.25
N GLY J 10 85.22 7.60 5.44
CA GLY J 10 84.26 7.41 6.52
C GLY J 10 84.65 8.16 7.78
N LYS J 11 85.64 9.03 7.70
CA LYS J 11 86.07 9.83 8.88
C LYS J 11 85.11 11.00 9.03
N VAL J 12 84.74 11.26 10.26
CA VAL J 12 83.70 12.27 10.55
C VAL J 12 84.28 13.68 10.37
N LEU J 13 83.54 14.50 9.64
CA LEU J 13 83.88 15.93 9.41
C LEU J 13 83.01 16.86 10.26
N ALA J 14 81.82 16.40 10.60
CA ALA J 14 80.78 17.09 11.38
C ALA J 14 79.83 16.06 11.99
N GLU J 15 79.46 16.32 13.25
CA GLU J 15 78.52 15.44 14.01
C GLU J 15 77.93 16.21 15.16
N ASP J 16 76.84 15.70 15.72
CA ASP J 16 76.27 16.24 16.98
C ASP J 16 77.05 15.65 18.14
N VAL J 17 77.26 16.48 19.17
CA VAL J 17 77.78 15.99 20.48
C VAL J 17 76.93 16.53 21.62
N GLU J 18 76.96 15.85 22.76
CA GLU J 18 76.21 16.31 23.96
C GLU J 18 77.21 17.04 24.86
N ARG J 19 76.97 18.32 25.08
CA ARG J 19 77.80 19.19 25.92
C ARG J 19 76.89 19.67 27.02
N TYR J 20 77.36 20.58 27.88
CA TYR J 20 76.55 21.01 29.04
C TYR J 20 76.67 22.50 29.27
N LYS J 21 75.70 23.01 30.01
CA LYS J 21 75.55 24.44 30.26
C LYS J 21 75.42 24.68 31.76
N LEU J 22 76.17 25.64 32.24
CA LEU J 22 76.17 25.98 33.68
C LEU J 22 74.99 26.90 34.00
N VAL J 23 74.23 26.54 35.03
CA VAL J 23 73.10 27.37 35.51
C VAL J 23 73.20 27.51 37.02
N ALA J 24 72.97 28.71 37.52
CA ALA J 24 73.07 28.98 38.97
C ALA J 24 71.81 29.69 39.44
N VAL J 25 71.11 29.09 40.39
CA VAL J 25 69.93 29.73 41.05
C VAL J 25 70.47 30.63 42.15
N ILE J 26 70.06 31.88 42.12
CA ILE J 26 70.55 32.96 43.02
C ILE J 26 69.51 33.48 44.02
N ASP J 27 68.27 33.02 43.92
CA ASP J 27 67.14 33.57 44.73
C ASP J 27 66.84 32.67 45.93
N LYS J 28 66.68 33.30 47.09
CA LYS J 28 66.51 32.60 48.37
C LYS J 28 65.26 31.71 48.35
N LYS J 29 64.27 32.01 47.48
CA LYS J 29 62.97 31.30 47.44
C LYS J 29 63.19 29.79 47.33
N ALA J 30 64.22 29.40 46.57
CA ALA J 30 64.61 28.00 46.25
C ALA J 30 64.84 27.16 47.52
N SER J 31 65.41 27.80 48.56
CA SER J 31 65.84 27.16 49.83
C SER J 31 64.82 27.39 50.94
N ALA J 32 63.75 28.13 50.65
CA ALA J 32 62.69 28.51 51.61
C ALA J 32 61.87 27.27 51.99
N ASN J 33 61.91 26.21 51.17
CA ASN J 33 60.96 25.08 51.24
C ASN J 33 61.61 23.90 51.98
N SER J 34 62.92 23.93 52.21
CA SER J 34 63.68 22.76 52.74
C SER J 34 65.01 23.16 53.39
N LYS J 35 65.67 22.16 53.98
CA LYS J 35 66.88 22.32 54.81
C LYS J 35 68.01 22.79 53.91
N LYS J 36 68.65 21.85 53.20
CA LYS J 36 69.87 22.07 52.38
C LYS J 36 69.65 23.15 51.32
N PRO J 37 70.41 24.26 51.37
CA PRO J 37 70.12 25.37 50.46
C PRO J 37 70.22 25.03 48.97
N ARG J 38 69.28 25.53 48.18
CA ARG J 38 69.23 25.28 46.72
C ARG J 38 69.41 26.59 45.96
N HIS J 39 70.06 27.55 46.58
CA HIS J 39 70.46 28.84 45.99
C HIS J 39 71.87 29.13 46.46
N VAL J 40 72.60 29.98 45.74
CA VAL J 40 74.01 30.24 46.02
C VAL J 40 74.11 31.06 47.29
N VAL J 41 74.69 30.46 48.32
CA VAL J 41 74.65 31.02 49.70
C VAL J 41 75.93 31.81 49.94
N ASP J 42 77.09 31.25 49.56
CA ASP J 42 78.36 32.03 49.56
C ASP J 42 78.68 32.41 48.14
N LYS J 43 78.15 33.53 47.63
CA LYS J 43 78.47 33.91 46.23
C LYS J 43 79.99 33.90 46.00
N LYS J 44 80.69 34.42 47.01
CA LYS J 44 82.12 34.82 46.98
C LYS J 44 82.97 33.57 46.74
N GLU J 45 82.81 32.56 47.60
CA GLU J 45 83.61 31.32 47.57
C GLU J 45 83.09 30.41 46.46
N THR J 46 81.77 30.42 46.15
CA THR J 46 81.20 29.63 45.03
C THR J 46 81.88 30.08 43.73
N ALA J 47 82.02 31.41 43.55
CA ALA J 47 82.62 32.03 42.36
C ALA J 47 84.09 31.62 42.22
N LYS J 48 84.83 31.60 43.32
CA LYS J 48 86.25 31.18 43.34
C LYS J 48 86.36 29.71 42.93
N LYS J 49 85.57 28.84 43.54
CA LYS J 49 85.59 27.38 43.28
C LYS J 49 85.30 27.08 41.80
N LEU J 50 84.43 27.89 41.18
CA LEU J 50 84.03 27.73 39.76
C LEU J 50 85.10 28.34 38.84
N SER J 51 85.85 29.34 39.33
CA SER J 51 86.98 29.96 38.59
C SER J 51 88.08 28.92 38.30
N THR J 52 87.95 27.70 38.84
CA THR J 52 88.84 26.55 38.56
C THR J 52 88.53 25.94 37.19
N VAL J 53 87.25 25.74 36.88
CA VAL J 53 86.77 24.99 35.68
C VAL J 53 86.64 25.97 34.51
N ILE J 54 85.74 26.94 34.62
CA ILE J 54 85.53 28.00 33.58
C ILE J 54 86.71 28.98 33.63
N ASN J 55 87.13 29.48 32.47
CA ASN J 55 88.19 30.53 32.37
C ASN J 55 87.53 31.91 32.50
N MET J 56 86.71 32.06 33.54
CA MET J 56 86.12 33.33 33.98
C MET J 56 86.90 33.78 35.22
N LYS J 57 86.92 35.10 35.45
CA LYS J 57 87.50 35.70 36.69
C LYS J 57 86.48 35.51 37.81
N PRO J 58 86.91 35.21 39.06
CA PRO J 58 85.98 35.04 40.18
C PRO J 58 85.02 36.22 40.39
N GLU J 59 85.49 37.45 40.09
CA GLU J 59 84.71 38.70 40.26
C GLU J 59 83.62 38.79 39.20
N GLU J 60 83.92 38.37 37.96
CA GLU J 60 82.95 38.39 36.83
C GLU J 60 81.84 37.36 37.07
N ILE J 61 82.16 36.27 37.77
CA ILE J 61 81.18 35.23 38.22
C ILE J 61 80.31 35.83 39.33
N GLU J 62 80.90 36.64 40.21
CA GLU J 62 80.19 37.27 41.35
C GLU J 62 79.26 38.37 40.85
N LYS J 63 79.69 39.15 39.85
CA LYS J 63 78.84 40.14 39.14
C LYS J 63 77.55 39.47 38.67
N ARG J 64 77.67 38.26 38.11
CA ARG J 64 76.54 37.50 37.52
C ARG J 64 75.69 36.91 38.63
N LEU J 65 76.33 36.35 39.65
CA LEU J 65 75.64 35.81 40.83
C LEU J 65 74.93 36.91 41.63
N SER J 66 75.36 38.17 41.45
CA SER J 66 74.87 39.32 42.24
C SER J 66 73.73 40.06 41.54
N GLN J 67 73.20 39.51 40.45
CA GLN J 67 72.08 40.09 39.71
C GLN J 67 70.80 40.01 40.55
N LYS J 68 70.13 41.14 40.61
CA LYS J 68 68.88 41.30 41.42
C LYS J 68 67.66 40.82 40.63
N LYS J 69 66.66 40.37 41.38
CA LYS J 69 65.36 39.89 40.84
C LYS J 69 65.60 39.02 39.60
N ALA J 70 66.45 38.03 39.76
CA ALA J 70 66.65 36.90 38.83
C ALA J 70 66.57 35.61 39.62
N PHE J 71 65.85 34.63 39.08
CA PHE J 71 65.84 33.28 39.66
C PHE J 71 67.12 32.55 39.30
N GLN J 72 67.31 32.35 38.00
CA GLN J 72 68.41 31.53 37.46
C GLN J 72 69.27 32.34 36.49
N ILE J 73 70.57 32.06 36.49
CA ILE J 73 71.49 32.82 35.59
C ILE J 73 72.40 31.91 34.76
N GLU J 74 72.74 32.40 33.57
CA GLU J 74 73.70 31.77 32.65
C GLU J 74 74.99 32.56 32.62
N PHE J 75 75.98 32.01 31.95
CA PHE J 75 77.35 32.57 31.91
C PHE J 75 77.88 32.83 30.48
N GLY J 76 77.09 33.56 29.70
CA GLY J 76 77.41 33.89 28.29
C GLY J 76 77.81 32.66 27.45
N ARG J 77 78.81 32.78 26.56
CA ARG J 77 79.35 31.65 25.76
C ARG J 77 80.24 30.72 26.63
N LYS J 78 80.83 31.23 27.69
CA LYS J 78 81.76 30.48 28.59
C LYS J 78 80.99 29.42 29.38
N GLY J 79 79.74 29.74 29.68
CA GLY J 79 78.78 28.90 30.44
C GLY J 79 78.01 27.91 29.58
N THR J 80 78.64 27.52 28.47
CA THR J 80 78.06 26.61 27.45
C THR J 80 79.19 25.76 26.88
N ASN J 81 78.85 24.69 26.18
CA ASN J 81 79.85 23.87 25.44
C ASN J 81 80.85 23.34 26.47
N LEU J 82 80.33 22.96 27.64
CA LEU J 82 81.19 22.37 28.69
C LEU J 82 81.19 20.85 28.53
N THR J 83 82.36 20.23 28.62
CA THR J 83 82.52 18.78 28.39
C THR J 83 82.02 17.98 29.59
N TYR J 84 81.85 16.67 29.41
CA TYR J 84 81.37 15.77 30.47
C TYR J 84 82.41 15.69 31.59
N GLN J 85 83.71 15.70 31.27
CA GLN J 85 84.83 15.61 32.24
C GLN J 85 84.83 16.85 33.14
N ASP J 86 84.51 18.03 32.55
CA ASP J 86 84.35 19.29 33.34
C ASP J 86 83.12 19.16 34.22
N LYS J 87 82.04 18.63 33.66
CA LYS J 87 80.76 18.47 34.41
C LYS J 87 81.03 17.67 35.69
N LEU J 88 81.76 16.55 35.57
CA LEU J 88 82.06 15.68 36.74
C LEU J 88 82.72 16.51 37.85
N LYS J 89 83.76 17.29 37.52
CA LYS J 89 84.48 18.10 38.56
C LYS J 89 83.48 19.00 39.28
N ILE J 90 82.62 19.71 38.55
CA ILE J 90 81.62 20.66 39.16
C ILE J 90 80.67 19.85 40.05
N GLU J 91 80.19 18.71 39.54
CA GLU J 91 79.25 17.86 40.31
C GLU J 91 79.85 17.49 41.67
N LYS J 92 81.17 17.27 41.74
CA LYS J 92 81.87 16.83 42.99
C LYS J 92 81.93 17.99 43.99
N MET J 93 81.80 19.25 43.53
CA MET J 93 81.86 20.43 44.42
C MET J 93 80.54 20.55 45.21
N ASN J 94 79.45 19.99 44.68
CA ASN J 94 78.11 19.91 45.34
C ASN J 94 77.72 21.32 45.82
N LEU J 95 77.85 22.30 44.92
CA LEU J 95 77.65 23.74 45.24
C LEU J 95 76.17 24.09 45.23
N PRO J 96 75.75 25.02 46.12
CA PRO J 96 74.30 25.30 46.28
C PRO J 96 73.72 26.09 45.11
N GLY J 97 72.71 25.53 44.42
CA GLY J 97 72.08 26.25 43.30
C GLY J 97 72.71 25.97 41.95
N ILE J 98 73.80 25.16 41.92
CA ILE J 98 74.54 24.94 40.65
C ILE J 98 74.07 23.67 39.95
N SER J 99 73.91 23.76 38.65
CA SER J 99 73.48 22.60 37.86
C SER J 99 73.98 22.75 36.43
N LEU J 100 74.09 21.62 35.74
CA LEU J 100 74.50 21.58 34.33
C LEU J 100 73.41 20.89 33.55
N LEU J 101 72.89 21.53 32.50
CA LEU J 101 71.86 20.91 31.66
C LEU J 101 72.52 20.45 30.38
N PRO J 102 72.16 19.23 29.91
CA PRO J 102 72.62 18.75 28.62
C PRO J 102 72.12 19.59 27.46
N GLU J 103 72.99 19.81 26.49
CA GLU J 103 72.61 20.46 25.22
C GLU J 103 73.43 19.84 24.08
N THR J 104 72.78 19.66 22.95
CA THR J 104 73.44 19.16 21.71
C THR J 104 74.01 20.33 20.93
N GLU J 105 75.26 20.15 20.47
CA GLU J 105 76.04 21.14 19.70
C GLU J 105 76.64 20.42 18.49
N ARG J 106 76.84 21.18 17.43
CA ARG J 106 77.46 20.65 16.21
C ARG J 106 78.96 20.75 16.42
N PHE J 107 79.64 19.66 16.14
CA PHE J 107 81.10 19.56 16.36
C PHE J 107 81.79 19.28 15.06
N TYR J 108 82.82 20.07 14.75
CA TYR J 108 83.68 19.85 13.59
C TYR J 108 85.04 19.51 14.15
N PRO J 109 85.37 18.21 14.22
CA PRO J 109 86.66 17.73 14.75
C PRO J 109 87.94 18.44 14.33
N ASN J 110 87.98 18.89 13.08
CA ASN J 110 89.17 19.51 12.48
C ASN J 110 89.21 21.04 12.66
N GLY J 111 88.11 21.60 13.18
CA GLY J 111 87.90 23.07 13.22
C GLY J 111 87.89 23.65 11.83
N ASN J 112 88.80 24.59 11.58
CA ASN J 112 89.06 25.16 10.25
C ASN J 112 89.63 24.08 9.36
N PHE J 113 88.78 23.58 8.47
CA PHE J 113 89.09 22.44 7.57
C PHE J 113 88.04 22.38 6.49
N ALA J 114 88.37 22.68 5.23
CA ALA J 114 87.39 22.79 4.14
C ALA J 114 86.17 23.61 4.55
N SER J 115 86.42 24.65 5.33
CA SER J 115 85.39 25.42 6.04
C SER J 115 84.30 25.85 5.08
N HIS J 116 84.72 26.26 3.89
CA HIS J 116 83.82 26.88 2.90
C HIS J 116 82.98 25.86 2.15
N LEU J 117 83.44 24.62 2.09
CA LEU J 117 82.70 23.49 1.50
C LEU J 117 81.75 22.84 2.52
N ILE J 118 82.33 22.33 3.59
CA ILE J 118 81.54 21.66 4.67
C ILE J 118 80.36 22.56 5.03
N GLY J 119 80.68 23.82 5.33
CA GLY J 119 79.70 24.82 5.80
C GLY J 119 79.55 24.79 7.28
N ARG J 120 78.48 25.41 7.75
CA ARG J 120 78.25 25.66 9.19
C ARG J 120 76.76 25.66 9.49
N ALA J 121 76.37 25.00 10.57
CA ALA J 121 74.97 24.98 11.03
C ALA J 121 74.85 25.78 12.32
N GLN J 122 73.86 26.65 12.35
CA GLN J 122 73.59 27.56 13.50
C GLN J 122 72.54 26.95 14.39
N LYS J 123 72.60 27.28 15.67
CA LYS J 123 71.66 26.75 16.67
C LYS J 123 70.62 27.79 17.06
N ASN J 124 69.37 27.36 17.09
CA ASN J 124 68.27 28.20 17.61
C ASN J 124 68.31 28.04 19.12
N PRO J 125 68.64 29.11 19.87
CA PRO J 125 68.72 29.08 21.34
C PRO J 125 67.56 28.35 22.01
N ASP J 126 66.33 28.78 21.66
CA ASP J 126 65.09 28.31 22.33
C ASP J 126 64.88 26.81 22.17
N THR J 127 64.84 26.36 20.92
CA THR J 127 64.46 24.98 20.56
C THR J 127 65.66 24.04 20.52
N GLY J 128 66.87 24.55 20.42
CA GLY J 128 68.07 23.72 20.27
C GLY J 128 68.25 23.19 18.87
N GLU J 129 67.50 23.71 17.90
CA GLU J 129 67.47 23.17 16.52
C GLU J 129 68.60 23.76 15.71
N LEU J 130 69.33 22.88 15.03
CA LEU J 130 70.49 23.24 14.20
C LEU J 130 70.00 23.42 12.76
N LYS J 131 70.46 24.44 12.05
CA LYS J 131 70.01 24.74 10.67
C LYS J 131 71.22 25.18 9.85
N GLY J 132 71.49 24.53 8.71
CA GLY J 132 72.66 24.89 7.89
C GLY J 132 72.55 26.27 7.32
N ALA J 133 73.64 27.02 7.42
CA ALA J 133 73.71 28.41 6.95
C ALA J 133 74.58 28.55 5.70
N LEU J 134 75.44 27.59 5.40
CA LEU J 134 76.35 27.66 4.25
C LEU J 134 76.87 26.27 3.92
N GLY J 135 77.32 26.10 2.67
CA GLY J 135 77.97 24.84 2.30
C GLY J 135 77.03 23.65 2.43
N VAL J 136 77.65 22.48 2.46
CA VAL J 136 76.94 21.17 2.66
C VAL J 136 75.77 21.38 3.61
N GLU J 137 76.08 21.91 4.79
CA GLU J 137 75.10 21.95 5.90
C GLU J 137 73.81 22.60 5.37
N LYS J 138 73.94 23.62 4.52
CA LYS J 138 72.72 24.30 4.02
C LYS J 138 72.02 23.52 2.91
N ILE J 139 72.78 23.14 1.90
CA ILE J 139 72.26 22.38 0.74
C ILE J 139 71.44 21.18 1.19
N PHE J 140 72.02 20.40 2.08
CA PHE J 140 71.44 19.11 2.54
C PHE J 140 70.72 19.20 3.87
N ASP J 141 70.39 20.41 4.29
CA ASP J 141 69.78 20.65 5.61
C ASP J 141 68.65 19.67 5.83
N SER J 142 67.63 19.73 5.00
CA SER J 142 66.41 18.92 5.15
C SER J 142 66.74 17.44 5.36
N TYR J 143 67.75 16.90 4.68
CA TYR J 143 68.07 15.46 4.72
C TYR J 143 68.84 15.18 6.02
N LEU J 144 69.87 15.98 6.25
CA LEU J 144 70.60 15.97 7.54
C LEU J 144 69.65 16.00 8.75
N SER J 145 68.74 16.98 8.75
CA SER J 145 67.77 17.23 9.85
C SER J 145 66.87 16.00 10.01
N GLY J 146 67.04 15.28 11.14
CA GLY J 146 66.19 14.13 11.45
C GLY J 146 64.77 14.55 11.77
N SER J 147 64.58 15.82 12.13
CA SER J 147 63.26 16.38 12.51
C SER J 147 62.40 16.55 11.26
N LYS J 148 62.83 17.38 10.30
CA LYS J 148 62.06 17.68 9.07
C LYS J 148 61.87 16.40 8.25
N GLY J 149 60.70 15.76 8.39
CA GLY J 149 60.31 14.62 7.53
C GLY J 149 59.19 14.96 6.58
N SER J 150 59.00 16.24 6.23
CA SER J 150 57.88 16.74 5.40
C SER J 150 58.19 16.49 3.92
N LEU J 151 58.45 17.55 3.15
CA LEU J 151 58.89 17.46 1.74
C LEU J 151 60.40 17.72 1.70
N ARG J 152 61.17 16.67 1.97
CA ARG J 152 62.65 16.82 1.99
C ARG J 152 63.08 17.23 0.58
N TYR J 153 63.71 18.40 0.44
CA TYR J 153 64.09 18.96 -0.88
C TYR J 153 65.59 19.32 -0.88
N ILE J 154 66.27 19.03 -1.99
CA ILE J 154 67.71 19.37 -2.16
C ILE J 154 67.78 20.80 -2.70
N HIS J 155 67.79 21.74 -1.77
CA HIS J 155 68.00 23.20 -1.96
C HIS J 155 67.57 23.64 -3.37
N ASP J 156 68.48 23.54 -4.35
CA ASP J 156 68.40 24.14 -5.71
C ASP J 156 68.49 23.01 -6.75
N ILE J 157 69.12 21.91 -6.36
CA ILE J 157 69.34 20.68 -7.20
C ILE J 157 67.98 19.97 -7.36
N TRP J 158 67.17 20.51 -8.26
CA TRP J 158 65.76 20.13 -8.55
C TRP J 158 65.57 18.61 -8.67
N GLY J 159 64.82 18.02 -7.74
CA GLY J 159 64.52 16.57 -7.66
C GLY J 159 65.03 15.93 -6.39
N TYR J 160 65.02 14.59 -6.39
CA TYR J 160 65.38 13.67 -5.28
C TYR J 160 64.41 13.80 -4.10
N ILE J 161 63.15 14.16 -4.33
CA ILE J 161 62.21 14.66 -3.28
C ILE J 161 61.62 13.50 -2.45
N ALA J 162 62.42 12.47 -2.11
CA ALA J 162 62.05 11.42 -1.14
C ALA J 162 61.81 12.06 0.22
N PRO J 163 60.58 11.98 0.78
CA PRO J 163 60.34 12.49 2.14
C PRO J 163 61.33 11.94 3.19
N ARG J 173 66.21 9.79 13.42
CA ARG J 173 67.64 9.91 13.12
C ARG J 173 67.75 10.55 11.75
N GLY J 174 68.82 11.30 11.54
CA GLY J 174 69.02 12.03 10.28
C GLY J 174 69.84 11.26 9.26
N ASP J 175 69.95 11.89 8.09
CA ASP J 175 70.65 11.29 6.93
C ASP J 175 72.10 11.75 6.91
N ASP J 176 72.98 10.79 6.59
CA ASP J 176 74.44 11.01 6.56
C ASP J 176 74.90 11.39 5.16
N VAL J 177 75.79 12.38 5.08
CA VAL J 177 76.32 12.91 3.80
C VAL J 177 77.79 12.55 3.66
N HIS J 178 78.09 11.78 2.62
CA HIS J 178 79.44 11.26 2.32
C HIS J 178 80.05 12.12 1.25
N LEU J 179 81.21 12.70 1.52
CA LEU J 179 81.86 13.54 0.51
C LEU J 179 82.97 12.76 -0.20
N THR J 180 83.57 13.37 -1.22
CA THR J 180 84.68 12.72 -1.96
C THR J 180 86.02 13.12 -1.37
N ILE J 181 85.99 14.06 -0.45
CA ILE J 181 87.21 14.65 0.18
C ILE J 181 88.02 13.55 0.88
N ASP J 182 89.31 13.67 0.81
CA ASP J 182 90.24 12.80 1.56
C ASP J 182 90.87 13.70 2.58
N SER J 183 90.60 13.45 3.85
CA SER J 183 91.17 14.21 4.99
C SER J 183 92.69 14.30 4.90
N ASN J 184 93.34 13.23 4.45
CA ASN J 184 94.82 13.21 4.34
C ASN J 184 95.32 14.27 3.37
N ILE J 185 94.67 14.40 2.23
CA ILE J 185 95.05 15.38 1.19
C ILE J 185 94.63 16.78 1.67
N GLN J 186 93.48 16.87 2.33
CA GLN J 186 92.96 18.17 2.83
C GLN J 186 94.01 18.80 3.76
N VAL J 187 94.63 17.97 4.60
CA VAL J 187 95.75 18.43 5.49
C VAL J 187 96.79 19.16 4.66
N PHE J 188 97.27 18.54 3.58
CA PHE J 188 98.36 19.11 2.77
C PHE J 188 97.92 20.48 2.27
N VAL J 189 96.68 20.55 1.83
CA VAL J 189 96.13 21.83 1.29
C VAL J 189 96.15 22.85 2.42
N GLU J 190 95.50 22.55 3.57
CA GLU J 190 95.34 23.59 4.62
C GLU J 190 96.73 24.09 5.03
N GLU J 191 97.66 23.16 5.21
CA GLU J 191 99.03 23.53 5.65
C GLU J 191 99.68 24.47 4.63
N ALA J 192 99.64 24.10 3.35
CA ALA J 192 100.32 24.89 2.30
C ALA J 192 99.66 26.27 2.14
N LEU J 193 98.33 26.36 2.26
CA LEU J 193 97.64 27.67 2.15
C LEU J 193 97.99 28.58 3.32
N ASP J 194 98.04 28.02 4.53
CA ASP J 194 98.52 28.75 5.72
C ASP J 194 99.87 29.43 5.42
N GLY J 195 100.72 28.69 4.75
CA GLY J 195 102.06 29.13 4.34
C GLY J 195 102.01 30.36 3.47
N MET J 196 101.12 30.29 2.46
CA MET J 196 100.97 31.35 1.44
C MET J 196 100.40 32.62 2.06
N VAL J 197 99.48 32.45 3.00
CA VAL J 197 98.89 33.61 3.69
C VAL J 197 99.99 34.33 4.48
N GLU J 198 100.78 33.55 5.21
CA GLU J 198 101.90 34.06 6.04
C GLU J 198 102.81 34.90 5.13
N ARG J 199 103.25 34.31 4.02
CA ARG J 199 104.20 34.91 3.03
C ARG J 199 103.61 36.16 2.35
N TYR J 200 102.49 35.95 1.69
CA TYR J 200 101.94 36.90 0.69
C TYR J 200 100.76 37.73 1.19
N GLN J 201 100.04 37.25 2.21
CA GLN J 201 98.78 37.93 2.65
C GLN J 201 97.90 38.34 1.48
N PRO J 202 97.45 37.38 0.66
CA PRO J 202 96.59 37.72 -0.47
C PRO J 202 95.19 38.14 -0.02
N LYS J 203 94.48 38.82 -0.93
CA LYS J 203 93.05 39.12 -0.66
C LYS J 203 92.16 37.91 -0.92
N ASP J 204 92.63 36.99 -1.76
CA ASP J 204 91.83 35.80 -2.14
C ASP J 204 92.81 34.70 -2.54
N LEU J 205 92.45 33.46 -2.24
CA LEU J 205 93.37 32.34 -2.43
C LEU J 205 92.58 31.05 -2.39
N PHE J 206 92.91 30.11 -3.27
CA PHE J 206 92.28 28.78 -3.21
C PHE J 206 93.23 27.72 -3.76
N ALA J 207 92.96 26.49 -3.39
CA ALA J 207 93.59 25.31 -4.03
C ALA J 207 92.62 24.17 -3.97
N VAL J 208 92.59 23.41 -5.06
CA VAL J 208 91.66 22.29 -5.21
C VAL J 208 92.45 21.15 -5.82
N VAL J 209 92.17 19.96 -5.34
CA VAL J 209 92.78 18.72 -5.85
C VAL J 209 91.64 17.89 -6.37
N MET J 210 91.73 17.53 -7.63
CA MET J 210 90.70 16.71 -8.30
C MET J 210 91.34 15.44 -8.86
N ASP J 211 90.63 14.32 -8.71
CA ASP J 211 91.01 13.04 -9.35
C ASP J 211 90.88 13.24 -10.86
N ALA J 212 92.01 13.13 -11.56
CA ALA J 212 92.07 13.36 -13.02
C ALA J 212 91.11 12.48 -13.81
N LYS J 213 90.87 11.27 -13.29
CA LYS J 213 90.11 10.20 -13.97
C LYS J 213 88.66 10.03 -13.52
N THR J 214 88.22 10.73 -12.49
CA THR J 214 86.81 10.66 -12.05
C THR J 214 86.10 12.03 -12.01
N GLY J 215 86.82 13.11 -11.68
CA GLY J 215 86.07 14.36 -11.38
C GLY J 215 85.69 14.50 -9.89
N GLU J 216 86.30 13.63 -9.09
CA GLU J 216 86.10 13.72 -7.62
C GLU J 216 86.99 14.81 -7.05
N ILE J 217 86.40 15.65 -6.20
CA ILE J 217 87.18 16.68 -5.46
C ILE J 217 87.77 15.98 -4.25
N LEU J 218 89.08 15.84 -4.23
CA LEU J 218 89.81 15.17 -3.12
C LEU J 218 90.17 16.17 -2.02
N ALA J 219 90.33 17.44 -2.37
CA ALA J 219 90.61 18.48 -1.36
C ALA J 219 90.26 19.83 -1.95
N TYR J 220 89.83 20.72 -1.07
CA TYR J 220 89.52 22.10 -1.44
C TYR J 220 89.58 23.02 -0.21
N SER J 221 90.34 24.11 -0.29
CA SER J 221 90.09 25.21 0.69
C SER J 221 90.49 26.55 0.13
N GLN J 222 90.13 27.58 0.86
CA GLN J 222 90.26 28.98 0.40
C GLN J 222 90.62 29.85 1.59
N ARG J 223 91.28 30.96 1.31
CA ARG J 223 91.51 32.04 2.28
C ARG J 223 91.08 33.36 1.65
N PRO J 224 90.33 34.21 2.39
CA PRO J 224 90.04 34.00 3.81
C PRO J 224 88.79 33.17 4.11
N THR J 225 88.97 32.09 4.85
CA THR J 225 87.86 31.16 5.17
C THR J 225 87.41 31.47 6.59
N PHE J 226 86.62 30.58 7.17
CA PHE J 226 86.14 30.72 8.55
C PHE J 226 86.38 29.43 9.31
N ASN J 227 86.11 29.51 10.60
CA ASN J 227 86.24 28.36 11.51
C ASN J 227 84.83 27.90 11.85
N PRO J 228 84.40 26.73 11.35
CA PRO J 228 83.01 26.31 11.51
C PRO J 228 82.60 26.06 12.96
N GLU J 229 83.59 25.63 13.73
CA GLU J 229 83.42 25.26 15.14
C GLU J 229 82.99 26.47 15.97
N THR J 230 83.74 27.54 15.83
CA THR J 230 83.66 28.75 16.68
C THR J 230 82.69 29.78 16.12
N GLY J 231 82.58 29.82 14.81
CA GLY J 231 81.79 30.85 14.15
C GLY J 231 82.60 32.12 13.89
N LYS J 232 83.93 31.96 14.00
CA LYS J 232 84.96 32.99 13.68
C LYS J 232 84.89 33.26 12.17
N ASP J 233 84.78 34.53 11.80
CA ASP J 233 84.91 35.01 10.39
C ASP J 233 83.76 34.56 9.50
N PHE J 234 82.81 33.81 10.08
CA PHE J 234 81.66 33.33 9.29
C PHE J 234 80.83 34.55 8.89
N GLY J 235 80.61 34.69 7.59
CA GLY J 235 79.81 35.76 7.01
C GLY J 235 80.61 36.89 6.43
N LYS J 236 81.94 36.85 6.55
CA LYS J 236 82.73 37.95 5.89
C LYS J 236 82.65 37.67 4.38
N LYS J 237 83.48 36.75 3.96
CA LYS J 237 83.33 36.07 2.67
C LYS J 237 82.33 34.93 2.83
N TRP J 238 81.13 35.17 2.33
CA TRP J 238 80.12 34.08 2.20
C TRP J 238 80.42 33.14 1.03
N ALA J 239 80.82 33.71 -0.09
CA ALA J 239 80.98 32.98 -1.36
C ALA J 239 82.09 31.93 -1.34
N ASN J 240 81.76 30.75 -1.83
CA ASN J 240 82.72 29.67 -2.03
C ASN J 240 83.49 30.01 -3.29
N ASP J 241 84.80 30.03 -3.21
CA ASP J 241 85.64 30.35 -4.39
C ASP J 241 85.29 29.38 -5.52
N LEU J 242 85.41 28.10 -5.21
CA LEU J 242 85.42 27.01 -6.23
C LEU J 242 84.17 27.05 -7.12
N TYR J 243 83.02 27.32 -6.50
CA TYR J 243 81.71 27.18 -7.16
C TYR J 243 80.97 28.50 -7.39
N GLN J 244 81.23 29.52 -6.58
CA GLN J 244 80.37 30.71 -6.58
C GLN J 244 81.07 31.98 -7.02
N ASN J 245 82.40 32.05 -6.84
CA ASN J 245 83.20 33.24 -7.19
C ASN J 245 83.78 33.17 -8.62
N THR J 246 83.66 34.27 -9.35
CA THR J 246 84.21 34.33 -10.73
C THR J 246 85.58 34.98 -10.71
N TYR J 247 86.42 34.54 -11.64
CA TYR J 247 87.75 35.10 -11.90
C TYR J 247 87.96 35.32 -13.40
N GLU J 248 88.73 36.38 -13.69
CA GLU J 248 89.36 36.58 -15.00
C GLU J 248 90.56 35.65 -14.87
N PRO J 249 90.54 34.46 -15.48
CA PRO J 249 91.51 33.40 -15.12
C PRO J 249 92.97 33.62 -15.47
N GLY J 250 93.16 34.39 -16.54
CA GLY J 250 94.45 34.65 -17.18
C GLY J 250 94.97 33.54 -18.03
N SER J 251 96.26 33.29 -17.98
CA SER J 251 96.98 32.46 -18.98
C SER J 251 96.66 30.96 -18.91
N THR J 252 96.08 30.55 -17.79
CA THR J 252 95.58 29.17 -17.59
C THR J 252 94.59 28.85 -18.71
N PHE J 253 93.92 29.91 -19.13
CA PHE J 253 92.80 29.89 -20.11
C PHE J 253 93.31 29.73 -21.52
N LYS J 254 94.62 29.93 -21.72
CA LYS J 254 95.22 29.75 -23.06
C LYS J 254 95.14 28.30 -23.51
N SER J 255 95.24 27.38 -22.53
CA SER J 255 95.18 25.93 -22.80
C SER J 255 94.01 25.62 -23.76
N TYR J 256 92.88 26.33 -23.57
CA TYR J 256 91.64 26.00 -24.35
C TYR J 256 91.71 26.66 -25.73
N GLY J 257 92.24 27.89 -25.76
CA GLY J 257 92.53 28.65 -26.98
C GLY J 257 93.43 27.87 -27.90
N LEU J 258 94.28 27.03 -27.31
CA LEU J 258 95.29 26.22 -28.03
C LEU J 258 94.59 25.01 -28.63
N ALA J 259 93.99 24.20 -27.76
CA ALA J 259 93.18 23.06 -28.18
C ALA J 259 92.30 23.36 -29.39
N ALA J 260 91.49 24.42 -29.27
CA ALA J 260 90.65 24.87 -30.39
C ALA J 260 91.45 24.87 -31.70
N ALA J 261 92.50 25.69 -31.74
CA ALA J 261 93.45 25.80 -32.86
C ALA J 261 93.92 24.43 -33.33
N ILE J 262 94.54 23.67 -32.44
CA ILE J 262 95.19 22.39 -32.78
C ILE J 262 94.20 21.60 -33.59
N GLN J 263 92.93 21.60 -33.16
CA GLN J 263 91.89 20.77 -33.82
C GLN J 263 91.53 21.27 -35.22
N GLU J 264 91.25 22.56 -35.32
CA GLU J 264 91.00 23.26 -36.60
C GLU J 264 92.20 23.20 -37.54
N GLY J 265 93.35 22.74 -37.05
CA GLY J 265 94.57 22.59 -37.83
C GLY J 265 95.29 23.89 -38.12
N ALA J 266 95.03 24.90 -37.29
CA ALA J 266 95.63 26.24 -37.41
C ALA J 266 96.94 26.36 -36.65
N PHE J 267 97.13 25.55 -35.60
CA PHE J 267 98.35 25.56 -34.77
C PHE J 267 99.29 24.43 -35.23
N ASP J 268 100.51 24.83 -35.59
CA ASP J 268 101.60 23.91 -35.93
C ASP J 268 102.73 24.32 -35.00
N PRO J 269 103.16 23.43 -34.09
CA PRO J 269 104.22 23.78 -33.12
C PRO J 269 105.51 24.40 -33.67
N ASP J 270 105.90 23.97 -34.88
CA ASP J 270 107.14 24.41 -35.55
C ASP J 270 106.95 25.65 -36.43
N LYS J 271 105.72 26.03 -36.74
CA LYS J 271 105.43 27.19 -37.59
C LYS J 271 105.79 28.45 -36.79
N LYS J 272 106.51 29.36 -37.44
CA LYS J 272 106.97 30.65 -36.84
C LYS J 272 105.87 31.70 -37.00
N TYR J 273 105.66 32.53 -35.97
CA TYR J 273 104.64 33.59 -35.91
C TYR J 273 105.34 34.84 -35.41
N LYS J 274 104.76 35.99 -35.71
CA LYS J 274 105.30 37.31 -35.31
C LYS J 274 104.83 37.68 -33.89
N SER J 275 105.77 37.69 -32.95
CA SER J 275 105.51 38.10 -31.54
C SER J 275 105.84 39.58 -31.38
N GLY J 276 105.41 40.14 -30.27
CA GLY J 276 105.71 41.55 -29.95
C GLY J 276 104.47 42.27 -29.51
N HIS J 277 103.82 42.95 -30.44
CA HIS J 277 102.58 43.70 -30.18
C HIS J 277 101.50 43.23 -31.14
N ARG J 278 100.32 43.85 -31.01
CA ARG J 278 99.16 43.62 -31.91
C ARG J 278 98.21 44.80 -31.69
N ASP J 279 98.04 45.68 -32.69
CA ASP J 279 97.22 46.92 -32.50
C ASP J 279 95.79 46.55 -32.76
N ILE J 280 94.95 46.77 -31.76
CA ILE J 280 93.54 46.30 -31.79
C ILE J 280 92.62 47.32 -31.09
N MET J 281 91.62 47.74 -31.86
CA MET J 281 90.67 48.83 -31.49
C MET J 281 91.44 49.98 -30.81
N GLY J 282 92.53 50.42 -31.44
CA GLY J 282 93.34 51.57 -31.00
C GLY J 282 94.02 51.35 -29.66
N SER J 283 94.32 50.08 -29.30
CA SER J 283 95.12 49.75 -28.09
C SER J 283 96.28 48.82 -28.41
N ARG J 284 97.50 49.14 -27.95
CA ARG J 284 98.67 48.30 -28.25
C ARG J 284 98.66 47.13 -27.26
N ILE J 285 98.08 45.99 -27.66
CA ILE J 285 98.05 44.81 -26.77
C ILE J 285 99.27 43.97 -27.09
N SER J 286 100.19 43.88 -26.12
CA SER J 286 101.48 43.20 -26.37
C SER J 286 101.67 42.00 -25.43
N ASP J 287 102.81 41.35 -25.54
CA ASP J 287 103.12 40.18 -24.68
C ASP J 287 103.55 40.70 -23.30
N TRP J 288 103.82 39.76 -22.38
CA TRP J 288 104.18 40.16 -20.98
C TRP J 288 105.53 40.86 -20.96
N ASN J 289 106.46 40.47 -21.85
CA ASN J 289 107.78 41.12 -21.90
C ASN J 289 107.65 42.48 -22.58
N ARG J 290 106.50 42.78 -23.18
CA ARG J 290 106.20 44.06 -23.87
C ARG J 290 106.97 44.24 -25.17
N VAL J 291 108.12 43.60 -25.32
CA VAL J 291 108.98 43.82 -26.53
C VAL J 291 108.80 42.65 -27.49
N GLY J 292 108.46 41.47 -26.98
CA GLY J 292 108.32 40.28 -27.82
C GLY J 292 109.62 39.52 -27.95
N TRP J 293 109.59 38.35 -28.55
CA TRP J 293 110.83 37.58 -28.78
C TRP J 293 111.11 37.46 -30.27
N GLY J 294 110.40 38.23 -31.09
CA GLY J 294 110.62 38.25 -32.55
C GLY J 294 109.89 37.10 -33.24
N GLU J 295 110.28 36.81 -34.48
CA GLU J 295 109.73 35.61 -35.17
C GLU J 295 110.17 34.37 -34.42
N ILE J 296 109.23 33.62 -33.86
CA ILE J 296 109.55 32.40 -33.08
C ILE J 296 108.54 31.31 -33.42
N PRO J 297 108.88 30.00 -33.24
CA PRO J 297 107.92 28.90 -33.32
C PRO J 297 106.77 29.04 -32.33
N MET J 298 105.56 28.60 -32.70
CA MET J 298 104.38 28.70 -31.82
C MET J 298 104.62 27.92 -30.54
N SER J 299 105.28 26.77 -30.63
CA SER J 299 105.60 25.95 -29.44
C SER J 299 106.22 26.85 -28.37
N LEU J 300 107.23 27.62 -28.76
CA LEU J 300 107.95 28.50 -27.82
C LEU J 300 107.00 29.55 -27.27
N GLY J 301 106.15 30.09 -28.12
CA GLY J 301 105.15 31.09 -27.66
C GLY J 301 104.41 30.60 -26.45
N PHE J 302 103.79 29.42 -26.57
CA PHE J 302 102.98 28.86 -25.45
C PHE J 302 103.88 28.57 -24.26
N THR J 303 105.08 28.03 -24.51
CA THR J 303 106.03 27.74 -23.42
C THR J 303 106.27 29.02 -22.62
N TYR J 304 106.54 30.11 -23.31
CA TYR J 304 106.77 31.42 -22.65
C TYR J 304 105.47 32.05 -22.19
N SER J 305 104.34 31.60 -22.73
CA SER J 305 102.98 32.16 -22.47
C SER J 305 102.86 33.49 -23.21
N SER J 306 102.81 33.40 -24.53
CA SER J 306 102.69 34.60 -25.40
C SER J 306 101.23 35.03 -25.51
N ASN J 307 100.94 36.29 -25.23
CA ASN J 307 99.57 36.84 -25.35
C ASN J 307 99.23 37.00 -26.84
N THR J 308 100.23 37.26 -27.67
CA THR J 308 100.03 37.52 -29.12
C THR J 308 99.67 36.23 -29.86
N LEU J 309 100.26 35.11 -29.49
CA LEU J 309 99.98 33.83 -30.18
C LEU J 309 98.49 33.56 -30.16
N MET J 310 97.88 33.64 -28.98
CA MET J 310 96.43 33.35 -28.81
C MET J 310 95.61 34.24 -29.73
N MET J 311 96.05 35.48 -29.87
CA MET J 311 95.38 36.50 -30.71
C MET J 311 95.52 36.16 -32.20
N HIS J 312 96.73 35.83 -32.61
CA HIS J 312 97.01 35.26 -33.93
C HIS J 312 96.02 34.10 -34.19
N LEU J 313 96.10 33.11 -33.31
CA LEU J 313 95.38 31.82 -33.51
C LEU J 313 93.91 32.13 -33.64
N GLN J 314 93.41 33.11 -32.87
CA GLN J 314 91.97 33.44 -32.91
C GLN J 314 91.61 33.86 -34.33
N ASP J 315 92.46 34.69 -34.92
CA ASP J 315 92.27 35.23 -36.28
C ASP J 315 92.24 34.10 -37.29
N LEU J 316 93.18 33.16 -37.18
CA LEU J 316 93.25 32.01 -38.12
C LEU J 316 91.98 31.16 -38.02
N VAL J 317 91.56 30.85 -36.80
CA VAL J 317 90.37 29.98 -36.59
C VAL J 317 89.12 30.75 -37.04
N GLY J 318 88.89 31.94 -36.48
CA GLY J 318 87.68 32.73 -36.75
C GLY J 318 86.95 33.05 -35.46
N ALA J 319 86.45 34.29 -35.37
CA ALA J 319 85.71 34.78 -34.19
C ALA J 319 84.60 33.80 -33.84
N ASP J 320 83.65 33.63 -34.75
CA ASP J 320 82.40 32.90 -34.41
C ASP J 320 82.76 31.51 -33.92
N LYS J 321 83.78 30.92 -34.51
CA LYS J 321 84.12 29.51 -34.23
C LYS J 321 84.77 29.42 -32.85
N MET J 322 85.60 30.41 -32.52
CA MET J 322 86.32 30.39 -31.22
C MET J 322 85.30 30.58 -30.10
N LYS J 323 84.26 31.39 -30.32
CA LYS J 323 83.25 31.58 -29.27
C LYS J 323 82.62 30.25 -28.94
N SER J 324 82.24 29.52 -29.97
CA SER J 324 81.61 28.18 -29.86
C SER J 324 82.58 27.21 -29.21
N TRP J 325 83.87 27.35 -29.51
CA TRP J 325 84.89 26.49 -28.87
C TRP J 325 84.87 26.68 -27.36
N TYR J 326 84.87 27.92 -26.90
CA TYR J 326 84.90 28.19 -25.44
C TYR J 326 83.60 27.72 -24.80
N GLU J 327 82.49 27.81 -25.53
CA GLU J 327 81.18 27.31 -25.05
C GLU J 327 81.21 25.78 -24.89
N ARG J 328 81.79 25.10 -25.85
CA ARG J 328 81.85 23.61 -25.79
C ARG J 328 82.80 23.15 -24.71
N PHE J 329 83.70 24.03 -24.27
CA PHE J 329 84.61 23.74 -23.12
C PHE J 329 83.92 24.08 -21.80
N GLY J 330 82.63 24.39 -21.83
CA GLY J 330 81.78 24.43 -20.61
C GLY J 330 81.75 25.76 -19.92
N PHE J 331 82.34 26.77 -20.55
CA PHE J 331 82.46 28.12 -20.00
C PHE J 331 81.21 28.96 -20.29
N GLY J 332 80.93 29.87 -19.38
CA GLY J 332 79.71 30.69 -19.48
C GLY J 332 78.47 29.93 -19.04
N LYS J 333 78.64 28.67 -18.61
CA LYS J 333 77.49 27.86 -18.15
C LYS J 333 77.90 27.17 -16.86
N SER J 334 76.88 26.97 -16.03
CA SER J 334 77.00 26.18 -14.78
C SER J 334 77.50 24.75 -15.09
N THR J 335 78.32 24.19 -14.22
CA THR J 335 78.83 22.81 -14.38
C THR J 335 77.81 21.81 -13.88
N LYS J 336 76.67 22.28 -13.40
CA LYS J 336 75.58 21.48 -12.82
C LYS J 336 76.10 20.63 -11.69
N GLY J 337 77.06 21.18 -10.96
CA GLY J 337 77.58 20.60 -9.72
C GLY J 337 76.56 20.70 -8.63
N MET J 338 76.83 20.02 -7.54
CA MET J 338 75.84 19.80 -6.44
C MET J 338 75.74 20.98 -5.48
N PHE J 339 76.31 22.12 -5.82
CA PHE J 339 76.45 23.23 -4.87
C PHE J 339 75.36 24.23 -5.20
N ASP J 340 75.00 25.00 -4.19
CA ASP J 340 73.98 26.07 -4.29
C ASP J 340 74.47 27.22 -5.17
N GLY J 341 73.55 27.83 -5.92
CA GLY J 341 73.82 29.05 -6.70
C GLY J 341 75.17 29.10 -7.36
N GLU J 342 75.56 28.00 -7.98
CA GLU J 342 76.84 27.95 -8.74
C GLU J 342 76.86 29.02 -9.81
N ALA J 343 77.94 29.78 -9.83
CA ALA J 343 78.08 30.92 -10.76
C ALA J 343 78.36 30.46 -12.18
N PRO J 344 77.70 31.09 -13.18
CA PRO J 344 77.87 30.68 -14.56
C PRO J 344 79.08 31.30 -15.26
N GLY J 345 79.55 32.44 -14.73
CA GLY J 345 80.53 33.32 -15.37
C GLY J 345 80.02 33.83 -16.71
N GLN J 346 80.90 34.28 -17.57
CA GLN J 346 80.47 34.76 -18.90
C GLN J 346 81.63 34.96 -19.86
N ILE J 347 81.40 34.56 -21.10
CA ILE J 347 82.42 34.67 -22.17
C ILE J 347 82.34 36.10 -22.68
N GLY J 348 83.44 36.84 -22.54
CA GLY J 348 83.56 38.24 -22.99
C GLY J 348 83.76 38.27 -24.48
N TRP J 349 82.71 38.59 -25.22
CA TRP J 349 82.74 38.51 -26.70
C TRP J 349 81.94 39.65 -27.34
N SER J 350 81.75 40.77 -26.65
CA SER J 350 80.88 41.90 -27.13
C SER J 350 81.51 42.69 -28.29
N ASN J 351 82.83 42.75 -28.31
CA ASN J 351 83.59 43.43 -29.39
C ASN J 351 84.93 42.74 -29.56
N GLU J 352 85.69 43.17 -30.56
CA GLU J 352 87.00 42.55 -30.90
C GLU J 352 87.94 42.59 -29.69
N LEU J 353 87.92 43.67 -28.94
CA LEU J 353 88.82 43.84 -27.78
C LEU J 353 88.56 42.68 -26.84
N GLN J 354 87.31 42.53 -26.43
CA GLN J 354 86.93 41.51 -25.42
C GLN J 354 87.32 40.15 -25.96
N GLN J 355 87.04 39.94 -27.22
CA GLN J 355 87.30 38.62 -27.86
C GLN J 355 88.79 38.31 -27.79
N LYS J 356 89.58 39.25 -28.25
CA LYS J 356 91.06 39.07 -28.24
C LYS J 356 91.54 38.81 -26.80
N THR J 357 91.25 39.76 -25.93
CA THR J 357 91.72 39.71 -24.51
C THR J 357 91.26 38.36 -23.90
N SER J 358 90.09 37.89 -24.33
CA SER J 358 89.56 36.59 -23.81
C SER J 358 90.58 35.52 -24.10
N SER J 359 91.19 35.40 -25.29
CA SER J 359 91.96 34.16 -25.61
C SER J 359 93.12 33.96 -24.64
N PHE J 360 93.49 34.98 -23.86
CA PHE J 360 94.57 34.85 -22.86
C PHE J 360 94.03 35.14 -21.46
N GLY J 361 92.72 35.16 -21.34
CA GLY J 361 91.98 34.98 -20.07
C GLY J 361 91.53 36.24 -19.37
N GLN J 362 91.28 37.30 -20.11
CA GLN J 362 90.72 38.56 -19.58
C GLN J 362 89.36 38.77 -20.22
N SER J 363 88.55 39.62 -19.59
CA SER J 363 87.13 39.91 -19.94
C SER J 363 86.24 38.76 -19.54
N THR J 364 86.58 37.58 -20.06
CA THR J 364 85.88 36.32 -19.76
C THR J 364 86.03 35.95 -18.28
N THR J 365 84.95 35.58 -17.64
CA THR J 365 84.94 35.16 -16.23
C THR J 365 84.59 33.68 -16.14
N VAL J 366 85.24 33.01 -15.21
CA VAL J 366 85.04 31.56 -14.97
C VAL J 366 84.97 31.26 -13.48
N THR J 367 84.26 30.18 -13.17
CA THR J 367 84.42 29.46 -11.90
C THR J 367 85.66 28.59 -12.00
N PRO J 368 86.42 28.46 -10.89
CA PRO J 368 87.53 27.51 -10.83
C PRO J 368 87.13 26.12 -11.32
N VAL J 369 85.88 25.77 -11.05
CA VAL J 369 85.31 24.45 -11.40
C VAL J 369 85.20 24.29 -12.91
N GLN J 370 84.62 25.27 -13.62
CA GLN J 370 84.57 25.31 -15.09
C GLN J 370 85.92 24.92 -15.63
N MET J 371 86.96 25.40 -14.94
CA MET J 371 88.36 25.22 -15.40
C MET J 371 88.79 23.78 -15.17
N LEU J 372 88.48 23.19 -14.01
CA LEU J 372 88.77 21.76 -13.79
C LEU J 372 88.07 20.94 -14.87
N GLN J 373 86.84 21.29 -15.14
CA GLN J 373 85.99 20.55 -16.08
C GLN J 373 86.74 20.55 -17.40
N ALA J 374 87.00 21.74 -17.94
CA ALA J 374 87.82 21.94 -19.15
C ALA J 374 89.03 21.02 -19.13
N GLN J 375 89.95 21.31 -18.22
CA GLN J 375 91.29 20.68 -18.19
C GLN J 375 91.20 19.15 -18.23
N SER J 376 90.18 18.59 -17.62
CA SER J 376 90.05 17.12 -17.55
C SER J 376 90.07 16.46 -18.91
N ALA J 377 89.50 17.14 -19.90
CA ALA J 377 89.51 16.73 -21.31
C ALA J 377 90.84 16.14 -21.78
N PHE J 378 91.94 16.74 -21.34
CA PHE J 378 93.27 16.51 -21.94
C PHE J 378 93.82 15.13 -21.56
N PHE J 379 93.29 14.60 -20.46
CA PHE J 379 93.80 13.36 -19.83
C PHE J 379 92.82 12.19 -19.91
N ASN J 380 91.65 12.47 -20.47
CA ASN J 380 90.51 11.54 -20.69
C ASN J 380 89.98 11.72 -22.12
N ASP J 381 90.90 11.82 -23.10
CA ASP J 381 90.68 11.47 -24.53
C ASP J 381 89.60 12.37 -25.12
N GLY J 382 89.62 13.60 -24.63
CA GLY J 382 88.81 14.76 -25.02
C GLY J 382 87.50 14.88 -24.28
N ASN J 383 87.19 13.98 -23.36
CA ASN J 383 85.95 14.04 -22.57
C ASN J 383 86.14 14.89 -21.31
N MET J 384 85.38 15.97 -21.18
CA MET J 384 85.31 16.72 -19.92
C MET J 384 84.46 15.95 -18.92
N LEU J 385 84.99 15.89 -17.71
CA LEU J 385 84.35 15.21 -16.58
C LEU J 385 83.65 16.25 -15.72
N LYS J 386 82.42 15.92 -15.34
CA LYS J 386 81.60 16.76 -14.44
C LYS J 386 82.24 16.63 -13.08
N PRO J 387 82.73 17.76 -12.52
CA PRO J 387 83.27 17.72 -11.18
C PRO J 387 82.21 17.71 -10.10
N TRP J 388 82.38 16.75 -9.17
CA TRP J 388 81.41 16.46 -8.08
C TRP J 388 82.17 16.14 -6.82
N PHE J 389 81.54 16.45 -5.71
CA PHE J 389 82.14 16.36 -4.37
C PHE J 389 81.29 15.58 -3.38
N VAL J 390 80.06 15.25 -3.79
CA VAL J 390 79.10 14.51 -2.95
C VAL J 390 79.13 13.08 -3.44
N ASN J 391 79.56 12.18 -2.57
CA ASN J 391 79.66 10.74 -2.89
C ASN J 391 78.30 10.08 -2.68
N SER J 392 77.61 10.37 -1.56
CA SER J 392 76.25 9.82 -1.26
C SER J 392 75.60 10.49 -0.03
N VAL J 393 74.27 10.55 -0.05
CA VAL J 393 73.35 10.98 1.03
C VAL J 393 72.52 9.75 1.30
N GLU J 394 72.75 9.15 2.44
CA GLU J 394 71.98 7.94 2.84
C GLU J 394 71.70 7.88 4.33
N ASN J 395 70.46 7.53 4.69
CA ASN J 395 70.11 7.25 6.08
C ASN J 395 70.82 5.97 6.53
N PRO J 396 71.62 6.03 7.61
CA PRO J 396 72.44 4.89 7.98
C PRO J 396 71.69 3.74 8.66
N VAL J 397 70.47 4.03 9.10
CA VAL J 397 69.52 3.00 9.60
C VAL J 397 69.08 2.12 8.43
N SER J 398 68.40 2.74 7.47
CA SER J 398 67.77 1.99 6.35
C SER J 398 68.78 1.61 5.27
N LYS J 399 69.89 2.33 5.21
CA LYS J 399 70.95 2.24 4.18
C LYS J 399 70.48 2.81 2.86
N ARG J 400 69.37 3.53 2.87
CA ARG J 400 68.72 3.95 1.60
C ARG J 400 69.49 5.11 0.99
N GLN J 401 69.96 5.00 -0.26
CA GLN J 401 70.76 6.07 -0.88
C GLN J 401 69.84 7.03 -1.61
N PHE J 402 69.64 8.20 -1.02
CA PHE J 402 68.84 9.28 -1.63
C PHE J 402 69.56 9.96 -2.79
N TYR J 403 70.88 10.04 -2.73
CA TYR J 403 71.70 10.38 -3.91
C TYR J 403 73.01 9.61 -3.83
N LYS J 404 73.49 9.23 -5.00
CA LYS J 404 74.83 8.62 -5.12
C LYS J 404 75.51 9.25 -6.31
N GLY J 405 76.65 9.89 -6.05
CA GLY J 405 77.40 10.57 -7.09
C GLY J 405 78.18 9.59 -7.92
N GLN J 406 78.42 9.98 -9.19
CA GLN J 406 79.24 9.17 -10.10
C GLN J 406 79.86 10.08 -11.16
N LYS J 407 80.88 9.54 -11.79
CA LYS J 407 81.58 10.26 -12.87
C LYS J 407 80.69 10.32 -14.11
N GLN J 408 80.52 11.54 -14.62
CA GLN J 408 79.66 11.87 -15.76
C GLN J 408 80.52 12.64 -16.73
N ILE J 409 80.13 12.55 -17.99
CA ILE J 409 80.84 13.20 -19.11
C ILE J 409 79.98 14.39 -19.52
N ALA J 410 80.48 15.60 -19.22
CA ALA J 410 79.79 16.89 -19.46
C ALA J 410 80.06 17.36 -20.87
N GLY J 411 80.89 16.65 -21.62
CA GLY J 411 80.99 16.90 -23.06
C GLY J 411 82.30 16.40 -23.59
N LYS J 412 82.35 16.05 -24.87
CA LYS J 412 83.62 15.79 -25.58
C LYS J 412 83.79 16.86 -26.64
N PRO J 413 84.41 18.02 -26.30
CA PRO J 413 84.60 19.08 -27.28
C PRO J 413 85.74 18.83 -28.28
N ILE J 414 86.63 17.92 -27.94
CA ILE J 414 87.93 17.73 -28.65
C ILE J 414 88.19 16.25 -28.84
N THR J 415 89.16 15.99 -29.70
CA THR J 415 89.48 14.63 -30.17
C THR J 415 90.55 14.03 -29.26
N LYS J 416 90.84 12.76 -29.45
CA LYS J 416 91.94 12.10 -28.69
C LYS J 416 93.28 12.72 -29.16
N ASP J 417 93.43 12.81 -30.49
CA ASP J 417 94.66 13.34 -31.13
C ASP J 417 94.96 14.73 -30.59
N THR J 418 93.99 15.63 -30.67
CA THR J 418 94.11 17.00 -30.14
C THR J 418 94.60 16.98 -28.68
N ALA J 419 93.97 16.18 -27.83
CA ALA J 419 94.33 16.14 -26.40
C ALA J 419 95.80 15.77 -26.18
N GLU J 420 96.31 14.79 -26.94
CA GLU J 420 97.71 14.35 -26.78
C GLU J 420 98.65 15.49 -27.16
N LYS J 421 98.28 16.24 -28.18
CA LYS J 421 99.10 17.37 -28.68
C LYS J 421 99.08 18.51 -27.67
N VAL J 422 97.93 18.74 -27.04
CA VAL J 422 97.83 19.77 -25.98
C VAL J 422 98.72 19.35 -24.83
N GLU J 423 98.65 18.08 -24.43
CA GLU J 423 99.45 17.59 -23.28
C GLU J 423 100.96 17.81 -23.57
N LYS J 424 101.37 17.58 -24.79
CA LYS J 424 102.80 17.74 -25.17
C LYS J 424 103.25 19.17 -24.90
N GLN J 425 102.41 20.15 -25.17
CA GLN J 425 102.75 21.58 -24.95
C GLN J 425 102.76 21.88 -23.44
N LEU J 426 101.79 21.33 -22.70
CA LEU J 426 101.72 21.54 -21.23
C LEU J 426 102.97 20.98 -20.56
N ASP J 427 103.46 19.85 -21.07
CA ASP J 427 104.71 19.23 -20.59
C ASP J 427 105.83 20.23 -20.78
N LEU J 428 105.94 20.78 -21.99
CA LEU J 428 107.00 21.76 -22.33
C LEU J 428 106.96 22.94 -21.36
N VAL J 429 105.80 23.58 -21.24
CA VAL J 429 105.67 24.82 -20.39
C VAL J 429 106.50 24.68 -19.13
N VAL J 430 106.45 23.53 -18.46
CA VAL J 430 107.17 23.33 -17.16
C VAL J 430 108.53 22.69 -17.41
N ASN J 431 108.56 21.60 -18.18
CA ASN J 431 109.80 20.81 -18.36
C ASN J 431 110.39 20.97 -19.76
N SER J 432 110.56 22.21 -20.21
CA SER J 432 111.26 22.50 -21.49
C SER J 432 112.73 22.77 -21.22
N LYS J 433 113.31 23.76 -21.91
CA LYS J 433 114.72 24.14 -21.67
C LYS J 433 114.71 25.65 -21.35
N LYS J 434 113.92 26.40 -22.09
CA LYS J 434 113.74 27.85 -21.80
C LYS J 434 112.42 28.04 -21.05
N SER J 435 112.04 27.04 -20.27
CA SER J 435 110.75 27.10 -19.51
C SER J 435 110.74 28.33 -18.60
N HIS J 436 109.66 29.10 -18.63
CA HIS J 436 109.48 30.21 -17.69
C HIS J 436 108.62 29.74 -16.51
N ALA J 437 108.58 28.43 -16.29
CA ALA J 437 107.78 27.84 -15.21
C ALA J 437 108.58 26.75 -14.50
N ALA J 438 109.91 26.87 -14.50
CA ALA J 438 110.76 25.89 -13.79
C ALA J 438 110.58 25.97 -12.28
N ASN J 439 109.96 27.05 -11.83
CA ASN J 439 109.67 27.24 -10.38
C ASN J 439 108.72 26.15 -9.92
N TYR J 440 107.87 25.63 -10.80
CA TYR J 440 106.84 24.63 -10.43
C TYR J 440 107.38 23.20 -10.56
N ARG J 441 108.70 23.04 -10.68
CA ARG J 441 109.26 21.71 -10.95
C ARG J 441 109.45 20.98 -9.61
N ILE J 442 109.15 19.69 -9.64
CA ILE J 442 109.31 18.81 -8.45
C ILE J 442 110.31 17.70 -8.71
N ASP J 443 111.07 17.44 -7.65
CA ASP J 443 112.08 16.37 -7.54
C ASP J 443 111.39 15.01 -7.49
N GLY J 444 111.82 14.13 -8.39
CA GLY J 444 111.40 12.71 -8.48
C GLY J 444 110.16 12.49 -9.32
N TYR J 445 109.39 13.56 -9.55
CA TYR J 445 108.05 13.51 -10.20
C TYR J 445 107.99 14.45 -11.42
N GLU J 446 107.32 13.97 -12.47
CA GLU J 446 107.15 14.64 -13.78
C GLU J 446 105.86 15.46 -13.72
N VAL J 447 105.98 16.78 -13.86
CA VAL J 447 104.88 17.77 -13.66
C VAL J 447 104.58 18.39 -15.01
N GLU J 448 103.38 18.92 -15.15
CA GLU J 448 103.05 19.71 -16.35
C GLU J 448 101.87 20.60 -15.99
N GLY J 449 101.65 21.62 -16.79
CA GLY J 449 100.57 22.57 -16.49
C GLY J 449 100.79 23.91 -17.11
N LYS J 450 100.06 24.91 -16.64
CA LYS J 450 100.08 26.22 -17.31
C LYS J 450 100.09 27.34 -16.28
N THR J 451 101.02 28.29 -16.41
CA THR J 451 101.05 29.49 -15.55
C THR J 451 99.82 30.33 -15.86
N GLY J 452 99.40 31.18 -14.92
CA GLY J 452 98.17 31.94 -15.09
C GLY J 452 98.28 33.32 -14.47
N THR J 453 99.24 34.15 -14.89
CA THR J 453 99.31 35.54 -14.38
C THR J 453 98.23 36.33 -15.07
N ALA J 454 97.35 36.98 -14.31
CA ALA J 454 96.22 37.74 -14.92
C ALA J 454 96.12 39.14 -14.32
N GLN J 455 94.99 39.78 -14.58
CA GLN J 455 94.72 41.15 -14.10
C GLN J 455 93.37 41.14 -13.40
N VAL J 456 93.29 41.70 -12.19
CA VAL J 456 92.04 41.64 -11.39
C VAL J 456 91.25 42.91 -11.61
N ALA J 457 89.94 42.78 -11.68
CA ALA J 457 89.03 43.93 -11.92
C ALA J 457 88.71 44.65 -10.62
N ALA J 458 88.42 45.96 -10.71
CA ALA J 458 88.05 46.79 -9.53
C ALA J 458 86.70 46.32 -9.02
N PRO J 459 86.56 45.94 -7.72
CA PRO J 459 85.32 45.35 -7.21
C PRO J 459 84.04 46.04 -7.71
N ASN J 460 83.91 47.31 -7.37
CA ASN J 460 82.82 48.17 -7.88
C ASN J 460 83.42 49.28 -8.73
N GLY J 461 84.75 49.43 -8.76
CA GLY J 461 85.46 50.61 -9.28
C GLY J 461 85.13 50.99 -10.72
N GLY J 462 85.90 50.48 -11.70
CA GLY J 462 85.61 50.65 -13.13
C GLY J 462 86.39 49.69 -14.00
N GLY J 463 87.71 49.91 -14.13
CA GLY J 463 88.65 49.10 -14.91
C GLY J 463 89.29 48.03 -14.06
N TYR J 464 90.62 47.95 -14.11
CA TYR J 464 91.40 46.95 -13.37
C TYR J 464 92.06 47.58 -12.15
N VAL J 465 92.36 46.74 -11.17
CA VAL J 465 93.17 47.14 -9.98
C VAL J 465 94.59 47.45 -10.44
N LYS J 466 95.09 48.56 -9.92
CA LYS J 466 96.46 49.06 -10.17
C LYS J 466 97.28 48.88 -8.89
N GLY J 467 98.57 49.04 -9.02
CA GLY J 467 99.53 48.79 -7.92
C GLY J 467 100.85 48.27 -8.47
N PRO J 468 101.75 47.75 -7.60
CA PRO J 468 103.02 47.23 -8.05
C PRO J 468 102.88 45.99 -8.93
N ASN J 469 102.23 44.97 -8.35
CA ASN J 469 101.88 43.70 -9.03
C ASN J 469 100.45 43.31 -8.69
N PRO J 470 99.45 43.98 -9.31
CA PRO J 470 98.06 43.68 -9.03
C PRO J 470 97.54 42.52 -9.87
N TYR J 471 98.14 41.37 -9.66
CA TYR J 471 97.87 40.15 -10.46
C TYR J 471 97.26 38.99 -9.67
N PHE J 472 96.42 38.23 -10.38
CA PHE J 472 95.85 36.98 -9.89
C PHE J 472 96.70 35.93 -10.60
N VAL J 473 97.54 35.27 -9.83
CA VAL J 473 98.46 34.21 -10.33
C VAL J 473 97.84 32.87 -10.07
N SER J 474 98.03 31.94 -10.98
CA SER J 474 97.45 30.59 -10.87
C SER J 474 98.34 29.56 -11.56
N PHE J 475 98.08 28.31 -11.25
CA PHE J 475 98.70 27.18 -11.98
C PHE J 475 97.74 26.02 -12.04
N MET J 476 97.52 25.52 -13.26
CA MET J 476 96.64 24.36 -13.50
C MET J 476 97.48 23.15 -13.83
N GLY J 477 97.95 22.48 -12.78
CA GLY J 477 98.93 21.40 -12.95
C GLY J 477 98.36 20.01 -12.85
N ASP J 478 99.13 19.05 -13.34
CA ASP J 478 98.70 17.66 -13.31
C ASP J 478 99.95 16.80 -13.30
N ALA J 479 99.82 15.61 -12.73
CA ALA J 479 100.96 14.69 -12.59
C ALA J 479 100.45 13.29 -12.25
N PRO J 480 101.16 12.21 -12.62
CA PRO J 480 102.33 12.24 -13.51
C PRO J 480 102.09 12.65 -14.95
N LYS J 481 103.16 12.97 -15.67
CA LYS J 481 103.05 13.44 -17.08
C LYS J 481 102.35 12.36 -17.93
N LYS J 482 101.60 12.81 -18.93
CA LYS J 482 100.91 11.91 -19.92
C LYS J 482 99.75 11.16 -19.23
N ASN J 483 100.05 10.19 -18.38
CA ASN J 483 99.01 9.42 -17.63
C ASN J 483 98.99 9.96 -16.21
N PRO J 484 98.12 10.95 -15.91
CA PRO J 484 98.12 11.58 -14.60
C PRO J 484 97.25 10.88 -13.56
N LYS J 485 97.19 11.48 -12.37
CA LYS J 485 96.39 10.90 -11.28
C LYS J 485 95.60 12.03 -10.63
N VAL J 486 96.20 13.21 -10.56
CA VAL J 486 95.52 14.35 -9.88
C VAL J 486 95.76 15.68 -10.58
N ILE J 487 94.73 16.49 -10.73
CA ILE J 487 94.84 17.87 -11.22
C ILE J 487 94.87 18.70 -9.95
N VAL J 488 95.82 19.60 -9.84
CA VAL J 488 95.87 20.59 -8.74
C VAL J 488 95.75 21.96 -9.37
N TYR J 489 94.75 22.71 -8.96
CA TYR J 489 94.54 24.12 -9.39
C TYR J 489 94.66 25.04 -8.19
N ALA J 490 95.71 25.86 -8.16
CA ALA J 490 95.86 26.90 -7.11
C ALA J 490 95.69 28.24 -7.77
N GLY J 491 95.10 29.18 -7.07
CA GLY J 491 94.99 30.57 -7.51
C GLY J 491 95.13 31.53 -6.37
N MET J 492 95.80 32.67 -6.60
CA MET J 492 96.06 33.73 -5.60
C MET J 492 95.73 35.06 -6.27
N SER J 493 94.99 35.87 -5.53
CA SER J 493 94.59 37.21 -6.02
C SER J 493 95.10 38.30 -5.10
N LEU J 494 95.89 39.19 -5.69
CA LEU J 494 96.41 40.41 -5.02
C LEU J 494 97.17 40.14 -3.72
N ALA J 495 98.38 39.61 -3.87
CA ALA J 495 99.33 39.48 -2.75
C ALA J 495 99.59 40.89 -2.19
N GLN J 496 99.49 41.02 -0.88
CA GLN J 496 99.64 42.35 -0.21
C GLN J 496 101.07 42.50 0.34
N LYS J 497 101.80 41.41 0.32
CA LYS J 497 103.16 41.37 0.86
C LYS J 497 103.98 40.56 -0.12
N ASN J 498 105.25 40.92 -0.31
CA ASN J 498 106.15 40.24 -1.29
C ASN J 498 105.47 40.12 -2.66
N ASP J 499 104.80 41.16 -3.07
CA ASP J 499 104.03 41.12 -4.34
C ASP J 499 104.94 40.82 -5.50
N GLN J 500 106.20 41.25 -5.42
CA GLN J 500 107.20 40.95 -6.46
C GLN J 500 107.47 39.46 -6.59
N GLU J 501 107.79 38.82 -5.47
CA GLU J 501 108.03 37.36 -5.48
C GLU J 501 106.80 36.66 -6.02
N ALA J 502 105.63 37.13 -5.64
CA ALA J 502 104.35 36.56 -6.10
C ALA J 502 104.37 36.55 -7.60
N TYR J 503 104.63 37.67 -8.26
CA TYR J 503 104.58 37.71 -9.75
C TYR J 503 105.63 36.77 -10.30
N GLU J 504 106.77 36.69 -9.62
CA GLU J 504 107.92 35.89 -10.13
C GLU J 504 107.68 34.39 -9.98
N LEU J 505 107.30 33.98 -8.80
CA LEU J 505 107.16 32.54 -8.47
C LEU J 505 105.74 32.02 -8.79
N GLY J 506 104.77 32.89 -8.57
CA GLY J 506 103.34 32.57 -8.44
C GLY J 506 103.05 31.66 -7.28
N VAL J 507 102.14 30.74 -7.52
CA VAL J 507 101.61 29.83 -6.47
C VAL J 507 102.49 28.59 -6.43
N SER J 508 103.67 28.66 -7.05
CA SER J 508 104.61 27.50 -7.08
C SER J 508 104.90 26.98 -5.66
N LYS J 509 105.03 27.93 -4.74
CA LYS J 509 105.38 27.64 -3.33
C LYS J 509 104.30 26.80 -2.61
N ALA J 510 103.10 26.77 -3.18
CA ALA J 510 101.97 26.00 -2.60
C ALA J 510 101.74 24.73 -3.41
N PHE J 511 101.73 24.86 -4.74
CA PHE J 511 101.54 23.71 -5.64
C PHE J 511 102.56 22.60 -5.34
N LYS J 512 103.84 22.95 -5.30
CA LYS J 512 104.92 21.96 -5.10
C LYS J 512 104.67 21.06 -3.90
N PRO J 513 104.57 21.60 -2.67
CA PRO J 513 104.28 20.76 -1.52
C PRO J 513 103.01 19.93 -1.59
N ILE J 514 101.92 20.55 -2.01
CA ILE J 514 100.62 19.82 -2.15
C ILE J 514 100.81 18.64 -3.11
N MET J 515 101.34 18.90 -4.30
CA MET J 515 101.49 17.79 -5.27
C MET J 515 102.44 16.73 -4.76
N GLU J 516 103.60 17.10 -4.28
CA GLU J 516 104.58 16.14 -3.76
C GLU J 516 103.97 15.25 -2.68
N ASN J 517 103.40 15.87 -1.68
CA ASN J 517 102.74 15.15 -0.54
C ASN J 517 101.63 14.21 -1.00
N THR J 518 100.84 14.65 -1.95
CA THR J 518 99.69 13.90 -2.47
C THR J 518 100.19 12.64 -3.22
N LEU J 519 101.15 12.86 -4.11
CA LEU J 519 101.69 11.75 -4.94
C LEU J 519 102.31 10.67 -4.03
N LYS J 520 103.01 11.15 -3.01
CA LYS J 520 103.71 10.35 -1.96
C LYS J 520 102.67 9.48 -1.22
N TYR J 521 101.57 10.11 -0.78
CA TYR J 521 100.44 9.48 -0.03
C TYR J 521 99.72 8.47 -0.90
N LEU J 522 99.61 8.76 -2.20
CA LEU J 522 98.95 7.87 -3.18
C LEU J 522 99.93 6.80 -3.69
N ASN J 523 101.11 6.73 -3.11
CA ASN J 523 102.15 5.74 -3.47
C ASN J 523 102.41 5.73 -4.98
N VAL J 524 102.73 6.91 -5.50
CA VAL J 524 102.89 7.02 -6.98
C VAL J 524 104.19 6.47 -7.52
N GLY J 525 105.34 6.67 -6.88
CA GLY J 525 106.62 6.19 -7.42
C GLY J 525 107.56 7.26 -7.99
N LYS J 526 108.88 7.15 -7.72
CA LYS J 526 109.86 8.22 -8.02
C LYS J 526 110.80 7.81 -9.15
N SER J 527 111.64 8.77 -9.59
CA SER J 527 112.61 8.64 -10.70
C SER J 527 111.90 8.56 -12.05
N MET K 1 -29.34 -44.46 -10.90
CA MET K 1 -30.07 -45.63 -11.44
C MET K 1 -29.41 -46.93 -10.98
N ARG K 2 -30.23 -47.95 -10.77
CA ARG K 2 -29.75 -49.37 -10.76
C ARG K 2 -29.49 -49.74 -12.23
N GLY K 3 -28.35 -50.37 -12.49
CA GLY K 3 -27.93 -50.70 -13.84
C GLY K 3 -28.90 -51.64 -14.50
N LYS K 4 -28.72 -51.81 -15.79
CA LYS K 4 -29.61 -52.65 -16.61
C LYS K 4 -29.08 -54.07 -16.72
N ILE K 5 -30.00 -55.00 -16.94
CA ILE K 5 -29.55 -56.38 -17.25
C ILE K 5 -29.99 -56.64 -18.67
N TYR K 6 -29.02 -56.91 -19.54
CA TYR K 6 -29.18 -57.16 -21.00
C TYR K 6 -28.94 -58.63 -21.33
N ASP K 7 -29.47 -59.03 -22.49
CA ASP K 7 -29.14 -60.34 -23.10
C ASP K 7 -27.89 -60.15 -23.97
N ARG K 8 -27.53 -61.17 -24.74
CA ARG K 8 -26.32 -61.12 -25.61
C ARG K 8 -26.52 -60.13 -26.78
N ASN K 9 -27.78 -59.99 -27.21
CA ASN K 9 -28.16 -59.08 -28.31
C ASN K 9 -28.36 -57.65 -27.83
N GLY K 10 -28.29 -57.38 -26.53
CA GLY K 10 -28.44 -56.05 -25.96
C GLY K 10 -29.88 -55.70 -25.65
N LYS K 11 -30.78 -56.69 -25.70
CA LYS K 11 -32.20 -56.46 -25.38
C LYS K 11 -32.34 -56.46 -23.85
N VAL K 12 -33.14 -55.52 -23.37
CA VAL K 12 -33.27 -55.31 -21.91
C VAL K 12 -34.11 -56.41 -21.30
N LEU K 13 -33.58 -56.97 -20.21
CA LEU K 13 -34.28 -58.04 -19.41
C LEU K 13 -34.84 -57.46 -18.12
N ALA K 14 -34.22 -56.41 -17.61
CA ALA K 14 -34.54 -55.70 -16.37
C ALA K 14 -33.98 -54.27 -16.43
N GLU K 15 -34.78 -53.32 -15.92
CA GLU K 15 -34.41 -51.88 -15.90
C GLU K 15 -35.29 -51.16 -14.90
N ASP K 16 -34.89 -49.97 -14.48
CA ASP K 16 -35.72 -49.08 -13.65
C ASP K 16 -36.70 -48.35 -14.57
N VAL K 17 -37.93 -48.16 -14.09
CA VAL K 17 -38.96 -47.32 -14.79
C VAL K 17 -39.63 -46.39 -13.80
N GLU K 18 -40.22 -45.30 -14.29
CA GLU K 18 -40.94 -44.32 -13.46
C GLU K 18 -42.43 -44.67 -13.51
N ARG K 19 -42.99 -44.98 -12.36
CA ARG K 19 -44.44 -45.25 -12.19
C ARG K 19 -44.92 -44.18 -11.23
N TYR K 20 -46.17 -44.26 -10.77
CA TYR K 20 -46.74 -43.21 -9.90
C TYR K 20 -47.59 -43.79 -8.79
N LYS K 21 -47.80 -42.97 -7.80
CA LYS K 21 -48.52 -43.35 -6.56
C LYS K 21 -49.60 -42.34 -6.26
N LEU K 22 -50.77 -42.82 -5.90
CA LEU K 22 -51.94 -41.93 -5.63
C LEU K 22 -51.88 -41.41 -4.19
N VAL K 23 -52.00 -40.10 -4.02
CA VAL K 23 -51.98 -39.49 -2.65
C VAL K 23 -53.16 -38.55 -2.48
N ALA K 24 -53.69 -38.43 -1.26
CA ALA K 24 -54.78 -37.50 -0.95
C ALA K 24 -54.57 -36.87 0.42
N VAL K 25 -54.16 -35.60 0.45
CA VAL K 25 -53.92 -34.90 1.73
C VAL K 25 -55.16 -34.07 2.08
N ILE K 73 -53.15 -39.72 2.67
CA ILE K 73 -53.38 -41.21 2.71
C ILE K 73 -52.95 -41.87 1.41
N GLU K 74 -52.55 -43.15 1.52
CA GLU K 74 -52.21 -44.01 0.38
C GLU K 74 -53.32 -45.06 0.20
N PHE K 75 -53.19 -45.82 -0.87
CA PHE K 75 -54.20 -46.82 -1.29
C PHE K 75 -53.64 -48.24 -1.46
N GLY K 76 -52.93 -48.72 -0.43
CA GLY K 76 -52.38 -50.09 -0.42
C GLY K 76 -51.53 -50.43 -1.66
N ARG K 77 -51.64 -51.66 -2.21
CA ARG K 77 -50.91 -52.03 -3.46
C ARG K 77 -51.51 -51.32 -4.71
N LYS K 78 -52.81 -51.03 -4.68
CA LYS K 78 -53.56 -50.48 -5.84
C LYS K 78 -53.15 -49.04 -6.11
N GLY K 79 -52.78 -48.34 -5.04
CA GLY K 79 -52.33 -46.93 -5.04
C GLY K 79 -50.85 -46.74 -5.34
N THR K 80 -50.30 -47.71 -6.09
CA THR K 80 -48.85 -47.72 -6.45
C THR K 80 -48.74 -48.34 -7.85
N ASN K 81 -47.57 -48.20 -8.47
CA ASN K 81 -47.25 -48.88 -9.75
C ASN K 81 -48.30 -48.45 -10.77
N LEU K 82 -48.63 -47.17 -10.73
CA LEU K 82 -49.56 -46.58 -11.73
C LEU K 82 -48.79 -46.07 -12.94
N THR K 83 -49.23 -46.46 -14.14
CA THR K 83 -48.56 -46.06 -15.39
C THR K 83 -48.90 -44.62 -15.73
N TYR K 84 -48.18 -44.04 -16.68
CA TYR K 84 -48.45 -42.66 -17.12
C TYR K 84 -49.80 -42.58 -17.81
N GLY K 97 -58.26 -32.83 -3.88
CA GLY K 97 -57.43 -33.77 -3.09
C GLY K 97 -56.84 -34.89 -3.92
N ILE K 98 -56.28 -34.57 -5.08
CA ILE K 98 -55.71 -35.59 -6.00
C ILE K 98 -54.25 -35.28 -6.29
N SER K 99 -53.36 -36.26 -6.12
CA SER K 99 -51.93 -36.06 -6.46
C SER K 99 -51.27 -37.40 -6.77
N LEU K 100 -50.41 -37.42 -7.80
CA LEU K 100 -49.63 -38.63 -8.12
C LEU K 100 -48.17 -38.28 -8.03
N LEU K 101 -47.40 -38.99 -7.21
CA LEU K 101 -45.96 -38.72 -7.08
C LEU K 101 -45.21 -39.77 -7.86
N PRO K 102 -44.15 -39.36 -8.60
CA PRO K 102 -43.30 -40.29 -9.30
C PRO K 102 -42.54 -41.20 -8.34
N GLU K 103 -42.41 -42.47 -8.73
CA GLU K 103 -41.57 -43.42 -8.00
C GLU K 103 -40.98 -44.43 -8.97
N THR K 104 -39.74 -44.82 -8.70
CA THR K 104 -39.00 -45.80 -9.53
C THR K 104 -39.30 -47.21 -9.06
N GLU K 105 -39.55 -48.10 -10.01
CA GLU K 105 -39.80 -49.53 -9.83
C GLU K 105 -38.94 -50.32 -10.80
N ARG K 106 -38.64 -51.55 -10.45
CA ARG K 106 -37.86 -52.44 -11.30
C ARG K 106 -38.84 -53.10 -12.25
N PHE K 107 -38.50 -53.07 -13.52
CA PHE K 107 -39.38 -53.56 -14.60
C PHE K 107 -38.70 -54.69 -15.33
N TYR K 108 -39.40 -55.80 -15.48
CA TYR K 108 -38.95 -56.95 -16.28
C TYR K 108 -39.91 -57.03 -17.44
N PRO K 109 -39.51 -56.49 -18.61
CA PRO K 109 -40.34 -56.49 -19.83
C PRO K 109 -41.08 -57.78 -20.21
N ASN K 110 -40.45 -58.93 -19.96
CA ASN K 110 -40.98 -60.24 -20.35
C ASN K 110 -41.87 -60.88 -19.26
N GLY K 111 -41.90 -60.26 -18.09
CA GLY K 111 -42.51 -60.87 -16.87
C GLY K 111 -41.81 -62.14 -16.48
N ASN K 112 -42.57 -63.23 -16.44
CA ASN K 112 -42.04 -64.60 -16.21
C ASN K 112 -41.20 -64.99 -17.43
N PHE K 113 -39.89 -64.95 -17.24
CA PHE K 113 -38.90 -65.17 -18.31
C PHE K 113 -37.55 -65.40 -17.67
N ALA K 114 -36.99 -66.62 -17.73
CA ALA K 114 -35.75 -66.97 -17.02
C ALA K 114 -35.77 -66.49 -15.57
N SER K 115 -36.94 -66.58 -14.96
CA SER K 115 -37.24 -65.94 -13.66
C SER K 115 -36.18 -66.31 -12.63
N HIS K 116 -35.78 -67.56 -12.67
CA HIS K 116 -34.89 -68.14 -11.63
C HIS K 116 -33.43 -67.75 -11.82
N LEU K 117 -33.05 -67.40 -13.05
CA LEU K 117 -31.71 -66.89 -13.38
C LEU K 117 -31.62 -65.38 -13.16
N ILE K 118 -32.43 -64.64 -13.90
CA ILE K 118 -32.46 -63.15 -13.81
C ILE K 118 -32.51 -62.76 -12.33
N GLY K 119 -33.48 -63.34 -11.62
CA GLY K 119 -33.74 -63.03 -10.22
C GLY K 119 -34.70 -61.87 -10.08
N ARG K 120 -34.74 -61.32 -8.88
CA ARG K 120 -35.75 -60.31 -8.48
C ARG K 120 -35.15 -59.36 -7.45
N ALA K 121 -35.40 -58.09 -7.62
CA ALA K 121 -34.96 -57.06 -6.65
C ALA K 121 -36.19 -56.47 -5.96
N GLN K 122 -36.08 -56.40 -4.64
CA GLN K 122 -37.18 -55.92 -3.76
C GLN K 122 -36.95 -54.45 -3.45
N LYS K 123 -38.04 -53.74 -3.20
CA LYS K 123 -37.99 -52.30 -2.87
C LYS K 123 -38.19 -52.06 -1.38
N ASN K 124 -37.33 -51.23 -0.81
CA ASN K 124 -37.49 -50.80 0.59
C ASN K 124 -38.49 -49.65 0.55
N PRO K 125 -39.69 -49.82 1.14
CA PRO K 125 -40.74 -48.80 1.17
C PRO K 125 -40.22 -47.40 1.50
N ASP K 126 -39.51 -47.29 2.63
CA ASP K 126 -39.09 -45.99 3.20
C ASP K 126 -38.16 -45.23 2.26
N THR K 127 -37.06 -45.87 1.89
CA THR K 127 -35.96 -45.24 1.15
C THR K 127 -36.14 -45.33 -0.37
N GLY K 128 -36.98 -46.24 -0.85
CA GLY K 128 -37.12 -46.47 -2.29
C GLY K 128 -36.00 -47.29 -2.90
N GLU K 129 -35.17 -47.90 -2.05
CA GLU K 129 -33.93 -48.58 -2.51
C GLU K 129 -34.27 -50.01 -2.93
N LEU K 130 -33.76 -50.38 -4.10
CA LEU K 130 -33.96 -51.71 -4.69
C LEU K 130 -32.78 -52.60 -4.28
N LYS K 131 -33.01 -53.84 -3.91
CA LYS K 131 -31.95 -54.76 -3.42
C LYS K 131 -32.23 -56.15 -3.97
N GLY K 132 -31.26 -56.77 -4.66
CA GLY K 132 -31.48 -58.11 -5.24
C GLY K 132 -31.67 -59.16 -4.18
N ALA K 133 -32.69 -60.00 -4.39
CA ALA K 133 -33.05 -61.07 -3.44
C ALA K 133 -32.72 -62.45 -3.99
N LEU K 134 -32.51 -62.61 -5.29
CA LEU K 134 -32.23 -63.91 -5.91
C LEU K 134 -31.61 -63.70 -7.29
N GLY K 135 -30.89 -64.73 -7.76
CA GLY K 135 -30.38 -64.67 -9.14
C GLY K 135 -29.41 -63.53 -9.35
N VAL K 136 -29.22 -63.22 -10.62
CA VAL K 136 -28.36 -62.08 -11.08
C VAL K 136 -28.50 -60.92 -10.09
N GLU K 137 -29.75 -60.49 -9.87
CA GLU K 137 -30.01 -59.25 -9.12
C GLU K 137 -29.25 -59.33 -7.79
N LYS K 138 -29.21 -60.51 -7.17
CA LYS K 138 -28.53 -60.61 -5.84
C LYS K 138 -27.02 -60.67 -5.99
N ILE K 139 -26.54 -61.57 -6.82
CA ILE K 139 -25.08 -61.76 -7.06
C ILE K 139 -24.39 -60.45 -7.34
N PHE K 140 -24.96 -59.69 -8.28
CA PHE K 140 -24.35 -58.44 -8.80
C PHE K 140 -24.95 -57.19 -8.19
N ASP K 141 -25.64 -57.34 -7.06
CA ASP K 141 -26.35 -56.21 -6.43
C ASP K 141 -25.43 -55.00 -6.35
N SER K 142 -24.33 -55.13 -5.64
CA SER K 142 -23.40 -54.01 -5.38
C SER K 142 -23.02 -53.29 -6.68
N TYR K 143 -22.84 -54.00 -7.77
CA TYR K 143 -22.36 -53.41 -9.05
C TYR K 143 -23.54 -52.73 -9.73
N LEU K 144 -24.64 -53.46 -9.84
CA LEU K 144 -25.93 -52.91 -10.33
C LEU K 144 -26.28 -51.59 -9.60
N SER K 145 -26.25 -51.63 -8.27
CA SER K 145 -26.62 -50.49 -7.39
C SER K 145 -25.67 -49.32 -7.65
N GLY K 146 -26.21 -48.25 -8.23
CA GLY K 146 -25.45 -47.00 -8.50
C GLY K 146 -25.07 -46.32 -7.20
N SER K 147 -25.79 -46.61 -6.11
CA SER K 147 -25.49 -46.09 -4.75
C SER K 147 -24.19 -46.72 -4.23
N LYS K 148 -24.25 -48.00 -3.84
CA LYS K 148 -23.10 -48.82 -3.36
C LYS K 148 -22.00 -48.86 -4.43
N GLY K 149 -21.34 -47.73 -4.63
CA GLY K 149 -20.27 -47.51 -5.64
C GLY K 149 -19.13 -48.53 -5.58
N SER K 150 -19.15 -49.48 -6.52
CA SER K 150 -18.21 -50.63 -6.63
C SER K 150 -16.82 -50.16 -7.05
N LEU K 151 -15.82 -50.39 -6.20
CA LEU K 151 -14.46 -49.82 -6.33
C LEU K 151 -13.48 -50.91 -6.76
N ARG K 152 -13.88 -52.20 -6.76
CA ARG K 152 -12.92 -53.29 -7.02
C ARG K 152 -13.24 -53.85 -8.41
N TYR K 153 -12.66 -55.04 -8.68
CA TYR K 153 -12.64 -55.72 -10.01
C TYR K 153 -13.00 -57.19 -9.76
N ILE K 154 -14.02 -57.71 -10.47
CA ILE K 154 -14.68 -59.02 -10.10
C ILE K 154 -13.69 -60.19 -9.94
N HIS K 155 -12.77 -60.42 -10.89
CA HIS K 155 -11.97 -61.67 -10.91
C HIS K 155 -12.94 -62.85 -10.92
N ASP K 156 -13.36 -63.38 -9.76
CA ASP K 156 -14.29 -64.54 -9.65
C ASP K 156 -15.28 -64.29 -8.50
N ILE K 157 -16.43 -64.97 -8.50
CA ILE K 157 -17.42 -64.93 -7.40
C ILE K 157 -16.85 -65.66 -6.16
N TYR K 160 -20.25 -62.57 -2.25
CA TYR K 160 -20.28 -62.66 -3.73
C TYR K 160 -19.05 -61.95 -4.29
N ILE K 161 -19.16 -60.66 -4.54
CA ILE K 161 -17.99 -59.82 -4.97
C ILE K 161 -18.06 -58.48 -4.25
N ALA K 162 -18.21 -58.49 -2.93
CA ALA K 162 -18.49 -57.26 -2.14
C ALA K 162 -17.37 -56.23 -2.32
N PRO K 163 -17.65 -55.06 -2.94
CA PRO K 163 -16.65 -54.03 -3.20
C PRO K 163 -16.79 -52.88 -2.19
N ASN K 164 -17.15 -53.18 -0.93
CA ASN K 164 -17.54 -52.18 0.09
C ASN K 164 -18.47 -51.13 -0.54
N THR K 165 -18.26 -49.85 -0.26
CA THR K 165 -19.15 -48.76 -0.72
C THR K 165 -18.35 -47.48 -0.93
N LYS K 166 -18.99 -46.53 -1.62
CA LYS K 166 -18.46 -45.15 -1.76
C LYS K 166 -19.64 -44.19 -1.93
N LYS K 167 -20.86 -44.72 -2.08
CA LYS K 167 -22.09 -43.95 -2.40
C LYS K 167 -21.84 -43.03 -3.60
N GLU K 168 -21.18 -43.54 -4.64
CA GLU K 168 -20.77 -42.81 -5.88
C GLU K 168 -20.68 -41.29 -5.63
N LYS K 169 -19.69 -40.85 -4.84
CA LYS K 169 -19.46 -39.42 -4.49
C LYS K 169 -19.57 -38.55 -5.74
N LYS K 172 -24.90 -40.65 -10.02
CA LYS K 172 -24.78 -42.03 -9.46
C LYS K 172 -25.43 -43.03 -10.39
N ARG K 173 -24.75 -43.39 -11.46
CA ARG K 173 -25.27 -44.40 -12.43
C ARG K 173 -24.79 -45.78 -12.03
N GLY K 174 -25.50 -46.83 -12.41
CA GLY K 174 -25.13 -48.20 -11.99
C GLY K 174 -24.39 -48.97 -13.08
N ASP K 175 -23.99 -50.19 -12.75
CA ASP K 175 -23.25 -51.05 -13.73
C ASP K 175 -24.22 -52.00 -14.43
N ASP K 176 -24.03 -52.16 -15.73
CA ASP K 176 -24.90 -53.00 -16.58
C ASP K 176 -24.34 -54.42 -16.68
N VAL K 177 -25.23 -55.40 -16.61
CA VAL K 177 -24.88 -56.84 -16.62
C VAL K 177 -25.39 -57.48 -17.89
N HIS K 178 -24.46 -57.99 -18.70
CA HIS K 178 -24.74 -58.61 -20.01
C HIS K 178 -24.72 -60.11 -19.85
N LEU K 179 -25.82 -60.77 -20.20
CA LEU K 179 -25.85 -62.24 -20.09
C LEU K 179 -25.59 -62.90 -21.45
N THR K 180 -25.49 -64.22 -21.45
CA THR K 180 -25.26 -64.97 -22.71
C THR K 180 -26.59 -65.40 -23.32
N ILE K 181 -27.67 -65.20 -22.59
CA ILE K 181 -29.03 -65.64 -22.96
C ILE K 181 -29.45 -64.99 -24.29
N ASP K 182 -30.14 -65.74 -25.10
CA ASP K 182 -30.75 -65.22 -26.32
C ASP K 182 -32.24 -65.25 -26.07
N SER K 183 -32.86 -64.08 -26.01
CA SER K 183 -34.32 -63.93 -25.81
C SER K 183 -35.13 -64.79 -26.79
N ASN K 184 -34.66 -64.89 -28.02
CA ASN K 184 -35.37 -65.68 -29.04
C ASN K 184 -35.45 -67.16 -28.66
N ILE K 185 -34.36 -67.72 -28.17
CA ILE K 185 -34.31 -69.13 -27.75
C ILE K 185 -35.07 -69.28 -26.44
N GLN K 186 -34.96 -68.29 -25.55
CA GLN K 186 -35.64 -68.32 -24.24
C GLN K 186 -37.16 -68.50 -24.47
N VAL K 187 -37.69 -67.78 -25.46
CA VAL K 187 -39.13 -67.92 -25.85
C VAL K 187 -39.45 -69.40 -26.07
N PHE K 188 -38.66 -70.07 -26.90
CA PHE K 188 -38.95 -71.48 -27.23
C PHE K 188 -39.01 -72.30 -25.94
N VAL K 189 -38.05 -72.07 -25.06
CA VAL K 189 -37.98 -72.85 -23.80
C VAL K 189 -39.26 -72.61 -22.98
N GLU K 190 -39.55 -71.35 -22.67
CA GLU K 190 -40.71 -71.03 -21.80
C GLU K 190 -41.97 -71.69 -22.39
N GLU K 191 -42.20 -71.49 -23.68
CA GLU K 191 -43.42 -72.03 -24.33
C GLU K 191 -43.54 -73.52 -24.10
N ALA K 192 -42.51 -74.28 -24.48
CA ALA K 192 -42.56 -75.75 -24.38
C ALA K 192 -42.75 -76.16 -22.91
N LEU K 193 -42.00 -75.54 -21.98
CA LEU K 193 -42.09 -75.91 -20.55
C LEU K 193 -43.54 -75.75 -20.07
N ASP K 194 -44.18 -74.67 -20.46
CA ASP K 194 -45.58 -74.40 -20.07
C ASP K 194 -46.46 -75.58 -20.48
N GLY K 195 -46.27 -76.06 -21.71
CA GLY K 195 -47.03 -77.23 -22.19
C GLY K 195 -46.85 -78.44 -21.31
N MET K 196 -45.63 -78.70 -20.86
CA MET K 196 -45.35 -79.90 -20.01
C MET K 196 -46.06 -79.96 -18.67
N VAL K 197 -46.11 -78.84 -17.96
CA VAL K 197 -46.71 -78.74 -16.59
C VAL K 197 -48.23 -78.59 -16.74
N GLU K 198 -48.74 -78.36 -17.96
CA GLU K 198 -50.19 -78.41 -18.25
C GLU K 198 -50.46 -79.90 -18.40
N ARG K 199 -49.65 -80.59 -19.25
CA ARG K 199 -49.86 -82.05 -19.57
C ARG K 199 -49.54 -82.91 -18.35
N TYR K 200 -48.36 -82.76 -17.80
CA TYR K 200 -47.89 -83.70 -16.74
C TYR K 200 -47.97 -83.09 -15.34
N GLN K 201 -48.01 -81.76 -15.20
CA GLN K 201 -47.95 -81.11 -13.87
C GLN K 201 -46.86 -81.74 -12.98
N PRO K 202 -45.58 -81.65 -13.40
CA PRO K 202 -44.51 -82.20 -12.59
C PRO K 202 -44.27 -81.40 -11.32
N LYS K 203 -43.56 -82.03 -10.37
CA LYS K 203 -43.14 -81.29 -9.17
C LYS K 203 -41.89 -80.44 -9.45
N ASP K 204 -41.13 -80.81 -10.47
CA ASP K 204 -39.88 -80.10 -10.82
C ASP K 204 -39.60 -80.34 -12.29
N LEU K 205 -39.03 -79.32 -12.94
CA LEU K 205 -38.86 -79.36 -14.40
C LEU K 205 -37.86 -78.30 -14.79
N PHE K 206 -36.98 -78.62 -15.73
CA PHE K 206 -36.06 -77.60 -16.27
C PHE K 206 -35.69 -77.94 -17.71
N ALA K 207 -35.21 -76.93 -18.42
CA ALA K 207 -34.55 -77.11 -19.72
C ALA K 207 -33.52 -76.03 -19.88
N VAL K 208 -32.40 -76.41 -20.45
CA VAL K 208 -31.26 -75.50 -20.65
C VAL K 208 -30.73 -75.76 -22.04
N VAL K 209 -30.36 -74.68 -22.70
CA VAL K 209 -29.74 -74.73 -24.04
C VAL K 209 -28.37 -74.13 -23.89
N MET K 210 -27.36 -74.90 -24.25
CA MET K 210 -25.96 -74.45 -24.17
C MET K 210 -25.31 -74.54 -25.54
N ASP K 211 -24.51 -73.52 -25.88
CA ASP K 211 -23.67 -73.53 -27.10
C ASP K 211 -22.63 -74.64 -26.92
N ALA K 212 -22.70 -75.64 -27.79
CA ALA K 212 -21.82 -76.83 -27.72
C ALA K 212 -20.33 -76.48 -27.73
N LYS K 213 -19.99 -75.39 -28.42
CA LYS K 213 -18.60 -74.97 -28.71
C LYS K 213 -18.07 -73.85 -27.82
N THR K 214 -18.88 -73.25 -26.97
CA THR K 214 -18.39 -72.20 -26.04
C THR K 214 -18.68 -72.51 -24.57
N GLY K 215 -19.82 -73.15 -24.26
CA GLY K 215 -20.22 -73.20 -22.82
C GLY K 215 -21.11 -72.02 -22.41
N GLU K 216 -21.59 -71.31 -23.43
CA GLU K 216 -22.54 -70.21 -23.17
C GLU K 216 -23.94 -70.77 -22.98
N ILE K 217 -24.62 -70.31 -21.92
CA ILE K 217 -26.03 -70.67 -21.68
C ILE K 217 -26.86 -69.75 -22.55
N LEU K 218 -27.52 -70.31 -23.55
CA LEU K 218 -28.38 -69.53 -24.48
C LEU K 218 -29.80 -69.43 -23.95
N ALA K 219 -30.25 -70.40 -23.16
CA ALA K 219 -31.58 -70.32 -22.56
C ALA K 219 -31.62 -71.25 -21.36
N TYR K 220 -32.44 -70.85 -20.38
CA TYR K 220 -32.66 -71.66 -19.18
C TYR K 220 -33.98 -71.27 -18.51
N SER K 221 -34.86 -72.24 -18.24
CA SER K 221 -35.93 -71.98 -17.24
C SER K 221 -36.39 -73.24 -16.56
N GLN K 222 -37.19 -73.04 -15.54
CA GLN K 222 -37.59 -74.14 -14.62
C GLN K 222 -39.03 -73.89 -14.18
N ARG K 223 -39.70 -74.97 -13.84
CA ARG K 223 -41.01 -74.93 -13.17
C ARG K 223 -40.96 -75.82 -11.94
N PRO K 224 -41.47 -75.35 -10.78
CA PRO K 224 -42.21 -74.08 -10.69
C PRO K 224 -41.37 -72.85 -10.42
N THR K 225 -41.47 -71.86 -11.30
CA THR K 225 -40.67 -70.63 -11.22
C THR K 225 -41.59 -69.55 -10.64
N PHE K 226 -41.15 -68.31 -10.73
CA PHE K 226 -41.93 -67.15 -10.25
C PHE K 226 -41.97 -66.09 -11.32
N ASN K 227 -42.77 -65.07 -11.05
CA ASN K 227 -42.92 -63.91 -11.94
C ASN K 227 -42.19 -62.75 -11.30
N PRO K 228 -41.05 -62.32 -11.87
CA PRO K 228 -40.21 -61.31 -11.21
C PRO K 228 -40.89 -59.96 -11.06
N GLU K 229 -41.75 -59.66 -12.03
CA GLU K 229 -42.47 -58.38 -12.13
C GLU K 229 -43.38 -58.18 -10.92
N THR K 230 -44.21 -59.19 -10.67
CA THR K 230 -45.32 -59.15 -9.71
C THR K 230 -44.90 -59.57 -8.30
N GLY K 231 -43.94 -60.48 -8.25
CA GLY K 231 -43.54 -61.07 -6.98
C GLY K 231 -44.40 -62.29 -6.62
N LYS K 232 -45.12 -62.78 -7.63
CA LYS K 232 -45.93 -64.01 -7.61
C LYS K 232 -44.99 -65.20 -7.43
N ASP K 233 -45.28 -66.06 -6.45
CA ASP K 233 -44.59 -67.37 -6.24
C ASP K 233 -43.14 -67.21 -5.82
N PHE K 234 -42.68 -65.98 -5.67
CA PHE K 234 -41.28 -65.74 -5.26
C PHE K 234 -41.10 -66.29 -3.84
N GLY K 235 -40.14 -67.18 -3.68
CA GLY K 235 -39.66 -67.62 -2.35
C GLY K 235 -40.13 -69.01 -1.99
N LYS K 236 -40.97 -69.61 -2.83
CA LYS K 236 -41.48 -70.97 -2.56
C LYS K 236 -40.31 -71.90 -2.84
N LYS K 237 -40.07 -72.17 -4.11
CA LYS K 237 -38.78 -72.68 -4.59
C LYS K 237 -37.82 -71.50 -4.74
N TRP K 238 -36.92 -71.41 -3.77
CA TRP K 238 -35.78 -70.46 -3.86
C TRP K 238 -34.68 -70.96 -4.81
N ALA K 239 -34.40 -72.24 -4.74
CA ALA K 239 -33.25 -72.85 -5.43
C ALA K 239 -33.37 -72.84 -6.95
N ASN K 240 -32.30 -72.42 -7.59
CA ASN K 240 -32.17 -72.50 -9.05
C ASN K 240 -31.85 -73.95 -9.38
N ASP K 241 -32.63 -74.55 -10.25
CA ASP K 241 -32.40 -75.97 -10.63
C ASP K 241 -30.98 -76.12 -11.13
N LEU K 242 -30.64 -75.32 -12.15
CA LEU K 242 -29.42 -75.50 -12.98
C LEU K 242 -28.16 -75.55 -12.13
N TYR K 243 -28.09 -74.68 -11.13
CA TYR K 243 -26.85 -74.43 -10.35
C TYR K 243 -26.92 -74.88 -8.90
N GLN K 244 -28.11 -74.95 -8.30
CA GLN K 244 -28.21 -75.11 -6.83
C GLN K 244 -28.87 -76.40 -6.42
N ASN K 245 -29.75 -76.97 -7.26
CA ASN K 245 -30.50 -78.19 -6.96
C ASN K 245 -29.79 -79.46 -7.45
N THR K 246 -29.72 -80.48 -6.60
CA THR K 246 -29.08 -81.76 -6.98
C THR K 246 -30.14 -82.74 -7.44
N TYR K 247 -29.74 -83.59 -8.37
CA TYR K 247 -30.52 -84.72 -8.87
C TYR K 247 -29.70 -86.01 -8.91
N GLU K 248 -30.40 -87.12 -8.67
CA GLU K 248 -29.93 -88.47 -9.00
C GLU K 248 -30.22 -88.50 -10.49
N PRO K 249 -29.22 -88.33 -11.38
CA PRO K 249 -29.49 -88.02 -12.79
C PRO K 249 -30.14 -89.10 -13.64
N GLY K 250 -29.85 -90.34 -13.24
CA GLY K 250 -30.24 -91.56 -13.95
C GLY K 250 -29.38 -91.88 -15.15
N SER K 251 -29.99 -92.37 -16.22
CA SER K 251 -29.29 -93.03 -17.34
C SER K 251 -28.47 -92.08 -18.22
N THR K 252 -28.74 -90.79 -18.08
CA THR K 252 -27.97 -89.71 -18.73
C THR K 252 -26.50 -89.86 -18.33
N PHE K 253 -26.34 -90.35 -17.12
CA PHE K 253 -25.04 -90.48 -16.41
C PHE K 253 -24.26 -91.67 -16.92
N LYS K 254 -24.92 -92.55 -17.66
CA LYS K 254 -24.22 -93.73 -18.25
C LYS K 254 -23.19 -93.28 -19.29
N SER K 255 -23.48 -92.18 -19.98
CA SER K 255 -22.58 -91.63 -21.01
C SER K 255 -21.15 -91.59 -20.47
N TYR K 256 -20.98 -91.23 -19.18
CA TYR K 256 -19.63 -91.02 -18.59
C TYR K 256 -19.01 -92.38 -18.20
N GLY K 257 -19.85 -93.27 -17.68
CA GLY K 257 -19.52 -94.66 -17.36
C GLY K 257 -18.99 -95.38 -18.58
N LEU K 258 -19.46 -94.96 -19.76
CA LEU K 258 -19.12 -95.56 -21.05
C LEU K 258 -17.75 -95.04 -21.49
N ALA K 259 -17.66 -93.73 -21.63
CA ALA K 259 -16.38 -93.08 -22.00
C ALA K 259 -15.21 -93.66 -21.23
N ALA K 260 -15.36 -93.75 -19.90
CA ALA K 260 -14.30 -94.31 -19.04
C ALA K 260 -13.83 -95.65 -19.64
N ALA K 261 -14.76 -96.60 -19.76
CA ALA K 261 -14.48 -97.93 -20.33
C ALA K 261 -13.80 -97.82 -21.68
N ILE K 262 -14.38 -97.03 -22.60
CA ILE K 262 -13.84 -96.93 -23.99
C ILE K 262 -12.37 -96.63 -23.90
N GLN K 263 -12.00 -95.63 -23.09
CA GLN K 263 -10.58 -95.23 -22.95
C GLN K 263 -9.75 -96.37 -22.40
N GLU K 264 -10.23 -97.00 -21.33
CA GLU K 264 -9.49 -98.12 -20.67
C GLU K 264 -9.41 -99.32 -21.60
N GLY K 265 -10.25 -99.38 -22.64
CA GLY K 265 -10.20 -100.50 -23.59
C GLY K 265 -11.23 -101.57 -23.31
N ALA K 266 -11.90 -101.51 -22.17
CA ALA K 266 -12.86 -102.55 -21.76
C ALA K 266 -14.03 -102.60 -22.75
N PHE K 267 -14.65 -101.48 -23.06
CA PHE K 267 -15.85 -101.46 -23.93
C PHE K 267 -15.49 -101.89 -25.34
N ASP K 268 -16.13 -102.93 -25.86
CA ASP K 268 -15.98 -103.35 -27.27
C ASP K 268 -17.40 -103.42 -27.80
N PRO K 269 -17.76 -102.60 -28.81
CA PRO K 269 -19.14 -102.56 -29.32
C PRO K 269 -19.79 -103.93 -29.58
N ASP K 270 -19.02 -104.86 -30.17
CA ASP K 270 -19.60 -106.18 -30.56
C ASP K 270 -19.46 -107.23 -29.44
N LYS K 271 -18.69 -106.94 -28.40
CA LYS K 271 -18.42 -107.93 -27.34
C LYS K 271 -19.72 -108.28 -26.64
N LYS K 272 -20.06 -109.57 -26.56
CA LYS K 272 -21.37 -110.00 -25.99
C LYS K 272 -21.20 -110.14 -24.48
N TYR K 273 -22.15 -109.59 -23.74
CA TYR K 273 -22.15 -109.62 -22.25
C TYR K 273 -23.48 -110.18 -21.77
N LYS K 274 -23.52 -110.68 -20.54
CA LYS K 274 -24.73 -111.29 -19.97
C LYS K 274 -25.64 -110.22 -19.38
N SER K 275 -26.83 -110.03 -19.96
CA SER K 275 -27.80 -109.03 -19.45
C SER K 275 -28.95 -109.73 -18.74
N GLY K 276 -29.36 -109.17 -17.60
CA GLY K 276 -30.47 -109.73 -16.81
C GLY K 276 -30.50 -109.15 -15.42
N HIS K 277 -29.87 -109.85 -14.45
CA HIS K 277 -29.79 -109.35 -13.06
C HIS K 277 -28.31 -109.23 -12.66
N ARG K 278 -28.07 -108.75 -11.45
CA ARG K 278 -26.72 -108.73 -10.82
C ARG K 278 -26.93 -108.72 -9.30
N ASP K 279 -26.73 -109.86 -8.66
CA ASP K 279 -26.88 -109.98 -7.18
C ASP K 279 -25.75 -109.23 -6.49
N ILE K 280 -26.01 -108.00 -6.05
CA ILE K 280 -24.97 -107.12 -5.45
C ILE K 280 -25.44 -106.67 -4.07
N MET K 281 -24.61 -106.88 -3.05
CA MET K 281 -24.90 -106.49 -1.66
C MET K 281 -26.35 -106.86 -1.28
N GLY K 282 -26.70 -108.13 -1.50
CA GLY K 282 -28.02 -108.66 -1.10
C GLY K 282 -29.15 -107.89 -1.77
N SER K 283 -29.00 -107.60 -3.06
CA SER K 283 -30.04 -106.92 -3.87
C SER K 283 -29.95 -107.36 -5.32
N ARG K 284 -31.07 -107.72 -5.94
CA ARG K 284 -31.08 -108.13 -7.35
C ARG K 284 -31.20 -106.88 -8.23
N ILE K 285 -30.11 -106.17 -8.37
CA ILE K 285 -30.10 -104.97 -9.27
C ILE K 285 -30.27 -105.48 -10.69
N SER K 286 -31.41 -105.24 -11.34
CA SER K 286 -31.63 -105.82 -12.67
C SER K 286 -31.73 -104.74 -13.76
N ASP K 287 -31.99 -105.13 -14.99
CA ASP K 287 -32.22 -104.18 -16.08
C ASP K 287 -33.63 -103.57 -15.96
N TRP K 288 -33.94 -102.62 -16.83
CA TRP K 288 -35.26 -101.93 -16.75
C TRP K 288 -36.40 -102.90 -17.12
N ASN K 289 -36.09 -103.90 -17.93
CA ASN K 289 -37.08 -104.93 -18.34
C ASN K 289 -37.02 -106.13 -17.39
N ARG K 290 -36.15 -106.08 -16.38
CA ARG K 290 -36.00 -107.14 -15.34
C ARG K 290 -35.40 -108.42 -15.91
N VAL K 291 -36.02 -109.03 -16.91
CA VAL K 291 -35.53 -110.32 -17.48
C VAL K 291 -34.23 -110.07 -18.26
N GLY K 292 -34.07 -108.87 -18.84
CA GLY K 292 -32.88 -108.63 -19.69
C GLY K 292 -33.08 -109.11 -21.10
N TRP K 293 -32.02 -109.15 -21.87
CA TRP K 293 -32.06 -109.61 -23.28
C TRP K 293 -31.05 -110.74 -23.51
N GLY K 294 -30.54 -111.33 -22.42
CA GLY K 294 -29.60 -112.45 -22.50
C GLY K 294 -28.23 -111.99 -22.98
N GLU K 295 -27.53 -112.86 -23.71
CA GLU K 295 -26.18 -112.48 -24.21
C GLU K 295 -26.35 -111.61 -25.45
N ILE K 296 -26.01 -110.32 -25.31
CA ILE K 296 -26.13 -109.34 -26.43
C ILE K 296 -24.86 -108.49 -26.50
N PRO K 297 -24.51 -107.92 -27.68
CA PRO K 297 -23.37 -107.01 -27.79
C PRO K 297 -23.53 -105.78 -26.88
N MET K 298 -22.39 -105.19 -26.48
CA MET K 298 -22.43 -104.01 -25.57
C MET K 298 -23.12 -102.85 -26.25
N SER K 299 -22.87 -102.65 -27.53
CA SER K 299 -23.54 -101.56 -28.31
C SER K 299 -25.04 -101.63 -28.05
N LEU K 300 -25.64 -102.80 -28.23
CA LEU K 300 -27.10 -102.95 -28.08
C LEU K 300 -27.54 -102.55 -26.67
N GLY K 301 -26.82 -103.05 -25.66
CA GLY K 301 -27.13 -102.72 -24.26
C GLY K 301 -27.30 -101.24 -24.07
N PHE K 302 -26.35 -100.45 -24.55
CA PHE K 302 -26.39 -98.98 -24.37
C PHE K 302 -27.54 -98.39 -25.18
N THR K 303 -27.75 -98.88 -26.41
CA THR K 303 -28.90 -98.42 -27.22
C THR K 303 -30.18 -98.59 -26.40
N TYR K 304 -30.30 -99.73 -25.72
CA TYR K 304 -31.51 -100.01 -24.91
C TYR K 304 -31.42 -99.35 -23.53
N SER K 305 -30.24 -98.93 -23.12
CA SER K 305 -29.97 -98.37 -21.76
C SER K 305 -30.00 -99.51 -20.76
N SER K 306 -29.05 -100.44 -20.90
CA SER K 306 -28.93 -101.58 -19.96
C SER K 306 -28.18 -101.16 -18.70
N ASN K 307 -28.79 -101.40 -17.55
CA ASN K 307 -28.14 -101.07 -16.26
C ASN K 307 -27.02 -102.06 -15.99
N THR K 308 -27.24 -103.35 -16.31
CA THR K 308 -26.21 -104.38 -16.12
C THR K 308 -24.92 -104.01 -16.83
N LEU K 309 -25.03 -103.45 -18.03
CA LEU K 309 -23.83 -103.09 -18.81
C LEU K 309 -22.81 -102.28 -17.99
N MET K 310 -23.31 -101.19 -17.43
CA MET K 310 -22.53 -100.20 -16.65
C MET K 310 -21.86 -100.89 -15.48
N MET K 311 -22.56 -101.82 -14.88
CA MET K 311 -22.10 -102.60 -13.70
C MET K 311 -20.97 -103.57 -14.10
N HIS K 312 -21.19 -104.30 -15.17
CA HIS K 312 -20.14 -105.09 -15.82
C HIS K 312 -18.89 -104.21 -16.01
N LEU K 313 -19.09 -103.13 -16.76
CA LEU K 313 -17.97 -102.28 -17.23
C LEU K 313 -17.21 -101.80 -16.00
N GLN K 314 -17.94 -101.48 -14.92
CA GLN K 314 -17.28 -100.97 -13.70
C GLN K 314 -16.30 -101.99 -13.18
N ASP K 315 -16.74 -103.26 -13.17
CA ASP K 315 -15.94 -104.40 -12.70
C ASP K 315 -14.68 -104.55 -13.54
N LEU K 316 -14.82 -104.47 -14.86
CA LEU K 316 -13.65 -104.61 -15.78
C LEU K 316 -12.64 -103.49 -15.53
N VAL K 317 -13.12 -102.26 -15.43
CA VAL K 317 -12.23 -101.09 -15.24
C VAL K 317 -11.61 -101.16 -13.83
N GLY K 318 -12.45 -101.24 -12.80
CA GLY K 318 -11.98 -101.22 -11.40
C GLY K 318 -12.65 -100.11 -10.61
N ALA K 319 -13.00 -100.42 -9.37
CA ALA K 319 -13.67 -99.47 -8.46
C ALA K 319 -12.86 -98.17 -8.41
N ASP K 320 -11.63 -98.26 -7.92
CA ASP K 320 -10.86 -97.03 -7.58
C ASP K 320 -10.75 -96.18 -8.84
N LYS K 321 -10.60 -96.81 -9.97
CA LYS K 321 -10.32 -96.08 -11.23
C LYS K 321 -11.60 -95.38 -11.69
N MET K 322 -12.75 -96.05 -11.52
CA MET K 322 -14.04 -95.46 -11.98
C MET K 322 -14.36 -94.25 -11.12
N LYS K 323 -14.02 -94.30 -9.82
CA LYS K 323 -14.31 -93.14 -8.95
C LYS K 323 -13.57 -91.92 -9.49
N SER K 324 -12.30 -92.11 -9.81
CA SER K 324 -11.42 -91.06 -10.35
C SER K 324 -11.93 -90.60 -11.69
N TRP K 325 -12.48 -91.53 -12.48
CA TRP K 325 -13.07 -91.15 -13.79
C TRP K 325 -14.20 -90.15 -13.58
N TYR K 326 -15.11 -90.45 -12.66
CA TYR K 326 -16.28 -89.54 -12.42
C TYR K 326 -15.81 -88.20 -11.87
N GLU K 327 -14.73 -88.23 -11.07
CA GLU K 327 -14.13 -86.99 -10.54
C GLU K 327 -13.54 -86.15 -11.67
N ARG K 328 -12.86 -86.81 -12.60
CA ARG K 328 -12.24 -86.07 -13.73
C ARG K 328 -13.29 -85.54 -14.68
N PHE K 329 -14.50 -86.09 -14.64
CA PHE K 329 -15.65 -85.55 -15.40
C PHE K 329 -16.37 -84.42 -14.64
N GLY K 330 -15.80 -83.97 -13.53
CA GLY K 330 -16.20 -82.69 -12.88
C GLY K 330 -17.29 -82.84 -11.87
N PHE K 331 -17.65 -84.08 -11.56
CA PHE K 331 -18.74 -84.42 -10.63
C PHE K 331 -18.26 -84.43 -9.19
N GLY K 332 -19.18 -84.09 -8.29
CA GLY K 332 -18.83 -83.97 -6.87
C GLY K 332 -18.11 -82.68 -6.55
N LYS K 333 -17.91 -81.83 -7.55
CA LYS K 333 -17.24 -80.53 -7.36
C LYS K 333 -18.02 -79.47 -8.09
N SER K 334 -17.97 -78.27 -7.51
CA SER K 334 -18.52 -77.04 -8.13
C SER K 334 -17.90 -76.80 -9.51
N THR K 335 -18.70 -76.30 -10.45
CA THR K 335 -18.21 -75.99 -11.81
C THR K 335 -17.54 -74.63 -11.84
N LYS K 336 -17.47 -73.96 -10.68
CA LYS K 336 -16.90 -72.61 -10.50
C LYS K 336 -17.58 -71.63 -11.43
N GLY K 337 -18.87 -71.86 -11.66
CA GLY K 337 -19.75 -70.94 -12.39
C GLY K 337 -20.00 -69.71 -11.57
N MET K 338 -20.60 -68.72 -12.21
CA MET K 338 -20.72 -67.35 -11.66
C MET K 338 -21.90 -67.20 -10.71
N PHE K 339 -22.51 -68.29 -10.27
CA PHE K 339 -23.78 -68.23 -9.54
C PHE K 339 -23.44 -68.43 -8.07
N ASP K 340 -24.33 -67.92 -7.23
CA ASP K 340 -24.21 -68.02 -5.75
C ASP K 340 -24.41 -69.46 -5.28
N GLY K 341 -23.67 -69.85 -4.24
CA GLY K 341 -23.84 -71.14 -3.56
C GLY K 341 -24.14 -72.30 -4.48
N GLU K 342 -23.38 -72.38 -5.57
CA GLU K 342 -23.51 -73.53 -6.51
C GLU K 342 -23.27 -74.83 -5.77
N ALA K 343 -24.19 -75.77 -5.96
CA ALA K 343 -24.16 -77.06 -5.26
C ALA K 343 -23.10 -77.99 -5.84
N PRO K 344 -22.34 -78.68 -4.97
CA PRO K 344 -21.26 -79.54 -5.44
C PRO K 344 -21.72 -80.95 -5.84
N GLY K 345 -22.87 -81.36 -5.31
CA GLY K 345 -23.38 -82.74 -5.34
C GLY K 345 -22.40 -83.69 -4.67
N GLN K 346 -22.50 -84.98 -4.97
CA GLN K 346 -21.55 -85.95 -4.38
C GLN K 346 -21.62 -87.30 -5.04
N ILE K 347 -20.43 -87.88 -5.22
CA ILE K 347 -20.28 -89.19 -5.88
C ILE K 347 -20.56 -90.23 -4.80
N GLY K 348 -21.59 -91.05 -5.01
CA GLY K 348 -21.99 -92.13 -4.10
C GLY K 348 -21.07 -93.30 -4.26
N TRP K 349 -20.15 -93.47 -3.33
CA TRP K 349 -19.08 -94.49 -3.46
C TRP K 349 -18.73 -95.11 -2.11
N SER K 350 -19.66 -95.08 -1.13
CA SER K 350 -19.39 -95.54 0.27
C SER K 350 -19.28 -97.07 0.38
N ASN K 351 -20.02 -97.77 -0.48
CA ASN K 351 -19.99 -99.25 -0.52
C ASN K 351 -20.26 -99.70 -1.96
N GLU K 352 -20.17 -101.00 -2.19
CA GLU K 352 -20.34 -101.59 -3.54
C GLU K 352 -21.70 -101.22 -4.14
N LEU K 353 -22.72 -101.21 -3.30
CA LEU K 353 -24.10 -100.91 -3.77
C LEU K 353 -24.08 -99.53 -4.41
N GLN K 354 -23.63 -98.54 -3.65
CA GLN K 354 -23.65 -97.13 -4.09
C GLN K 354 -22.84 -97.03 -5.37
N GLN K 355 -21.69 -97.69 -5.37
CA GLN K 355 -20.76 -97.61 -6.53
C GLN K 355 -21.46 -98.15 -7.77
N LYS K 356 -22.01 -99.34 -7.66
CA LYS K 356 -22.71 -99.96 -8.80
C LYS K 356 -23.86 -99.05 -9.27
N THR K 357 -24.77 -98.77 -8.35
CA THR K 357 -25.98 -97.96 -8.67
C THR K 357 -25.53 -96.63 -9.30
N SER K 358 -24.38 -96.11 -8.87
CA SER K 358 -23.86 -94.84 -9.43
C SER K 358 -23.69 -95.02 -10.93
N SER K 359 -23.13 -96.10 -11.47
CA SER K 359 -22.74 -96.10 -12.89
C SER K 359 -23.94 -95.88 -13.81
N PHE K 360 -25.16 -96.01 -13.30
CA PHE K 360 -26.38 -95.76 -14.09
C PHE K 360 -27.22 -94.65 -13.46
N GLY K 361 -26.60 -93.92 -12.55
CA GLY K 361 -27.02 -92.56 -12.13
C GLY K 361 -27.86 -92.48 -10.88
N GLN K 362 -27.71 -93.42 -9.96
CA GLN K 362 -28.37 -93.39 -8.65
C GLN K 362 -27.28 -93.27 -7.59
N SER K 363 -27.70 -92.85 -6.39
CA SER K 363 -26.84 -92.53 -5.22
C SER K 363 -26.09 -91.24 -5.44
N THR K 364 -25.35 -91.20 -6.53
CA THR K 364 -24.60 -90.00 -6.98
C THR K 364 -25.54 -88.84 -7.30
N THR K 365 -25.22 -87.66 -6.81
CA THR K 365 -26.01 -86.45 -7.06
C THR K 365 -25.19 -85.48 -7.90
N VAL K 366 -25.87 -84.80 -8.79
CA VAL K 366 -25.26 -83.82 -9.71
C VAL K 366 -26.13 -82.57 -9.84
N THR K 367 -25.45 -81.46 -10.12
CA THR K 367 -26.09 -80.27 -10.72
C THR K 367 -26.27 -80.52 -12.21
N PRO K 368 -27.40 -80.05 -12.78
CA PRO K 368 -27.58 -80.07 -14.22
C PRO K 368 -26.37 -79.54 -14.98
N VAL K 369 -25.72 -78.56 -14.37
CA VAL K 369 -24.54 -77.86 -14.96
C VAL K 369 -23.36 -78.82 -15.05
N GLN K 370 -23.02 -79.52 -13.96
CA GLN K 370 -21.97 -80.56 -13.95
C GLN K 370 -22.14 -81.43 -15.18
N MET K 371 -23.41 -81.68 -15.51
CA MET K 371 -23.76 -82.61 -16.62
C MET K 371 -23.46 -81.94 -17.96
N LEU K 372 -23.84 -80.67 -18.13
CA LEU K 372 -23.46 -79.95 -19.36
C LEU K 372 -21.95 -79.96 -19.52
N GLN K 373 -21.27 -79.73 -18.43
CA GLN K 373 -19.81 -79.61 -18.42
C GLN K 373 -19.28 -80.93 -18.97
N ALA K 374 -19.61 -82.02 -18.31
CA ALA K 374 -19.29 -83.39 -18.76
C ALA K 374 -19.52 -83.53 -20.26
N GLN K 375 -20.78 -83.47 -20.65
CA GLN K 375 -21.22 -83.80 -22.03
C GLN K 375 -20.43 -83.03 -23.07
N SER K 376 -20.05 -81.81 -22.76
CA SER K 376 -19.34 -80.95 -23.74
C SER K 376 -18.09 -81.61 -24.28
N ALA K 377 -17.40 -82.37 -23.44
CA ALA K 377 -16.22 -83.18 -23.79
C ALA K 377 -16.34 -83.89 -25.14
N PHE K 378 -17.51 -84.41 -25.44
CA PHE K 378 -17.70 -85.37 -26.55
C PHE K 378 -17.62 -84.68 -27.92
N PHE K 379 -17.85 -83.38 -27.90
CA PHE K 379 -17.99 -82.56 -29.13
C PHE K 379 -16.86 -81.55 -29.31
N ASN K 380 -15.96 -81.52 -28.34
CA ASN K 380 -14.76 -80.65 -28.25
C ASN K 380 -13.56 -81.50 -27.79
N ASP K 381 -13.41 -82.69 -28.38
CA ASP K 381 -12.13 -83.43 -28.54
C ASP K 381 -11.55 -83.77 -27.16
N GLY K 382 -12.49 -84.04 -26.27
CA GLY K 382 -12.33 -84.49 -24.89
C GLY K 382 -12.20 -83.39 -23.87
N ASN K 383 -12.26 -82.12 -24.28
CA ASN K 383 -12.17 -80.98 -23.36
C ASN K 383 -13.56 -80.61 -22.83
N MET K 384 -13.75 -80.67 -21.51
CA MET K 384 -14.94 -80.10 -20.88
C MET K 384 -14.82 -78.60 -20.81
N LEU K 385 -15.94 -77.96 -21.18
CA LEU K 385 -16.05 -76.50 -21.21
C LEU K 385 -16.76 -76.06 -19.93
N LYS K 386 -16.21 -75.01 -19.31
CA LYS K 386 -16.80 -74.38 -18.12
C LYS K 386 -18.03 -73.67 -18.61
N PRO K 387 -19.21 -74.06 -18.10
CA PRO K 387 -20.43 -73.36 -18.46
C PRO K 387 -20.61 -72.05 -17.70
N TRP K 388 -20.88 -71.00 -18.47
CA TRP K 388 -20.98 -69.60 -17.98
C TRP K 388 -22.12 -68.92 -18.70
N PHE K 389 -22.71 -67.95 -17.99
CA PHE K 389 -23.93 -67.25 -18.42
C PHE K 389 -23.80 -65.74 -18.37
N VAL K 390 -22.71 -65.27 -17.78
CA VAL K 390 -22.42 -63.83 -17.64
C VAL K 390 -21.41 -63.48 -18.70
N ASN K 391 -21.83 -62.62 -19.63
CA ASN K 391 -20.98 -62.17 -20.75
C ASN K 391 -20.08 -61.02 -20.28
N SER K 392 -20.63 -60.03 -19.56
CA SER K 392 -19.85 -58.88 -19.01
C SER K 392 -20.67 -58.03 -18.03
N VAL K 393 -19.97 -57.43 -17.06
CA VAL K 393 -20.44 -56.42 -16.07
C VAL K 393 -19.60 -55.21 -16.37
N GLU K 394 -20.24 -54.20 -16.92
CA GLU K 394 -19.51 -52.93 -17.25
C GLU K 394 -20.37 -51.69 -17.05
N ASN K 395 -19.80 -50.67 -16.41
CA ASN K 395 -20.45 -49.36 -16.31
C ASN K 395 -20.52 -48.74 -17.70
N PRO K 396 -21.74 -48.38 -18.18
CA PRO K 396 -21.88 -47.92 -19.56
C PRO K 396 -21.41 -46.50 -19.83
N VAL K 397 -21.20 -45.75 -18.74
CA VAL K 397 -20.56 -44.41 -18.80
C VAL K 397 -19.08 -44.58 -19.16
N SER K 398 -18.35 -45.25 -18.28
CA SER K 398 -16.87 -45.37 -18.42
C SER K 398 -16.48 -46.43 -19.45
N LYS K 399 -17.37 -47.38 -19.72
CA LYS K 399 -17.16 -48.57 -20.57
C LYS K 399 -16.25 -49.57 -19.89
N ARG K 400 -16.02 -49.41 -18.60
CA ARG K 400 -14.99 -50.22 -17.91
C ARG K 400 -15.55 -51.61 -17.64
N GLN K 401 -14.87 -52.67 -18.09
CA GLN K 401 -15.38 -54.04 -17.89
C GLN K 401 -14.83 -54.60 -16.59
N PHE K 402 -15.70 -54.68 -15.59
CA PHE K 402 -15.35 -55.28 -14.28
C PHE K 402 -15.24 -56.80 -14.36
N TYR K 403 -16.04 -57.43 -15.21
CA TYR K 403 -15.81 -58.84 -15.59
C TYR K 403 -16.22 -59.03 -17.03
N LYS K 404 -15.48 -59.92 -17.68
CA LYS K 404 -15.82 -60.35 -19.04
C LYS K 404 -15.66 -61.85 -19.09
N GLY K 405 -16.76 -62.53 -19.41
CA GLY K 405 -16.75 -64.00 -19.47
C GLY K 405 -16.13 -64.48 -20.75
N GLN K 406 -15.55 -65.69 -20.68
CA GLN K 406 -14.97 -66.34 -21.86
C GLN K 406 -15.00 -67.86 -21.67
N LYS K 407 -14.86 -68.54 -22.78
CA LYS K 407 -14.82 -70.02 -22.78
C LYS K 407 -13.49 -70.50 -22.16
N GLN K 408 -13.62 -71.38 -21.18
CA GLN K 408 -12.51 -71.94 -20.39
C GLN K 408 -12.67 -73.44 -20.47
N ILE K 409 -11.55 -74.10 -20.30
CA ILE K 409 -11.45 -75.58 -20.35
C ILE K 409 -11.24 -76.04 -18.91
N ALA K 410 -12.31 -76.67 -18.37
CA ALA K 410 -12.36 -77.15 -16.96
C ALA K 410 -11.74 -78.52 -16.85
N GLY K 411 -11.34 -79.11 -17.97
CA GLY K 411 -10.49 -80.32 -17.91
C GLY K 411 -10.60 -81.08 -19.18
N LYS K 412 -9.58 -81.86 -19.52
CA LYS K 412 -9.64 -82.86 -20.61
C LYS K 412 -9.49 -84.23 -19.98
N PRO K 413 -10.60 -84.86 -19.55
CA PRO K 413 -10.53 -86.19 -18.94
C PRO K 413 -10.32 -87.34 -19.92
N ILE K 414 -10.61 -87.09 -21.20
CA ILE K 414 -10.71 -88.14 -22.23
C ILE K 414 -10.03 -87.67 -23.49
N THR K 415 -9.81 -88.63 -24.38
CA THR K 415 -9.02 -88.45 -25.61
C THR K 415 -9.96 -88.02 -26.74
N LYS K 416 -9.39 -87.68 -27.87
CA LYS K 416 -10.21 -87.35 -29.07
C LYS K 416 -10.89 -88.65 -29.57
N ASP K 417 -10.08 -89.71 -29.65
CA ASP K 417 -10.55 -91.05 -30.13
C ASP K 417 -11.74 -91.51 -29.30
N THR K 418 -11.57 -91.53 -27.99
CA THR K 418 -12.66 -91.90 -27.05
C THR K 418 -13.94 -91.10 -27.34
N ALA K 419 -13.81 -89.77 -27.46
CA ALA K 419 -14.99 -88.90 -27.69
C ALA K 419 -15.76 -89.30 -28.96
N GLU K 420 -15.05 -89.59 -30.04
CA GLU K 420 -15.71 -89.96 -31.31
C GLU K 420 -16.47 -91.26 -31.15
N LYS K 421 -15.91 -92.18 -30.38
CA LYS K 421 -16.54 -93.50 -30.14
C LYS K 421 -17.76 -93.34 -29.26
N VAL K 422 -17.69 -92.45 -28.28
CA VAL K 422 -18.87 -92.15 -27.42
C VAL K 422 -19.96 -91.56 -28.30
N GLU K 423 -19.60 -90.59 -29.15
CA GLU K 423 -20.61 -89.94 -30.02
C GLU K 423 -21.32 -90.99 -30.89
N LYS K 424 -20.58 -91.96 -31.40
CA LYS K 424 -21.16 -93.01 -32.25
C LYS K 424 -22.27 -93.76 -31.52
N GLN K 425 -22.07 -94.02 -30.24
CA GLN K 425 -23.08 -94.74 -29.42
C GLN K 425 -24.28 -93.82 -29.15
N LEU K 426 -24.03 -92.54 -28.86
CA LEU K 426 -25.12 -91.55 -28.61
C LEU K 426 -26.00 -91.41 -29.85
N ASP K 427 -25.37 -91.47 -31.03
CA ASP K 427 -26.10 -91.44 -32.32
C ASP K 427 -27.03 -92.65 -32.36
N LEU K 428 -26.46 -93.83 -32.08
CA LEU K 428 -27.25 -95.08 -32.05
C LEU K 428 -28.44 -94.99 -31.08
N VAL K 429 -28.17 -94.59 -29.85
CA VAL K 429 -29.24 -94.58 -28.80
C VAL K 429 -30.56 -94.07 -29.40
N VAL K 430 -30.46 -93.06 -30.25
CA VAL K 430 -31.66 -92.44 -30.88
C VAL K 430 -31.95 -93.05 -32.25
N ASN K 431 -30.94 -93.10 -33.11
CA ASN K 431 -31.08 -93.48 -34.54
C ASN K 431 -30.61 -94.90 -34.89
N SER K 432 -30.80 -95.83 -33.96
CA SER K 432 -30.64 -97.28 -34.16
C SER K 432 -31.99 -97.91 -34.51
N LYS K 433 -31.96 -99.07 -35.13
CA LYS K 433 -33.17 -99.73 -35.66
C LYS K 433 -34.00 -100.21 -34.47
N LYS K 434 -33.31 -100.63 -33.41
CA LYS K 434 -33.96 -101.13 -32.18
C LYS K 434 -33.95 -100.08 -31.09
N SER K 435 -33.79 -98.81 -31.43
CA SER K 435 -33.73 -97.71 -30.42
C SER K 435 -34.94 -97.71 -29.49
N HIS K 436 -34.72 -97.48 -28.20
CA HIS K 436 -35.83 -97.26 -27.24
C HIS K 436 -35.97 -95.76 -26.98
N ALA K 437 -35.51 -94.97 -27.94
CA ALA K 437 -35.47 -93.50 -27.81
C ALA K 437 -35.83 -92.83 -29.12
N ALA K 438 -36.72 -93.45 -29.88
CA ALA K 438 -37.12 -92.97 -31.22
C ALA K 438 -38.04 -91.77 -31.13
N ASN K 439 -38.71 -91.61 -30.01
CA ASN K 439 -39.66 -90.49 -29.78
C ASN K 439 -38.95 -89.14 -29.79
N TYR K 440 -37.65 -89.14 -29.60
CA TYR K 440 -36.83 -87.92 -29.54
C TYR K 440 -36.37 -87.48 -30.93
N ARG K 441 -36.68 -88.27 -31.96
CA ARG K 441 -36.28 -87.95 -33.34
C ARG K 441 -37.07 -86.75 -33.86
N ILE K 442 -36.34 -85.97 -34.65
CA ILE K 442 -36.86 -84.77 -35.34
C ILE K 442 -36.66 -84.89 -36.85
N ASP K 443 -37.67 -84.39 -37.54
CA ASP K 443 -37.77 -84.27 -39.00
C ASP K 443 -36.80 -83.21 -39.51
N GLY K 444 -35.99 -83.61 -40.47
CA GLY K 444 -35.05 -82.73 -41.20
C GLY K 444 -33.68 -82.62 -40.56
N TYR K 445 -33.62 -82.94 -39.27
CA TYR K 445 -32.43 -82.72 -38.39
C TYR K 445 -31.99 -84.02 -37.70
N GLU K 446 -30.67 -84.21 -37.62
CA GLU K 446 -29.98 -85.42 -37.10
C GLU K 446 -29.72 -85.21 -35.61
N VAL K 447 -30.33 -86.03 -34.75
CA VAL K 447 -30.33 -85.84 -33.27
C VAL K 447 -29.53 -86.97 -32.65
N GLU K 448 -29.04 -86.73 -31.45
CA GLU K 448 -28.40 -87.82 -30.69
C GLU K 448 -28.43 -87.42 -29.23
N GLY K 449 -28.24 -88.40 -28.35
CA GLY K 449 -28.32 -88.11 -26.92
C GLY K 449 -28.64 -89.34 -26.12
N LYS K 450 -29.08 -89.13 -24.89
CA LYS K 450 -29.23 -90.26 -23.93
C LYS K 450 -30.52 -90.13 -23.15
N THR K 451 -31.33 -91.19 -23.12
CA THR K 451 -32.52 -91.25 -22.24
C THR K 451 -32.06 -91.24 -20.78
N GLY K 452 -32.89 -90.75 -19.87
CA GLY K 452 -32.42 -90.54 -18.49
C GLY K 452 -33.50 -90.79 -17.49
N THR K 453 -33.97 -92.02 -17.33
CA THR K 453 -35.03 -92.37 -16.35
C THR K 453 -34.40 -92.73 -15.02
N ALA K 454 -34.79 -92.02 -13.96
CA ALA K 454 -34.24 -92.24 -12.59
C ALA K 454 -35.29 -92.31 -11.50
N GLN K 455 -34.99 -93.01 -10.42
CA GLN K 455 -35.81 -92.90 -9.20
C GLN K 455 -35.34 -91.70 -8.40
N VAL K 456 -36.28 -91.03 -7.79
CA VAL K 456 -36.05 -89.79 -7.00
C VAL K 456 -36.10 -90.15 -5.52
N ALA K 457 -35.25 -89.51 -4.76
CA ALA K 457 -35.15 -89.64 -3.30
C ALA K 457 -36.30 -88.92 -2.58
N ALA K 458 -36.70 -89.47 -1.43
CA ALA K 458 -37.71 -88.84 -0.54
C ALA K 458 -37.15 -87.53 -0.02
N PRO K 459 -37.88 -86.40 -0.17
CA PRO K 459 -37.41 -85.08 0.29
C PRO K 459 -36.70 -85.12 1.64
N ASN K 460 -37.44 -85.54 2.68
CA ASN K 460 -36.87 -85.75 4.02
C ASN K 460 -36.99 -87.22 4.37
N GLY K 461 -37.99 -87.97 3.86
CA GLY K 461 -38.17 -89.41 4.13
C GLY K 461 -36.97 -90.23 3.67
N GLY K 462 -36.95 -91.52 4.00
CA GLY K 462 -35.73 -92.36 4.03
C GLY K 462 -35.19 -92.73 2.66
N GLY K 463 -35.88 -93.58 1.91
CA GLY K 463 -35.42 -94.14 0.62
C GLY K 463 -35.86 -93.32 -0.57
N TYR K 464 -36.52 -93.97 -1.52
CA TYR K 464 -36.98 -93.33 -2.77
C TYR K 464 -38.47 -93.09 -2.70
N VAL K 465 -38.93 -92.14 -3.50
CA VAL K 465 -40.38 -91.90 -3.73
C VAL K 465 -40.99 -93.09 -4.48
N LYS K 466 -42.14 -93.51 -4.00
CA LYS K 466 -42.94 -94.62 -4.54
C LYS K 466 -44.19 -94.05 -5.21
N GLY K 467 -44.88 -94.89 -5.95
CA GLY K 467 -46.05 -94.46 -6.75
C GLY K 467 -46.13 -95.24 -8.05
N PRO K 468 -46.97 -94.81 -9.00
CA PRO K 468 -47.12 -95.51 -10.28
C PRO K 468 -45.85 -95.45 -11.13
N ASN K 469 -45.42 -94.22 -11.42
CA ASN K 469 -44.16 -93.90 -12.13
C ASN K 469 -43.44 -92.76 -11.43
N PRO K 470 -42.79 -93.04 -10.29
CA PRO K 470 -42.08 -92.00 -9.54
C PRO K 470 -40.69 -91.78 -10.07
N TYR K 471 -40.61 -91.34 -11.32
CA TYR K 471 -39.34 -91.18 -12.05
C TYR K 471 -39.02 -89.74 -12.45
N PHE K 472 -37.72 -89.45 -12.46
CA PHE K 472 -37.17 -88.20 -12.97
C PHE K 472 -36.64 -88.61 -14.34
N VAL K 473 -37.32 -88.14 -15.36
CA VAL K 473 -36.97 -88.43 -16.78
C VAL K 473 -36.18 -87.28 -17.33
N SER K 474 -35.21 -87.56 -18.16
CA SER K 474 -34.33 -86.54 -18.74
C SER K 474 -33.83 -86.96 -20.13
N PHE K 475 -33.33 -85.99 -20.86
CA PHE K 475 -32.63 -86.25 -22.13
C PHE K 475 -31.51 -85.25 -22.33
N MET K 476 -30.31 -85.75 -22.58
CA MET K 476 -29.12 -84.91 -22.83
C MET K 476 -28.78 -84.97 -24.30
N GLY K 477 -29.44 -84.12 -25.07
CA GLY K 477 -29.36 -84.19 -26.53
C GLY K 477 -28.46 -83.14 -27.15
N ASP K 478 -28.08 -83.40 -28.39
CA ASP K 478 -27.21 -82.46 -29.11
C ASP K 478 -27.48 -82.65 -30.59
N ALA K 479 -27.23 -81.59 -31.36
CA ALA K 479 -27.51 -81.59 -32.79
C ALA K 479 -26.82 -80.40 -33.44
N PRO K 480 -26.47 -80.44 -34.74
CA PRO K 480 -26.45 -81.67 -35.57
C PRO K 480 -25.48 -82.76 -35.15
N LYS K 481 -25.70 -83.98 -35.63
CA LYS K 481 -24.82 -85.13 -35.32
C LYS K 481 -23.40 -84.82 -35.78
N LYS K 482 -22.41 -85.46 -35.16
CA LYS K 482 -20.96 -85.29 -35.47
C LYS K 482 -20.50 -83.90 -35.08
N ASN K 483 -20.83 -82.87 -35.88
CA ASN K 483 -20.47 -81.47 -35.55
C ASN K 483 -21.73 -80.73 -35.11
N PRO K 484 -21.96 -80.56 -33.78
CA PRO K 484 -23.16 -79.93 -33.30
C PRO K 484 -23.12 -78.40 -33.20
N LYS K 485 -24.20 -77.82 -32.66
CA LYS K 485 -24.27 -76.36 -32.45
C LYS K 485 -24.75 -76.11 -31.03
N VAL K 486 -25.65 -76.96 -30.55
CA VAL K 486 -26.17 -76.82 -29.16
C VAL K 486 -26.31 -78.17 -28.49
N ILE K 487 -26.30 -78.08 -27.17
CA ILE K 487 -26.69 -79.17 -26.27
C ILE K 487 -27.97 -78.69 -25.62
N VAL K 488 -28.99 -79.54 -25.61
CA VAL K 488 -30.25 -79.26 -24.88
C VAL K 488 -30.39 -80.33 -23.83
N TYR K 489 -30.50 -79.92 -22.57
CA TYR K 489 -30.75 -80.83 -21.43
C TYR K 489 -32.10 -80.47 -20.80
N ALA K 490 -33.06 -81.39 -20.91
CA ALA K 490 -34.37 -81.22 -20.23
C ALA K 490 -34.45 -82.28 -19.15
N GLY K 491 -35.07 -81.95 -18.05
CA GLY K 491 -35.36 -82.91 -16.97
C GLY K 491 -36.69 -82.62 -16.33
N MET K 492 -37.41 -83.70 -15.97
CA MET K 492 -38.76 -83.63 -15.33
C MET K 492 -38.75 -84.60 -14.17
N SER K 493 -39.24 -84.12 -13.05
CA SER K 493 -39.31 -84.93 -11.81
C SER K 493 -40.75 -85.08 -11.33
N LEU K 494 -41.18 -86.33 -11.25
CA LEU K 494 -42.50 -86.72 -10.70
C LEU K 494 -43.69 -86.01 -11.36
N ALA K 495 -43.99 -86.44 -12.58
CA ALA K 495 -45.22 -86.04 -13.27
C ALA K 495 -46.41 -86.47 -12.41
N GLN K 496 -47.33 -85.54 -12.17
CA GLN K 496 -48.51 -85.80 -11.29
C GLN K 496 -49.74 -86.18 -12.11
N LYS K 497 -49.62 -86.01 -13.41
CA LYS K 497 -50.70 -86.29 -14.35
C LYS K 497 -50.06 -87.01 -15.53
N ASN K 498 -50.79 -87.95 -16.15
CA ASN K 498 -50.26 -88.76 -17.29
C ASN K 498 -48.88 -89.33 -16.97
N ASP K 499 -48.72 -89.82 -15.75
CA ASP K 499 -47.40 -90.32 -15.31
C ASP K 499 -46.93 -91.46 -16.20
N GLN K 500 -47.88 -92.23 -16.73
CA GLN K 500 -47.55 -93.33 -17.67
C GLN K 500 -46.90 -92.81 -18.95
N GLU K 501 -47.56 -91.84 -19.60
CA GLU K 501 -47.00 -91.25 -20.83
C GLU K 501 -45.61 -90.68 -20.52
N ALA K 502 -45.47 -90.07 -19.37
CA ALA K 502 -44.20 -89.49 -18.92
C ALA K 502 -43.16 -90.58 -19.00
N TYR K 503 -43.37 -91.73 -18.38
CA TYR K 503 -42.33 -92.78 -18.37
C TYR K 503 -42.06 -93.22 -19.80
N GLU K 504 -43.11 -93.26 -20.61
CA GLU K 504 -43.00 -93.79 -22.00
C GLU K 504 -42.27 -92.82 -22.92
N LEU K 505 -42.70 -91.58 -22.91
CA LEU K 505 -42.17 -90.56 -23.87
C LEU K 505 -40.94 -89.84 -23.29
N GLY K 506 -40.98 -89.62 -21.97
CA GLY K 506 -40.14 -88.67 -21.24
C GLY K 506 -40.38 -87.24 -21.67
N VAL K 507 -39.29 -86.52 -21.72
CA VAL K 507 -39.29 -85.06 -21.99
C VAL K 507 -39.22 -84.84 -23.49
N SER K 508 -39.44 -85.89 -24.28
CA SER K 508 -39.39 -85.80 -25.76
C SER K 508 -40.29 -84.68 -26.29
N LYS K 509 -41.46 -84.56 -25.66
CA LYS K 509 -42.50 -83.57 -26.04
C LYS K 509 -42.03 -82.12 -25.89
N ALA K 510 -40.96 -81.90 -25.12
CA ALA K 510 -40.40 -80.56 -24.88
C ALA K 510 -39.11 -80.39 -25.68
N PHE K 511 -38.25 -81.40 -25.63
CA PHE K 511 -36.96 -81.38 -26.38
C PHE K 511 -37.18 -81.11 -27.86
N LYS K 512 -38.07 -81.90 -28.48
CA LYS K 512 -38.32 -81.78 -29.93
C LYS K 512 -38.61 -80.35 -30.38
N PRO K 513 -39.67 -79.70 -29.88
CA PRO K 513 -39.92 -78.32 -30.25
C PRO K 513 -38.79 -77.32 -29.98
N ILE K 514 -38.20 -77.40 -28.79
CA ILE K 514 -37.08 -76.50 -28.44
C ILE K 514 -35.95 -76.67 -29.47
N MET K 515 -35.52 -77.91 -29.68
CA MET K 515 -34.39 -78.14 -30.62
C MET K 515 -34.76 -77.71 -32.03
N GLU K 516 -35.90 -78.12 -32.54
CA GLU K 516 -36.33 -77.75 -33.89
C GLU K 516 -36.34 -76.24 -34.07
N ASN K 517 -37.03 -75.54 -33.21
CA ASN K 517 -37.13 -74.06 -33.23
C ASN K 517 -35.76 -73.37 -33.18
N THR K 518 -34.88 -73.88 -32.35
CA THR K 518 -33.54 -73.31 -32.13
C THR K 518 -32.70 -73.46 -33.41
N LEU K 519 -32.69 -74.68 -33.94
CA LEU K 519 -31.88 -74.98 -35.14
C LEU K 519 -32.33 -74.11 -36.32
N LYS K 520 -33.65 -73.96 -36.42
CA LYS K 520 -34.37 -73.16 -37.44
C LYS K 520 -33.93 -71.69 -37.33
N TYR K 521 -33.94 -71.14 -36.12
CA TYR K 521 -33.58 -69.74 -35.77
C TYR K 521 -32.10 -69.50 -36.04
N LEU K 522 -31.27 -70.52 -35.79
CA LEU K 522 -29.80 -70.45 -36.02
C LEU K 522 -29.46 -70.75 -37.48
N ASN K 523 -30.47 -70.89 -38.33
CA ASN K 523 -30.32 -71.16 -39.78
C ASN K 523 -29.41 -72.37 -40.03
N VAL K 524 -29.78 -73.49 -39.40
CA VAL K 524 -29.07 -74.75 -39.65
C VAL K 524 -29.86 -75.48 -40.74
N GLY K 525 -29.16 -75.91 -41.79
CA GLY K 525 -29.77 -76.64 -42.91
C GLY K 525 -30.29 -78.02 -42.50
N MET L 1 71.18 47.06 -10.46
CA MET L 1 71.22 46.96 -8.99
C MET L 1 70.41 45.72 -8.54
N ARG L 2 70.55 45.42 -7.26
CA ARG L 2 69.62 44.54 -6.52
C ARG L 2 68.29 45.30 -6.34
N GLY L 3 67.19 44.64 -6.61
CA GLY L 3 65.87 45.23 -6.57
C GLY L 3 65.54 45.74 -5.18
N LYS L 4 64.47 46.50 -5.12
CA LYS L 4 64.02 47.11 -3.85
C LYS L 4 63.00 46.25 -3.13
N ILE L 5 62.96 46.39 -1.82
CA ILE L 5 61.87 45.72 -1.06
C ILE L 5 61.03 46.84 -0.51
N TYR L 6 59.74 46.86 -0.90
CA TYR L 6 58.72 47.87 -0.52
C TYR L 6 57.69 47.28 0.43
N ASP L 7 57.00 48.18 1.14
CA ASP L 7 55.81 47.81 1.92
C ASP L 7 54.59 47.92 0.99
N ARG L 8 53.39 47.80 1.55
CA ARG L 8 52.12 47.87 0.78
C ARG L 8 51.88 49.29 0.23
N ASN L 9 52.37 50.28 0.99
CA ASN L 9 52.23 51.71 0.61
C ASN L 9 53.31 52.14 -0.36
N GLY L 10 54.31 51.31 -0.67
CA GLY L 10 55.38 51.65 -1.60
C GLY L 10 56.57 52.27 -0.91
N LYS L 11 56.59 52.30 0.43
CA LYS L 11 57.73 52.86 1.18
C LYS L 11 58.85 51.82 1.19
N VAL L 12 60.06 52.33 1.00
CA VAL L 12 61.25 51.44 0.84
C VAL L 12 61.64 50.87 2.20
N LEU L 13 61.84 49.56 2.20
CA LEU L 13 62.30 48.80 3.42
C LEU L 13 63.78 48.43 3.30
N ALA L 14 64.26 48.28 2.07
CA ALA L 14 65.61 47.88 1.69
C ALA L 14 65.89 48.35 0.25
N GLU L 15 67.11 48.84 0.04
CA GLU L 15 67.56 49.34 -1.29
C GLU L 15 69.07 49.38 -1.32
N ASP L 16 69.65 49.45 -2.52
CA ASP L 16 71.10 49.71 -2.68
C ASP L 16 71.35 51.20 -2.54
N VAL L 17 72.48 51.54 -1.92
CA VAL L 17 72.98 52.95 -1.88
C VAL L 17 74.45 52.99 -2.24
N GLU L 18 74.91 54.16 -2.69
CA GLU L 18 76.35 54.35 -3.00
C GLU L 18 76.99 55.03 -1.81
N ARG L 19 77.97 54.37 -1.22
CA ARG L 19 78.77 54.87 -0.08
C ARG L 19 80.19 54.90 -0.60
N TYR L 20 81.17 55.19 0.27
CA TYR L 20 82.56 55.36 -0.20
C TYR L 20 83.52 54.75 0.79
N LYS L 21 84.76 54.62 0.38
CA LYS L 21 85.80 53.98 1.22
C LYS L 21 87.05 54.89 1.37
N GLU L 74 93.10 52.58 2.32
CA GLU L 74 92.48 51.50 3.14
C GLU L 74 92.50 51.92 4.59
N PHE L 75 91.33 51.95 5.23
CA PHE L 75 91.20 52.37 6.64
C PHE L 75 90.41 51.32 7.44
N GLY L 76 90.40 50.07 6.96
CA GLY L 76 89.69 48.99 7.66
C GLY L 76 88.19 49.17 7.67
N ARG L 77 87.52 48.62 8.69
CA ARG L 77 86.03 48.67 8.82
C ARG L 77 85.59 50.14 8.91
N LYS L 78 86.34 50.97 9.66
CA LYS L 78 85.97 52.39 9.88
C LYS L 78 86.11 53.16 8.56
N GLY L 79 87.02 52.75 7.69
CA GLY L 79 87.20 53.41 6.39
C GLY L 79 86.32 52.84 5.32
N THR L 80 85.05 52.56 5.67
CA THR L 80 84.04 52.07 4.68
C THR L 80 82.68 52.62 5.04
N ASN L 81 81.68 52.38 4.21
CA ASN L 81 80.30 52.89 4.46
C ASN L 81 80.38 54.38 4.80
N LEU L 82 81.22 55.11 4.07
CA LEU L 82 81.32 56.58 4.25
C LEU L 82 80.28 57.29 3.38
N THR L 83 79.53 58.20 4.02
CA THR L 83 78.48 58.99 3.35
C THR L 83 79.10 60.02 2.44
N TYR L 84 78.26 60.62 1.61
CA TYR L 84 78.67 61.61 0.60
C TYR L 84 79.15 62.92 1.25
N GLN L 85 78.57 63.31 2.38
CA GLN L 85 78.94 64.55 3.12
C GLN L 85 80.25 64.33 3.89
N ASP L 86 80.59 63.08 4.22
CA ASP L 86 81.93 62.67 4.73
C ASP L 86 82.94 62.84 3.61
N LYS L 87 82.57 62.42 2.41
CA LYS L 87 83.45 62.51 1.23
C LYS L 87 83.82 63.99 1.01
N LEU L 88 82.78 64.83 0.85
CA LEU L 88 82.92 66.29 0.67
C LEU L 88 83.86 66.90 1.73
N LYS L 89 83.64 66.58 3.01
CA LYS L 89 84.48 67.10 4.14
C LYS L 89 85.98 66.83 3.86
N ILE L 90 86.33 65.60 3.45
CA ILE L 90 87.74 65.20 3.25
C ILE L 90 88.24 65.85 1.97
N GLU L 91 87.43 65.83 0.92
CA GLU L 91 87.84 66.36 -0.41
C GLU L 91 88.36 67.81 -0.26
N LYS L 92 87.84 68.57 0.71
CA LYS L 92 88.23 69.98 0.98
C LYS L 92 89.62 70.06 1.63
N MET L 93 90.11 68.97 2.24
CA MET L 93 91.45 68.91 2.87
C MET L 93 92.53 68.80 1.79
N ASN L 94 92.19 68.27 0.59
CA ASN L 94 93.04 68.27 -0.63
C ASN L 94 94.45 67.70 -0.32
N LEU L 95 94.54 66.61 0.46
CA LEU L 95 95.84 66.01 0.90
C LEU L 95 96.49 65.23 -0.25
N PRO L 96 97.84 65.18 -0.31
CA PRO L 96 98.53 64.62 -1.47
C PRO L 96 98.44 63.09 -1.53
N LEU L 100 88.03 57.71 -1.54
CA LEU L 100 86.54 57.75 -1.64
C LEU L 100 86.11 57.05 -2.92
N LEU L 101 86.39 55.74 -3.02
CA LEU L 101 85.92 54.97 -4.20
C LEU L 101 84.47 54.60 -4.00
N PRO L 102 83.59 54.90 -4.99
CA PRO L 102 82.18 54.52 -4.86
C PRO L 102 82.02 53.01 -4.68
N GLU L 103 81.27 52.61 -3.64
CA GLU L 103 80.98 51.18 -3.41
C GLU L 103 79.52 51.01 -3.00
N THR L 104 78.90 49.93 -3.45
CA THR L 104 77.44 49.72 -3.24
C THR L 104 77.18 48.95 -1.97
N GLU L 105 76.24 49.41 -1.15
CA GLU L 105 75.87 48.73 0.11
C GLU L 105 74.35 48.64 0.20
N ARG L 106 73.88 47.65 0.92
CA ARG L 106 72.45 47.45 1.13
C ARG L 106 72.06 48.31 2.32
N PHE L 107 71.01 49.08 2.14
CA PHE L 107 70.54 50.03 3.16
C PHE L 107 69.14 49.67 3.61
N TYR L 108 68.95 49.58 4.90
CA TYR L 108 67.61 49.37 5.50
C TYR L 108 67.32 50.65 6.27
N PRO L 109 66.53 51.57 5.67
CA PRO L 109 66.16 52.84 6.28
C PRO L 109 65.73 52.86 7.75
N ASN L 110 65.03 51.81 8.18
CA ASN L 110 64.46 51.69 9.53
C ASN L 110 65.41 51.03 10.52
N GLY L 111 66.53 50.50 10.03
CA GLY L 111 67.45 49.64 10.81
C GLY L 111 66.74 48.38 11.28
N ASN L 112 66.71 48.20 12.61
CA ASN L 112 65.93 47.14 13.28
C ASN L 112 64.44 47.41 13.07
N PHE L 113 63.85 46.64 12.17
CA PHE L 113 62.45 46.82 11.73
C PHE L 113 62.02 45.58 10.98
N ALA L 114 61.12 44.77 11.53
CA ALA L 114 60.74 43.46 10.94
C ALA L 114 61.97 42.66 10.53
N SER L 115 63.02 42.75 11.31
CA SER L 115 64.37 42.27 10.95
C SER L 115 64.31 40.84 10.47
N HIS L 116 63.51 40.05 11.17
CA HIS L 116 63.48 38.59 10.96
C HIS L 116 62.67 38.18 9.74
N LEU L 117 61.77 39.04 9.29
CA LEU L 117 61.03 38.86 8.02
C LEU L 117 61.83 39.40 6.83
N ILE L 118 62.12 40.69 6.86
CA ILE L 118 62.87 41.36 5.77
C ILE L 118 64.08 40.50 5.42
N GLY L 119 64.87 40.20 6.44
CA GLY L 119 66.13 39.45 6.30
C GLY L 119 67.28 40.39 6.06
N ARG L 120 68.38 39.81 5.62
CA ARG L 120 69.67 40.53 5.48
C ARG L 120 70.48 39.95 4.33
N ALA L 121 71.06 40.82 3.53
CA ALA L 121 71.95 40.42 2.42
C ALA L 121 73.39 40.80 2.76
N GLN L 122 74.27 39.84 2.57
CA GLN L 122 75.72 39.98 2.87
C GLN L 122 76.47 40.34 1.61
N LYS L 123 77.59 41.04 1.79
CA LYS L 123 78.42 41.49 0.65
C LYS L 123 79.66 40.63 0.49
N ASN L 124 79.93 40.22 -0.74
CA ASN L 124 81.18 39.52 -1.08
C ASN L 124 82.22 40.60 -1.27
N PRO L 125 83.25 40.66 -0.40
CA PRO L 125 84.32 41.67 -0.48
C PRO L 125 84.87 41.88 -1.88
N ASP L 126 85.28 40.79 -2.52
CA ASP L 126 86.00 40.80 -3.81
C ASP L 126 85.15 41.44 -4.93
N THR L 127 83.99 40.85 -5.15
CA THR L 127 83.11 41.17 -6.28
C THR L 127 82.13 42.30 -5.97
N GLY L 128 81.89 42.61 -4.70
CA GLY L 128 80.87 43.60 -4.32
C GLY L 128 79.45 43.08 -4.41
N GLU L 129 79.29 41.77 -4.57
CA GLU L 129 77.97 41.16 -4.85
C GLU L 129 77.24 40.89 -3.53
N LEU L 130 75.98 41.31 -3.49
CA LEU L 130 75.10 41.16 -2.32
C LEU L 130 74.32 39.86 -2.47
N LYS L 131 74.16 39.07 -1.42
CA LYS L 131 73.50 37.74 -1.46
C LYS L 131 72.66 37.59 -0.20
N GLY L 132 71.35 37.31 -0.34
CA GLY L 132 70.48 37.17 0.84
C GLY L 132 70.85 35.99 1.69
N ALA L 133 70.90 36.22 3.00
CA ALA L 133 71.27 35.19 3.98
C ALA L 133 70.07 34.72 4.81
N LEU L 134 69.00 35.50 4.87
CA LEU L 134 67.82 35.17 5.69
C LEU L 134 66.61 35.97 5.22
N GLY L 135 65.42 35.45 5.53
CA GLY L 135 64.20 36.23 5.24
C GLY L 135 64.04 36.47 3.76
N VAL L 136 63.18 37.45 3.47
CA VAL L 136 62.88 37.91 2.08
C VAL L 136 64.17 37.83 1.25
N GLU L 137 65.22 38.49 1.75
CA GLU L 137 66.44 38.69 0.95
C GLU L 137 66.91 37.34 0.43
N LYS L 138 66.78 36.28 1.23
CA LYS L 138 67.26 34.96 0.77
C LYS L 138 66.27 34.27 -0.17
N ILE L 139 65.02 34.20 0.23
CA ILE L 139 63.95 33.55 -0.54
C ILE L 139 63.93 34.05 -1.98
N PHE L 140 63.97 35.37 -2.12
CA PHE L 140 63.85 36.06 -3.41
C PHE L 140 65.18 36.50 -3.99
N ASP L 141 66.28 35.94 -3.48
CA ASP L 141 67.62 36.40 -3.89
C ASP L 141 67.70 36.52 -5.40
N SER L 142 67.52 35.38 -6.08
CA SER L 142 67.69 35.31 -7.54
C SER L 142 66.90 36.39 -8.27
N TYR L 143 65.71 36.73 -7.80
CA TYR L 143 64.82 37.71 -8.49
C TYR L 143 65.32 39.12 -8.18
N LEU L 144 65.53 39.38 -6.89
CA LEU L 144 66.17 40.62 -6.43
C LEU L 144 67.45 40.93 -7.22
N SER L 145 68.35 39.95 -7.28
CA SER L 145 69.68 40.04 -7.94
C SER L 145 69.49 40.36 -9.42
N GLY L 146 69.88 41.57 -9.83
CA GLY L 146 69.86 42.00 -11.23
C GLY L 146 70.82 41.23 -12.09
N SER L 147 71.84 40.62 -11.46
CA SER L 147 72.84 39.76 -12.15
C SER L 147 72.18 38.45 -12.60
N LYS L 148 71.72 37.60 -11.68
CA LYS L 148 71.12 36.29 -12.02
C LYS L 148 69.77 36.51 -12.68
N GLY L 149 69.16 37.71 -12.63
CA GLY L 149 67.87 38.01 -13.26
C GLY L 149 66.79 36.99 -12.93
N SER L 150 65.89 36.74 -13.89
CA SER L 150 64.75 35.80 -13.71
C SER L 150 64.10 35.51 -15.05
N LEU L 151 64.40 34.33 -15.63
CA LEU L 151 63.71 33.86 -16.86
C LEU L 151 62.75 32.73 -16.48
N ARG L 152 62.04 32.91 -15.38
CA ARG L 152 61.05 31.92 -14.89
C ARG L 152 59.81 32.67 -14.36
N TYR L 153 58.84 31.92 -13.82
CA TYR L 153 57.57 32.45 -13.26
C TYR L 153 57.34 31.74 -11.92
N ILE L 154 57.09 32.46 -10.83
CA ILE L 154 57.39 31.96 -9.45
C ILE L 154 56.42 30.86 -9.00
N HIS L 155 55.17 30.86 -9.46
CA HIS L 155 54.00 30.21 -8.81
C HIS L 155 54.24 29.97 -7.30
N ILE L 157 56.52 28.44 -3.22
CA ILE L 157 57.68 27.81 -3.93
C ILE L 157 58.04 26.50 -3.21
N TRP L 158 58.09 25.38 -3.93
CA TRP L 158 58.51 24.07 -3.36
C TRP L 158 59.86 24.16 -2.65
N GLY L 159 60.78 25.03 -3.08
CA GLY L 159 62.08 25.25 -2.44
C GLY L 159 62.51 26.69 -2.58
N TYR L 160 63.57 26.97 -3.35
CA TYR L 160 64.00 28.35 -3.68
C TYR L 160 63.86 28.51 -5.19
N ILE L 161 63.04 29.44 -5.64
CA ILE L 161 62.87 29.74 -7.10
C ILE L 161 64.22 30.10 -7.72
N ALA L 162 64.76 29.24 -8.61
CA ALA L 162 66.10 29.48 -9.21
C ALA L 162 66.01 29.57 -10.74
N PRO L 163 66.16 30.77 -11.34
CA PRO L 163 66.27 30.89 -12.79
C PRO L 163 67.64 30.56 -13.38
N ASN L 164 68.73 30.94 -12.71
CA ASN L 164 70.12 30.80 -13.25
C ASN L 164 70.19 31.31 -14.71
N THR L 165 70.24 32.62 -14.88
CA THR L 165 70.21 33.29 -16.21
C THR L 165 71.11 34.54 -16.19
N LYS L 172 70.85 43.67 -16.10
CA LYS L 172 70.82 45.09 -15.64
C LYS L 172 70.13 45.16 -14.28
N ARG L 173 68.86 45.57 -14.26
CA ARG L 173 68.15 46.03 -13.06
C ARG L 173 67.45 44.83 -12.47
N GLY L 174 67.31 44.83 -11.14
CA GLY L 174 66.69 43.72 -10.41
C GLY L 174 65.18 43.87 -10.21
N ASP L 175 64.62 42.82 -9.64
CA ASP L 175 63.15 42.74 -9.42
C ASP L 175 62.81 43.23 -8.02
N ASP L 176 61.70 43.98 -7.96
CA ASP L 176 61.22 44.61 -6.71
C ASP L 176 60.21 43.71 -6.01
N VAL L 177 60.32 43.61 -4.69
CA VAL L 177 59.46 42.75 -3.86
C VAL L 177 58.59 43.61 -2.97
N HIS L 178 57.28 43.48 -3.16
CA HIS L 178 56.25 44.27 -2.45
C HIS L 178 55.67 43.41 -1.35
N LEU L 179 55.74 43.87 -0.12
CA LEU L 179 55.18 43.10 1.00
C LEU L 179 53.79 43.63 1.40
N THR L 180 53.13 42.94 2.31
CA THR L 180 51.80 43.36 2.79
C THR L 180 51.93 44.25 4.02
N ILE L 181 53.14 44.34 4.54
CA ILE L 181 53.45 45.07 5.80
C ILE L 181 53.06 46.55 5.65
N ASP L 182 52.56 47.12 6.71
CA ASP L 182 52.29 48.56 6.79
C ASP L 182 53.29 49.10 7.79
N SER L 183 54.21 49.92 7.32
CA SER L 183 55.24 50.59 8.16
C SER L 183 54.63 51.27 9.39
N ASN L 184 53.46 51.87 9.21
CA ASN L 184 52.80 52.58 10.33
C ASN L 184 52.45 51.63 11.48
N ILE L 185 51.93 50.47 11.15
CA ILE L 185 51.54 49.44 12.15
C ILE L 185 52.82 48.80 12.70
N GLN L 186 53.82 48.58 11.83
CA GLN L 186 55.09 47.97 12.24
C GLN L 186 55.71 48.80 13.37
N VAL L 187 55.65 50.11 13.25
CA VAL L 187 56.13 51.05 14.32
C VAL L 187 55.49 50.64 15.65
N PHE L 188 54.17 50.50 15.69
CA PHE L 188 53.47 50.23 16.95
C PHE L 188 54.01 48.93 17.54
N VAL L 189 54.20 47.95 16.68
CA VAL L 189 54.70 46.63 17.14
C VAL L 189 56.10 46.84 17.72
N GLU L 190 57.02 47.42 16.96
CA GLU L 190 58.44 47.48 17.42
C GLU L 190 58.49 48.21 18.77
N GLU L 191 57.75 49.31 18.86
CA GLU L 191 57.74 50.12 20.11
C GLU L 191 57.23 49.28 21.29
N ALA L 192 56.10 48.61 21.11
CA ALA L 192 55.49 47.84 22.22
C ALA L 192 56.38 46.66 22.62
N LEU L 193 57.03 45.99 21.66
CA LEU L 193 57.93 44.85 21.99
C LEU L 193 59.16 45.33 22.76
N ASP L 194 59.73 46.46 22.34
CA ASP L 194 60.82 47.11 23.08
C ASP L 194 60.45 47.25 24.57
N GLY L 195 59.22 47.65 24.80
CA GLY L 195 58.64 47.84 26.13
C GLY L 195 58.67 46.57 26.95
N MET L 196 58.22 45.48 26.31
CA MET L 196 58.09 44.15 26.95
C MET L 196 59.47 43.60 27.30
N VAL L 197 60.44 43.84 26.42
CA VAL L 197 61.82 43.36 26.68
C VAL L 197 62.35 44.08 27.91
N GLU L 198 62.18 45.39 27.96
CA GLU L 198 62.63 46.25 29.08
C GLU L 198 62.06 45.65 30.38
N ARG L 199 60.73 45.48 30.42
CA ARG L 199 59.96 45.00 31.60
C ARG L 199 60.36 43.56 32.01
N TYR L 200 60.19 42.66 31.06
CA TYR L 200 60.18 41.19 31.35
C TYR L 200 61.46 40.47 30.96
N GLN L 201 62.23 41.02 30.02
CA GLN L 201 63.43 40.30 29.47
C GLN L 201 63.12 38.84 29.15
N PRO L 202 62.16 38.58 28.25
CA PRO L 202 61.85 37.20 27.90
C PRO L 202 62.96 36.54 27.08
N LYS L 203 62.93 35.21 27.04
CA LYS L 203 63.86 34.48 26.14
C LYS L 203 63.34 34.49 24.70
N ASP L 204 62.04 34.67 24.52
CA ASP L 204 61.42 34.65 23.17
C ASP L 204 60.15 35.46 23.24
N LEU L 205 59.84 36.15 22.15
CA LEU L 205 58.71 37.09 22.12
C LEU L 205 58.36 37.40 20.69
N PHE L 206 57.07 37.48 20.40
CA PHE L 206 56.63 37.91 19.06
C PHE L 206 55.28 38.60 19.14
N ALA L 207 54.98 39.37 18.10
CA ALA L 207 53.62 39.90 17.86
C ALA L 207 53.43 40.03 16.38
N VAL L 208 52.21 39.70 15.96
CA VAL L 208 51.85 39.72 14.53
C VAL L 208 50.47 40.34 14.43
N VAL L 209 50.29 41.15 13.42
CA VAL L 209 49.00 41.78 13.11
C VAL L 209 48.61 41.29 11.75
N MET L 210 47.44 40.67 11.68
CA MET L 210 46.90 40.15 10.41
C MET L 210 45.55 40.79 10.11
N ASP L 211 45.32 41.12 8.85
CA ASP L 211 44.00 41.58 8.36
C ASP L 211 43.04 40.41 8.49
N ALA L 212 42.03 40.58 9.33
CA ALA L 212 41.05 39.51 9.64
C ALA L 212 40.35 38.96 8.39
N LYS L 213 40.17 39.82 7.38
CA LYS L 213 39.38 39.55 6.17
C LYS L 213 40.19 39.19 4.93
N THR L 214 41.52 39.27 4.97
CA THR L 214 42.35 38.87 3.81
C THR L 214 43.40 37.80 4.16
N GLY L 215 43.96 37.82 5.38
CA GLY L 215 45.16 36.96 5.60
C GLY L 215 46.47 37.67 5.30
N GLU L 216 46.36 38.99 5.13
CA GLU L 216 47.58 39.81 4.93
C GLU L 216 48.26 40.08 6.27
N ILE L 217 49.56 39.88 6.32
CA ILE L 217 50.37 40.22 7.51
C ILE L 217 50.66 41.71 7.41
N LEU L 218 50.09 42.48 8.32
CA LEU L 218 50.27 43.95 8.36
C LEU L 218 51.49 44.34 9.20
N ALA L 219 51.85 43.52 10.17
CA ALA L 219 53.05 43.77 10.97
C ALA L 219 53.49 42.48 11.63
N TYR L 220 54.79 42.37 11.82
CA TYR L 220 55.40 41.22 12.51
C TYR L 220 56.78 41.59 13.06
N SER L 221 57.02 41.34 14.34
CA SER L 221 58.44 41.28 14.81
C SER L 221 58.59 40.41 16.02
N GLN L 222 59.85 40.15 16.35
CA GLN L 222 60.20 39.16 17.39
C GLN L 222 61.43 39.68 18.14
N ARG L 223 61.55 39.23 19.38
CA ARG L 223 62.78 39.42 20.17
C ARG L 223 63.20 38.07 20.73
N PRO L 224 64.50 37.72 20.67
CA PRO L 224 65.56 38.63 20.21
C PRO L 224 65.84 38.63 18.71
N THR L 225 65.71 39.78 18.08
CA THR L 225 65.88 39.93 16.62
C THR L 225 67.28 40.48 16.38
N PHE L 226 67.53 40.94 15.17
CA PHE L 226 68.82 41.54 14.80
C PHE L 226 68.60 42.85 14.08
N ASN L 227 69.70 43.54 13.84
CA ASN L 227 69.70 44.82 13.11
C ASN L 227 70.26 44.56 11.73
N PRO L 228 69.42 44.61 10.69
CA PRO L 228 69.86 44.22 9.34
C PRO L 228 70.96 45.10 8.76
N GLU L 229 70.90 46.36 9.17
CA GLU L 229 71.82 47.41 8.69
C GLU L 229 73.26 47.08 9.08
N THR L 230 73.45 46.82 10.37
CA THR L 230 74.77 46.69 11.02
C THR L 230 75.29 45.27 10.98
N GLY L 231 74.38 44.31 11.03
CA GLY L 231 74.77 42.91 11.15
C GLY L 231 74.93 42.48 12.60
N LYS L 232 74.42 43.34 13.51
CA LYS L 232 74.33 43.12 14.97
C LYS L 232 73.38 41.95 15.21
N ASP L 233 73.82 40.97 16.01
CA ASP L 233 72.99 39.85 16.54
C ASP L 233 72.51 38.91 15.45
N PHE L 234 72.92 39.14 14.21
CA PHE L 234 72.50 38.24 13.10
C PHE L 234 73.14 36.88 13.36
N GLY L 235 72.30 35.85 13.39
CA GLY L 235 72.76 34.45 13.32
C GLY L 235 72.69 33.72 14.65
N LYS L 236 72.34 34.44 15.71
CA LYS L 236 72.16 33.80 17.04
C LYS L 236 70.87 33.01 16.94
N LYS L 237 69.74 33.72 17.05
CA LYS L 237 68.45 33.21 16.58
C LYS L 237 68.34 33.43 15.08
N TRP L 238 68.55 32.35 14.35
CA TRP L 238 68.28 32.32 12.90
C TRP L 238 66.79 32.22 12.59
N ALA L 239 66.09 31.39 13.36
CA ALA L 239 64.69 31.01 13.09
C ALA L 239 63.72 32.18 13.25
N ASN L 240 62.85 32.30 12.26
CA ASN L 240 61.74 33.26 12.30
C ASN L 240 60.68 32.63 13.19
N ASP L 241 60.23 33.36 14.21
CA ASP L 241 59.20 32.84 15.13
C ASP L 241 57.98 32.42 14.32
N LEU L 242 57.45 33.37 13.55
CA LEU L 242 56.11 33.28 12.93
C LEU L 242 55.96 32.02 12.08
N TYR L 243 57.01 31.68 11.34
CA TYR L 243 56.97 30.64 10.29
C TYR L 243 57.80 29.39 10.61
N GLN L 244 58.86 29.53 11.42
CA GLN L 244 59.85 28.43 11.53
C GLN L 244 59.93 27.84 12.93
N ASN L 245 59.57 28.60 13.96
CA ASN L 245 59.64 28.16 15.36
C ASN L 245 58.32 27.54 15.85
N THR L 246 58.42 26.41 16.54
CA THR L 246 57.20 25.75 17.09
C THR L 246 57.05 26.13 18.55
N TYR L 247 55.79 26.18 18.96
CA TYR L 247 55.37 26.39 20.36
C TYR L 247 54.30 25.38 20.77
N GLU L 248 54.35 25.02 22.06
CA GLU L 248 53.24 24.37 22.77
C GLU L 248 52.36 25.56 23.06
N PRO L 249 51.27 25.80 22.31
CA PRO L 249 50.58 27.10 22.34
C PRO L 249 49.88 27.52 23.62
N GLY L 250 49.43 26.47 24.33
CA GLY L 250 48.59 26.58 25.53
C GLY L 250 47.14 26.88 25.26
N SER L 251 46.54 27.72 26.08
CA SER L 251 45.06 27.87 26.16
C SER L 251 44.43 28.56 24.94
N THR L 252 45.26 29.21 24.15
CA THR L 252 44.87 29.83 22.87
C THR L 252 44.25 28.75 21.99
N PHE L 253 44.77 27.55 22.19
CA PHE L 253 44.47 26.33 21.40
C PHE L 253 43.14 25.75 21.79
N LYS L 254 42.59 26.18 22.92
CA LYS L 254 41.26 25.69 23.37
C LYS L 254 40.17 26.14 22.40
N SER L 255 40.35 27.32 21.80
CA SER L 255 39.40 27.88 20.84
C SER L 255 38.98 26.81 19.83
N TYR L 256 39.93 25.97 19.40
CA TYR L 256 39.66 24.98 18.31
C TYR L 256 38.97 23.74 18.89
N GLY L 257 39.40 23.34 20.09
CA GLY L 257 38.80 22.27 20.89
C GLY L 257 37.34 22.53 21.14
N LEU L 258 36.99 23.82 21.21
CA LEU L 258 35.63 24.30 21.49
C LEU L 258 34.79 24.19 20.23
N ALA L 259 35.24 24.89 19.18
CA ALA L 259 34.62 24.80 17.85
C ALA L 259 34.24 23.37 17.48
N ALA L 260 35.22 22.46 17.55
CA ALA L 260 34.97 21.03 17.30
C ALA L 260 33.68 20.58 17.99
N ALA L 261 33.68 20.67 19.32
CA ALA L 261 32.53 20.35 20.18
C ALA L 261 31.24 21.01 19.68
N ILE L 262 31.26 22.33 19.60
CA ILE L 262 30.06 23.13 19.27
C ILE L 262 29.41 22.51 18.07
N GLN L 263 30.24 22.12 17.08
CA GLN L 263 29.71 21.59 15.80
C GLN L 263 29.07 20.21 15.96
N GLU L 264 29.80 19.31 16.59
CA GLU L 264 29.33 17.96 16.94
C GLU L 264 28.12 17.98 17.87
N GLY L 265 27.79 19.15 18.41
CA GLY L 265 26.64 19.35 19.29
C GLY L 265 26.85 18.84 20.69
N ALA L 266 28.10 18.71 21.10
CA ALA L 266 28.51 18.21 22.43
C ALA L 266 28.61 19.34 23.46
N PHE L 267 28.90 20.57 23.00
CA PHE L 267 29.03 21.75 23.87
C PHE L 267 27.70 22.53 23.88
N ASP L 268 27.18 22.71 25.09
CA ASP L 268 25.99 23.54 25.36
C ASP L 268 26.47 24.53 26.40
N PRO L 269 26.50 25.84 26.10
CA PRO L 269 27.00 26.84 27.06
C PRO L 269 26.42 26.81 28.48
N ASP L 270 25.14 26.46 28.59
CA ASP L 270 24.39 26.42 29.87
C ASP L 270 24.49 25.06 30.59
N LYS L 271 24.93 24.02 29.91
CA LYS L 271 25.04 22.68 30.50
C LYS L 271 26.18 22.72 31.53
N LYS L 272 25.92 22.18 32.72
CA LYS L 272 26.90 22.09 33.83
C LYS L 272 27.78 20.85 33.68
N TYR L 273 29.06 20.98 33.97
CA TYR L 273 30.09 19.93 33.87
C TYR L 273 30.86 19.95 35.17
N LYS L 274 31.52 18.84 35.51
CA LYS L 274 32.30 18.73 36.77
C LYS L 274 33.69 19.31 36.53
N SER L 275 34.02 20.44 37.20
CA SER L 275 35.37 21.03 37.09
C SER L 275 36.16 20.70 38.37
N GLY L 276 37.45 20.38 38.18
CA GLY L 276 38.32 20.07 39.32
C GLY L 276 39.56 19.37 38.84
N HIS L 277 39.47 18.02 38.65
CA HIS L 277 40.62 17.23 38.20
C HIS L 277 40.18 16.12 37.25
N ARG L 278 41.14 15.36 36.73
CA ARG L 278 40.89 14.20 35.85
C ARG L 278 42.06 13.24 36.00
N ASP L 279 41.82 12.03 36.49
CA ASP L 279 42.89 11.00 36.67
C ASP L 279 43.08 10.31 35.34
N ILE L 280 44.05 10.74 34.55
CA ILE L 280 44.30 10.18 33.20
C ILE L 280 45.71 9.62 33.12
N MET L 281 45.87 8.39 32.64
CA MET L 281 47.18 7.74 32.45
C MET L 281 48.07 8.00 33.67
N GLY L 282 47.56 7.70 34.86
CA GLY L 282 48.35 7.83 36.12
C GLY L 282 48.83 9.26 36.29
N SER L 283 47.96 10.25 36.10
CA SER L 283 48.29 11.68 36.37
C SER L 283 47.04 12.47 36.73
N ARG L 284 47.09 13.23 37.81
CA ARG L 284 45.94 14.05 38.21
C ARG L 284 45.99 15.36 37.42
N ILE L 285 45.63 15.31 36.16
CA ILE L 285 45.59 16.55 35.32
C ILE L 285 44.43 17.39 35.83
N SER L 286 44.72 18.52 36.46
CA SER L 286 43.65 19.35 37.04
C SER L 286 43.51 20.68 36.29
N ASP L 287 42.65 21.57 36.79
CA ASP L 287 42.52 22.92 36.23
C ASP L 287 43.70 23.81 36.67
N TRP L 288 43.66 25.09 36.29
CA TRP L 288 44.78 26.00 36.63
C TRP L 288 44.77 26.33 38.13
N ASN L 289 43.61 26.27 38.75
CA ASN L 289 43.45 26.59 40.19
C ASN L 289 43.55 25.31 41.04
N ARG L 290 43.72 24.15 40.42
CA ARG L 290 43.93 22.84 41.11
C ARG L 290 42.62 22.34 41.74
N VAL L 291 41.86 23.20 42.37
CA VAL L 291 40.63 22.77 43.08
C VAL L 291 39.44 22.81 42.11
N GLY L 292 39.51 23.67 41.10
CA GLY L 292 38.33 23.78 40.20
C GLY L 292 37.31 24.70 40.80
N TRP L 293 36.11 24.69 40.24
CA TRP L 293 34.96 25.51 40.71
C TRP L 293 33.70 24.66 40.88
N GLY L 294 33.90 23.35 41.07
CA GLY L 294 32.83 22.36 41.27
C GLY L 294 31.99 22.18 40.01
N GLU L 295 30.69 22.06 40.17
CA GLU L 295 29.76 21.94 39.01
C GLU L 295 29.46 23.35 38.50
N ILE L 296 29.84 23.64 37.25
CA ILE L 296 29.62 24.98 36.65
C ILE L 296 29.19 24.82 35.21
N PRO L 297 28.47 25.83 34.63
CA PRO L 297 28.19 25.87 33.19
C PRO L 297 29.45 25.87 32.33
N MET L 298 29.41 25.23 31.15
CA MET L 298 30.58 25.15 30.26
C MET L 298 31.01 26.56 29.85
N SER L 299 30.04 27.45 29.61
CA SER L 299 30.36 28.85 29.26
C SER L 299 31.39 29.40 30.24
N LEU L 300 31.10 29.27 31.54
CA LEU L 300 31.98 29.80 32.59
C LEU L 300 33.37 29.17 32.49
N GLY L 301 33.42 27.85 32.39
CA GLY L 301 34.70 27.13 32.25
C GLY L 301 35.56 27.78 31.21
N PHE L 302 35.03 28.03 30.02
CA PHE L 302 35.84 28.59 28.93
C PHE L 302 36.26 30.02 29.26
N THR L 303 35.33 30.83 29.77
CA THR L 303 35.68 32.21 30.20
C THR L 303 36.84 32.13 31.19
N TYR L 304 36.78 31.19 32.11
CA TYR L 304 37.83 31.01 33.13
C TYR L 304 39.08 30.33 32.55
N SER L 305 38.95 29.69 31.38
CA SER L 305 40.03 28.89 30.76
C SER L 305 40.22 27.60 31.57
N SER L 306 39.19 26.76 31.55
CA SER L 306 39.24 25.47 32.28
C SER L 306 39.91 24.40 31.44
N ASN L 307 40.90 23.73 32.02
CA ASN L 307 41.60 22.62 31.32
C ASN L 307 40.69 21.39 31.27
N THR L 308 39.90 21.19 32.31
CA THR L 308 39.00 20.01 32.41
C THR L 308 37.93 20.05 31.32
N LEU L 309 37.35 21.21 31.06
CA LEU L 309 36.27 21.32 30.05
C LEU L 309 36.70 20.67 28.75
N MET L 310 37.91 21.02 28.29
CA MET L 310 38.45 20.55 26.99
C MET L 310 38.57 19.04 27.01
N MET L 311 38.97 18.50 28.15
CA MET L 311 39.15 17.05 28.36
C MET L 311 37.82 16.32 28.36
N HIS L 312 36.86 16.83 29.10
CA HIS L 312 35.46 16.40 29.02
C HIS L 312 35.04 16.34 27.55
N LEU L 313 35.11 17.50 26.91
CA LEU L 313 34.54 17.68 25.54
C LEU L 313 35.20 16.66 24.63
N GLN L 314 36.50 16.40 24.82
CA GLN L 314 37.23 15.44 23.96
C GLN L 314 36.53 14.08 24.05
N ASP L 315 36.22 13.68 25.29
CA ASP L 315 35.58 12.39 25.58
C ASP L 315 34.22 12.31 24.91
N LEU L 316 33.42 13.37 25.00
CA LEU L 316 32.07 13.38 24.39
C LEU L 316 32.17 13.25 22.86
N VAL L 317 33.08 14.01 22.25
CA VAL L 317 33.23 13.99 20.77
C VAL L 317 33.81 12.64 20.35
N GLY L 318 34.96 12.27 20.91
CA GLY L 318 35.67 11.03 20.52
C GLY L 318 37.09 11.35 20.09
N ALA L 319 38.01 10.47 20.49
CA ALA L 319 39.45 10.61 20.17
C ALA L 319 39.61 10.80 18.67
N ASP L 320 39.22 9.81 17.90
CA ASP L 320 39.56 9.76 16.46
C ASP L 320 39.03 11.04 15.80
N LYS L 321 37.88 11.49 16.23
CA LYS L 321 37.19 12.60 15.56
C LYS L 321 37.90 13.91 15.91
N MET L 322 38.36 14.03 17.16
CA MET L 322 39.04 15.28 17.61
C MET L 322 40.36 15.40 16.87
N LYS L 323 41.05 14.27 16.62
CA LYS L 323 42.33 14.35 15.90
C LYS L 323 42.11 14.97 14.52
N SER L 324 41.07 14.48 13.85
CA SER L 324 40.68 14.95 12.50
C SER L 324 40.26 16.39 12.57
N TRP L 325 39.61 16.79 13.66
CA TRP L 325 39.22 18.20 13.84
C TRP L 325 40.45 19.10 13.84
N TYR L 326 41.47 18.73 14.61
CA TYR L 326 42.69 19.57 14.70
C TYR L 326 43.43 19.59 13.35
N GLU L 327 43.35 18.48 12.62
CA GLU L 327 43.94 18.39 11.27
C GLU L 327 43.20 19.33 10.31
N ARG L 328 41.88 19.35 10.40
CA ARG L 328 41.08 20.22 9.49
C ARG L 328 41.26 21.68 9.84
N PHE L 329 41.74 21.98 11.05
CA PHE L 329 42.10 23.36 11.45
C PHE L 329 43.55 23.71 11.04
N GLY L 330 44.20 22.84 10.27
CA GLY L 330 45.45 23.19 9.54
C GLY L 330 46.70 22.92 10.33
N PHE L 331 46.55 22.26 11.48
CA PHE L 331 47.65 21.97 12.41
C PHE L 331 48.37 20.68 12.03
N GLY L 332 49.66 20.66 12.34
CA GLY L 332 50.51 19.52 11.96
C GLY L 332 50.92 19.57 10.52
N LYS L 333 50.49 20.60 9.78
CA LYS L 333 50.86 20.75 8.35
C LYS L 333 51.27 22.18 8.11
N SER L 334 52.18 22.32 7.16
CA SER L 334 52.62 23.64 6.65
C SER L 334 51.43 24.44 6.12
N THR L 335 51.44 25.76 6.32
CA THR L 335 50.38 26.65 5.82
C THR L 335 50.60 26.99 4.36
N LYS L 336 51.66 26.46 3.77
CA LYS L 336 52.08 26.70 2.37
C LYS L 336 52.26 28.19 2.14
N GLY L 337 52.73 28.88 3.17
CA GLY L 337 53.12 30.28 3.10
C GLY L 337 54.39 30.42 2.31
N MET L 338 54.72 31.67 1.99
CA MET L 338 55.79 32.00 1.02
C MET L 338 57.18 31.96 1.64
N PHE L 339 57.33 31.42 2.84
CA PHE L 339 58.59 31.54 3.59
C PHE L 339 59.32 30.22 3.43
N ASP L 340 60.62 30.30 3.60
CA ASP L 340 61.53 29.11 3.52
C ASP L 340 61.32 28.18 4.72
N GLY L 341 61.44 26.88 4.47
CA GLY L 341 61.45 25.86 5.53
C GLY L 341 60.45 26.09 6.63
N GLU L 342 59.24 26.45 6.26
CA GLU L 342 58.15 26.64 7.23
C GLU L 342 57.92 25.35 8.02
N ALA L 343 57.89 25.50 9.33
CA ALA L 343 57.77 24.35 10.25
C ALA L 343 56.35 23.79 10.26
N PRO L 344 56.20 22.45 10.24
CA PRO L 344 54.89 21.83 10.20
C PRO L 344 54.22 21.67 11.57
N GLY L 345 55.05 21.66 12.62
CA GLY L 345 54.69 21.26 13.98
C GLY L 345 54.16 19.83 14.00
N GLN L 346 53.42 19.48 15.04
CA GLN L 346 52.85 18.11 15.12
C GLN L 346 51.80 17.98 16.19
N ILE L 347 50.75 17.25 15.85
CA ILE L 347 49.61 17.01 16.76
C ILE L 347 50.04 15.86 17.66
N GLY L 348 50.11 16.12 18.97
CA GLY L 348 50.48 15.13 20.00
C GLY L 348 49.32 14.23 20.26
N TRP L 349 49.36 13.02 19.73
CA TRP L 349 48.20 12.09 19.81
C TRP L 349 48.65 10.64 19.97
N SER L 350 49.85 10.39 20.51
CA SER L 350 50.45 9.03 20.60
C SER L 350 49.77 8.14 21.67
N ASN L 351 49.27 8.79 22.72
CA ASN L 351 48.56 8.11 23.82
C ASN L 351 47.53 9.05 24.40
N GLU L 352 46.72 8.56 25.33
CA GLU L 352 45.63 9.33 25.95
C GLU L 352 46.16 10.61 26.61
N LEU L 353 47.33 10.51 27.23
CA LEU L 353 47.92 11.67 27.95
C LEU L 353 48.08 12.79 26.93
N GLN L 354 48.80 12.50 25.85
CA GLN L 354 49.14 13.52 24.82
C GLN L 354 47.84 14.09 24.29
N GLN L 355 46.89 13.21 24.03
CA GLN L 355 45.61 13.62 23.42
C GLN L 355 44.91 14.61 24.34
N LYS L 356 44.76 14.21 25.58
CA LYS L 356 44.09 15.08 26.59
C LYS L 356 44.83 16.43 26.68
N THR L 357 46.10 16.35 27.02
CA THR L 357 46.93 17.57 27.23
C THR L 357 46.85 18.46 25.97
N SER L 358 46.73 17.83 24.81
CA SER L 358 46.62 18.58 23.53
C SER L 358 45.41 19.50 23.62
N SER L 359 44.24 19.09 24.10
CA SER L 359 43.03 19.93 23.90
C SER L 359 43.17 21.29 24.58
N PHE L 360 44.17 21.45 25.46
CA PHE L 360 44.41 22.75 26.13
C PHE L 360 45.83 23.25 25.82
N GLY L 361 46.45 22.64 24.82
CA GLY L 361 47.58 23.20 24.06
C GLY L 361 48.96 22.75 24.48
N GLN L 362 49.08 21.56 25.04
CA GLN L 362 50.37 20.95 25.39
C GLN L 362 50.55 19.71 24.54
N SER L 363 51.79 19.25 24.45
CA SER L 363 52.26 18.14 23.58
C SER L 363 52.28 18.55 22.12
N THR L 364 51.12 19.00 21.66
CA THR L 364 50.93 19.53 20.29
C THR L 364 51.77 20.80 20.06
N THR L 365 52.47 20.85 18.94
CA THR L 365 53.29 22.01 18.57
C THR L 365 52.71 22.68 17.34
N VAL L 366 52.77 24.00 17.33
CA VAL L 366 52.24 24.83 16.23
C VAL L 366 53.20 25.95 15.88
N THR L 367 53.13 26.36 14.61
CA THR L 367 53.61 27.68 14.17
C THR L 367 52.58 28.73 14.56
N PRO L 368 53.05 29.93 14.98
CA PRO L 368 52.13 31.05 15.19
C PRO L 368 51.17 31.26 14.02
N VAL L 369 51.67 30.97 12.83
CA VAL L 369 50.91 31.15 11.56
C VAL L 369 49.76 30.17 11.50
N GLN L 370 49.99 28.87 11.74
CA GLN L 370 48.94 27.85 11.83
C GLN L 370 47.79 28.40 12.65
N MET L 371 48.16 29.14 13.69
CA MET L 371 47.18 29.66 14.67
C MET L 371 46.38 30.81 14.05
N LEU L 372 47.05 31.73 13.35
CA LEU L 372 46.32 32.79 12.62
C LEU L 372 45.35 32.16 11.64
N GLN L 373 45.82 31.14 10.96
CA GLN L 373 45.06 30.47 9.91
C GLN L 373 43.78 29.97 10.56
N ALA L 374 43.93 29.13 11.57
CA ALA L 374 42.82 28.63 12.40
C ALA L 374 41.85 29.76 12.73
N GLN L 375 42.32 30.70 13.55
CA GLN L 375 41.48 31.74 14.15
C GLN L 375 40.67 32.49 13.10
N SER L 376 41.21 32.67 11.92
CA SER L 376 40.51 33.43 10.85
C SER L 376 39.13 32.89 10.55
N ALA L 377 38.99 31.58 10.63
CA ALA L 377 37.72 30.86 10.47
C ALA L 377 36.53 31.55 11.13
N PHE L 378 36.74 32.09 12.32
CA PHE L 378 35.65 32.50 13.23
C PHE L 378 34.97 33.79 12.72
N PHE L 379 35.71 34.53 11.90
CA PHE L 379 35.30 35.88 11.45
C PHE L 379 34.99 35.95 9.96
N ASN L 380 35.17 34.81 9.29
CA ASN L 380 34.95 34.57 7.84
C ASN L 380 34.20 33.24 7.66
N ASP L 381 33.18 33.01 8.49
CA ASP L 381 32.01 32.14 8.20
C ASP L 381 32.48 30.70 8.00
N GLY L 382 33.51 30.38 8.78
CA GLY L 382 34.16 29.07 8.93
C GLY L 382 35.29 28.82 7.97
N ASN L 383 35.61 29.76 7.08
CA ASN L 383 36.72 29.61 6.12
C ASN L 383 38.03 30.09 6.72
N MET L 384 39.02 29.20 6.84
CA MET L 384 40.38 29.61 7.18
C MET L 384 41.05 30.23 5.97
N LEU L 385 41.71 31.36 6.24
CA LEU L 385 42.43 32.14 5.24
C LEU L 385 43.91 31.78 5.31
N LYS L 386 44.49 31.56 4.12
CA LYS L 386 45.93 31.30 3.99
C LYS L 386 46.61 32.61 4.30
N PRO L 387 47.45 32.64 5.35
CA PRO L 387 48.22 33.84 5.64
C PRO L 387 49.44 34.01 4.75
N TRP L 388 49.53 35.21 4.18
CA TRP L 388 50.56 35.59 3.19
C TRP L 388 51.02 37.00 3.46
N PHE L 389 52.27 37.25 3.09
CA PHE L 389 52.98 38.50 3.40
C PHE L 389 53.62 39.14 2.17
N VAL L 390 53.63 38.40 1.06
CA VAL L 390 54.23 38.85 -0.21
C VAL L 390 53.07 39.29 -1.09
N ASN L 391 53.06 40.59 -1.41
CA ASN L 391 52.01 41.19 -2.24
C ASN L 391 52.34 40.96 -3.72
N SER L 392 53.59 41.19 -4.14
CA SER L 392 54.05 40.98 -5.54
C SER L 392 55.58 41.10 -5.68
N VAL L 393 56.11 40.35 -6.66
CA VAL L 393 57.51 40.37 -7.15
C VAL L 393 57.38 40.77 -8.59
N GLU L 394 57.82 41.98 -8.90
CA GLU L 394 57.75 42.47 -10.30
C GLU L 394 58.93 43.36 -10.66
N ASN L 395 59.51 43.13 -11.85
CA ASN L 395 60.54 44.03 -12.38
C ASN L 395 59.90 45.38 -12.72
N PRO L 396 60.42 46.47 -12.16
CA PRO L 396 59.76 47.77 -12.31
C PRO L 396 59.94 48.43 -13.68
N VAL L 397 60.91 47.92 -14.44
CA VAL L 397 61.10 48.30 -15.86
C VAL L 397 59.94 47.77 -16.69
N SER L 398 59.81 46.44 -16.73
CA SER L 398 58.82 45.76 -17.61
C SER L 398 57.42 45.78 -17.02
N LYS L 399 57.33 45.95 -15.71
CA LYS L 399 56.09 45.87 -14.90
C LYS L 399 55.59 44.45 -14.79
N ARG L 400 56.42 43.48 -15.15
CA ARG L 400 55.95 42.09 -15.27
C ARG L 400 55.84 41.47 -13.89
N GLN L 401 54.65 40.93 -13.52
CA GLN L 401 54.46 40.37 -12.18
C GLN L 401 54.79 38.89 -12.18
N PHE L 402 55.94 38.56 -11.61
CA PHE L 402 56.38 37.14 -11.49
C PHE L 402 55.60 36.39 -10.42
N TYR L 403 55.17 37.09 -9.36
CA TYR L 403 54.14 36.55 -8.43
C TYR L 403 53.28 37.70 -7.95
N LYS L 404 52.03 37.37 -7.75
CA LYS L 404 51.07 38.30 -7.11
C LYS L 404 50.28 37.54 -6.09
N GLY L 405 50.38 37.97 -4.84
CA GLY L 405 49.67 37.30 -3.75
C GLY L 405 48.22 37.69 -3.72
N GLN L 406 47.40 36.76 -3.21
CA GLN L 406 45.95 37.02 -3.04
C GLN L 406 45.41 36.16 -1.91
N LYS L 407 44.25 36.57 -1.43
CA LYS L 407 43.56 35.83 -0.36
C LYS L 407 43.01 34.51 -0.90
N GLN L 408 43.36 33.43 -0.21
CA GLN L 408 43.05 32.05 -0.56
C GLN L 408 42.41 31.43 0.67
N ILE L 409 41.60 30.44 0.40
CA ILE L 409 40.84 29.71 1.44
C ILE L 409 41.51 28.35 1.58
N ALA L 410 42.18 28.17 2.73
CA ALA L 410 42.97 26.95 3.06
C ALA L 410 42.07 25.89 3.66
N GLY L 411 40.81 26.21 3.89
CA GLY L 411 39.82 25.17 4.20
C GLY L 411 38.66 25.77 4.93
N LYS L 412 37.50 25.13 4.84
CA LYS L 412 36.33 25.46 5.70
C LYS L 412 36.06 24.27 6.60
N PRO L 413 36.70 24.20 7.78
CA PRO L 413 36.48 23.08 8.69
C PRO L 413 35.16 23.13 9.47
N ILE L 414 34.56 24.31 9.54
CA ILE L 414 33.43 24.61 10.45
C ILE L 414 32.38 25.40 9.71
N THR L 415 31.21 25.48 10.33
CA THR L 415 30.01 26.06 9.74
C THR L 415 29.95 27.54 10.09
N LYS L 416 29.00 28.25 9.51
CA LYS L 416 28.77 29.68 9.87
C LYS L 416 28.23 29.74 11.31
N ASP L 417 27.23 28.88 11.58
CA ASP L 417 26.57 28.81 12.92
C ASP L 417 27.61 28.57 14.00
N THR L 418 28.42 27.54 13.84
CA THR L 418 29.50 27.22 14.79
C THR L 418 30.39 28.45 15.04
N ALA L 419 30.83 29.11 13.99
CA ALA L 419 31.73 30.28 14.13
C ALA L 419 31.11 31.39 14.98
N GLU L 420 29.83 31.68 14.79
CA GLU L 420 29.15 32.73 15.56
C GLU L 420 29.11 32.36 17.03
N LYS L 421 28.91 31.08 17.32
CA LYS L 421 28.83 30.58 18.70
C LYS L 421 30.21 30.63 19.35
N VAL L 422 31.25 30.33 18.58
CA VAL L 422 32.64 30.43 19.10
C VAL L 422 32.91 31.90 19.42
N GLU L 423 32.56 32.80 18.51
CA GLU L 423 32.82 34.24 18.73
C GLU L 423 32.14 34.71 20.02
N LYS L 424 30.95 34.24 20.28
CA LYS L 424 30.20 34.64 21.50
C LYS L 424 31.00 34.29 22.75
N GLN L 425 31.65 33.14 22.77
CA GLN L 425 32.46 32.70 23.92
C GLN L 425 33.74 33.55 24.01
N LEU L 426 34.37 33.83 22.89
CA LEU L 426 35.60 34.67 22.84
C LEU L 426 35.30 36.07 23.39
N ASP L 427 34.13 36.58 23.07
CA ASP L 427 33.65 37.88 23.59
C ASP L 427 33.60 37.78 25.11
N LEU L 428 32.94 36.74 25.60
CA LEU L 428 32.83 36.50 27.07
C LEU L 428 34.22 36.44 27.73
N VAL L 429 35.10 35.61 27.20
CA VAL L 429 36.43 35.39 27.84
C VAL L 429 36.98 36.71 28.37
N VAL L 430 36.80 37.77 27.60
CA VAL L 430 37.32 39.12 27.95
C VAL L 430 36.26 39.95 28.66
N ASN L 431 35.08 40.04 28.06
CA ASN L 431 34.00 40.97 28.51
C ASN L 431 32.85 40.29 29.28
N SER L 432 33.18 39.27 30.06
CA SER L 432 32.29 38.64 31.06
C SER L 432 32.53 39.26 32.44
N LYS L 433 31.55 39.12 33.31
CA LYS L 433 31.56 39.79 34.64
C LYS L 433 32.64 39.13 35.48
N LYS L 434 32.81 37.83 35.29
CA LYS L 434 33.78 37.01 36.04
C LYS L 434 35.02 36.74 35.21
N SER L 435 35.27 37.53 34.16
CA SER L 435 36.42 37.27 33.24
C SER L 435 37.75 37.18 33.97
N HIS L 436 38.60 36.23 33.57
CA HIS L 436 39.99 36.13 34.06
C HIS L 436 40.91 36.70 32.97
N ALA L 437 40.39 37.67 32.23
CA ALA L 437 41.13 38.30 31.12
C ALA L 437 40.76 39.76 30.99
N ALA L 438 40.39 40.42 32.09
CA ALA L 438 39.93 41.82 32.04
C ALA L 438 41.06 42.78 31.72
N ASN L 439 42.28 42.36 31.98
CA ASN L 439 43.48 43.21 31.76
C ASN L 439 43.68 43.51 30.28
N TYR L 440 43.07 42.71 29.41
CA TYR L 440 43.20 42.86 27.95
C TYR L 440 42.20 43.87 27.38
N ARG L 441 41.32 44.38 28.22
CA ARG L 441 40.29 45.35 27.79
C ARG L 441 40.91 46.68 27.43
N ILE L 442 40.32 47.27 26.41
CA ILE L 442 40.68 48.60 25.89
C ILE L 442 39.48 49.55 25.92
N ASP L 443 39.82 50.79 26.25
CA ASP L 443 38.95 51.97 26.31
C ASP L 443 38.51 52.36 24.90
N GLY L 444 37.20 52.47 24.72
CA GLY L 444 36.54 52.94 23.49
C GLY L 444 36.25 51.84 22.48
N TYR L 445 36.96 50.71 22.61
CA TYR L 445 36.98 49.61 21.63
C TYR L 445 36.60 48.26 22.28
N GLU L 446 35.83 47.46 21.54
CA GLU L 446 35.28 46.15 21.95
C GLU L 446 36.26 45.06 21.52
N VAL L 447 36.82 44.34 22.49
CA VAL L 447 37.92 43.37 22.29
C VAL L 447 37.38 41.98 22.57
N GLU L 448 38.03 40.99 21.99
CA GLU L 448 37.71 39.59 22.34
C GLU L 448 38.92 38.75 22.00
N GLY L 449 38.98 37.55 22.55
CA GLY L 449 40.15 36.69 22.32
C GLY L 449 40.31 35.68 23.41
N LYS L 450 41.50 35.10 23.49
CA LYS L 450 41.74 33.95 24.39
C LYS L 450 43.07 34.08 25.11
N THR L 451 43.07 33.95 26.43
CA THR L 451 44.31 33.86 27.21
C THR L 451 45.07 32.59 26.84
N GLY L 452 46.39 32.58 26.97
CA GLY L 452 47.17 31.45 26.44
C GLY L 452 48.36 31.13 27.29
N THR L 453 48.17 30.66 28.50
CA THR L 453 49.27 30.32 29.45
C THR L 453 49.68 28.87 29.22
N ALA L 454 50.96 28.65 28.93
CA ALA L 454 51.46 27.28 28.66
C ALA L 454 52.80 26.97 29.34
N GLN L 455 53.06 25.70 29.56
CA GLN L 455 54.41 25.28 29.99
C GLN L 455 55.26 25.03 28.76
N VAL L 456 56.51 25.40 28.85
CA VAL L 456 57.50 25.30 27.75
C VAL L 456 58.38 24.09 28.00
N ALA L 457 58.71 23.41 26.92
CA ALA L 457 59.61 22.25 26.91
C ALA L 457 61.09 22.63 27.10
N ALA L 458 61.84 21.74 27.73
CA ALA L 458 63.30 21.89 27.90
C ALA L 458 63.96 21.86 26.52
N PRO L 459 64.78 22.88 26.14
CA PRO L 459 65.30 23.01 24.79
C PRO L 459 65.78 21.70 24.17
N ASN L 460 66.78 21.09 24.81
CA ASN L 460 67.30 19.79 24.39
C ASN L 460 67.02 18.72 25.45
N GLY L 461 66.09 17.81 25.14
CA GLY L 461 65.71 16.67 26.00
C GLY L 461 65.14 17.14 27.33
N GLY L 462 64.88 16.20 28.23
CA GLY L 462 64.11 16.42 29.48
C GLY L 462 62.63 16.72 29.22
N GLY L 463 61.93 17.10 30.28
CA GLY L 463 60.48 17.41 30.31
C GLY L 463 60.17 18.85 30.01
N TYR L 464 59.57 19.56 30.97
CA TYR L 464 59.27 21.00 30.85
C TYR L 464 60.26 21.80 31.67
N VAL L 465 60.42 23.05 31.29
CA VAL L 465 61.20 24.05 32.09
C VAL L 465 60.46 24.32 33.40
N LYS L 466 61.25 24.33 34.47
CA LYS L 466 60.81 24.59 35.85
C LYS L 466 61.34 25.95 36.27
N GLY L 467 60.83 26.44 37.38
CA GLY L 467 61.15 27.79 37.89
C GLY L 467 59.94 28.42 38.57
N PRO L 468 59.97 29.73 38.84
CA PRO L 468 58.86 30.41 39.51
C PRO L 468 57.59 30.41 38.66
N ASN L 469 57.71 31.01 37.47
CA ASN L 469 56.65 31.06 36.44
C ASN L 469 57.24 30.74 35.07
N PRO L 470 57.53 29.45 34.79
CA PRO L 470 58.12 29.06 33.52
C PRO L 470 57.07 28.87 32.45
N TYR L 471 56.36 29.94 32.13
CA TYR L 471 55.22 29.92 31.20
C TYR L 471 55.42 30.75 29.93
N PHE L 472 54.82 30.25 28.85
CA PHE L 472 54.72 30.95 27.57
C PHE L 472 53.30 31.47 27.59
N VAL L 473 53.19 32.77 27.73
CA VAL L 473 51.89 33.49 27.79
C VAL L 473 51.58 34.05 26.43
N SER L 474 50.32 34.03 26.05
CA SER L 474 49.89 34.51 24.73
C SER L 474 48.47 35.06 24.78
N PHE L 475 48.11 35.80 23.75
CA PHE L 475 46.73 36.25 23.55
C PHE L 475 46.41 36.33 22.06
N MET L 476 45.34 35.71 21.62
CA MET L 476 44.94 35.86 20.20
C MET L 476 43.77 36.82 20.12
N GLY L 477 44.03 38.12 19.91
CA GLY L 477 42.96 39.11 19.97
C GLY L 477 42.28 39.43 18.67
N ASP L 478 41.08 39.95 18.75
CA ASP L 478 40.30 40.33 17.55
C ASP L 478 39.49 41.57 17.88
N ALA L 479 39.50 42.55 16.96
CA ALA L 479 38.74 43.80 17.18
C ALA L 479 38.33 44.38 15.82
N PRO L 480 37.19 45.10 15.74
CA PRO L 480 36.12 45.10 16.75
C PRO L 480 35.45 43.74 16.95
N LYS L 481 34.73 43.61 18.08
CA LYS L 481 34.02 42.37 18.41
C LYS L 481 33.01 42.05 17.32
N LYS L 482 32.64 40.79 17.17
CA LYS L 482 31.73 40.32 16.06
C LYS L 482 32.40 40.66 14.72
N ASN L 483 31.89 41.60 13.93
CA ASN L 483 32.55 42.02 12.68
C ASN L 483 33.86 42.70 12.99
N PRO L 484 35.04 42.08 12.68
CA PRO L 484 36.32 42.66 13.07
C PRO L 484 37.04 43.42 11.95
N LYS L 485 38.36 43.59 12.14
CA LYS L 485 39.19 44.30 11.14
C LYS L 485 40.59 43.70 11.17
N VAL L 486 41.11 43.42 12.36
CA VAL L 486 42.49 42.91 12.51
C VAL L 486 42.57 41.90 13.65
N ILE L 487 43.53 40.98 13.54
CA ILE L 487 43.78 39.93 14.55
C ILE L 487 45.19 40.13 15.08
N VAL L 488 45.34 40.30 16.38
CA VAL L 488 46.70 40.51 16.98
C VAL L 488 47.07 39.31 17.84
N TYR L 489 48.10 38.61 17.44
CA TYR L 489 48.63 37.45 18.21
C TYR L 489 49.98 37.82 18.80
N ALA L 490 50.03 37.95 20.14
CA ALA L 490 51.31 38.18 20.85
C ALA L 490 51.62 36.92 21.64
N GLY L 491 52.88 36.59 21.75
CA GLY L 491 53.34 35.49 22.60
C GLY L 491 54.67 35.82 23.23
N MET L 492 54.85 35.40 24.49
CA MET L 492 56.06 35.63 25.30
C MET L 492 56.42 34.33 25.96
N SER L 493 57.69 33.99 25.87
CA SER L 493 58.22 32.74 26.46
C SER L 493 59.30 33.03 27.50
N LEU L 494 59.02 32.59 28.72
CA LEU L 494 59.97 32.64 29.86
C LEU L 494 60.50 34.05 30.16
N ALA L 495 59.64 34.87 30.74
CA ALA L 495 60.03 36.17 31.28
C ALA L 495 61.11 35.92 32.36
N GLN L 496 62.20 36.67 32.27
CA GLN L 496 63.35 36.49 33.20
C GLN L 496 63.30 37.51 34.34
N LYS L 497 62.41 38.47 34.19
CA LYS L 497 62.26 39.55 35.15
C LYS L 497 60.76 39.76 35.32
N ASN L 498 60.31 40.11 36.53
CA ASN L 498 58.87 40.27 36.86
C ASN L 498 58.04 39.09 36.37
N ASP L 499 58.58 37.90 36.55
CA ASP L 499 57.90 36.68 36.04
C ASP L 499 56.52 36.53 36.63
N GLN L 500 56.34 37.01 37.86
CA GLN L 500 55.01 37.00 38.50
C GLN L 500 53.99 37.85 37.75
N GLU L 501 54.35 39.11 37.50
CA GLU L 501 53.45 40.00 36.74
C GLU L 501 53.14 39.38 35.39
N ALA L 502 54.14 38.77 34.78
CA ALA L 502 53.99 38.10 33.48
C ALA L 502 52.86 37.11 33.59
N TYR L 503 52.88 36.22 34.58
CA TYR L 503 51.82 35.18 34.68
C TYR L 503 50.48 35.87 34.89
N GLU L 504 50.50 36.95 35.66
CA GLU L 504 49.25 37.63 36.06
C GLU L 504 48.63 38.40 34.88
N LEU L 505 49.44 39.22 34.25
CA LEU L 505 48.94 40.14 33.18
C LEU L 505 48.97 39.47 31.80
N GLY L 506 50.00 38.64 31.60
CA GLY L 506 50.47 38.15 30.30
C GLY L 506 50.95 39.27 29.40
N VAL L 507 50.63 39.11 28.14
CA VAL L 507 51.12 40.01 27.06
C VAL L 507 50.14 41.17 26.92
N SER L 508 49.24 41.34 27.90
CA SER L 508 48.24 42.44 27.86
C SER L 508 48.91 43.81 27.65
N LYS L 509 50.06 43.98 28.29
CA LYS L 509 50.83 45.25 28.26
C LYS L 509 51.32 45.60 26.85
N ALA L 510 51.34 44.62 25.95
CA ALA L 510 51.79 44.82 24.55
C ALA L 510 50.59 44.84 23.63
N PHE L 511 49.68 43.90 23.81
CA PHE L 511 48.45 43.80 22.98
C PHE L 511 47.68 45.12 23.00
N LYS L 512 47.41 45.63 24.21
CA LYS L 512 46.60 46.87 24.35
C LYS L 512 47.10 48.02 23.50
N PRO L 513 48.35 48.49 23.68
CA PRO L 513 48.87 49.56 22.84
C PRO L 513 48.86 49.29 21.33
N ILE L 514 49.30 48.10 20.94
CA ILE L 514 49.30 47.73 19.50
C ILE L 514 47.88 47.83 18.95
N MET L 515 46.93 47.17 19.61
CA MET L 515 45.55 47.18 19.08
C MET L 515 44.97 48.59 19.07
N GLU L 516 45.09 49.32 20.16
CA GLU L 516 44.57 50.70 20.25
C GLU L 516 45.12 51.57 19.13
N ASN L 517 46.42 51.62 19.02
CA ASN L 517 47.13 52.40 17.97
C ASN L 517 46.71 52.03 16.56
N THR L 518 46.56 50.74 16.31
CA THR L 518 46.21 50.21 14.98
C THR L 518 44.78 50.64 14.61
N LEU L 519 43.86 50.43 15.55
CA LEU L 519 42.42 50.75 15.29
C LEU L 519 42.26 52.25 15.01
N LYS L 520 43.02 53.05 15.78
CA LYS L 520 43.08 54.53 15.70
C LYS L 520 43.57 54.95 14.31
N TYR L 521 44.66 54.33 13.84
CA TYR L 521 45.31 54.58 12.52
C TYR L 521 44.38 54.17 11.38
N LEU L 522 43.63 53.08 11.59
CA LEU L 522 42.68 52.56 10.59
C LEU L 522 41.34 53.29 10.68
N ASN L 523 41.26 54.33 11.49
CA ASN L 523 40.04 55.16 11.67
C ASN L 523 38.82 54.30 12.00
N VAL L 524 38.95 53.53 13.07
CA VAL L 524 37.85 52.65 13.55
C VAL L 524 37.11 53.43 14.64
N GLY M 1 -34.97 5.32 32.27
CA GLY M 1 -36.15 5.54 33.12
C GLY M 1 -37.30 4.77 32.53
N GLY M 2 -38.45 5.04 33.15
CA GLY M 2 -39.74 4.40 32.82
C GLY M 2 -40.65 4.69 34.01
N GLY M 3 -40.18 4.28 35.21
CA GLY M 3 -40.89 4.48 36.48
C GLY M 3 -40.10 5.51 37.22
N GLY M 4 -39.79 5.16 38.48
CA GLY M 4 -39.04 6.00 39.44
C GLY M 4 -40.13 6.41 40.38
N GLY M 5 -40.26 5.68 41.52
CA GLY M 5 -41.33 5.92 42.52
C GLY M 5 -41.44 4.75 43.47
N GLY N 1 -10.11 24.53 55.74
CA GLY N 1 -9.40 25.28 56.79
C GLY N 1 -10.42 26.05 57.56
N GLY N 2 -11.28 26.77 56.80
CA GLY N 2 -12.37 27.59 57.34
C GLY N 2 -13.58 27.26 56.50
N GLY N 3 -14.74 27.39 57.17
CA GLY N 3 -16.07 27.20 56.56
C GLY N 3 -16.47 28.59 56.22
N GLY N 4 -16.76 28.79 54.92
CA GLY N 4 -17.16 30.09 54.38
C GLY N 4 -18.60 29.91 54.03
N GLY N 5 -18.82 29.15 52.95
CA GLY N 5 -20.16 28.86 52.41
C GLY N 5 -20.63 30.18 51.83
N GLY O 1 -38.30 64.80 -12.26
CA GLY O 1 -37.95 66.09 -11.64
C GLY O 1 -36.49 66.41 -11.97
N GLY O 2 -35.94 67.35 -11.17
CA GLY O 2 -34.55 67.80 -11.33
C GLY O 2 -34.35 69.08 -10.50
N GLY O 3 -33.37 69.89 -10.95
CA GLY O 3 -33.02 71.18 -10.31
C GLY O 3 -31.51 71.27 -9.99
N GLY O 4 -30.68 71.25 -11.06
CA GLY O 4 -29.20 71.32 -10.93
C GLY O 4 -28.47 71.53 -12.29
N GLY O 5 -27.98 70.43 -12.85
N GLY P 1 -36.12 -30.25 17.97
CA GLY P 1 -35.40 -30.36 19.23
C GLY P 1 -36.19 -31.21 20.23
N GLY P 2 -37.00 -30.52 21.05
CA GLY P 2 -37.90 -31.12 22.06
C GLY P 2 -39.33 -30.80 21.59
N GLY P 3 -40.30 -31.02 22.48
CA GLY P 3 -41.75 -30.78 22.18
C GLY P 3 -42.36 -29.65 23.03
N GLY P 4 -42.66 -29.97 24.31
CA GLY P 4 -43.25 -29.02 25.29
C GLY P 4 -42.65 -29.22 26.69
N GLY P 5 -43.15 -28.44 27.66
N GLY Q 1 11.24 -31.08 -21.13
CA GLY Q 1 12.01 -32.33 -21.15
C GLY Q 1 12.37 -32.85 -22.58
N GLY Q 2 13.35 -32.12 -23.21
CA GLY Q 2 13.92 -32.38 -24.58
C GLY Q 2 15.36 -31.83 -24.58
N GLY Q 3 16.11 -32.03 -25.69
CA GLY Q 3 17.53 -31.57 -25.74
C GLY Q 3 17.95 -30.95 -27.10
N GLY Q 4 17.88 -31.76 -28.18
CA GLY Q 4 18.28 -31.31 -29.55
C GLY Q 4 17.64 -32.19 -30.67
N GLY Q 5 17.45 -31.56 -31.83
N GLY R 1 -18.74 -8.54 -25.73
CA GLY R 1 -18.26 -9.82 -26.27
C GLY R 1 -17.25 -9.54 -27.39
N GLY R 2 -16.87 -10.66 -28.01
CA GLY R 2 -15.90 -10.65 -29.10
C GLY R 2 -16.60 -10.91 -30.43
N GLY R 3 -15.76 -10.83 -31.45
CA GLY R 3 -16.11 -11.05 -32.86
C GLY R 3 -14.92 -11.74 -33.55
N GLY R 4 -13.86 -10.94 -33.83
CA GLY R 4 -12.62 -11.43 -34.47
C GLY R 4 -11.49 -10.35 -34.52
N GLY R 5 -10.26 -10.84 -34.67
N GLY S 1 47.25 40.88 -45.57
CA GLY S 1 46.35 40.76 -46.72
C GLY S 1 44.92 41.11 -46.30
N GLY S 2 44.00 40.51 -47.06
CA GLY S 2 42.56 40.77 -46.94
C GLY S 2 42.16 41.40 -48.29
N GLY S 3 40.95 41.99 -48.33
CA GLY S 3 40.42 42.64 -49.55
C GLY S 3 40.03 41.62 -50.65
N GLY S 4 39.44 42.08 -51.78
CA GLY S 4 39.16 43.50 -52.09
C GLY S 4 37.74 43.92 -51.64
N GLY S 5 36.94 44.33 -52.63
N GLY T 1 -85.17 26.34 -27.55
CA GLY T 1 -85.30 25.36 -26.46
C GLY T 1 -86.57 24.52 -26.63
N GLY T 2 -86.58 23.85 -27.79
CA GLY T 2 -87.67 22.98 -28.23
C GLY T 2 -88.36 23.71 -29.38
N GLY T 3 -89.07 22.99 -30.28
CA GLY T 3 -89.29 21.53 -30.25
C GLY T 3 -90.26 21.12 -29.13
N GLY T 4 -91.27 21.97 -28.90
N GLY U 1 48.14 -20.96 -2.36
CA GLY U 1 48.74 -20.67 -3.67
C GLY U 1 49.96 -21.55 -4.00
N GLY U 2 49.61 -22.83 -4.20
CA GLY U 2 50.53 -23.93 -4.58
C GLY U 2 49.69 -24.88 -5.47
N GLY U 3 50.35 -25.46 -6.50
CA GLY U 3 49.68 -26.38 -7.46
C GLY U 3 48.85 -27.48 -6.75
N GLY U 4 47.81 -27.95 -7.44
N GLY V 1 102.02 35.89 -19.15
CA GLY V 1 101.90 35.15 -17.88
C GLY V 1 103.04 34.14 -17.64
N GLY V 2 104.06 34.63 -16.90
CA GLY V 2 105.23 33.81 -16.53
C GLY V 2 106.47 34.71 -16.34
N GLY V 3 107.59 34.02 -16.09
CA GLY V 3 108.92 34.66 -15.93
C GLY V 3 109.07 35.26 -14.54
N GLY V 4 108.50 36.46 -14.40
CD CD W . -22.55 -9.37 32.19
CD CD X . -56.08 74.98 -19.45
CD CD Y . -30.76 -11.39 10.39
CD CD Z . -87.76 46.08 -35.14
CL CL AA . -85.94 46.20 -22.71
CD CD BA . -0.02 25.37 38.23
CD CD CA . 37.35 -23.65 13.85
CL CL DA . 49.86 -18.80 17.38
CD CD EA . 7.72 -12.95 -13.62
CD CD FA . -12.94 -24.05 -10.98
CL CL GA . -10.40 -13.44 -8.56
CD CD HA . 62.90 48.02 -57.40
CD CD IA . 102.25 48.30 -34.79
#